data_8J5K
#
_entry.id   8J5K
#
_cell.length_a   1.00
_cell.length_b   1.00
_cell.length_c   1.00
_cell.angle_alpha   90.00
_cell.angle_beta   90.00
_cell.angle_gamma   90.00
#
_symmetry.space_group_name_H-M   'P 1'
#
loop_
_entity.id
_entity.type
_entity.pdbx_description
1 polymer PsbA
2 polymer PsbB
3 polymer PsbC
4 polymer PsbD
5 polymer PsbE
6 polymer PsbF
7 polymer PsbH
8 polymer PsbI
9 polymer PsbJ
10 polymer PsbK
11 polymer PsbL
12 polymer PsbM
13 polymer Psb34
14 polymer PsbO
15 polymer "PsbQ'"
16 polymer PsbT
17 polymer PsbU
18 polymer PsbV
19 polymer PsbW
20 polymer PsbX
21 polymer PsbY
22 polymer PsbZ
23 polymer 'FCPII-G, fucoxanthin chlorophyll a/c binding protein'
24 polymer 'FCPII-H2, fucoxanthin chlorophyll a/c binding protein'
25 polymer 'FCPII-H1, fucoxanthin chlorophyll a/c binding protein'
26 polymer 'FCPII-I, fucoxanthin chlorophyll a/c binding protein'
27 polymer 'FCPII-K, fucoxanthin chlorophyll a/c binding protein'
28 polymer 'FCPII-J, fucoxanthin chlorophyll a/c binding protein'
29 non-polymer 'CA-MN4-O5 CLUSTER'
30 non-polymer 'FE (II) ION'
31 non-polymer 'CHLOROPHYLL A'
32 non-polymer 'PHEOPHYTIN A'
33 non-polymer BETA-CAROTENE
34 non-polymer 1,2-DI-O-ACYL-3-O-[6-DEOXY-6-SULFO-ALPHA-D-GLUCOPYRANOSYL]-SN-GLYCEROL
35 non-polymer 2,3-DIMETHYL-5-(3,7,11,15,19,23,27,31,35-NONAMETHYL-2,6,10,14,18,22,26,30,34-HEXATRIACONTANONAENYL-2,5-CYCLOHEXADIENE-1,4-DIONE-2,3-DIMETHYL-5-SOLANESYL-1,4-BENZOQUINONE
36 non-polymer 1,2-DIPALMITOYL-PHOSPHATIDYL-GLYCEROLE
37 non-polymer 1,2-DISTEAROYL-MONOGALACTOSYL-DIGLYCERIDE
38 non-polymer 'CHLORIDE ION'
39 non-polymer 'DIGALACTOSYL DIACYL GLYCEROL (DGDG)'
40 non-polymer 'BICARBONATE ION'
41 non-polymer 'PROTOPORPHYRIN IX CONTAINING FE'
42 non-polymer "(3S,3'S,5R,5'R,6S,6'R,8'R)-3,5'-dihydroxy-8-oxo-6',7'-didehydro-5,5',6,6',7,8-hexahydro-5,6-epoxy-beta,beta-caroten-3'- yl acetate"
43 non-polymer (1~{R})-3,5,5-trimethyl-4-[(1~{E},3~{E},5~{E},7~{E},9~{E},11~{E},13~{E},15~{E})-3,7,12,16-tetramethyl-18-[(4~{R})-2,6,6-trimethyl-4-oxidanyl-cyclohexen-1-yl]octadeca-1,3,5,7,9,11,13,15-octaen-17-ynyl]cyclohex-3-en-1-ol
44 non-polymer "(3S,3'R,5R,6S,7cis)-7',8'-didehydro-5,6-dihydro-5,6-epoxy-beta,beta-carotene-3,3'-diol"
#
loop_
_entity_poly.entity_id
_entity_poly.type
_entity_poly.pdbx_seq_one_letter_code
_entity_poly.pdbx_strand_id
1 'polypeptide(L)'
;VSLWERFCAWITSTENRLYIGWFGCLMFPTLLTATSCFIIAFIAAPPVDIDGIREPVSGSLLYGNNIISGAVVPSSNAIG
MHFYPIWEAASVDEWLYNGGPYQLIVLHFLLGVSAYMGREWELSYRLGMRPWIFVAFSAPVAAASAVFLVYPIGQGSFSD
GMPLGISGTFNFMLVFQAEHNILMHPFHMAGVAGVFGGSLFSAMHGSLVTSSLIRETTENESTNYGYKFGQEEETYNIVA
AHGYFGRLIFQYASFNNSRALHFFLALWPVVGIWITAMGISTMAFNLNGFNFNQSVVDSQGRVINTWADILNRANLGIEV
MHERNAHNFPLDL
;
A,a
2 'polypeptide(L)'
;ALPWYRVHTVVLNDPGRLIAVHLMHTALVAGWAGSMALYELAVFDPSDPVLNPMWRQGMFVMPFMTRLGITDSWGGWSIT
GESVSNPGIWSFEGVALSHIILSGMCFLAAIWHWVYWDLELFRDPRTGEPALDLPKIFGIHLFLSGLLCFGFGAFHVTGL
FGPGIWVSDAYGITGKVQPVAPAWGADGFNPFNPGGIAAHHIAAGIFGIFAGIFHLTVRPPQRLYRALRMGNIETVLSSS
ISAVFFAAFVTSGTMWYGAAATPIELFGPTRYQWDSGYFQQEIERQVETSVSEGLSESQAWSRIPDKLAFYDYIGNNPAK
GGLFRAGPMNKGDGIAEAWLGHPIFRDKEGRELTVRRMPAFFETFPVILVDKDGIIRADIPFRRAESKYSIEQVGVTVDF
YGGKLNGQTFKDAPTVKKFARKAQLGEVFEFDRTSLESDGVFRSSPRGWYTYGHANFALLFFFGHLWHGGRTIFRDVFTG
I
;
B,b
3 'polypeptide(L)'
;IAGRDIESTGFAWWSGNARLINVSGKLLGAHVAHAGLMVFWAGAMVLFEVSHFVPEKPTYEQGFILIQHLATLGYGIGPG
GEITSTVPYFAVGVIHLISSAILGFGGIYHSLLGPDTLEESFPFFGYDWRDKNKMTTILGIHLCLLGLGSFLLVIKAMYL
GGVYDTWAPGGGDVRYITTPTLNPIVIFGYVFRSPFGGDGWVVSVNNMEDVIGGHIWVGILCIVGGIWHIFTKPFAWARR
AFVWSGEAYLSYSLAAISLMGFTAALYSWYNNTAYPSELYGPTGPEASQAQAFTFLVRDQRLGANVSSAQGPTGLGKYLM
RSPSGEIIFGGETMRFWDLRAPWVEPLRGPNGLDINKIKNDIQPWQERRAAEYMTHAPLGSLNSVGGVATEINSVNYVSP
RSWLCCSHFFLAFFFLVGHWWHAGRARAAAAGFEKGIDRDFEPVLSMTPL
;
C,c
4 'polypeptide(L)'
;GLFDLVDDWLKKDRFVFVGWSGLLLFPTAYLAAGGWMTGTTFVTSWYTHGLASSYLEGCNFLTAAVSTPANSVGHSLLLL
WGPEAQGDFTRWCQIGGLWTFVALHGAFGLIGFCLRQFEIARLVGIRPYNAIAFSGPIAVFVSVFLLYPLGQASWFFAPS
FGVAAIFRFLLFLQGFHNWTLNPFHMMGVAGILGGALLCAIHGATVENTLFEDGDAANTFRAFTPTQSEETYSMVTANRF
WSQIFGVAFSNKRWLHFFMLFVPVTGLWTSSIGIVGLALNLRAYDFVSQELRAAEDPEFETFYTKNHLLDEGIRAWMAAQ
DQPHENFVFPEEVLPRGNAL
;
D,d
5 'polypeptide(L)' RPFSDIITSVRYWIIHSITIPSLFVSGWLFISTGLAYDVFGTPRPNEYFTQDRQQVPLVNDRFSAKQELEDLTKG E,e
6 'polypeptide(L)' IFTFRWLAVHGLAIPTVFFLGGITAMQFIQR F,f
7 'polypeptide(L)' ALRTRLGEILRPLNAEYGKVAPGWGTTPIMGIVMLAFLIFLVIILQIYNSSLIIENVDVDWANGI H,h
8 'polypeptide(L)' MLTLKILVYTTVIFFVSLFIFGFLSSDPSRNPNR I,i
9 'polypeptide(L)' GRVPLWLVGLVGGFAVITIVSLFIYGSYSGLGSS J,j
10 'polypeptide(L)' KLPEAYAFLNPIVDVMPVIPVLFFLLAFVWQAAVSFR K,k
11 'polypeptide(L)' TGPNPNKQAVELNRTSLYWGLLLIFVLAVLFSSYFFN L,l
12 'polypeptide(L)' EVQFGAYLAVLLGTFLPALFLVNLFIQTEARKAGKAGGQDS M,m
13 'polypeptide(L)'
;(UNK)(UNK)(UNK)(UNK)(UNK)(UNK)(UNK)(UNK)(UNK)(UNK)(UNK)(UNK)(UNK)(UNK)(UNK)(UNK)
(UNK)(UNK)(UNK)(UNK)(UNK)(UNK)(UNK)(UNK)(UNK)(UNK)(UNK)(UNK)(UNK)(UNK)
;
N,n
14 'polypeptide(L)'
;LTKSQINELSYLQVKGTGLANRCAEVVGEDSIKPKPGAKLVDMCIEPKAWAVEEEVGKAGKTEKKFVNSKVMTRQTYTLD
AIEGPITVDGGKITFSEKEGIDYAATTVQLPGGERVPFLFTVKDLVAKGNGDTFKPGFQMGGDFNTPSYRTGLFLDPKGR
GGTTGYDMAVALPALQLGEEGDAELFGENNKVFDITQGRIEMEVNKVNAEDSEIGGVFVATQLSDTDMGSKTPKKVLTKG
IFYAKVEQ
;
O,o
15 'polypeptide(L)'
;SVFGLIGDGTSYSEGAAYGTDQADKLYSPYSVYSPEGEKSLYKPDSAEYLARKKAVLAETKNRLQKIPGYVDKKEWFNVK
DELTRYMYETRGAVRSLSSSVTQKEKAEVFFRALEDTYGAATLKKGDAVKASNDKAIAALDAFTA
;
Q,q
16 'polypeptide(L)' MEALVYTFLLIGTLMVIFFAVFFRETPRI T,t
17 'polypeptide(L)'
;VIDYENIGYLGGSSIVDINNANIRAYLKMPGMYPTVAGKIVSHGPYSGVSDLYKIPGLSSAEADVIKKYESRLTAKTPSP
DYVIDRINNGLY
;
U,u
18 'polypeptide(L)'
;IDLDEATRTVVVDNAGNTTVLTPEQVKRGKRLFNATCGACHVGGITKTNPNVGLDPEALSLATPRRDNINALVDYIKNPT
TYDGLESIAEVHPSIKSADIYPRMRSLTDEDLYSIAGHIMLSPKIASEKWGGGKIY
;
V,v
19 'polypeptide(L)' ARFANGKPQSIEAKYIMRSPAEWDRFMRFMDRYAEANGLGFSS(UNK)(UNK)(UNK)(UNK)(UNK)(UNK)(UNK) W,w
20 'polypeptide(L)' MTASLSNFIASLIAGGVVVGVIAIALIVISKSDR X,x
21 'polypeptide(L)' DTRLLVIAAPVLVAASWALFNIGRLAIQQIQRL Y,y
22 'polypeptide(L)' MITALTALFVLVSLALVVTVPVALATPGEWETSKDQFNKIFQLWVGLVVAIATADGIST Z,z
23 'polypeptide(L)'
;APPGLVGALPPVGFFDPAGFAAKASPEELSRYREVEIMHGRFAQLAVLGFIIPEKCAYDGSFGDDFLAPTGRALEVFNTD
PLWLGLTLAVISALETVRLIETEPGTRTDAKIESLGWRPKTESEYINYQVRELQQGRLAMLAFAGEVAQELVNDKPLLVN
LQDSGFVSW
;
5,0
24 'polypeptide(L)'
;FENELGVIAPTGFFDPLGLSKNISKEKFDEYRTAELKHGRAAMLAVLGYIAPETYRFGFDIAPGVSTYDIPNGVAAIDYI
PALGWAQIIFLIGAVDYWGVLGDFSFGKPDLGDKEEERKLQELQHGRLAMLAFLELLRHDSQNFVSPGFDGYDKMITGLP
FMYG
;
7,2
25 'polypeptide(L)'
;FENELGVIAPTGFFDPLGFTQDIDQEKFDQYRTAELKHGRVAQLAVVGYVVPEFFRWGFDIAPGIACADVPNGVAAINAI
PALGWAQIIFAIGAVDVRGWFGNFDIGKPDLKGKEEERALQELQHGRLAMLAILELLRHDSQNLVKPGFDGLDNLITGLP
FLYN
;
6,1
26 'polypeptide(L)'
;SPRALPFGSAPATLDGSLVGDVGFDPIGFSTAPFASFNNPLYKEGDFMSDLEWLREAELTHGRIAQLAVLGFIWPALFGT
FPGNENFGGADAFSYVNPLEAITHVPDLAIYQIVGGMAWVEYQRVIRIKEQGKNRVSGDIGLGYPGGWNPFNLNYSPEEY
AEKQLQEIKHCRLAMIGAFGLFFQALNSGTDIVSQLSPAFAAPDYAAKAGYFLP
;
p,P
27 'polypeptide(L)'
;(UNK)(UNK)(UNK)(UNK)(UNK)(UNK)(UNK)(UNK)(UNK)(UNK)(UNK)(UNK)(UNK)(UNK)(UNK)(UNK)
(UNK)(UNK)(UNK)(UNK)(UNK)(UNK)(UNK)(UNK)(UNK)(UNK)(UNK)(UNK)(UNK)(UNK)(UNK)(UNK)
(UNK)(UNK)(UNK)(UNK)(UNK)(UNK)(UNK)(UNK)(UNK)(UNK)(UNK)(UNK)(UNK)(UNK)(UNK)(UNK)
(UNK)(UNK)(UNK)(UNK)(UNK)(UNK)(UNK)(UNK)(UNK)(UNK)(UNK)(UNK)(UNK)(UNK)(UNK)(UNK)
(UNK)(UNK)(UNK)(UNK)(UNK)(UNK)(UNK)(UNK)(UNK)(UNK)(UNK)(UNK)(UNK)(UNK)(UNK)(UNK)
(UNK)(UNK)(UNK)(UNK)(UNK)(UNK)(UNK)(UNK)(UNK)(UNK)(UNK)(UNK)(UNK)(UNK)(UNK)(UNK)
(UNK)(UNK)(UNK)(UNK)(UNK)(UNK)(UNK)(UNK)(UNK)(UNK)(UNK)(UNK)(UNK)(UNK)(UNK)(UNK)
(UNK)(UNK)(UNK)(UNK)(UNK)(UNK)(UNK)(UNK)(UNK)(UNK)(UNK)(UNK)(UNK)(UNK)(UNK)(UNK)
(UNK)(UNK)(UNK)(UNK)(UNK)(UNK)(UNK)(UNK)(UNK)(UNK)(UNK)(UNK)(UNK)(UNK)(UNK)(UNK)
(UNK)(UNK)(UNK)(UNK)(UNK)(UNK)(UNK)(UNK)(UNK)
;
4,9
28 'polypeptide(L)'
;ENEIGALAPTGFFDPAKLSDGISQEKFDQYRLAELKHGRAAMLAVLGYVAPETYRFGYDLIPGELSTRDIPNGVAALNAI
PFGGWVQMIAFVGTVEAYGWFTSPTGVLDLPADILAKRQTSELQHGRLAMLAFLELIRHDSQNLAQPGFDGYDNLITGLP
FLY
;
3,8
#
# COMPACT_ATOMS: atom_id res chain seq x y z
N VAL A 1 -63.66 -8.31 7.05
CA VAL A 1 -62.32 -7.85 7.39
C VAL A 1 -61.96 -6.65 6.53
N SER A 2 -61.80 -5.49 7.16
CA SER A 2 -61.53 -4.25 6.45
C SER A 2 -60.05 -4.16 6.04
N LEU A 3 -59.69 -3.04 5.44
CA LEU A 3 -58.28 -2.85 5.10
C LEU A 3 -57.57 -2.27 6.29
N TRP A 4 -58.18 -1.31 6.95
CA TRP A 4 -57.55 -0.68 8.09
C TRP A 4 -57.21 -1.75 9.08
N GLU A 5 -58.14 -2.65 9.33
CA GLU A 5 -57.88 -3.64 10.35
C GLU A 5 -56.68 -4.44 9.97
N ARG A 6 -56.70 -5.01 8.78
CA ARG A 6 -55.57 -5.78 8.31
C ARG A 6 -54.26 -5.05 8.53
N PHE A 7 -54.21 -3.78 8.15
CA PHE A 7 -53.00 -2.99 8.36
C PHE A 7 -52.63 -2.97 9.82
N CYS A 8 -53.45 -2.31 10.62
CA CYS A 8 -53.19 -2.21 12.05
C CYS A 8 -52.61 -3.52 12.56
N ALA A 9 -53.13 -4.64 12.06
CA ALA A 9 -52.64 -5.92 12.51
C ALA A 9 -51.22 -6.18 12.07
N TRP A 10 -50.96 -6.05 10.78
CA TRP A 10 -49.57 -6.20 10.33
C TRP A 10 -48.63 -5.30 11.10
N ILE A 11 -49.07 -4.07 11.39
CA ILE A 11 -48.18 -3.09 12.03
C ILE A 11 -47.81 -3.56 13.44
N THR A 12 -48.81 -3.96 14.22
CA THR A 12 -48.60 -4.40 15.58
C THR A 12 -48.25 -5.88 15.68
N SER A 13 -47.89 -6.50 14.58
CA SER A 13 -47.51 -7.91 14.58
C SER A 13 -46.25 -8.12 15.35
N THR A 14 -46.13 -9.28 15.99
CA THR A 14 -44.96 -9.60 16.77
C THR A 14 -44.21 -10.72 16.10
N GLU A 15 -44.49 -10.93 14.82
CA GLU A 15 -43.80 -11.97 14.08
C GLU A 15 -42.98 -11.40 12.95
N ASN A 16 -42.79 -10.08 12.95
CA ASN A 16 -41.98 -9.46 11.94
C ASN A 16 -40.55 -9.46 12.44
N ARG A 17 -39.59 -9.58 11.54
CA ARG A 17 -38.19 -9.68 11.95
C ARG A 17 -37.83 -8.53 12.88
N LEU A 18 -38.24 -7.32 12.54
CA LEU A 18 -38.09 -6.14 13.38
C LEU A 18 -39.47 -5.58 13.67
N TYR A 19 -39.76 -5.34 14.95
CA TYR A 19 -41.06 -4.82 15.32
C TYR A 19 -41.27 -3.42 14.78
N ILE A 20 -42.42 -3.19 14.15
CA ILE A 20 -42.71 -1.87 13.60
C ILE A 20 -43.49 -1.06 14.63
N GLY A 21 -44.69 -1.51 14.96
CA GLY A 21 -45.52 -0.81 15.92
C GLY A 21 -45.94 0.57 15.46
N TRP A 22 -46.76 1.25 16.26
CA TRP A 22 -47.21 2.59 15.88
C TRP A 22 -46.13 3.63 16.10
N PHE A 23 -45.28 3.47 17.11
CA PHE A 23 -44.15 4.36 17.28
C PHE A 23 -43.12 4.17 16.18
N GLY A 24 -43.05 2.99 15.56
CA GLY A 24 -42.16 2.80 14.43
C GLY A 24 -42.52 3.67 13.25
N CYS A 25 -43.81 3.97 13.08
CA CYS A 25 -44.24 4.87 12.01
C CYS A 25 -43.62 6.25 12.13
N LEU A 26 -43.17 6.63 13.32
CA LEU A 26 -42.42 7.86 13.53
C LEU A 26 -40.92 7.62 13.61
N MET A 27 -40.50 6.47 14.13
CA MET A 27 -39.08 6.22 14.32
C MET A 27 -38.37 5.95 13.00
N PHE A 28 -38.97 5.12 12.14
CA PHE A 28 -38.24 4.64 10.96
C PHE A 28 -37.97 5.75 9.96
N PRO A 29 -38.96 6.45 9.41
CA PRO A 29 -38.64 7.49 8.42
C PRO A 29 -37.73 8.57 8.98
N THR A 30 -37.95 8.96 10.23
CA THR A 30 -37.21 10.06 10.82
C THR A 30 -35.74 9.69 11.03
N LEU A 31 -35.50 8.53 11.64
CA LEU A 31 -34.13 8.08 11.82
C LEU A 31 -33.45 7.82 10.49
N LEU A 32 -34.18 7.29 9.52
CA LEU A 32 -33.58 6.99 8.21
C LEU A 32 -33.15 8.27 7.50
N THR A 33 -34.01 9.30 7.51
CA THR A 33 -33.59 10.54 6.87
C THR A 33 -32.45 11.21 7.64
N ALA A 34 -32.47 11.12 8.97
CA ALA A 34 -31.37 11.69 9.75
C ALA A 34 -30.05 11.03 9.40
N THR A 35 -30.04 9.69 9.31
CA THR A 35 -28.79 9.00 9.02
C THR A 35 -28.35 9.21 7.57
N SER A 36 -29.30 9.28 6.63
CA SER A 36 -28.91 9.57 5.25
C SER A 36 -28.26 10.94 5.13
N CYS A 37 -28.89 11.96 5.71
CA CYS A 37 -28.33 13.30 5.65
C CYS A 37 -26.98 13.35 6.36
N PHE A 38 -26.86 12.66 7.49
CA PHE A 38 -25.60 12.66 8.22
C PHE A 38 -24.48 12.03 7.39
N ILE A 39 -24.76 10.90 6.75
CA ILE A 39 -23.74 10.22 5.97
C ILE A 39 -23.32 11.09 4.79
N ILE A 40 -24.28 11.71 4.11
CA ILE A 40 -23.91 12.56 2.98
C ILE A 40 -23.11 13.77 3.44
N ALA A 41 -23.54 14.42 4.53
CA ALA A 41 -22.89 15.64 4.98
C ALA A 41 -21.50 15.37 5.52
N PHE A 42 -21.28 14.22 6.17
CA PHE A 42 -19.96 13.91 6.67
C PHE A 42 -18.94 13.72 5.55
N ILE A 43 -19.41 13.50 4.32
CA ILE A 43 -18.53 13.26 3.19
C ILE A 43 -18.38 14.50 2.32
N ALA A 44 -19.47 15.23 2.06
CA ALA A 44 -19.41 16.28 1.05
C ALA A 44 -20.13 17.54 1.50
N ALA A 45 -19.98 17.92 2.74
CA ALA A 45 -20.64 19.18 3.07
C ALA A 45 -19.65 20.34 2.95
N PRO A 46 -20.00 21.42 2.28
CA PRO A 46 -19.08 22.55 2.13
C PRO A 46 -18.87 23.25 3.46
N PRO A 47 -17.82 24.10 3.57
CA PRO A 47 -17.63 24.83 4.81
C PRO A 47 -18.83 25.64 5.28
N VAL A 48 -18.97 25.83 6.60
CA VAL A 48 -20.09 26.58 7.16
C VAL A 48 -19.60 27.62 8.14
N ASP A 49 -20.18 28.82 8.12
CA ASP A 49 -19.81 29.81 9.10
C ASP A 49 -20.61 29.55 10.35
N ILE A 50 -19.95 29.28 11.45
CA ILE A 50 -20.66 28.93 12.66
C ILE A 50 -20.80 30.12 13.59
N ASP A 51 -19.83 31.02 13.57
CA ASP A 51 -19.86 32.16 14.49
C ASP A 51 -20.50 33.35 13.82
N GLY A 52 -21.00 33.14 12.62
CA GLY A 52 -21.65 34.21 11.88
C GLY A 52 -20.77 35.39 11.60
N ILE A 53 -19.46 35.19 11.56
CA ILE A 53 -18.51 36.26 11.29
C ILE A 53 -17.85 36.09 9.92
N ARG A 54 -18.50 35.36 9.01
CA ARG A 54 -17.99 35.10 7.67
C ARG A 54 -16.61 34.45 7.71
N GLU A 55 -16.44 33.47 8.59
CA GLU A 55 -15.22 32.68 8.70
C GLU A 55 -15.62 31.22 8.67
N PRO A 56 -15.87 30.65 7.49
CA PRO A 56 -16.37 29.28 7.42
C PRO A 56 -15.36 28.26 7.94
N VAL A 57 -15.90 27.20 8.53
CA VAL A 57 -15.13 26.11 9.10
C VAL A 57 -15.45 24.84 8.33
N SER A 58 -14.41 24.15 7.87
CA SER A 58 -14.60 22.92 7.11
C SER A 58 -14.74 21.73 8.06
N GLY A 59 -15.67 20.84 7.73
CA GLY A 59 -15.90 19.67 8.56
C GLY A 59 -16.14 18.40 7.77
N SER A 60 -15.94 18.46 6.46
CA SER A 60 -16.22 17.32 5.58
C SER A 60 -14.94 16.56 5.24
N LEU A 61 -15.13 15.30 4.88
CA LEU A 61 -13.99 14.44 4.55
C LEU A 61 -13.30 14.92 3.28
N LEU A 62 -14.06 15.37 2.30
CA LEU A 62 -13.49 15.80 1.03
C LEU A 62 -12.85 17.18 1.10
N TYR A 63 -12.82 17.81 2.28
CA TYR A 63 -12.22 19.12 2.46
C TYR A 63 -11.04 19.06 3.40
N GLY A 64 -10.20 18.04 3.23
CA GLY A 64 -9.00 17.89 4.04
C GLY A 64 -9.25 17.60 5.50
N ASN A 65 -10.20 16.72 5.80
CA ASN A 65 -10.43 16.26 7.16
C ASN A 65 -10.22 14.76 7.24
N ASN A 66 -10.04 14.28 8.45
CA ASN A 66 -10.01 12.86 8.74
C ASN A 66 -11.24 12.51 9.59
N ILE A 67 -11.29 11.27 10.05
CA ILE A 67 -12.46 10.82 10.81
C ILE A 67 -12.60 11.60 12.10
N ILE A 68 -11.48 11.91 12.75
CA ILE A 68 -11.53 12.57 14.06
C ILE A 68 -11.79 14.06 13.91
N SER A 69 -11.09 14.73 12.99
CA SER A 69 -11.30 16.16 12.84
C SER A 69 -12.61 16.48 12.15
N GLY A 70 -13.12 15.58 11.31
CA GLY A 70 -14.36 15.83 10.62
C GLY A 70 -15.54 15.91 11.57
N ALA A 71 -16.55 16.68 11.18
CA ALA A 71 -17.74 16.87 12.00
C ALA A 71 -18.80 17.54 11.14
N VAL A 72 -20.03 17.56 11.67
CA VAL A 72 -21.14 18.29 11.07
C VAL A 72 -21.27 19.58 11.87
N VAL A 73 -20.76 20.66 11.30
CA VAL A 73 -20.67 21.94 12.03
C VAL A 73 -22.07 22.47 12.32
N PRO A 74 -22.36 22.92 13.53
CA PRO A 74 -23.69 23.45 13.83
C PRO A 74 -23.97 24.74 13.07
N SER A 75 -25.24 25.15 13.11
CA SER A 75 -25.71 26.24 12.29
C SER A 75 -25.07 27.55 12.72
N SER A 76 -25.25 28.57 11.87
CA SER A 76 -24.58 29.84 12.06
C SER A 76 -25.14 30.60 13.26
N ASN A 77 -24.29 31.45 13.84
CA ASN A 77 -24.72 32.27 14.97
C ASN A 77 -25.71 33.35 14.54
N ALA A 78 -25.65 33.77 13.28
CA ALA A 78 -26.59 34.79 12.80
C ALA A 78 -28.01 34.27 12.84
N ILE A 79 -28.22 33.00 12.49
CA ILE A 79 -29.55 32.40 12.59
C ILE A 79 -30.01 32.36 14.04
N GLY A 80 -29.12 31.95 14.93
CA GLY A 80 -29.50 31.87 16.34
C GLY A 80 -30.42 30.70 16.58
N MET A 81 -31.58 30.99 17.17
CA MET A 81 -32.58 29.99 17.50
C MET A 81 -33.64 29.83 16.42
N HIS A 82 -33.53 30.59 15.32
CA HIS A 82 -34.56 30.58 14.30
C HIS A 82 -34.62 29.24 13.58
N PHE A 83 -35.83 28.86 13.18
CA PHE A 83 -36.03 27.66 12.39
C PHE A 83 -35.52 27.88 10.98
N TYR A 84 -34.70 26.97 10.49
CA TYR A 84 -34.05 27.10 9.18
C TYR A 84 -34.17 25.80 8.39
N PRO A 85 -35.35 25.50 7.87
CA PRO A 85 -35.50 24.35 6.99
C PRO A 85 -34.97 24.67 5.60
N ILE A 86 -35.00 23.68 4.72
CA ILE A 86 -34.45 23.87 3.38
C ILE A 86 -35.24 24.93 2.62
N TRP A 87 -36.57 24.90 2.71
CA TRP A 87 -37.39 25.76 1.87
C TRP A 87 -37.33 27.22 2.28
N GLU A 88 -36.75 27.55 3.44
CA GLU A 88 -36.62 28.95 3.81
C GLU A 88 -35.39 29.61 3.20
N ALA A 89 -34.40 28.83 2.77
CA ALA A 89 -33.26 29.38 2.06
C ALA A 89 -33.63 29.71 0.63
N ALA A 90 -32.91 30.66 0.04
CA ALA A 90 -33.13 30.98 -1.36
C ALA A 90 -32.45 29.99 -2.31
N SER A 91 -31.43 29.28 -1.83
CA SER A 91 -30.74 28.28 -2.63
C SER A 91 -30.19 27.21 -1.69
N VAL A 92 -29.97 26.02 -2.25
CA VAL A 92 -29.41 24.94 -1.44
C VAL A 92 -27.98 25.27 -1.03
N ASP A 93 -27.23 25.94 -1.91
CA ASP A 93 -25.88 26.33 -1.57
C ASP A 93 -25.87 27.24 -0.35
N GLU A 94 -26.79 28.20 -0.30
CA GLU A 94 -26.88 29.07 0.87
C GLU A 94 -27.28 28.30 2.11
N TRP A 95 -28.22 27.37 1.98
CA TRP A 95 -28.60 26.52 3.09
C TRP A 95 -27.40 25.80 3.66
N LEU A 96 -26.52 25.30 2.78
CA LEU A 96 -25.31 24.63 3.24
C LEU A 96 -24.32 25.62 3.84
N TYR A 97 -24.32 26.87 3.38
CA TYR A 97 -23.38 27.85 3.90
C TYR A 97 -23.69 28.23 5.35
N ASN A 98 -24.95 28.15 5.75
CA ASN A 98 -25.37 28.56 7.09
C ASN A 98 -25.63 27.38 8.01
N GLY A 99 -25.24 26.17 7.62
CA GLY A 99 -25.36 25.01 8.48
C GLY A 99 -26.76 24.52 8.77
N GLY A 100 -27.63 24.49 7.76
CA GLY A 100 -28.92 23.86 7.87
C GLY A 100 -28.92 22.37 8.15
N PRO A 101 -28.01 21.60 7.53
CA PRO A 101 -28.00 20.15 7.79
C PRO A 101 -27.86 19.80 9.26
N TYR A 102 -27.17 20.62 10.04
CA TYR A 102 -27.08 20.36 11.48
C TYR A 102 -28.47 20.38 12.11
N GLN A 103 -29.26 21.42 11.81
CA GLN A 103 -30.59 21.52 12.36
C GLN A 103 -31.46 20.35 11.91
N LEU A 104 -31.41 20.03 10.62
CA LEU A 104 -32.19 18.90 10.11
C LEU A 104 -31.84 17.62 10.86
N ILE A 105 -30.57 17.29 10.91
CA ILE A 105 -30.13 16.04 11.52
C ILE A 105 -30.50 15.99 12.99
N VAL A 106 -30.29 17.10 13.71
CA VAL A 106 -30.52 17.05 15.15
C VAL A 106 -32.00 16.93 15.48
N LEU A 107 -32.86 17.69 14.78
CA LEU A 107 -34.29 17.58 15.05
C LEU A 107 -34.81 16.19 14.73
N HIS A 108 -34.39 15.64 13.59
CA HIS A 108 -34.84 14.30 13.24
C HIS A 108 -34.30 13.26 14.23
N PHE A 109 -33.06 13.42 14.68
CA PHE A 109 -32.50 12.45 15.63
C PHE A 109 -33.27 12.48 16.95
N LEU A 110 -33.63 13.68 17.42
CA LEU A 110 -34.38 13.76 18.67
C LEU A 110 -35.75 13.11 18.55
N LEU A 111 -36.46 13.40 17.46
CA LEU A 111 -37.75 12.74 17.25
C LEU A 111 -37.58 11.23 17.15
N GLY A 112 -36.51 10.78 16.49
CA GLY A 112 -36.29 9.35 16.33
C GLY A 112 -36.02 8.65 17.65
N VAL A 113 -35.23 9.26 18.53
CA VAL A 113 -34.94 8.59 19.80
C VAL A 113 -36.16 8.58 20.70
N SER A 114 -36.97 9.65 20.66
CA SER A 114 -38.22 9.62 21.42
C SER A 114 -39.13 8.50 20.93
N ALA A 115 -39.26 8.38 19.60
CA ALA A 115 -40.06 7.28 19.05
C ALA A 115 -39.44 5.92 19.36
N TYR A 116 -38.12 5.87 19.50
CA TYR A 116 -37.45 4.62 19.88
C TYR A 116 -37.85 4.20 21.29
N MET A 117 -37.88 5.15 22.22
CA MET A 117 -38.39 4.86 23.56
C MET A 117 -39.82 4.34 23.49
N GLY A 118 -40.67 5.03 22.75
CA GLY A 118 -42.06 4.59 22.62
C GLY A 118 -42.16 3.19 22.07
N ARG A 119 -41.33 2.87 21.07
CA ARG A 119 -41.38 1.55 20.45
C ARG A 119 -40.89 0.47 21.40
N GLU A 120 -39.89 0.78 22.22
CA GLU A 120 -39.47 -0.15 23.26
C GLU A 120 -40.62 -0.48 24.19
N TRP A 121 -41.32 0.55 24.65
CA TRP A 121 -42.48 0.29 25.51
C TRP A 121 -43.54 -0.53 24.78
N GLU A 122 -43.80 -0.21 23.52
CA GLU A 122 -44.88 -0.88 22.78
C GLU A 122 -44.58 -2.37 22.64
N LEU A 123 -43.34 -2.72 22.30
CA LEU A 123 -43.00 -4.13 22.22
C LEU A 123 -43.09 -4.80 23.59
N SER A 124 -42.67 -4.08 24.64
CA SER A 124 -42.82 -4.64 25.98
C SER A 124 -44.28 -4.98 26.27
N TYR A 125 -45.20 -4.11 25.85
CA TYR A 125 -46.62 -4.36 26.04
C TYR A 125 -47.08 -5.56 25.22
N ARG A 126 -46.65 -5.64 23.96
CA ARG A 126 -47.09 -6.74 23.10
C ARG A 126 -46.63 -8.08 23.63
N LEU A 127 -45.40 -8.15 24.14
CA LEU A 127 -44.85 -9.42 24.61
C LEU A 127 -45.30 -9.77 26.03
N GLY A 128 -46.10 -8.92 26.67
CA GLY A 128 -46.59 -9.20 28.00
C GLY A 128 -45.53 -9.21 29.08
N MET A 129 -44.63 -8.23 29.07
CA MET A 129 -43.59 -8.10 30.09
C MET A 129 -43.77 -6.78 30.82
N ARG A 130 -43.02 -6.62 31.90
CA ARG A 130 -43.14 -5.42 32.73
C ARG A 130 -42.51 -4.22 32.03
N PRO A 131 -43.23 -3.11 31.91
CA PRO A 131 -42.90 -2.04 30.96
C PRO A 131 -42.03 -0.91 31.53
N TRP A 132 -40.75 -1.19 31.79
CA TRP A 132 -39.92 -0.13 32.35
C TRP A 132 -38.51 -0.08 31.75
N ILE A 133 -38.26 -0.75 30.63
CA ILE A 133 -36.95 -0.62 30.00
C ILE A 133 -36.79 0.77 29.38
N PHE A 134 -37.85 1.31 28.80
CA PHE A 134 -37.76 2.63 28.20
C PHE A 134 -37.54 3.71 29.26
N VAL A 135 -37.97 3.46 30.50
CA VAL A 135 -37.61 4.38 31.58
C VAL A 135 -36.10 4.41 31.76
N ALA A 136 -35.45 3.25 31.69
CA ALA A 136 -34.00 3.21 31.76
C ALA A 136 -33.36 3.90 30.57
N PHE A 137 -33.93 3.69 29.37
CA PHE A 137 -33.38 4.34 28.18
C PHE A 137 -33.62 5.84 28.18
N SER A 138 -34.52 6.34 29.04
CA SER A 138 -34.78 7.77 29.10
C SER A 138 -33.53 8.57 29.46
N ALA A 139 -32.63 7.99 30.25
CA ALA A 139 -31.45 8.74 30.68
C ALA A 139 -30.55 9.16 29.52
N PRO A 140 -30.12 8.25 28.63
CA PRO A 140 -29.36 8.74 27.46
C PRO A 140 -30.15 9.70 26.60
N VAL A 141 -31.46 9.48 26.47
CA VAL A 141 -32.29 10.38 25.67
C VAL A 141 -32.31 11.76 26.30
N ALA A 142 -32.46 11.82 27.63
CA ALA A 142 -32.43 13.10 28.31
C ALA A 142 -31.09 13.80 28.14
N ALA A 143 -29.99 13.04 28.23
CA ALA A 143 -28.67 13.63 28.04
C ALA A 143 -28.51 14.19 26.64
N ALA A 144 -28.93 13.43 25.62
CA ALA A 144 -28.83 13.89 24.25
C ALA A 144 -29.67 15.13 24.01
N SER A 145 -30.88 15.17 24.58
CA SER A 145 -31.73 16.34 24.43
C SER A 145 -31.11 17.56 25.10
N ALA A 146 -30.54 17.38 26.29
CA ALA A 146 -29.91 18.49 26.98
C ALA A 146 -28.72 19.02 26.20
N VAL A 147 -27.91 18.14 25.64
CA VAL A 147 -26.72 18.58 24.92
C VAL A 147 -27.04 19.14 23.54
N PHE A 148 -28.11 18.70 22.91
CA PHE A 148 -28.43 19.10 21.54
C PHE A 148 -29.52 20.15 21.43
N LEU A 149 -30.47 20.19 22.37
CA LEU A 149 -31.61 21.09 22.25
C LEU A 149 -31.73 22.05 23.41
N VAL A 150 -31.64 21.58 24.65
CA VAL A 150 -31.90 22.45 25.79
C VAL A 150 -30.81 23.50 25.95
N TYR A 151 -29.54 23.10 25.80
CA TYR A 151 -28.46 24.07 25.90
C TYR A 151 -28.54 25.15 24.84
N PRO A 152 -28.78 24.85 23.55
CA PRO A 152 -29.01 25.94 22.59
C PRO A 152 -30.18 26.82 22.96
N ILE A 153 -31.25 26.25 23.52
CA ILE A 153 -32.41 27.05 23.92
C ILE A 153 -32.01 28.04 25.00
N GLY A 154 -31.30 27.56 26.03
CA GLY A 154 -30.90 28.46 27.10
C GLY A 154 -29.91 29.52 26.64
N GLN A 155 -28.90 29.11 25.86
CA GLN A 155 -27.90 30.06 25.41
C GLN A 155 -28.44 30.99 24.34
N GLY A 156 -29.45 30.56 23.59
CA GLY A 156 -30.08 31.40 22.60
C GLY A 156 -29.62 31.19 21.17
N SER A 157 -28.83 30.17 20.90
CA SER A 157 -28.38 29.93 19.53
C SER A 157 -28.09 28.45 19.33
N PHE A 158 -28.39 27.96 18.12
CA PHE A 158 -28.03 26.61 17.75
C PHE A 158 -26.54 26.45 17.55
N SER A 159 -25.80 27.55 17.35
CA SER A 159 -24.35 27.47 17.23
C SER A 159 -23.69 27.02 18.52
N ASP A 160 -24.42 27.01 19.63
CA ASP A 160 -23.88 26.57 20.92
C ASP A 160 -24.13 25.09 21.18
N GLY A 161 -24.81 24.40 20.29
CA GLY A 161 -25.02 22.98 20.46
C GLY A 161 -23.76 22.18 20.18
N MET A 162 -23.80 20.92 20.59
CA MET A 162 -22.64 20.06 20.39
C MET A 162 -22.50 19.70 18.92
N PRO A 163 -21.37 19.98 18.29
CA PRO A 163 -21.17 19.53 16.91
C PRO A 163 -21.08 18.02 16.84
N LEU A 164 -21.57 17.48 15.72
CA LEU A 164 -21.60 16.03 15.53
C LEU A 164 -20.24 15.57 15.02
N GLY A 165 -19.32 15.36 15.95
CA GLY A 165 -18.00 14.89 15.60
C GLY A 165 -17.17 14.71 16.84
N ILE A 166 -15.96 14.19 16.64
CA ILE A 166 -15.07 13.89 17.77
C ILE A 166 -14.40 15.15 18.29
N SER A 167 -13.59 15.80 17.45
CA SER A 167 -12.92 17.02 17.87
C SER A 167 -13.92 18.11 18.20
N GLY A 168 -15.06 18.14 17.51
CA GLY A 168 -16.11 19.06 17.88
C GLY A 168 -16.65 18.79 19.27
N THR A 169 -16.79 17.52 19.63
CA THR A 169 -17.22 17.18 20.99
C THR A 169 -16.21 17.66 22.02
N PHE A 170 -14.92 17.45 21.75
CA PHE A 170 -13.91 17.91 22.70
C PHE A 170 -13.91 19.43 22.83
N ASN A 171 -14.08 20.13 21.70
CA ASN A 171 -14.16 21.59 21.74
C ASN A 171 -15.36 22.04 22.57
N PHE A 172 -16.51 21.38 22.37
CA PHE A 172 -17.69 21.71 23.14
C PHE A 172 -17.45 21.52 24.63
N MET A 173 -16.81 20.41 25.01
CA MET A 173 -16.55 20.15 26.42
C MET A 173 -15.61 21.19 27.02
N LEU A 174 -14.53 21.53 26.29
CA LEU A 174 -13.59 22.52 26.81
C LEU A 174 -14.23 23.88 26.98
N VAL A 175 -15.00 24.32 25.99
CA VAL A 175 -15.66 25.62 26.09
C VAL A 175 -16.69 25.60 27.21
N PHE A 176 -17.38 24.48 27.39
CA PHE A 176 -18.32 24.35 28.51
C PHE A 176 -17.61 24.51 29.84
N GLN A 177 -16.45 23.88 29.98
CA GLN A 177 -15.66 24.06 31.20
C GLN A 177 -15.28 25.52 31.40
N ALA A 178 -14.82 26.18 30.35
CA ALA A 178 -14.36 27.56 30.48
C ALA A 178 -15.50 28.49 30.88
N GLU A 179 -16.65 28.36 30.23
CA GLU A 179 -17.74 29.30 30.43
C GLU A 179 -18.67 28.93 31.57
N HIS A 180 -18.58 27.70 32.09
CA HIS A 180 -19.58 27.24 33.05
C HIS A 180 -19.03 26.53 34.28
N ASN A 181 -17.79 26.03 34.27
CA ASN A 181 -17.24 25.29 35.40
C ASN A 181 -18.05 24.03 35.71
N ILE A 182 -18.09 23.14 34.72
CA ILE A 182 -18.86 21.91 34.86
C ILE A 182 -18.28 21.00 35.93
N LEU A 183 -16.95 20.97 36.09
CA LEU A 183 -16.33 20.03 37.01
C LEU A 183 -16.75 20.28 38.45
N MET A 184 -16.85 21.55 38.84
CA MET A 184 -17.20 21.90 40.22
C MET A 184 -18.71 21.93 40.45
N HIS A 185 -19.48 21.39 39.53
CA HIS A 185 -20.93 21.27 39.70
C HIS A 185 -21.26 19.92 40.31
N PRO A 186 -22.03 19.87 41.40
CA PRO A 186 -22.29 18.58 42.07
C PRO A 186 -23.00 17.58 41.18
N PHE A 187 -23.71 18.02 40.15
CA PHE A 187 -24.41 17.07 39.29
C PHE A 187 -23.44 16.35 38.36
N HIS A 188 -22.41 17.05 37.87
CA HIS A 188 -21.38 16.35 37.14
C HIS A 188 -20.62 15.37 38.02
N MET A 189 -20.41 15.73 39.28
CA MET A 189 -19.81 14.79 40.23
C MET A 189 -20.69 13.56 40.39
N ALA A 190 -21.99 13.77 40.50
CA ALA A 190 -22.92 12.64 40.62
C ALA A 190 -22.87 11.77 39.37
N GLY A 191 -22.75 12.40 38.20
CA GLY A 191 -22.66 11.61 36.98
C GLY A 191 -21.39 10.81 36.85
N VAL A 192 -20.25 11.40 37.24
CA VAL A 192 -19.00 10.65 37.23
C VAL A 192 -19.08 9.50 38.21
N ALA A 193 -19.65 9.74 39.40
CA ALA A 193 -19.85 8.67 40.36
C ALA A 193 -20.74 7.59 39.77
N GLY A 194 -21.81 7.97 39.09
CA GLY A 194 -22.70 6.98 38.50
C GLY A 194 -22.04 6.14 37.44
N VAL A 195 -21.23 6.78 36.58
CA VAL A 195 -20.58 6.03 35.50
C VAL A 195 -19.49 5.11 36.06
N PHE A 196 -18.67 5.62 36.99
CA PHE A 196 -17.64 4.78 37.59
C PHE A 196 -18.27 3.64 38.37
N GLY A 197 -19.35 3.90 39.10
CA GLY A 197 -20.03 2.84 39.81
C GLY A 197 -20.67 1.84 38.87
N GLY A 198 -21.21 2.31 37.76
CA GLY A 198 -21.77 1.39 36.78
C GLY A 198 -20.72 0.44 36.23
N SER A 199 -19.55 0.97 35.87
CA SER A 199 -18.47 0.11 35.42
C SER A 199 -18.03 -0.85 36.53
N LEU A 200 -17.89 -0.35 37.75
CA LEU A 200 -17.46 -1.19 38.86
C LEU A 200 -18.44 -2.35 39.07
N PHE A 201 -19.73 -2.03 39.13
CA PHE A 201 -20.73 -3.06 39.42
C PHE A 201 -20.87 -4.03 38.25
N SER A 202 -20.75 -3.54 37.02
CA SER A 202 -20.77 -4.43 35.87
C SER A 202 -19.62 -5.43 35.94
N ALA A 203 -18.40 -4.93 36.16
CA ALA A 203 -17.25 -5.81 36.23
C ALA A 203 -17.38 -6.81 37.37
N MET A 204 -17.79 -6.34 38.55
CA MET A 204 -17.87 -7.22 39.70
C MET A 204 -18.97 -8.26 39.54
N HIS A 205 -20.13 -7.86 39.04
CA HIS A 205 -21.21 -8.80 38.83
C HIS A 205 -20.82 -9.85 37.80
N GLY A 206 -20.20 -9.43 36.69
CA GLY A 206 -19.75 -10.40 35.71
C GLY A 206 -18.74 -11.37 36.28
N SER A 207 -17.77 -10.86 37.05
CA SER A 207 -16.77 -11.73 37.65
C SER A 207 -17.39 -12.72 38.61
N LEU A 208 -18.30 -12.26 39.47
CA LEU A 208 -18.91 -13.15 40.45
C LEU A 208 -19.75 -14.22 39.78
N VAL A 209 -20.50 -13.85 38.73
CA VAL A 209 -21.36 -14.83 38.08
C VAL A 209 -20.52 -15.84 37.30
N THR A 210 -19.53 -15.37 36.53
CA THR A 210 -18.74 -16.30 35.72
C THR A 210 -17.84 -17.18 36.59
N SER A 211 -17.36 -16.66 37.72
CA SER A 211 -16.50 -17.46 38.58
C SER A 211 -17.24 -18.68 39.13
N SER A 212 -18.50 -18.50 39.53
CA SER A 212 -19.30 -19.59 40.10
C SER A 212 -20.19 -20.14 38.99
N LEU A 213 -19.59 -20.95 38.11
CA LEU A 213 -20.31 -21.56 37.00
C LEU A 213 -20.24 -23.07 37.14
N ILE A 214 -21.41 -23.72 37.10
CA ILE A 214 -21.50 -25.16 37.31
C ILE A 214 -20.69 -25.89 36.24
N ARG A 215 -19.90 -26.86 36.68
CA ARG A 215 -19.00 -27.58 35.80
C ARG A 215 -19.80 -28.51 34.89
N GLU A 216 -19.98 -28.11 33.63
CA GLU A 216 -20.74 -28.91 32.69
C GLU A 216 -20.05 -28.91 31.33
N THR A 217 -18.73 -28.76 31.32
CA THR A 217 -17.99 -28.76 30.08
C THR A 217 -16.59 -29.31 30.32
N THR A 218 -15.89 -29.71 29.27
CA THR A 218 -14.53 -30.20 29.41
C THR A 218 -13.58 -29.02 29.49
N GLU A 219 -12.30 -29.26 29.19
CA GLU A 219 -11.33 -28.17 29.20
C GLU A 219 -11.04 -27.73 27.78
N ASN A 220 -11.25 -28.62 26.82
CA ASN A 220 -11.00 -28.29 25.43
C ASN A 220 -12.28 -27.84 24.75
N GLU A 221 -13.09 -27.05 25.47
CA GLU A 221 -14.35 -26.58 24.91
C GLU A 221 -14.79 -25.34 25.67
N SER A 222 -15.22 -24.31 24.94
CA SER A 222 -15.62 -23.05 25.57
C SER A 222 -16.56 -23.22 26.75
N THR A 223 -16.18 -22.65 27.89
CA THR A 223 -17.03 -22.70 29.08
C THR A 223 -18.45 -22.25 28.75
N ASN A 224 -18.61 -21.33 27.80
CA ASN A 224 -19.92 -20.84 27.43
C ASN A 224 -20.80 -21.91 26.81
N TYR A 225 -20.20 -22.99 26.30
CA TYR A 225 -20.98 -24.06 25.67
C TYR A 225 -21.71 -24.93 26.68
N GLY A 226 -21.42 -24.80 27.97
CA GLY A 226 -22.17 -25.56 28.97
C GLY A 226 -23.61 -25.13 29.06
N TYR A 227 -23.88 -23.84 28.88
CA TYR A 227 -25.23 -23.33 28.94
C TYR A 227 -25.95 -23.58 27.62
N LYS A 228 -27.23 -23.95 27.71
CA LYS A 228 -28.06 -24.21 26.55
C LYS A 228 -29.26 -23.27 26.57
N PHE A 229 -29.57 -22.68 25.42
CA PHE A 229 -30.64 -21.71 25.34
C PHE A 229 -31.97 -22.36 25.71
N GLY A 230 -32.71 -21.71 26.61
CA GLY A 230 -33.97 -22.24 27.07
C GLY A 230 -33.82 -23.24 28.20
N GLN A 231 -32.92 -22.94 29.13
CA GLN A 231 -32.73 -23.81 30.29
C GLN A 231 -33.83 -23.59 31.32
N GLU A 232 -33.96 -24.54 32.24
CA GLU A 232 -34.93 -24.44 33.32
C GLU A 232 -34.28 -24.25 34.69
N GLU A 233 -32.97 -24.41 34.80
CA GLU A 233 -32.26 -24.28 36.06
C GLU A 233 -31.12 -23.28 35.91
N GLU A 234 -30.76 -22.66 37.02
CA GLU A 234 -29.68 -21.67 37.00
C GLU A 234 -28.35 -22.34 36.72
N THR A 235 -27.61 -21.81 35.75
CA THR A 235 -26.30 -22.34 35.39
C THR A 235 -25.21 -21.90 36.37
N TYR A 236 -25.52 -21.03 37.33
CA TYR A 236 -24.55 -20.53 38.27
C TYR A 236 -25.07 -20.73 39.69
N ASN A 237 -24.13 -20.79 40.63
CA ASN A 237 -24.42 -21.04 42.04
C ASN A 237 -24.42 -19.71 42.77
N ILE A 238 -25.61 -19.24 43.16
CA ILE A 238 -25.71 -17.99 43.91
C ILE A 238 -25.05 -18.14 45.27
N VAL A 239 -25.15 -19.31 45.89
CA VAL A 239 -24.66 -19.51 47.25
C VAL A 239 -23.16 -19.26 47.32
N ALA A 240 -22.41 -19.84 46.39
CA ALA A 240 -20.95 -19.68 46.39
C ALA A 240 -20.56 -18.23 46.15
N ALA A 241 -21.21 -17.57 45.19
CA ALA A 241 -20.90 -16.18 44.89
C ALA A 241 -21.18 -15.28 46.08
N HIS A 242 -22.32 -15.49 46.75
CA HIS A 242 -22.64 -14.68 47.92
C HIS A 242 -21.67 -14.97 49.07
N GLY A 243 -21.26 -16.23 49.23
CA GLY A 243 -20.28 -16.53 50.25
C GLY A 243 -18.97 -15.80 50.01
N TYR A 244 -18.50 -15.82 48.76
CA TYR A 244 -17.27 -15.10 48.41
C TYR A 244 -17.42 -13.61 48.64
N PHE A 245 -18.54 -13.03 48.21
CA PHE A 245 -18.74 -11.59 48.36
C PHE A 245 -18.81 -11.20 49.84
N GLY A 246 -19.51 -11.99 50.65
CA GLY A 246 -19.60 -11.69 52.06
C GLY A 246 -18.28 -11.82 52.77
N ARG A 247 -17.50 -12.85 52.44
CA ARG A 247 -16.18 -12.99 53.05
C ARG A 247 -15.23 -11.90 52.58
N LEU A 248 -15.44 -11.35 51.39
CA LEU A 248 -14.52 -10.35 50.85
C LEU A 248 -14.62 -9.03 51.62
N ILE A 249 -15.83 -8.55 51.87
CA ILE A 249 -16.05 -7.25 52.50
C ILE A 249 -16.65 -7.39 53.89
N PHE A 250 -17.86 -7.92 53.98
CA PHE A 250 -18.54 -8.08 55.26
C PHE A 250 -19.74 -8.99 55.07
N GLN A 251 -20.20 -9.58 56.17
CA GLN A 251 -21.33 -10.49 56.12
C GLN A 251 -22.64 -9.73 55.93
N TYR A 252 -22.92 -8.78 56.82
CA TYR A 252 -24.11 -7.97 56.65
C TYR A 252 -24.13 -7.38 55.25
N ALA A 253 -23.06 -6.69 54.87
CA ALA A 253 -23.03 -6.04 53.55
C ALA A 253 -23.00 -7.05 52.42
N SER A 254 -24.16 -7.33 51.83
CA SER A 254 -24.24 -8.28 50.73
C SER A 254 -25.68 -8.40 50.26
N PHE A 255 -25.86 -8.59 48.95
CA PHE A 255 -27.20 -8.75 48.41
C PHE A 255 -27.54 -10.21 48.21
N ASN A 256 -28.75 -10.60 48.57
CA ASN A 256 -29.17 -11.98 48.40
C ASN A 256 -30.32 -12.07 47.39
N ASN A 257 -31.35 -11.25 47.58
CA ASN A 257 -32.44 -11.25 46.63
C ASN A 257 -31.90 -10.75 45.33
N SER A 258 -31.45 -11.67 44.49
CA SER A 258 -30.88 -11.29 43.19
C SER A 258 -31.75 -10.26 42.48
N ARG A 259 -33.05 -10.27 42.75
CA ARG A 259 -33.92 -9.25 42.17
C ARG A 259 -33.55 -7.86 42.66
N ALA A 260 -33.30 -7.73 43.97
CA ALA A 260 -32.84 -6.46 44.51
C ALA A 260 -31.49 -6.08 43.93
N LEU A 261 -30.61 -7.07 43.73
CA LEU A 261 -29.30 -6.79 43.14
C LEU A 261 -29.44 -6.21 41.74
N HIS A 262 -30.27 -6.83 40.91
CA HIS A 262 -30.44 -6.33 39.55
C HIS A 262 -31.15 -4.99 39.53
N PHE A 263 -32.09 -4.76 40.46
CA PHE A 263 -32.71 -3.45 40.53
C PHE A 263 -31.68 -2.38 40.87
N PHE A 264 -30.78 -2.67 41.81
CA PHE A 264 -29.73 -1.71 42.14
C PHE A 264 -28.81 -1.46 40.94
N LEU A 265 -28.49 -2.54 40.21
CA LEU A 265 -27.69 -2.40 39.00
C LEU A 265 -28.35 -1.45 38.01
N ALA A 266 -29.66 -1.58 37.83
CA ALA A 266 -30.37 -0.67 36.94
C ALA A 266 -30.44 0.75 37.51
N LEU A 267 -30.55 0.86 38.83
CA LEU A 267 -30.83 2.16 39.45
C LEU A 267 -29.60 3.08 39.43
N TRP A 268 -28.42 2.55 39.73
CA TRP A 268 -27.27 3.42 39.92
C TRP A 268 -26.94 4.25 38.69
N PRO A 269 -26.55 3.68 37.55
CA PRO A 269 -26.16 4.52 36.41
C PRO A 269 -27.30 5.38 35.88
N VAL A 270 -28.54 4.89 35.95
CA VAL A 270 -29.66 5.65 35.42
C VAL A 270 -29.85 6.94 36.19
N VAL A 271 -29.86 6.86 37.52
CA VAL A 271 -30.02 8.08 38.31
C VAL A 271 -28.80 8.99 38.14
N GLY A 272 -27.60 8.39 38.00
CA GLY A 272 -26.44 9.22 37.74
C GLY A 272 -26.58 10.04 36.47
N ILE A 273 -27.01 9.39 35.38
CA ILE A 273 -27.13 10.09 34.10
C ILE A 273 -28.27 11.11 34.14
N TRP A 274 -29.36 10.79 34.83
CA TRP A 274 -30.44 11.76 34.99
C TRP A 274 -29.92 13.02 35.68
N ILE A 275 -29.17 12.85 36.77
CA ILE A 275 -28.66 13.99 37.50
C ILE A 275 -27.68 14.78 36.64
N THR A 276 -26.90 14.09 35.81
CA THR A 276 -25.97 14.81 34.93
C THR A 276 -26.70 15.63 33.88
N ALA A 277 -27.71 15.03 33.24
CA ALA A 277 -28.50 15.77 32.27
C ALA A 277 -29.16 16.98 32.93
N MET A 278 -29.53 16.85 34.20
CA MET A 278 -30.04 18.00 34.92
C MET A 278 -28.97 19.04 35.20
N GLY A 279 -27.74 18.61 35.43
CA GLY A 279 -26.66 19.58 35.55
C GLY A 279 -26.50 20.39 34.27
N ILE A 280 -26.50 19.71 33.12
CA ILE A 280 -26.35 20.42 31.85
C ILE A 280 -27.52 21.37 31.63
N SER A 281 -28.74 20.89 31.92
CA SER A 281 -29.92 21.71 31.70
C SER A 281 -29.93 22.93 32.61
N THR A 282 -29.59 22.76 33.90
CA THR A 282 -29.55 23.88 34.82
C THR A 282 -28.47 24.88 34.41
N MET A 283 -27.32 24.40 33.97
CA MET A 283 -26.22 25.27 33.58
C MET A 283 -26.45 25.91 32.22
N ALA A 284 -27.40 25.39 31.43
CA ALA A 284 -27.79 26.07 30.20
C ALA A 284 -28.40 27.43 30.49
N PHE A 285 -28.96 27.62 31.68
CA PHE A 285 -29.51 28.89 32.12
C PHE A 285 -28.59 29.60 33.09
N ASN A 286 -27.29 29.32 33.02
CA ASN A 286 -26.26 30.05 33.75
C ASN A 286 -26.45 29.93 35.26
N LEU A 287 -26.48 28.68 35.73
CA LEU A 287 -26.37 28.36 37.15
C LEU A 287 -25.14 27.47 37.28
N ASN A 288 -23.98 28.10 37.36
CA ASN A 288 -22.72 27.40 37.23
C ASN A 288 -22.35 26.68 38.52
N GLY A 289 -21.22 25.98 38.48
CA GLY A 289 -20.73 25.27 39.65
C GLY A 289 -20.12 26.20 40.67
N PHE A 290 -19.69 25.60 41.78
CA PHE A 290 -19.13 26.38 42.88
C PHE A 290 -17.93 27.20 42.43
N ASN A 291 -17.86 28.44 42.91
CA ASN A 291 -16.75 29.35 42.60
C ASN A 291 -16.05 29.68 43.91
N PHE A 292 -15.05 28.87 44.27
CA PHE A 292 -14.24 29.10 45.46
C PHE A 292 -12.97 29.86 45.11
N ASN A 293 -13.16 31.04 44.54
CA ASN A 293 -12.04 31.87 44.09
C ASN A 293 -11.68 32.86 45.19
N GLN A 294 -10.41 32.85 45.60
CA GLN A 294 -9.91 33.75 46.64
C GLN A 294 -10.74 33.64 47.91
N SER A 295 -11.07 32.42 48.30
CA SER A 295 -11.83 32.20 49.52
C SER A 295 -10.95 32.25 50.77
N VAL A 296 -9.68 31.87 50.65
CA VAL A 296 -8.75 31.83 51.78
C VAL A 296 -7.97 33.14 51.81
N VAL A 297 -8.01 33.82 52.95
CA VAL A 297 -7.35 35.11 53.13
C VAL A 297 -6.59 35.08 54.45
N ASP A 298 -5.36 35.57 54.43
CA ASP A 298 -4.58 35.63 55.66
C ASP A 298 -5.03 36.83 56.51
N SER A 299 -4.41 36.99 57.66
CA SER A 299 -4.82 38.06 58.56
C SER A 299 -4.79 39.41 57.88
N GLN A 300 -3.72 39.71 57.18
CA GLN A 300 -3.60 41.03 56.56
C GLN A 300 -4.69 41.22 55.54
N GLY A 301 -4.89 40.25 54.67
CA GLY A 301 -5.90 40.37 53.65
C GLY A 301 -5.42 39.79 52.34
N ARG A 302 -4.13 39.50 52.25
CA ARG A 302 -3.60 38.94 51.02
C ARG A 302 -4.28 37.63 50.76
N VAL A 303 -4.36 37.23 49.50
CA VAL A 303 -5.07 36.01 49.16
C VAL A 303 -4.14 34.83 49.03
N ILE A 304 -4.56 33.70 49.55
CA ILE A 304 -3.75 32.49 49.48
C ILE A 304 -4.45 31.55 48.51
N ASN A 305 -3.73 31.13 47.47
CA ASN A 305 -4.34 30.30 46.45
C ASN A 305 -4.61 28.90 46.97
N THR A 306 -5.70 28.31 46.48
CA THR A 306 -6.03 26.92 46.72
C THR A 306 -5.98 26.19 45.38
N TRP A 307 -6.39 24.92 45.38
CA TRP A 307 -6.45 24.18 44.13
C TRP A 307 -7.55 24.69 43.21
N ALA A 308 -8.56 25.37 43.75
CA ALA A 308 -9.60 25.93 42.91
C ALA A 308 -9.10 27.11 42.08
N ASP A 309 -8.17 27.89 42.62
CA ASP A 309 -7.67 29.04 41.89
C ASP A 309 -6.89 28.64 40.65
N ILE A 310 -6.18 27.51 40.69
CA ILE A 310 -5.50 27.02 39.50
C ILE A 310 -6.52 26.58 38.46
N LEU A 311 -7.65 26.00 38.91
CA LEU A 311 -8.74 25.71 37.99
C LEU A 311 -9.26 26.99 37.34
N ASN A 312 -9.41 28.06 38.13
CA ASN A 312 -9.84 29.33 37.56
C ASN A 312 -8.81 29.85 36.56
N ARG A 313 -7.53 29.64 36.85
CA ARG A 313 -6.48 30.06 35.92
C ARG A 313 -6.60 29.34 34.59
N ALA A 314 -6.79 28.02 34.63
CA ALA A 314 -6.97 27.26 33.40
C ALA A 314 -8.24 27.67 32.66
N ASN A 315 -9.31 27.95 33.41
CA ASN A 315 -10.55 28.41 32.80
C ASN A 315 -10.36 29.75 32.11
N LEU A 316 -9.60 30.67 32.73
CA LEU A 316 -9.27 31.93 32.08
C LEU A 316 -8.48 31.70 30.80
N GLY A 317 -7.50 30.80 30.85
CA GLY A 317 -6.72 30.50 29.67
C GLY A 317 -7.57 30.00 28.53
N ILE A 318 -8.52 29.11 28.83
CA ILE A 318 -9.42 28.63 27.77
C ILE A 318 -10.35 29.74 27.32
N GLU A 319 -10.82 30.58 28.24
CA GLU A 319 -11.87 31.53 27.93
C GLU A 319 -11.37 32.65 27.02
N VAL A 320 -10.20 33.22 27.34
CA VAL A 320 -9.70 34.34 26.54
C VAL A 320 -9.32 33.94 25.13
N MET A 321 -9.35 32.64 24.81
CA MET A 321 -8.95 32.13 23.52
C MET A 321 -10.07 31.59 22.67
N HIS A 322 -11.15 31.10 23.27
CA HIS A 322 -12.23 30.51 22.50
C HIS A 322 -12.96 31.58 21.70
N GLU A 323 -13.27 31.26 20.45
CA GLU A 323 -13.95 32.17 19.53
C GLU A 323 -13.26 33.53 19.52
N ARG A 324 -12.02 33.52 19.04
CA ARG A 324 -11.13 34.66 19.21
C ARG A 324 -11.70 35.91 18.55
N ASN A 325 -12.32 35.77 17.38
CA ASN A 325 -12.78 36.93 16.62
C ASN A 325 -14.24 37.28 16.87
N ALA A 326 -14.98 36.47 17.63
CA ALA A 326 -16.41 36.67 17.75
C ALA A 326 -16.76 37.81 18.70
N HIS A 327 -15.91 38.11 19.67
CA HIS A 327 -16.27 39.02 20.74
C HIS A 327 -15.80 40.44 20.44
N ASN A 328 -16.60 41.42 20.87
CA ASN A 328 -16.28 42.83 20.71
C ASN A 328 -16.32 43.61 22.00
N PHE A 329 -16.79 43.03 23.10
CA PHE A 329 -17.02 43.74 24.35
C PHE A 329 -16.52 42.87 25.49
N PRO A 330 -16.17 43.49 26.63
CA PRO A 330 -15.43 42.74 27.67
C PRO A 330 -16.16 41.53 28.22
N LEU A 331 -17.48 41.58 28.34
CA LEU A 331 -18.23 40.52 29.01
C LEU A 331 -18.79 39.53 28.00
N ASP A 332 -18.84 38.27 28.41
CA ASP A 332 -19.41 37.20 27.59
C ASP A 332 -20.80 36.88 28.14
N LEU A 333 -21.80 37.61 27.66
CA LEU A 333 -23.17 37.42 28.11
C LEU A 333 -23.98 36.67 27.08
N ALA B 1 -13.51 -27.65 18.54
CA ALA B 1 -13.32 -28.03 19.94
C ALA B 1 -12.61 -26.92 20.70
N LEU B 2 -11.44 -26.56 20.23
CA LEU B 2 -10.64 -25.55 20.91
C LEU B 2 -11.01 -24.16 20.39
N PRO B 3 -11.36 -23.22 21.26
CA PRO B 3 -11.55 -21.84 20.81
C PRO B 3 -10.24 -21.25 20.32
N TRP B 4 -10.34 -20.14 19.59
CA TRP B 4 -9.17 -19.59 18.92
C TRP B 4 -8.09 -19.17 19.93
N TYR B 5 -8.50 -18.60 21.06
CA TYR B 5 -7.53 -18.14 22.04
C TYR B 5 -6.89 -19.27 22.83
N ARG B 6 -7.37 -20.50 22.67
CA ARG B 6 -6.83 -21.66 23.39
C ARG B 6 -6.10 -22.61 22.47
N VAL B 7 -5.75 -22.17 21.26
CA VAL B 7 -5.33 -23.10 20.21
C VAL B 7 -3.95 -23.65 20.48
N HIS B 8 -3.09 -22.90 21.16
CA HIS B 8 -1.71 -23.32 21.36
C HIS B 8 -1.53 -24.23 22.56
N THR B 9 -2.61 -24.71 23.15
CA THR B 9 -2.51 -25.55 24.33
C THR B 9 -2.31 -27.03 24.01
N VAL B 10 -2.36 -27.40 22.74
CA VAL B 10 -2.09 -28.79 22.36
C VAL B 10 -0.64 -29.15 22.66
N VAL B 11 0.24 -28.17 22.68
CA VAL B 11 1.65 -28.45 22.92
C VAL B 11 1.97 -28.42 24.39
N LEU B 12 0.97 -28.59 25.24
CA LEU B 12 1.20 -28.49 26.67
C LEU B 12 1.85 -29.73 27.23
N ASN B 13 1.46 -30.89 26.74
CA ASN B 13 1.99 -32.14 27.27
C ASN B 13 2.76 -32.92 26.23
N ASP B 14 3.37 -32.23 25.28
CA ASP B 14 4.19 -32.91 24.29
C ASP B 14 5.57 -32.33 24.34
N PRO B 15 6.33 -32.69 25.38
CA PRO B 15 7.66 -32.12 25.54
C PRO B 15 8.32 -31.89 24.20
N GLY B 16 8.25 -32.86 23.32
CA GLY B 16 8.93 -32.74 22.03
C GLY B 16 8.48 -31.59 21.19
N ARG B 17 7.18 -31.48 20.98
CA ARG B 17 6.68 -30.43 20.11
C ARG B 17 6.88 -29.07 20.73
N LEU B 18 6.97 -28.99 22.05
CA LEU B 18 7.25 -27.71 22.67
C LEU B 18 8.58 -27.25 22.15
N ILE B 19 9.62 -28.04 22.36
CA ILE B 19 10.91 -27.69 21.83
C ILE B 19 10.75 -27.15 20.41
N ALA B 20 10.04 -27.89 19.56
CA ALA B 20 9.92 -27.44 18.18
C ALA B 20 9.36 -26.02 18.10
N VAL B 21 8.34 -25.73 18.90
CA VAL B 21 7.71 -24.42 18.84
C VAL B 21 8.63 -23.33 19.40
N HIS B 22 9.32 -23.62 20.50
CA HIS B 22 10.29 -22.67 21.01
C HIS B 22 11.40 -22.42 20.01
N LEU B 23 11.83 -23.47 19.29
CA LEU B 23 12.83 -23.30 18.26
C LEU B 23 12.32 -22.44 17.12
N MET B 24 11.05 -22.60 16.74
CA MET B 24 10.47 -21.75 15.72
C MET B 24 10.47 -20.29 16.15
N HIS B 25 10.11 -20.04 17.41
CA HIS B 25 10.15 -18.68 17.92
C HIS B 25 11.57 -18.11 17.88
N THR B 26 12.54 -18.91 18.29
CA THR B 26 13.93 -18.48 18.26
C THR B 26 14.37 -18.15 16.84
N ALA B 27 13.97 -18.97 15.88
CA ALA B 27 14.31 -18.71 14.48
C ALA B 27 13.70 -17.40 14.01
N LEU B 28 12.44 -17.15 14.37
CA LEU B 28 11.81 -15.88 13.98
C LEU B 28 12.55 -14.69 14.58
N VAL B 29 12.93 -14.78 15.85
CA VAL B 29 13.62 -13.67 16.50
C VAL B 29 14.97 -13.41 15.84
N ALA B 30 15.74 -14.47 15.60
CA ALA B 30 17.04 -14.32 14.97
C ALA B 30 16.92 -13.76 13.56
N GLY B 31 15.94 -14.24 12.80
CA GLY B 31 15.73 -13.72 11.47
C GLY B 31 15.37 -12.24 11.49
N TRP B 32 14.53 -11.83 12.44
CA TRP B 32 14.23 -10.41 12.57
C TRP B 32 15.47 -9.61 12.87
N ALA B 33 16.32 -10.10 13.77
CA ALA B 33 17.54 -9.36 14.11
C ALA B 33 18.41 -9.19 12.88
N GLY B 34 18.63 -10.27 12.12
CA GLY B 34 19.46 -10.18 10.94
C GLY B 34 18.89 -9.24 9.89
N SER B 35 17.59 -9.38 9.60
CA SER B 35 16.97 -8.57 8.56
C SER B 35 16.95 -7.09 8.95
N MET B 36 16.67 -6.79 10.23
CA MET B 36 16.70 -5.42 10.68
C MET B 36 18.10 -4.83 10.56
N ALA B 37 19.12 -5.60 10.93
CA ALA B 37 20.49 -5.12 10.77
C ALA B 37 20.80 -4.82 9.31
N LEU B 38 20.37 -5.70 8.40
CA LEU B 38 20.62 -5.48 6.98
C LEU B 38 19.92 -4.22 6.49
N TYR B 39 18.66 -4.02 6.89
CA TYR B 39 17.93 -2.83 6.46
C TYR B 39 18.59 -1.56 6.98
N GLU B 40 18.98 -1.55 8.25
CA GLU B 40 19.64 -0.38 8.81
C GLU B 40 20.95 -0.10 8.10
N LEU B 41 21.72 -1.14 7.80
CA LEU B 41 22.95 -0.94 7.03
C LEU B 41 22.64 -0.35 5.65
N ALA B 42 21.53 -0.78 5.06
CA ALA B 42 21.15 -0.26 3.75
C ALA B 42 20.86 1.23 3.81
N VAL B 43 20.18 1.68 4.87
CA VAL B 43 19.75 3.07 4.96
C VAL B 43 20.69 3.94 5.81
N PHE B 44 21.85 3.40 6.20
CA PHE B 44 22.76 4.16 7.04
C PHE B 44 23.61 5.10 6.20
N ASP B 45 24.07 6.19 6.83
CA ASP B 45 24.90 7.20 6.18
C ASP B 45 26.11 7.49 7.07
N PRO B 46 27.22 6.76 6.87
CA PRO B 46 28.41 6.94 7.70
C PRO B 46 29.33 8.06 7.21
N SER B 47 28.74 9.20 6.85
CA SER B 47 29.52 10.30 6.29
C SER B 47 30.07 11.21 7.38
N ASP B 48 29.18 11.76 8.21
CA ASP B 48 29.58 12.67 9.27
C ASP B 48 29.16 12.09 10.62
N PRO B 49 30.08 11.46 11.35
CA PRO B 49 29.74 10.93 12.68
C PRO B 49 29.72 11.98 13.78
N VAL B 50 29.82 13.26 13.45
CA VAL B 50 29.85 14.32 14.44
C VAL B 50 28.47 14.93 14.58
N LEU B 51 27.94 15.47 13.48
CA LEU B 51 26.62 16.09 13.49
C LEU B 51 25.53 15.17 12.94
N ASN B 52 25.88 13.95 12.52
CA ASN B 52 24.89 12.98 12.06
C ASN B 52 25.23 11.61 12.64
N PRO B 53 25.05 11.44 13.95
CA PRO B 53 25.39 10.17 14.60
C PRO B 53 24.34 9.12 14.31
N MET B 54 24.57 7.92 14.86
CA MET B 54 23.65 6.81 14.64
C MET B 54 22.28 7.11 15.23
N TRP B 55 22.22 7.67 16.44
CA TRP B 55 20.95 7.94 17.09
C TRP B 55 20.15 9.02 16.36
N ARG B 56 20.83 9.89 15.62
CA ARG B 56 20.13 10.93 14.87
C ARG B 56 19.42 10.37 13.65
N GLN B 57 19.84 9.21 13.15
CA GLN B 57 19.30 8.64 11.93
C GLN B 57 18.25 7.57 12.19
N GLY B 58 17.82 7.40 13.44
CA GLY B 58 16.79 6.42 13.75
C GLY B 58 17.26 4.99 13.79
N MET B 59 18.55 4.75 13.98
CA MET B 59 19.06 3.39 14.08
C MET B 59 18.74 2.80 15.45
N PHE B 60 18.07 1.65 15.44
CA PHE B 60 17.66 1.00 16.68
C PHE B 60 18.53 -0.19 17.05
N VAL B 61 19.04 -0.93 16.07
CA VAL B 61 19.77 -2.16 16.33
C VAL B 61 21.27 -1.89 16.32
N MET B 62 21.71 -0.96 15.49
CA MET B 62 23.12 -0.60 15.43
C MET B 62 23.71 -0.19 16.78
N PRO B 63 23.05 0.59 17.64
CA PRO B 63 23.66 0.88 18.95
C PRO B 63 23.97 -0.35 19.76
N PHE B 64 23.10 -1.37 19.71
CA PHE B 64 23.36 -2.58 20.49
C PHE B 64 24.53 -3.37 19.94
N MET B 65 24.76 -3.32 18.62
CA MET B 65 25.95 -3.93 18.06
C MET B 65 27.21 -3.17 18.47
N THR B 66 27.18 -1.85 18.35
CA THR B 66 28.36 -1.05 18.66
C THR B 66 28.67 -1.03 20.14
N ARG B 67 27.68 -1.28 21.01
CA ARG B 67 27.94 -1.27 22.44
C ARG B 67 28.91 -2.38 22.84
N LEU B 68 28.75 -3.56 22.24
CA LEU B 68 29.55 -4.72 22.63
C LEU B 68 30.88 -4.82 21.90
N GLY B 69 31.12 -3.98 20.89
CA GLY B 69 32.44 -3.94 20.28
C GLY B 69 32.46 -3.99 18.76
N ILE B 70 31.31 -3.97 18.12
CA ILE B 70 31.23 -4.01 16.66
C ILE B 70 31.32 -2.59 16.14
N THR B 71 32.45 -2.25 15.52
CA THR B 71 32.65 -0.89 15.01
C THR B 71 32.96 -0.84 13.53
N ASP B 72 33.74 -1.78 13.01
CA ASP B 72 34.12 -1.75 11.61
C ASP B 72 32.98 -2.23 10.72
N SER B 73 33.09 -1.91 9.43
CA SER B 73 32.13 -2.38 8.45
C SER B 73 32.88 -2.78 7.18
N TRP B 74 32.28 -3.71 6.43
CA TRP B 74 32.89 -4.18 5.19
C TRP B 74 33.04 -3.06 4.17
N GLY B 75 32.23 -2.02 4.25
CA GLY B 75 32.34 -0.90 3.33
C GLY B 75 33.60 -0.08 3.51
N GLY B 76 34.39 -0.35 4.54
CA GLY B 76 35.64 0.34 4.78
C GLY B 76 35.58 1.43 5.81
N TRP B 77 34.39 1.88 6.19
CA TRP B 77 34.24 2.93 7.19
C TRP B 77 34.13 2.33 8.58
N SER B 78 34.28 3.19 9.58
CA SER B 78 34.20 2.79 10.98
C SER B 78 33.28 3.76 11.71
N ILE B 79 32.60 3.25 12.73
CA ILE B 79 31.62 4.08 13.43
C ILE B 79 32.32 5.11 14.28
N THR B 80 33.60 4.89 14.52
CA THR B 80 34.34 5.82 15.35
C THR B 80 35.05 6.81 14.48
N GLY B 81 34.60 6.93 13.24
CA GLY B 81 35.18 7.91 12.34
C GLY B 81 36.31 7.43 11.46
N GLU B 82 37.23 6.65 12.00
CA GLU B 82 38.39 6.22 11.24
C GLU B 82 38.03 5.30 10.09
N SER B 83 39.04 4.78 9.41
CA SER B 83 38.80 3.86 8.31
C SER B 83 39.38 2.51 8.65
N VAL B 84 38.71 1.45 8.23
CA VAL B 84 39.18 0.11 8.56
C VAL B 84 39.66 -0.60 7.31
N SER B 85 40.80 -1.26 7.42
CA SER B 85 41.31 -2.03 6.31
C SER B 85 41.09 -3.50 6.57
N ASN B 86 40.36 -4.15 5.68
CA ASN B 86 40.08 -5.56 5.85
C ASN B 86 39.53 -5.88 7.22
N PRO B 87 38.26 -5.51 7.47
CA PRO B 87 37.68 -5.92 8.74
C PRO B 87 37.46 -7.41 8.67
N GLY B 88 37.32 -8.07 9.80
CA GLY B 88 37.16 -9.50 9.80
C GLY B 88 35.76 -9.93 9.44
N ILE B 89 35.31 -11.02 10.02
CA ILE B 89 33.97 -11.48 9.79
C ILE B 89 33.06 -10.75 10.72
N TRP B 90 33.61 -10.26 11.83
CA TRP B 90 32.74 -9.66 12.84
C TRP B 90 32.61 -8.16 12.58
N SER B 91 31.94 -7.85 11.47
CA SER B 91 31.47 -6.51 11.16
C SER B 91 29.96 -6.51 11.24
N PHE B 92 29.35 -5.38 10.89
CA PHE B 92 27.89 -5.29 10.93
C PHE B 92 27.27 -6.31 9.97
N GLU B 93 27.77 -6.38 8.75
CA GLU B 93 27.24 -7.31 7.77
C GLU B 93 27.48 -8.76 8.20
N GLY B 94 28.66 -9.05 8.75
CA GLY B 94 28.93 -10.39 9.24
C GLY B 94 27.98 -10.80 10.35
N VAL B 95 27.71 -9.87 11.28
CA VAL B 95 26.78 -10.18 12.36
C VAL B 95 25.37 -10.44 11.83
N ALA B 96 24.92 -9.60 10.89
CA ALA B 96 23.59 -9.80 10.33
C ALA B 96 23.49 -11.15 9.62
N LEU B 97 24.49 -11.49 8.82
CA LEU B 97 24.45 -12.76 8.10
C LEU B 97 24.52 -13.94 9.06
N SER B 98 25.34 -13.84 10.10
CA SER B 98 25.41 -14.92 11.08
C SER B 98 24.05 -15.13 11.73
N HIS B 99 23.36 -14.04 12.06
CA HIS B 99 22.03 -14.17 12.64
C HIS B 99 21.05 -14.83 11.68
N ILE B 100 21.11 -14.47 10.40
CA ILE B 100 20.20 -15.07 9.43
C ILE B 100 20.45 -16.56 9.29
N ILE B 101 21.73 -16.96 9.27
CA ILE B 101 22.06 -18.38 9.19
C ILE B 101 21.56 -19.12 10.42
N LEU B 102 21.74 -18.51 11.60
CA LEU B 102 21.23 -19.12 12.82
C LEU B 102 19.72 -19.30 12.74
N SER B 103 19.02 -18.31 12.19
CA SER B 103 17.58 -18.42 12.02
C SER B 103 17.22 -19.61 11.14
N GLY B 104 17.92 -19.76 10.02
CA GLY B 104 17.63 -20.87 9.12
C GLY B 104 17.86 -22.22 9.78
N MET B 105 19.00 -22.37 10.47
CA MET B 105 19.29 -23.64 11.12
C MET B 105 18.28 -23.94 12.21
N CYS B 106 17.87 -22.93 12.97
CA CYS B 106 16.84 -23.16 13.99
C CYS B 106 15.52 -23.56 13.36
N PHE B 107 15.19 -22.99 12.20
CA PHE B 107 13.98 -23.38 11.49
C PHE B 107 14.02 -24.86 11.12
N LEU B 108 15.15 -25.31 10.56
CA LEU B 108 15.28 -26.72 10.19
C LEU B 108 15.19 -27.62 11.41
N ALA B 109 15.85 -27.24 12.51
CA ALA B 109 15.80 -28.05 13.72
C ALA B 109 14.38 -28.11 14.27
N ALA B 110 13.64 -27.00 14.18
CA ALA B 110 12.26 -26.99 14.62
C ALA B 110 11.43 -27.97 13.80
N ILE B 111 11.65 -28.01 12.49
CA ILE B 111 10.92 -28.97 11.65
C ILE B 111 11.23 -30.38 12.09
N TRP B 112 12.51 -30.68 12.30
CA TRP B 112 12.89 -32.04 12.70
C TRP B 112 12.23 -32.43 14.02
N HIS B 113 12.27 -31.52 15.00
CA HIS B 113 11.71 -31.84 16.31
C HIS B 113 10.20 -31.95 16.28
N TRP B 114 9.55 -31.23 15.36
CA TRP B 114 8.11 -31.40 15.24
C TRP B 114 7.77 -32.74 14.61
N VAL B 115 8.54 -33.18 13.61
CA VAL B 115 8.22 -34.43 12.93
C VAL B 115 8.51 -35.62 13.84
N TYR B 116 9.67 -35.64 14.48
CA TYR B 116 10.05 -36.74 15.38
C TYR B 116 9.73 -36.33 16.80
N TRP B 117 8.45 -36.40 17.15
CA TRP B 117 7.99 -35.94 18.45
C TRP B 117 8.10 -36.99 19.53
N ASP B 118 7.99 -38.27 19.17
CA ASP B 118 7.93 -39.35 20.17
C ASP B 118 9.34 -39.88 20.43
N LEU B 119 10.06 -39.14 21.25
CA LEU B 119 11.39 -39.56 21.69
C LEU B 119 11.29 -40.21 23.06
N GLU B 120 12.02 -41.32 23.23
CA GLU B 120 12.00 -42.02 24.50
C GLU B 120 12.59 -41.18 25.62
N LEU B 121 13.35 -40.14 25.30
CA LEU B 121 13.93 -39.28 26.33
C LEU B 121 12.85 -38.58 27.13
N PHE B 122 11.78 -38.13 26.47
CA PHE B 122 10.70 -37.43 27.16
C PHE B 122 9.67 -38.41 27.72
N ARG B 123 10.11 -39.45 28.42
CA ARG B 123 9.22 -40.42 29.01
C ARG B 123 9.68 -40.74 30.42
N ASP B 124 8.73 -41.12 31.27
CA ASP B 124 9.04 -41.51 32.63
C ASP B 124 9.07 -43.02 32.73
N PRO B 125 10.22 -43.64 33.02
CA PRO B 125 10.26 -45.11 33.11
C PRO B 125 9.30 -45.67 34.17
N ARG B 126 9.14 -44.98 35.29
CA ARG B 126 8.29 -45.50 36.35
C ARG B 126 6.83 -45.59 35.91
N THR B 127 6.34 -44.57 35.22
CA THR B 127 4.94 -44.53 34.81
C THR B 127 4.72 -44.87 33.34
N GLY B 128 5.63 -44.45 32.46
CA GLY B 128 5.46 -44.68 31.04
C GLY B 128 4.83 -43.55 30.27
N GLU B 129 4.63 -42.39 30.89
CA GLU B 129 4.00 -41.24 30.28
C GLU B 129 4.99 -40.10 30.13
N PRO B 130 4.75 -39.17 29.20
CA PRO B 130 5.64 -38.02 29.06
C PRO B 130 5.68 -37.20 30.34
N ALA B 131 6.87 -36.74 30.70
CA ALA B 131 7.06 -35.96 31.91
C ALA B 131 8.41 -35.28 31.86
N LEU B 132 8.51 -34.15 32.56
CA LEU B 132 9.74 -33.39 32.66
C LEU B 132 10.05 -33.16 34.14
N ASP B 133 11.28 -33.44 34.54
CA ASP B 133 11.72 -33.17 35.91
C ASP B 133 12.15 -31.71 35.99
N LEU B 134 11.17 -30.85 36.20
CA LEU B 134 11.42 -29.40 36.18
C LEU B 134 12.46 -28.93 37.19
N PRO B 135 12.45 -29.37 38.46
CA PRO B 135 13.50 -28.90 39.39
C PRO B 135 14.90 -29.30 38.99
N LYS B 136 15.08 -30.30 38.13
CA LYS B 136 16.40 -30.70 37.64
C LYS B 136 16.77 -29.99 36.36
N ILE B 137 15.80 -29.85 35.44
CA ILE B 137 16.02 -29.07 34.23
C ILE B 137 16.39 -27.65 34.58
N PHE B 138 15.74 -27.09 35.61
CA PHE B 138 16.08 -25.75 36.06
C PHE B 138 17.52 -25.68 36.54
N GLY B 139 17.97 -26.68 37.30
CA GLY B 139 19.35 -26.69 37.73
C GLY B 139 20.33 -26.74 36.56
N ILE B 140 20.03 -27.58 35.57
CA ILE B 140 20.91 -27.70 34.41
C ILE B 140 21.00 -26.35 33.69
N HIS B 141 19.85 -25.77 33.38
CA HIS B 141 19.84 -24.52 32.60
C HIS B 141 20.44 -23.36 33.39
N LEU B 142 20.18 -23.30 34.69
CA LEU B 142 20.74 -22.23 35.50
C LEU B 142 22.25 -22.36 35.62
N PHE B 143 22.75 -23.59 35.76
CA PHE B 143 24.19 -23.80 35.77
C PHE B 143 24.81 -23.36 34.46
N LEU B 144 24.17 -23.70 33.34
CA LEU B 144 24.67 -23.28 32.04
C LEU B 144 24.69 -21.76 31.92
N SER B 145 23.62 -21.11 32.35
CA SER B 145 23.53 -19.65 32.23
C SER B 145 24.54 -18.97 33.13
N GLY B 146 24.79 -19.53 34.32
CA GLY B 146 25.83 -18.99 35.17
C GLY B 146 27.21 -19.11 34.57
N LEU B 147 27.49 -20.26 33.95
CA LEU B 147 28.75 -20.42 33.25
C LEU B 147 28.90 -19.38 32.14
N LEU B 148 27.82 -19.18 31.37
CA LEU B 148 27.86 -18.21 30.28
C LEU B 148 28.08 -16.79 30.79
N CYS B 149 27.39 -16.44 31.88
CA CYS B 149 27.55 -15.10 32.45
C CYS B 149 28.97 -14.87 32.94
N PHE B 150 29.53 -15.86 33.65
CA PHE B 150 30.90 -15.72 34.12
C PHE B 150 31.86 -15.57 32.95
N GLY B 151 31.68 -16.37 31.90
CA GLY B 151 32.55 -16.26 30.75
C GLY B 151 32.47 -14.90 30.09
N PHE B 152 31.24 -14.39 29.91
CA PHE B 152 31.07 -13.08 29.29
C PHE B 152 31.71 -11.99 30.13
N GLY B 153 31.51 -12.04 31.45
CA GLY B 153 32.09 -11.01 32.30
C GLY B 153 33.60 -11.06 32.34
N ALA B 154 34.19 -12.25 32.45
CA ALA B 154 35.62 -12.34 32.67
C ALA B 154 36.42 -12.23 31.37
N PHE B 155 35.85 -12.65 30.25
CA PHE B 155 36.61 -12.72 29.01
C PHE B 155 36.20 -11.68 27.97
N HIS B 156 34.91 -11.36 27.84
CA HIS B 156 34.45 -10.51 26.77
C HIS B 156 34.21 -9.06 27.21
N VAL B 157 34.36 -8.75 28.49
CA VAL B 157 34.21 -7.39 28.99
C VAL B 157 35.52 -6.86 29.56
N THR B 158 36.18 -7.66 30.39
CA THR B 158 37.49 -7.25 30.90
C THR B 158 38.56 -7.23 29.82
N GLY B 159 38.25 -7.75 28.63
CA GLY B 159 39.20 -7.74 27.54
C GLY B 159 40.29 -8.78 27.67
N LEU B 160 40.17 -9.71 28.63
CA LEU B 160 41.15 -10.77 28.75
C LEU B 160 41.23 -11.59 27.46
N PHE B 161 40.08 -11.97 26.93
CA PHE B 161 39.99 -12.59 25.61
C PHE B 161 38.80 -12.03 24.85
N GLY B 162 38.67 -10.71 24.83
CA GLY B 162 37.55 -10.08 24.16
C GLY B 162 37.81 -8.63 23.81
N PRO B 163 36.98 -8.08 22.92
CA PRO B 163 37.18 -6.69 22.49
C PRO B 163 36.92 -5.68 23.59
N GLY B 164 36.02 -5.97 24.52
CA GLY B 164 35.61 -5.02 25.53
C GLY B 164 34.22 -4.49 25.29
N ILE B 165 33.93 -3.36 25.92
CA ILE B 165 32.64 -2.69 25.79
C ILE B 165 32.88 -1.22 25.48
N TRP B 166 31.80 -0.55 25.08
CA TRP B 166 31.89 0.86 24.72
C TRP B 166 32.01 1.71 25.97
N VAL B 167 33.06 2.54 26.03
CA VAL B 167 33.31 3.42 27.15
C VAL B 167 33.52 4.83 26.59
N SER B 168 32.79 5.79 27.15
CA SER B 168 32.79 7.16 26.65
C SER B 168 33.21 8.14 27.75
N ASP B 169 33.32 9.40 27.37
CA ASP B 169 33.65 10.46 28.31
C ASP B 169 32.39 10.91 29.06
N ALA B 170 32.57 11.82 30.02
CA ALA B 170 31.43 12.31 30.77
C ALA B 170 30.50 13.19 29.93
N TYR B 171 30.99 13.68 28.78
CA TYR B 171 30.18 14.53 27.93
C TYR B 171 30.02 13.97 26.52
N GLY B 172 30.41 12.72 26.29
CA GLY B 172 30.18 12.08 25.02
C GLY B 172 30.89 12.74 23.84
N ILE B 173 32.15 13.12 24.04
CA ILE B 173 32.94 13.72 22.98
C ILE B 173 33.92 12.72 22.37
N THR B 174 34.64 11.98 23.22
CA THR B 174 35.60 10.98 22.77
C THR B 174 35.25 9.65 23.43
N GLY B 175 34.60 8.77 22.68
CA GLY B 175 34.25 7.46 23.19
C GLY B 175 34.60 6.34 22.24
N LYS B 176 35.01 5.20 22.78
CA LYS B 176 35.46 4.08 21.95
C LYS B 176 35.39 2.81 22.76
N VAL B 177 35.55 1.68 22.07
CA VAL B 177 35.45 0.37 22.71
C VAL B 177 36.81 0.01 23.31
N GLN B 178 36.81 -0.36 24.59
CA GLN B 178 38.05 -0.75 25.24
C GLN B 178 37.73 -1.71 26.36
N PRO B 179 38.69 -2.56 26.75
CA PRO B 179 38.49 -3.43 27.91
C PRO B 179 38.34 -2.60 29.18
N VAL B 180 37.54 -3.12 30.11
CA VAL B 180 37.23 -2.44 31.36
C VAL B 180 37.64 -3.34 32.52
N ALA B 181 38.48 -2.83 33.40
CA ALA B 181 38.84 -3.58 34.59
C ALA B 181 37.68 -3.56 35.58
N PRO B 182 37.42 -4.67 36.27
CA PRO B 182 36.32 -4.69 37.23
C PRO B 182 36.60 -3.81 38.44
N ALA B 183 35.53 -3.34 39.07
CA ALA B 183 35.61 -2.50 40.26
C ALA B 183 34.96 -3.25 41.41
N TRP B 184 35.79 -3.83 42.28
CA TRP B 184 35.31 -4.62 43.40
C TRP B 184 35.11 -3.78 44.66
N GLY B 185 34.38 -2.68 44.54
CA GLY B 185 34.17 -1.83 45.69
C GLY B 185 32.77 -1.26 45.75
N ALA B 186 32.55 -0.29 46.63
CA ALA B 186 31.27 0.39 46.65
C ALA B 186 30.97 1.08 45.33
N ASP B 187 32.00 1.61 44.67
CA ASP B 187 31.83 2.25 43.38
C ASP B 187 31.43 1.29 42.29
N GLY B 188 31.54 -0.02 42.51
CA GLY B 188 31.07 -0.98 41.54
C GLY B 188 29.57 -0.91 41.33
N PHE B 189 28.83 -0.43 42.31
CA PHE B 189 27.39 -0.28 42.20
C PHE B 189 26.97 1.10 41.71
N ASN B 190 27.93 1.95 41.40
CA ASN B 190 27.61 3.19 40.71
C ASN B 190 27.13 2.85 39.32
N PRO B 191 25.90 3.20 38.95
CA PRO B 191 25.38 2.80 37.64
C PRO B 191 26.18 3.34 36.47
N PHE B 192 26.86 4.46 36.64
CA PHE B 192 27.61 5.08 35.56
C PHE B 192 29.06 4.64 35.52
N ASN B 193 29.45 3.71 36.38
CA ASN B 193 30.81 3.20 36.38
C ASN B 193 30.86 1.92 35.55
N PRO B 194 31.52 1.94 34.38
CA PRO B 194 31.50 0.74 33.52
C PRO B 194 32.18 -0.48 34.13
N GLY B 195 33.10 -0.33 35.09
CA GLY B 195 33.68 -1.48 35.74
C GLY B 195 32.67 -2.28 36.54
N GLY B 196 31.57 -1.65 36.93
CA GLY B 196 30.52 -2.37 37.62
C GLY B 196 29.94 -3.49 36.80
N ILE B 197 29.90 -3.34 35.47
CA ILE B 197 29.35 -4.38 34.62
C ILE B 197 30.22 -5.64 34.70
N ALA B 198 31.54 -5.47 34.54
CA ALA B 198 32.44 -6.61 34.62
C ALA B 198 32.39 -7.26 36.00
N ALA B 199 32.43 -6.44 37.05
CA ALA B 199 32.37 -6.99 38.39
C ALA B 199 31.08 -7.76 38.61
N HIS B 200 29.95 -7.18 38.20
CA HIS B 200 28.66 -7.85 38.35
C HIS B 200 28.66 -9.18 37.64
N HIS B 201 29.11 -9.20 36.38
CA HIS B 201 29.00 -10.43 35.62
C HIS B 201 29.89 -11.52 36.19
N ILE B 202 31.10 -11.18 36.61
CA ILE B 202 31.98 -12.19 37.20
C ILE B 202 31.38 -12.74 38.49
N ALA B 203 30.94 -11.84 39.38
CA ALA B 203 30.42 -12.28 40.67
C ALA B 203 29.12 -13.07 40.51
N ALA B 204 28.19 -12.56 39.69
CA ALA B 204 26.94 -13.27 39.46
C ALA B 204 27.16 -14.59 38.75
N GLY B 205 28.21 -14.70 37.93
CA GLY B 205 28.57 -15.99 37.39
C GLY B 205 28.94 -16.93 38.53
N ILE B 206 30.04 -16.63 39.22
CA ILE B 206 30.51 -17.49 40.30
C ILE B 206 29.41 -17.79 41.33
N PHE B 207 28.36 -16.98 41.37
CA PHE B 207 27.21 -17.18 42.23
C PHE B 207 26.17 -18.13 41.62
N GLY B 208 25.81 -17.92 40.36
CA GLY B 208 24.84 -18.78 39.70
C GLY B 208 25.37 -20.15 39.40
N ILE B 209 26.68 -20.30 39.22
CA ILE B 209 27.27 -21.63 39.07
C ILE B 209 27.03 -22.45 40.32
N PHE B 210 27.28 -21.86 41.49
CA PHE B 210 27.07 -22.57 42.75
C PHE B 210 25.58 -22.84 42.95
N ALA B 211 24.72 -21.89 42.60
CA ALA B 211 23.29 -22.13 42.68
C ALA B 211 22.87 -23.29 41.80
N GLY B 212 23.41 -23.36 40.59
CA GLY B 212 23.08 -24.45 39.69
C GLY B 212 23.54 -25.79 40.21
N ILE B 213 24.74 -25.84 40.80
CA ILE B 213 25.21 -27.07 41.41
C ILE B 213 24.27 -27.50 42.53
N PHE B 214 23.87 -26.54 43.39
CA PHE B 214 22.94 -26.85 44.46
C PHE B 214 21.65 -27.44 43.92
N HIS B 215 21.08 -26.82 42.87
CA HIS B 215 19.83 -27.32 42.33
C HIS B 215 20.00 -28.65 41.64
N LEU B 216 21.17 -28.91 41.06
CA LEU B 216 21.42 -30.22 40.48
C LEU B 216 21.45 -31.30 41.55
N THR B 217 22.00 -30.98 42.73
CA THR B 217 22.14 -32.01 43.75
C THR B 217 20.90 -32.15 44.63
N VAL B 218 20.41 -31.06 45.21
CA VAL B 218 19.41 -31.11 46.28
C VAL B 218 18.02 -31.15 45.68
N ARG B 219 17.18 -32.05 46.18
CA ARG B 219 15.80 -32.19 45.76
C ARG B 219 14.89 -31.23 46.52
N PRO B 220 13.73 -30.89 45.96
CA PRO B 220 12.84 -29.92 46.61
C PRO B 220 12.23 -30.50 47.88
N PRO B 221 11.83 -29.63 48.81
CA PRO B 221 11.01 -30.09 49.93
C PRO B 221 9.57 -30.36 49.50
N GLN B 222 8.89 -31.19 50.28
CA GLN B 222 7.53 -31.57 49.93
C GLN B 222 6.56 -30.41 50.05
N ARG B 223 6.71 -29.59 51.09
CA ARG B 223 5.79 -28.48 51.29
C ARG B 223 5.84 -27.51 50.12
N LEU B 224 7.05 -27.13 49.70
CA LEU B 224 7.19 -26.25 48.54
C LEU B 224 6.71 -26.92 47.27
N TYR B 225 7.00 -28.21 47.11
CA TYR B 225 6.58 -28.93 45.91
C TYR B 225 5.07 -28.91 45.77
N ARG B 226 4.34 -29.10 46.88
CA ARG B 226 2.89 -29.08 46.82
C ARG B 226 2.37 -27.65 46.68
N ALA B 227 3.01 -26.70 47.34
CA ALA B 227 2.49 -25.33 47.35
C ALA B 227 2.65 -24.66 45.98
N LEU B 228 3.83 -24.77 45.38
CA LEU B 228 4.12 -24.11 44.11
C LEU B 228 3.71 -24.94 42.92
N ARG B 229 3.16 -26.12 43.14
CA ARG B 229 2.76 -26.98 42.04
C ARG B 229 3.95 -27.23 41.14
N MET B 230 5.02 -27.77 41.70
CA MET B 230 6.24 -27.96 40.92
C MET B 230 6.16 -29.27 40.15
N GLY B 231 5.05 -29.48 39.47
CA GLY B 231 4.85 -30.61 38.59
C GLY B 231 4.06 -30.17 37.38
N ASN B 232 3.74 -28.88 37.37
CA ASN B 232 2.96 -28.26 36.31
C ASN B 232 3.84 -27.24 35.61
N ILE B 233 3.93 -27.33 34.28
CA ILE B 233 4.78 -26.43 33.54
C ILE B 233 4.27 -25.00 33.58
N GLU B 234 2.99 -24.81 33.86
CA GLU B 234 2.43 -23.47 33.82
C GLU B 234 2.93 -22.61 34.98
N THR B 235 3.28 -23.22 36.11
CA THR B 235 3.88 -22.43 37.18
C THR B 235 5.26 -21.91 36.76
N VAL B 236 5.99 -22.71 35.99
CA VAL B 236 7.24 -22.23 35.40
C VAL B 236 6.95 -21.06 34.48
N LEU B 237 5.90 -21.17 33.67
CA LEU B 237 5.55 -20.09 32.75
C LEU B 237 5.24 -18.80 33.52
N SER B 238 4.45 -18.90 34.58
CA SER B 238 4.06 -17.70 35.32
C SER B 238 5.27 -17.07 35.99
N SER B 239 6.10 -17.87 36.68
CA SER B 239 7.27 -17.32 37.34
C SER B 239 8.23 -16.68 36.32
N SER B 240 8.41 -17.32 35.17
CA SER B 240 9.27 -16.77 34.13
C SER B 240 8.72 -15.44 33.61
N ILE B 241 7.41 -15.35 33.42
CA ILE B 241 6.82 -14.08 33.02
C ILE B 241 7.10 -13.02 34.09
N SER B 242 7.01 -13.41 35.36
CA SER B 242 7.30 -12.48 36.45
C SER B 242 8.71 -11.91 36.32
N ALA B 243 9.70 -12.81 36.19
CA ALA B 243 11.08 -12.37 36.06
C ALA B 243 11.26 -11.49 34.83
N VAL B 244 10.60 -11.85 33.72
CA VAL B 244 10.80 -11.13 32.48
C VAL B 244 10.28 -9.70 32.58
N PHE B 245 9.10 -9.48 33.16
CA PHE B 245 8.65 -8.09 33.22
C PHE B 245 9.41 -7.30 34.28
N PHE B 246 9.88 -7.97 35.34
CA PHE B 246 10.80 -7.29 36.26
C PHE B 246 12.02 -6.76 35.50
N ALA B 247 12.63 -7.61 34.68
CA ALA B 247 13.81 -7.22 33.92
C ALA B 247 13.48 -6.09 32.93
N ALA B 248 12.31 -6.17 32.29
CA ALA B 248 11.93 -5.14 31.33
C ALA B 248 11.78 -3.78 32.02
N PHE B 249 11.15 -3.75 33.18
CA PHE B 249 11.05 -2.50 33.93
C PHE B 249 12.43 -1.96 34.26
N VAL B 250 13.33 -2.84 34.73
CA VAL B 250 14.66 -2.37 35.11
C VAL B 250 15.38 -1.76 33.90
N THR B 251 15.33 -2.46 32.76
CA THR B 251 16.06 -1.96 31.59
C THR B 251 15.47 -0.66 31.08
N SER B 252 14.14 -0.54 31.05
CA SER B 252 13.54 0.71 30.60
C SER B 252 13.92 1.86 31.51
N GLY B 253 13.92 1.62 32.82
CA GLY B 253 14.34 2.66 33.75
C GLY B 253 15.77 3.10 33.52
N THR B 254 16.68 2.13 33.38
CA THR B 254 18.08 2.47 33.21
C THR B 254 18.33 3.20 31.89
N MET B 255 17.56 2.89 30.85
CA MET B 255 17.75 3.64 29.61
C MET B 255 17.17 5.04 29.71
N TRP B 256 16.00 5.18 30.34
CA TRP B 256 15.40 6.51 30.44
C TRP B 256 16.26 7.45 31.29
N TYR B 257 16.79 6.96 32.41
CA TYR B 257 17.62 7.79 33.26
C TYR B 257 19.09 7.77 32.87
N GLY B 258 19.50 6.88 31.98
CA GLY B 258 20.89 6.79 31.59
C GLY B 258 21.73 5.98 32.56
N ALA B 259 22.72 5.28 32.03
CA ALA B 259 23.64 4.49 32.85
C ALA B 259 24.89 4.23 32.01
N ALA B 260 25.83 3.48 32.58
CA ALA B 260 27.03 3.12 31.85
C ALA B 260 26.73 2.18 30.69
N ALA B 261 25.60 1.49 30.72
CA ALA B 261 25.21 0.57 29.67
C ALA B 261 24.42 1.22 28.55
N THR B 262 24.08 2.50 28.68
CA THR B 262 23.37 3.26 27.65
C THR B 262 24.10 4.57 27.42
N PRO B 263 25.25 4.53 26.74
CA PRO B 263 26.05 5.75 26.58
C PRO B 263 25.35 6.77 25.71
N ILE B 264 25.76 8.03 25.89
CA ILE B 264 25.15 9.14 25.16
C ILE B 264 25.37 8.99 23.66
N GLU B 265 26.61 8.66 23.27
CA GLU B 265 26.98 8.67 21.85
C GLU B 265 26.23 7.62 21.03
N LEU B 266 25.61 6.63 21.68
CA LEU B 266 24.92 5.58 20.98
C LEU B 266 23.41 5.77 20.92
N PHE B 267 22.80 6.20 22.02
CA PHE B 267 21.37 6.37 22.09
C PHE B 267 20.91 7.82 22.13
N GLY B 268 21.83 8.77 22.28
CA GLY B 268 21.47 10.17 22.35
C GLY B 268 21.37 10.66 23.77
N PRO B 269 21.31 11.97 23.94
CA PRO B 269 21.23 12.53 25.30
C PRO B 269 19.91 12.19 25.96
N THR B 270 19.93 12.16 27.29
CA THR B 270 18.72 11.84 28.02
C THR B 270 17.87 13.10 28.21
N ARG B 271 16.66 12.88 28.73
CA ARG B 271 15.74 13.98 28.99
C ARG B 271 16.32 14.94 30.02
N TYR B 272 16.97 14.40 31.05
CA TYR B 272 17.41 15.20 32.19
C TYR B 272 18.71 15.94 31.94
N GLN B 273 19.38 15.67 30.81
CA GLN B 273 20.50 16.52 30.41
C GLN B 273 20.03 17.94 30.16
N TRP B 274 18.88 18.08 29.51
CA TRP B 274 18.36 19.39 29.12
C TRP B 274 17.78 20.15 30.29
N ASP B 275 17.14 19.44 31.24
CA ASP B 275 16.50 20.12 32.36
C ASP B 275 17.50 20.86 33.23
N SER B 276 18.63 20.23 33.53
CA SER B 276 19.60 20.79 34.44
C SER B 276 20.69 21.59 33.74
N GLY B 277 20.63 21.71 32.41
CA GLY B 277 21.64 22.45 31.68
C GLY B 277 23.01 21.83 31.82
N TYR B 278 23.07 20.51 31.65
CA TYR B 278 24.33 19.78 31.76
C TYR B 278 25.36 20.32 30.78
N PHE B 279 25.07 20.20 29.48
CA PHE B 279 26.01 20.63 28.45
C PHE B 279 26.19 22.14 28.45
N GLN B 280 25.12 22.89 28.75
CA GLN B 280 25.26 24.35 28.81
C GLN B 280 26.23 24.75 29.91
N GLN B 281 26.13 24.11 31.08
CA GLN B 281 27.08 24.40 32.16
C GLN B 281 28.50 24.03 31.75
N GLU B 282 28.67 22.88 31.08
CA GLU B 282 30.01 22.50 30.66
C GLU B 282 30.59 23.51 29.66
N ILE B 283 29.76 23.96 28.71
CA ILE B 283 30.21 24.94 27.73
C ILE B 283 30.61 26.24 28.41
N GLU B 284 29.79 26.70 29.36
CA GLU B 284 30.11 27.92 30.09
C GLU B 284 31.42 27.77 30.85
N ARG B 285 31.62 26.63 31.50
CA ARG B 285 32.86 26.42 32.24
C ARG B 285 34.08 26.45 31.32
N GLN B 286 33.98 25.80 30.16
CA GLN B 286 35.10 25.80 29.23
C GLN B 286 35.40 27.20 28.71
N VAL B 287 34.34 27.97 28.39
CA VAL B 287 34.55 29.33 27.93
C VAL B 287 35.19 30.17 29.03
N GLU B 288 34.75 29.98 30.28
CA GLU B 288 35.33 30.73 31.39
C GLU B 288 36.80 30.43 31.55
N THR B 289 37.18 29.15 31.46
CA THR B 289 38.60 28.83 31.64
C THR B 289 39.43 29.34 30.46
N SER B 290 38.87 29.33 29.24
CA SER B 290 39.61 29.86 28.10
C SER B 290 39.78 31.36 28.19
N VAL B 291 38.80 32.07 28.75
CA VAL B 291 38.97 33.49 28.99
C VAL B 291 39.99 33.74 30.11
N SER B 292 39.93 32.91 31.15
CA SER B 292 40.84 33.08 32.29
C SER B 292 42.29 32.91 31.87
N GLU B 293 42.58 31.91 31.04
CA GLU B 293 43.95 31.76 30.57
C GLU B 293 44.38 32.94 29.70
N GLY B 294 43.44 33.71 29.18
CA GLY B 294 43.75 34.89 28.39
C GLY B 294 43.57 34.64 26.91
N LEU B 295 42.44 35.07 26.37
CA LEU B 295 42.14 34.94 24.95
C LEU B 295 40.95 35.82 24.64
N SER B 296 40.81 36.16 23.36
CA SER B 296 39.65 36.92 22.92
C SER B 296 38.39 36.09 23.09
N GLU B 297 37.26 36.79 23.28
CA GLU B 297 36.00 36.09 23.46
C GLU B 297 35.65 35.28 22.21
N SER B 298 35.91 35.82 21.04
CA SER B 298 35.59 35.11 19.80
C SER B 298 36.39 33.81 19.70
N GLN B 299 37.69 33.87 19.96
CA GLN B 299 38.48 32.64 19.88
C GLN B 299 38.23 31.73 21.07
N ALA B 300 37.81 32.30 22.21
CA ALA B 300 37.41 31.47 23.34
C ALA B 300 36.18 30.63 23.01
N TRP B 301 35.20 31.24 22.35
CA TRP B 301 34.01 30.52 21.92
C TRP B 301 34.26 29.64 20.71
N SER B 302 35.27 29.95 19.91
CA SER B 302 35.56 29.15 18.73
C SER B 302 36.27 27.84 19.05
N ARG B 303 36.74 27.67 20.28
CA ARG B 303 37.40 26.43 20.69
C ARG B 303 36.41 25.38 21.18
N ILE B 304 35.13 25.71 21.25
CA ILE B 304 34.12 24.75 21.68
C ILE B 304 33.84 23.79 20.54
N PRO B 305 33.94 22.47 20.77
CA PRO B 305 33.67 21.52 19.68
C PRO B 305 32.22 21.58 19.24
N ASP B 306 32.00 21.26 17.97
CA ASP B 306 30.64 21.27 17.43
C ASP B 306 29.77 20.20 18.06
N LYS B 307 30.35 19.06 18.43
CA LYS B 307 29.57 17.99 19.05
C LYS B 307 28.97 18.46 20.37
N LEU B 308 29.77 19.13 21.20
CA LEU B 308 29.30 19.59 22.50
C LEU B 308 28.17 20.59 22.34
N ALA B 309 28.28 21.49 21.37
CA ALA B 309 27.20 22.44 21.12
C ALA B 309 25.97 21.76 20.54
N PHE B 310 26.17 20.70 19.76
CA PHE B 310 25.03 19.98 19.19
C PHE B 310 24.25 19.23 20.24
N TYR B 311 24.93 18.76 21.30
CA TYR B 311 24.21 18.14 22.41
C TYR B 311 23.27 19.14 23.08
N ASP B 312 23.67 20.41 23.13
CA ASP B 312 22.87 21.45 23.80
C ASP B 312 21.82 22.05 22.85
N TYR B 313 21.03 21.19 22.24
CA TYR B 313 19.97 21.59 21.33
C TYR B 313 18.71 20.82 21.70
N ILE B 314 17.56 21.47 21.59
CA ILE B 314 16.34 20.82 22.04
C ILE B 314 15.82 19.78 21.05
N GLY B 315 16.27 19.83 19.79
CA GLY B 315 15.86 18.81 18.85
C GLY B 315 16.37 17.43 19.17
N ASN B 316 17.40 17.33 19.99
CA ASN B 316 17.95 16.06 20.44
C ASN B 316 17.35 15.58 21.74
N ASN B 317 16.40 16.32 22.30
CA ASN B 317 15.75 15.91 23.53
C ASN B 317 14.80 14.74 23.26
N PRO B 318 14.99 13.59 23.90
CA PRO B 318 14.09 12.46 23.64
C PRO B 318 12.65 12.75 24.02
N ALA B 319 12.41 13.57 25.03
CA ALA B 319 11.04 13.89 25.44
C ALA B 319 10.50 15.11 24.71
N LYS B 320 10.61 15.08 23.38
CA LYS B 320 10.17 16.19 22.55
C LYS B 320 9.33 15.77 21.36
N GLY B 321 9.43 14.53 20.90
CA GLY B 321 8.68 14.08 19.74
C GLY B 321 7.25 13.71 20.09
N GLY B 322 6.58 13.11 19.11
CA GLY B 322 5.21 12.67 19.26
C GLY B 322 5.10 11.16 19.07
N LEU B 323 3.91 10.64 19.37
CA LEU B 323 3.71 9.20 19.29
C LEU B 323 3.60 8.73 17.84
N PHE B 324 2.91 9.48 17.01
CA PHE B 324 2.67 9.08 15.63
C PHE B 324 3.52 9.86 14.63
N ARG B 325 4.52 10.61 15.10
CA ARG B 325 5.50 11.22 14.23
C ARG B 325 6.55 10.16 13.91
N ALA B 326 6.33 9.46 12.81
CA ALA B 326 7.18 8.34 12.44
C ALA B 326 8.48 8.84 11.81
N GLY B 327 9.46 7.92 11.76
CA GLY B 327 10.70 8.20 11.08
C GLY B 327 11.81 8.63 12.02
N PRO B 328 13.00 8.85 11.47
CA PRO B 328 14.13 9.28 12.28
C PRO B 328 14.04 10.78 12.59
N MET B 329 14.99 11.25 13.40
CA MET B 329 15.02 12.67 13.73
C MET B 329 15.28 13.52 12.49
N ASN B 330 16.15 13.06 11.60
CA ASN B 330 16.47 13.83 10.41
C ASN B 330 15.23 14.15 9.60
N LYS B 331 14.22 13.29 9.65
CA LYS B 331 12.94 13.61 9.03
C LYS B 331 12.26 14.78 9.73
N GLY B 332 12.66 15.09 10.96
CA GLY B 332 12.01 16.14 11.73
C GLY B 332 12.59 17.52 11.53
N ASP B 333 13.91 17.63 11.45
CA ASP B 333 14.56 18.92 11.27
C ASP B 333 15.44 18.98 10.04
N GLY B 334 15.86 17.85 9.48
CA GLY B 334 16.87 17.83 8.45
C GLY B 334 18.24 17.50 9.02
N ILE B 335 19.15 17.18 8.10
CA ILE B 335 20.50 16.80 8.51
C ILE B 335 21.27 18.06 8.92
N ALA B 336 21.85 18.03 10.11
CA ALA B 336 22.58 19.18 10.62
C ALA B 336 23.82 19.42 9.77
N GLU B 337 24.03 20.69 9.40
CA GLU B 337 25.16 21.05 8.54
C GLU B 337 26.33 21.61 9.34
N ALA B 338 26.11 22.69 10.09
CA ALA B 338 27.20 23.31 10.82
C ALA B 338 26.63 24.19 11.92
N TRP B 339 27.48 24.50 12.89
CA TRP B 339 27.10 25.36 13.99
C TRP B 339 27.12 26.82 13.54
N LEU B 340 26.12 27.58 13.97
CA LEU B 340 26.01 28.99 13.60
C LEU B 340 26.76 29.92 14.55
N GLY B 341 27.23 29.42 15.69
CA GLY B 341 27.90 30.26 16.65
C GLY B 341 26.97 30.74 17.76
N HIS B 342 27.58 31.05 18.90
CA HIS B 342 26.80 31.43 20.07
C HIS B 342 26.42 32.90 20.00
N PRO B 343 25.14 33.24 20.04
CA PRO B 343 24.74 34.65 20.03
C PRO B 343 24.76 35.25 21.43
N ILE B 344 25.09 36.53 21.46
CA ILE B 344 25.15 37.31 22.70
C ILE B 344 24.22 38.51 22.53
N PHE B 345 23.26 38.65 23.42
CA PHE B 345 22.27 39.71 23.34
C PHE B 345 22.64 40.84 24.29
N ARG B 346 22.76 42.05 23.76
CA ARG B 346 23.07 43.23 24.55
C ARG B 346 22.07 44.32 24.24
N ASP B 347 21.82 45.16 25.24
CA ASP B 347 20.89 46.28 25.12
C ASP B 347 21.66 47.59 25.09
N LYS B 348 20.92 48.71 25.15
CA LYS B 348 21.55 50.02 25.05
C LYS B 348 22.56 50.24 26.17
N GLU B 349 22.24 49.83 27.38
CA GLU B 349 23.14 49.99 28.52
C GLU B 349 24.24 48.94 28.56
N GLY B 350 24.42 48.17 27.49
CA GLY B 350 25.49 47.18 27.44
C GLY B 350 25.36 46.05 28.44
N ARG B 351 24.15 45.60 28.72
CA ARG B 351 23.96 44.45 29.59
C ARG B 351 24.15 43.17 28.77
N GLU B 352 23.80 42.02 29.37
CA GLU B 352 23.90 40.73 28.72
C GLU B 352 22.57 40.01 28.92
N LEU B 353 21.64 40.23 28.01
CA LEU B 353 20.34 39.58 28.09
C LEU B 353 20.43 38.15 27.59
N THR B 354 19.70 37.26 28.26
CA THR B 354 19.65 35.85 27.89
C THR B 354 18.21 35.46 27.60
N VAL B 355 18.03 34.71 26.52
CA VAL B 355 16.71 34.23 26.13
C VAL B 355 16.33 33.04 27.00
N ARG B 356 15.14 33.11 27.59
CA ARG B 356 14.66 32.03 28.44
C ARG B 356 14.35 30.80 27.58
N ARG B 357 15.08 29.72 27.82
CA ARG B 357 14.91 28.50 27.03
C ARG B 357 13.59 27.83 27.37
N MET B 358 12.96 27.23 26.35
CA MET B 358 11.67 26.61 26.58
C MET B 358 11.85 25.28 27.31
N PRO B 359 10.99 24.97 28.26
CA PRO B 359 11.05 23.67 28.93
C PRO B 359 10.55 22.56 28.02
N ALA B 360 10.67 21.33 28.51
CA ALA B 360 10.30 20.17 27.70
C ALA B 360 8.79 20.01 27.60
N PHE B 361 8.04 20.46 28.60
CA PHE B 361 6.58 20.33 28.55
C PHE B 361 5.99 21.11 27.40
N PHE B 362 6.42 22.37 27.25
CA PHE B 362 5.76 23.28 26.35
C PHE B 362 6.08 22.94 24.90
N GLU B 363 5.11 23.17 24.02
CA GLU B 363 5.34 23.10 22.59
C GLU B 363 5.38 24.47 21.94
N THR B 364 4.73 25.47 22.53
CA THR B 364 4.87 26.86 22.13
C THR B 364 5.23 27.67 23.37
N PHE B 365 6.35 28.38 23.30
CA PHE B 365 6.84 29.16 24.43
C PHE B 365 7.15 30.56 23.94
N PRO B 366 6.74 31.59 24.69
CA PRO B 366 7.03 32.96 24.25
C PRO B 366 8.51 33.27 24.32
N VAL B 367 8.94 34.21 23.47
CA VAL B 367 10.32 34.66 23.44
C VAL B 367 10.47 35.77 24.48
N ILE B 368 11.29 35.52 25.50
CA ILE B 368 11.48 36.44 26.61
C ILE B 368 12.98 36.60 26.86
N LEU B 369 13.43 37.83 27.02
CA LEU B 369 14.83 38.13 27.29
C LEU B 369 14.97 38.68 28.71
N VAL B 370 15.85 38.06 29.49
CA VAL B 370 16.06 38.44 30.88
C VAL B 370 17.54 38.71 31.09
N ASP B 371 17.83 39.51 32.11
CA ASP B 371 19.19 39.89 32.45
C ASP B 371 19.77 38.89 33.45
N LYS B 372 20.92 39.24 34.04
CA LYS B 372 21.61 38.31 34.93
C LYS B 372 20.84 38.05 36.22
N ASP B 373 19.95 38.94 36.63
CA ASP B 373 19.20 38.78 37.87
C ASP B 373 17.76 38.30 37.61
N GLY B 374 17.48 37.79 36.42
CA GLY B 374 16.16 37.25 36.13
C GLY B 374 15.05 38.28 36.11
N ILE B 375 15.27 39.42 35.47
CA ILE B 375 14.26 40.46 35.33
C ILE B 375 14.01 40.69 33.85
N ILE B 376 12.73 40.77 33.47
CA ILE B 376 12.38 40.94 32.07
C ILE B 376 12.96 42.24 31.55
N ARG B 377 13.52 42.19 30.33
CA ARG B 377 14.09 43.37 29.71
C ARG B 377 13.54 43.56 28.30
N ALA B 378 13.21 42.46 27.63
CA ALA B 378 12.70 42.52 26.27
C ALA B 378 11.94 41.24 25.97
N ASP B 379 11.09 41.30 24.93
CA ASP B 379 10.29 40.17 24.52
C ASP B 379 9.73 40.46 23.14
N ILE B 380 8.96 39.50 22.62
CA ILE B 380 8.21 39.66 21.38
C ILE B 380 6.73 39.77 21.75
N PRO B 381 6.13 40.96 21.67
CA PRO B 381 4.76 41.12 22.16
C PRO B 381 3.76 40.36 21.29
N PHE B 382 2.81 39.70 21.95
CA PHE B 382 1.70 39.09 21.23
C PHE B 382 0.73 40.17 20.73
N ARG B 383 0.44 41.16 21.58
CA ARG B 383 -0.42 42.28 21.23
C ARG B 383 0.39 43.55 21.35
N ARG B 384 0.86 44.07 20.21
CA ARG B 384 1.75 45.22 20.19
C ARG B 384 0.93 46.52 20.17
N ALA B 385 0.19 46.73 21.26
CA ALA B 385 -0.60 47.94 21.42
C ALA B 385 -0.08 48.84 22.52
N GLU B 386 0.09 48.31 23.73
CA GLU B 386 0.65 49.07 24.84
C GLU B 386 1.88 48.36 25.41
N SER B 387 2.60 47.65 24.56
CA SER B 387 3.79 46.92 25.00
C SER B 387 4.89 47.89 25.40
N LYS B 388 5.47 47.68 26.57
CA LYS B 388 6.56 48.51 27.07
C LYS B 388 7.89 47.76 27.09
N TYR B 389 7.91 46.53 26.57
CA TYR B 389 9.13 45.71 26.57
C TYR B 389 9.47 45.20 25.19
N SER B 390 8.96 45.82 24.14
CA SER B 390 9.20 45.34 22.80
C SER B 390 10.67 45.45 22.44
N ILE B 391 11.10 44.62 21.49
CA ILE B 391 12.50 44.57 21.09
C ILE B 391 12.92 45.83 20.36
N GLU B 392 11.97 46.62 19.86
CA GLU B 392 12.31 47.87 19.18
C GLU B 392 12.38 49.05 20.15
N GLN B 393 11.47 49.10 21.12
CA GLN B 393 11.52 50.17 22.12
C GLN B 393 12.80 50.09 22.93
N VAL B 394 13.22 48.88 23.28
CA VAL B 394 14.47 48.64 23.98
C VAL B 394 15.45 48.07 22.96
N GLY B 395 16.35 48.91 22.45
CA GLY B 395 17.30 48.47 21.45
C GLY B 395 18.17 47.32 21.92
N VAL B 396 18.10 46.19 21.21
CA VAL B 396 18.85 44.99 21.56
C VAL B 396 19.65 44.54 20.35
N THR B 397 20.91 44.19 20.58
CA THR B 397 21.82 43.79 19.51
C THR B 397 22.38 42.41 19.79
N VAL B 398 22.81 41.74 18.73
CA VAL B 398 23.41 40.41 18.83
C VAL B 398 24.83 40.45 18.32
N ASP B 399 25.67 39.57 18.85
CA ASP B 399 27.07 39.47 18.45
C ASP B 399 27.46 37.99 18.51
N PHE B 400 27.50 37.34 17.36
CA PHE B 400 27.82 35.92 17.31
C PHE B 400 29.30 35.68 17.54
N TYR B 401 29.61 34.65 18.31
CA TYR B 401 30.99 34.31 18.65
C TYR B 401 31.24 32.85 18.34
N GLY B 402 32.32 32.57 17.62
CA GLY B 402 32.78 31.20 17.47
C GLY B 402 31.86 30.30 16.68
N GLY B 403 31.75 30.53 15.38
CA GLY B 403 30.94 29.66 14.56
C GLY B 403 30.98 30.10 13.11
N LYS B 404 29.93 29.73 12.38
CA LYS B 404 29.82 30.18 10.99
C LYS B 404 29.67 31.69 10.92
N LEU B 405 28.96 32.28 11.88
CA LEU B 405 28.77 33.72 11.96
C LEU B 405 29.73 34.37 12.95
N ASN B 406 30.89 33.76 13.18
CA ASN B 406 31.81 34.28 14.18
C ASN B 406 32.24 35.69 13.84
N GLY B 407 32.19 36.58 14.84
CA GLY B 407 32.61 37.95 14.67
C GLY B 407 31.60 38.86 14.01
N GLN B 408 30.43 38.35 13.64
CA GLN B 408 29.41 39.18 13.00
C GLN B 408 28.46 39.73 14.04
N THR B 409 27.92 40.91 13.76
CA THR B 409 26.96 41.55 14.65
C THR B 409 25.81 42.11 13.83
N PHE B 410 24.65 42.23 14.48
CA PHE B 410 23.46 42.74 13.84
C PHE B 410 22.79 43.77 14.74
N LYS B 411 22.41 44.90 14.14
CA LYS B 411 21.72 45.96 14.85
C LYS B 411 20.29 46.16 14.40
N ASP B 412 19.87 45.51 13.32
CA ASP B 412 18.55 45.74 12.77
C ASP B 412 17.48 45.10 13.66
N ALA B 413 16.24 45.57 13.50
CA ALA B 413 15.15 45.06 14.34
C ALA B 413 14.70 43.66 13.92
N PRO B 414 14.26 43.42 12.67
CA PRO B 414 13.74 42.07 12.34
C PRO B 414 14.76 40.97 12.53
N THR B 415 16.03 41.21 12.20
CA THR B 415 17.02 40.15 12.31
C THR B 415 17.29 39.77 13.77
N VAL B 416 17.25 40.76 14.67
CA VAL B 416 17.42 40.46 16.09
C VAL B 416 16.25 39.58 16.57
N LYS B 417 15.04 39.89 16.12
CA LYS B 417 13.89 39.05 16.48
C LYS B 417 14.05 37.64 15.93
N LYS B 418 14.49 37.52 14.67
CA LYS B 418 14.67 36.20 14.07
C LYS B 418 15.67 35.38 14.89
N PHE B 419 16.79 36.00 15.24
CA PHE B 419 17.82 35.25 15.98
C PHE B 419 17.37 34.96 17.41
N ALA B 420 16.58 35.84 18.01
CA ALA B 420 16.05 35.55 19.34
C ALA B 420 15.13 34.34 19.30
N ARG B 421 14.23 34.28 18.31
CA ARG B 421 13.35 33.13 18.19
C ARG B 421 14.13 31.86 17.90
N LYS B 422 15.19 31.96 17.08
CA LYS B 422 16.02 30.79 16.82
C LYS B 422 16.72 30.31 18.08
N ALA B 423 17.29 31.23 18.85
CA ALA B 423 18.07 30.87 20.04
C ALA B 423 17.21 30.58 21.26
N GLN B 424 15.89 30.75 21.15
CA GLN B 424 15.01 30.40 22.26
C GLN B 424 15.10 28.91 22.61
N LEU B 425 15.47 28.07 21.65
CA LEU B 425 15.52 26.62 21.84
C LEU B 425 16.93 26.12 21.54
N GLY B 426 17.78 26.14 22.57
CA GLY B 426 19.13 25.61 22.45
C GLY B 426 20.03 26.46 21.58
N GLU B 427 21.08 25.82 21.06
CA GLU B 427 22.00 26.46 20.16
C GLU B 427 21.41 26.54 18.75
N VAL B 428 22.07 27.31 17.89
CA VAL B 428 21.60 27.56 16.53
C VAL B 428 22.45 26.73 15.57
N PHE B 429 21.78 25.99 14.68
CA PHE B 429 22.45 25.13 13.73
C PHE B 429 21.89 25.34 12.34
N GLU B 430 22.59 24.81 11.36
CA GLU B 430 22.19 24.86 9.96
C GLU B 430 21.73 23.47 9.53
N PHE B 431 20.53 23.39 8.97
CA PHE B 431 19.93 22.11 8.62
C PHE B 431 19.63 22.06 7.13
N ASP B 432 19.55 20.84 6.61
CA ASP B 432 19.21 20.57 5.22
C ASP B 432 17.79 19.99 5.21
N ARG B 433 16.81 20.83 4.87
CA ARG B 433 15.41 20.44 4.91
C ARG B 433 14.91 19.91 3.56
N THR B 434 15.80 19.47 2.68
CA THR B 434 15.40 19.02 1.36
C THR B 434 15.79 17.58 1.06
N SER B 435 16.82 17.04 1.70
CA SER B 435 17.24 15.68 1.40
C SER B 435 16.16 14.66 1.72
N LEU B 436 15.48 14.84 2.86
CA LEU B 436 14.44 13.91 3.29
C LEU B 436 13.06 14.54 3.30
N GLU B 437 12.91 15.76 2.77
CA GLU B 437 11.69 16.54 2.94
C GLU B 437 11.32 16.61 4.41
N SER B 438 12.16 17.29 5.17
CA SER B 438 11.91 17.45 6.60
C SER B 438 10.81 18.46 6.82
N ASP B 439 9.75 18.05 7.52
CA ASP B 439 8.69 18.95 7.90
C ASP B 439 9.10 19.74 9.14
N GLY B 440 8.24 20.63 9.58
CA GLY B 440 8.53 21.42 10.76
C GLY B 440 8.01 20.83 12.04
N VAL B 441 8.62 19.74 12.52
CA VAL B 441 8.15 19.10 13.75
C VAL B 441 9.25 18.19 14.27
N PHE B 442 9.35 18.09 15.59
CA PHE B 442 10.41 17.32 16.23
C PHE B 442 10.04 15.83 16.28
N ARG B 443 11.04 15.01 16.58
CA ARG B 443 10.85 13.58 16.72
C ARG B 443 11.74 13.06 17.83
N SER B 444 11.56 11.78 18.16
CA SER B 444 12.12 11.22 19.39
C SER B 444 13.29 10.29 19.11
N SER B 445 14.09 10.08 20.17
CA SER B 445 15.28 9.26 20.12
C SER B 445 14.94 7.77 20.03
N PRO B 446 15.91 6.93 19.67
CA PRO B 446 15.78 5.51 20.01
C PRO B 446 15.64 5.28 21.49
N ARG B 447 16.20 6.17 22.32
CA ARG B 447 16.03 6.07 23.76
C ARG B 447 14.56 6.09 24.15
N GLY B 448 13.83 7.10 23.67
CA GLY B 448 12.42 7.21 24.00
C GLY B 448 11.60 6.06 23.45
N TRP B 449 11.91 5.62 22.23
CA TRP B 449 11.15 4.53 21.62
C TRP B 449 11.35 3.23 22.38
N TYR B 450 12.61 2.91 22.72
CA TYR B 450 12.86 1.71 23.51
C TYR B 450 12.14 1.79 24.84
N THR B 451 12.25 2.93 25.53
CA THR B 451 11.61 3.05 26.84
C THR B 451 10.11 2.84 26.74
N TYR B 452 9.48 3.47 25.74
CA TYR B 452 8.04 3.37 25.59
C TYR B 452 7.61 1.93 25.31
N GLY B 453 8.22 1.30 24.30
CA GLY B 453 7.84 -0.05 23.95
C GLY B 453 8.02 -1.01 25.11
N HIS B 454 9.16 -0.91 25.80
CA HIS B 454 9.46 -1.89 26.84
C HIS B 454 8.66 -1.65 28.10
N ALA B 455 8.37 -0.39 28.46
CA ALA B 455 7.49 -0.15 29.59
C ALA B 455 6.09 -0.70 29.34
N ASN B 456 5.57 -0.50 28.12
CA ASN B 456 4.24 -1.03 27.82
C ASN B 456 4.25 -2.57 27.82
N PHE B 457 5.31 -3.17 27.27
CA PHE B 457 5.40 -4.63 27.29
C PHE B 457 5.47 -5.16 28.71
N ALA B 458 6.22 -4.49 29.58
CA ALA B 458 6.29 -4.93 30.98
C ALA B 458 4.93 -4.79 31.66
N LEU B 459 4.20 -3.70 31.36
CA LEU B 459 2.89 -3.52 31.95
C LEU B 459 1.94 -4.62 31.52
N LEU B 460 1.98 -5.02 30.25
CA LEU B 460 1.14 -6.12 29.79
C LEU B 460 1.57 -7.45 30.40
N PHE B 461 2.87 -7.68 30.52
CA PHE B 461 3.35 -8.96 31.03
C PHE B 461 3.06 -9.12 32.52
N PHE B 462 2.90 -8.01 33.25
CA PHE B 462 2.42 -8.14 34.63
C PHE B 462 1.04 -8.81 34.64
N PHE B 463 0.16 -8.37 33.75
CA PHE B 463 -1.15 -8.97 33.61
C PHE B 463 -1.04 -10.43 33.18
N GLY B 464 -0.12 -10.71 32.25
CA GLY B 464 0.08 -12.08 31.83
C GLY B 464 0.49 -12.99 32.98
N HIS B 465 1.42 -12.52 33.81
CA HIS B 465 1.83 -13.26 34.99
C HIS B 465 0.64 -13.49 35.92
N LEU B 466 -0.15 -12.45 36.15
CA LEU B 466 -1.32 -12.58 37.01
C LEU B 466 -2.23 -13.70 36.53
N TRP B 467 -2.60 -13.65 35.25
CA TRP B 467 -3.53 -14.62 34.69
C TRP B 467 -2.96 -16.03 34.75
N HIS B 468 -1.69 -16.19 34.37
CA HIS B 468 -1.13 -17.54 34.30
C HIS B 468 -0.92 -18.13 35.68
N GLY B 469 -0.43 -17.34 36.63
CA GLY B 469 -0.29 -17.84 37.99
C GLY B 469 -1.64 -18.22 38.59
N GLY B 470 -2.66 -17.40 38.36
CA GLY B 470 -3.99 -17.77 38.80
C GLY B 470 -4.47 -19.06 38.17
N ARG B 471 -4.13 -19.28 36.89
CA ARG B 471 -4.54 -20.52 36.23
C ARG B 471 -3.79 -21.72 36.78
N THR B 472 -2.51 -21.57 37.14
CA THR B 472 -1.78 -22.67 37.77
C THR B 472 -2.40 -23.02 39.11
N ILE B 473 -2.69 -22.01 39.93
CA ILE B 473 -3.15 -22.31 41.28
C ILE B 473 -4.51 -22.98 41.26
N PHE B 474 -5.39 -22.54 40.35
CA PHE B 474 -6.77 -23.02 40.30
C PHE B 474 -6.97 -24.06 39.21
N ARG B 475 -5.98 -24.93 39.00
CA ARG B 475 -6.05 -25.87 37.88
C ARG B 475 -7.24 -26.82 38.01
N ASP B 476 -7.43 -27.40 39.19
CA ASP B 476 -8.49 -28.39 39.35
C ASP B 476 -9.87 -27.79 39.14
N VAL B 477 -10.07 -26.57 39.62
CA VAL B 477 -11.36 -25.91 39.49
C VAL B 477 -11.54 -25.24 38.14
N PHE B 478 -10.47 -25.12 37.37
CA PHE B 478 -10.58 -24.39 36.11
C PHE B 478 -11.28 -25.20 35.06
N THR B 479 -12.58 -25.42 35.25
CA THR B 479 -13.39 -26.14 34.28
C THR B 479 -14.82 -25.97 34.70
N GLY B 480 -15.02 -25.45 35.92
CA GLY B 480 -16.36 -25.25 36.44
C GLY B 480 -16.33 -25.52 37.92
N ILE B 481 -17.10 -24.74 38.68
CA ILE B 481 -17.14 -24.92 40.13
C ILE B 481 -17.80 -26.24 40.49
N ILE C 1 -52.63 -3.45 59.87
CA ILE C 1 -53.89 -3.04 60.46
C ILE C 1 -54.93 -2.97 59.39
N ALA C 2 -55.03 -4.02 58.59
CA ALA C 2 -56.04 -4.06 57.54
C ALA C 2 -55.94 -2.83 56.67
N GLY C 3 -55.00 -2.85 55.75
CA GLY C 3 -54.87 -1.72 54.85
C GLY C 3 -53.56 -1.04 55.08
N ARG C 4 -52.91 -1.33 56.19
CA ARG C 4 -51.67 -0.63 56.48
C ARG C 4 -50.55 -1.60 56.77
N ASP C 5 -50.37 -2.60 55.92
CA ASP C 5 -49.31 -3.58 56.10
C ASP C 5 -49.02 -4.31 54.82
N ILE C 6 -47.76 -4.66 54.60
CA ILE C 6 -47.38 -5.31 53.34
C ILE C 6 -48.16 -6.58 53.07
N GLU C 7 -48.76 -7.15 54.10
CA GLU C 7 -49.52 -8.36 53.94
C GLU C 7 -50.89 -8.01 53.43
N SER C 8 -51.64 -7.30 54.24
CA SER C 8 -52.97 -6.91 53.85
C SER C 8 -52.99 -6.19 52.52
N THR C 9 -51.92 -5.48 52.19
CA THR C 9 -51.94 -4.67 50.97
C THR C 9 -51.15 -5.27 49.83
N GLY C 10 -49.91 -5.63 50.07
CA GLY C 10 -49.08 -6.13 48.99
C GLY C 10 -48.16 -5.04 48.53
N PHE C 11 -48.17 -3.93 49.25
CA PHE C 11 -47.32 -2.81 48.91
C PHE C 11 -46.33 -2.55 50.04
N ALA C 12 -45.05 -2.42 49.69
CA ALA C 12 -44.02 -2.20 50.70
C ALA C 12 -44.21 -0.84 51.35
N TRP C 13 -43.48 -0.62 52.44
CA TRP C 13 -43.61 0.65 53.17
C TRP C 13 -43.13 1.81 52.33
N TRP C 14 -42.05 1.63 51.55
CA TRP C 14 -41.54 2.75 50.77
C TRP C 14 -42.54 3.17 49.70
N SER C 15 -43.18 2.22 49.03
CA SER C 15 -44.28 2.56 48.13
C SER C 15 -45.62 2.46 48.86
N GLY C 16 -45.71 3.12 50.02
CA GLY C 16 -46.85 2.94 50.89
C GLY C 16 -48.10 3.69 50.48
N ASN C 17 -47.95 4.85 49.84
CA ASN C 17 -49.11 5.64 49.47
C ASN C 17 -49.97 4.96 48.41
N ALA C 18 -49.46 3.95 47.72
CA ALA C 18 -50.25 3.22 46.76
C ALA C 18 -51.38 2.41 47.40
N ARG C 19 -51.34 2.24 48.72
CA ARG C 19 -52.43 1.56 49.41
C ARG C 19 -53.71 2.37 49.44
N LEU C 20 -53.66 3.65 49.07
CA LEU C 20 -54.81 4.53 49.09
C LEU C 20 -55.54 4.60 47.76
N ILE C 21 -55.15 3.77 46.79
CA ILE C 21 -55.75 3.87 45.46
C ILE C 21 -57.25 3.58 45.53
N ASN C 22 -57.63 2.53 46.25
CA ASN C 22 -59.02 2.13 46.35
C ASN C 22 -59.71 2.65 47.61
N VAL C 23 -59.01 3.41 48.44
CA VAL C 23 -59.59 3.99 49.65
C VAL C 23 -59.94 5.44 49.34
N SER C 24 -61.22 5.78 49.39
CA SER C 24 -61.67 7.09 48.91
C SER C 24 -61.46 8.17 49.96
N GLY C 25 -61.90 7.93 51.19
CA GLY C 25 -61.84 8.98 52.21
C GLY C 25 -60.42 9.37 52.55
N LYS C 26 -59.55 8.37 52.75
CA LYS C 26 -58.18 8.66 53.12
C LYS C 26 -57.43 9.35 52.00
N LEU C 27 -57.72 8.98 50.75
CA LEU C 27 -57.10 9.68 49.62
C LEU C 27 -57.51 11.14 49.59
N LEU C 28 -58.79 11.42 49.85
CA LEU C 28 -59.25 12.80 49.92
C LEU C 28 -58.54 13.55 51.05
N GLY C 29 -58.38 12.90 52.20
CA GLY C 29 -57.66 13.54 53.29
C GLY C 29 -56.23 13.86 52.93
N ALA C 30 -55.54 12.93 52.25
CA ALA C 30 -54.17 13.17 51.83
C ALA C 30 -54.10 14.35 50.87
N HIS C 31 -55.00 14.40 49.90
CA HIS C 31 -55.01 15.50 48.94
C HIS C 31 -55.23 16.84 49.63
N VAL C 32 -56.20 16.90 50.54
CA VAL C 32 -56.51 18.17 51.22
C VAL C 32 -55.34 18.60 52.09
N ALA C 33 -54.74 17.67 52.82
CA ALA C 33 -53.61 18.01 53.66
C ALA C 33 -52.43 18.51 52.83
N HIS C 34 -52.21 17.90 51.68
CA HIS C 34 -51.15 18.37 50.79
C HIS C 34 -51.42 19.79 50.28
N ALA C 35 -52.66 20.08 49.92
CA ALA C 35 -53.00 21.45 49.52
C ALA C 35 -52.73 22.42 50.66
N GLY C 36 -53.07 22.02 51.89
CA GLY C 36 -52.74 22.85 53.03
C GLY C 36 -51.24 23.09 53.16
N LEU C 37 -50.44 22.08 52.84
CA LEU C 37 -48.99 22.26 52.84
C LEU C 37 -48.56 23.31 51.82
N MET C 38 -49.14 23.25 50.61
CA MET C 38 -48.82 24.27 49.61
C MET C 38 -49.13 25.68 50.13
N VAL C 39 -50.34 25.85 50.66
CA VAL C 39 -50.75 27.18 51.13
C VAL C 39 -49.83 27.65 52.25
N PHE C 40 -49.46 26.74 53.15
CA PHE C 40 -48.58 27.10 54.25
C PHE C 40 -47.24 27.58 53.73
N TRP C 41 -46.67 26.88 52.74
CA TRP C 41 -45.40 27.34 52.19
C TRP C 41 -45.53 28.72 51.58
N ALA C 42 -46.62 28.96 50.83
CA ALA C 42 -46.80 30.27 50.21
C ALA C 42 -46.80 31.37 51.25
N GLY C 43 -47.64 31.22 52.28
CA GLY C 43 -47.72 32.25 53.30
C GLY C 43 -46.41 32.44 54.05
N ALA C 44 -45.77 31.33 54.44
CA ALA C 44 -44.53 31.42 55.19
C ALA C 44 -43.44 32.10 54.39
N MET C 45 -43.31 31.75 53.11
CA MET C 45 -42.25 32.35 52.31
C MET C 45 -42.52 33.84 52.05
N VAL C 46 -43.78 34.21 51.85
CA VAL C 46 -44.07 35.64 51.70
C VAL C 46 -43.67 36.40 52.95
N LEU C 47 -44.01 35.86 54.13
CA LEU C 47 -43.65 36.53 55.37
C LEU C 47 -42.13 36.60 55.52
N PHE C 48 -41.43 35.53 55.15
CA PHE C 48 -39.97 35.52 55.23
C PHE C 48 -39.37 36.63 54.37
N GLU C 49 -39.81 36.73 53.13
CA GLU C 49 -39.27 37.76 52.23
C GLU C 49 -39.61 39.16 52.73
N VAL C 50 -40.81 39.35 53.27
CA VAL C 50 -41.15 40.67 53.81
C VAL C 50 -40.25 41.01 54.98
N SER C 51 -39.94 40.02 55.82
CA SER C 51 -39.04 40.26 56.95
C SER C 51 -37.66 40.68 56.46
N HIS C 52 -37.10 39.94 55.51
CA HIS C 52 -35.75 40.20 55.05
C HIS C 52 -35.66 41.31 54.01
N PHE C 53 -36.74 42.07 53.83
CA PHE C 53 -36.76 43.10 52.79
C PHE C 53 -35.86 44.27 53.15
N VAL C 54 -35.23 44.86 52.14
CA VAL C 54 -34.39 46.03 52.30
C VAL C 54 -34.79 47.04 51.24
N PRO C 55 -35.24 48.25 51.63
CA PRO C 55 -35.79 49.17 50.62
C PRO C 55 -34.75 49.74 49.65
N GLU C 56 -33.46 49.66 49.97
CA GLU C 56 -32.45 50.23 49.08
C GLU C 56 -32.31 49.42 47.81
N LYS C 57 -32.19 48.12 47.93
CA LYS C 57 -31.92 47.28 46.77
C LYS C 57 -33.21 46.97 46.01
N PRO C 58 -33.12 46.74 44.71
CA PRO C 58 -34.28 46.23 43.97
C PRO C 58 -34.57 44.79 44.35
N THR C 59 -35.80 44.37 44.09
CA THR C 59 -36.23 43.05 44.54
C THR C 59 -35.42 41.94 43.90
N TYR C 60 -34.97 42.12 42.66
CA TYR C 60 -34.23 41.03 42.01
C TYR C 60 -32.82 40.87 42.56
N GLU C 61 -32.34 41.81 43.38
CA GLU C 61 -31.04 41.64 44.02
C GLU C 61 -31.12 41.05 45.41
N GLN C 62 -32.32 41.00 46.00
CA GLN C 62 -32.49 40.48 47.34
C GLN C 62 -32.81 39.00 47.36
N GLY C 63 -32.71 38.32 46.23
CA GLY C 63 -33.03 36.91 46.19
C GLY C 63 -34.50 36.60 46.40
N PHE C 64 -35.37 37.58 46.19
CA PHE C 64 -36.80 37.36 46.39
C PHE C 64 -37.41 36.63 45.23
N ILE C 65 -38.43 35.83 45.52
CA ILE C 65 -39.09 35.03 44.49
C ILE C 65 -40.60 35.20 44.49
N LEU C 66 -41.22 35.75 45.53
CA LEU C 66 -42.65 35.90 45.60
C LEU C 66 -43.14 37.34 45.60
N ILE C 67 -42.36 38.27 46.14
CA ILE C 67 -42.76 39.68 46.11
C ILE C 67 -42.98 40.13 44.67
N GLN C 68 -42.22 39.56 43.74
CA GLN C 68 -42.34 39.96 42.34
C GLN C 68 -43.72 39.68 41.79
N HIS C 69 -44.30 38.52 42.12
CA HIS C 69 -45.63 38.19 41.62
C HIS C 69 -46.67 39.18 42.13
N LEU C 70 -46.69 39.42 43.43
CA LEU C 70 -47.66 40.34 44.01
C LEU C 70 -47.43 41.77 43.53
N ALA C 71 -46.19 42.12 43.21
CA ALA C 71 -45.94 43.44 42.63
C ALA C 71 -46.47 43.52 41.21
N THR C 72 -46.29 42.46 40.42
CA THR C 72 -46.85 42.43 39.08
C THR C 72 -48.37 42.52 39.12
N LEU C 73 -49.00 41.92 40.13
CA LEU C 73 -50.44 42.08 40.31
C LEU C 73 -50.83 43.51 40.64
N GLY C 74 -49.86 44.36 41.02
CA GLY C 74 -50.13 45.76 41.25
C GLY C 74 -50.35 46.11 42.71
N TYR C 75 -49.58 45.47 43.59
CA TYR C 75 -49.70 45.69 45.03
C TYR C 75 -48.47 46.40 45.54
N GLY C 76 -48.65 47.61 46.06
CA GLY C 76 -47.56 48.35 46.68
C GLY C 76 -46.40 48.63 45.76
N ILE C 77 -46.67 49.02 44.52
CA ILE C 77 -45.63 49.32 43.55
C ILE C 77 -45.94 50.67 42.92
N GLY C 78 -44.90 51.49 42.73
CA GLY C 78 -45.05 52.79 42.13
C GLY C 78 -44.44 52.84 40.75
N PRO C 79 -44.44 54.03 40.14
CA PRO C 79 -43.88 54.17 38.79
C PRO C 79 -42.41 53.80 38.76
N GLY C 80 -42.01 53.16 37.66
CA GLY C 80 -40.64 52.74 37.49
C GLY C 80 -40.25 51.48 38.22
N GLY C 81 -41.19 50.81 38.88
CA GLY C 81 -40.88 49.61 39.63
C GLY C 81 -40.34 49.84 41.02
N GLU C 82 -40.62 51.00 41.61
CA GLU C 82 -40.22 51.27 42.99
C GLU C 82 -41.28 50.71 43.93
N ILE C 83 -40.84 50.10 45.02
CA ILE C 83 -41.75 49.52 46.00
C ILE C 83 -42.09 50.58 47.03
N THR C 84 -43.39 50.86 47.19
CA THR C 84 -43.82 51.89 48.13
C THR C 84 -43.96 51.36 49.54
N SER C 85 -44.77 50.33 49.72
CA SER C 85 -44.99 49.74 51.03
C SER C 85 -45.13 48.23 50.89
N THR C 86 -44.89 47.52 51.99
CA THR C 86 -44.91 46.06 52.01
C THR C 86 -46.02 45.54 52.92
N VAL C 87 -47.10 46.30 53.08
CA VAL C 87 -48.21 45.88 53.93
C VAL C 87 -49.09 44.86 53.21
N PRO C 88 -49.48 45.07 51.94
CA PRO C 88 -50.31 44.05 51.28
C PRO C 88 -49.65 42.68 51.21
N TYR C 89 -48.33 42.61 51.04
CA TYR C 89 -47.66 41.32 51.06
C TYR C 89 -47.81 40.64 52.41
N PHE C 90 -47.67 41.41 53.49
CA PHE C 90 -47.87 40.86 54.83
C PHE C 90 -49.29 40.34 54.99
N ALA C 91 -50.27 41.09 54.50
CA ALA C 91 -51.65 40.64 54.58
C ALA C 91 -51.87 39.34 53.83
N VAL C 92 -51.33 39.24 52.62
CA VAL C 92 -51.46 38.00 51.84
C VAL C 92 -50.83 36.85 52.60
N GLY C 93 -49.65 37.07 53.17
CA GLY C 93 -48.98 36.01 53.90
C GLY C 93 -49.80 35.50 55.07
N VAL C 94 -50.34 36.41 55.88
CA VAL C 94 -51.07 35.97 57.06
C VAL C 94 -52.37 35.27 56.67
N ILE C 95 -53.05 35.77 55.63
CA ILE C 95 -54.27 35.10 55.19
C ILE C 95 -53.96 33.69 54.71
N HIS C 96 -52.86 33.54 53.96
CA HIS C 96 -52.47 32.21 53.50
C HIS C 96 -52.14 31.29 54.66
N LEU C 97 -51.47 31.82 55.69
CA LEU C 97 -51.14 30.99 56.85
C LEU C 97 -52.39 30.47 57.56
N ILE C 98 -53.35 31.36 57.79
CA ILE C 98 -54.58 30.94 58.48
C ILE C 98 -55.33 29.91 57.65
N SER C 99 -55.46 30.17 56.35
CA SER C 99 -56.15 29.22 55.49
C SER C 99 -55.44 27.87 55.46
N SER C 100 -54.11 27.90 55.49
CA SER C 100 -53.35 26.65 55.54
C SER C 100 -53.62 25.88 56.81
N ALA C 101 -53.74 26.59 57.94
CA ALA C 101 -54.10 25.90 59.18
C ALA C 101 -55.44 25.19 59.03
N ILE C 102 -56.42 25.88 58.45
CA ILE C 102 -57.75 25.27 58.27
C ILE C 102 -57.66 24.03 57.38
N LEU C 103 -56.96 24.17 56.25
CA LEU C 103 -56.84 23.07 55.30
C LEU C 103 -56.12 21.88 55.91
N GLY C 104 -55.07 22.14 56.69
CA GLY C 104 -54.34 21.07 57.34
C GLY C 104 -55.21 20.31 58.33
N PHE C 105 -56.00 21.05 59.12
CA PHE C 105 -56.91 20.37 60.02
C PHE C 105 -57.90 19.49 59.26
N GLY C 106 -58.45 20.01 58.17
CA GLY C 106 -59.39 19.22 57.39
C GLY C 106 -58.76 17.97 56.82
N GLY C 107 -57.55 18.08 56.28
CA GLY C 107 -56.86 16.92 55.75
C GLY C 107 -56.59 15.88 56.82
N ILE C 108 -56.15 16.32 58.00
CA ILE C 108 -55.88 15.38 59.08
C ILE C 108 -57.17 14.67 59.50
N TYR C 109 -58.26 15.43 59.64
CA TYR C 109 -59.53 14.83 60.04
C TYR C 109 -59.97 13.78 59.03
N HIS C 110 -59.90 14.11 57.73
CA HIS C 110 -60.36 13.17 56.73
C HIS C 110 -59.44 11.97 56.58
N SER C 111 -58.17 12.12 56.91
CA SER C 111 -57.26 11.00 56.81
C SER C 111 -57.37 10.06 58.00
N LEU C 112 -57.61 10.60 59.20
CA LEU C 112 -57.58 9.78 60.41
C LEU C 112 -58.96 9.28 60.82
N LEU C 113 -59.89 10.21 61.06
CA LEU C 113 -61.21 9.84 61.57
C LEU C 113 -62.28 9.72 60.49
N GLY C 114 -62.05 10.30 59.31
CA GLY C 114 -63.03 10.22 58.26
C GLY C 114 -63.23 8.80 57.79
N PRO C 115 -64.42 8.51 57.27
CA PRO C 115 -64.69 7.15 56.76
C PRO C 115 -63.70 6.79 55.66
N ASP C 116 -63.28 5.52 55.67
CA ASP C 116 -62.29 5.08 54.69
C ASP C 116 -62.84 5.18 53.28
N THR C 117 -64.06 4.74 53.06
CA THR C 117 -64.72 4.81 51.76
C THR C 117 -65.92 5.72 51.86
N LEU C 118 -65.99 6.69 50.95
CA LEU C 118 -67.09 7.65 50.94
C LEU C 118 -68.32 7.13 50.22
N GLU C 119 -68.22 6.00 49.52
CA GLU C 119 -69.34 5.51 48.72
C GLU C 119 -70.52 5.10 49.60
N GLU C 120 -70.24 4.49 50.75
CA GLU C 120 -71.32 3.91 51.56
C GLU C 120 -72.15 5.00 52.22
N SER C 121 -71.51 5.98 52.86
CA SER C 121 -72.24 6.95 53.65
C SER C 121 -72.61 8.20 52.88
N PHE C 122 -71.80 8.60 51.90
CA PHE C 122 -72.02 9.81 51.12
C PHE C 122 -71.98 9.45 49.64
N PRO C 123 -73.09 8.93 49.11
CA PRO C 123 -73.08 8.47 47.72
C PRO C 123 -73.17 9.63 46.73
N PHE C 124 -72.41 10.69 46.99
CA PHE C 124 -72.31 11.81 46.06
C PHE C 124 -70.84 12.12 45.83
N PHE C 125 -70.02 11.89 46.86
CA PHE C 125 -68.59 12.08 46.78
C PHE C 125 -67.84 10.77 46.55
N GLY C 126 -68.55 9.66 46.42
CA GLY C 126 -67.91 8.38 46.18
C GLY C 126 -67.78 8.13 44.68
N TYR C 127 -66.70 7.44 44.32
CA TYR C 127 -66.40 7.15 42.93
C TYR C 127 -65.92 5.71 42.81
N ASP C 128 -65.56 5.31 41.59
CA ASP C 128 -65.17 3.93 41.33
C ASP C 128 -63.93 3.78 40.47
N TRP C 129 -63.39 4.85 39.89
CA TRP C 129 -62.23 4.81 38.98
C TRP C 129 -62.61 4.17 37.65
N ARG C 130 -63.80 3.61 37.55
CA ARG C 130 -64.19 2.83 36.40
C ARG C 130 -65.41 3.36 35.67
N ASP C 131 -66.38 3.94 36.39
CA ASP C 131 -67.46 4.63 35.71
C ASP C 131 -66.95 5.96 35.18
N LYS C 132 -67.41 6.33 33.99
CA LYS C 132 -66.92 7.53 33.35
C LYS C 132 -67.73 8.77 33.71
N ASN C 133 -69.01 8.61 34.00
CA ASN C 133 -69.86 9.77 34.23
C ASN C 133 -69.40 10.56 35.46
N LYS C 134 -69.11 9.86 36.56
CA LYS C 134 -68.67 10.57 37.77
C LYS C 134 -67.30 11.20 37.57
N MET C 135 -66.39 10.51 36.87
CA MET C 135 -65.08 11.08 36.60
C MET C 135 -65.20 12.38 35.81
N THR C 136 -66.00 12.36 34.73
CA THR C 136 -66.19 13.57 33.95
C THR C 136 -66.91 14.64 34.76
N THR C 137 -67.81 14.25 35.67
CA THR C 137 -68.47 15.24 36.51
C THR C 137 -67.47 15.98 37.39
N ILE C 138 -66.58 15.23 38.04
CA ILE C 138 -65.56 15.86 38.89
C ILE C 138 -64.66 16.75 38.06
N LEU C 139 -64.25 16.24 36.89
CA LEU C 139 -63.40 17.02 36.00
C LEU C 139 -64.08 18.33 35.60
N GLY C 140 -65.37 18.26 35.27
CA GLY C 140 -66.08 19.47 34.87
C GLY C 140 -66.25 20.46 36.01
N ILE C 141 -66.49 19.96 37.22
CA ILE C 141 -66.62 20.86 38.37
C ILE C 141 -65.32 21.62 38.58
N HIS C 142 -64.20 20.91 38.60
CA HIS C 142 -62.93 21.60 38.82
C HIS C 142 -62.57 22.49 37.64
N LEU C 143 -62.98 22.11 36.43
CA LEU C 143 -62.76 22.95 35.27
C LEU C 143 -63.51 24.27 35.38
N CYS C 144 -64.75 24.22 35.87
CA CYS C 144 -65.51 25.45 36.10
C CYS C 144 -64.82 26.30 37.16
N LEU C 145 -64.28 25.67 38.20
CA LEU C 145 -63.54 26.44 39.22
C LEU C 145 -62.34 27.15 38.59
N LEU C 146 -61.59 26.46 37.74
CA LEU C 146 -60.44 27.08 37.08
C LEU C 146 -60.88 28.24 36.18
N GLY C 147 -61.97 28.05 35.44
CA GLY C 147 -62.48 29.14 34.62
C GLY C 147 -62.85 30.35 35.43
N LEU C 148 -63.49 30.13 36.59
CA LEU C 148 -63.81 31.23 37.47
C LEU C 148 -62.56 31.93 37.96
N GLY C 149 -61.50 31.18 38.24
CA GLY C 149 -60.24 31.80 38.64
C GLY C 149 -59.64 32.67 37.56
N SER C 150 -59.66 32.19 36.31
CA SER C 150 -59.18 33.01 35.20
C SER C 150 -60.00 34.28 35.05
N PHE C 151 -61.31 34.15 35.17
CA PHE C 151 -62.16 35.34 35.21
C PHE C 151 -61.73 36.28 36.31
N LEU C 152 -61.44 35.74 37.49
CA LEU C 152 -61.05 36.57 38.62
C LEU C 152 -59.80 37.38 38.31
N LEU C 153 -58.82 36.75 37.64
CA LEU C 153 -57.63 37.50 37.25
C LEU C 153 -57.99 38.61 36.26
N VAL C 154 -58.83 38.29 35.27
CA VAL C 154 -59.23 39.31 34.30
C VAL C 154 -59.92 40.47 35.00
N ILE C 155 -60.81 40.16 35.93
CA ILE C 155 -61.55 41.16 36.69
C ILE C 155 -60.60 42.02 37.51
N LYS C 156 -59.60 41.39 38.13
CA LYS C 156 -58.61 42.16 38.88
C LYS C 156 -57.87 43.13 37.98
N ALA C 157 -57.49 42.68 36.79
CA ALA C 157 -56.74 43.55 35.89
C ALA C 157 -57.59 44.64 35.27
N MET C 158 -58.91 44.43 35.14
CA MET C 158 -59.76 45.38 34.44
C MET C 158 -60.47 46.36 35.37
N TYR C 159 -60.92 45.92 36.55
CA TYR C 159 -61.73 46.80 37.39
C TYR C 159 -61.36 46.75 38.88
N LEU C 160 -60.25 46.11 39.26
CA LEU C 160 -59.89 46.03 40.66
C LEU C 160 -58.52 46.64 40.94
N GLY C 161 -58.27 47.83 40.39
CA GLY C 161 -57.02 48.51 40.59
C GLY C 161 -56.02 48.34 39.47
N GLY C 162 -56.24 47.39 38.58
CA GLY C 162 -55.35 47.19 37.45
C GLY C 162 -54.11 46.40 37.81
N VAL C 163 -53.23 46.27 36.82
CA VAL C 163 -52.00 45.51 36.95
C VAL C 163 -50.83 46.38 36.48
N TYR C 164 -49.63 45.93 36.80
CA TYR C 164 -48.43 46.67 36.43
C TYR C 164 -48.08 46.41 34.97
N ASP C 165 -47.87 47.49 34.22
CA ASP C 165 -47.60 47.40 32.79
C ASP C 165 -46.31 48.15 32.47
N THR C 166 -45.29 47.40 32.03
CA THR C 166 -44.01 48.02 31.70
C THR C 166 -44.12 48.93 30.49
N TRP C 167 -44.87 48.49 29.47
CA TRP C 167 -44.98 49.24 28.23
C TRP C 167 -45.91 50.45 28.34
N ALA C 168 -46.32 50.80 29.55
CA ALA C 168 -47.18 51.96 29.73
C ALA C 168 -46.44 53.24 29.35
N PRO C 169 -47.14 54.21 28.80
CA PRO C 169 -46.50 55.50 28.49
C PRO C 169 -45.98 56.16 29.76
N GLY C 170 -44.83 56.80 29.64
CA GLY C 170 -44.21 57.44 30.78
C GLY C 170 -43.51 56.50 31.73
N GLY C 171 -43.35 55.24 31.37
CA GLY C 171 -42.71 54.27 32.24
C GLY C 171 -43.69 53.25 32.79
N GLY C 172 -43.13 52.23 33.42
CA GLY C 172 -43.95 51.18 33.99
C GLY C 172 -44.75 51.69 35.18
N ASP C 173 -46.03 51.34 35.22
CA ASP C 173 -46.89 51.72 36.32
C ASP C 173 -48.17 50.90 36.26
N VAL C 174 -48.96 51.03 37.32
CA VAL C 174 -50.23 50.32 37.43
C VAL C 174 -51.29 51.06 36.62
N ARG C 175 -51.97 50.34 35.74
CA ARG C 175 -52.99 50.91 34.88
C ARG C 175 -54.12 49.92 34.69
N TYR C 176 -55.26 50.43 34.26
CA TYR C 176 -56.42 49.60 33.96
C TYR C 176 -56.39 49.21 32.49
N ILE C 177 -56.55 47.91 32.22
CA ILE C 177 -56.62 47.43 30.85
C ILE C 177 -58.06 47.59 30.36
N THR C 178 -58.35 48.73 29.74
CA THR C 178 -59.72 49.05 29.38
C THR C 178 -60.21 48.26 28.18
N THR C 179 -59.35 48.03 27.18
CA THR C 179 -59.76 47.43 25.92
C THR C 179 -58.88 46.22 25.61
N PRO C 180 -59.16 45.07 26.22
CA PRO C 180 -58.43 43.85 25.87
C PRO C 180 -58.77 43.39 24.47
N THR C 181 -57.83 42.71 23.84
CA THR C 181 -58.04 42.19 22.49
C THR C 181 -58.85 40.90 22.57
N LEU C 182 -60.00 40.89 21.88
CA LEU C 182 -60.90 39.75 21.89
C LEU C 182 -60.92 38.99 20.57
N ASN C 183 -60.10 39.39 19.61
CA ASN C 183 -60.12 38.73 18.31
C ASN C 183 -59.61 37.31 18.44
N PRO C 184 -60.40 36.29 18.09
CA PRO C 184 -59.91 34.91 18.22
C PRO C 184 -58.67 34.62 17.42
N ILE C 185 -58.53 35.26 16.25
CA ILE C 185 -57.38 34.98 15.39
C ILE C 185 -56.09 35.40 16.08
N VAL C 186 -56.06 36.63 16.60
CA VAL C 186 -54.84 37.11 17.24
C VAL C 186 -54.55 36.34 18.52
N ILE C 187 -55.59 35.93 19.24
CA ILE C 187 -55.39 35.21 20.50
C ILE C 187 -54.82 33.82 20.23
N PHE C 188 -55.41 33.10 19.28
CA PHE C 188 -54.95 31.75 18.99
C PHE C 188 -53.74 31.71 18.07
N GLY C 189 -53.33 32.86 17.53
CA GLY C 189 -52.06 32.90 16.83
C GLY C 189 -50.90 32.52 17.72
N TYR C 190 -50.96 32.91 19.00
CA TYR C 190 -49.95 32.46 19.95
C TYR C 190 -50.00 30.94 20.10
N VAL C 191 -51.20 30.38 20.27
CA VAL C 191 -51.31 28.95 20.55
C VAL C 191 -50.81 28.13 19.36
N PHE C 192 -51.09 28.58 18.13
CA PHE C 192 -50.81 27.79 16.95
C PHE C 192 -49.56 28.23 16.19
N ARG C 193 -48.72 29.07 16.78
CA ARG C 193 -47.51 29.47 16.11
C ARG C 193 -46.35 28.57 16.49
N SER C 194 -45.25 28.70 15.74
CA SER C 194 -44.10 27.86 15.96
C SER C 194 -43.46 28.15 17.31
N PRO C 195 -42.81 27.15 17.92
CA PRO C 195 -42.08 27.39 19.17
C PRO C 195 -40.61 27.77 18.99
N PHE C 196 -40.18 28.10 17.79
CA PHE C 196 -38.77 28.34 17.52
C PHE C 196 -38.44 29.82 17.62
N GLY C 197 -37.18 30.15 17.31
CA GLY C 197 -36.73 31.52 17.46
C GLY C 197 -37.52 32.47 16.59
N GLY C 198 -37.76 33.66 17.12
CA GLY C 198 -38.54 34.66 16.43
C GLY C 198 -40.04 34.47 16.54
N ASP C 199 -40.50 33.33 17.06
CA ASP C 199 -41.92 33.06 17.20
C ASP C 199 -42.35 33.01 18.66
N GLY C 200 -41.75 32.15 19.47
CA GLY C 200 -42.06 32.18 20.89
C GLY C 200 -43.47 31.75 21.21
N TRP C 201 -43.73 30.44 21.12
CA TRP C 201 -45.08 29.88 21.01
C TRP C 201 -46.11 30.58 21.88
N VAL C 202 -45.99 30.53 23.20
CA VAL C 202 -46.84 31.31 24.08
C VAL C 202 -46.03 32.25 24.96
N VAL C 203 -44.71 32.20 24.87
CA VAL C 203 -43.85 33.07 25.66
C VAL C 203 -43.78 34.47 25.07
N SER C 204 -44.09 34.63 23.78
CA SER C 204 -43.87 35.89 23.09
C SER C 204 -45.05 36.84 23.16
N VAL C 205 -45.87 36.75 24.20
CA VAL C 205 -46.93 37.75 24.38
C VAL C 205 -46.29 39.08 24.74
N ASN C 206 -46.69 40.14 24.05
CA ASN C 206 -46.01 41.43 24.16
C ASN C 206 -46.72 42.39 25.11
N ASN C 207 -47.97 42.72 24.83
CA ASN C 207 -48.69 43.72 25.58
C ASN C 207 -49.64 43.08 26.58
N MET C 208 -50.13 43.89 27.52
CA MET C 208 -51.06 43.40 28.52
C MET C 208 -52.44 43.14 27.94
N GLU C 209 -52.80 43.81 26.85
CA GLU C 209 -54.10 43.57 26.24
C GLU C 209 -54.23 42.14 25.77
N ASP C 210 -53.16 41.60 25.17
CA ASP C 210 -53.18 40.20 24.75
C ASP C 210 -53.30 39.27 25.95
N VAL C 211 -52.61 39.59 27.05
CA VAL C 211 -52.71 38.75 28.25
C VAL C 211 -54.14 38.71 28.75
N ILE C 212 -54.77 39.88 28.85
CA ILE C 212 -56.14 39.93 29.37
C ILE C 212 -57.10 39.22 28.44
N GLY C 213 -56.96 39.44 27.12
CA GLY C 213 -57.83 38.76 26.18
C GLY C 213 -57.67 37.25 26.21
N GLY C 214 -56.42 36.79 26.26
CA GLY C 214 -56.18 35.36 26.35
C GLY C 214 -56.77 34.76 27.60
N HIS C 215 -56.72 35.51 28.71
CA HIS C 215 -57.32 34.99 29.94
C HIS C 215 -58.84 34.97 29.86
N ILE C 216 -59.44 35.97 29.22
CA ILE C 216 -60.89 35.94 29.01
C ILE C 216 -61.25 34.70 28.20
N TRP C 217 -60.51 34.43 27.14
CA TRP C 217 -60.79 33.27 26.30
C TRP C 217 -60.61 31.97 27.06
N VAL C 218 -59.54 31.88 27.86
CA VAL C 218 -59.29 30.66 28.62
C VAL C 218 -60.40 30.42 29.64
N GLY C 219 -60.84 31.48 30.32
CA GLY C 219 -61.92 31.33 31.25
C GLY C 219 -63.22 30.89 30.58
N ILE C 220 -63.54 31.49 29.44
CA ILE C 220 -64.75 31.10 28.71
C ILE C 220 -64.68 29.64 28.28
N LEU C 221 -63.54 29.24 27.72
CA LEU C 221 -63.35 27.87 27.28
C LEU C 221 -63.46 26.90 28.44
N CYS C 222 -62.85 27.24 29.58
CA CYS C 222 -62.90 26.35 30.73
C CYS C 222 -64.31 26.24 31.28
N ILE C 223 -65.05 27.34 31.33
CA ILE C 223 -66.43 27.29 31.81
C ILE C 223 -67.27 26.40 30.90
N VAL C 224 -67.15 26.60 29.58
CA VAL C 224 -67.94 25.83 28.64
C VAL C 224 -67.58 24.35 28.72
N GLY C 225 -66.28 24.04 28.78
CA GLY C 225 -65.86 22.66 28.91
C GLY C 225 -66.33 22.03 30.20
N GLY C 226 -66.32 22.79 31.30
CA GLY C 226 -66.75 22.23 32.57
C GLY C 226 -68.23 21.91 32.56
N ILE C 227 -69.02 22.80 31.98
CA ILE C 227 -70.44 22.52 31.83
C ILE C 227 -70.64 21.30 30.94
N TRP C 228 -69.86 21.20 29.87
CA TRP C 228 -70.08 20.15 28.89
C TRP C 228 -69.72 18.77 29.43
N HIS C 229 -68.59 18.67 30.14
CA HIS C 229 -68.18 17.37 30.67
C HIS C 229 -69.10 16.90 31.78
N ILE C 230 -69.67 17.82 32.54
CA ILE C 230 -70.60 17.44 33.59
C ILE C 230 -71.81 16.75 32.98
N PHE C 231 -72.34 17.30 31.89
CA PHE C 231 -73.59 16.80 31.34
C PHE C 231 -73.38 15.53 30.52
N THR C 232 -72.33 15.48 29.71
CA THR C 232 -72.20 14.42 28.72
C THR C 232 -71.42 13.24 29.30
N LYS C 233 -71.16 12.25 28.45
CA LYS C 233 -70.48 11.00 28.73
C LYS C 233 -69.44 10.77 27.64
N PRO C 234 -68.30 10.16 27.98
CA PRO C 234 -67.26 9.97 26.97
C PRO C 234 -67.75 9.23 25.74
N PHE C 235 -67.33 9.71 24.57
CA PHE C 235 -67.82 9.19 23.32
C PHE C 235 -67.14 7.87 22.97
N ALA C 236 -67.63 7.25 21.89
CA ALA C 236 -67.13 5.94 21.50
C ALA C 236 -65.65 5.99 21.12
N TRP C 237 -65.25 7.02 20.39
CA TRP C 237 -63.88 7.09 19.91
C TRP C 237 -62.88 7.25 21.05
N ALA C 238 -63.26 7.95 22.11
CA ALA C 238 -62.41 8.09 23.29
C ALA C 238 -62.59 6.96 24.29
N ARG C 239 -63.60 6.11 24.11
CA ARG C 239 -63.88 5.06 25.07
C ARG C 239 -63.04 3.82 24.88
N ARG C 240 -62.30 3.71 23.78
CA ARG C 240 -61.52 2.50 23.49
C ARG C 240 -60.04 2.81 23.30
N ALA C 241 -59.60 4.04 23.51
CA ALA C 241 -58.20 4.38 23.41
C ALA C 241 -57.58 4.75 24.75
N PHE C 242 -58.39 4.88 25.80
CA PHE C 242 -57.93 5.32 27.10
C PHE C 242 -58.03 4.18 28.10
N VAL C 243 -57.06 4.10 29.00
CA VAL C 243 -57.11 3.19 30.13
C VAL C 243 -57.86 3.87 31.26
N TRP C 244 -58.89 3.21 31.78
CA TRP C 244 -59.79 3.80 32.76
C TRP C 244 -59.45 3.25 34.14
N SER C 245 -58.49 3.91 34.80
CA SER C 245 -58.09 3.54 36.15
C SER C 245 -57.45 4.76 36.80
N GLY C 246 -57.32 4.69 38.13
CA GLY C 246 -56.78 5.83 38.85
C GLY C 246 -55.35 6.18 38.45
N GLU C 247 -54.50 5.16 38.32
CA GLU C 247 -53.12 5.41 37.95
C GLU C 247 -53.00 5.97 36.54
N ALA C 248 -53.89 5.56 35.63
CA ALA C 248 -53.88 6.13 34.30
C ALA C 248 -54.22 7.61 34.32
N TYR C 249 -55.22 8.00 35.10
CA TYR C 249 -55.54 9.42 35.24
C TYR C 249 -54.37 10.18 35.81
N LEU C 250 -53.70 9.59 36.81
CA LEU C 250 -52.52 10.23 37.39
C LEU C 250 -51.43 10.42 36.34
N SER C 251 -51.22 9.42 35.49
CA SER C 251 -50.18 9.54 34.46
C SER C 251 -50.52 10.62 33.44
N TYR C 252 -51.80 10.72 33.05
CA TYR C 252 -52.20 11.80 32.14
C TYR C 252 -51.91 13.16 32.77
N SER C 253 -52.30 13.32 34.03
CA SER C 253 -52.06 14.58 34.71
C SER C 253 -50.57 14.87 34.80
N LEU C 254 -49.76 13.84 35.03
CA LEU C 254 -48.32 14.03 35.13
C LEU C 254 -47.74 14.54 33.82
N ALA C 255 -48.15 13.96 32.70
CA ALA C 255 -47.65 14.43 31.40
C ALA C 255 -48.05 15.87 31.17
N ALA C 256 -49.33 16.19 31.43
CA ALA C 256 -49.79 17.56 31.21
C ALA C 256 -49.02 18.54 32.07
N ILE C 257 -48.81 18.21 33.35
CA ILE C 257 -48.16 19.15 34.26
C ILE C 257 -46.67 19.26 33.96
N SER C 258 -46.05 18.20 33.42
CA SER C 258 -44.66 18.34 32.99
C SER C 258 -44.56 19.31 31.83
N LEU C 259 -45.48 19.22 30.87
CA LEU C 259 -45.48 20.21 29.79
C LEU C 259 -45.68 21.62 30.33
N MET C 260 -46.60 21.78 31.28
CA MET C 260 -46.84 23.10 31.86
C MET C 260 -45.60 23.62 32.59
N GLY C 261 -44.90 22.74 33.30
CA GLY C 261 -43.69 23.16 34.00
C GLY C 261 -42.59 23.60 33.06
N PHE C 262 -42.39 22.84 31.97
CA PHE C 262 -41.42 23.27 30.95
C PHE C 262 -41.79 24.63 30.40
N THR C 263 -43.08 24.83 30.10
CA THR C 263 -43.52 26.10 29.54
C THR C 263 -43.27 27.24 30.51
N ALA C 264 -43.59 27.05 31.79
CA ALA C 264 -43.35 28.11 32.76
C ALA C 264 -41.87 28.41 32.92
N ALA C 265 -41.04 27.37 32.93
CA ALA C 265 -39.60 27.58 33.05
C ALA C 265 -39.06 28.42 31.89
N LEU C 266 -39.41 28.05 30.66
CA LEU C 266 -38.95 28.84 29.52
C LEU C 266 -39.67 30.18 29.42
N TYR C 267 -40.81 30.30 30.06
CA TYR C 267 -41.59 31.53 30.06
C TYR C 267 -40.99 32.57 30.99
N SER C 268 -40.41 32.14 32.10
CA SER C 268 -39.74 33.05 33.02
C SER C 268 -38.37 33.49 32.52
N TRP C 269 -37.82 32.83 31.51
CA TRP C 269 -36.48 33.11 31.02
C TRP C 269 -36.46 34.08 29.85
N TYR C 270 -37.57 34.27 29.15
CA TYR C 270 -37.63 35.09 27.96
C TYR C 270 -38.60 36.25 28.03
N ASN C 271 -39.64 36.17 28.86
CA ASN C 271 -40.74 37.12 28.82
C ASN C 271 -40.43 38.36 29.63
N ASN C 272 -40.74 39.53 29.06
CA ASN C 272 -40.65 40.80 29.76
C ASN C 272 -42.00 41.35 30.19
N THR C 273 -43.10 40.85 29.61
CA THR C 273 -44.41 41.45 29.87
C THR C 273 -44.97 41.02 31.21
N ALA C 274 -45.17 39.72 31.41
CA ALA C 274 -45.63 39.23 32.69
C ALA C 274 -44.49 39.04 33.69
N TYR C 275 -43.25 39.23 33.26
CA TYR C 275 -42.08 39.18 34.13
C TYR C 275 -41.27 40.45 33.92
N PRO C 276 -41.76 41.58 34.43
CA PRO C 276 -41.06 42.85 34.19
C PRO C 276 -39.62 42.80 34.66
N SER C 277 -38.73 43.35 33.84
CA SER C 277 -37.31 43.33 34.17
C SER C 277 -37.00 44.19 35.39
N GLU C 278 -37.88 45.11 35.76
CA GLU C 278 -37.64 45.93 36.95
C GLU C 278 -37.82 45.12 38.22
N LEU C 279 -38.44 43.95 38.15
CA LEU C 279 -38.68 43.11 39.31
C LEU C 279 -37.90 41.80 39.28
N TYR C 280 -37.81 41.15 38.12
CA TYR C 280 -37.09 39.91 37.98
C TYR C 280 -35.66 40.11 37.45
N GLY C 281 -35.29 41.33 37.10
CA GLY C 281 -34.02 41.57 36.50
C GLY C 281 -34.06 41.31 35.01
N PRO C 282 -33.02 41.72 34.30
CA PRO C 282 -33.00 41.54 32.84
C PRO C 282 -32.89 40.07 32.47
N THR C 283 -33.42 39.74 31.30
CA THR C 283 -33.34 38.39 30.79
C THR C 283 -31.94 38.12 30.24
N GLY C 284 -31.76 36.92 29.68
CA GLY C 284 -30.51 36.56 29.07
C GLY C 284 -30.12 37.49 27.95
N PRO C 285 -30.93 37.55 26.89
CA PRO C 285 -30.64 38.48 25.79
C PRO C 285 -30.61 39.94 26.20
N GLU C 286 -31.40 40.32 27.21
CA GLU C 286 -31.48 41.72 27.59
C GLU C 286 -30.16 42.24 28.11
N ALA C 287 -29.44 41.43 28.89
CA ALA C 287 -28.14 41.85 29.39
C ALA C 287 -27.14 42.07 28.25
N SER C 288 -27.14 41.17 27.27
CA SER C 288 -26.23 41.31 26.14
C SER C 288 -26.55 42.56 25.33
N GLN C 289 -27.83 42.80 25.06
CA GLN C 289 -28.21 44.01 24.34
C GLN C 289 -27.84 45.25 25.12
N ALA C 290 -28.01 45.21 26.45
CA ALA C 290 -27.65 46.35 27.28
C ALA C 290 -26.15 46.63 27.22
N GLN C 291 -25.33 45.57 27.23
CA GLN C 291 -23.89 45.76 27.12
C GLN C 291 -23.52 46.41 25.80
N ALA C 292 -24.05 45.88 24.70
CA ALA C 292 -23.75 46.47 23.40
C ALA C 292 -24.20 47.92 23.34
N PHE C 293 -25.38 48.21 23.88
CA PHE C 293 -25.91 49.57 23.85
C PHE C 293 -25.05 50.53 24.65
N THR C 294 -24.65 50.14 25.86
CA THR C 294 -23.89 51.05 26.70
C THR C 294 -22.49 51.29 26.14
N PHE C 295 -21.87 50.26 25.55
CA PHE C 295 -20.57 50.50 24.95
C PHE C 295 -20.69 51.32 23.67
N LEU C 296 -21.78 51.17 22.92
CA LEU C 296 -22.03 52.03 21.78
C LEU C 296 -22.13 53.48 22.22
N VAL C 297 -22.88 53.74 23.29
CA VAL C 297 -23.04 55.10 23.78
C VAL C 297 -21.71 55.66 24.24
N ARG C 298 -20.94 54.87 24.98
CA ARG C 298 -19.66 55.35 25.49
C ARG C 298 -18.71 55.68 24.34
N ASP C 299 -18.64 54.82 23.32
CA ASP C 299 -17.76 55.11 22.20
C ASP C 299 -18.27 56.27 21.35
N GLN C 300 -19.59 56.50 21.35
CA GLN C 300 -20.15 57.64 20.63
C GLN C 300 -19.81 58.95 21.33
N ARG C 301 -19.74 58.94 22.66
CA ARG C 301 -19.37 60.16 23.38
C ARG C 301 -18.00 60.66 22.98
N LEU C 302 -17.07 59.75 22.73
CA LEU C 302 -15.71 60.14 22.34
C LEU C 302 -15.68 60.80 20.97
N GLY C 303 -16.74 60.67 20.18
CA GLY C 303 -16.79 61.26 18.86
C GLY C 303 -16.65 60.27 17.72
N ALA C 304 -16.51 58.99 18.01
CA ALA C 304 -16.41 57.99 16.95
C ALA C 304 -17.72 57.91 16.18
N ASN C 305 -17.61 57.81 14.86
CA ASN C 305 -18.78 57.72 14.00
C ASN C 305 -19.35 56.30 14.12
N VAL C 306 -20.36 56.15 14.97
CA VAL C 306 -21.03 54.87 15.09
C VAL C 306 -21.70 54.53 13.75
N SER C 307 -21.84 53.24 13.49
CA SER C 307 -22.42 52.71 12.25
C SER C 307 -21.53 52.94 11.04
N SER C 308 -20.26 53.25 11.26
CA SER C 308 -19.28 53.34 10.19
C SER C 308 -17.96 52.69 10.55
N ALA C 309 -17.83 52.13 11.74
CA ALA C 309 -16.59 51.51 12.19
C ALA C 309 -16.67 50.01 11.92
N GLN C 310 -15.86 49.54 10.98
CA GLN C 310 -15.81 48.12 10.69
C GLN C 310 -15.23 47.36 11.88
N GLY C 311 -15.82 46.21 12.17
CA GLY C 311 -15.33 45.38 13.25
C GLY C 311 -14.10 44.60 12.83
N PRO C 312 -13.54 43.85 13.78
CA PRO C 312 -12.34 43.07 13.48
C PRO C 312 -12.51 42.10 12.33
N THR C 313 -13.70 41.55 12.16
CA THR C 313 -13.99 40.67 11.04
C THR C 313 -14.54 41.42 9.83
N GLY C 314 -14.61 42.75 9.90
CA GLY C 314 -15.19 43.52 8.83
C GLY C 314 -16.69 43.56 8.82
N LEU C 315 -17.35 43.09 9.88
CA LEU C 315 -18.80 42.96 9.90
C LEU C 315 -19.50 44.18 10.48
N GLY C 316 -18.82 44.99 11.27
CA GLY C 316 -19.47 46.10 11.95
C GLY C 316 -19.63 45.81 13.43
N LYS C 317 -18.97 46.59 14.27
CA LYS C 317 -18.92 46.29 15.69
C LYS C 317 -20.00 46.98 16.50
N TYR C 318 -20.75 47.91 15.92
CA TYR C 318 -21.83 48.58 16.62
C TYR C 318 -23.20 48.30 16.02
N LEU C 319 -23.35 48.49 14.71
CA LEU C 319 -24.60 48.25 14.02
C LEU C 319 -24.39 47.22 12.93
N MET C 320 -25.30 46.25 12.85
CA MET C 320 -25.25 45.23 11.81
C MET C 320 -26.56 45.19 11.06
N ARG C 321 -26.73 44.18 10.22
CA ARG C 321 -27.99 43.92 9.53
C ARG C 321 -28.43 42.50 9.85
N SER C 322 -29.68 42.36 10.29
CA SER C 322 -30.24 41.06 10.60
C SER C 322 -30.44 40.26 9.32
N PRO C 323 -30.45 38.92 9.41
CA PRO C 323 -30.72 38.10 8.22
C PRO C 323 -32.03 38.42 7.53
N SER C 324 -32.93 39.18 8.18
CA SER C 324 -34.12 39.69 7.53
C SER C 324 -33.95 41.13 7.04
N GLY C 325 -32.78 41.73 7.26
CA GLY C 325 -32.50 43.08 6.81
C GLY C 325 -32.62 44.14 7.88
N GLU C 326 -33.18 43.83 9.04
CA GLU C 326 -33.34 44.83 10.09
C GLU C 326 -31.98 45.23 10.66
N ILE C 327 -31.89 46.48 11.11
CA ILE C 327 -30.65 47.01 11.67
C ILE C 327 -30.62 46.70 13.15
N ILE C 328 -29.54 46.05 13.60
CA ILE C 328 -29.43 45.51 14.95
C ILE C 328 -28.04 45.81 15.49
N PHE C 329 -27.87 45.55 16.79
CA PHE C 329 -26.57 45.69 17.41
C PHE C 329 -25.62 44.60 16.91
N GLY C 330 -24.35 44.96 16.77
CA GLY C 330 -23.34 44.05 16.30
C GLY C 330 -22.72 43.23 17.42
N GLY C 331 -21.70 42.46 17.06
CA GLY C 331 -21.04 41.58 18.00
C GLY C 331 -21.76 40.25 18.11
N GLU C 332 -21.40 39.50 19.16
CA GLU C 332 -22.00 38.20 19.37
C GLU C 332 -23.49 38.29 19.70
N THR C 333 -23.98 39.46 20.10
CA THR C 333 -25.39 39.62 20.45
C THR C 333 -26.30 39.71 19.24
N MET C 334 -25.80 39.44 18.04
CA MET C 334 -26.68 39.39 16.88
C MET C 334 -27.64 38.21 16.93
N ARG C 335 -27.35 37.20 17.75
CA ARG C 335 -28.28 36.10 17.93
C ARG C 335 -29.53 36.52 18.67
N PHE C 336 -29.48 37.63 19.42
CA PHE C 336 -30.59 38.09 20.24
C PHE C 336 -31.34 39.25 19.60
N TRP C 337 -31.30 39.36 18.27
CA TRP C 337 -31.91 40.52 17.62
C TRP C 337 -33.42 40.53 17.72
N ASP C 338 -34.04 39.44 18.16
CA ASP C 338 -35.49 39.38 18.33
C ASP C 338 -35.97 40.08 19.59
N LEU C 339 -35.07 40.70 20.34
CA LEU C 339 -35.44 41.29 21.62
C LEU C 339 -36.31 42.52 21.43
N ARG C 340 -37.20 42.74 22.40
CA ARG C 340 -38.04 43.93 22.45
C ARG C 340 -38.18 44.31 23.92
N ALA C 341 -37.49 45.38 24.32
CA ALA C 341 -37.53 45.82 25.71
C ALA C 341 -38.07 47.24 25.79
N PRO C 342 -38.74 47.59 26.90
CA PRO C 342 -39.33 48.94 27.00
C PRO C 342 -38.31 50.06 26.93
N TRP C 343 -37.07 49.83 27.33
CA TRP C 343 -36.06 50.88 27.30
C TRP C 343 -35.31 50.97 25.98
N VAL C 344 -35.53 50.03 25.06
CA VAL C 344 -34.88 50.06 23.76
C VAL C 344 -35.87 50.33 22.63
N GLU C 345 -37.15 50.06 22.83
CA GLU C 345 -38.15 50.37 21.79
C GLU C 345 -38.17 51.83 21.35
N PRO C 346 -38.02 52.84 22.24
CA PRO C 346 -38.04 54.23 21.77
C PRO C 346 -37.07 54.52 20.64
N LEU C 347 -36.02 53.71 20.51
CA LEU C 347 -35.01 53.89 19.50
C LEU C 347 -35.28 53.10 18.23
N ARG C 348 -36.35 52.33 18.19
CA ARG C 348 -36.64 51.44 17.06
C ARG C 348 -37.63 52.09 16.12
N GLY C 349 -37.34 52.06 14.83
CA GLY C 349 -38.26 52.49 13.82
C GLY C 349 -38.77 51.32 13.01
N PRO C 350 -39.57 51.60 11.98
CA PRO C 350 -40.06 50.51 11.13
C PRO C 350 -38.94 49.73 10.46
N ASN C 351 -37.82 50.38 10.16
CA ASN C 351 -36.70 49.71 9.52
C ASN C 351 -35.79 48.98 10.49
N GLY C 352 -36.01 49.13 11.80
CA GLY C 352 -35.15 48.58 12.82
C GLY C 352 -34.67 49.66 13.77
N LEU C 353 -33.41 49.55 14.19
CA LEU C 353 -32.81 50.56 15.05
C LEU C 353 -32.56 51.82 14.25
N ASP C 354 -33.35 52.87 14.52
CA ASP C 354 -33.17 54.13 13.83
C ASP C 354 -31.83 54.75 14.21
N ILE C 355 -31.17 55.35 13.22
CA ILE C 355 -29.84 55.91 13.43
C ILE C 355 -29.91 57.36 13.89
N ASN C 356 -30.85 58.14 13.35
CA ASN C 356 -30.97 59.54 13.76
C ASN C 356 -31.38 59.65 15.23
N LYS C 357 -32.19 58.72 15.72
CA LYS C 357 -32.55 58.73 17.12
C LYS C 357 -31.35 58.39 18.00
N ILE C 358 -30.53 57.42 17.56
CA ILE C 358 -29.34 57.06 18.32
C ILE C 358 -28.36 58.21 18.36
N LYS C 359 -28.13 58.86 17.22
CA LYS C 359 -27.11 59.91 17.14
C LYS C 359 -27.49 61.12 17.98
N ASN C 360 -28.77 61.48 18.02
CA ASN C 360 -29.20 62.71 18.65
C ASN C 360 -30.07 62.48 19.89
N ASP C 361 -31.16 61.74 19.75
CA ASP C 361 -32.15 61.66 20.83
C ASP C 361 -31.91 60.43 21.69
N ILE C 362 -30.86 60.52 22.50
CA ILE C 362 -30.55 59.52 23.50
C ILE C 362 -30.93 60.09 24.86
N GLN C 363 -31.23 59.19 25.81
CA GLN C 363 -31.71 59.65 27.10
C GLN C 363 -30.84 59.10 28.23
N PRO C 364 -30.59 59.90 29.26
CA PRO C 364 -29.77 59.41 30.38
C PRO C 364 -30.39 58.23 31.12
N TRP C 365 -31.73 58.19 31.24
CA TRP C 365 -32.35 57.07 31.95
C TRP C 365 -32.13 55.76 31.20
N GLN C 366 -32.11 55.80 29.87
CA GLN C 366 -31.76 54.61 29.10
C GLN C 366 -30.33 54.17 29.42
N GLU C 367 -29.41 55.12 29.53
CA GLU C 367 -28.03 54.77 29.87
C GLU C 367 -27.96 54.11 31.23
N ARG C 368 -28.66 54.68 32.22
CA ARG C 368 -28.65 54.10 33.55
C ARG C 368 -29.25 52.70 33.55
N ARG C 369 -30.36 52.51 32.85
CA ARG C 369 -31.00 51.20 32.79
C ARG C 369 -30.08 50.18 32.13
N ALA C 370 -29.44 50.56 31.03
CA ALA C 370 -28.55 49.63 30.34
C ALA C 370 -27.35 49.28 31.21
N ALA C 371 -26.78 50.26 31.90
CA ALA C 371 -25.64 49.98 32.78
C ALA C 371 -26.05 49.06 33.92
N GLU C 372 -27.21 49.31 34.53
CA GLU C 372 -27.68 48.45 35.62
C GLU C 372 -27.93 47.03 35.14
N TYR C 373 -28.50 46.88 33.94
CA TYR C 373 -28.77 45.54 33.43
C TYR C 373 -27.50 44.80 33.05
N MET C 374 -26.54 45.51 32.45
CA MET C 374 -25.26 44.87 32.13
C MET C 374 -24.54 44.45 33.41
N THR C 375 -24.56 45.30 34.44
CA THR C 375 -23.92 44.96 35.69
C THR C 375 -24.66 43.87 36.45
N HIS C 376 -25.89 43.54 36.07
CA HIS C 376 -26.67 42.47 36.73
C HIS C 376 -27.20 41.55 35.64
N ALA C 377 -26.36 40.63 35.21
CA ALA C 377 -26.78 39.68 34.19
C ALA C 377 -27.19 38.38 34.84
N PRO C 378 -28.04 37.59 34.20
CA PRO C 378 -28.42 36.30 34.79
C PRO C 378 -27.29 35.30 34.75
N LEU C 379 -26.18 35.63 35.39
CA LEU C 379 -25.01 34.77 35.53
C LEU C 379 -24.73 34.57 37.01
N GLY C 380 -24.30 33.38 37.38
CA GLY C 380 -24.02 33.12 38.78
C GLY C 380 -23.44 31.73 38.97
N SER C 381 -23.40 31.32 40.23
CA SER C 381 -22.91 30.01 40.62
C SER C 381 -23.86 29.43 41.65
N LEU C 382 -23.65 28.14 41.98
CA LEU C 382 -24.52 27.48 42.93
C LEU C 382 -24.44 28.12 44.30
N ASN C 383 -23.26 28.53 44.72
CA ASN C 383 -23.10 29.26 45.98
C ASN C 383 -23.39 30.74 45.83
N SER C 384 -23.91 31.16 44.67
CA SER C 384 -24.34 32.54 44.42
C SER C 384 -23.16 33.51 44.50
N VAL C 385 -22.07 33.15 43.83
CA VAL C 385 -20.93 34.06 43.74
C VAL C 385 -21.26 35.25 42.84
N GLY C 386 -21.99 35.00 41.76
CA GLY C 386 -22.37 36.08 40.86
C GLY C 386 -21.30 36.41 39.84
N GLY C 387 -21.71 36.92 38.69
CA GLY C 387 -20.76 37.23 37.64
C GLY C 387 -20.37 36.01 36.83
N VAL C 388 -19.23 36.13 36.16
CA VAL C 388 -18.73 35.05 35.30
C VAL C 388 -18.00 34.04 36.18
N ALA C 389 -17.89 32.80 35.67
CA ALA C 389 -17.31 31.72 36.45
C ALA C 389 -15.88 32.01 36.87
N THR C 390 -15.15 32.80 36.08
CA THR C 390 -13.77 33.12 36.39
C THR C 390 -13.61 34.34 37.29
N GLU C 391 -14.71 35.02 37.62
CA GLU C 391 -14.63 36.23 38.43
C GLU C 391 -14.38 35.89 39.90
N ILE C 392 -13.69 36.79 40.59
CA ILE C 392 -13.53 36.64 42.03
C ILE C 392 -14.85 36.94 42.72
N ASN C 393 -14.97 36.46 43.96
CA ASN C 393 -16.23 36.53 44.69
C ASN C 393 -16.23 37.75 45.61
N SER C 394 -16.79 38.84 45.11
CA SER C 394 -17.11 39.99 45.94
C SER C 394 -18.59 40.32 45.92
N VAL C 395 -19.21 40.33 44.74
CA VAL C 395 -20.66 40.48 44.66
C VAL C 395 -21.34 39.20 45.10
N ASN C 396 -22.61 39.32 45.49
CA ASN C 396 -23.40 38.18 45.95
C ASN C 396 -24.79 38.30 45.33
N TYR C 397 -24.99 37.67 44.17
CA TYR C 397 -26.22 37.84 43.44
C TYR C 397 -26.38 36.75 42.41
N VAL C 398 -27.55 36.13 42.37
CA VAL C 398 -27.99 35.27 41.28
C VAL C 398 -29.42 35.64 40.93
N SER C 399 -29.67 35.88 39.65
CA SER C 399 -30.95 36.42 39.22
C SER C 399 -32.08 35.43 39.51
N PRO C 400 -33.24 35.91 39.98
CA PRO C 400 -34.36 34.99 40.21
C PRO C 400 -34.83 34.29 38.95
N ARG C 401 -34.60 34.88 37.78
CA ARG C 401 -34.95 34.19 36.54
C ARG C 401 -34.20 32.87 36.42
N SER C 402 -32.91 32.87 36.75
CA SER C 402 -32.12 31.65 36.68
C SER C 402 -32.65 30.60 37.66
N TRP C 403 -32.95 31.01 38.89
CA TRP C 403 -33.47 30.08 39.88
C TRP C 403 -34.77 29.46 39.39
N LEU C 404 -35.72 30.31 38.98
CA LEU C 404 -37.02 29.81 38.54
C LEU C 404 -36.88 28.87 37.36
N CYS C 405 -36.12 29.28 36.34
CA CYS C 405 -36.01 28.47 35.14
C CYS C 405 -35.37 27.12 35.45
N CYS C 406 -34.25 27.12 36.17
CA CYS C 406 -33.56 25.86 36.45
C CYS C 406 -34.42 24.93 37.29
N SER C 407 -34.99 25.46 38.38
CA SER C 407 -35.78 24.61 39.28
C SER C 407 -36.97 24.01 38.55
N HIS C 408 -37.68 24.83 37.78
CA HIS C 408 -38.88 24.34 37.14
C HIS C 408 -38.58 23.44 35.96
N PHE C 409 -37.45 23.64 35.27
CA PHE C 409 -37.06 22.70 34.23
C PHE C 409 -36.76 21.34 34.84
N PHE C 410 -36.03 21.32 35.95
CA PHE C 410 -35.74 20.07 36.65
C PHE C 410 -37.02 19.35 37.06
N LEU C 411 -37.93 20.09 37.69
CA LEU C 411 -39.19 19.49 38.12
C LEU C 411 -40.01 18.99 36.94
N ALA C 412 -40.04 19.75 35.85
CA ALA C 412 -40.83 19.36 34.70
C ALA C 412 -40.31 18.06 34.08
N PHE C 413 -38.99 17.92 33.95
CA PHE C 413 -38.50 16.67 33.39
C PHE C 413 -38.79 15.50 34.32
N PHE C 414 -38.62 15.70 35.63
CA PHE C 414 -38.87 14.55 36.50
C PHE C 414 -40.35 14.19 36.53
N PHE C 415 -41.23 15.15 36.28
CA PHE C 415 -42.64 14.79 36.15
C PHE C 415 -42.93 14.12 34.81
N LEU C 416 -42.17 14.43 33.77
CA LEU C 416 -42.26 13.64 32.54
C LEU C 416 -41.85 12.20 32.79
N VAL C 417 -40.79 12.00 33.58
CA VAL C 417 -40.38 10.65 33.95
C VAL C 417 -41.46 9.96 34.76
N GLY C 418 -42.09 10.69 35.68
CA GLY C 418 -43.23 10.15 36.40
C GLY C 418 -44.34 9.72 35.47
N HIS C 419 -44.61 10.52 34.44
CA HIS C 419 -45.61 10.14 33.45
C HIS C 419 -45.25 8.83 32.78
N TRP C 420 -44.00 8.70 32.33
CA TRP C 420 -43.58 7.46 31.69
C TRP C 420 -43.81 6.27 32.60
N TRP C 421 -43.29 6.36 33.82
CA TRP C 421 -43.38 5.25 34.77
C TRP C 421 -44.82 4.88 35.04
N HIS C 422 -45.66 5.87 35.37
CA HIS C 422 -47.02 5.58 35.77
C HIS C 422 -47.88 5.13 34.60
N ALA C 423 -47.68 5.70 33.42
CA ALA C 423 -48.42 5.23 32.25
C ALA C 423 -48.09 3.78 31.96
N GLY C 424 -46.80 3.43 31.96
CA GLY C 424 -46.43 2.04 31.75
C GLY C 424 -47.04 1.12 32.78
N ARG C 425 -46.93 1.48 34.06
CA ARG C 425 -47.44 0.60 35.11
C ARG C 425 -48.97 0.49 35.06
N ALA C 426 -49.65 1.61 34.81
CA ALA C 426 -51.11 1.59 34.75
C ALA C 426 -51.59 0.70 33.61
N ARG C 427 -50.96 0.82 32.43
CA ARG C 427 -51.39 -0.03 31.34
C ARG C 427 -51.08 -1.49 31.60
N ALA C 428 -49.90 -1.78 32.18
CA ALA C 428 -49.56 -3.17 32.49
C ALA C 428 -50.53 -3.76 33.50
N ALA C 429 -50.87 -3.00 34.54
CA ALA C 429 -51.79 -3.48 35.57
C ALA C 429 -53.18 -3.70 35.00
N ALA C 430 -53.64 -2.79 34.13
CA ALA C 430 -54.94 -3.00 33.49
C ALA C 430 -54.93 -4.24 32.61
N ALA C 431 -53.84 -4.45 31.87
CA ALA C 431 -53.73 -5.65 31.05
C ALA C 431 -53.68 -6.90 31.91
N GLY C 432 -52.85 -6.89 32.96
CA GLY C 432 -52.83 -7.98 33.91
C GLY C 432 -51.54 -8.74 34.01
N PHE C 433 -50.42 -8.13 33.65
CA PHE C 433 -49.12 -8.77 33.80
C PHE C 433 -48.09 -7.81 34.38
N GLU C 434 -48.48 -7.07 35.40
CA GLU C 434 -47.57 -6.13 36.07
C GLU C 434 -46.75 -6.81 37.16
N LYS C 435 -47.00 -8.08 37.45
CA LYS C 435 -46.28 -8.79 38.51
C LYS C 435 -45.26 -9.79 38.00
N GLY C 436 -45.44 -10.30 36.79
CA GLY C 436 -44.53 -11.29 36.25
C GLY C 436 -44.91 -11.67 34.83
N ILE C 437 -44.69 -12.91 34.43
CA ILE C 437 -45.10 -13.33 33.10
C ILE C 437 -46.27 -14.31 33.21
N ASP C 438 -46.02 -15.50 33.78
CA ASP C 438 -47.02 -16.52 34.07
C ASP C 438 -46.37 -17.88 34.32
N ARG C 439 -45.36 -18.20 33.52
CA ARG C 439 -44.57 -19.43 33.62
C ARG C 439 -45.33 -20.65 33.11
N ASP C 440 -46.62 -20.47 32.77
CA ASP C 440 -47.39 -21.52 32.12
C ASP C 440 -48.15 -21.02 30.90
N PHE C 441 -48.24 -19.71 30.69
CA PHE C 441 -48.85 -19.08 29.53
C PHE C 441 -47.91 -18.01 29.00
N GLU C 442 -46.64 -18.35 28.84
CA GLU C 442 -45.68 -17.38 28.36
C GLU C 442 -45.97 -17.06 26.90
N PRO C 443 -46.35 -15.83 26.56
CA PRO C 443 -46.77 -15.53 25.18
C PRO C 443 -45.67 -15.70 24.16
N VAL C 444 -44.40 -15.67 24.56
CA VAL C 444 -43.31 -15.81 23.59
C VAL C 444 -43.31 -17.21 22.98
N LEU C 445 -43.64 -18.23 23.79
CA LEU C 445 -43.62 -19.60 23.30
C LEU C 445 -44.76 -19.92 22.36
N SER C 446 -45.78 -19.07 22.29
CA SER C 446 -46.93 -19.29 21.42
C SER C 446 -46.81 -18.56 20.09
N MET C 447 -45.70 -17.86 19.88
CA MET C 447 -45.54 -17.07 18.68
C MET C 447 -44.60 -17.75 17.72
N THR C 448 -44.75 -17.45 16.44
CA THR C 448 -43.92 -18.10 15.45
C THR C 448 -42.46 -17.80 15.69
N PRO C 449 -41.59 -18.75 15.36
CA PRO C 449 -40.17 -18.47 15.49
C PRO C 449 -39.73 -17.47 14.45
N LEU C 450 -38.50 -16.99 14.54
CA LEU C 450 -37.99 -16.02 13.58
C LEU C 450 -36.46 -16.08 13.52
N GLY D 1 2.89 -28.57 64.06
CA GLY D 1 3.80 -27.55 63.59
C GLY D 1 3.29 -26.15 63.89
N LEU D 2 4.21 -25.23 64.19
CA LEU D 2 3.82 -23.87 64.55
C LEU D 2 3.17 -23.15 63.38
N PHE D 3 3.67 -23.39 62.16
CA PHE D 3 3.09 -22.74 60.99
C PHE D 3 1.64 -23.17 60.78
N ASP D 4 1.33 -24.44 61.06
CA ASP D 4 0.05 -24.99 60.69
C ASP D 4 -1.10 -24.38 61.50
N LEU D 5 -0.94 -24.29 62.82
CA LEU D 5 -2.04 -23.76 63.61
C LEU D 5 -2.17 -22.25 63.44
N VAL D 6 -1.07 -21.56 63.13
CA VAL D 6 -1.17 -20.14 62.77
C VAL D 6 -1.97 -19.97 61.48
N ASP D 7 -1.69 -20.82 60.48
CA ASP D 7 -2.47 -20.78 59.25
C ASP D 7 -3.92 -21.11 59.52
N ASP D 8 -4.19 -22.06 60.43
CA ASP D 8 -5.56 -22.40 60.78
C ASP D 8 -6.28 -21.19 61.39
N TRP D 9 -5.63 -20.49 62.31
CA TRP D 9 -6.27 -19.34 62.94
C TRP D 9 -6.45 -18.19 61.97
N LEU D 10 -5.53 -18.02 61.01
CA LEU D 10 -5.67 -16.95 60.03
C LEU D 10 -6.87 -17.18 59.12
N LYS D 11 -7.15 -18.43 58.77
CA LYS D 11 -8.29 -18.78 57.93
C LYS D 11 -9.52 -19.11 58.75
N LYS D 12 -9.55 -18.71 60.02
CA LYS D 12 -10.72 -18.87 60.86
C LYS D 12 -11.90 -18.12 60.27
N ASP D 13 -13.10 -18.68 60.42
CA ASP D 13 -14.31 -18.02 59.93
C ASP D 13 -14.78 -17.03 60.99
N ARG D 14 -14.88 -15.76 60.60
CA ARG D 14 -15.30 -14.70 61.51
C ARG D 14 -16.02 -13.63 60.70
N PHE D 15 -16.19 -12.46 61.32
CA PHE D 15 -16.89 -11.37 60.65
C PHE D 15 -16.15 -10.90 59.41
N VAL D 16 -14.84 -10.70 59.52
CA VAL D 16 -14.01 -10.24 58.42
C VAL D 16 -12.87 -11.23 58.23
N PHE D 17 -12.63 -11.64 56.98
CA PHE D 17 -11.58 -12.59 56.68
C PHE D 17 -10.22 -11.91 56.78
N VAL D 18 -9.30 -12.52 57.54
CA VAL D 18 -7.97 -11.97 57.70
C VAL D 18 -7.03 -12.56 56.65
N GLY D 19 -6.82 -13.87 56.72
CA GLY D 19 -5.98 -14.56 55.76
C GLY D 19 -4.52 -14.15 55.82
N TRP D 20 -3.67 -14.82 55.06
CA TRP D 20 -2.26 -14.44 55.04
C TRP D 20 -2.07 -13.07 54.41
N SER D 21 -2.85 -12.76 53.38
CA SER D 21 -2.76 -11.46 52.72
C SER D 21 -3.13 -10.31 53.65
N GLY D 22 -3.90 -10.58 54.71
CA GLY D 22 -4.25 -9.53 55.63
C GLY D 22 -3.05 -8.91 56.30
N LEU D 23 -1.98 -9.69 56.50
CA LEU D 23 -0.81 -9.23 57.23
C LEU D 23 -0.19 -7.99 56.59
N LEU D 24 -0.28 -7.84 55.27
CA LEU D 24 0.16 -6.63 54.61
C LEU D 24 -0.97 -5.80 54.04
N LEU D 25 -2.18 -6.35 53.96
CA LEU D 25 -3.32 -5.54 53.53
C LEU D 25 -3.71 -4.54 54.60
N PHE D 26 -3.98 -5.03 55.82
CA PHE D 26 -4.58 -4.17 56.83
C PHE D 26 -3.67 -3.04 57.27
N PRO D 27 -2.41 -3.27 57.66
CA PRO D 27 -1.58 -2.13 58.06
C PRO D 27 -1.34 -1.13 56.94
N THR D 28 -1.05 -1.60 55.73
CA THR D 28 -0.76 -0.67 54.64
C THR D 28 -1.98 0.15 54.26
N ALA D 29 -3.14 -0.51 54.10
CA ALA D 29 -4.36 0.22 53.75
C ALA D 29 -4.77 1.18 54.85
N TYR D 30 -4.67 0.73 56.10
CA TYR D 30 -5.00 1.62 57.22
C TYR D 30 -4.08 2.83 57.24
N LEU D 31 -2.79 2.62 57.01
CA LEU D 31 -1.84 3.73 57.01
C LEU D 31 -2.10 4.69 55.86
N ALA D 32 -2.45 4.16 54.69
CA ALA D 32 -2.76 5.04 53.55
C ALA D 32 -3.99 5.89 53.83
N ALA D 33 -5.05 5.26 54.35
CA ALA D 33 -6.26 6.01 54.67
C ALA D 33 -5.99 7.05 55.75
N GLY D 34 -5.24 6.68 56.79
CA GLY D 34 -4.92 7.64 57.84
C GLY D 34 -4.04 8.77 57.34
N GLY D 35 -3.09 8.46 56.46
CA GLY D 35 -2.27 9.51 55.89
C GLY D 35 -3.07 10.49 55.07
N TRP D 36 -4.03 9.99 54.30
CA TRP D 36 -4.90 10.91 53.57
C TRP D 36 -5.75 11.74 54.54
N MET D 37 -6.27 11.12 55.60
CA MET D 37 -7.12 11.84 56.53
C MET D 37 -6.36 12.95 57.25
N THR D 38 -5.14 12.66 57.71
CA THR D 38 -4.35 13.69 58.37
C THR D 38 -3.85 14.73 57.37
N GLY D 39 -3.60 14.33 56.13
CA GLY D 39 -3.08 15.25 55.14
C GLY D 39 -4.07 16.35 54.78
N THR D 40 -5.32 15.98 54.55
CA THR D 40 -6.34 16.94 54.17
C THR D 40 -6.90 17.71 55.35
N THR D 41 -6.30 17.57 56.53
CA THR D 41 -6.80 18.22 57.73
C THR D 41 -5.79 19.16 58.38
N PHE D 42 -4.52 18.77 58.44
CA PHE D 42 -3.52 19.56 59.17
C PHE D 42 -2.39 20.06 58.29
N VAL D 43 -1.73 19.18 57.53
CA VAL D 43 -0.53 19.58 56.80
C VAL D 43 -0.91 20.48 55.64
N THR D 44 0.00 21.37 55.26
CA THR D 44 -0.24 22.39 54.24
C THR D 44 0.62 22.13 53.00
N SER D 45 0.35 22.93 51.97
CA SER D 45 1.13 22.91 50.73
C SER D 45 1.82 24.24 50.49
N TRP D 46 2.03 25.02 51.55
CA TRP D 46 2.59 26.36 51.38
C TRP D 46 4.01 26.32 50.83
N TYR D 47 4.83 25.38 51.30
CA TYR D 47 6.25 25.37 50.96
C TYR D 47 6.58 24.51 49.76
N THR D 48 5.63 23.79 49.19
CA THR D 48 5.86 22.99 47.99
C THR D 48 5.16 23.53 46.77
N HIS D 49 3.90 23.95 46.90
CA HIS D 49 3.15 24.52 45.80
C HIS D 49 2.81 25.99 45.98
N GLY D 50 3.03 26.54 47.17
CA GLY D 50 2.52 27.86 47.46
C GLY D 50 1.01 27.93 47.51
N LEU D 51 0.37 26.87 47.98
CA LEU D 51 -1.07 26.78 48.11
C LEU D 51 -1.45 26.56 49.57
N ALA D 52 -2.75 26.52 49.81
CA ALA D 52 -3.31 26.11 51.10
C ALA D 52 -4.25 24.95 50.83
N SER D 53 -3.87 23.75 51.28
CA SER D 53 -4.67 22.55 51.06
C SER D 53 -4.83 21.82 52.38
N SER D 54 -5.81 22.24 53.17
CA SER D 54 -6.12 21.63 54.46
C SER D 54 -7.37 22.26 55.06
N TYR D 55 -8.08 21.52 55.91
CA TYR D 55 -9.20 22.12 56.62
C TYR D 55 -8.73 23.17 57.62
N LEU D 56 -7.53 22.98 58.19
CA LEU D 56 -7.02 23.92 59.18
C LEU D 56 -6.80 25.30 58.58
N GLU D 57 -6.55 25.38 57.27
CA GLU D 57 -6.33 26.66 56.61
C GLU D 57 -7.58 27.22 55.96
N GLY D 58 -8.70 26.52 56.02
CA GLY D 58 -9.96 27.01 55.52
C GLY D 58 -10.46 26.40 54.23
N CYS D 59 -9.93 25.27 53.80
CA CYS D 59 -10.42 24.60 52.61
C CYS D 59 -11.56 23.66 52.96
N ASN D 60 -12.49 23.51 52.04
CA ASN D 60 -13.61 22.59 52.23
C ASN D 60 -13.21 21.20 51.73
N PHE D 61 -14.20 20.31 51.63
CA PHE D 61 -13.92 18.96 51.15
C PHE D 61 -13.49 18.97 49.69
N LEU D 62 -13.96 19.94 48.91
CA LEU D 62 -13.67 19.97 47.48
C LEU D 62 -12.28 20.49 47.16
N THR D 63 -11.65 21.21 48.08
CA THR D 63 -10.36 21.82 47.79
C THR D 63 -9.20 21.27 48.60
N ALA D 64 -9.46 20.64 49.74
CA ALA D 64 -8.39 20.05 50.53
C ALA D 64 -7.74 18.89 49.77
N ALA D 65 -6.43 18.74 49.93
CA ALA D 65 -5.73 17.70 49.21
C ALA D 65 -4.41 17.39 49.90
N VAL D 66 -3.84 16.25 49.55
CA VAL D 66 -2.48 15.88 49.94
C VAL D 66 -1.62 16.12 48.71
N SER D 67 -0.87 17.22 48.71
CA SER D 67 -0.19 17.66 47.51
C SER D 67 1.13 16.92 47.33
N THR D 68 1.59 16.90 46.08
CA THR D 68 2.84 16.25 45.73
C THR D 68 4.02 17.02 46.32
N PRO D 69 5.15 16.36 46.53
CA PRO D 69 6.31 17.05 47.11
C PRO D 69 6.87 18.10 46.16
N ALA D 70 7.74 18.93 46.71
CA ALA D 70 8.32 20.03 45.94
C ALA D 70 9.14 19.49 44.78
N ASN D 71 9.12 20.24 43.67
CA ASN D 71 9.87 19.82 42.49
C ASN D 71 11.37 19.82 42.70
N SER D 72 11.86 20.65 43.63
CA SER D 72 13.29 20.67 43.92
C SER D 72 13.78 19.28 44.30
N VAL D 73 13.02 18.59 45.14
CA VAL D 73 13.25 17.16 45.35
C VAL D 73 12.85 16.42 44.09
N GLY D 74 13.70 15.49 43.65
CA GLY D 74 13.45 14.81 42.40
C GLY D 74 12.49 13.67 42.55
N HIS D 75 12.88 12.46 42.14
CA HIS D 75 12.10 11.27 42.40
C HIS D 75 12.47 10.59 43.70
N SER D 76 12.93 11.36 44.69
CA SER D 76 13.35 10.77 45.94
C SER D 76 12.18 10.08 46.63
N LEU D 77 12.51 9.08 47.45
CA LEU D 77 11.49 8.35 48.17
C LEU D 77 10.94 9.14 49.35
N LEU D 78 11.63 10.21 49.76
CA LEU D 78 11.17 11.06 50.87
C LEU D 78 10.93 10.26 52.14
N LEU D 79 11.80 9.28 52.39
CA LEU D 79 11.70 8.51 53.62
C LEU D 79 11.89 9.44 54.82
N LEU D 80 11.13 9.16 55.89
CA LEU D 80 11.23 10.01 57.08
C LEU D 80 12.65 10.08 57.61
N TRP D 81 13.40 8.99 57.49
CA TRP D 81 14.79 8.96 57.92
C TRP D 81 15.77 9.31 56.82
N GLY D 82 15.28 9.70 55.64
CA GLY D 82 16.12 9.96 54.51
C GLY D 82 16.95 11.21 54.67
N PRO D 83 17.90 11.43 53.76
CA PRO D 83 18.74 12.64 53.85
C PRO D 83 17.95 13.93 53.70
N GLU D 84 16.81 13.89 53.00
CA GLU D 84 16.06 15.12 52.77
C GLU D 84 15.38 15.62 54.04
N ALA D 85 14.94 14.71 54.91
CA ALA D 85 14.22 15.08 56.13
C ALA D 85 15.00 14.78 57.40
N GLN D 86 15.65 13.62 57.48
CA GLN D 86 16.45 13.22 58.64
C GLN D 86 15.61 13.26 59.92
N GLY D 87 14.59 12.41 59.95
CA GLY D 87 13.64 12.49 61.04
C GLY D 87 12.87 13.80 60.96
N ASP D 88 12.53 14.34 62.14
CA ASP D 88 11.96 15.68 62.25
C ASP D 88 10.67 15.77 61.43
N PHE D 89 9.68 15.06 61.95
CA PHE D 89 8.35 14.91 61.36
C PHE D 89 7.80 16.19 60.73
N THR D 90 8.02 17.34 61.37
CA THR D 90 7.45 18.58 60.86
C THR D 90 8.00 18.93 59.48
N ARG D 91 9.33 18.89 59.32
CA ARG D 91 9.89 19.19 58.01
C ARG D 91 9.54 18.12 56.98
N TRP D 92 9.40 16.87 57.42
CA TRP D 92 8.98 15.81 56.51
C TRP D 92 7.60 16.10 55.95
N CYS D 93 6.68 16.56 56.82
CA CYS D 93 5.36 16.96 56.34
C CYS D 93 5.44 18.19 55.46
N GLN D 94 6.32 19.14 55.80
CA GLN D 94 6.35 20.40 55.07
C GLN D 94 6.90 20.23 53.66
N ILE D 95 7.94 19.42 53.48
CA ILE D 95 8.52 19.25 52.14
C ILE D 95 7.68 18.33 51.27
N GLY D 96 6.72 17.62 51.83
CA GLY D 96 5.80 16.84 51.02
C GLY D 96 6.03 15.33 51.06
N GLY D 97 6.56 14.83 52.17
CA GLY D 97 6.77 13.40 52.28
C GLY D 97 5.50 12.60 52.47
N LEU D 98 4.42 13.25 52.89
CA LEU D 98 3.19 12.55 53.14
C LEU D 98 2.58 12.00 51.84
N TRP D 99 2.81 12.69 50.71
CA TRP D 99 2.33 12.19 49.45
C TRP D 99 2.97 10.84 49.11
N THR D 100 4.29 10.77 49.22
CA THR D 100 4.98 9.50 48.95
C THR D 100 4.57 8.43 49.96
N PHE D 101 4.45 8.81 51.23
CA PHE D 101 3.97 7.87 52.23
C PHE D 101 2.64 7.25 51.82
N VAL D 102 1.67 8.09 51.49
CA VAL D 102 0.35 7.62 51.13
C VAL D 102 0.41 6.77 49.86
N ALA D 103 1.16 7.23 48.86
CA ALA D 103 1.17 6.52 47.58
C ALA D 103 1.80 5.14 47.72
N LEU D 104 2.96 5.05 48.37
CA LEU D 104 3.61 3.75 48.52
C LEU D 104 2.77 2.81 49.36
N HIS D 105 2.25 3.30 50.49
CA HIS D 105 1.43 2.44 51.33
C HIS D 105 0.16 2.00 50.63
N GLY D 106 -0.47 2.89 49.86
CA GLY D 106 -1.67 2.51 49.13
C GLY D 106 -1.38 1.51 48.04
N ALA D 107 -0.25 1.64 47.37
CA ALA D 107 0.11 0.66 46.35
C ALA D 107 0.30 -0.73 46.97
N PHE D 108 0.97 -0.79 48.13
CA PHE D 108 1.14 -2.09 48.75
C PHE D 108 -0.17 -2.63 49.30
N GLY D 109 -1.05 -1.75 49.79
CA GLY D 109 -2.38 -2.21 50.17
C GLY D 109 -3.18 -2.72 49.00
N LEU D 110 -2.98 -2.13 47.83
CA LEU D 110 -3.65 -2.59 46.61
C LEU D 110 -3.17 -3.98 46.22
N ILE D 111 -1.85 -4.20 46.28
CA ILE D 111 -1.31 -5.54 46.08
C ILE D 111 -1.92 -6.51 47.08
N GLY D 112 -2.01 -6.08 48.35
CA GLY D 112 -2.60 -6.94 49.36
C GLY D 112 -4.05 -7.28 49.08
N PHE D 113 -4.80 -6.32 48.53
CA PHE D 113 -6.20 -6.61 48.20
C PHE D 113 -6.32 -7.62 47.08
N CYS D 114 -5.48 -7.50 46.05
CA CYS D 114 -5.54 -8.50 44.98
C CYS D 114 -5.17 -9.88 45.51
N LEU D 115 -4.16 -9.95 46.38
CA LEU D 115 -3.81 -11.22 47.01
C LEU D 115 -4.96 -11.74 47.86
N ARG D 116 -5.66 -10.85 48.54
CA ARG D 116 -6.82 -11.25 49.35
C ARG D 116 -7.90 -11.86 48.48
N GLN D 117 -8.14 -11.26 47.32
CA GLN D 117 -9.13 -11.84 46.40
C GLN D 117 -8.71 -13.23 45.95
N PHE D 118 -7.43 -13.41 45.62
CA PHE D 118 -6.93 -14.72 45.23
C PHE D 118 -7.15 -15.74 46.35
N GLU D 119 -6.82 -15.35 47.58
CA GLU D 119 -6.92 -16.26 48.71
C GLU D 119 -8.37 -16.62 49.02
N ILE D 120 -9.27 -15.63 48.95
CA ILE D 120 -10.68 -15.89 49.17
C ILE D 120 -11.22 -16.86 48.12
N ALA D 121 -10.85 -16.64 46.86
CA ALA D 121 -11.29 -17.56 45.80
C ALA D 121 -10.77 -18.96 46.03
N ARG D 122 -9.51 -19.09 46.46
CA ARG D 122 -8.96 -20.42 46.71
C ARG D 122 -9.66 -21.10 47.88
N LEU D 123 -9.95 -20.35 48.95
CA LEU D 123 -10.61 -20.94 50.11
C LEU D 123 -12.04 -21.36 49.78
N VAL D 124 -12.77 -20.55 49.02
CA VAL D 124 -14.14 -20.88 48.65
C VAL D 124 -14.23 -21.81 47.47
N GLY D 125 -13.12 -22.11 46.80
CA GLY D 125 -13.11 -23.04 45.68
C GLY D 125 -13.84 -22.57 44.45
N ILE D 126 -13.66 -21.32 44.06
CA ILE D 126 -14.25 -20.78 42.84
C ILE D 126 -13.13 -20.25 41.96
N ARG D 127 -13.49 -19.89 40.73
CA ARG D 127 -12.48 -19.42 39.79
C ARG D 127 -12.10 -17.98 40.11
N PRO D 128 -10.83 -17.60 39.91
CA PRO D 128 -10.35 -16.31 40.42
C PRO D 128 -10.64 -15.09 39.56
N TYR D 129 -11.64 -15.14 38.67
CA TYR D 129 -11.90 -14.04 37.76
C TYR D 129 -11.94 -12.68 38.44
N ASN D 130 -12.29 -12.64 39.72
CA ASN D 130 -12.40 -11.36 40.42
C ASN D 130 -11.05 -10.64 40.48
N ALA D 131 -9.98 -11.38 40.73
CA ALA D 131 -8.65 -10.76 40.76
C ALA D 131 -8.27 -10.23 39.38
N ILE D 132 -8.59 -10.98 38.33
CA ILE D 132 -8.31 -10.51 36.97
C ILE D 132 -9.07 -9.23 36.69
N ALA D 133 -10.33 -9.15 37.12
CA ALA D 133 -11.09 -7.92 36.95
C ALA D 133 -10.47 -6.77 37.73
N PHE D 134 -10.05 -7.03 38.96
CA PHE D 134 -9.42 -6.00 39.77
C PHE D 134 -8.06 -5.57 39.24
N SER D 135 -7.45 -6.36 38.35
CA SER D 135 -6.18 -5.96 37.76
C SER D 135 -6.27 -4.64 37.00
N GLY D 136 -7.47 -4.23 36.58
CA GLY D 136 -7.65 -2.99 35.86
C GLY D 136 -7.33 -1.77 36.69
N PRO D 137 -8.03 -1.60 37.82
CA PRO D 137 -7.70 -0.47 38.72
C PRO D 137 -6.25 -0.46 39.17
N ILE D 138 -5.65 -1.63 39.37
CA ILE D 138 -4.23 -1.68 39.72
C ILE D 138 -3.39 -1.08 38.61
N ALA D 139 -3.69 -1.44 37.36
CA ALA D 139 -2.96 -0.88 36.23
C ALA D 139 -3.14 0.62 36.14
N VAL D 140 -4.36 1.11 36.35
CA VAL D 140 -4.60 2.55 36.29
C VAL D 140 -3.79 3.27 37.35
N PHE D 141 -3.83 2.75 38.59
CA PHE D 141 -3.09 3.39 39.67
C PHE D 141 -1.59 3.40 39.39
N VAL D 142 -1.06 2.26 38.93
CA VAL D 142 0.39 2.17 38.70
C VAL D 142 0.80 3.12 37.59
N SER D 143 0.03 3.16 36.49
CA SER D 143 0.42 3.98 35.36
C SER D 143 0.30 5.48 35.67
N VAL D 144 -0.74 5.87 36.40
CA VAL D 144 -1.00 7.30 36.60
C VAL D 144 -0.21 7.84 37.79
N PHE D 145 -0.23 7.15 38.93
CA PHE D 145 0.38 7.67 40.14
C PHE D 145 1.85 7.30 40.30
N LEU D 146 2.33 6.32 39.56
CA LEU D 146 3.73 5.91 39.68
C LEU D 146 4.52 6.10 38.40
N LEU D 147 4.05 5.56 37.27
CA LEU D 147 4.86 5.59 36.06
C LEU D 147 4.91 6.99 35.46
N TYR D 148 3.78 7.69 35.45
CA TYR D 148 3.77 9.03 34.83
C TYR D 148 4.70 10.01 35.54
N PRO D 149 4.65 10.18 36.87
CA PRO D 149 5.64 11.06 37.51
C PRO D 149 7.06 10.56 37.34
N LEU D 150 7.27 9.25 37.28
CA LEU D 150 8.62 8.71 37.11
C LEU D 150 9.19 9.10 35.76
N GLY D 151 8.35 9.11 34.72
CA GLY D 151 8.80 9.56 33.41
C GLY D 151 9.01 11.05 33.31
N GLN D 152 8.38 11.82 34.18
CA GLN D 152 8.46 13.28 34.15
C GLN D 152 9.63 13.77 35.00
N ALA D 153 9.65 15.06 35.28
CA ALA D 153 10.78 15.66 35.98
C ALA D 153 10.89 15.19 37.43
N SER D 154 9.76 15.04 38.12
CA SER D 154 9.79 14.64 39.53
C SER D 154 8.37 14.24 39.94
N TRP D 155 8.20 13.95 41.24
CA TRP D 155 6.88 13.65 41.79
C TRP D 155 5.93 14.83 41.71
N PHE D 156 6.44 16.03 41.45
CA PHE D 156 5.62 17.23 41.49
C PHE D 156 4.47 17.18 40.49
N PHE D 157 4.66 16.46 39.38
CA PHE D 157 3.68 16.43 38.31
C PHE D 157 2.76 15.23 38.38
N ALA D 158 2.83 14.45 39.45
CA ALA D 158 1.84 13.42 39.71
C ALA D 158 0.55 14.04 40.23
N PRO D 159 -0.58 13.37 40.05
CA PRO D 159 -1.82 13.89 40.63
C PRO D 159 -1.79 13.88 42.15
N SER D 160 -2.43 14.88 42.73
CA SER D 160 -2.51 15.01 44.18
C SER D 160 -3.80 14.39 44.69
N PHE D 161 -3.74 13.82 45.89
CA PHE D 161 -4.89 13.13 46.46
C PHE D 161 -5.87 14.17 46.99
N GLY D 162 -6.75 14.63 46.11
CA GLY D 162 -7.76 15.59 46.48
C GLY D 162 -8.76 15.74 45.36
N VAL D 163 -9.88 16.38 45.69
CA VAL D 163 -10.98 16.51 44.72
C VAL D 163 -10.60 17.52 43.64
N ALA D 164 -10.26 18.75 44.04
CA ALA D 164 -9.91 19.76 43.06
C ALA D 164 -8.56 19.50 42.42
N ALA D 165 -7.65 18.85 43.14
CA ALA D 165 -6.34 18.54 42.58
C ALA D 165 -6.46 17.60 41.39
N ILE D 166 -7.39 16.66 41.45
CA ILE D 166 -7.61 15.76 40.31
C ILE D 166 -8.15 16.53 39.12
N PHE D 167 -9.02 17.51 39.36
CA PHE D 167 -9.51 18.35 38.27
C PHE D 167 -8.37 19.14 37.64
N ARG D 168 -7.47 19.67 38.48
CA ARG D 168 -6.30 20.35 37.95
C ARG D 168 -5.46 19.40 37.12
N PHE D 169 -5.33 18.15 37.56
CA PHE D 169 -4.59 17.16 36.78
C PHE D 169 -5.23 16.94 35.41
N LEU D 170 -6.55 16.80 35.39
CA LEU D 170 -7.27 16.62 34.13
C LEU D 170 -6.98 17.77 33.17
N LEU D 171 -7.15 19.00 33.67
CA LEU D 171 -6.95 20.17 32.81
C LEU D 171 -5.50 20.30 32.39
N PHE D 172 -4.57 19.96 33.27
CA PHE D 172 -3.15 20.04 32.95
C PHE D 172 -2.80 19.09 31.82
N LEU D 173 -3.26 17.84 31.90
CA LEU D 173 -2.96 16.88 30.85
C LEU D 173 -3.63 17.27 29.54
N GLN D 174 -4.87 17.78 29.61
CA GLN D 174 -5.51 18.24 28.38
C GLN D 174 -4.72 19.37 27.74
N GLY D 175 -4.30 20.35 28.54
CA GLY D 175 -3.61 21.51 27.99
C GLY D 175 -2.24 21.18 27.45
N PHE D 176 -1.50 20.32 28.13
CA PHE D 176 -0.11 20.09 27.77
C PHE D 176 0.12 18.90 26.86
N HIS D 177 -0.76 17.90 26.87
CA HIS D 177 -0.56 16.69 26.10
C HIS D 177 -1.64 16.43 25.06
N ASN D 178 -2.71 17.23 25.02
CA ASN D 178 -3.86 16.96 24.18
C ASN D 178 -4.36 15.53 24.43
N TRP D 179 -4.57 15.22 25.70
CA TRP D 179 -4.86 13.85 26.11
C TRP D 179 -6.17 13.35 25.53
N THR D 180 -7.11 14.25 25.25
CA THR D 180 -8.39 13.82 24.68
C THR D 180 -8.23 13.27 23.27
N LEU D 181 -7.21 13.72 22.55
CA LEU D 181 -6.98 13.26 21.18
C LEU D 181 -6.29 11.90 21.13
N ASN D 182 -5.77 11.43 22.25
CA ASN D 182 -5.06 10.16 22.27
C ASN D 182 -6.03 9.01 22.05
N PRO D 183 -5.78 8.13 21.08
CA PRO D 183 -6.72 7.02 20.82
C PRO D 183 -6.89 6.07 22.00
N PHE D 184 -5.87 5.89 22.84
CA PHE D 184 -6.01 5.00 23.98
C PHE D 184 -6.98 5.56 25.00
N HIS D 185 -7.00 6.88 25.17
CA HIS D 185 -8.03 7.47 25.99
C HIS D 185 -9.42 7.25 25.41
N MET D 186 -9.54 7.31 24.09
CA MET D 186 -10.81 7.05 23.44
C MET D 186 -11.27 5.63 23.70
N MET D 187 -10.34 4.67 23.64
CA MET D 187 -10.67 3.30 24.00
C MET D 187 -11.12 3.21 25.45
N GLY D 188 -10.43 3.90 26.35
CA GLY D 188 -10.79 3.84 27.76
C GLY D 188 -12.18 4.37 28.03
N VAL D 189 -12.51 5.52 27.44
CA VAL D 189 -13.83 6.09 27.65
C VAL D 189 -14.90 5.23 27.00
N ALA D 190 -14.59 4.62 25.84
CA ALA D 190 -15.54 3.70 25.23
C ALA D 190 -15.80 2.52 26.16
N GLY D 191 -14.75 1.97 26.75
CA GLY D 191 -14.93 0.84 27.66
C GLY D 191 -15.73 1.21 28.89
N ILE D 192 -15.45 2.37 29.47
CA ILE D 192 -16.14 2.78 30.69
C ILE D 192 -17.62 3.05 30.42
N LEU D 193 -17.91 3.80 29.35
CA LEU D 193 -19.30 4.08 29.01
C LEU D 193 -20.04 2.81 28.63
N GLY D 194 -19.37 1.89 27.93
CA GLY D 194 -19.99 0.61 27.62
C GLY D 194 -20.26 -0.22 28.85
N GLY D 195 -19.37 -0.16 29.84
CA GLY D 195 -19.63 -0.85 31.09
C GLY D 195 -20.86 -0.32 31.80
N ALA D 196 -20.98 1.01 31.87
CA ALA D 196 -22.16 1.61 32.49
C ALA D 196 -23.43 1.23 31.71
N LEU D 197 -23.36 1.30 30.39
CA LEU D 197 -24.44 0.87 29.51
C LEU D 197 -24.86 -0.56 29.80
N LEU D 198 -23.90 -1.47 29.85
CA LEU D 198 -24.19 -2.88 30.09
C LEU D 198 -24.84 -3.08 31.45
N CYS D 199 -24.30 -2.42 32.47
CA CYS D 199 -24.88 -2.55 33.81
C CYS D 199 -26.34 -2.12 33.82
N ALA D 200 -26.63 -0.92 33.30
CA ALA D 200 -28.00 -0.41 33.32
C ALA D 200 -28.93 -1.30 32.51
N ILE D 201 -28.50 -1.70 31.31
CA ILE D 201 -29.39 -2.43 30.42
C ILE D 201 -29.66 -3.83 30.97
N HIS D 202 -28.64 -4.47 31.56
CA HIS D 202 -28.86 -5.79 32.13
C HIS D 202 -29.76 -5.73 33.35
N GLY D 203 -29.56 -4.73 34.21
CA GLY D 203 -30.43 -4.57 35.35
C GLY D 203 -31.88 -4.39 34.94
N ALA D 204 -32.12 -3.50 33.96
CA ALA D 204 -33.47 -3.26 33.50
C ALA D 204 -34.08 -4.50 32.86
N THR D 205 -33.31 -5.19 32.00
CA THR D 205 -33.85 -6.35 31.32
C THR D 205 -34.21 -7.46 32.31
N VAL D 206 -33.35 -7.71 33.29
CA VAL D 206 -33.66 -8.74 34.28
C VAL D 206 -34.86 -8.34 35.11
N GLU D 207 -34.91 -7.08 35.55
CA GLU D 207 -36.00 -6.66 36.42
C GLU D 207 -37.34 -6.58 35.71
N ASN D 208 -37.35 -6.45 34.38
CA ASN D 208 -38.59 -6.31 33.64
C ASN D 208 -39.04 -7.60 32.98
N THR D 209 -38.35 -8.71 33.23
CA THR D 209 -38.73 -10.00 32.66
C THR D 209 -38.89 -11.03 33.78
N LEU D 210 -39.23 -10.57 34.97
CA LEU D 210 -39.40 -11.47 36.10
C LEU D 210 -40.60 -12.40 35.87
N PHE D 211 -40.58 -13.53 36.56
CA PHE D 211 -41.65 -14.49 36.46
C PHE D 211 -42.69 -14.25 37.56
N GLU D 212 -43.89 -14.76 37.30
CA GLU D 212 -45.01 -14.66 38.26
C GLU D 212 -44.75 -15.66 39.37
N ASP D 213 -44.05 -15.21 40.42
CA ASP D 213 -43.69 -16.07 41.54
C ASP D 213 -44.30 -15.56 42.85
N GLY D 214 -45.35 -14.78 42.78
CA GLY D 214 -45.97 -14.26 43.99
C GLY D 214 -47.32 -13.66 43.67
N ASP D 215 -47.93 -13.05 44.69
CA ASP D 215 -49.23 -12.42 44.53
C ASP D 215 -49.25 -10.95 44.91
N ALA D 216 -48.16 -10.41 45.44
CA ALA D 216 -48.09 -9.02 45.84
C ALA D 216 -47.41 -8.19 44.75
N ALA D 217 -47.68 -6.89 44.78
CA ALA D 217 -47.05 -5.98 43.82
C ALA D 217 -45.55 -5.92 44.04
N ASN D 218 -45.11 -5.96 45.29
CA ASN D 218 -43.69 -6.01 45.61
C ASN D 218 -43.11 -7.34 45.12
N THR D 219 -42.33 -7.30 44.06
CA THR D 219 -41.75 -8.49 43.48
C THR D 219 -40.42 -8.89 44.12
N PHE D 220 -39.94 -8.12 45.10
CA PHE D 220 -38.69 -8.45 45.76
C PHE D 220 -38.83 -9.62 46.71
N ARG D 221 -40.02 -9.84 47.27
CA ARG D 221 -40.25 -10.89 48.24
C ARG D 221 -40.59 -12.22 47.61
N ALA D 222 -40.63 -12.31 46.28
CA ALA D 222 -40.91 -13.56 45.58
C ALA D 222 -39.64 -14.30 45.19
N PHE D 223 -38.54 -14.08 45.90
CA PHE D 223 -37.27 -14.71 45.60
C PHE D 223 -36.67 -15.32 46.86
N THR D 224 -36.07 -16.49 46.72
CA THR D 224 -35.36 -17.14 47.81
C THR D 224 -33.97 -17.52 47.34
N PRO D 225 -32.95 -17.29 48.17
CA PRO D 225 -31.56 -17.57 47.73
C PRO D 225 -31.32 -19.02 47.35
N THR D 226 -31.97 -19.97 48.03
CA THR D 226 -31.75 -21.40 47.76
C THR D 226 -32.73 -21.89 46.69
N GLN D 227 -32.74 -21.18 45.57
CA GLN D 227 -33.65 -21.46 44.46
C GLN D 227 -32.88 -22.12 43.32
N SER D 228 -33.54 -23.08 42.66
CA SER D 228 -32.94 -23.79 41.54
C SER D 228 -33.39 -23.22 40.20
N GLU D 229 -34.69 -22.97 40.03
CA GLU D 229 -35.21 -22.46 38.78
C GLU D 229 -34.84 -21.00 38.59
N GLU D 230 -34.85 -20.57 37.33
CA GLU D 230 -34.52 -19.20 36.98
C GLU D 230 -35.68 -18.27 37.29
N THR D 231 -35.36 -17.03 37.66
CA THR D 231 -36.38 -16.06 38.04
C THR D 231 -36.86 -15.19 36.90
N TYR D 232 -36.15 -15.15 35.76
CA TYR D 232 -36.59 -14.33 34.65
C TYR D 232 -36.50 -15.15 33.35
N SER D 233 -37.33 -14.78 32.39
CA SER D 233 -37.45 -15.53 31.14
C SER D 233 -36.34 -15.08 30.19
N MET D 234 -35.32 -15.92 30.04
CA MET D 234 -34.26 -15.64 29.09
C MET D 234 -34.79 -15.59 27.67
N VAL D 235 -35.75 -16.48 27.36
CA VAL D 235 -36.30 -16.54 26.00
C VAL D 235 -37.01 -15.25 25.65
N THR D 236 -37.85 -14.75 26.57
CA THR D 236 -38.63 -13.55 26.27
C THR D 236 -37.72 -12.34 26.14
N ALA D 237 -36.72 -12.22 27.01
CA ALA D 237 -35.79 -11.10 26.90
C ALA D 237 -35.00 -11.16 25.60
N ASN D 238 -34.56 -12.37 25.21
CA ASN D 238 -33.84 -12.52 23.95
C ASN D 238 -34.70 -12.09 22.77
N ARG D 239 -35.96 -12.53 22.76
CA ARG D 239 -36.84 -12.14 21.67
C ARG D 239 -37.08 -10.63 21.65
N PHE D 240 -37.32 -10.04 22.82
CA PHE D 240 -37.55 -8.60 22.88
C PHE D 240 -36.37 -7.83 22.32
N TRP D 241 -35.16 -8.17 22.76
CA TRP D 241 -34.00 -7.40 22.31
C TRP D 241 -33.63 -7.69 20.87
N SER D 242 -33.95 -8.89 20.38
CA SER D 242 -33.69 -9.16 18.97
C SER D 242 -34.70 -8.45 18.07
N GLN D 243 -35.92 -8.25 18.55
CA GLN D 243 -36.90 -7.49 17.78
C GLN D 243 -36.65 -5.99 17.84
N ILE D 244 -36.14 -5.48 18.96
CA ILE D 244 -35.91 -4.04 19.08
C ILE D 244 -34.57 -3.66 18.44
N PHE D 245 -33.48 -4.22 18.97
CA PHE D 245 -32.15 -3.80 18.54
C PHE D 245 -31.71 -4.52 17.28
N GLY D 246 -31.97 -5.82 17.17
CA GLY D 246 -31.55 -6.63 16.04
C GLY D 246 -30.66 -7.79 16.44
N VAL D 247 -29.90 -7.63 17.52
CA VAL D 247 -29.07 -8.70 18.07
C VAL D 247 -29.31 -8.75 19.57
N ALA D 248 -29.30 -9.95 20.13
CA ALA D 248 -29.52 -10.13 21.56
C ALA D 248 -28.68 -11.30 22.05
N PHE D 249 -28.45 -11.31 23.36
CA PHE D 249 -27.71 -12.41 23.97
C PHE D 249 -28.56 -13.67 24.02
N SER D 250 -27.88 -14.81 23.96
CA SER D 250 -28.54 -16.10 24.13
C SER D 250 -27.73 -17.02 25.02
N ASN D 251 -26.85 -16.47 25.85
CA ASN D 251 -25.94 -17.27 26.66
C ASN D 251 -25.57 -16.45 27.88
N LYS D 252 -26.06 -16.85 29.06
CA LYS D 252 -25.79 -16.07 30.27
C LYS D 252 -24.31 -16.01 30.59
N ARG D 253 -23.59 -17.11 30.38
CA ARG D 253 -22.16 -17.13 30.65
C ARG D 253 -21.44 -16.10 29.78
N TRP D 254 -21.76 -16.07 28.49
CA TRP D 254 -21.14 -15.10 27.60
C TRP D 254 -21.55 -13.67 27.97
N LEU D 255 -22.82 -13.49 28.35
CA LEU D 255 -23.28 -12.18 28.77
C LEU D 255 -22.45 -11.64 29.93
N HIS D 256 -22.31 -12.45 30.98
CA HIS D 256 -21.60 -11.97 32.17
C HIS D 256 -20.11 -11.86 31.91
N PHE D 257 -19.54 -12.71 31.05
CA PHE D 257 -18.15 -12.53 30.70
C PHE D 257 -17.93 -11.23 29.95
N PHE D 258 -18.86 -10.88 29.05
CA PHE D 258 -18.77 -9.59 28.36
C PHE D 258 -18.83 -8.43 29.34
N MET D 259 -19.75 -8.53 30.31
CA MET D 259 -19.85 -7.49 31.34
C MET D 259 -18.54 -7.34 32.10
N LEU D 260 -17.89 -8.47 32.42
CA LEU D 260 -16.56 -8.40 33.04
C LEU D 260 -15.56 -7.75 32.10
N PHE D 261 -15.60 -8.14 30.82
CA PHE D 261 -14.48 -7.86 29.92
C PHE D 261 -14.41 -6.39 29.53
N VAL D 262 -15.56 -5.75 29.32
CA VAL D 262 -15.54 -4.41 28.72
C VAL D 262 -14.77 -3.39 29.58
N PRO D 263 -15.17 -3.11 30.82
CA PRO D 263 -14.47 -2.04 31.57
C PRO D 263 -13.01 -2.34 31.82
N VAL D 264 -12.66 -3.60 32.02
CA VAL D 264 -11.27 -3.95 32.34
C VAL D 264 -10.37 -3.63 31.15
N THR D 265 -10.78 -4.00 29.95
CA THR D 265 -9.94 -3.70 28.79
C THR D 265 -9.95 -2.21 28.48
N GLY D 266 -11.04 -1.50 28.77
CA GLY D 266 -11.00 -0.06 28.66
C GLY D 266 -9.94 0.56 29.54
N LEU D 267 -9.89 0.12 30.80
CA LEU D 267 -8.89 0.64 31.73
C LEU D 267 -7.48 0.28 31.29
N TRP D 268 -7.28 -0.93 30.78
CA TRP D 268 -5.94 -1.34 30.36
C TRP D 268 -5.46 -0.49 29.18
N THR D 269 -6.33 -0.23 28.21
CA THR D 269 -5.95 0.63 27.09
C THR D 269 -5.63 2.04 27.57
N SER D 270 -6.44 2.58 28.48
CA SER D 270 -6.15 3.91 29.00
C SER D 270 -4.79 3.94 29.70
N SER D 271 -4.46 2.89 30.45
CA SER D 271 -3.17 2.83 31.13
C SER D 271 -2.02 2.81 30.13
N ILE D 272 -2.19 2.07 29.03
CA ILE D 272 -1.15 2.08 28.00
C ILE D 272 -0.95 3.49 27.47
N GLY D 273 -2.05 4.20 27.23
CA GLY D 273 -1.93 5.58 26.78
C GLY D 273 -1.20 6.47 27.77
N ILE D 274 -1.49 6.33 29.05
CA ILE D 274 -0.83 7.15 30.06
C ILE D 274 0.66 6.83 30.12
N VAL D 275 1.01 5.55 30.04
CA VAL D 275 2.43 5.18 30.00
C VAL D 275 3.10 5.84 28.81
N GLY D 276 2.41 5.91 27.67
CA GLY D 276 2.95 6.63 26.54
C GLY D 276 3.15 8.10 26.81
N LEU D 277 2.19 8.74 27.49
CA LEU D 277 2.34 10.16 27.81
C LEU D 277 3.51 10.42 28.74
N ALA D 278 3.83 9.45 29.60
CA ALA D 278 4.88 9.68 30.61
C ALA D 278 6.20 10.07 29.95
N LEU D 279 6.41 9.68 28.70
CA LEU D 279 7.63 10.00 27.96
C LEU D 279 7.42 11.11 26.95
N ASN D 280 6.34 11.87 27.07
CA ASN D 280 5.97 12.94 26.15
C ASN D 280 5.73 12.42 24.74
N LEU D 281 5.53 11.11 24.57
CA LEU D 281 5.15 10.54 23.28
C LEU D 281 3.64 10.65 23.16
N ARG D 282 3.18 11.88 22.90
CA ARG D 282 1.76 12.19 22.88
C ARG D 282 1.28 12.35 21.45
N ALA D 283 0.01 12.02 21.25
CA ALA D 283 -0.67 12.24 19.97
C ALA D 283 -1.21 13.66 19.96
N TYR D 284 -0.31 14.61 19.72
CA TYR D 284 -0.65 16.02 19.83
C TYR D 284 -1.13 16.60 18.51
N ASP D 285 -0.30 16.54 17.47
CA ASP D 285 -0.58 17.26 16.23
C ASP D 285 -0.82 16.30 15.08
N PHE D 286 -1.69 16.73 14.16
CA PHE D 286 -1.81 16.13 12.83
C PHE D 286 -0.94 16.95 11.89
N VAL D 287 0.19 16.39 11.48
CA VAL D 287 1.19 17.17 10.75
C VAL D 287 0.60 17.71 9.45
N SER D 288 -0.18 16.90 8.73
CA SER D 288 -0.72 17.33 7.45
C SER D 288 -1.61 18.55 7.61
N GLN D 289 -2.52 18.51 8.59
CA GLN D 289 -3.41 19.65 8.81
C GLN D 289 -2.64 20.85 9.33
N GLU D 290 -1.66 20.64 10.20
CA GLU D 290 -0.85 21.76 10.71
C GLU D 290 -0.16 22.48 9.56
N LEU D 291 0.46 21.72 8.66
CA LEU D 291 1.07 22.31 7.48
C LEU D 291 0.00 23.07 6.71
N ARG D 292 -0.99 22.35 6.17
CA ARG D 292 -1.94 22.95 5.24
C ARG D 292 -2.60 24.19 5.83
N ALA D 293 -2.70 24.27 7.16
CA ALA D 293 -3.14 25.51 7.79
C ALA D 293 -2.02 26.55 7.82
N ALA D 294 -0.77 26.12 7.96
CA ALA D 294 0.33 27.07 7.98
C ALA D 294 0.50 27.77 6.64
N GLU D 295 0.36 27.05 5.53
CA GLU D 295 0.53 27.67 4.22
C GLU D 295 -0.74 28.32 3.68
N ASP D 296 -1.83 28.31 4.41
CA ASP D 296 -3.04 28.97 3.94
C ASP D 296 -3.89 29.45 5.10
N PRO D 297 -4.08 30.76 5.25
CA PRO D 297 -4.77 31.29 6.42
C PRO D 297 -6.29 31.25 6.32
N GLU D 298 -6.84 30.47 5.39
CA GLU D 298 -8.28 30.31 5.27
C GLU D 298 -8.77 28.95 5.76
N PHE D 299 -7.88 27.99 5.97
CA PHE D 299 -8.27 26.65 6.38
C PHE D 299 -8.49 26.61 7.89
N GLU D 300 -9.62 26.03 8.30
CA GLU D 300 -9.95 25.95 9.71
C GLU D 300 -10.82 24.73 9.97
N THR D 301 -10.51 24.02 11.06
CA THR D 301 -11.33 22.92 11.56
C THR D 301 -11.47 23.07 13.06
N PHE D 302 -12.30 22.22 13.66
CA PHE D 302 -12.39 22.20 15.12
C PHE D 302 -11.07 21.80 15.76
N TYR D 303 -10.25 21.07 15.01
CA TYR D 303 -8.96 20.62 15.50
C TYR D 303 -8.03 21.79 15.80
N THR D 304 -7.94 22.74 14.87
CA THR D 304 -7.11 23.93 15.10
C THR D 304 -7.65 24.77 16.24
N LYS D 305 -8.97 24.83 16.39
CA LYS D 305 -9.55 25.54 17.52
C LYS D 305 -9.14 24.91 18.84
N ASN D 306 -9.13 23.57 18.89
CA ASN D 306 -8.66 22.89 20.09
C ASN D 306 -7.19 23.23 20.36
N HIS D 307 -6.38 23.32 19.31
CA HIS D 307 -4.99 23.68 19.51
C HIS D 307 -4.86 25.09 20.09
N LEU D 308 -5.67 26.03 19.59
CA LEU D 308 -5.63 27.38 20.15
C LEU D 308 -6.02 27.37 21.62
N LEU D 309 -7.05 26.59 21.97
CA LEU D 309 -7.45 26.49 23.37
C LEU D 309 -6.32 25.93 24.22
N ASP D 310 -5.61 24.92 23.71
CA ASP D 310 -4.49 24.35 24.45
C ASP D 310 -3.40 25.38 24.67
N GLU D 311 -3.05 26.15 23.64
CA GLU D 311 -2.03 27.18 23.82
C GLU D 311 -2.45 28.20 24.86
N GLY D 312 -3.71 28.63 24.82
CA GLY D 312 -4.17 29.61 25.79
C GLY D 312 -4.10 29.08 27.21
N ILE D 313 -4.61 27.86 27.43
CA ILE D 313 -4.61 27.29 28.77
C ILE D 313 -3.18 27.12 29.28
N ARG D 314 -2.29 26.64 28.40
CA ARG D 314 -0.89 26.44 28.79
C ARG D 314 -0.25 27.75 29.23
N ALA D 315 -0.35 28.77 28.38
CA ALA D 315 0.31 30.04 28.67
C ALA D 315 -0.26 30.70 29.92
N TRP D 316 -1.58 30.64 30.10
CA TRP D 316 -2.17 31.30 31.26
C TRP D 316 -2.04 30.50 32.54
N MET D 317 -1.78 29.20 32.45
CA MET D 317 -1.70 28.35 33.64
C MET D 317 -0.29 28.12 34.13
N ALA D 318 0.71 28.24 33.25
CA ALA D 318 2.08 27.85 33.63
C ALA D 318 2.61 28.66 34.80
N ALA D 319 2.28 29.95 34.85
CA ALA D 319 2.90 30.83 35.85
C ALA D 319 2.58 30.38 37.26
N GLN D 320 1.31 30.04 37.52
CA GLN D 320 0.89 29.62 38.85
C GLN D 320 0.99 28.12 39.06
N ASP D 321 0.96 27.33 37.98
CA ASP D 321 1.04 25.88 38.13
C ASP D 321 2.44 25.43 38.53
N GLN D 322 3.47 26.15 38.07
CA GLN D 322 4.86 25.76 38.28
C GLN D 322 5.58 26.94 38.93
N PRO D 323 5.36 27.17 40.22
CA PRO D 323 6.01 28.30 40.89
C PRO D 323 7.52 28.16 40.99
N HIS D 324 8.05 26.94 40.89
CA HIS D 324 9.49 26.75 41.00
C HIS D 324 10.25 27.24 39.78
N GLU D 325 9.56 27.39 38.65
CA GLU D 325 10.21 27.89 37.44
C GLU D 325 10.37 29.40 37.43
N ASN D 326 9.66 30.11 38.32
CA ASN D 326 9.69 31.57 38.38
C ASN D 326 9.35 32.18 37.02
N PHE D 327 8.28 31.67 36.41
CA PHE D 327 7.81 32.22 35.16
C PHE D 327 7.19 33.59 35.39
N VAL D 328 7.62 34.57 34.61
CA VAL D 328 7.04 35.90 34.61
C VAL D 328 6.63 36.22 33.18
N PHE D 329 5.34 36.39 32.96
CA PHE D 329 4.81 36.69 31.64
C PHE D 329 4.17 38.08 31.65
N PRO D 330 4.71 39.06 30.93
CA PRO D 330 4.06 40.36 30.84
C PRO D 330 2.72 40.24 30.12
N GLU D 331 1.89 41.26 30.29
CA GLU D 331 0.54 41.23 29.73
C GLU D 331 0.58 41.14 28.21
N GLU D 332 1.50 41.85 27.57
CA GLU D 332 1.58 41.84 26.12
C GLU D 332 2.10 40.52 25.56
N VAL D 333 2.62 39.64 26.42
CA VAL D 333 3.13 38.35 25.97
C VAL D 333 2.05 37.28 26.00
N LEU D 334 1.14 37.35 26.98
CA LEU D 334 0.11 36.35 27.11
C LEU D 334 -0.79 36.36 25.87
N PRO D 335 -1.06 35.16 25.29
CA PRO D 335 -1.98 35.13 24.17
C PRO D 335 -3.40 35.39 24.58
N ARG D 336 -4.06 36.32 23.92
CA ARG D 336 -5.46 36.59 24.20
C ARG D 336 -6.14 36.89 22.90
N GLY D 337 -7.41 36.56 22.81
CA GLY D 337 -8.16 36.83 21.61
C GLY D 337 -8.59 38.27 21.55
N ASN D 338 -9.82 38.50 21.11
CA ASN D 338 -10.31 39.87 20.97
C ASN D 338 -10.69 40.43 22.33
N ALA D 339 -11.49 41.50 22.32
CA ALA D 339 -11.87 42.29 23.49
C ALA D 339 -12.04 41.46 24.75
N LEU D 340 -12.69 40.32 24.66
CA LEU D 340 -12.80 39.41 25.79
C LEU D 340 -11.42 38.97 26.25
N ARG E 1 -21.69 -11.15 68.56
CA ARG E 1 -22.90 -10.44 68.98
C ARG E 1 -23.30 -9.43 67.91
N PRO E 2 -24.57 -9.41 67.50
CA PRO E 2 -24.99 -8.48 66.45
C PRO E 2 -24.89 -7.02 66.90
N PHE E 3 -24.77 -6.13 65.92
CA PHE E 3 -24.54 -4.72 66.21
C PHE E 3 -25.71 -4.12 66.98
N SER E 4 -26.94 -4.37 66.53
CA SER E 4 -28.11 -3.72 67.11
C SER E 4 -28.26 -4.04 68.60
N ASP E 5 -28.01 -5.29 68.98
CA ASP E 5 -28.10 -5.66 70.38
C ASP E 5 -27.11 -4.85 71.23
N ILE E 6 -25.89 -4.67 70.73
CA ILE E 6 -24.90 -3.88 71.45
C ILE E 6 -25.34 -2.42 71.51
N ILE E 7 -25.85 -1.89 70.39
CA ILE E 7 -26.22 -0.48 70.32
C ILE E 7 -27.32 -0.16 71.32
N THR E 8 -28.29 -1.06 71.47
CA THR E 8 -29.40 -0.83 72.38
C THR E 8 -29.09 -1.20 73.82
N SER E 9 -27.92 -1.75 74.10
CA SER E 9 -27.59 -2.16 75.46
C SER E 9 -27.32 -0.95 76.34
N VAL E 10 -27.87 -0.97 77.55
CA VAL E 10 -27.66 0.14 78.48
C VAL E 10 -26.22 0.16 78.98
N ARG E 11 -25.66 -1.02 79.30
CA ARG E 11 -24.29 -1.09 79.75
C ARG E 11 -23.30 -0.64 78.69
N TYR E 12 -23.75 -0.58 77.43
CA TYR E 12 -22.94 0.01 76.37
C TYR E 12 -22.92 1.53 76.48
N TRP E 13 -24.09 2.15 76.67
CA TRP E 13 -24.14 3.59 76.79
C TRP E 13 -23.54 4.08 78.11
N ILE E 14 -23.44 3.22 79.12
CA ILE E 14 -22.73 3.63 80.33
C ILE E 14 -21.23 3.59 80.17
N ILE E 15 -20.72 3.02 79.08
CA ILE E 15 -19.31 3.11 78.74
C ILE E 15 -19.10 3.92 77.47
N HIS E 16 -20.15 4.52 76.92
CA HIS E 16 -20.04 5.39 75.75
C HIS E 16 -20.60 6.78 76.02
N SER E 17 -20.60 7.22 77.28
CA SER E 17 -20.94 8.59 77.63
C SER E 17 -19.85 9.25 78.48
N ILE E 18 -18.74 8.56 78.68
CA ILE E 18 -17.63 9.07 79.48
C ILE E 18 -16.37 8.93 78.65
N THR E 19 -16.49 8.21 77.54
CA THR E 19 -15.40 7.99 76.60
C THR E 19 -15.48 8.85 75.35
N ILE E 20 -16.64 8.99 74.75
CA ILE E 20 -16.79 9.71 73.49
C ILE E 20 -16.71 11.22 73.71
N PRO E 21 -17.49 11.83 74.62
CA PRO E 21 -17.35 13.28 74.82
C PRO E 21 -15.96 13.68 75.27
N SER E 22 -15.29 12.87 76.08
CA SER E 22 -13.92 13.18 76.49
C SER E 22 -13.00 13.21 75.29
N LEU E 23 -13.14 12.23 74.40
CA LEU E 23 -12.31 12.21 73.19
C LEU E 23 -12.60 13.40 72.30
N PHE E 24 -13.87 13.77 72.16
CA PHE E 24 -14.24 14.92 71.36
C PHE E 24 -13.63 16.21 71.93
N VAL E 25 -13.70 16.36 73.25
CA VAL E 25 -13.14 17.56 73.88
C VAL E 25 -11.62 17.58 73.73
N SER E 26 -10.98 16.42 73.82
CA SER E 26 -9.53 16.36 73.59
C SER E 26 -9.19 16.77 72.17
N GLY E 27 -9.96 16.30 71.19
CA GLY E 27 -9.74 16.71 69.82
C GLY E 27 -9.94 18.21 69.62
N TRP E 28 -10.92 18.77 70.32
CA TRP E 28 -11.13 20.22 70.29
C TRP E 28 -9.91 20.96 70.84
N LEU E 29 -9.45 20.56 72.02
CA LEU E 29 -8.32 21.22 72.65
C LEU E 29 -7.03 21.02 71.88
N PHE E 30 -6.96 20.00 71.02
CA PHE E 30 -5.75 19.78 70.24
C PHE E 30 -5.40 21.02 69.41
N ILE E 31 -6.40 21.69 68.85
CA ILE E 31 -6.16 22.89 68.07
C ILE E 31 -6.61 24.15 68.78
N SER E 32 -7.48 24.06 69.79
CA SER E 32 -7.83 25.25 70.55
C SER E 32 -6.61 25.83 71.26
N THR E 33 -5.74 24.96 71.77
CA THR E 33 -4.48 25.40 72.36
C THR E 33 -3.41 25.69 71.33
N GLY E 34 -3.67 25.41 70.05
CA GLY E 34 -2.72 25.69 69.00
C GLY E 34 -1.58 24.71 68.87
N LEU E 35 -1.70 23.52 69.46
CA LEU E 35 -0.63 22.53 69.35
C LEU E 35 -0.49 22.02 67.92
N ALA E 36 -1.60 21.90 67.20
CA ALA E 36 -1.57 21.29 65.87
C ALA E 36 -0.73 22.11 64.89
N TYR E 37 -0.69 23.43 65.05
CA TYR E 37 0.16 24.25 64.19
C TYR E 37 1.62 23.88 64.35
N ASP E 38 2.06 23.64 65.58
CA ASP E 38 3.45 23.28 65.82
C ASP E 38 3.76 21.84 65.47
N VAL E 39 2.81 20.93 65.68
CA VAL E 39 3.06 19.52 65.41
C VAL E 39 3.27 19.28 63.92
N PHE E 40 2.46 19.90 63.08
CA PHE E 40 2.50 19.65 61.64
C PHE E 40 3.21 20.74 60.85
N GLY E 41 3.58 21.85 61.48
CA GLY E 41 4.30 22.90 60.81
C GLY E 41 3.48 23.75 59.88
N THR E 42 2.15 23.60 59.86
CA THR E 42 1.32 24.43 59.03
C THR E 42 1.32 25.87 59.57
N PRO E 43 1.27 26.86 58.70
CA PRO E 43 1.34 28.26 59.16
C PRO E 43 0.01 28.77 59.66
N ARG E 44 0.08 29.58 60.71
CA ARG E 44 -1.10 30.27 61.21
C ARG E 44 -1.50 31.38 60.25
N PRO E 45 -2.72 31.91 60.38
CA PRO E 45 -3.17 32.96 59.45
C PRO E 45 -2.25 34.17 59.43
N ASN E 46 -1.48 34.41 60.48
CA ASN E 46 -0.57 35.54 60.54
C ASN E 46 0.88 35.17 60.31
N GLU E 47 1.15 33.97 59.78
CA GLU E 47 2.52 33.53 59.55
C GLU E 47 2.78 33.17 58.09
N TYR E 48 1.87 33.54 57.19
CA TYR E 48 2.08 33.25 55.78
C TYR E 48 3.21 34.08 55.20
N PHE E 49 3.22 35.38 55.51
CA PHE E 49 4.28 36.28 55.10
C PHE E 49 4.84 36.98 56.34
N THR E 50 6.05 37.48 56.21
CA THR E 50 6.72 38.18 57.30
C THR E 50 7.13 39.57 56.81
N GLN E 51 7.85 40.29 57.67
CA GLN E 51 8.33 41.62 57.29
C GLN E 51 9.46 41.54 56.28
N ASP E 52 10.23 40.46 56.30
CA ASP E 52 11.40 40.33 55.44
C ASP E 52 11.04 39.83 54.04
N ARG E 53 10.26 38.75 53.97
CA ARG E 53 9.84 38.18 52.70
C ARG E 53 8.35 38.41 52.48
N GLN E 54 8.00 38.84 51.27
CA GLN E 54 6.62 39.11 50.90
C GLN E 54 6.16 38.22 49.75
N GLN E 55 6.80 37.07 49.57
CA GLN E 55 6.46 36.16 48.48
C GLN E 55 6.35 34.74 49.05
N VAL E 56 6.02 33.81 48.17
CA VAL E 56 5.82 32.42 48.57
C VAL E 56 7.15 31.79 48.95
N PRO E 57 7.25 31.10 50.09
CA PRO E 57 8.51 30.51 50.58
C PRO E 57 8.79 29.11 50.04
N LEU E 58 9.29 29.03 48.82
CA LEU E 58 9.50 27.75 48.15
C LEU E 58 10.87 27.18 48.50
N VAL E 59 10.96 25.86 48.46
CA VAL E 59 12.21 25.13 48.67
C VAL E 59 12.86 24.89 47.31
N ASN E 60 14.14 25.24 47.19
CA ASN E 60 14.85 25.13 45.93
C ASN E 60 15.90 24.03 45.91
N ASP E 61 16.42 23.63 47.06
CA ASP E 61 17.43 22.59 47.13
C ASP E 61 16.82 21.32 47.73
N ARG E 62 17.55 20.22 47.62
CA ARG E 62 17.06 18.92 48.05
C ARG E 62 17.77 18.43 49.32
N PHE E 63 19.10 18.36 49.30
CA PHE E 63 19.83 17.85 50.45
C PHE E 63 20.05 18.89 51.53
N SER E 64 19.70 20.15 51.27
CA SER E 64 19.73 21.19 52.29
C SER E 64 18.34 21.71 52.62
N ALA E 65 17.29 20.90 52.37
CA ALA E 65 15.92 21.37 52.55
C ALA E 65 15.65 21.75 54.00
N LYS E 66 16.25 21.00 54.93
CA LYS E 66 16.03 21.27 56.36
C LYS E 66 16.43 22.69 56.70
N GLN E 67 17.66 23.09 56.36
CA GLN E 67 18.14 24.44 56.69
C GLN E 67 17.33 25.51 55.98
N GLU E 68 17.00 25.25 54.70
CA GLU E 68 16.23 26.22 53.93
C GLU E 68 14.89 26.50 54.59
N LEU E 69 14.18 25.44 54.98
CA LEU E 69 12.89 25.59 55.65
C LEU E 69 13.06 26.28 57.00
N GLU E 70 14.10 25.90 57.75
CA GLU E 70 14.37 26.52 59.04
C GLU E 70 14.53 28.02 58.88
N ASP E 71 15.24 28.45 57.84
CA ASP E 71 15.43 29.87 57.59
C ASP E 71 14.13 30.55 57.18
N LEU E 72 13.44 29.96 56.21
CA LEU E 72 12.20 30.54 55.72
C LEU E 72 11.25 30.68 56.87
N THR E 73 11.16 29.62 57.67
CA THR E 73 10.27 29.65 58.81
C THR E 73 10.97 30.24 60.00
N LYS E 74 11.63 31.37 59.79
CA LYS E 74 12.31 32.02 60.88
C LYS E 74 11.31 32.76 61.75
N GLY E 75 10.90 33.95 61.31
CA GLY E 75 9.93 34.72 62.07
C GLY E 75 8.70 33.91 62.42
N ILE F 1 -13.82 -9.56 75.35
CA ILE F 1 -14.48 -8.44 74.68
C ILE F 1 -13.68 -7.95 73.50
N PHE F 2 -12.37 -7.94 73.63
CA PHE F 2 -11.54 -7.38 72.57
C PHE F 2 -11.34 -8.31 71.39
N THR F 3 -12.40 -8.60 70.66
CA THR F 3 -12.27 -9.41 69.48
C THR F 3 -11.63 -8.57 68.39
N PHE F 4 -11.22 -9.20 67.31
CA PHE F 4 -10.65 -8.46 66.20
C PHE F 4 -11.57 -7.32 65.86
N ARG F 5 -12.87 -7.61 65.85
CA ARG F 5 -13.83 -6.58 65.54
C ARG F 5 -13.61 -5.41 66.47
N TRP F 6 -13.78 -5.64 67.76
CA TRP F 6 -13.63 -4.56 68.70
C TRP F 6 -12.42 -3.75 68.34
N LEU F 7 -11.33 -4.43 68.04
CA LEU F 7 -10.11 -3.75 67.65
C LEU F 7 -10.34 -2.90 66.42
N ALA F 8 -10.50 -3.54 65.27
CA ALA F 8 -10.65 -2.78 64.03
C ALA F 8 -11.66 -1.65 64.18
N VAL F 9 -12.79 -1.93 64.82
CA VAL F 9 -13.83 -0.91 64.98
C VAL F 9 -13.29 0.27 65.78
N HIS F 10 -12.58 -0.01 66.88
CA HIS F 10 -12.07 1.08 67.69
C HIS F 10 -10.93 1.82 67.00
N GLY F 11 -10.07 1.10 66.29
CA GLY F 11 -9.01 1.74 65.54
C GLY F 11 -9.51 2.62 64.42
N LEU F 12 -10.71 2.34 63.90
CA LEU F 12 -11.33 3.24 62.93
C LEU F 12 -12.16 4.34 63.57
N ALA F 13 -12.68 4.14 64.78
CA ALA F 13 -13.62 5.08 65.36
C ALA F 13 -12.96 6.13 66.24
N ILE F 14 -11.94 5.76 67.01
CA ILE F 14 -11.28 6.73 67.90
C ILE F 14 -10.70 7.90 67.12
N PRO F 15 -9.87 7.69 66.08
CA PRO F 15 -9.39 8.84 65.30
C PRO F 15 -10.51 9.61 64.64
N THR F 16 -11.60 8.93 64.28
CA THR F 16 -12.71 9.65 63.65
C THR F 16 -13.31 10.68 64.58
N VAL F 17 -13.57 10.29 65.84
CA VAL F 17 -14.13 11.25 66.80
C VAL F 17 -13.12 12.34 67.11
N PHE F 18 -11.84 11.96 67.26
CA PHE F 18 -10.81 12.98 67.49
C PHE F 18 -10.80 14.01 66.37
N PHE F 19 -10.80 13.55 65.12
CA PHE F 19 -10.75 14.44 63.97
C PHE F 19 -12.02 15.28 63.86
N LEU F 20 -13.17 14.70 64.18
CA LEU F 20 -14.42 15.47 64.11
C LEU F 20 -14.41 16.61 65.12
N GLY F 21 -13.95 16.33 66.35
CA GLY F 21 -13.81 17.40 67.32
C GLY F 21 -12.85 18.47 66.84
N GLY F 22 -11.71 18.05 66.29
CA GLY F 22 -10.77 19.02 65.76
C GLY F 22 -11.35 19.87 64.65
N ILE F 23 -12.10 19.24 63.74
CA ILE F 23 -12.65 19.96 62.59
C ILE F 23 -13.73 20.94 63.05
N THR F 24 -14.53 20.57 64.03
CA THR F 24 -15.51 21.52 64.57
C THR F 24 -14.82 22.72 65.20
N ALA F 25 -13.80 22.52 66.01
CA ALA F 25 -13.16 23.68 66.57
C ALA F 25 -12.75 24.62 65.48
N MET F 26 -12.28 24.07 64.37
CA MET F 26 -11.77 24.91 63.30
C MET F 26 -12.83 25.81 62.76
N GLN F 27 -14.05 25.31 62.63
CA GLN F 27 -15.10 26.09 62.01
C GLN F 27 -15.33 27.42 62.73
N PHE F 28 -14.78 27.55 63.92
CA PHE F 28 -14.91 28.78 64.67
C PHE F 28 -13.64 29.59 64.52
N ILE F 29 -12.48 28.96 64.70
CA ILE F 29 -11.20 29.63 64.54
C ILE F 29 -11.30 30.55 63.39
N GLN F 30 -11.56 31.80 63.65
CA GLN F 30 -11.79 32.71 62.55
C GLN F 30 -10.68 33.67 62.40
N ARG F 31 -10.00 33.61 61.25
CA ARG F 31 -8.99 34.63 60.98
C ARG F 31 -9.00 35.78 61.98
N ALA G 1 10.27 -45.31 22.99
CA ALA G 1 9.92 -44.95 21.63
C ALA G 1 11.06 -44.15 20.99
N LEU G 2 11.70 -44.76 19.99
CA LEU G 2 12.80 -44.15 19.24
C LEU G 2 13.93 -43.74 20.17
N ARG G 3 14.65 -44.72 20.68
CA ARG G 3 15.79 -44.40 21.50
C ARG G 3 16.88 -43.89 20.60
N THR G 4 17.29 -42.64 20.79
CA THR G 4 18.36 -42.08 19.99
C THR G 4 19.64 -42.08 20.80
N ARG G 5 20.76 -41.93 20.13
CA ARG G 5 22.04 -41.97 20.83
C ARG G 5 22.10 -40.87 21.85
N LEU G 6 21.72 -39.66 21.45
CA LEU G 6 21.70 -38.56 22.39
C LEU G 6 20.83 -38.91 23.56
N GLY G 7 19.60 -39.32 23.27
CA GLY G 7 18.68 -39.70 24.32
C GLY G 7 19.32 -40.63 25.34
N GLU G 8 20.15 -41.57 24.87
CA GLU G 8 20.84 -42.46 25.78
C GLU G 8 21.76 -41.69 26.72
N ILE G 9 22.46 -40.70 26.19
CA ILE G 9 23.36 -39.89 27.01
C ILE G 9 22.58 -39.07 28.03
N LEU G 10 21.48 -38.46 27.60
CA LEU G 10 20.73 -37.54 28.45
C LEU G 10 19.69 -38.22 29.33
N ARG G 11 19.52 -39.54 29.20
CA ARG G 11 18.52 -40.25 29.99
C ARG G 11 18.66 -40.07 31.51
N PRO G 12 19.85 -40.18 32.12
CA PRO G 12 19.93 -40.05 33.57
C PRO G 12 19.45 -38.70 34.09
N LEU G 13 19.61 -37.64 33.29
CA LEU G 13 19.22 -36.31 33.75
C LEU G 13 17.71 -36.22 33.98
N ASN G 14 16.92 -36.82 33.10
CA ASN G 14 15.47 -36.86 33.25
C ASN G 14 14.96 -38.13 33.91
N ALA G 15 15.87 -39.01 34.36
CA ALA G 15 15.45 -40.30 34.91
C ALA G 15 14.53 -40.12 36.11
N GLU G 16 14.97 -39.34 37.10
CA GLU G 16 14.21 -39.18 38.33
C GLU G 16 13.19 -38.05 38.15
N TYR G 17 11.94 -38.35 38.45
CA TYR G 17 10.86 -37.38 38.29
C TYR G 17 9.89 -37.51 39.46
N GLY G 18 9.50 -36.39 40.03
CA GLY G 18 8.59 -36.39 41.15
C GLY G 18 9.24 -36.69 42.49
N LYS G 19 10.53 -36.99 42.52
CA LYS G 19 11.23 -37.22 43.77
C LYS G 19 11.26 -35.92 44.58
N VAL G 20 11.15 -36.05 45.90
CA VAL G 20 10.98 -34.90 46.76
C VAL G 20 11.45 -35.26 48.16
N ALA G 21 11.94 -34.27 48.90
CA ALA G 21 12.34 -34.45 50.28
C ALA G 21 11.20 -34.07 51.22
N PRO G 22 10.93 -34.86 52.25
CA PRO G 22 9.80 -34.57 53.13
C PRO G 22 10.17 -33.65 54.29
N GLY G 23 9.19 -32.84 54.69
CA GLY G 23 9.32 -32.05 55.90
C GLY G 23 10.12 -30.76 55.77
N TRP G 24 9.64 -29.85 54.93
CA TRP G 24 10.15 -28.48 54.83
C TRP G 24 11.54 -28.38 54.24
N GLY G 25 12.20 -29.53 54.04
CA GLY G 25 13.51 -29.58 53.42
C GLY G 25 14.47 -28.47 53.83
N THR G 26 14.89 -27.68 52.85
CA THR G 26 15.81 -26.56 53.06
C THR G 26 15.10 -25.21 52.87
N THR G 27 13.82 -25.14 53.19
CA THR G 27 13.07 -23.89 53.06
C THR G 27 13.67 -22.74 53.87
N PRO G 28 14.08 -22.91 55.14
CA PRO G 28 14.62 -21.76 55.87
C PRO G 28 15.82 -21.11 55.20
N ILE G 29 16.66 -21.89 54.51
CA ILE G 29 17.76 -21.28 53.75
C ILE G 29 17.19 -20.43 52.62
N MET G 30 16.14 -20.91 51.95
CA MET G 30 15.50 -20.10 50.92
C MET G 30 15.00 -18.79 51.50
N GLY G 31 14.43 -18.84 52.72
CA GLY G 31 13.99 -17.61 53.36
C GLY G 31 15.14 -16.66 53.65
N ILE G 32 16.24 -17.20 54.20
CA ILE G 32 17.42 -16.38 54.49
C ILE G 32 17.91 -15.71 53.21
N VAL G 33 18.05 -16.49 52.14
CA VAL G 33 18.59 -15.98 50.90
C VAL G 33 17.67 -14.93 50.30
N MET G 34 16.36 -15.18 50.34
CA MET G 34 15.41 -14.20 49.81
C MET G 34 15.49 -12.89 50.58
N LEU G 35 15.60 -12.96 51.91
CA LEU G 35 15.70 -11.74 52.70
C LEU G 35 16.99 -10.98 52.38
N ALA G 36 18.12 -11.69 52.30
CA ALA G 36 19.37 -11.01 51.98
C ALA G 36 19.31 -10.39 50.59
N PHE G 37 18.64 -11.06 49.65
CA PHE G 37 18.45 -10.48 48.33
C PHE G 37 17.60 -9.22 48.39
N LEU G 38 16.57 -9.22 49.22
CA LEU G 38 15.76 -8.02 49.39
C LEU G 38 16.58 -6.87 49.94
N ILE G 39 17.44 -7.15 50.92
CA ILE G 39 18.31 -6.12 51.47
C ILE G 39 19.24 -5.58 50.39
N PHE G 40 19.83 -6.48 49.60
CA PHE G 40 20.70 -6.04 48.52
C PHE G 40 19.96 -5.16 47.53
N LEU G 41 18.73 -5.54 47.17
CA LEU G 41 17.96 -4.77 46.21
C LEU G 41 17.61 -3.39 46.75
N VAL G 42 17.19 -3.30 48.01
CA VAL G 42 16.88 -1.97 48.53
C VAL G 42 18.14 -1.12 48.65
N ILE G 43 19.29 -1.74 48.97
CA ILE G 43 20.55 -1.00 48.98
C ILE G 43 20.81 -0.40 47.62
N ILE G 44 20.72 -1.23 46.56
CA ILE G 44 20.99 -0.76 45.21
C ILE G 44 20.01 0.32 44.80
N LEU G 45 18.73 0.12 45.10
CA LEU G 45 17.71 1.07 44.70
C LEU G 45 17.93 2.42 45.37
N GLN G 46 18.26 2.41 46.67
CA GLN G 46 18.45 3.68 47.36
C GLN G 46 19.76 4.35 46.99
N ILE G 47 20.79 3.58 46.60
CA ILE G 47 22.00 4.22 46.08
C ILE G 47 21.70 4.90 44.75
N TYR G 48 21.01 4.19 43.85
CA TYR G 48 20.70 4.75 42.54
C TYR G 48 19.77 5.95 42.67
N ASN G 49 18.85 5.90 43.63
CA ASN G 49 17.91 6.99 43.87
C ASN G 49 18.56 8.18 44.57
N SER G 50 19.82 8.07 44.94
CA SER G 50 20.53 9.09 45.73
C SER G 50 19.87 9.31 47.08
N SER G 51 19.04 8.37 47.52
CA SER G 51 18.46 8.38 48.85
C SER G 51 19.36 7.73 49.88
N LEU G 52 20.47 7.14 49.45
CA LEU G 52 21.46 6.55 50.34
C LEU G 52 22.83 6.99 49.83
N ILE G 53 23.46 7.92 50.53
CA ILE G 53 24.70 8.53 50.07
C ILE G 53 25.87 7.81 50.74
N ILE G 54 26.80 7.33 49.93
CA ILE G 54 27.97 6.60 50.40
C ILE G 54 29.22 7.31 49.89
N GLU G 55 30.27 7.33 50.67
CA GLU G 55 31.51 7.91 50.21
C GLU G 55 31.99 7.24 48.94
N ASN G 56 32.64 8.01 48.06
CA ASN G 56 33.21 7.45 46.83
C ASN G 56 32.22 6.86 45.85
N VAL G 57 30.95 7.23 45.93
CA VAL G 57 29.99 6.77 44.94
C VAL G 57 29.10 7.91 44.55
N ASP G 58 29.44 8.62 43.47
CA ASP G 58 28.61 9.72 43.00
C ASP G 58 27.79 9.30 41.81
N VAL G 59 26.48 9.36 41.95
CA VAL G 59 25.63 8.89 40.85
C VAL G 59 25.59 10.03 39.83
N ASP G 60 26.56 10.00 38.91
CA ASP G 60 26.65 11.02 37.87
C ASP G 60 27.48 10.45 36.73
N TRP G 61 27.34 11.07 35.56
CA TRP G 61 28.14 10.68 34.41
C TRP G 61 29.62 10.87 34.72
N ALA G 62 30.41 9.88 34.37
CA ALA G 62 31.83 9.94 34.68
C ALA G 62 32.69 9.73 33.48
N ASN G 63 33.99 10.00 33.62
CA ASN G 63 34.88 9.87 32.49
C ASN G 63 35.59 8.55 32.52
N GLY G 64 34.97 7.53 31.95
CA GLY G 64 35.60 6.24 31.88
C GLY G 64 36.76 6.32 30.93
N ILE G 65 36.57 7.02 29.82
CA ILE G 65 37.62 7.16 28.83
C ILE G 65 38.69 8.10 29.35
N MET H 1 -39.06 26.19 -4.54
CA MET H 1 -38.89 25.38 -3.34
C MET H 1 -40.20 25.19 -2.60
N LEU H 2 -41.26 25.83 -3.09
CA LEU H 2 -42.58 25.62 -2.51
C LEU H 2 -43.03 24.18 -2.70
N THR H 3 -42.67 23.57 -3.83
CA THR H 3 -43.00 22.17 -4.06
C THR H 3 -42.36 21.29 -3.00
N LEU H 4 -41.08 21.52 -2.68
CA LEU H 4 -40.43 20.71 -1.67
C LEU H 4 -41.14 20.82 -0.32
N LYS H 5 -41.55 22.04 0.03
CA LYS H 5 -42.32 22.23 1.26
C LYS H 5 -43.62 21.46 1.21
N ILE H 6 -44.30 21.47 0.06
CA ILE H 6 -45.56 20.75 -0.07
C ILE H 6 -45.35 19.25 0.15
N LEU H 7 -44.34 18.69 -0.51
CA LEU H 7 -44.07 17.26 -0.36
C LEU H 7 -43.71 16.90 1.08
N VAL H 8 -42.95 17.74 1.76
CA VAL H 8 -42.58 17.39 3.11
C VAL H 8 -43.78 17.54 4.04
N TYR H 9 -44.62 18.53 3.78
CA TYR H 9 -45.77 18.74 4.62
C TYR H 9 -46.71 17.57 4.47
N THR H 10 -46.72 16.95 3.30
CA THR H 10 -47.54 15.77 3.11
C THR H 10 -46.92 14.65 3.91
N THR H 11 -45.68 14.31 3.62
CA THR H 11 -45.07 13.18 4.32
C THR H 11 -45.31 13.29 5.82
N VAL H 12 -45.13 14.48 6.38
CA VAL H 12 -45.23 14.64 7.83
C VAL H 12 -46.66 14.38 8.29
N ILE H 13 -47.65 15.02 7.65
CA ILE H 13 -49.02 14.80 8.09
C ILE H 13 -49.44 13.36 7.81
N PHE H 14 -48.94 12.78 6.71
CA PHE H 14 -49.14 11.37 6.43
C PHE H 14 -48.79 10.51 7.63
N PHE H 15 -47.53 10.56 8.05
CA PHE H 15 -47.07 9.66 9.10
C PHE H 15 -47.67 10.03 10.46
N VAL H 16 -47.86 11.32 10.72
CA VAL H 16 -48.43 11.72 12.00
C VAL H 16 -49.87 11.23 12.12
N SER H 17 -50.65 11.33 11.05
CA SER H 17 -52.02 10.82 11.08
C SER H 17 -52.02 9.31 11.21
N LEU H 18 -51.06 8.65 10.54
CA LEU H 18 -50.92 7.21 10.72
C LEU H 18 -50.74 6.85 12.19
N PHE H 19 -49.85 7.57 12.87
CA PHE H 19 -49.61 7.37 14.30
C PHE H 19 -50.89 7.62 15.11
N ILE H 20 -51.52 8.78 14.89
CA ILE H 20 -52.65 9.20 15.70
C ILE H 20 -53.82 8.23 15.57
N PHE H 21 -54.10 7.79 14.35
CA PHE H 21 -55.20 6.86 14.15
C PHE H 21 -54.82 5.40 14.41
N GLY H 22 -53.53 5.10 14.51
CA GLY H 22 -53.14 3.77 14.92
C GLY H 22 -53.30 3.59 16.41
N PHE H 23 -52.98 4.63 17.17
CA PHE H 23 -53.18 4.53 18.62
C PHE H 23 -54.62 4.75 19.04
N LEU H 24 -55.45 5.27 18.15
CA LEU H 24 -56.87 5.41 18.43
C LEU H 24 -57.66 4.15 18.10
N SER H 25 -57.05 3.19 17.44
CA SER H 25 -57.75 2.01 16.95
C SER H 25 -57.72 0.89 17.99
N SER H 26 -58.25 1.20 19.18
CA SER H 26 -58.43 0.23 20.25
C SER H 26 -57.13 -0.47 20.60
N ASP H 27 -56.08 0.33 20.81
CA ASP H 27 -54.78 -0.23 21.16
C ASP H 27 -54.77 -0.98 22.48
N PRO H 28 -55.36 -0.49 23.57
CA PRO H 28 -55.29 -1.24 24.84
C PRO H 28 -55.82 -2.66 24.72
N SER H 29 -56.77 -2.90 23.83
CA SER H 29 -57.26 -4.26 23.62
C SER H 29 -56.20 -5.15 23.00
N ARG H 30 -55.32 -4.60 22.16
CA ARG H 30 -54.27 -5.40 21.55
C ARG H 30 -53.31 -5.88 22.62
N ASN H 31 -53.42 -7.11 23.11
CA ASN H 31 -52.55 -7.52 24.23
C ASN H 31 -52.55 -9.00 24.50
N PRO H 32 -51.42 -9.53 24.98
CA PRO H 32 -51.31 -10.98 25.18
C PRO H 32 -52.58 -11.58 25.77
N ASN H 33 -53.06 -11.05 26.87
CA ASN H 33 -54.24 -11.59 27.50
C ASN H 33 -55.45 -10.96 26.86
N ARG H 34 -56.00 -11.63 25.86
CA ARG H 34 -57.15 -11.10 25.14
C ARG H 34 -56.78 -9.86 24.37
N GLY I 1 -31.79 -4.99 74.39
CA GLY I 1 -32.87 -4.47 73.58
C GLY I 1 -33.77 -3.51 74.33
N ARG I 2 -33.20 -2.85 75.34
CA ARG I 2 -33.98 -1.92 76.15
C ARG I 2 -34.36 -0.67 75.36
N VAL I 3 -33.37 0.06 74.89
CA VAL I 3 -33.65 1.28 74.11
C VAL I 3 -34.11 0.88 72.72
N PRO I 4 -35.27 1.36 72.25
CA PRO I 4 -35.71 1.02 70.91
C PRO I 4 -34.76 1.56 69.84
N LEU I 5 -34.67 0.80 68.74
CA LEU I 5 -33.68 1.10 67.70
C LEU I 5 -33.90 2.48 67.08
N TRP I 6 -35.15 2.83 66.85
CA TRP I 6 -35.41 4.08 66.13
C TRP I 6 -35.14 5.30 67.01
N LEU I 7 -35.15 5.15 68.35
CA LEU I 7 -34.75 6.25 69.21
C LEU I 7 -33.27 6.58 69.06
N VAL I 8 -32.40 5.57 69.14
CA VAL I 8 -30.98 5.83 68.95
C VAL I 8 -30.71 6.26 67.51
N GLY I 9 -31.49 5.75 66.56
CA GLY I 9 -31.37 6.23 65.19
C GLY I 9 -31.68 7.71 65.06
N LEU I 10 -32.74 8.16 65.73
CA LEU I 10 -33.10 9.57 65.71
C LEU I 10 -32.04 10.43 66.39
N VAL I 11 -31.49 9.95 67.51
CA VAL I 11 -30.45 10.71 68.20
C VAL I 11 -29.21 10.84 67.32
N GLY I 12 -28.81 9.74 66.67
CA GLY I 12 -27.68 9.82 65.75
C GLY I 12 -27.94 10.73 64.57
N GLY I 13 -29.17 10.69 64.04
CA GLY I 13 -29.52 11.60 62.97
C GLY I 13 -29.44 13.06 63.39
N PHE I 14 -29.93 13.36 64.59
CA PHE I 14 -29.81 14.72 65.11
C PHE I 14 -28.36 15.14 65.25
N ALA I 15 -27.52 14.25 65.76
CA ALA I 15 -26.10 14.58 65.93
C ALA I 15 -25.44 14.86 64.58
N VAL I 16 -25.69 14.00 63.59
CA VAL I 16 -25.04 14.18 62.29
C VAL I 16 -25.57 15.42 61.58
N ILE I 17 -26.88 15.68 61.69
CA ILE I 17 -27.43 16.90 61.11
C ILE I 17 -26.79 18.12 61.76
N THR I 18 -26.62 18.09 63.08
CA THR I 18 -25.96 19.19 63.77
C THR I 18 -24.55 19.40 63.23
N ILE I 19 -23.76 18.33 63.13
CA ILE I 19 -22.38 18.47 62.70
C ILE I 19 -22.30 19.05 61.29
N VAL I 20 -23.12 18.51 60.38
CA VAL I 20 -23.10 18.99 59.00
C VAL I 20 -23.55 20.44 58.92
N SER I 21 -24.54 20.82 59.74
CA SER I 21 -24.98 22.20 59.76
C SER I 21 -23.88 23.13 60.26
N LEU I 22 -23.13 22.68 61.27
CA LEU I 22 -21.99 23.48 61.73
C LEU I 22 -20.97 23.67 60.62
N PHE I 23 -20.85 22.71 59.71
CA PHE I 23 -19.93 22.90 58.59
C PHE I 23 -20.32 24.01 57.58
N ILE I 24 -21.59 24.15 57.23
CA ILE I 24 -22.03 25.21 56.31
C ILE I 24 -22.03 26.59 56.98
N TYR I 25 -22.39 26.58 58.25
CA TYR I 25 -22.35 27.83 58.94
C TYR I 25 -20.94 28.31 58.78
N GLY I 26 -19.97 27.39 58.78
CA GLY I 26 -18.55 27.73 58.66
C GLY I 26 -18.13 28.13 57.28
N SER I 27 -18.59 27.41 56.27
CA SER I 27 -18.34 27.83 54.91
C SER I 27 -18.69 29.28 54.89
N TYR I 28 -19.64 29.69 55.72
CA TYR I 28 -19.92 31.15 55.83
C TYR I 28 -19.15 32.08 56.89
N SER I 29 -18.81 31.68 58.12
CA SER I 29 -18.13 32.66 59.10
C SER I 29 -16.69 32.39 59.67
N GLY I 30 -15.66 32.82 58.97
CA GLY I 30 -14.33 32.39 59.36
C GLY I 30 -13.39 32.17 58.19
N LEU I 31 -12.46 31.23 58.34
CA LEU I 31 -11.54 30.92 57.26
C LEU I 31 -12.28 30.27 56.10
N GLY I 32 -11.90 30.66 54.89
CA GLY I 32 -12.52 30.13 53.68
C GLY I 32 -13.83 30.79 53.31
N SER I 33 -14.29 31.78 54.05
CA SER I 33 -15.54 32.47 53.74
C SER I 33 -15.34 33.73 52.93
N SER I 34 -14.11 34.20 52.78
CA SER I 34 -13.80 35.43 52.04
C SER I 34 -14.57 36.63 52.59
N LYS J 1 -38.67 44.83 56.05
CA LYS J 1 -38.86 44.64 57.48
C LYS J 1 -40.34 44.49 57.81
N LEU J 2 -40.64 43.68 58.82
CA LEU J 2 -42.00 43.50 59.26
C LEU J 2 -42.54 44.78 59.89
N PRO J 3 -43.86 44.93 59.96
CA PRO J 3 -44.42 46.07 60.70
C PRO J 3 -43.95 46.06 62.14
N GLU J 4 -43.87 47.26 62.73
CA GLU J 4 -43.24 47.41 64.04
C GLU J 4 -43.91 46.54 65.09
N ALA J 5 -45.18 46.20 64.91
CA ALA J 5 -45.86 45.35 65.87
C ALA J 5 -45.25 43.95 65.92
N TYR J 6 -44.86 43.41 64.77
CA TYR J 6 -44.44 42.01 64.66
C TYR J 6 -42.93 41.83 64.55
N ALA J 7 -42.16 42.94 64.62
CA ALA J 7 -40.71 42.81 64.64
C ALA J 7 -40.25 42.00 65.84
N PHE J 8 -41.02 41.99 66.93
CA PHE J 8 -40.72 41.14 68.06
C PHE J 8 -40.91 39.67 67.71
N LEU J 9 -41.92 39.36 66.90
CA LEU J 9 -42.21 37.99 66.51
C LEU J 9 -41.44 37.55 65.27
N ASN J 10 -40.55 38.40 64.77
CA ASN J 10 -39.70 38.06 63.62
C ASN J 10 -39.00 36.71 63.71
N PRO J 11 -38.37 36.32 64.82
CA PRO J 11 -37.61 35.06 64.82
C PRO J 11 -38.43 33.82 64.46
N ILE J 12 -39.71 33.79 64.79
CA ILE J 12 -40.56 32.68 64.36
C ILE J 12 -40.66 32.65 62.84
N VAL J 13 -40.83 33.83 62.23
CA VAL J 13 -40.88 33.92 60.78
C VAL J 13 -39.55 33.47 60.17
N ASP J 14 -38.45 33.69 60.88
CA ASP J 14 -37.15 33.27 60.37
C ASP J 14 -37.06 31.77 60.15
N VAL J 15 -37.89 30.98 60.83
CA VAL J 15 -37.85 29.53 60.69
C VAL J 15 -39.10 28.98 59.99
N MET J 16 -40.20 29.72 59.96
CA MET J 16 -41.44 29.21 59.39
C MET J 16 -41.32 28.60 57.99
N PRO J 17 -40.62 29.20 57.01
CA PRO J 17 -40.64 28.64 55.65
C PRO J 17 -40.10 27.22 55.53
N VAL J 18 -39.15 26.82 56.39
CA VAL J 18 -38.53 25.50 56.24
C VAL J 18 -39.34 24.41 56.91
N ILE J 19 -40.52 24.72 57.45
CA ILE J 19 -41.32 23.72 58.14
C ILE J 19 -41.65 22.51 57.26
N PRO J 20 -42.22 22.74 56.06
CA PRO J 20 -42.66 21.58 55.27
C PRO J 20 -41.64 20.46 55.13
N VAL J 21 -40.41 20.80 54.84
CA VAL J 21 -39.41 19.78 54.67
C VAL J 21 -39.48 18.84 55.84
N LEU J 22 -39.62 19.38 57.03
CA LEU J 22 -39.63 18.55 58.21
C LEU J 22 -40.84 17.62 58.23
N PHE J 23 -41.97 18.07 57.72
CA PHE J 23 -43.14 17.19 57.63
C PHE J 23 -42.74 15.94 56.92
N PHE J 24 -42.05 16.10 55.80
CA PHE J 24 -41.58 14.94 55.06
C PHE J 24 -40.87 14.00 55.98
N LEU J 25 -39.80 14.46 56.59
CA LEU J 25 -39.06 13.63 57.52
C LEU J 25 -39.97 12.96 58.54
N LEU J 26 -40.95 13.69 59.05
CA LEU J 26 -41.83 13.12 60.04
C LEU J 26 -42.41 11.83 59.51
N ALA J 27 -42.78 11.82 58.25
CA ALA J 27 -43.28 10.59 57.67
C ALA J 27 -42.27 9.50 57.95
N PHE J 28 -41.01 9.79 57.65
CA PHE J 28 -40.01 8.74 57.83
C PHE J 28 -39.87 8.36 59.29
N VAL J 29 -39.88 9.34 60.19
CA VAL J 29 -39.75 8.98 61.60
C VAL J 29 -40.99 8.24 62.09
N TRP J 30 -42.17 8.59 61.58
CA TRP J 30 -43.38 7.85 61.93
C TRP J 30 -43.30 6.40 61.45
N GLN J 31 -42.81 6.20 60.23
CA GLN J 31 -42.65 4.83 59.73
C GLN J 31 -41.62 4.07 60.56
N ALA J 32 -40.56 4.74 60.99
CA ALA J 32 -39.57 4.09 61.85
C ALA J 32 -40.19 3.71 63.19
N ALA J 33 -41.11 4.50 63.70
CA ALA J 33 -41.72 4.20 64.99
C ALA J 33 -42.56 2.93 64.94
N VAL J 34 -43.15 2.64 63.78
CA VAL J 34 -43.99 1.46 63.63
C VAL J 34 -43.26 0.35 62.93
N SER J 35 -41.95 0.32 63.04
CA SER J 35 -41.16 -0.76 62.47
C SER J 35 -41.33 -0.93 60.98
N PHE J 36 -41.39 0.17 60.26
CA PHE J 36 -41.50 0.08 58.83
C PHE J 36 -42.40 -1.06 58.50
N ARG J 37 -43.50 -1.17 59.22
CA ARG J 37 -44.46 -2.23 58.99
C ARG J 37 -44.57 -2.48 57.50
N THR K 1 8.23 -40.43 15.56
CA THR K 1 7.30 -40.47 14.44
C THR K 1 6.04 -41.24 14.83
N GLY K 2 4.89 -40.77 14.36
CA GLY K 2 3.64 -41.42 14.64
C GLY K 2 2.49 -40.43 14.71
N PRO K 3 1.26 -40.93 14.82
CA PRO K 3 0.10 -40.04 14.94
C PRO K 3 0.05 -39.43 16.33
N ASN K 4 0.18 -38.12 16.43
CA ASN K 4 0.21 -37.48 17.73
C ASN K 4 -1.15 -37.54 18.40
N PRO K 5 -1.18 -37.93 19.66
CA PRO K 5 -2.46 -38.08 20.34
C PRO K 5 -2.97 -36.77 20.88
N ASN K 6 -2.27 -35.67 20.61
CA ASN K 6 -2.65 -34.39 21.16
C ASN K 6 -3.25 -33.44 20.14
N LYS K 7 -3.73 -33.95 19.02
CA LYS K 7 -4.22 -33.06 17.97
C LYS K 7 -5.72 -32.82 18.04
N GLN K 8 -6.10 -31.59 18.35
CA GLN K 8 -7.51 -31.26 18.45
C GLN K 8 -7.93 -30.31 17.35
N ALA K 9 -9.22 -30.01 17.30
CA ALA K 9 -9.73 -29.14 16.25
C ALA K 9 -9.85 -27.71 16.69
N VAL K 10 -10.30 -26.85 15.79
CA VAL K 10 -10.45 -25.43 16.11
C VAL K 10 -11.80 -24.96 15.59
N GLU K 11 -12.48 -24.14 16.37
CA GLU K 11 -13.84 -23.70 16.06
C GLU K 11 -13.95 -22.19 16.19
N LEU K 12 -14.93 -21.63 15.50
CA LEU K 12 -15.25 -20.21 15.61
C LEU K 12 -16.69 -20.02 15.15
N ASN K 13 -17.54 -19.53 16.05
CA ASN K 13 -18.93 -19.27 15.70
C ASN K 13 -19.03 -18.16 14.67
N ARG K 14 -20.24 -17.96 14.15
CA ARG K 14 -20.48 -16.80 13.31
C ARG K 14 -20.58 -15.52 14.13
N THR K 15 -21.09 -15.61 15.36
CA THR K 15 -21.08 -14.45 16.23
C THR K 15 -19.65 -14.04 16.58
N SER K 16 -18.78 -15.01 16.82
CA SER K 16 -17.38 -14.71 17.04
C SER K 16 -16.77 -14.07 15.80
N LEU K 17 -17.14 -14.55 14.62
CA LEU K 17 -16.66 -13.96 13.38
C LEU K 17 -17.10 -12.51 13.25
N TYR K 18 -18.37 -12.23 13.57
CA TYR K 18 -18.87 -10.87 13.51
C TYR K 18 -18.16 -9.97 14.50
N TRP K 19 -17.93 -10.47 15.73
CA TRP K 19 -17.20 -9.69 16.71
C TRP K 19 -15.79 -9.37 16.23
N GLY K 20 -15.10 -10.37 15.67
CA GLY K 20 -13.75 -10.14 15.20
C GLY K 20 -13.69 -9.17 14.03
N LEU K 21 -14.61 -9.31 13.07
CA LEU K 21 -14.65 -8.39 11.95
C LEU K 21 -14.93 -6.97 12.41
N LEU K 22 -15.90 -6.81 13.31
CA LEU K 22 -16.23 -5.49 13.84
C LEU K 22 -15.04 -4.88 14.57
N LEU K 23 -14.34 -5.69 15.38
CA LEU K 23 -13.18 -5.19 16.10
C LEU K 23 -12.10 -4.73 15.15
N ILE K 24 -11.80 -5.54 14.13
CA ILE K 24 -10.73 -5.19 13.21
C ILE K 24 -11.07 -3.91 12.45
N PHE K 25 -12.31 -3.82 11.95
CA PHE K 25 -12.70 -2.65 11.19
C PHE K 25 -12.73 -1.39 12.05
N VAL K 26 -13.22 -1.50 13.29
CA VAL K 26 -13.28 -0.33 14.16
C VAL K 26 -11.90 0.11 14.56
N LEU K 27 -10.98 -0.84 14.81
CA LEU K 27 -9.60 -0.47 15.11
C LEU K 27 -8.97 0.24 13.93
N ALA K 28 -9.21 -0.25 12.71
CA ALA K 28 -8.70 0.44 11.53
C ALA K 28 -9.26 1.84 11.41
N VAL K 29 -10.56 2.00 11.65
CA VAL K 29 -11.18 3.32 11.59
C VAL K 29 -10.55 4.25 12.62
N LEU K 30 -10.31 3.74 13.82
CA LEU K 30 -9.75 4.57 14.88
C LEU K 30 -8.32 5.01 14.57
N PHE K 31 -7.48 4.09 14.08
CA PHE K 31 -6.06 4.37 13.94
C PHE K 31 -5.65 4.85 12.55
N SER K 32 -6.56 4.84 11.57
CA SER K 32 -6.17 5.19 10.22
C SER K 32 -5.67 6.62 10.12
N SER K 33 -6.41 7.56 10.73
CA SER K 33 -6.01 8.96 10.64
C SER K 33 -4.68 9.20 11.34
N TYR K 34 -4.47 8.58 12.50
CA TYR K 34 -3.22 8.75 13.22
C TYR K 34 -2.05 8.19 12.43
N PHE K 35 -2.25 7.05 11.76
CA PHE K 35 -1.19 6.53 10.91
C PHE K 35 -0.93 7.46 9.74
N PHE K 36 -1.98 8.00 9.13
CA PHE K 36 -1.81 8.97 8.05
C PHE K 36 -1.16 10.25 8.55
N ASN K 37 -1.52 10.69 9.75
CA ASN K 37 -0.99 11.91 10.35
C ASN K 37 -1.26 13.13 9.47
N GLU L 1 1.81 16.07 2.56
CA GLU L 1 0.64 15.94 3.40
C GLU L 1 0.72 14.71 4.28
N VAL L 2 0.13 13.61 3.84
CA VAL L 2 0.09 12.42 4.68
C VAL L 2 1.19 11.42 4.36
N GLN L 3 1.47 10.52 5.30
CA GLN L 3 2.50 9.51 5.09
C GLN L 3 2.03 8.45 4.10
N PHE L 4 2.88 8.12 3.15
CA PHE L 4 2.50 7.16 2.11
C PHE L 4 2.82 5.74 2.50
N GLY L 5 3.00 5.49 3.78
CA GLY L 5 3.27 4.15 4.25
C GLY L 5 2.09 3.68 5.05
N ALA L 6 1.25 4.62 5.45
CA ALA L 6 0.08 4.26 6.21
C ALA L 6 -0.84 3.44 5.35
N TYR L 7 -0.95 3.80 4.10
CA TYR L 7 -1.84 3.08 3.21
C TYR L 7 -1.61 1.59 3.38
N LEU L 8 -0.36 1.16 3.28
CA LEU L 8 -0.07 -0.26 3.41
C LEU L 8 -0.44 -0.75 4.81
N ALA L 9 -0.09 0.02 5.83
CA ALA L 9 -0.42 -0.39 7.21
C ALA L 9 -1.91 -0.56 7.39
N VAL L 10 -2.69 0.46 7.00
CA VAL L 10 -4.13 0.40 7.21
C VAL L 10 -4.75 -0.75 6.42
N LEU L 11 -4.39 -0.86 5.14
CA LEU L 11 -5.04 -1.85 4.29
C LEU L 11 -4.66 -3.28 4.69
N LEU L 12 -3.38 -3.52 4.98
CA LEU L 12 -2.97 -4.86 5.39
C LEU L 12 -3.56 -5.22 6.75
N GLY L 13 -3.52 -4.29 7.71
CA GLY L 13 -4.11 -4.56 9.01
C GLY L 13 -5.60 -4.73 8.97
N THR L 14 -6.27 -4.20 7.94
CA THR L 14 -7.69 -4.46 7.79
C THR L 14 -7.94 -5.82 7.12
N PHE L 15 -7.17 -6.13 6.07
CA PHE L 15 -7.51 -7.29 5.26
C PHE L 15 -7.00 -8.60 5.85
N LEU L 16 -5.73 -8.64 6.27
CA LEU L 16 -5.16 -9.91 6.71
C LEU L 16 -5.89 -10.50 7.92
N PRO L 17 -6.12 -9.77 9.01
CA PRO L 17 -6.91 -10.36 10.11
C PRO L 17 -8.32 -10.74 9.70
N ALA L 18 -8.95 -9.94 8.83
CA ALA L 18 -10.30 -10.26 8.38
C ALA L 18 -10.32 -11.58 7.62
N LEU L 19 -9.36 -11.78 6.71
CA LEU L 19 -9.29 -13.04 5.99
C LEU L 19 -8.95 -14.20 6.91
N PHE L 20 -8.12 -13.95 7.93
CA PHE L 20 -7.82 -14.99 8.91
C PHE L 20 -9.07 -15.45 9.63
N LEU L 21 -9.90 -14.49 10.08
CA LEU L 21 -11.14 -14.84 10.77
C LEU L 21 -12.12 -15.55 9.84
N VAL L 22 -12.25 -15.05 8.61
CA VAL L 22 -13.13 -15.69 7.64
C VAL L 22 -12.68 -17.12 7.39
N ASN L 23 -11.36 -17.33 7.33
CA ASN L 23 -10.81 -18.68 7.18
C ASN L 23 -11.20 -19.57 8.33
N LEU L 24 -11.07 -19.07 9.55
CA LEU L 24 -11.43 -19.87 10.71
C LEU L 24 -12.89 -20.27 10.66
N PHE L 25 -13.77 -19.32 10.34
CA PHE L 25 -15.20 -19.63 10.29
C PHE L 25 -15.51 -20.64 9.19
N ILE L 26 -14.91 -20.46 8.01
CA ILE L 26 -15.21 -21.35 6.89
C ILE L 26 -14.74 -22.77 7.20
N GLN L 27 -13.54 -22.92 7.77
CA GLN L 27 -13.08 -24.26 8.09
C GLN L 27 -13.90 -24.89 9.22
N THR L 28 -14.36 -24.10 10.18
CA THR L 28 -15.25 -24.64 11.21
C THR L 28 -16.53 -25.17 10.59
N GLU L 29 -17.14 -24.40 9.69
CA GLU L 29 -18.37 -24.84 9.06
C GLU L 29 -18.14 -26.06 8.17
N ALA L 30 -17.01 -26.10 7.46
CA ALA L 30 -16.72 -27.25 6.62
C ALA L 30 -16.53 -28.51 7.45
N ARG L 31 -15.83 -28.41 8.57
CA ARG L 31 -15.68 -29.57 9.45
C ARG L 31 -17.03 -30.01 10.01
N LYS L 32 -17.87 -29.05 10.39
CA LYS L 32 -19.20 -29.38 10.89
C LYS L 32 -20.02 -30.11 9.83
N ALA L 33 -19.94 -29.64 8.58
CA ALA L 33 -20.67 -30.29 7.50
C ALA L 33 -20.11 -31.67 7.19
N GLY L 34 -18.80 -31.83 7.28
CA GLY L 34 -18.20 -33.14 7.05
C GLY L 34 -18.58 -34.14 8.11
N LYS L 35 -18.69 -33.70 9.37
CA LYS L 35 -19.05 -34.62 10.45
C LYS L 35 -20.43 -35.21 10.23
N ALA L 36 -21.39 -34.40 9.83
CA ALA L 36 -22.73 -34.88 9.56
C ALA L 36 -22.82 -35.45 8.15
N GLY L 37 -23.24 -36.71 8.04
CA GLY L 37 -23.39 -37.31 6.73
C GLY L 37 -24.40 -36.56 5.89
N GLY L 38 -24.13 -36.50 4.59
CA GLY L 38 -25.00 -35.78 3.69
C GLY L 38 -24.37 -35.66 2.32
N GLN L 39 -24.89 -34.70 1.53
CA GLN L 39 -24.36 -34.51 0.18
C GLN L 39 -22.93 -34.00 0.23
N ASP L 40 -22.60 -33.17 1.21
CA ASP L 40 -21.21 -32.75 1.41
C ASP L 40 -20.42 -33.89 2.03
N SER L 41 -19.27 -34.19 1.44
CA SER L 41 -18.41 -35.24 1.96
C SER L 41 -17.81 -34.84 3.29
N UNK M 1 19.44 -46.55 19.95
CA UNK M 1 20.79 -46.07 19.66
C UNK M 1 21.33 -46.69 18.37
N UNK M 2 20.63 -46.46 17.26
CA UNK M 2 21.03 -47.03 15.99
C UNK M 2 20.87 -46.08 14.81
N UNK M 3 20.54 -44.81 15.05
CA UNK M 3 20.22 -43.91 13.95
C UNK M 3 21.46 -43.43 13.20
N UNK M 4 22.65 -43.58 13.78
CA UNK M 4 23.91 -43.16 13.17
C UNK M 4 23.95 -41.67 12.88
N UNK M 5 23.18 -40.89 13.65
CA UNK M 5 23.15 -39.44 13.49
C UNK M 5 23.75 -38.68 14.67
N UNK M 6 23.52 -39.14 15.90
CA UNK M 6 23.92 -38.38 17.07
C UNK M 6 25.42 -38.37 17.28
N UNK M 7 26.16 -39.30 16.67
CA UNK M 7 27.61 -39.29 16.77
C UNK M 7 28.27 -38.50 15.63
N UNK M 8 27.48 -38.03 14.68
CA UNK M 8 28.03 -37.26 13.56
C UNK M 8 27.62 -35.78 13.56
N UNK M 9 26.42 -35.48 14.07
CA UNK M 9 26.02 -34.10 14.14
C UNK M 9 26.93 -33.37 15.10
N UNK M 10 27.37 -34.07 16.14
CA UNK M 10 28.25 -33.46 17.10
C UNK M 10 29.56 -33.14 16.44
N UNK M 11 30.07 -34.07 15.65
CA UNK M 11 31.31 -33.83 14.95
C UNK M 11 31.17 -32.63 14.05
N UNK M 12 30.02 -32.52 13.40
CA UNK M 12 29.79 -31.39 12.51
C UNK M 12 29.83 -30.08 13.26
N UNK M 13 29.15 -30.04 14.39
CA UNK M 13 29.16 -28.82 15.18
C UNK M 13 30.58 -28.50 15.53
N UNK M 14 31.32 -29.50 15.98
CA UNK M 14 32.70 -29.27 16.38
C UNK M 14 33.52 -28.67 15.26
N UNK M 15 33.36 -29.19 14.06
CA UNK M 15 34.13 -28.68 12.93
C UNK M 15 33.73 -27.26 12.56
N UNK M 16 32.44 -26.96 12.57
CA UNK M 16 32.06 -25.59 12.31
C UNK M 16 32.70 -24.70 13.34
N UNK M 17 32.71 -25.15 14.57
CA UNK M 17 33.26 -24.35 15.66
C UNK M 17 34.74 -24.08 15.47
N UNK M 18 35.45 -25.11 15.04
CA UNK M 18 36.88 -24.96 14.86
C UNK M 18 37.13 -24.00 13.73
N UNK M 19 36.33 -24.10 12.68
CA UNK M 19 36.49 -23.15 11.60
C UNK M 19 36.29 -21.74 12.13
N UNK M 20 35.25 -21.53 12.92
CA UNK M 20 35.02 -20.22 13.53
C UNK M 20 36.26 -19.58 14.09
N UNK M 21 37.05 -20.33 14.85
CA UNK M 21 38.32 -19.81 15.36
C UNK M 21 39.39 -19.81 14.26
N UNK M 22 38.97 -19.45 13.04
CA UNK M 22 39.91 -19.32 11.93
C UNK M 22 40.97 -18.27 12.23
N UNK M 23 40.54 -17.08 12.67
CA UNK M 23 41.49 -16.07 13.09
C UNK M 23 42.20 -16.51 14.36
N UNK M 24 43.45 -16.06 14.51
CA UNK M 24 44.31 -16.58 15.56
C UNK M 24 43.73 -16.33 16.95
N UNK M 25 43.18 -15.14 17.17
CA UNK M 25 42.66 -14.74 18.47
C UNK M 25 41.82 -13.49 18.27
N UNK M 26 41.43 -12.87 19.38
CA UNK M 26 40.70 -11.61 19.31
C UNK M 26 41.51 -10.58 18.54
N UNK M 27 40.85 -9.92 17.57
CA UNK M 27 41.47 -8.87 16.75
C UNK M 27 42.71 -9.38 16.01
N UNK M 28 42.76 -10.67 15.71
CA UNK M 28 43.89 -11.22 14.96
C UNK M 28 43.72 -11.09 13.46
N UNK M 29 42.54 -10.70 12.99
CA UNK M 29 42.29 -10.48 11.57
C UNK M 29 41.54 -9.18 11.32
N UNK M 30 41.50 -8.30 12.31
CA UNK M 30 40.83 -7.01 12.16
C UNK M 30 41.84 -5.90 11.99
N LEU N 1 -42.44 49.87 -2.15
CA LEU N 1 -43.32 50.90 -1.61
C LEU N 1 -42.46 52.09 -1.19
N THR N 2 -43.08 53.27 -1.18
CA THR N 2 -42.36 54.49 -0.87
C THR N 2 -42.19 54.67 0.64
N LYS N 3 -41.30 55.59 1.00
CA LYS N 3 -41.01 55.86 2.41
C LYS N 3 -42.24 56.33 3.16
N SER N 4 -43.11 57.11 2.51
CA SER N 4 -44.34 57.55 3.13
C SER N 4 -45.27 56.39 3.46
N GLN N 5 -45.13 55.25 2.77
CA GLN N 5 -45.92 54.08 3.10
C GLN N 5 -45.27 53.21 4.16
N ILE N 6 -43.93 53.12 4.17
CA ILE N 6 -43.27 52.33 5.20
C ILE N 6 -43.40 53.00 6.55
N ASN N 7 -43.41 54.33 6.58
CA ASN N 7 -43.54 55.03 7.86
C ASN N 7 -44.89 54.76 8.51
N GLU N 8 -45.89 54.36 7.72
CA GLU N 8 -47.16 53.98 8.31
C GLU N 8 -47.07 52.65 9.05
N LEU N 9 -46.28 51.72 8.51
CA LEU N 9 -46.14 50.41 9.13
C LEU N 9 -45.36 50.52 10.43
N SER N 10 -45.79 49.74 11.43
CA SER N 10 -45.05 49.67 12.68
C SER N 10 -43.96 48.61 12.58
N TYR N 11 -43.08 48.60 13.58
CA TYR N 11 -41.94 47.69 13.56
C TYR N 11 -42.38 46.23 13.61
N LEU N 12 -43.42 45.94 14.39
CA LEU N 12 -43.89 44.56 14.48
C LEU N 12 -44.40 44.06 13.14
N GLN N 13 -45.06 44.93 12.38
CA GLN N 13 -45.57 44.53 11.07
C GLN N 13 -44.47 44.32 10.05
N VAL N 14 -43.27 44.82 10.30
CA VAL N 14 -42.19 44.72 9.32
C VAL N 14 -41.22 43.60 9.60
N LYS N 15 -40.98 43.31 10.87
CA LYS N 15 -39.98 42.30 11.22
C LYS N 15 -40.22 41.02 10.47
N GLY N 16 -39.15 40.42 9.96
CA GLY N 16 -39.27 39.14 9.29
C GLY N 16 -39.71 39.25 7.85
N THR N 17 -40.52 40.25 7.53
CA THR N 17 -41.06 40.32 6.18
C THR N 17 -39.95 40.43 5.13
N GLY N 18 -38.79 40.93 5.50
CA GLY N 18 -37.69 41.06 4.57
C GLY N 18 -37.68 42.32 3.74
N LEU N 19 -38.57 43.27 4.01
CA LEU N 19 -38.59 44.52 3.26
C LEU N 19 -37.70 45.58 3.88
N ALA N 20 -36.96 45.26 4.96
CA ALA N 20 -36.02 46.22 5.51
C ALA N 20 -34.89 46.52 4.55
N ASN N 21 -34.52 45.56 3.70
CA ASN N 21 -33.49 45.80 2.70
C ASN N 21 -34.00 46.61 1.52
N ARG N 22 -35.29 46.51 1.21
CA ARG N 22 -35.82 47.14 0.01
C ARG N 22 -35.67 48.66 0.09
N CYS N 23 -35.45 49.26 -1.07
CA CYS N 23 -35.34 50.71 -1.19
C CYS N 23 -36.69 51.28 -1.62
N ALA N 24 -37.08 52.38 -0.97
CA ALA N 24 -38.33 53.03 -1.32
C ALA N 24 -38.29 53.57 -2.74
N GLU N 25 -39.40 53.45 -3.45
CA GLU N 25 -39.48 53.99 -4.80
C GLU N 25 -39.83 55.48 -4.75
N VAL N 26 -39.67 56.14 -5.89
CA VAL N 26 -39.96 57.55 -6.05
C VAL N 26 -40.88 57.72 -7.25
N VAL N 27 -41.90 58.57 -7.11
CA VAL N 27 -42.89 58.77 -8.15
C VAL N 27 -42.97 60.26 -8.49
N GLY N 28 -43.50 60.54 -9.67
CA GLY N 28 -43.76 61.92 -10.06
C GLY N 28 -42.54 62.68 -10.52
N GLU N 29 -41.97 62.28 -11.67
CA GLU N 29 -40.74 62.88 -12.19
C GLU N 29 -40.81 64.40 -12.18
N ASP N 30 -39.79 65.03 -11.60
CA ASP N 30 -39.73 66.47 -11.45
C ASP N 30 -38.27 66.87 -11.25
N SER N 31 -38.02 68.17 -11.16
CA SER N 31 -36.68 68.70 -10.99
C SER N 31 -36.55 69.34 -9.62
N ILE N 32 -35.41 69.08 -8.96
CA ILE N 32 -35.18 69.59 -7.61
C ILE N 32 -34.52 70.97 -7.63
N LYS N 33 -33.45 71.12 -8.41
CA LYS N 33 -32.64 72.34 -8.44
C LYS N 33 -32.16 72.67 -7.04
N PRO N 34 -31.22 71.89 -6.51
CA PRO N 34 -30.83 72.05 -5.10
C PRO N 34 -30.21 73.41 -4.82
N LYS N 35 -30.53 73.95 -3.66
CA LYS N 35 -29.87 75.15 -3.17
C LYS N 35 -28.46 74.79 -2.68
N PRO N 36 -27.44 75.57 -3.04
CA PRO N 36 -26.08 75.25 -2.62
C PRO N 36 -25.96 75.22 -1.10
N GLY N 37 -25.24 74.21 -0.59
CA GLY N 37 -25.15 73.96 0.82
C GLY N 37 -26.04 72.85 1.33
N ALA N 38 -26.99 72.40 0.51
CA ALA N 38 -27.86 71.29 0.89
C ALA N 38 -27.11 69.96 0.76
N LYS N 39 -27.72 68.91 1.31
CA LYS N 39 -27.05 67.62 1.39
C LYS N 39 -28.10 66.51 1.43
N LEU N 40 -27.64 65.30 1.13
CA LEU N 40 -28.51 64.12 1.07
C LEU N 40 -28.57 63.48 2.46
N VAL N 41 -29.72 63.59 3.12
CA VAL N 41 -29.86 63.08 4.48
C VAL N 41 -29.87 61.56 4.49
N ASP N 42 -30.56 60.94 3.54
CA ASP N 42 -30.63 59.49 3.48
C ASP N 42 -30.23 59.02 2.09
N MET N 43 -29.70 57.81 2.03
CA MET N 43 -29.27 57.24 0.76
C MET N 43 -29.15 55.74 0.92
N CYS N 44 -29.95 54.99 0.18
CA CYS N 44 -29.93 53.54 0.21
C CYS N 44 -29.43 53.02 -1.13
N ILE N 45 -28.45 52.12 -1.08
CA ILE N 45 -27.89 51.49 -2.26
C ILE N 45 -28.18 50.00 -2.17
N GLU N 46 -29.05 49.51 -3.05
CA GLU N 46 -29.42 48.10 -3.02
C GLU N 46 -28.91 47.42 -4.27
N PRO N 47 -28.04 46.41 -4.15
CA PRO N 47 -27.62 45.63 -5.32
C PRO N 47 -28.69 44.63 -5.70
N LYS N 48 -29.04 44.60 -6.98
CA LYS N 48 -30.01 43.64 -7.49
C LYS N 48 -29.38 42.45 -8.20
N ALA N 49 -28.12 42.55 -8.59
CA ALA N 49 -27.46 41.48 -9.32
C ALA N 49 -25.95 41.60 -9.12
N TRP N 50 -25.30 40.46 -8.93
CA TRP N 50 -23.86 40.41 -8.70
C TRP N 50 -23.21 39.56 -9.77
N ALA N 51 -21.97 39.92 -10.12
CA ALA N 51 -21.20 39.17 -11.11
C ALA N 51 -19.72 39.34 -10.81
N VAL N 52 -18.95 38.32 -11.15
CA VAL N 52 -17.51 38.28 -10.90
C VAL N 52 -16.79 38.05 -12.22
N GLU N 53 -15.73 38.82 -12.45
CA GLU N 53 -14.94 38.65 -13.67
C GLU N 53 -14.28 37.27 -13.67
N GLU N 54 -14.46 36.55 -14.77
CA GLU N 54 -13.96 35.18 -14.89
C GLU N 54 -13.55 34.91 -16.32
N GLU N 55 -12.81 33.83 -16.50
CA GLU N 55 -12.40 33.37 -17.82
C GLU N 55 -13.22 32.14 -18.21
N VAL N 56 -13.83 32.20 -19.38
CA VAL N 56 -14.67 31.09 -19.85
C VAL N 56 -14.60 31.07 -21.38
N GLY N 57 -14.57 29.86 -21.94
CA GLY N 57 -14.45 29.68 -23.38
C GLY N 57 -15.80 29.43 -24.02
N LYS N 58 -16.09 30.19 -25.08
CA LYS N 58 -17.35 30.07 -25.79
C LYS N 58 -17.26 29.05 -26.93
N ALA N 59 -16.36 29.27 -27.87
CA ALA N 59 -16.20 28.40 -29.03
C ALA N 59 -14.72 28.13 -29.28
N GLY N 60 -14.00 27.78 -28.22
CA GLY N 60 -12.57 27.55 -28.32
C GLY N 60 -11.71 28.75 -28.03
N LYS N 61 -12.30 29.86 -27.61
CA LYS N 61 -11.55 31.06 -27.26
C LYS N 61 -12.03 31.57 -25.91
N THR N 62 -11.08 31.94 -25.05
CA THR N 62 -11.39 32.42 -23.71
C THR N 62 -11.21 33.92 -23.63
N GLU N 63 -12.12 34.58 -22.89
CA GLU N 63 -12.07 36.03 -22.76
C GLU N 63 -12.64 36.41 -21.39
N LYS N 64 -12.22 37.58 -20.92
CA LYS N 64 -12.68 38.07 -19.62
C LYS N 64 -14.17 38.42 -19.70
N LYS N 65 -14.98 37.68 -18.95
CA LYS N 65 -16.41 37.92 -18.90
C LYS N 65 -16.89 37.92 -17.46
N PHE N 66 -17.95 38.67 -17.19
CA PHE N 66 -18.45 38.71 -15.82
C PHE N 66 -19.52 37.67 -15.65
N VAL N 67 -19.24 36.64 -14.87
CA VAL N 67 -20.20 35.56 -14.67
C VAL N 67 -21.10 35.83 -13.47
N ASN N 68 -22.37 35.45 -13.56
CA ASN N 68 -23.30 35.70 -12.47
C ASN N 68 -22.98 34.85 -11.26
N SER N 69 -23.56 35.18 -10.11
CA SER N 69 -23.27 34.44 -8.89
C SER N 69 -24.28 34.71 -7.79
N LYS N 70 -24.72 33.66 -7.11
CA LYS N 70 -25.71 33.80 -6.05
C LYS N 70 -25.05 34.17 -4.73
N VAL N 71 -25.72 35.03 -3.98
CA VAL N 71 -25.17 35.53 -2.72
C VAL N 71 -25.43 34.54 -1.60
N MET N 72 -24.41 34.30 -0.78
CA MET N 72 -24.48 33.34 0.31
C MET N 72 -25.02 33.97 1.60
N THR N 73 -24.62 35.21 1.89
CA THR N 73 -25.18 35.92 3.02
C THR N 73 -26.64 36.28 2.71
N ARG N 74 -27.49 36.20 3.73
CA ARG N 74 -28.92 36.17 3.45
C ARG N 74 -29.48 37.51 2.97
N GLN N 75 -29.50 38.51 3.83
CA GLN N 75 -30.13 39.79 3.51
C GLN N 75 -29.35 40.96 4.08
N THR N 76 -28.03 40.92 3.92
CA THR N 76 -27.16 41.91 4.53
C THR N 76 -26.69 42.99 3.56
N TYR N 77 -26.76 42.74 2.24
CA TYR N 77 -25.97 43.51 1.29
C TYR N 77 -26.37 44.99 1.25
N THR N 78 -27.62 45.32 1.48
CA THR N 78 -28.10 46.67 1.23
C THR N 78 -27.46 47.68 2.18
N LEU N 79 -27.05 48.82 1.62
CA LEU N 79 -26.58 49.96 2.39
C LEU N 79 -27.72 50.97 2.56
N ASP N 80 -27.65 51.75 3.63
CA ASP N 80 -28.69 52.76 3.87
C ASP N 80 -28.14 53.84 4.79
N ALA N 81 -28.88 54.95 4.85
CA ALA N 81 -28.58 56.07 5.73
C ALA N 81 -27.19 56.63 5.48
N ILE N 82 -26.90 56.90 4.20
CA ILE N 82 -25.65 57.53 3.79
C ILE N 82 -25.90 59.02 3.66
N GLU N 83 -25.02 59.83 4.22
CA GLU N 83 -25.17 61.27 4.16
C GLU N 83 -23.94 61.91 3.57
N GLY N 84 -24.12 62.98 2.81
CA GLY N 84 -22.99 63.66 2.19
C GLY N 84 -23.36 65.04 1.69
N PRO N 85 -22.40 65.95 1.66
CA PRO N 85 -22.71 67.33 1.26
C PRO N 85 -22.65 67.56 -0.23
N ILE N 86 -23.73 68.09 -0.79
CA ILE N 86 -23.75 68.38 -2.22
C ILE N 86 -23.18 69.77 -2.45
N THR N 87 -22.25 69.89 -3.38
CA THR N 87 -21.67 71.18 -3.69
C THR N 87 -21.68 71.45 -5.19
N VAL N 88 -21.39 72.68 -5.58
CA VAL N 88 -21.36 73.04 -7.00
C VAL N 88 -20.09 73.80 -7.35
N ASP N 89 -19.11 73.13 -7.92
CA ASP N 89 -17.83 73.76 -8.26
C ASP N 89 -17.97 74.67 -9.47
N GLY N 90 -18.36 74.11 -10.60
CA GLY N 90 -18.57 74.88 -11.82
C GLY N 90 -19.96 74.67 -12.37
N GLY N 91 -20.95 74.62 -11.47
CA GLY N 91 -22.29 74.24 -11.87
C GLY N 91 -22.49 72.75 -11.96
N LYS N 92 -21.69 71.97 -11.24
CA LYS N 92 -21.77 70.52 -11.26
C LYS N 92 -22.04 70.01 -9.85
N ILE N 93 -22.99 69.09 -9.72
CA ILE N 93 -23.34 68.53 -8.43
C ILE N 93 -22.30 67.49 -8.04
N THR N 94 -21.79 67.60 -6.82
CA THR N 94 -20.81 66.66 -6.28
C THR N 94 -21.33 66.11 -4.96
N PHE N 95 -21.47 64.78 -4.89
CA PHE N 95 -22.06 64.16 -3.70
C PHE N 95 -21.12 64.25 -2.50
N SER N 96 -19.87 63.82 -2.67
CA SER N 96 -18.91 63.79 -1.55
C SER N 96 -19.44 63.10 -0.30
N GLU N 97 -19.43 61.78 -0.27
CA GLU N 97 -19.93 61.03 0.89
C GLU N 97 -19.18 61.45 2.13
N LYS N 98 -19.87 61.46 3.26
CA LYS N 98 -19.23 61.91 4.49
C LYS N 98 -19.37 60.94 5.64
N GLU N 99 -20.52 60.27 5.74
CA GLU N 99 -20.74 59.37 6.87
C GLU N 99 -22.01 58.58 6.70
N GLY N 100 -22.11 57.47 7.39
CA GLY N 100 -23.29 56.64 7.31
C GLY N 100 -22.94 55.21 7.07
N ILE N 101 -23.93 54.33 7.18
CA ILE N 101 -23.69 52.91 6.95
C ILE N 101 -23.38 52.72 5.47
N ASP N 102 -22.10 52.51 5.15
CA ASP N 102 -21.69 52.45 3.76
C ASP N 102 -20.93 51.19 3.39
N TYR N 103 -20.44 50.42 4.35
CA TYR N 103 -19.84 49.12 4.09
C TYR N 103 -20.85 48.02 4.38
N ALA N 104 -20.62 46.86 3.78
CA ALA N 104 -21.48 45.69 4.02
C ALA N 104 -20.72 44.45 3.59
N ALA N 105 -20.40 43.58 4.55
CA ALA N 105 -19.75 42.33 4.22
C ALA N 105 -20.69 41.45 3.40
N THR N 106 -20.18 40.87 2.32
CA THR N 106 -21.00 40.05 1.45
C THR N 106 -20.15 38.95 0.85
N THR N 107 -20.72 37.74 0.78
CA THR N 107 -20.08 36.59 0.18
C THR N 107 -20.96 36.09 -0.96
N VAL N 108 -20.33 35.78 -2.10
CA VAL N 108 -21.03 35.32 -3.28
C VAL N 108 -20.31 34.10 -3.82
N GLN N 109 -21.07 33.14 -4.34
CA GLN N 109 -20.52 31.84 -4.74
C GLN N 109 -20.59 31.70 -6.26
N LEU N 110 -19.44 31.50 -6.88
CA LEU N 110 -19.33 31.32 -8.32
C LEU N 110 -19.75 29.92 -8.72
N PRO N 111 -20.07 29.71 -10.00
CA PRO N 111 -20.22 28.34 -10.50
C PRO N 111 -18.94 27.56 -10.30
N GLY N 112 -19.08 26.31 -9.86
CA GLY N 112 -17.94 25.49 -9.52
C GLY N 112 -17.58 25.45 -8.05
N GLY N 113 -18.38 26.08 -7.19
CA GLY N 113 -18.15 26.04 -5.77
C GLY N 113 -17.22 27.10 -5.22
N GLU N 114 -16.71 27.99 -6.07
CA GLU N 114 -15.81 29.03 -5.60
C GLU N 114 -16.58 30.10 -4.82
N ARG N 115 -16.09 30.45 -3.64
CA ARG N 115 -16.72 31.45 -2.77
C ARG N 115 -15.86 32.70 -2.80
N VAL N 116 -16.46 33.83 -3.15
CA VAL N 116 -15.74 35.10 -3.29
C VAL N 116 -16.34 36.10 -2.32
N PRO N 117 -15.72 36.30 -1.17
CA PRO N 117 -16.15 37.37 -0.26
C PRO N 117 -15.62 38.72 -0.70
N PHE N 118 -16.40 39.75 -0.47
CA PHE N 118 -16.00 41.10 -0.82
C PHE N 118 -16.75 42.09 0.06
N LEU N 119 -16.19 43.29 0.15
CA LEU N 119 -16.74 44.37 0.97
C LEU N 119 -17.43 45.35 0.04
N PHE N 120 -18.76 45.31 0.02
CA PHE N 120 -19.55 46.22 -0.80
C PHE N 120 -19.64 47.54 -0.06
N THR N 121 -18.88 48.54 -0.53
CA THR N 121 -18.75 49.79 0.20
C THR N 121 -18.82 50.97 -0.75
N VAL N 122 -19.17 52.12 -0.18
CA VAL N 122 -19.12 53.41 -0.88
C VAL N 122 -18.45 54.38 0.11
N LYS N 123 -17.14 54.53 0.01
CA LYS N 123 -16.38 55.36 0.94
C LYS N 123 -15.55 56.37 0.18
N ASP N 124 -15.52 57.60 0.69
CA ASP N 124 -14.79 58.69 0.06
C ASP N 124 -15.25 58.91 -1.37
N LEU N 125 -16.55 58.75 -1.60
CA LEU N 125 -17.11 58.95 -2.93
C LEU N 125 -17.05 60.41 -3.33
N VAL N 126 -16.79 60.66 -4.60
CA VAL N 126 -16.80 62.00 -5.17
C VAL N 126 -17.57 61.91 -6.48
N ALA N 127 -18.84 62.28 -6.46
CA ALA N 127 -19.66 62.27 -7.66
C ALA N 127 -19.41 63.52 -8.49
N LYS N 128 -19.68 63.45 -9.78
CA LYS N 128 -19.54 64.63 -10.61
C LYS N 128 -20.71 64.67 -11.56
N GLY N 129 -21.81 65.26 -11.14
CA GLY N 129 -23.00 65.29 -11.97
C GLY N 129 -22.84 65.95 -13.31
N ASN N 130 -23.82 65.78 -14.18
CA ASN N 130 -23.76 66.36 -15.50
C ASN N 130 -24.51 67.68 -15.54
N GLY N 131 -24.60 68.34 -14.39
CA GLY N 131 -25.28 69.62 -14.35
C GLY N 131 -25.65 70.03 -12.94
N ASP N 132 -26.90 70.40 -12.75
CA ASP N 132 -27.35 70.79 -11.42
C ASP N 132 -28.62 70.07 -11.04
N THR N 133 -29.75 70.71 -11.26
CA THR N 133 -31.01 70.13 -10.86
C THR N 133 -31.03 68.62 -10.97
N PHE N 134 -31.31 67.94 -9.88
CA PHE N 134 -31.43 66.51 -9.94
C PHE N 134 -32.71 66.28 -10.70
N LYS N 135 -32.60 66.05 -12.00
CA LYS N 135 -33.81 65.91 -12.80
C LYS N 135 -33.76 64.63 -13.61
N PRO N 136 -34.93 64.09 -13.93
CA PRO N 136 -34.97 62.85 -14.69
C PRO N 136 -33.91 62.84 -15.77
N GLY N 137 -33.02 61.87 -15.73
CA GLY N 137 -31.97 61.72 -16.70
C GLY N 137 -30.61 62.15 -16.23
N PHE N 138 -30.47 62.49 -14.95
CA PHE N 138 -29.22 62.94 -14.37
C PHE N 138 -28.26 61.77 -14.17
N GLN N 139 -26.96 62.08 -14.21
CA GLN N 139 -25.92 61.07 -14.01
C GLN N 139 -24.86 61.64 -13.08
N MET N 140 -24.33 60.82 -12.18
CA MET N 140 -23.39 61.26 -11.18
C MET N 140 -21.99 60.67 -11.38
N GLY N 141 -21.86 59.35 -11.38
CA GLY N 141 -20.55 58.74 -11.47
C GLY N 141 -19.70 59.03 -10.25
N GLY N 142 -18.44 58.65 -10.33
CA GLY N 142 -17.47 58.93 -9.29
C GLY N 142 -16.63 57.71 -8.96
N ASP N 143 -15.68 57.92 -8.05
CA ASP N 143 -14.75 56.89 -7.62
C ASP N 143 -14.78 56.79 -6.09
N PHE N 144 -14.42 55.61 -5.59
CA PHE N 144 -14.39 55.39 -4.15
C PHE N 144 -13.31 54.35 -3.84
N ASN N 145 -12.90 54.31 -2.59
CA ASN N 145 -11.93 53.32 -2.13
C ASN N 145 -12.60 52.31 -1.22
N THR N 146 -12.05 51.10 -1.20
CA THR N 146 -12.58 50.02 -0.39
C THR N 146 -11.56 49.62 0.66
N PRO N 147 -11.89 49.70 1.94
CA PRO N 147 -10.92 49.31 2.97
C PRO N 147 -10.67 47.81 2.97
N SER N 148 -9.74 47.37 3.80
CA SER N 148 -9.46 45.94 3.90
C SER N 148 -10.66 45.20 4.48
N TYR N 149 -10.94 44.02 3.92
CA TYR N 149 -12.06 43.21 4.40
C TYR N 149 -11.86 42.81 5.85
N ARG N 150 -10.64 42.43 6.21
CA ARG N 150 -10.28 42.10 7.57
C ARG N 150 -9.38 43.19 8.12
N THR N 151 -9.66 43.64 9.34
CA THR N 151 -8.88 44.71 9.95
C THR N 151 -7.68 44.10 10.67
N GLY N 152 -6.92 44.94 11.37
CA GLY N 152 -5.71 44.47 12.02
C GLY N 152 -5.95 43.52 13.17
N LEU N 153 -7.12 43.62 13.81
CA LEU N 153 -7.42 42.82 14.98
C LEU N 153 -7.83 41.39 14.64
N PHE N 154 -7.96 41.06 13.37
CA PHE N 154 -8.35 39.72 12.98
C PHE N 154 -7.18 38.74 13.14
N LEU N 155 -7.49 37.54 13.59
CA LEU N 155 -6.50 36.49 13.81
C LEU N 155 -6.72 35.33 12.86
N ASP N 156 -5.64 34.86 12.25
CA ASP N 156 -5.70 33.70 11.38
C ASP N 156 -5.98 32.45 12.21
N PRO N 157 -6.43 31.36 11.58
CA PRO N 157 -6.67 30.12 12.32
C PRO N 157 -5.47 29.64 13.10
N LYS N 158 -4.25 29.95 12.66
CA LYS N 158 -3.06 29.60 13.42
C LYS N 158 -2.70 30.64 14.47
N GLY N 159 -3.48 31.70 14.60
CA GLY N 159 -3.23 32.72 15.60
C GLY N 159 -2.40 33.89 15.15
N ARG N 160 -2.17 34.06 13.85
CA ARG N 160 -1.36 35.14 13.31
C ARG N 160 -2.25 36.27 12.84
N GLY N 161 -1.85 37.51 13.13
CA GLY N 161 -2.58 38.68 12.72
C GLY N 161 -1.64 39.85 12.57
N GLY N 162 -2.19 40.97 12.12
CA GLY N 162 -1.40 42.16 11.88
C GLY N 162 -1.06 42.95 13.13
N THR N 163 -2.08 43.50 13.79
CA THR N 163 -1.86 44.26 15.01
C THR N 163 -1.58 43.37 16.21
N THR N 164 -2.12 42.15 16.21
CA THR N 164 -1.95 41.23 17.32
C THR N 164 -1.76 39.82 16.79
N GLY N 165 -1.18 38.96 17.62
CA GLY N 165 -1.00 37.57 17.28
C GLY N 165 0.46 37.21 17.06
N TYR N 166 0.68 35.91 16.85
CA TYR N 166 2.02 35.42 16.61
C TYR N 166 2.58 35.97 15.31
N ASP N 167 3.88 36.28 15.32
CA ASP N 167 4.55 36.71 14.11
C ASP N 167 4.98 35.54 13.22
N MET N 168 4.95 34.32 13.73
CA MET N 168 5.38 33.15 12.97
C MET N 168 4.43 32.00 13.24
N ALA N 169 4.68 30.88 12.56
CA ALA N 169 3.86 29.68 12.70
C ALA N 169 4.42 28.82 13.82
N VAL N 170 3.88 29.01 15.03
CA VAL N 170 4.40 28.33 16.20
C VAL N 170 4.24 26.82 16.12
N ALA N 171 3.34 26.33 15.26
CA ALA N 171 3.12 24.90 15.17
C ALA N 171 4.30 24.17 14.55
N LEU N 172 5.19 24.87 13.85
CA LEU N 172 6.32 24.26 13.14
C LEU N 172 7.60 24.89 13.64
N PRO N 173 8.18 24.36 14.73
CA PRO N 173 9.41 24.96 15.27
C PRO N 173 10.67 24.61 14.48
N ALA N 174 10.63 23.57 13.64
CA ALA N 174 11.79 23.23 12.85
C ALA N 174 12.04 24.21 11.72
N LEU N 175 11.04 25.03 11.38
CA LEU N 175 11.26 26.08 10.39
C LEU N 175 12.20 27.15 10.93
N GLN N 176 12.22 27.32 12.26
CA GLN N 176 13.24 28.14 12.91
C GLN N 176 14.51 27.31 13.00
N LEU N 177 15.48 27.77 13.80
CA LEU N 177 16.72 27.05 14.04
C LEU N 177 17.46 26.76 12.75
N GLY N 178 17.28 27.62 11.75
CA GLY N 178 18.00 27.47 10.50
C GLY N 178 18.24 28.83 9.86
N GLU N 179 19.48 29.30 9.86
CA GLU N 179 19.81 30.63 9.31
C GLU N 179 18.64 31.32 8.61
N GLU N 180 18.35 30.94 7.37
CA GLU N 180 17.19 31.49 6.68
C GLU N 180 15.96 30.71 7.11
N GLY N 181 15.37 31.10 8.23
CA GLY N 181 14.24 30.35 8.75
C GLY N 181 12.98 30.42 7.92
N ASP N 182 11.88 30.78 8.58
CA ASP N 182 10.62 30.86 7.88
C ASP N 182 10.62 31.93 6.81
N ALA N 183 10.85 31.53 5.57
CA ALA N 183 10.84 32.50 4.48
C ALA N 183 9.72 32.15 3.52
N GLU N 184 9.71 30.92 3.02
CA GLU N 184 8.63 30.49 2.15
C GLU N 184 7.34 30.82 2.84
N LEU N 185 7.38 30.85 4.16
CA LEU N 185 6.21 31.16 4.98
C LEU N 185 6.09 32.65 5.27
N PHE N 186 7.02 33.46 4.79
CA PHE N 186 6.96 34.89 5.07
C PHE N 186 5.79 35.56 4.36
N GLY N 187 5.41 35.06 3.18
CA GLY N 187 4.28 35.62 2.48
C GLY N 187 2.99 35.53 3.26
N GLU N 188 2.85 34.50 4.09
CA GLU N 188 1.66 34.30 4.90
C GLU N 188 1.80 34.81 6.32
N ASN N 189 3.02 34.80 6.88
CA ASN N 189 3.21 35.35 8.22
C ASN N 189 3.01 36.85 8.23
N ASN N 190 3.41 37.53 7.15
CA ASN N 190 3.27 38.97 7.05
C ASN N 190 1.87 39.33 6.58
N LYS N 191 1.18 40.16 7.34
CA LYS N 191 -0.18 40.59 7.03
C LYS N 191 -0.13 42.03 6.55
N VAL N 192 -0.51 42.25 5.29
CA VAL N 192 -0.52 43.58 4.70
C VAL N 192 -1.97 44.02 4.51
N PHE N 193 -2.20 45.32 4.64
CA PHE N 193 -3.53 45.91 4.51
C PHE N 193 -3.46 47.03 3.50
N ASP N 194 -4.10 46.85 2.36
CA ASP N 194 -4.09 47.83 1.28
C ASP N 194 -5.51 48.18 0.89
N ILE N 195 -5.73 49.45 0.57
CA ILE N 195 -7.03 49.92 0.13
C ILE N 195 -7.12 49.78 -1.38
N THR N 196 -8.29 49.41 -1.86
CA THR N 196 -8.53 49.25 -3.29
C THR N 196 -9.32 50.43 -3.81
N GLN N 197 -9.73 50.36 -5.07
CA GLN N 197 -10.49 51.41 -5.71
C GLN N 197 -11.75 50.80 -6.33
N GLY N 198 -12.82 51.58 -6.30
CA GLY N 198 -14.07 51.17 -6.91
C GLY N 198 -14.68 52.30 -7.71
N ARG N 199 -15.32 51.94 -8.82
CA ARG N 199 -15.95 52.88 -9.72
C ARG N 199 -17.46 52.65 -9.70
N ILE N 200 -18.22 53.71 -9.44
CA ILE N 200 -19.68 53.63 -9.43
C ILE N 200 -20.22 54.67 -10.40
N GLU N 201 -21.33 54.34 -11.05
CA GLU N 201 -21.97 55.23 -12.02
C GLU N 201 -23.47 55.19 -11.75
N MET N 202 -24.01 56.32 -11.29
CA MET N 202 -25.38 56.42 -10.85
C MET N 202 -26.18 57.25 -11.85
N GLU N 203 -27.28 56.70 -12.34
CA GLU N 203 -28.19 57.41 -13.24
C GLU N 203 -29.50 57.66 -12.52
N VAL N 204 -29.96 58.90 -12.54
CA VAL N 204 -31.16 59.26 -11.82
C VAL N 204 -32.39 58.96 -12.70
N ASN N 205 -33.52 58.79 -12.02
CA ASN N 205 -34.79 58.42 -12.64
C ASN N 205 -35.85 59.29 -11.99
N LYS N 206 -37.11 58.88 -12.07
CA LYS N 206 -38.24 59.64 -11.52
C LYS N 206 -37.87 60.29 -10.19
N VAL N 207 -38.09 61.60 -10.11
CA VAL N 207 -37.68 62.42 -8.98
C VAL N 207 -38.91 63.15 -8.44
N ASN N 208 -39.16 63.01 -7.15
CA ASN N 208 -40.26 63.70 -6.49
C ASN N 208 -39.77 65.03 -5.93
N ALA N 209 -40.49 66.10 -6.24
CA ALA N 209 -40.13 67.43 -5.78
C ALA N 209 -40.83 67.80 -4.47
N GLU N 210 -42.05 67.32 -4.26
CA GLU N 210 -42.77 67.66 -3.04
C GLU N 210 -42.07 67.09 -1.81
N ASP N 211 -41.64 65.84 -1.88
CA ASP N 211 -40.94 65.21 -0.78
C ASP N 211 -39.43 65.34 -0.88
N SER N 212 -38.93 65.94 -1.97
CA SER N 212 -37.50 66.12 -2.18
C SER N 212 -36.74 64.80 -2.09
N GLU N 213 -37.19 63.84 -2.89
CA GLU N 213 -36.58 62.53 -2.97
C GLU N 213 -36.22 62.21 -4.41
N ILE N 214 -35.12 61.49 -4.59
CA ILE N 214 -34.64 61.11 -5.91
C ILE N 214 -34.38 59.60 -5.91
N GLY N 215 -34.64 58.97 -7.05
CA GLY N 215 -34.39 57.55 -7.19
C GLY N 215 -33.89 57.25 -8.59
N GLY N 216 -33.19 56.13 -8.70
CA GLY N 216 -32.62 55.76 -9.99
C GLY N 216 -31.90 54.44 -9.93
N VAL N 217 -31.00 54.25 -10.89
CA VAL N 217 -30.31 52.98 -11.10
C VAL N 217 -28.81 53.23 -11.12
N PHE N 218 -28.06 52.39 -10.43
CA PHE N 218 -26.62 52.52 -10.34
C PHE N 218 -25.94 51.27 -10.91
N VAL N 219 -24.70 51.46 -11.34
CA VAL N 219 -23.83 50.38 -11.78
C VAL N 219 -22.47 50.60 -11.11
N ALA N 220 -21.99 49.60 -10.39
CA ALA N 220 -20.75 49.70 -9.64
C ALA N 220 -19.83 48.53 -9.96
N THR N 221 -18.53 48.79 -10.00
CA THR N 221 -17.53 47.75 -10.16
C THR N 221 -16.46 47.96 -9.08
N GLN N 222 -16.39 47.03 -8.14
CA GLN N 222 -15.51 47.15 -6.98
C GLN N 222 -14.50 46.02 -6.98
N LEU N 223 -13.34 46.29 -6.41
CA LEU N 223 -12.32 45.27 -6.25
C LEU N 223 -12.67 44.38 -5.06
N SER N 224 -12.42 43.09 -5.20
CA SER N 224 -12.87 42.10 -4.23
C SER N 224 -11.95 42.09 -3.02
N ASP N 225 -12.05 41.06 -2.19
CA ASP N 225 -11.23 40.93 -1.00
C ASP N 225 -9.94 40.18 -1.31
N THR N 226 -8.84 40.66 -0.71
CA THR N 226 -7.59 39.93 -0.67
C THR N 226 -7.32 39.54 0.78
N ASP N 227 -7.02 38.25 1.00
CA ASP N 227 -6.91 37.73 2.36
C ASP N 227 -5.59 38.19 2.97
N MET N 228 -5.54 39.48 3.28
CA MET N 228 -4.37 40.12 3.87
C MET N 228 -3.12 39.90 3.01
N GLY N 229 -3.31 39.98 1.70
CA GLY N 229 -2.21 39.83 0.75
C GLY N 229 -1.86 38.40 0.41
N SER N 230 -2.57 37.41 0.94
CA SER N 230 -2.26 36.02 0.61
C SER N 230 -2.67 35.67 -0.81
N LYS N 231 -3.78 36.23 -1.28
CA LYS N 231 -4.30 35.91 -2.60
C LYS N 231 -4.58 37.19 -3.37
N THR N 232 -4.47 37.10 -4.70
CA THR N 232 -4.78 38.24 -5.53
C THR N 232 -6.29 38.45 -5.58
N PRO N 233 -6.77 39.67 -5.40
CA PRO N 233 -8.22 39.90 -5.33
C PRO N 233 -8.86 39.81 -6.70
N LYS N 234 -10.18 39.62 -6.69
CA LYS N 234 -10.95 39.49 -7.91
C LYS N 234 -11.65 40.81 -8.24
N LYS N 235 -12.37 40.82 -9.35
CA LYS N 235 -13.12 41.98 -9.80
C LYS N 235 -14.61 41.67 -9.75
N VAL N 236 -15.36 42.53 -9.07
CA VAL N 236 -16.79 42.32 -8.84
C VAL N 236 -17.56 43.43 -9.52
N LEU N 237 -18.55 43.05 -10.33
CA LEU N 237 -19.44 44.00 -10.99
C LEU N 237 -20.83 43.88 -10.37
N THR N 238 -21.44 45.02 -10.07
CA THR N 238 -22.70 45.06 -9.36
C THR N 238 -23.60 46.12 -9.97
N LYS N 239 -24.89 45.81 -10.06
CA LYS N 239 -25.87 46.78 -10.53
C LYS N 239 -27.15 46.65 -9.72
N GLY N 240 -27.87 47.76 -9.62
CA GLY N 240 -29.08 47.77 -8.82
C GLY N 240 -29.72 49.14 -8.84
N ILE N 241 -30.55 49.39 -7.83
CA ILE N 241 -31.28 50.64 -7.73
C ILE N 241 -30.78 51.41 -6.50
N PHE N 242 -31.25 52.65 -6.38
CA PHE N 242 -30.88 53.47 -5.24
C PHE N 242 -32.02 54.44 -4.93
N TYR N 243 -31.84 55.18 -3.84
CA TYR N 243 -32.80 56.20 -3.42
C TYR N 243 -32.06 57.17 -2.51
N ALA N 244 -32.45 58.44 -2.58
CA ALA N 244 -31.83 59.46 -1.74
C ALA N 244 -32.79 60.62 -1.56
N LYS N 245 -32.70 61.26 -0.40
CA LYS N 245 -33.52 62.41 -0.07
C LYS N 245 -32.63 63.61 0.20
N VAL N 246 -32.93 64.72 -0.46
CA VAL N 246 -32.12 65.93 -0.30
C VAL N 246 -32.73 66.94 0.64
N GLU N 247 -31.99 67.35 1.65
CA GLU N 247 -32.49 68.36 2.57
C GLU N 247 -31.90 69.70 2.19
N GLN N 248 -32.76 70.70 2.03
CA GLN N 248 -32.27 72.01 1.61
C GLN N 248 -32.39 73.03 2.73
N SER O 1 -6.40 29.18 67.33
CA SER O 1 -6.49 30.35 68.18
C SER O 1 -7.33 31.44 67.52
N VAL O 2 -7.59 32.53 68.23
CA VAL O 2 -8.42 33.61 67.71
C VAL O 2 -9.82 33.11 67.41
N PHE O 3 -10.52 32.54 68.38
CA PHE O 3 -11.81 31.94 68.07
C PHE O 3 -12.83 32.95 67.53
N GLY O 4 -14.08 32.52 67.35
CA GLY O 4 -15.09 33.39 66.79
C GLY O 4 -16.50 32.85 66.88
N LEU O 5 -16.87 32.27 68.01
CA LEU O 5 -18.21 31.69 68.15
C LEU O 5 -19.26 32.72 67.80
N ILE O 6 -20.34 32.29 67.15
CA ILE O 6 -21.40 33.20 66.71
C ILE O 6 -21.50 34.46 67.56
N GLY O 7 -20.67 35.45 67.28
CA GLY O 7 -20.67 36.69 68.04
C GLY O 7 -21.19 36.59 69.46
N ASP O 8 -20.75 35.59 70.21
CA ASP O 8 -21.25 35.41 71.56
C ASP O 8 -20.17 34.89 72.49
N GLY O 9 -19.08 34.39 71.92
CA GLY O 9 -18.01 33.84 72.73
C GLY O 9 -16.63 34.22 72.24
N THR O 10 -16.54 35.31 71.49
CA THR O 10 -15.25 35.78 70.98
C THR O 10 -15.25 37.27 70.72
N SER O 11 -15.25 37.67 69.44
CA SER O 11 -15.23 39.09 69.09
C SER O 11 -15.52 39.38 67.63
N TYR O 12 -15.42 40.65 67.23
CA TYR O 12 -15.60 41.02 65.83
C TYR O 12 -14.45 40.43 65.06
N SER O 13 -14.13 40.99 63.88
CA SER O 13 -12.97 40.48 63.19
C SER O 13 -12.78 41.28 61.95
N GLU O 14 -11.54 41.68 61.68
CA GLU O 14 -11.26 42.45 60.48
C GLU O 14 -11.79 41.70 59.30
N GLY O 15 -12.47 40.59 59.56
CA GLY O 15 -13.09 39.85 58.48
C GLY O 15 -13.12 38.37 58.73
N ALA O 16 -14.25 37.89 59.23
CA ALA O 16 -14.39 36.47 59.46
C ALA O 16 -15.79 36.21 59.98
N ALA O 17 -16.16 36.91 61.05
CA ALA O 17 -17.46 36.68 61.64
C ALA O 17 -18.55 37.19 60.72
N TYR O 18 -19.70 36.51 60.72
CA TYR O 18 -20.83 36.97 59.91
C TYR O 18 -22.11 36.89 60.72
N GLY O 19 -22.22 35.89 61.59
CA GLY O 19 -23.38 35.78 62.44
C GLY O 19 -23.72 37.15 63.00
N THR O 20 -22.72 37.91 63.41
CA THR O 20 -22.94 39.25 63.93
C THR O 20 -24.37 39.77 63.87
N ASP O 21 -24.80 40.21 62.69
CA ASP O 21 -26.13 40.79 62.57
C ASP O 21 -26.20 41.96 63.51
N GLN O 22 -25.06 42.60 63.76
CA GLN O 22 -24.96 43.71 64.70
C GLN O 22 -23.51 44.09 64.90
N ALA O 23 -23.03 44.03 66.14
CA ALA O 23 -21.63 44.34 66.43
C ALA O 23 -21.01 45.32 65.45
N ASP O 24 -21.45 46.58 65.50
CA ASP O 24 -20.94 47.60 64.60
C ASP O 24 -20.93 48.94 65.30
N LYS O 25 -21.88 49.17 66.20
CA LYS O 25 -21.91 50.41 66.98
C LYS O 25 -22.17 51.66 66.16
N LEU O 26 -21.74 51.69 64.91
CA LEU O 26 -22.03 52.84 64.07
C LEU O 26 -23.40 53.36 64.45
N TYR O 27 -24.42 52.51 64.28
CA TYR O 27 -25.77 52.89 64.65
C TYR O 27 -26.76 51.79 64.35
N SER O 28 -27.93 52.16 63.83
CA SER O 28 -28.97 51.17 63.56
C SER O 28 -28.86 50.54 62.20
N PRO O 29 -28.64 49.21 62.17
CA PRO O 29 -28.72 48.62 60.84
C PRO O 29 -30.20 48.50 60.62
N TYR O 30 -30.76 49.34 59.76
CA TYR O 30 -32.19 49.35 59.55
C TYR O 30 -32.80 48.10 60.14
N SER O 31 -32.51 46.96 59.54
CA SER O 31 -32.99 45.69 60.06
C SER O 31 -31.79 44.84 60.35
N VAL O 32 -31.97 43.80 61.13
CA VAL O 32 -30.83 43.00 61.50
C VAL O 32 -30.15 42.45 60.26
N TYR O 33 -30.73 42.66 59.08
CA TYR O 33 -30.12 42.04 57.93
C TYR O 33 -29.58 43.05 56.92
N SER O 34 -29.62 44.35 57.23
CA SER O 34 -29.26 45.40 56.28
C SER O 34 -28.05 46.19 56.79
N PRO O 35 -26.94 46.22 56.04
CA PRO O 35 -25.84 47.13 56.43
C PRO O 35 -26.24 48.59 56.44
N GLU O 36 -27.14 49.01 55.55
CA GLU O 36 -27.50 50.42 55.45
C GLU O 36 -28.37 50.82 56.64
N GLY O 37 -28.49 52.13 56.83
CA GLY O 37 -29.28 52.71 57.89
C GLY O 37 -30.65 53.18 57.43
N GLU O 38 -31.24 54.07 58.20
CA GLU O 38 -32.55 54.56 57.85
C GLU O 38 -32.39 55.88 57.13
N LYS O 39 -33.49 56.41 56.60
CA LYS O 39 -33.41 57.66 55.87
C LYS O 39 -33.37 58.84 56.82
N SER O 40 -32.22 59.11 57.42
CA SER O 40 -32.08 60.23 58.34
C SER O 40 -30.71 60.94 58.24
N LEU O 41 -29.91 60.60 57.22
CA LEU O 41 -28.62 61.28 57.02
C LEU O 41 -28.31 61.62 55.58
N TYR O 42 -27.56 62.69 55.36
CA TYR O 42 -27.21 63.12 54.01
C TYR O 42 -28.43 63.47 53.17
N LYS O 43 -28.75 62.66 52.18
CA LYS O 43 -29.85 63.00 51.30
C LYS O 43 -31.10 63.39 52.05
N PRO O 44 -31.69 64.53 51.68
CA PRO O 44 -32.96 64.91 52.29
C PRO O 44 -34.08 64.66 51.30
N ASP O 45 -35.29 64.41 51.77
CA ASP O 45 -36.39 64.06 50.86
C ASP O 45 -36.66 65.10 49.78
N SER O 46 -36.71 66.37 50.16
CA SER O 46 -37.04 67.41 49.19
C SER O 46 -36.05 68.54 49.22
N ALA O 47 -34.81 68.25 48.86
CA ALA O 47 -33.80 69.27 48.83
C ALA O 47 -34.09 70.17 47.65
N GLU O 48 -33.43 69.90 46.54
CA GLU O 48 -33.70 70.67 45.33
C GLU O 48 -34.05 69.80 44.15
N TYR O 49 -34.53 68.59 44.39
CA TYR O 49 -35.01 67.74 43.30
C TYR O 49 -36.32 68.26 42.70
N LEU O 50 -37.03 69.11 43.42
CA LEU O 50 -38.27 69.66 42.89
C LEU O 50 -38.01 70.53 41.66
N ALA O 51 -36.89 71.26 41.65
CA ALA O 51 -36.54 72.04 40.47
C ALA O 51 -36.28 71.13 39.27
N ARG O 52 -35.57 70.04 39.48
CA ARG O 52 -35.33 69.08 38.40
C ARG O 52 -36.64 68.49 37.91
N LYS O 53 -37.56 68.17 38.83
CA LYS O 53 -38.86 67.64 38.44
C LYS O 53 -39.65 68.65 37.61
N LYS O 54 -39.62 69.92 38.02
CA LYS O 54 -40.33 70.96 37.26
C LYS O 54 -39.73 71.14 35.87
N ALA O 55 -38.40 71.07 35.77
CA ALA O 55 -37.76 71.11 34.45
C ALA O 55 -38.18 69.93 33.60
N VAL O 56 -38.27 68.75 34.21
CA VAL O 56 -38.72 67.55 33.49
C VAL O 56 -40.14 67.75 32.98
N LEU O 57 -40.99 68.35 33.81
CA LEU O 57 -42.37 68.62 33.37
C LEU O 57 -42.42 69.61 32.22
N ALA O 58 -41.60 70.67 32.28
CA ALA O 58 -41.59 71.65 31.20
C ALA O 58 -41.13 71.00 29.89
N GLU O 59 -40.08 70.21 29.94
CA GLU O 59 -39.62 69.56 28.72
C GLU O 59 -40.60 68.47 28.28
N THR O 60 -41.34 67.87 29.22
CA THR O 60 -42.40 66.95 28.84
C THR O 60 -43.48 67.64 28.04
N LYS O 61 -43.88 68.83 28.49
CA LYS O 61 -44.74 69.68 27.67
C LYS O 61 -44.15 69.83 26.28
N ASN O 62 -42.92 70.36 26.22
CA ASN O 62 -42.29 70.63 24.93
C ASN O 62 -42.26 69.41 24.02
N ARG O 63 -42.10 68.22 24.59
CA ARG O 63 -42.20 66.98 23.83
C ARG O 63 -43.62 66.71 23.37
N LEU O 64 -44.61 67.03 24.20
CA LEU O 64 -45.97 66.63 23.88
C LEU O 64 -46.67 67.56 22.90
N GLN O 65 -46.16 68.79 22.69
CA GLN O 65 -46.80 69.62 21.68
C GLN O 65 -46.40 69.27 20.26
N LYS O 66 -45.45 68.36 20.04
CA LYS O 66 -45.07 67.97 18.70
C LYS O 66 -45.72 66.66 18.26
N ILE O 67 -46.69 66.16 19.02
CA ILE O 67 -47.40 64.93 18.69
C ILE O 67 -48.43 65.18 17.58
N PRO O 68 -49.24 66.24 17.62
CA PRO O 68 -50.18 66.47 16.52
C PRO O 68 -49.50 66.57 15.16
N GLY O 69 -48.30 67.14 15.11
CA GLY O 69 -47.56 67.15 13.85
C GLY O 69 -47.23 65.75 13.37
N TYR O 70 -46.87 64.85 14.30
CA TYR O 70 -46.55 63.48 13.95
C TYR O 70 -47.78 62.66 13.61
N VAL O 71 -48.95 63.04 14.11
CA VAL O 71 -50.16 62.28 13.77
C VAL O 71 -50.78 62.82 12.48
N ASP O 72 -50.51 64.08 12.14
CA ASP O 72 -50.97 64.60 10.85
C ASP O 72 -50.42 63.77 9.71
N LYS O 73 -49.12 63.49 9.73
CA LYS O 73 -48.55 62.46 8.88
C LYS O 73 -48.88 61.09 9.46
N LYS O 74 -48.95 60.09 8.58
CA LYS O 74 -49.34 58.75 8.99
C LYS O 74 -48.12 58.00 9.53
N GLU O 75 -47.62 58.50 10.67
CA GLU O 75 -46.50 57.89 11.37
C GLU O 75 -46.94 57.55 12.78
N TRP O 76 -46.95 56.26 13.11
CA TRP O 76 -47.44 55.78 14.39
C TRP O 76 -46.34 55.38 15.35
N PHE O 77 -45.23 54.82 14.85
CA PHE O 77 -44.12 54.47 15.72
C PHE O 77 -43.54 55.70 16.40
N ASN O 78 -43.49 56.83 15.68
CA ASN O 78 -42.94 58.05 16.25
C ASN O 78 -43.77 58.52 17.44
N VAL O 79 -45.10 58.38 17.37
CA VAL O 79 -45.95 58.80 18.47
C VAL O 79 -45.63 58.00 19.73
N LYS O 80 -45.60 56.67 19.62
CA LYS O 80 -45.32 55.82 20.77
C LYS O 80 -43.93 56.10 21.32
N ASP O 81 -42.94 56.18 20.44
CA ASP O 81 -41.58 56.41 20.88
C ASP O 81 -41.42 57.75 21.56
N GLU O 82 -42.04 58.80 21.02
CA GLU O 82 -41.98 60.12 21.65
C GLU O 82 -42.69 60.10 23.00
N LEU O 83 -43.81 59.38 23.09
CA LEU O 83 -44.58 59.34 24.33
C LEU O 83 -43.89 58.51 25.40
N THR O 84 -42.95 57.64 25.03
CA THR O 84 -42.32 56.79 26.02
C THR O 84 -40.85 57.11 26.32
N ARG O 85 -40.13 57.79 25.41
CA ARG O 85 -38.70 57.93 25.61
C ARG O 85 -38.34 59.00 26.63
N TYR O 86 -39.01 60.15 26.59
CA TYR O 86 -38.74 61.19 27.57
C TYR O 86 -39.82 61.32 28.62
N MET O 87 -41.05 60.89 28.33
CA MET O 87 -42.07 60.90 29.37
C MET O 87 -41.75 59.91 30.49
N TYR O 88 -40.70 59.10 30.33
CA TYR O 88 -40.37 58.07 31.31
C TYR O 88 -40.15 58.67 32.69
N GLU O 89 -39.39 59.77 32.77
CA GLU O 89 -39.21 60.42 34.06
C GLU O 89 -40.44 61.20 34.49
N THR O 90 -41.37 61.49 33.57
CA THR O 90 -42.46 62.38 33.88
C THR O 90 -43.51 61.72 34.77
N ARG O 91 -43.69 60.41 34.64
CA ARG O 91 -44.66 59.73 35.50
C ARG O 91 -44.26 59.86 36.97
N GLY O 92 -43.00 59.50 37.28
CA GLY O 92 -42.53 59.62 38.64
C GLY O 92 -42.47 61.06 39.11
N ALA O 93 -42.06 61.97 38.23
CA ALA O 93 -41.97 63.37 38.60
C ALA O 93 -43.34 63.93 38.95
N VAL O 94 -44.34 63.66 38.11
CA VAL O 94 -45.69 64.15 38.38
C VAL O 94 -46.27 63.50 39.63
N ARG O 95 -45.98 62.20 39.85
CA ARG O 95 -46.49 61.54 41.05
C ARG O 95 -45.86 62.14 42.31
N SER O 96 -44.57 62.46 42.25
CA SER O 96 -43.90 62.98 43.45
C SER O 96 -44.27 64.44 43.71
N LEU O 97 -44.44 65.25 42.65
CA LEU O 97 -44.76 66.65 42.85
C LEU O 97 -46.17 66.83 43.41
N SER O 98 -47.10 65.96 43.03
CA SER O 98 -48.48 66.08 43.50
C SER O 98 -48.55 65.80 45.00
N SER O 99 -49.21 66.70 45.73
CA SER O 99 -49.31 66.55 47.17
C SER O 99 -50.74 66.72 47.67
N SER O 100 -51.54 67.49 46.95
CA SER O 100 -52.94 67.72 47.29
C SER O 100 -53.84 66.79 46.48
N VAL O 101 -55.10 66.70 46.91
CA VAL O 101 -56.02 65.73 46.32
C VAL O 101 -56.35 66.10 44.88
N THR O 102 -56.52 67.39 44.60
CA THR O 102 -56.85 67.81 43.24
C THR O 102 -55.73 67.46 42.28
N GLN O 103 -54.47 67.70 42.68
CA GLN O 103 -53.34 67.34 41.84
C GLN O 103 -53.32 65.84 41.58
N LYS O 104 -53.58 65.04 42.60
CA LYS O 104 -53.59 63.58 42.42
C LYS O 104 -54.66 63.17 41.43
N GLU O 105 -55.89 63.66 41.62
CA GLU O 105 -57.00 63.23 40.77
C GLU O 105 -56.77 63.63 39.32
N LYS O 106 -56.32 64.86 39.09
CA LYS O 106 -56.17 65.26 37.69
C LYS O 106 -54.86 64.79 37.07
N ALA O 107 -53.86 64.44 37.88
CA ALA O 107 -52.73 63.69 37.33
C ALA O 107 -53.18 62.30 36.88
N GLU O 108 -54.11 61.70 37.63
CA GLU O 108 -54.72 60.46 37.17
C GLU O 108 -55.47 60.68 35.85
N VAL O 109 -56.17 61.81 35.72
CA VAL O 109 -56.83 62.13 34.47
C VAL O 109 -55.82 62.22 33.32
N PHE O 110 -54.69 62.89 33.58
CA PHE O 110 -53.65 63.02 32.56
C PHE O 110 -53.09 61.67 32.17
N PHE O 111 -52.88 60.78 33.14
CA PHE O 111 -52.40 59.44 32.84
C PHE O 111 -53.40 58.67 31.99
N ARG O 112 -54.70 58.82 32.30
CA ARG O 112 -55.73 58.23 31.46
C ARG O 112 -55.63 58.74 30.03
N ALA O 113 -55.44 60.05 29.87
CA ALA O 113 -55.34 60.63 28.53
C ALA O 113 -54.14 60.06 27.77
N LEU O 114 -52.99 59.96 28.44
CA LEU O 114 -51.80 59.42 27.78
C LEU O 114 -52.00 57.96 27.40
N GLU O 115 -52.62 57.17 28.27
CA GLU O 115 -52.87 55.76 27.96
C GLU O 115 -53.84 55.63 26.78
N ASP O 116 -54.86 56.48 26.73
CA ASP O 116 -55.77 56.47 25.59
C ASP O 116 -55.04 56.83 24.30
N THR O 117 -54.14 57.83 24.37
CA THR O 117 -53.34 58.18 23.21
C THR O 117 -52.53 56.98 22.73
N TYR O 118 -51.88 56.29 23.67
CA TYR O 118 -51.08 55.12 23.31
C TYR O 118 -51.93 54.04 22.65
N GLY O 119 -53.07 53.73 23.24
CA GLY O 119 -53.93 52.69 22.70
C GLY O 119 -54.43 53.03 21.31
N ALA O 120 -54.90 54.27 21.13
CA ALA O 120 -55.42 54.68 19.83
C ALA O 120 -54.33 54.73 18.78
N ALA O 121 -53.11 55.12 19.17
CA ALA O 121 -51.99 55.11 18.23
C ALA O 121 -51.65 53.68 17.81
N THR O 122 -51.71 52.74 18.75
CA THR O 122 -51.52 51.35 18.38
C THR O 122 -52.61 50.86 17.43
N LEU O 123 -53.86 51.24 17.70
CA LEU O 123 -54.98 50.84 16.85
C LEU O 123 -55.05 51.61 15.54
N LYS O 124 -54.25 52.66 15.38
CA LYS O 124 -54.19 53.45 14.15
C LYS O 124 -55.53 54.09 13.82
N LYS O 125 -55.99 54.95 14.73
CA LYS O 125 -57.21 55.73 14.53
C LYS O 125 -56.87 57.20 14.76
N GLY O 126 -56.82 57.97 13.68
CA GLY O 126 -56.34 59.35 13.77
C GLY O 126 -57.19 60.22 14.65
N ASP O 127 -58.52 60.11 14.53
CA ASP O 127 -59.41 60.96 15.31
C ASP O 127 -59.24 60.73 16.80
N ALA O 128 -59.22 59.47 17.22
CA ALA O 128 -59.07 59.16 18.64
C ALA O 128 -57.72 59.65 19.16
N VAL O 129 -56.65 59.46 18.38
CA VAL O 129 -55.34 59.93 18.80
C VAL O 129 -55.35 61.44 18.97
N LYS O 130 -55.91 62.16 18.00
CA LYS O 130 -55.89 63.62 18.08
C LYS O 130 -56.69 64.13 19.28
N ALA O 131 -57.87 63.55 19.51
CA ALA O 131 -58.67 63.97 20.66
C ALA O 131 -57.95 63.67 21.97
N SER O 132 -57.31 62.49 22.06
CA SER O 132 -56.57 62.14 23.27
C SER O 132 -55.40 63.07 23.49
N ASN O 133 -54.69 63.45 22.42
CA ASN O 133 -53.60 64.41 22.56
C ASN O 133 -54.11 65.75 23.05
N ASP O 134 -55.25 66.20 22.53
CA ASP O 134 -55.81 67.47 22.99
C ASP O 134 -56.13 67.40 24.47
N LYS O 135 -56.75 66.31 24.92
CA LYS O 135 -57.07 66.17 26.33
C LYS O 135 -55.81 66.10 27.20
N ALA O 136 -54.78 65.40 26.71
CA ALA O 136 -53.52 65.34 27.44
C ALA O 136 -52.89 66.72 27.57
N ILE O 137 -52.91 67.51 26.50
CA ILE O 137 -52.41 68.87 26.56
C ILE O 137 -53.16 69.67 27.59
N ALA O 138 -54.50 69.57 27.59
CA ALA O 138 -55.30 70.33 28.55
C ALA O 138 -54.94 69.95 29.98
N ALA O 139 -54.87 68.66 30.28
CA ALA O 139 -54.52 68.24 31.63
C ALA O 139 -53.13 68.72 32.02
N LEU O 140 -52.15 68.56 31.12
CA LEU O 140 -50.78 68.86 31.49
C LEU O 140 -50.55 70.36 31.67
N ASP O 141 -51.09 71.19 30.77
CA ASP O 141 -50.91 72.63 30.97
C ASP O 141 -51.84 73.17 32.05
N ALA O 142 -52.71 72.32 32.57
CA ALA O 142 -53.55 72.73 33.69
C ALA O 142 -52.96 72.14 34.96
N PHE O 143 -51.83 71.47 34.83
CA PHE O 143 -51.19 70.85 36.00
C PHE O 143 -50.25 71.82 36.68
N THR O 144 -49.53 72.59 35.89
CA THR O 144 -48.63 73.58 36.45
C THR O 144 -49.33 74.37 37.54
N ALA O 145 -49.17 73.94 38.78
CA ALA O 145 -49.82 74.61 39.90
C ALA O 145 -48.90 74.58 41.11
N MET P 1 -6.79 11.91 -1.24
CA MET P 1 -6.93 10.52 -1.67
C MET P 1 -7.27 9.61 -0.50
N GLU P 2 -6.97 10.08 0.72
CA GLU P 2 -7.31 9.33 1.92
C GLU P 2 -8.80 9.38 2.23
N ALA P 3 -9.53 10.33 1.66
CA ALA P 3 -10.98 10.34 1.81
C ALA P 3 -11.58 9.05 1.28
N LEU P 4 -10.99 8.51 0.20
CA LEU P 4 -11.45 7.23 -0.33
C LEU P 4 -11.25 6.13 0.69
N VAL P 5 -10.10 6.10 1.37
CA VAL P 5 -9.84 5.07 2.36
C VAL P 5 -10.81 5.20 3.54
N TYR P 6 -11.03 6.43 4.02
CA TYR P 6 -11.96 6.63 5.12
C TYR P 6 -13.36 6.18 4.76
N THR P 7 -13.83 6.57 3.57
CA THR P 7 -15.16 6.18 3.13
C THR P 7 -15.27 4.67 3.00
N PHE P 8 -14.23 4.02 2.44
CA PHE P 8 -14.26 2.58 2.32
C PHE P 8 -14.35 1.91 3.68
N LEU P 9 -13.58 2.39 4.64
CA LEU P 9 -13.60 1.78 5.98
C LEU P 9 -14.97 1.95 6.62
N LEU P 10 -15.56 3.14 6.52
CA LEU P 10 -16.86 3.36 7.13
C LEU P 10 -17.94 2.50 6.47
N ILE P 11 -17.94 2.41 5.15
CA ILE P 11 -18.94 1.61 4.46
C ILE P 11 -18.74 0.13 4.75
N GLY P 12 -17.49 -0.31 4.86
CA GLY P 12 -17.25 -1.70 5.22
C GLY P 12 -17.75 -2.04 6.61
N THR P 13 -17.53 -1.13 7.57
CA THR P 13 -18.07 -1.34 8.91
C THR P 13 -19.59 -1.41 8.88
N LEU P 14 -20.23 -0.53 8.11
CA LEU P 14 -21.68 -0.56 8.02
C LEU P 14 -22.18 -1.87 7.39
N MET P 15 -21.46 -2.37 6.38
CA MET P 15 -21.85 -3.64 5.78
C MET P 15 -21.71 -4.79 6.77
N VAL P 16 -20.64 -4.78 7.56
CA VAL P 16 -20.46 -5.80 8.59
C VAL P 16 -21.62 -5.75 9.57
N ILE P 17 -22.02 -4.55 9.97
CA ILE P 17 -23.18 -4.40 10.86
C ILE P 17 -24.43 -4.96 10.20
N PHE P 18 -24.60 -4.70 8.90
CA PHE P 18 -25.77 -5.21 8.18
C PHE P 18 -25.81 -6.73 8.20
N PHE P 19 -24.66 -7.37 7.97
CA PHE P 19 -24.63 -8.83 7.93
C PHE P 19 -24.84 -9.46 9.29
N ALA P 20 -24.57 -8.74 10.37
CA ALA P 20 -24.71 -9.30 11.70
C ALA P 20 -26.13 -9.24 12.23
N VAL P 21 -27.04 -8.57 11.53
CA VAL P 21 -28.42 -8.45 11.96
C VAL P 21 -29.34 -9.36 11.16
N PHE P 22 -29.18 -9.38 9.84
CA PHE P 22 -30.06 -10.14 8.96
C PHE P 22 -29.49 -11.49 8.55
N PHE P 23 -28.25 -11.79 8.94
CA PHE P 23 -27.62 -13.07 8.63
C PHE P 23 -27.03 -13.69 9.88
N ARG P 24 -27.72 -13.53 11.01
CA ARG P 24 -27.23 -14.02 12.28
C ARG P 24 -27.55 -15.51 12.46
N GLU P 25 -26.81 -16.15 13.35
CA GLU P 25 -27.18 -17.48 13.81
C GLU P 25 -28.52 -17.42 14.54
N THR P 26 -29.48 -18.20 14.07
CA THR P 26 -30.76 -18.26 14.76
C THR P 26 -30.62 -19.07 16.04
N PRO P 27 -30.97 -18.46 17.19
CA PRO P 27 -30.87 -19.17 18.46
C PRO P 27 -32.10 -20.02 18.69
N ARG P 28 -31.92 -21.32 18.91
CA ARG P 28 -33.05 -22.21 19.08
C ARG P 28 -33.06 -22.82 20.46
N ILE P 29 -34.24 -23.20 20.95
CA ILE P 29 -34.35 -23.77 22.28
C ILE P 29 -34.49 -25.28 22.24
N VAL Q 1 1.36 44.01 9.18
CA VAL Q 1 2.82 44.06 9.14
C VAL Q 1 3.38 43.16 10.24
N ILE Q 2 4.54 42.57 10.00
CA ILE Q 2 5.16 41.72 10.99
C ILE Q 2 5.87 42.54 12.07
N ASP Q 3 6.37 43.73 11.72
CA ASP Q 3 6.99 44.60 12.71
C ASP Q 3 6.72 46.06 12.35
N TYR Q 4 5.74 46.65 13.01
CA TYR Q 4 5.59 48.10 12.92
C TYR Q 4 6.85 48.75 13.48
N GLU Q 5 7.33 49.78 12.79
CA GLU Q 5 8.55 50.44 13.24
C GLU Q 5 8.29 51.30 14.47
N ASN Q 6 7.13 51.94 14.53
CA ASN Q 6 6.81 52.89 15.58
C ASN Q 6 6.04 52.22 16.72
N ILE Q 7 6.64 51.18 17.31
CA ILE Q 7 6.01 50.49 18.43
C ILE Q 7 6.03 51.38 19.67
N GLY Q 8 7.17 52.00 19.96
CA GLY Q 8 7.32 52.73 21.20
C GLY Q 8 6.36 53.90 21.36
N TYR Q 9 5.85 54.43 20.26
CA TYR Q 9 4.96 55.59 20.29
C TYR Q 9 3.49 55.20 20.34
N LEU Q 10 3.18 53.90 20.49
CA LEU Q 10 1.79 53.47 20.57
C LEU Q 10 1.19 53.63 21.95
N GLY Q 11 1.99 53.99 22.95
CA GLY Q 11 1.48 54.16 24.29
C GLY Q 11 2.39 53.57 25.34
N GLY Q 12 3.31 52.70 24.92
CA GLY Q 12 4.23 52.09 25.85
C GLY Q 12 5.20 53.10 26.44
N SER Q 13 5.74 53.99 25.62
CA SER Q 13 6.74 54.95 26.06
C SER Q 13 6.07 56.27 26.44
N SER Q 14 6.89 57.23 26.87
CA SER Q 14 6.38 58.55 27.22
C SER Q 14 6.01 59.38 26.00
N ILE Q 15 6.57 59.07 24.84
CA ILE Q 15 6.23 59.74 23.59
C ILE Q 15 5.12 58.96 22.91
N VAL Q 16 4.06 59.65 22.52
CA VAL Q 16 2.88 59.02 21.94
C VAL Q 16 2.61 59.63 20.57
N ASP Q 17 2.34 58.79 19.58
CA ASP Q 17 2.04 59.28 18.23
C ASP Q 17 0.59 59.70 18.13
N ILE Q 18 0.31 60.74 17.36
CA ILE Q 18 -1.04 61.26 17.26
C ILE Q 18 -1.76 60.70 16.06
N ASN Q 19 -1.08 59.89 15.27
CA ASN Q 19 -1.67 59.37 14.05
C ASN Q 19 -1.81 57.87 14.09
N ASN Q 20 -1.66 57.27 15.26
CA ASN Q 20 -1.69 55.81 15.33
C ASN Q 20 -2.17 55.30 16.69
N ALA Q 21 -1.83 55.98 17.78
CA ALA Q 21 -2.15 55.46 19.10
C ALA Q 21 -3.65 55.58 19.39
N ASN Q 22 -4.15 54.61 20.13
CA ASN Q 22 -5.55 54.61 20.53
C ASN Q 22 -5.78 55.65 21.63
N ILE Q 23 -7.06 55.93 21.90
CA ILE Q 23 -7.42 56.93 22.89
C ILE Q 23 -6.93 56.56 24.28
N ARG Q 24 -6.73 55.28 24.55
CA ARG Q 24 -6.23 54.88 25.86
C ARG Q 24 -4.81 55.35 26.11
N ALA Q 25 -4.05 55.66 25.06
CA ALA Q 25 -2.71 56.18 25.24
C ALA Q 25 -2.72 57.57 25.88
N TYR Q 26 -3.74 58.37 25.59
CA TYR Q 26 -3.83 59.70 26.17
C TYR Q 26 -4.41 59.66 27.57
N LEU Q 27 -3.88 58.79 28.41
CA LEU Q 27 -4.27 58.71 29.81
C LEU Q 27 -3.14 59.06 30.76
N LYS Q 28 -1.88 59.00 30.32
CA LYS Q 28 -0.78 59.46 31.14
C LYS Q 28 -0.80 60.97 31.31
N MET Q 29 -1.41 61.69 30.37
CA MET Q 29 -1.48 63.14 30.44
C MET Q 29 -2.77 63.56 31.12
N PRO Q 30 -2.73 64.11 32.34
CA PRO Q 30 -3.97 64.48 33.03
C PRO Q 30 -4.71 65.60 32.31
N GLY Q 31 -6.03 65.60 32.50
CA GLY Q 31 -6.88 66.63 31.92
C GLY Q 31 -7.03 66.53 30.42
N MET Q 32 -6.89 65.34 29.85
CA MET Q 32 -6.88 65.19 28.40
C MET Q 32 -7.75 64.05 27.87
N TYR Q 33 -8.06 63.04 28.67
CA TYR Q 33 -8.68 61.83 28.12
C TYR Q 33 -10.06 62.10 27.50
N PRO Q 34 -11.03 62.69 28.19
CA PRO Q 34 -12.30 62.97 27.53
C PRO Q 34 -12.36 64.38 26.97
N THR Q 35 -13.11 64.51 25.87
CA THR Q 35 -13.38 65.77 25.16
C THR Q 35 -12.14 66.39 24.54
N VAL Q 36 -10.96 65.78 24.70
CA VAL Q 36 -9.74 66.32 24.09
C VAL Q 36 -9.07 65.23 23.27
N ALA Q 37 -8.77 64.10 23.91
CA ALA Q 37 -8.21 62.98 23.19
C ALA Q 37 -9.19 62.45 22.14
N GLY Q 38 -10.49 62.51 22.45
CA GLY Q 38 -11.48 62.07 21.48
C GLY Q 38 -11.46 62.90 20.21
N LYS Q 39 -11.28 64.21 20.33
CA LYS Q 39 -11.20 65.06 19.16
C LYS Q 39 -9.96 64.72 18.33
N ILE Q 40 -8.85 64.44 18.99
CA ILE Q 40 -7.62 64.11 18.27
C ILE Q 40 -7.78 62.79 17.52
N VAL Q 41 -8.33 61.78 18.19
CA VAL Q 41 -8.43 60.46 17.57
C VAL Q 41 -9.59 60.35 16.58
N SER Q 42 -10.54 61.28 16.61
CA SER Q 42 -11.71 61.21 15.74
C SER Q 42 -11.52 61.95 14.43
N HIS Q 43 -10.35 62.53 14.18
CA HIS Q 43 -10.13 63.33 12.99
C HIS Q 43 -8.98 62.76 12.17
N GLY Q 44 -8.83 63.30 10.95
CA GLY Q 44 -8.03 62.68 9.95
C GLY Q 44 -6.54 62.74 10.23
N PRO Q 45 -5.75 62.22 9.29
CA PRO Q 45 -4.30 62.19 9.49
C PRO Q 45 -3.71 63.58 9.55
N TYR Q 46 -2.61 63.70 10.29
CA TYR Q 46 -1.91 64.95 10.48
C TYR Q 46 -0.48 64.82 9.95
N SER Q 47 -0.07 65.78 9.12
CA SER Q 47 1.31 65.80 8.66
C SER Q 47 2.27 66.25 9.77
N GLY Q 48 1.82 67.16 10.63
CA GLY Q 48 2.63 67.61 11.74
C GLY Q 48 1.75 67.91 12.94
N VAL Q 49 2.41 68.12 14.08
CA VAL Q 49 1.67 68.41 15.32
C VAL Q 49 0.90 69.71 15.19
N SER Q 50 1.41 70.66 14.41
CA SER Q 50 0.71 71.92 14.21
C SER Q 50 -0.65 71.74 13.57
N ASP Q 51 -0.87 70.62 12.87
CA ASP Q 51 -2.16 70.38 12.25
C ASP Q 51 -3.27 70.14 13.28
N LEU Q 52 -2.91 69.85 14.53
CA LEU Q 52 -3.91 69.63 15.56
C LEU Q 52 -4.72 70.90 15.83
N TYR Q 53 -4.06 72.06 15.82
CA TYR Q 53 -4.67 73.30 16.26
C TYR Q 53 -5.68 73.85 15.27
N LYS Q 54 -5.70 73.30 14.07
CA LYS Q 54 -6.69 73.74 13.09
C LYS Q 54 -7.89 72.80 13.13
N ILE Q 55 -7.79 71.71 13.88
CA ILE Q 55 -8.91 70.79 14.00
C ILE Q 55 -10.17 71.60 14.21
N PRO Q 56 -11.15 71.40 13.33
CA PRO Q 56 -12.37 72.20 13.43
C PRO Q 56 -12.99 72.09 14.81
N GLY Q 57 -13.48 73.19 15.35
CA GLY Q 57 -14.16 73.14 16.63
C GLY Q 57 -13.27 73.19 17.85
N LEU Q 58 -12.06 72.66 17.74
CA LEU Q 58 -11.18 72.61 18.89
C LEU Q 58 -11.31 73.87 19.73
N SER Q 59 -11.88 73.74 20.92
CA SER Q 59 -12.03 74.89 21.80
C SER Q 59 -10.68 75.40 22.26
N SER Q 60 -10.69 76.54 22.94
CA SER Q 60 -9.45 77.11 23.43
C SER Q 60 -8.87 76.21 24.50
N ALA Q 61 -9.66 75.93 25.52
CA ALA Q 61 -9.15 75.11 26.62
C ALA Q 61 -8.46 73.86 26.10
N GLU Q 62 -9.06 73.21 25.09
CA GLU Q 62 -8.43 72.04 24.49
C GLU Q 62 -7.10 72.42 23.85
N ALA Q 63 -7.06 73.56 23.15
CA ALA Q 63 -5.81 73.99 22.55
C ALA Q 63 -4.75 74.23 23.61
N ASP Q 64 -5.13 74.84 24.73
CA ASP Q 64 -4.17 75.10 25.80
C ASP Q 64 -3.64 73.80 26.39
N VAL Q 65 -4.53 72.85 26.67
CA VAL Q 65 -4.07 71.60 27.29
C VAL Q 65 -3.23 70.79 26.31
N ILE Q 66 -3.49 70.92 25.00
CA ILE Q 66 -2.62 70.27 24.03
C ILE Q 66 -1.26 70.95 24.00
N LYS Q 67 -1.24 72.29 24.05
CA LYS Q 67 0.03 73.01 24.08
C LYS Q 67 0.83 72.66 25.32
N LYS Q 68 0.16 72.30 26.42
CA LYS Q 68 0.87 71.89 27.62
C LYS Q 68 1.69 70.64 27.39
N TYR Q 69 1.15 69.69 26.62
CA TYR Q 69 1.82 68.42 26.34
C TYR Q 69 2.33 68.33 24.91
N GLU Q 70 2.55 69.47 24.26
CA GLU Q 70 2.99 69.45 22.86
C GLU Q 70 4.34 68.75 22.70
N SER Q 71 5.17 68.75 23.74
CA SER Q 71 6.48 68.13 23.65
C SER Q 71 6.37 66.61 23.55
N ARG Q 72 5.42 66.01 24.28
CA ARG Q 72 5.32 64.55 24.32
C ARG Q 72 4.69 63.99 23.05
N LEU Q 73 3.80 64.73 22.40
CA LEU Q 73 3.17 64.26 21.18
C LEU Q 73 4.16 64.25 20.03
N THR Q 74 3.95 63.34 19.09
CA THR Q 74 4.76 63.27 17.89
C THR Q 74 3.88 62.81 16.73
N ALA Q 75 4.30 63.16 15.52
CA ALA Q 75 3.56 62.84 14.31
C ALA Q 75 4.36 61.88 13.46
N LYS Q 76 3.78 60.72 13.17
CA LYS Q 76 4.38 59.72 12.30
C LYS Q 76 3.44 59.43 11.13
N THR Q 77 3.92 58.64 10.19
CA THR Q 77 3.12 58.29 9.04
C THR Q 77 1.96 57.39 9.46
N PRO Q 78 0.75 57.66 8.99
CA PRO Q 78 -0.40 56.83 9.38
C PRO Q 78 -0.29 55.43 8.82
N SER Q 79 -0.90 54.49 9.52
CA SER Q 79 -0.98 53.10 9.09
C SER Q 79 -2.44 52.67 9.19
N PRO Q 80 -3.00 52.06 8.14
CA PRO Q 80 -4.46 51.82 8.16
C PRO Q 80 -4.92 50.92 9.28
N ASP Q 81 -4.19 49.82 9.53
CA ASP Q 81 -4.59 48.87 10.56
C ASP Q 81 -4.58 49.49 11.95
N TYR Q 82 -3.90 50.63 12.13
CA TYR Q 82 -3.89 51.32 13.40
C TYR Q 82 -4.81 52.53 13.44
N VAL Q 83 -4.94 53.26 12.33
CA VAL Q 83 -5.86 54.39 12.32
C VAL Q 83 -7.30 53.90 12.41
N ILE Q 84 -7.59 52.70 11.92
CA ILE Q 84 -8.95 52.18 12.02
C ILE Q 84 -9.34 51.93 13.47
N ASP Q 85 -8.37 51.67 14.35
CA ASP Q 85 -8.64 51.29 15.73
C ASP Q 85 -8.31 52.40 16.73
N ARG Q 86 -8.29 53.66 16.29
CA ARG Q 86 -7.94 54.75 17.19
C ARG Q 86 -8.99 54.92 18.28
N ILE Q 87 -10.27 54.85 17.93
CA ILE Q 87 -11.32 55.10 18.90
C ILE Q 87 -11.45 53.94 19.87
N ASN Q 88 -11.45 52.70 19.37
CA ASN Q 88 -11.63 51.52 20.18
C ASN Q 88 -10.55 50.50 19.81
N ASN Q 89 -9.49 50.44 20.63
CA ASN Q 89 -8.39 49.53 20.35
C ASN Q 89 -8.84 48.08 20.39
N GLY Q 90 -9.69 47.74 21.35
CA GLY Q 90 -10.15 46.38 21.50
C GLY Q 90 -9.89 45.84 22.90
N LEU Q 91 -8.73 46.16 23.46
CA LEU Q 91 -8.40 45.69 24.80
C LEU Q 91 -9.07 46.57 25.85
N TYR Q 92 -9.34 45.96 27.00
CA TYR Q 92 -9.96 46.67 28.12
C TYR Q 92 -9.16 46.43 29.40
N ILE R 1 1.87 37.89 59.23
CA ILE R 1 1.67 39.32 59.15
C ILE R 1 0.21 39.66 59.45
N ASP R 2 -0.02 40.78 60.14
CA ASP R 2 -1.35 41.23 60.49
C ASP R 2 -1.69 42.51 59.75
N LEU R 3 -2.94 42.94 59.92
CA LEU R 3 -3.36 44.27 59.49
C LEU R 3 -2.98 45.23 60.61
N ASP R 4 -1.71 45.59 60.63
CA ASP R 4 -1.13 46.33 61.74
C ASP R 4 -1.39 47.82 61.57
N GLU R 5 -0.81 48.62 62.48
CA GLU R 5 -0.96 50.06 62.44
C GLU R 5 -0.31 50.64 61.19
N ALA R 6 0.84 50.09 60.78
CA ALA R 6 1.58 50.64 59.66
C ALA R 6 0.79 50.53 58.35
N THR R 7 0.10 49.41 58.14
CA THR R 7 -0.59 49.18 56.89
C THR R 7 -1.99 49.77 56.86
N ARG R 8 -2.49 50.30 57.97
CA ARG R 8 -3.80 50.92 58.03
C ARG R 8 -3.74 52.44 57.92
N THR R 9 -2.58 53.00 57.59
CA THR R 9 -2.42 54.43 57.44
C THR R 9 -2.54 54.82 55.98
N VAL R 10 -3.44 55.75 55.69
CA VAL R 10 -3.72 56.17 54.32
C VAL R 10 -3.72 57.70 54.26
N VAL R 11 -3.54 58.21 53.04
CA VAL R 11 -3.56 59.65 52.81
C VAL R 11 -4.96 60.19 53.06
N VAL R 12 -5.06 61.30 53.76
CA VAL R 12 -6.38 61.82 54.07
C VAL R 12 -6.66 63.07 53.28
N ASP R 13 -5.61 63.75 52.83
CA ASP R 13 -5.82 65.01 52.13
C ASP R 13 -4.74 65.30 51.11
N ASN R 14 -4.98 66.29 50.26
CA ASN R 14 -4.03 66.61 49.22
C ASN R 14 -2.66 66.86 49.80
N ALA R 15 -2.60 67.65 50.85
CA ALA R 15 -1.32 67.93 51.49
C ALA R 15 -0.53 66.65 51.60
N GLY R 16 -1.11 65.65 52.23
CA GLY R 16 -0.42 64.38 52.41
C GLY R 16 -0.68 63.83 53.79
N ASN R 17 -1.32 64.62 54.63
CA ASN R 17 -1.65 64.15 55.96
C ASN R 17 -2.13 62.73 55.89
N THR R 18 -1.74 61.91 56.84
CA THR R 18 -2.13 60.51 56.82
C THR R 18 -2.81 60.08 58.09
N THR R 19 -4.10 59.77 57.99
CA THR R 19 -4.84 59.29 59.14
C THR R 19 -4.82 57.76 59.15
N VAL R 20 -5.42 57.18 60.18
CA VAL R 20 -5.41 55.74 60.40
C VAL R 20 -6.84 55.25 60.53
N LEU R 21 -7.17 54.20 59.80
CA LEU R 21 -8.51 53.62 59.81
C LEU R 21 -8.60 52.58 60.91
N THR R 22 -9.58 52.73 61.78
CA THR R 22 -9.84 51.73 62.80
C THR R 22 -10.35 50.45 62.14
N PRO R 23 -10.09 49.28 62.75
CA PRO R 23 -10.50 48.02 62.12
C PRO R 23 -11.98 47.98 61.81
N GLU R 24 -12.79 48.59 62.67
CA GLU R 24 -14.21 48.64 62.43
C GLU R 24 -14.48 49.33 61.12
N GLN R 25 -13.77 50.42 60.88
CA GLN R 25 -13.97 51.17 59.67
C GLN R 25 -13.71 50.25 58.51
N VAL R 26 -12.61 49.53 58.54
CA VAL R 26 -12.27 48.64 57.45
C VAL R 26 -13.43 47.71 57.14
N LYS R 27 -13.91 47.01 58.16
CA LYS R 27 -15.02 46.09 57.97
C LYS R 27 -16.21 46.77 57.34
N ARG R 28 -16.67 47.85 57.96
CA ARG R 28 -17.86 48.51 57.44
C ARG R 28 -17.68 48.87 55.97
N GLY R 29 -16.50 49.37 55.61
CA GLY R 29 -16.23 49.72 54.24
C GLY R 29 -16.39 48.51 53.36
N LYS R 30 -15.55 47.51 53.58
CA LYS R 30 -15.61 46.32 52.75
C LYS R 30 -17.05 45.87 52.58
N ARG R 31 -17.86 46.01 53.62
CA ARG R 31 -19.27 45.65 53.47
C ARG R 31 -19.98 46.65 52.58
N LEU R 32 -19.92 47.92 52.92
CA LEU R 32 -20.65 48.91 52.14
C LEU R 32 -20.20 48.94 50.69
N PHE R 33 -18.88 48.86 50.45
CA PHE R 33 -18.38 48.85 49.08
C PHE R 33 -18.89 47.65 48.33
N ASN R 34 -18.85 46.47 48.94
CA ASN R 34 -19.34 45.29 48.24
C ASN R 34 -20.83 45.35 48.02
N ALA R 35 -21.57 46.00 48.92
CA ALA R 35 -23.02 46.07 48.76
C ALA R 35 -23.43 47.05 47.66
N THR R 36 -22.77 48.21 47.59
CA THR R 36 -23.18 49.25 46.65
C THR R 36 -22.24 49.36 45.45
N CYS R 37 -20.95 49.48 45.69
CA CYS R 37 -19.99 49.65 44.60
C CYS R 37 -19.73 48.35 43.86
N GLY R 38 -19.85 47.21 44.55
CA GLY R 38 -19.25 45.98 44.08
C GLY R 38 -19.73 45.56 42.70
N ALA R 39 -21.02 45.72 42.44
CA ALA R 39 -21.60 45.22 41.20
C ALA R 39 -20.88 45.73 39.97
N CYS R 40 -20.39 46.97 40.01
CA CYS R 40 -19.69 47.56 38.87
C CYS R 40 -18.21 47.76 39.10
N HIS R 41 -17.76 47.86 40.35
CA HIS R 41 -16.36 48.11 40.65
C HIS R 41 -15.70 46.95 41.39
N VAL R 42 -16.17 45.72 41.13
CA VAL R 42 -15.53 44.56 41.72
C VAL R 42 -14.08 44.48 41.27
N GLY R 43 -13.19 44.23 42.22
CA GLY R 43 -11.78 44.08 41.92
C GLY R 43 -11.04 45.37 41.61
N GLY R 44 -11.67 46.53 41.83
CA GLY R 44 -11.00 47.78 41.58
C GLY R 44 -10.97 48.21 40.13
N ILE R 45 -11.83 47.66 39.29
CA ILE R 45 -11.92 48.06 37.89
C ILE R 45 -13.34 48.54 37.63
N THR R 46 -13.48 49.41 36.63
CA THR R 46 -14.78 49.90 36.21
C THR R 46 -15.31 48.99 35.13
N LYS R 47 -16.45 48.34 35.39
CA LYS R 47 -16.96 47.33 34.47
C LYS R 47 -17.56 47.98 33.23
N THR R 48 -18.27 49.10 33.38
CA THR R 48 -18.92 49.73 32.25
C THR R 48 -17.94 50.55 31.40
N ASN R 49 -16.97 51.20 32.04
CA ASN R 49 -15.98 52.02 31.35
C ASN R 49 -14.59 51.62 31.81
N PRO R 50 -14.02 50.58 31.22
CA PRO R 50 -12.74 50.06 31.73
C PRO R 50 -11.58 51.04 31.67
N ASN R 51 -11.69 52.09 30.85
CA ASN R 51 -10.59 53.07 30.78
C ASN R 51 -10.39 53.77 32.12
N VAL R 52 -11.47 54.18 32.77
CA VAL R 52 -11.40 54.94 34.02
C VAL R 52 -11.45 53.92 35.15
N GLY R 53 -10.27 53.41 35.53
CA GLY R 53 -10.17 52.42 36.58
C GLY R 53 -10.24 53.03 37.96
N LEU R 54 -10.08 52.16 38.96
CA LEU R 54 -10.15 52.55 40.35
C LEU R 54 -8.82 52.37 41.09
N ASP R 55 -7.79 51.88 40.41
CA ASP R 55 -6.50 51.69 41.05
C ASP R 55 -5.87 53.04 41.39
N PRO R 56 -4.95 53.05 42.37
CA PRO R 56 -4.38 54.35 42.81
C PRO R 56 -3.69 55.12 41.70
N GLU R 57 -3.09 54.44 40.72
CA GLU R 57 -2.41 55.14 39.65
C GLU R 57 -3.38 56.00 38.84
N ALA R 58 -4.53 55.43 38.48
CA ALA R 58 -5.51 56.21 37.71
C ALA R 58 -6.10 57.33 38.53
N LEU R 59 -6.34 57.09 39.83
CA LEU R 59 -6.81 58.17 40.70
C LEU R 59 -5.79 59.30 40.78
N SER R 60 -4.50 58.97 40.73
CA SER R 60 -3.46 59.99 40.76
C SER R 60 -3.45 60.85 39.51
N LEU R 61 -3.94 60.34 38.39
CA LEU R 61 -3.94 61.08 37.13
C LEU R 61 -5.26 61.77 36.83
N ALA R 62 -6.25 61.63 37.70
CA ALA R 62 -7.52 62.31 37.47
C ALA R 62 -7.39 63.79 37.78
N THR R 63 -8.35 64.56 37.31
CA THR R 63 -8.40 66.01 37.54
C THR R 63 -9.67 66.38 38.28
N PRO R 64 -9.60 66.79 39.55
CA PRO R 64 -8.37 66.90 40.35
C PRO R 64 -7.87 65.56 40.86
N ARG R 65 -6.80 65.58 41.65
CA ARG R 65 -6.27 64.35 42.22
C ARG R 65 -7.34 63.64 43.03
N ARG R 66 -7.46 62.32 42.82
CA ARG R 66 -8.43 61.50 43.54
C ARG R 66 -7.76 60.43 44.38
N ASP R 67 -6.50 60.61 44.74
CA ASP R 67 -5.73 59.62 45.48
C ASP R 67 -5.67 59.94 46.97
N ASN R 68 -6.74 60.48 47.53
CA ASN R 68 -6.83 60.70 48.96
C ASN R 68 -8.28 60.59 49.37
N ILE R 69 -8.51 60.43 50.68
CA ILE R 69 -9.87 60.17 51.16
C ILE R 69 -10.77 61.37 50.87
N ASN R 70 -10.26 62.58 51.10
CA ASN R 70 -11.12 63.76 50.97
C ASN R 70 -11.64 63.93 49.56
N ALA R 71 -10.79 63.73 48.54
CA ALA R 71 -11.25 63.91 47.17
C ALA R 71 -12.23 62.82 46.78
N LEU R 72 -12.03 61.59 47.25
CA LEU R 72 -13.00 60.53 46.97
C LEU R 72 -14.35 60.85 47.60
N VAL R 73 -14.34 61.34 48.84
CA VAL R 73 -15.59 61.69 49.51
C VAL R 73 -16.28 62.84 48.79
N ASP R 74 -15.51 63.83 48.34
CA ASP R 74 -16.10 64.92 47.56
C ASP R 74 -16.65 64.42 46.24
N TYR R 75 -15.94 63.49 45.60
CA TYR R 75 -16.40 62.90 44.35
C TYR R 75 -17.75 62.21 44.54
N ILE R 76 -17.90 61.50 45.65
CA ILE R 76 -19.20 60.93 45.97
C ILE R 76 -20.23 62.03 46.17
N LYS R 77 -19.86 63.10 46.89
CA LYS R 77 -20.77 64.22 47.03
C LYS R 77 -21.06 64.87 45.68
N ASN R 78 -20.07 64.94 44.79
CA ASN R 78 -20.21 65.65 43.52
C ASN R 78 -19.26 65.02 42.51
N PRO R 79 -19.75 64.12 41.67
CA PRO R 79 -18.88 63.45 40.71
C PRO R 79 -18.68 64.29 39.46
N THR R 80 -17.47 64.23 38.91
CA THR R 80 -17.11 64.96 37.70
C THR R 80 -16.47 63.99 36.71
N THR R 81 -16.14 64.51 35.54
CA THR R 81 -15.48 63.70 34.52
C THR R 81 -14.03 63.44 34.92
N TYR R 82 -13.31 62.70 34.06
CA TYR R 82 -11.93 62.39 34.35
C TYR R 82 -11.07 63.65 34.41
N ASP R 83 -11.35 64.60 33.53
CA ASP R 83 -10.69 65.89 33.55
C ASP R 83 -11.42 66.94 34.37
N GLY R 84 -12.56 66.59 34.96
CA GLY R 84 -13.25 67.52 35.84
C GLY R 84 -13.89 68.71 35.16
N LEU R 85 -14.17 68.63 33.86
CA LEU R 85 -14.79 69.75 33.16
C LEU R 85 -16.26 69.92 33.55
N GLU R 86 -17.01 68.83 33.69
CA GLU R 86 -18.42 68.96 34.06
C GLU R 86 -18.80 67.82 35.00
N SER R 87 -20.01 67.91 35.52
CA SER R 87 -20.53 66.92 36.46
C SER R 87 -21.30 65.84 35.72
N ILE R 88 -21.14 64.59 36.16
CA ILE R 88 -21.81 63.46 35.55
C ILE R 88 -22.76 62.83 36.56
N ALA R 89 -23.29 63.65 37.47
CA ALA R 89 -24.12 63.13 38.54
C ALA R 89 -25.36 62.44 38.01
N GLU R 90 -25.87 62.86 36.84
CA GLU R 90 -27.06 62.26 36.28
C GLU R 90 -26.82 60.87 35.70
N VAL R 91 -25.56 60.43 35.59
CA VAL R 91 -25.26 59.15 34.98
C VAL R 91 -24.31 58.37 35.89
N HIS R 92 -24.15 58.86 37.12
CA HIS R 92 -23.30 58.16 38.08
C HIS R 92 -23.90 58.24 39.46
N PRO R 93 -23.77 57.20 40.28
CA PRO R 93 -24.26 57.27 41.66
C PRO R 93 -23.59 58.39 42.44
N SER R 94 -24.39 59.14 43.19
CA SER R 94 -23.87 60.26 43.95
C SER R 94 -24.93 60.72 44.95
N ILE R 95 -24.48 61.50 45.93
CA ILE R 95 -25.42 62.12 46.85
C ILE R 95 -26.23 63.19 46.13
N LYS R 96 -25.64 63.89 45.19
CA LYS R 96 -26.38 64.88 44.40
C LYS R 96 -27.53 64.21 43.65
N SER R 97 -27.28 63.07 43.04
CA SER R 97 -28.33 62.28 42.41
C SER R 97 -28.88 61.22 43.35
N ALA R 98 -29.27 61.64 44.55
CA ALA R 98 -29.89 60.70 45.48
C ALA R 98 -31.29 60.33 45.01
N ASP R 99 -32.02 61.27 44.42
CA ASP R 99 -33.34 60.97 43.88
C ASP R 99 -33.25 59.94 42.76
N ILE R 100 -32.26 60.08 41.88
CA ILE R 100 -32.13 59.18 40.75
C ILE R 100 -31.74 57.78 41.22
N TYR R 101 -30.74 57.70 42.10
CA TYR R 101 -30.25 56.41 42.60
C TYR R 101 -30.70 56.23 44.05
N PRO R 102 -31.64 55.32 44.33
CA PRO R 102 -32.12 55.17 45.71
C PRO R 102 -31.13 54.52 46.65
N ARG R 103 -29.99 54.03 46.16
CA ARG R 103 -29.04 53.35 47.02
C ARG R 103 -28.43 54.27 48.05
N MET R 104 -28.16 55.51 47.65
CA MET R 104 -27.49 56.45 48.54
C MET R 104 -28.46 57.20 49.41
N ARG R 105 -29.74 56.86 49.33
CA ARG R 105 -30.72 57.61 50.09
C ARG R 105 -30.49 57.43 51.58
N SER R 106 -29.57 56.55 51.94
CA SER R 106 -29.34 56.27 53.36
C SER R 106 -27.90 56.43 53.79
N LEU R 107 -26.98 56.59 52.85
CA LEU R 107 -25.56 56.65 53.20
C LEU R 107 -25.24 57.86 54.05
N THR R 108 -24.38 57.68 55.04
CA THR R 108 -24.01 58.78 55.92
C THR R 108 -22.58 59.17 55.68
N ASP R 109 -22.11 60.16 56.41
CA ASP R 109 -20.75 60.65 56.21
C ASP R 109 -19.76 59.57 56.56
N GLU R 110 -19.90 59.00 57.74
CA GLU R 110 -18.97 57.98 58.16
C GLU R 110 -18.98 56.89 57.12
N ASP R 111 -20.17 56.57 56.62
CA ASP R 111 -20.25 55.56 55.57
C ASP R 111 -19.36 55.93 54.39
N LEU R 112 -19.45 57.18 53.93
CA LEU R 112 -18.61 57.64 52.83
C LEU R 112 -17.14 57.59 53.21
N TYR R 113 -16.82 58.01 54.43
CA TYR R 113 -15.43 57.97 54.89
C TYR R 113 -14.89 56.56 54.89
N SER R 114 -15.69 55.59 55.36
CA SER R 114 -15.25 54.21 55.40
C SER R 114 -15.10 53.63 53.99
N ILE R 115 -16.01 53.97 53.08
CA ILE R 115 -15.91 53.49 51.70
C ILE R 115 -14.65 54.02 51.05
N ALA R 116 -14.38 55.32 51.22
CA ALA R 116 -13.17 55.91 50.68
C ALA R 116 -11.93 55.29 51.30
N GLY R 117 -11.97 55.04 52.61
CA GLY R 117 -10.85 54.38 53.26
C GLY R 117 -10.60 52.99 52.72
N HIS R 118 -11.65 52.23 52.46
CA HIS R 118 -11.49 50.91 51.87
C HIS R 118 -10.88 51.01 50.48
N ILE R 119 -11.34 51.95 49.67
CA ILE R 119 -10.79 52.13 48.33
C ILE R 119 -9.31 52.50 48.41
N MET R 120 -8.93 53.31 49.40
CA MET R 120 -7.53 53.69 49.54
C MET R 120 -6.68 52.55 50.08
N LEU R 121 -7.26 51.71 50.94
CA LEU R 121 -6.48 50.74 51.69
C LEU R 121 -6.27 49.46 50.90
N SER R 122 -7.26 49.02 50.13
CA SER R 122 -7.15 47.76 49.43
C SER R 122 -5.92 47.66 48.52
N PRO R 123 -5.54 48.70 47.74
CA PRO R 123 -4.29 48.61 46.98
C PRO R 123 -3.05 48.55 47.86
N LYS R 124 -3.13 48.95 49.13
CA LYS R 124 -1.98 48.78 50.00
C LYS R 124 -1.82 47.34 50.46
N ILE R 125 -2.93 46.59 50.51
CA ILE R 125 -2.85 45.19 50.87
C ILE R 125 -2.51 44.33 49.66
N ALA R 126 -3.36 44.36 48.63
CA ALA R 126 -3.13 43.51 47.47
C ALA R 126 -1.90 43.97 46.69
N SER R 127 -1.81 45.27 46.40
CA SER R 127 -0.63 45.94 45.87
C SER R 127 -0.34 45.61 44.41
N GLU R 128 -1.16 44.78 43.80
CA GLU R 128 -0.96 44.57 42.35
C GLU R 128 -2.24 44.12 41.67
N LYS R 129 -3.25 43.78 42.44
CA LYS R 129 -4.46 43.26 41.86
C LYS R 129 -5.60 44.26 41.93
N TRP R 130 -5.49 45.25 42.79
CA TRP R 130 -6.53 46.26 42.84
C TRP R 130 -6.58 47.00 41.53
N GLY R 131 -7.47 46.58 40.65
CA GLY R 131 -7.62 47.24 39.38
C GLY R 131 -6.80 46.56 38.32
N GLY R 132 -6.06 45.53 38.70
CA GLY R 132 -5.28 44.79 37.74
C GLY R 132 -6.11 44.14 36.66
N GLY R 133 -7.04 43.29 37.06
CA GLY R 133 -7.87 42.60 36.09
C GLY R 133 -7.53 41.13 35.99
N LYS R 134 -8.20 40.43 35.07
CA LYS R 134 -7.98 39.00 34.93
C LYS R 134 -6.54 38.61 35.11
N ILE R 135 -5.66 39.14 34.26
CA ILE R 135 -4.25 38.77 34.31
C ILE R 135 -3.76 38.49 35.72
N TYR R 136 -4.21 39.26 36.70
CA TYR R 136 -3.72 39.10 38.06
C TYR R 136 -4.83 38.73 39.02
N ALA S 1 -40.11 33.13 7.58
CA ALA S 1 -39.58 32.39 8.71
C ALA S 1 -40.21 32.82 10.02
N ARG S 2 -39.69 33.86 10.64
CA ARG S 2 -40.20 34.31 11.92
C ARG S 2 -41.55 34.98 11.84
N PHE S 3 -42.25 34.81 10.73
CA PHE S 3 -43.52 35.48 10.55
C PHE S 3 -44.65 34.79 11.31
N ALA S 4 -44.51 34.67 12.63
CA ALA S 4 -45.57 34.06 13.43
C ALA S 4 -46.23 32.94 12.65
N ASN S 5 -47.48 33.12 12.19
CA ASN S 5 -48.20 32.16 11.30
C ASN S 5 -49.08 31.11 11.98
N GLY S 6 -50.34 31.03 11.56
CA GLY S 6 -51.25 30.05 12.11
C GLY S 6 -50.69 28.76 11.59
N LYS S 7 -50.29 27.87 12.47
CA LYS S 7 -49.63 26.66 12.02
C LYS S 7 -48.55 27.25 11.14
N PRO S 8 -48.20 26.58 10.06
CA PRO S 8 -47.20 27.29 9.25
C PRO S 8 -47.65 27.42 7.82
N GLN S 9 -48.96 27.35 7.60
CA GLN S 9 -49.50 27.46 6.27
C GLN S 9 -49.28 28.86 5.78
N SER S 10 -48.56 29.01 4.68
CA SER S 10 -48.36 30.31 4.09
C SER S 10 -49.14 30.42 2.80
N ILE S 11 -49.35 29.30 2.14
CA ILE S 11 -50.05 29.30 0.87
C ILE S 11 -51.27 28.40 0.92
N GLU S 12 -52.41 28.92 0.51
CA GLU S 12 -53.62 28.11 0.61
C GLU S 12 -53.42 26.71 0.06
N ALA S 13 -52.50 26.56 -0.90
CA ALA S 13 -52.22 25.23 -1.43
C ALA S 13 -51.69 24.31 -0.34
N LYS S 14 -50.78 24.82 0.51
CA LYS S 14 -50.19 23.99 1.56
C LYS S 14 -51.24 23.48 2.53
N TYR S 15 -52.18 24.33 2.92
CA TYR S 15 -53.24 23.86 3.81
C TYR S 15 -54.17 22.89 3.09
N ILE S 16 -54.61 23.25 1.89
CA ILE S 16 -55.55 22.41 1.15
C ILE S 16 -54.92 21.07 0.78
N MET S 17 -53.60 20.93 0.89
CA MET S 17 -52.98 19.65 0.60
C MET S 17 -52.52 18.89 1.84
N ARG S 18 -52.20 19.58 2.94
CA ARG S 18 -52.11 18.89 4.22
C ARG S 18 -53.47 18.38 4.65
N SER S 19 -54.53 18.87 4.00
CA SER S 19 -55.86 18.33 4.24
C SER S 19 -56.06 16.87 3.80
N PRO S 20 -55.89 16.50 2.52
CA PRO S 20 -56.31 15.16 2.11
C PRO S 20 -55.61 14.03 2.83
N ALA S 21 -54.41 14.23 3.38
CA ALA S 21 -53.77 13.14 4.10
C ALA S 21 -54.52 12.82 5.38
N GLU S 22 -54.82 13.84 6.19
CA GLU S 22 -55.60 13.60 7.40
C GLU S 22 -56.98 13.07 7.06
N TRP S 23 -57.61 13.59 6.00
CA TRP S 23 -58.95 13.10 5.68
C TRP S 23 -58.91 11.67 5.13
N ASP S 24 -57.87 11.32 4.37
CA ASP S 24 -57.66 9.95 3.94
C ASP S 24 -57.57 9.02 5.14
N ARG S 25 -56.80 9.44 6.15
CA ARG S 25 -56.72 8.63 7.36
C ARG S 25 -58.05 8.53 8.08
N PHE S 26 -58.79 9.63 8.16
CA PHE S 26 -60.11 9.57 8.80
C PHE S 26 -61.00 8.58 8.07
N MET S 27 -60.93 8.55 6.74
CA MET S 27 -61.78 7.63 5.99
C MET S 27 -61.39 6.18 6.23
N ARG S 28 -60.09 5.87 6.16
CA ARG S 28 -59.66 4.49 6.40
C ARG S 28 -59.99 4.05 7.82
N PHE S 29 -59.95 4.98 8.78
CA PHE S 29 -60.29 4.66 10.16
C PHE S 29 -61.79 4.45 10.32
N MET S 30 -62.60 5.31 9.70
CA MET S 30 -64.05 5.15 9.67
C MET S 30 -64.47 3.85 9.02
N ASP S 31 -63.67 3.32 8.09
CA ASP S 31 -64.03 2.08 7.43
C ASP S 31 -64.25 0.97 8.45
N ARG S 32 -63.38 0.86 9.46
CA ARG S 32 -63.62 -0.11 10.51
C ARG S 32 -64.68 0.39 11.49
N TYR S 33 -64.55 1.64 11.93
CA TYR S 33 -65.38 2.17 13.02
C TYR S 33 -66.48 3.02 12.41
N ALA S 34 -67.69 2.47 12.38
CA ALA S 34 -68.86 3.18 11.88
C ALA S 34 -70.09 2.58 12.54
N GLU S 35 -71.09 3.44 12.74
CA GLU S 35 -72.34 3.06 13.39
C GLU S 35 -72.08 2.49 14.79
N ALA S 36 -71.38 3.26 15.61
CA ALA S 36 -71.09 2.89 16.98
C ALA S 36 -71.63 3.97 17.90
N ASN S 37 -72.55 3.60 18.79
CA ASN S 37 -73.09 4.56 19.75
C ASN S 37 -73.03 4.06 21.19
N GLY S 38 -73.28 2.79 21.43
CA GLY S 38 -73.37 2.28 22.78
C GLY S 38 -72.27 1.31 23.16
N LEU S 39 -72.66 0.16 23.71
CA LEU S 39 -71.72 -0.88 24.13
C LEU S 39 -70.73 -0.35 25.17
N GLY S 40 -71.28 0.11 26.29
CA GLY S 40 -70.46 0.54 27.42
C GLY S 40 -69.99 -0.64 28.24
N PHE S 41 -68.68 -0.90 28.23
CA PHE S 41 -68.16 -2.09 28.88
C PHE S 41 -68.17 -1.97 30.40
N SER S 42 -67.90 -0.77 30.92
CA SER S 42 -67.88 -0.51 32.36
C SER S 42 -66.88 -1.43 33.07
N SER S 43 -65.62 -1.30 32.68
CA SER S 43 -64.54 -2.07 33.29
C SER S 43 -63.24 -1.33 33.11
N UNK S 44 -62.23 -1.74 33.86
CA UNK S 44 -60.95 -1.04 33.89
C UNK S 44 -60.21 -1.30 32.58
N UNK S 45 -60.34 -0.37 31.64
CA UNK S 45 -59.58 -0.39 30.39
C UNK S 45 -59.83 -1.67 29.60
N UNK S 46 -61.06 -2.15 29.62
CA UNK S 46 -61.38 -3.39 28.92
C UNK S 46 -61.51 -3.15 27.42
N UNK S 47 -62.51 -2.37 27.02
CA UNK S 47 -62.82 -2.15 25.60
C UNK S 47 -62.82 -3.46 24.82
N UNK S 48 -63.29 -4.53 25.47
CA UNK S 48 -63.31 -5.84 24.83
C UNK S 48 -64.24 -5.85 23.62
N UNK S 49 -65.41 -5.22 23.75
CA UNK S 49 -66.36 -5.19 22.65
C UNK S 49 -65.80 -4.41 21.48
N UNK S 50 -65.84 -5.01 20.29
CA UNK S 50 -65.33 -4.37 19.10
C UNK S 50 -66.37 -3.44 18.48
N MET T 1 30.36 4.41 56.30
CA MET T 1 29.36 4.51 57.35
C MET T 1 28.98 5.96 57.58
N THR T 2 28.09 6.48 56.73
CA THR T 2 27.62 7.85 56.85
C THR T 2 26.34 7.88 57.67
N ALA T 3 25.74 9.07 57.77
CA ALA T 3 24.44 9.18 58.43
C ALA T 3 23.37 8.42 57.65
N SER T 4 23.46 8.45 56.31
CA SER T 4 22.47 7.77 55.49
C SER T 4 22.50 6.26 55.71
N LEU T 5 23.70 5.68 55.78
CA LEU T 5 23.81 4.23 55.97
C LEU T 5 23.29 3.81 57.34
N SER T 6 23.61 4.60 58.37
CA SER T 6 23.09 4.30 59.71
C SER T 6 21.58 4.37 59.73
N ASN T 7 21.00 5.40 59.11
CA ASN T 7 19.55 5.52 59.07
C ASN T 7 18.93 4.35 58.31
N PHE T 8 19.58 3.92 57.22
CA PHE T 8 19.06 2.82 56.42
C PHE T 8 19.04 1.52 57.22
N ILE T 9 20.14 1.20 57.92
CA ILE T 9 20.17 -0.03 58.68
C ILE T 9 19.21 0.05 59.87
N ALA T 10 19.07 1.22 60.48
CA ALA T 10 18.09 1.38 61.55
C ALA T 10 16.67 1.17 61.03
N SER T 11 16.39 1.62 59.81
CA SER T 11 15.10 1.35 59.21
C SER T 11 14.89 -0.14 58.98
N LEU T 12 15.94 -0.83 58.55
CA LEU T 12 15.86 -2.29 58.42
C LEU T 12 15.48 -2.93 59.75
N ILE T 13 16.07 -2.43 60.85
CA ILE T 13 15.75 -2.97 62.16
C ILE T 13 14.32 -2.65 62.56
N ALA T 14 13.84 -1.45 62.20
CA ALA T 14 12.45 -1.12 62.49
C ALA T 14 11.50 -2.05 61.76
N GLY T 15 11.78 -2.34 60.49
CA GLY T 15 10.99 -3.33 59.78
C GLY T 15 11.05 -4.69 60.44
N GLY T 16 12.25 -5.08 60.90
CA GLY T 16 12.39 -6.33 61.62
C GLY T 16 11.53 -6.39 62.85
N VAL T 17 11.52 -5.32 63.65
CA VAL T 17 10.76 -5.34 64.89
C VAL T 17 9.26 -5.32 64.61
N VAL T 18 8.84 -4.64 63.54
CA VAL T 18 7.42 -4.64 63.20
C VAL T 18 6.97 -6.04 62.82
N VAL T 19 7.72 -6.70 61.93
CA VAL T 19 7.38 -8.06 61.56
C VAL T 19 7.43 -8.98 62.77
N GLY T 20 8.41 -8.76 63.65
CA GLY T 20 8.54 -9.60 64.83
C GLY T 20 7.39 -9.47 65.79
N VAL T 21 6.90 -8.24 66.01
CA VAL T 21 5.78 -8.07 66.93
C VAL T 21 4.50 -8.64 66.32
N ILE T 22 4.31 -8.48 65.00
CA ILE T 22 3.15 -9.11 64.38
C ILE T 22 3.20 -10.62 64.54
N ALA T 23 4.38 -11.21 64.31
CA ALA T 23 4.52 -12.66 64.45
C ALA T 23 4.30 -13.10 65.89
N ILE T 24 4.83 -12.35 66.85
CA ILE T 24 4.66 -12.71 68.26
C ILE T 24 3.19 -12.67 68.64
N ALA T 25 2.47 -11.65 68.18
CA ALA T 25 1.03 -11.58 68.45
C ALA T 25 0.30 -12.77 67.83
N LEU T 26 0.65 -13.13 66.59
CA LEU T 26 0.00 -14.27 65.96
C LEU T 26 0.28 -15.56 66.72
N ILE T 27 1.52 -15.77 67.14
CA ILE T 27 1.86 -16.98 67.88
C ILE T 27 1.10 -17.04 69.19
N VAL T 28 1.01 -15.93 69.91
CA VAL T 28 0.34 -16.01 71.18
C VAL T 28 -1.09 -16.44 71.00
N ILE T 29 -1.84 -15.74 70.16
CA ILE T 29 -3.25 -16.06 69.97
C ILE T 29 -3.46 -17.44 69.38
N SER T 30 -2.92 -17.69 68.21
CA SER T 30 -3.13 -18.96 67.54
C SER T 30 -3.01 -20.14 68.49
N LYS T 31 -2.08 -20.06 69.43
CA LYS T 31 -1.88 -21.16 70.36
C LYS T 31 -2.97 -21.17 71.40
N SER T 32 -3.23 -20.02 71.99
CA SER T 32 -4.23 -19.92 73.04
C SER T 32 -5.62 -19.85 72.45
N ASP T 33 -5.85 -20.58 71.37
CA ASP T 33 -7.14 -20.53 70.70
C ASP T 33 -7.18 -21.61 69.65
N ARG T 34 -6.73 -22.80 70.00
CA ARG T 34 -6.67 -23.89 69.05
C ARG T 34 -8.01 -24.08 68.35
N ASP U 1 -24.81 41.78 72.34
CA ASP U 1 -25.45 40.47 72.35
C ASP U 1 -26.26 40.23 71.09
N THR U 2 -25.90 39.22 70.31
CA THR U 2 -26.63 38.93 69.09
C THR U 2 -27.92 38.21 69.45
N ARG U 3 -28.83 38.93 70.09
CA ARG U 3 -30.08 38.32 70.46
C ARG U 3 -30.70 37.65 69.25
N LEU U 4 -30.30 38.07 68.05
CA LEU U 4 -30.80 37.38 66.87
C LEU U 4 -30.43 35.90 66.89
N LEU U 5 -29.20 35.58 67.28
CA LEU U 5 -28.80 34.18 67.34
C LEU U 5 -29.55 33.44 68.44
N VAL U 6 -29.64 34.05 69.62
CA VAL U 6 -30.36 33.46 70.74
C VAL U 6 -31.87 33.48 70.52
N ILE U 7 -32.32 34.10 69.43
CA ILE U 7 -33.74 34.11 69.10
C ILE U 7 -34.02 33.14 67.97
N ALA U 8 -33.06 32.96 67.08
CA ALA U 8 -33.23 32.13 65.90
C ALA U 8 -32.87 30.67 66.16
N ALA U 9 -31.87 30.41 66.99
CA ALA U 9 -31.63 29.02 67.37
C ALA U 9 -32.79 28.45 68.18
N PRO U 10 -33.23 29.04 69.31
CA PRO U 10 -34.29 28.41 70.11
C PRO U 10 -35.65 28.27 69.41
N VAL U 11 -35.92 29.02 68.35
CA VAL U 11 -37.21 28.84 67.70
C VAL U 11 -37.15 27.68 66.70
N LEU U 12 -36.10 27.65 65.88
CA LEU U 12 -35.75 26.42 65.15
C LEU U 12 -35.82 25.24 66.08
N VAL U 13 -35.32 25.43 67.30
CA VAL U 13 -35.37 24.46 68.37
C VAL U 13 -36.78 23.93 68.63
N ALA U 14 -37.65 24.79 69.15
CA ALA U 14 -38.98 24.30 69.51
C ALA U 14 -39.65 23.64 68.32
N ALA U 15 -39.51 24.24 67.13
CA ALA U 15 -40.17 23.69 65.96
C ALA U 15 -39.65 22.30 65.60
N SER U 16 -38.33 22.10 65.68
CA SER U 16 -37.78 20.81 65.29
C SER U 16 -38.19 19.72 66.25
N TRP U 17 -38.26 20.01 67.55
CA TRP U 17 -38.64 18.93 68.47
C TRP U 17 -40.16 18.71 68.58
N ALA U 18 -41.00 19.63 68.08
CA ALA U 18 -42.45 19.52 68.32
C ALA U 18 -43.09 18.27 67.72
N LEU U 19 -42.87 18.02 66.42
CA LEU U 19 -43.57 16.90 65.78
C LEU U 19 -43.12 15.58 66.37
N PHE U 20 -41.84 15.47 66.71
CA PHE U 20 -41.36 14.27 67.36
C PHE U 20 -42.02 14.13 68.73
N ASN U 21 -42.35 15.26 69.38
CA ASN U 21 -43.15 15.17 70.61
C ASN U 21 -44.51 14.55 70.35
N ILE U 22 -45.15 14.95 69.25
CA ILE U 22 -46.42 14.33 68.90
C ILE U 22 -46.26 12.83 68.73
N GLY U 23 -45.16 12.41 68.10
CA GLY U 23 -44.85 10.99 68.01
C GLY U 23 -44.70 10.34 69.37
N ARG U 24 -43.97 11.02 70.31
CA ARG U 24 -43.88 10.56 71.71
C ARG U 24 -45.23 10.23 72.25
N LEU U 25 -46.11 11.22 72.21
CA LEU U 25 -47.39 11.08 72.91
C LEU U 25 -48.23 9.98 72.27
N ALA U 26 -48.20 9.89 70.94
CA ALA U 26 -48.98 8.86 70.27
C ALA U 26 -48.50 7.46 70.65
N ILE U 27 -47.17 7.25 70.70
CA ILE U 27 -46.72 5.91 71.08
C ILE U 27 -46.96 5.65 72.56
N GLN U 28 -46.91 6.68 73.40
CA GLN U 28 -47.17 6.48 74.83
C GLN U 28 -48.60 6.04 75.07
N GLN U 29 -49.56 6.79 74.52
CA GLN U 29 -50.96 6.50 74.80
C GLN U 29 -51.51 5.42 73.91
N ILE U 30 -50.66 4.48 73.51
CA ILE U 30 -51.12 3.38 72.71
C ILE U 30 -52.12 3.87 71.69
N GLN U 31 -51.65 4.71 70.77
CA GLN U 31 -52.54 5.27 69.78
C GLN U 31 -52.48 4.50 68.48
N ARG U 32 -53.40 4.78 67.58
CA ARG U 32 -53.44 4.08 66.31
C ARG U 32 -52.38 4.65 65.38
N LEU U 33 -51.16 4.77 65.89
CA LEU U 33 -50.08 5.30 65.08
C LEU U 33 -50.06 4.61 63.73
N MET V 1 -50.64 46.51 72.15
CA MET V 1 -51.52 45.39 72.43
C MET V 1 -51.38 44.33 71.35
N ILE V 2 -51.46 44.76 70.10
CA ILE V 2 -51.36 43.82 69.00
C ILE V 2 -50.26 42.83 69.29
N THR V 3 -49.03 43.30 69.47
CA THR V 3 -47.93 42.39 69.68
C THR V 3 -48.29 41.34 70.72
N ALA V 4 -48.87 41.77 71.82
CA ALA V 4 -49.22 40.83 72.87
C ALA V 4 -50.35 39.94 72.40
N LEU V 5 -51.43 40.54 71.96
CA LEU V 5 -52.55 39.76 71.49
C LEU V 5 -52.06 38.61 70.63
N THR V 6 -51.18 38.89 69.69
CA THR V 6 -50.74 37.84 68.79
C THR V 6 -49.92 36.82 69.56
N ALA V 7 -48.96 37.28 70.33
CA ALA V 7 -48.19 36.36 71.15
C ALA V 7 -49.13 35.31 71.69
N LEU V 8 -50.19 35.74 72.34
CA LEU V 8 -51.18 34.80 72.84
C LEU V 8 -51.59 33.91 71.69
N PHE V 9 -52.07 34.50 70.61
CA PHE V 9 -52.55 33.65 69.52
C PHE V 9 -51.54 32.58 69.17
N VAL V 10 -50.26 32.93 69.14
CA VAL V 10 -49.23 31.93 68.85
C VAL V 10 -49.21 30.85 69.93
N LEU V 11 -49.28 31.26 71.20
CA LEU V 11 -49.26 30.28 72.28
C LEU V 11 -50.47 29.34 72.21
N VAL V 12 -51.66 29.90 71.98
CA VAL V 12 -52.85 29.04 71.92
C VAL V 12 -52.82 28.16 70.69
N SER V 13 -52.29 28.64 69.57
CA SER V 13 -52.17 27.81 68.38
C SER V 13 -51.20 26.66 68.62
N LEU V 14 -50.10 26.93 69.33
CA LEU V 14 -49.16 25.85 69.69
C LEU V 14 -49.84 24.82 70.57
N ALA V 15 -50.57 25.28 71.59
CA ALA V 15 -51.26 24.36 72.49
C ALA V 15 -52.30 23.54 71.73
N LEU V 16 -52.93 24.14 70.72
CA LEU V 16 -53.94 23.43 69.94
C LEU V 16 -53.30 22.41 69.00
N VAL V 17 -52.19 22.77 68.36
CA VAL V 17 -51.56 21.89 67.39
C VAL V 17 -50.91 20.70 68.08
N VAL V 18 -50.37 20.90 69.29
CA VAL V 18 -49.73 19.78 69.97
C VAL V 18 -50.76 18.78 70.47
N THR V 19 -52.02 19.18 70.61
CA THR V 19 -53.04 18.32 71.20
C THR V 19 -54.09 17.80 70.24
N VAL V 20 -54.30 18.45 69.11
CA VAL V 20 -55.32 18.00 68.16
C VAL V 20 -54.85 16.71 67.49
N PRO V 21 -53.62 16.67 66.96
CA PRO V 21 -53.15 15.42 66.34
C PRO V 21 -53.15 14.24 67.29
N VAL V 22 -52.81 14.46 68.56
CA VAL V 22 -52.85 13.38 69.53
C VAL V 22 -54.28 12.96 69.81
N ALA V 23 -55.19 13.90 69.93
CA ALA V 23 -56.56 13.53 70.14
C ALA V 23 -57.06 12.63 69.03
N LEU V 24 -57.31 13.20 67.86
CA LEU V 24 -57.85 12.43 66.73
C LEU V 24 -57.38 10.99 66.68
N ALA V 25 -56.08 10.78 66.80
CA ALA V 25 -55.54 9.43 66.77
C ALA V 25 -56.12 8.60 67.90
N THR V 26 -55.63 8.79 69.12
CA THR V 26 -56.13 8.06 70.27
C THR V 26 -57.60 7.75 70.08
N PRO V 27 -57.92 6.47 69.84
CA PRO V 27 -59.30 6.10 69.55
C PRO V 27 -60.28 6.61 70.61
N GLY V 28 -61.44 7.08 70.19
CA GLY V 28 -62.45 7.54 71.12
C GLY V 28 -62.18 8.90 71.72
N GLU V 29 -60.94 9.15 72.12
CA GLU V 29 -60.61 10.41 72.77
C GLU V 29 -61.41 11.57 72.23
N TRP V 30 -61.52 11.67 70.91
CA TRP V 30 -62.19 12.81 70.31
C TRP V 30 -63.56 13.09 70.92
N GLU V 31 -64.58 12.43 70.43
CA GLU V 31 -65.94 12.70 70.90
C GLU V 31 -66.05 13.14 72.35
N THR V 32 -65.55 12.34 73.27
CA THR V 32 -65.66 12.62 74.70
C THR V 32 -65.26 14.05 75.02
N SER V 33 -64.23 14.56 74.37
CA SER V 33 -63.67 15.88 74.65
C SER V 33 -63.96 16.88 73.52
N LYS V 34 -65.14 16.77 72.92
CA LYS V 34 -65.47 17.60 71.76
C LYS V 34 -65.77 19.04 72.14
N ASP V 35 -66.53 19.25 73.23
CA ASP V 35 -67.01 20.59 73.54
C ASP V 35 -65.86 21.52 73.94
N GLN V 36 -64.87 21.01 74.68
CA GLN V 36 -63.72 21.83 75.02
C GLN V 36 -62.95 22.23 73.77
N PHE V 37 -62.81 21.31 72.82
CA PHE V 37 -62.15 21.65 71.55
C PHE V 37 -62.94 22.71 70.80
N ASN V 38 -64.27 22.61 70.80
CA ASN V 38 -65.09 23.65 70.17
C ASN V 38 -64.89 25.00 70.85
N LYS V 39 -64.84 25.00 72.18
CA LYS V 39 -64.63 26.25 72.91
C LYS V 39 -63.27 26.86 72.57
N ILE V 40 -62.24 26.02 72.48
CA ILE V 40 -60.91 26.54 72.13
C ILE V 40 -60.88 27.02 70.68
N PHE V 41 -61.61 26.38 69.79
CA PHE V 41 -61.72 26.87 68.42
C PHE V 41 -62.35 28.25 68.39
N GLN V 42 -63.43 28.45 69.16
CA GLN V 42 -64.05 29.76 69.23
C GLN V 42 -63.11 30.80 69.83
N LEU V 43 -62.33 30.40 70.83
CA LEU V 43 -61.31 31.29 71.38
C LEU V 43 -60.30 31.67 70.32
N TRP V 44 -59.89 30.71 69.49
CA TRP V 44 -58.90 30.96 68.45
C TRP V 44 -59.42 31.96 67.43
N VAL V 45 -60.63 31.74 66.94
CA VAL V 45 -61.18 32.66 65.94
C VAL V 45 -61.43 34.03 66.55
N GLY V 46 -61.83 34.08 67.83
CA GLY V 46 -61.98 35.35 68.50
C GLY V 46 -60.67 36.10 68.59
N LEU V 47 -59.58 35.38 68.90
CA LEU V 47 -58.27 36.01 68.95
C LEU V 47 -57.87 36.56 67.59
N VAL V 48 -58.15 35.80 66.52
CA VAL V 48 -57.82 36.27 65.17
C VAL V 48 -58.59 37.54 64.84
N VAL V 49 -59.89 37.55 65.14
CA VAL V 49 -60.71 38.72 64.87
C VAL V 49 -60.23 39.92 65.69
N ALA V 50 -59.82 39.67 66.93
CA ALA V 50 -59.31 40.74 67.78
C ALA V 50 -58.02 41.32 67.21
N ILE V 51 -57.13 40.46 66.72
CA ILE V 51 -55.88 40.95 66.13
C ILE V 51 -56.17 41.79 64.89
N ALA V 52 -57.09 41.32 64.05
CA ALA V 52 -57.44 42.09 62.85
C ALA V 52 -58.03 43.44 63.23
N THR V 53 -58.91 43.47 64.24
CA THR V 53 -59.48 44.73 64.68
C THR V 53 -58.42 45.66 65.24
N ALA V 54 -57.45 45.12 65.95
CA ALA V 54 -56.38 45.97 66.42
C ALA V 54 -55.76 46.68 65.24
N ASP V 55 -55.15 45.92 64.34
CA ASP V 55 -54.47 46.52 63.20
C ASP V 55 -55.33 47.59 62.55
N GLY V 56 -56.43 47.17 61.94
CA GLY V 56 -57.30 48.11 61.29
C GLY V 56 -57.35 49.42 62.04
N ILE V 57 -57.92 49.39 63.23
CA ILE V 57 -58.01 50.61 64.03
C ILE V 57 -56.68 51.32 64.05
N SER V 58 -55.62 50.59 64.34
CA SER V 58 -54.31 51.22 64.45
C SER V 58 -53.72 51.61 63.12
N THR V 59 -54.57 51.81 62.13
CA THR V 59 -54.08 52.26 60.83
C THR V 59 -55.20 52.87 60.00
N VAL W 1 32.90 -54.84 8.82
CA VAL W 1 32.32 -53.72 8.08
C VAL W 1 33.15 -52.46 8.33
N SER W 2 33.80 -51.96 7.28
CA SER W 2 34.69 -50.82 7.39
C SER W 2 33.90 -49.51 7.45
N LEU W 3 34.61 -48.40 7.48
CA LEU W 3 33.93 -47.11 7.46
C LEU W 3 33.67 -46.73 6.02
N TRP W 4 34.67 -46.91 5.17
CA TRP W 4 34.53 -46.55 3.78
C TRP W 4 33.33 -47.25 3.23
N GLU W 5 33.19 -48.53 3.52
CA GLU W 5 32.09 -49.27 2.95
C GLU W 5 30.80 -48.64 3.37
N ARG W 6 30.61 -48.51 4.67
CA ARG W 6 29.40 -47.89 5.18
C ARG W 6 29.08 -46.61 4.46
N PHE W 7 30.06 -45.74 4.30
CA PHE W 7 29.85 -44.49 3.58
C PHE W 7 29.36 -44.76 2.18
N CYS W 8 30.23 -45.34 1.35
CA CYS W 8 29.86 -45.64 -0.02
C CYS W 8 28.42 -46.10 -0.08
N ALA W 9 28.00 -46.90 0.89
CA ALA W 9 26.65 -47.40 0.90
C ALA W 9 25.64 -46.31 1.12
N TRP W 10 25.80 -45.54 2.18
CA TRP W 10 24.90 -44.42 2.39
C TRP W 10 24.84 -43.51 1.16
N ILE W 11 25.98 -43.29 0.52
CA ILE W 11 26.02 -42.35 -0.61
C ILE W 11 25.18 -42.87 -1.77
N THR W 12 25.36 -44.14 -2.12
CA THR W 12 24.64 -44.75 -3.24
C THR W 12 23.29 -45.32 -2.81
N SER W 13 22.81 -44.95 -1.64
CA SER W 13 21.51 -45.43 -1.18
C SER W 13 20.40 -44.90 -2.03
N THR W 14 19.35 -45.69 -2.18
CA THR W 14 18.21 -45.26 -2.97
C THR W 14 17.03 -45.04 -2.07
N GLU W 15 17.28 -44.88 -0.78
CA GLU W 15 16.20 -44.65 0.15
C GLU W 15 16.33 -43.28 0.78
N ASN W 16 17.19 -42.43 0.25
CA ASN W 16 17.34 -41.09 0.77
C ASN W 16 16.33 -40.22 0.05
N ARG W 17 15.80 -39.21 0.73
CA ARG W 17 14.77 -38.39 0.13
C ARG W 17 15.22 -37.84 -1.22
N LEU W 18 16.46 -37.38 -1.30
CA LEU W 18 17.08 -36.96 -2.55
C LEU W 18 18.32 -37.79 -2.77
N TYR W 19 18.44 -38.37 -3.95
CA TYR W 19 19.59 -39.22 -4.25
C TYR W 19 20.88 -38.40 -4.27
N ILE W 20 21.90 -38.90 -3.57
CA ILE W 20 23.17 -38.20 -3.52
C ILE W 20 24.08 -38.75 -4.62
N GLY W 21 24.44 -40.03 -4.52
CA GLY W 21 25.31 -40.63 -5.50
C GLY W 21 26.70 -40.03 -5.54
N TRP W 22 27.58 -40.58 -6.38
CA TRP W 22 28.93 -40.05 -6.46
C TRP W 22 28.99 -38.76 -7.26
N PHE W 23 28.13 -38.62 -8.28
CA PHE W 23 28.05 -37.34 -8.98
C PHE W 23 27.47 -36.25 -8.12
N GLY W 24 26.66 -36.60 -7.12
CA GLY W 24 26.17 -35.60 -6.19
C GLY W 24 27.27 -34.94 -5.39
N CYS W 25 28.35 -35.68 -5.10
CA CYS W 25 29.49 -35.11 -4.40
C CYS W 25 30.11 -33.95 -5.17
N LEU W 26 29.87 -33.87 -6.47
CA LEU W 26 30.28 -32.72 -7.28
C LEU W 26 29.14 -31.75 -7.53
N MET W 27 27.91 -32.27 -7.64
CA MET W 27 26.79 -31.41 -7.99
C MET W 27 26.39 -30.51 -6.83
N PHE W 28 26.31 -31.08 -5.61
CA PHE W 28 25.71 -30.34 -4.50
C PHE W 28 26.55 -29.13 -4.07
N PRO W 29 27.82 -29.30 -3.66
CA PRO W 29 28.57 -28.12 -3.23
C PRO W 29 28.70 -27.07 -4.33
N THR W 30 28.90 -27.50 -5.56
CA THR W 30 29.14 -26.58 -6.66
C THR W 30 27.88 -25.77 -6.98
N LEU W 31 26.75 -26.44 -7.13
CA LEU W 31 25.50 -25.73 -7.39
C LEU W 31 25.13 -24.84 -6.21
N LEU W 32 25.38 -25.30 -4.98
CA LEU W 32 25.03 -24.52 -3.82
C LEU W 32 25.84 -23.23 -3.74
N THR W 33 27.15 -23.32 -3.98
CA THR W 33 27.95 -22.09 -3.97
C THR W 33 27.58 -21.18 -5.13
N ALA W 34 27.26 -21.75 -6.30
CA ALA W 34 26.85 -20.92 -7.42
C ALA W 34 25.58 -20.15 -7.09
N THR W 35 24.59 -20.84 -6.51
CA THR W 35 23.33 -20.15 -6.21
C THR W 35 23.48 -19.16 -5.07
N SER W 36 24.32 -19.46 -4.07
CA SER W 36 24.55 -18.49 -2.99
C SER W 36 25.18 -17.21 -3.55
N CYS W 37 26.24 -17.37 -4.34
CA CYS W 37 26.88 -16.19 -4.91
C CYS W 37 25.94 -15.43 -5.83
N PHE W 38 25.13 -16.16 -6.61
CA PHE W 38 24.19 -15.48 -7.50
C PHE W 38 23.18 -14.67 -6.72
N ILE W 39 22.62 -15.24 -5.65
CA ILE W 39 21.61 -14.53 -4.88
C ILE W 39 22.21 -13.30 -4.22
N ILE W 40 23.43 -13.42 -3.67
CA ILE W 40 24.04 -12.25 -3.05
C ILE W 40 24.35 -11.18 -4.09
N ALA W 41 24.91 -11.58 -5.24
CA ALA W 41 25.31 -10.60 -6.25
C ALA W 41 24.13 -9.91 -6.89
N PHE W 42 23.01 -10.62 -7.07
CA PHE W 42 21.84 -9.99 -7.65
C PHE W 42 21.26 -8.90 -6.75
N ILE W 43 21.62 -8.90 -5.47
CA ILE W 43 21.10 -7.92 -4.52
C ILE W 43 22.10 -6.81 -4.25
N ALA W 44 23.38 -7.14 -4.08
CA ALA W 44 24.32 -6.13 -3.59
C ALA W 44 25.64 -6.17 -4.34
N ALA W 45 25.60 -6.33 -5.65
CA ALA W 45 26.91 -6.26 -6.31
C ALA W 45 27.16 -4.86 -6.84
N PRO W 46 28.32 -4.28 -6.58
CA PRO W 46 28.61 -2.92 -7.06
C PRO W 46 28.75 -2.90 -8.57
N PRO W 47 28.76 -1.70 -9.18
CA PRO W 47 28.83 -1.72 -10.64
C PRO W 47 30.12 -2.31 -11.17
N VAL W 48 30.12 -2.81 -12.40
CA VAL W 48 31.29 -3.45 -13.00
C VAL W 48 31.60 -2.89 -14.37
N ASP W 49 32.86 -2.67 -14.69
CA ASP W 49 33.19 -2.22 -16.04
C ASP W 49 33.25 -3.45 -16.91
N ILE W 50 32.44 -3.48 -17.95
CA ILE W 50 32.38 -4.68 -18.78
C ILE W 50 33.22 -4.55 -20.04
N ASP W 51 33.20 -3.40 -20.70
CA ASP W 51 34.02 -3.23 -21.87
C ASP W 51 35.44 -2.81 -21.53
N GLY W 52 35.79 -2.72 -20.26
CA GLY W 52 37.14 -2.36 -19.88
C GLY W 52 37.53 -0.94 -20.25
N ILE W 53 36.55 -0.05 -20.38
CA ILE W 53 36.79 1.34 -20.73
C ILE W 53 36.50 2.27 -19.55
N ARG W 54 36.54 1.73 -18.33
CA ARG W 54 36.28 2.51 -17.12
C ARG W 54 34.91 3.17 -17.15
N GLU W 55 33.90 2.42 -17.60
CA GLU W 55 32.51 2.88 -17.62
C GLU W 55 31.66 1.79 -16.96
N PRO W 56 31.62 1.77 -15.63
CA PRO W 56 30.93 0.68 -14.93
C PRO W 56 29.43 0.68 -15.21
N VAL W 57 28.87 -0.52 -15.23
CA VAL W 57 27.46 -0.74 -15.48
C VAL W 57 26.85 -1.37 -14.23
N SER W 58 25.76 -0.79 -13.74
CA SER W 58 25.11 -1.30 -12.54
C SER W 58 24.14 -2.41 -12.91
N GLY W 59 24.11 -3.46 -12.09
CA GLY W 59 23.22 -4.57 -12.34
C GLY W 59 22.57 -5.13 -11.09
N SER W 60 22.73 -4.45 -9.97
CA SER W 60 22.23 -4.93 -8.69
C SER W 60 20.91 -4.26 -8.33
N LEU W 61 20.15 -4.94 -7.48
CA LEU W 61 18.85 -4.41 -7.07
C LEU W 61 19.00 -3.14 -6.23
N LEU W 62 20.02 -3.09 -5.38
CA LEU W 62 20.22 -1.95 -4.50
C LEU W 62 20.83 -0.75 -5.22
N TYR W 63 21.06 -0.84 -6.52
CA TYR W 63 21.64 0.24 -7.32
C TYR W 63 20.64 0.72 -8.37
N GLY W 64 19.38 0.86 -7.97
CA GLY W 64 18.36 1.37 -8.87
C GLY W 64 18.02 0.47 -10.03
N ASN W 65 17.91 -0.83 -9.79
CA ASN W 65 17.46 -1.77 -10.80
C ASN W 65 16.18 -2.45 -10.32
N ASN W 66 15.48 -3.05 -11.27
CA ASN W 66 14.34 -3.91 -10.98
C ASN W 66 14.70 -5.34 -11.39
N ILE W 67 13.72 -6.23 -11.31
CA ILE W 67 13.99 -7.64 -11.60
C ILE W 67 14.41 -7.82 -13.04
N ILE W 68 13.81 -7.06 -13.97
CA ILE W 68 14.09 -7.25 -15.38
C ILE W 68 15.40 -6.58 -15.77
N SER W 69 15.63 -5.34 -15.33
CA SER W 69 16.87 -4.67 -15.72
C SER W 69 18.08 -5.22 -14.98
N GLY W 70 17.87 -5.75 -13.77
CA GLY W 70 18.98 -6.28 -13.01
C GLY W 70 19.61 -7.50 -13.67
N ALA W 71 20.90 -7.68 -13.43
CA ALA W 71 21.64 -8.79 -14.02
C ALA W 71 22.99 -8.91 -13.30
N VAL W 72 23.67 -10.01 -13.56
CA VAL W 72 25.03 -10.21 -13.10
C VAL W 72 25.95 -9.93 -14.29
N VAL W 73 26.54 -8.75 -14.29
CA VAL W 73 27.29 -8.27 -15.46
C VAL W 73 28.52 -9.15 -15.66
N PRO W 74 28.82 -9.58 -16.87
CA PRO W 74 30.01 -10.42 -17.10
C PRO W 74 31.30 -9.64 -16.86
N SER W 75 32.40 -10.40 -16.82
CA SER W 75 33.67 -9.84 -16.40
C SER W 75 34.17 -8.81 -17.42
N SER W 76 35.21 -8.07 -17.02
CA SER W 76 35.69 -6.95 -17.80
C SER W 76 36.38 -7.44 -19.07
N ASN W 77 36.39 -6.57 -20.09
CA ASN W 77 37.06 -6.89 -21.34
C ASN W 77 38.57 -6.88 -21.19
N ALA W 78 39.09 -6.12 -20.22
CA ALA W 78 40.54 -6.09 -20.01
C ALA W 78 41.05 -7.45 -19.57
N ILE W 79 40.30 -8.16 -18.72
CA ILE W 79 40.67 -9.51 -18.33
C ILE W 79 40.66 -10.43 -19.54
N GLY W 80 39.62 -10.35 -20.36
CA GLY W 80 39.53 -11.20 -21.52
C GLY W 80 39.21 -12.63 -21.12
N MET W 81 40.05 -13.56 -21.55
CA MET W 81 39.86 -14.98 -21.27
C MET W 81 40.62 -15.43 -20.03
N HIS W 82 41.32 -14.53 -19.36
CA HIS W 82 42.17 -14.91 -18.23
C HIS W 82 41.34 -15.39 -17.05
N PHE W 83 41.90 -16.35 -16.32
CA PHE W 83 41.27 -16.84 -15.12
C PHE W 83 41.38 -15.80 -14.01
N TYR W 84 40.26 -15.48 -13.36
CA TYR W 84 40.20 -14.42 -12.36
C TYR W 84 39.45 -14.90 -11.13
N PRO W 85 40.07 -15.75 -10.32
CA PRO W 85 39.47 -16.14 -9.04
C PRO W 85 39.64 -15.02 -8.02
N ILE W 86 39.08 -15.25 -6.82
CA ILE W 86 39.12 -14.21 -5.79
C ILE W 86 40.57 -13.94 -5.39
N TRP W 87 41.36 -14.99 -5.19
CA TRP W 87 42.68 -14.81 -4.62
C TRP W 87 43.67 -14.14 -5.57
N GLU W 88 43.33 -13.98 -6.85
CA GLU W 88 44.23 -13.26 -7.74
C GLU W 88 44.05 -11.76 -7.68
N ALA W 89 42.93 -11.28 -7.18
CA ALA W 89 42.75 -9.85 -6.96
C ALA W 89 43.51 -9.41 -5.72
N ALA W 90 43.85 -8.12 -5.69
CA ALA W 90 44.50 -7.56 -4.51
C ALA W 90 43.51 -7.22 -3.41
N SER W 91 42.23 -7.03 -3.76
CA SER W 91 41.20 -6.74 -2.79
C SER W 91 39.88 -7.27 -3.32
N VAL W 92 38.96 -7.54 -2.40
CA VAL W 92 37.63 -8.00 -2.81
C VAL W 92 36.90 -6.91 -3.57
N ASP W 93 37.10 -5.65 -3.17
CA ASP W 93 36.46 -4.56 -3.90
C ASP W 93 36.91 -4.53 -5.35
N GLU W 94 38.20 -4.73 -5.60
CA GLU W 94 38.69 -4.77 -6.97
C GLU W 94 38.13 -5.97 -7.73
N TRP W 95 38.06 -7.12 -7.05
CA TRP W 95 37.45 -8.30 -7.66
C TRP W 95 36.03 -8.01 -8.12
N LEU W 96 35.28 -7.28 -7.31
CA LEU W 96 33.92 -6.91 -7.69
C LEU W 96 33.92 -5.87 -8.81
N TYR W 97 34.93 -5.02 -8.87
CA TYR W 97 34.97 -3.98 -9.90
C TYR W 97 35.18 -4.57 -11.28
N ASN W 98 35.86 -5.71 -11.38
CA ASN W 98 36.18 -6.32 -12.66
C ASN W 98 35.28 -7.51 -13.00
N GLY W 99 34.20 -7.71 -12.25
CA GLY W 99 33.25 -8.76 -12.56
C GLY W 99 33.72 -10.18 -12.37
N GLY W 100 34.44 -10.46 -11.28
CA GLY W 100 34.76 -11.82 -10.90
C GLY W 100 33.60 -12.72 -10.57
N PRO W 101 32.55 -12.22 -9.88
CA PRO W 101 31.42 -13.09 -9.56
C PRO W 101 30.79 -13.74 -10.78
N TYR W 102 30.81 -13.08 -11.94
CA TYR W 102 30.29 -13.71 -13.14
C TYR W 102 31.07 -14.98 -13.46
N GLN W 103 32.40 -14.90 -13.44
CA GLN W 103 33.23 -16.06 -13.72
C GLN W 103 32.98 -17.16 -12.71
N LEU W 104 32.95 -16.80 -11.42
CA LEU W 104 32.71 -17.80 -10.38
C LEU W 104 31.39 -18.52 -10.62
N ILE W 105 30.31 -17.75 -10.79
CA ILE W 105 28.98 -18.34 -10.93
C ILE W 105 28.91 -19.21 -12.17
N VAL W 106 29.47 -18.74 -13.30
CA VAL W 106 29.31 -19.48 -14.54
C VAL W 106 30.10 -20.79 -14.50
N LEU W 107 31.34 -20.75 -13.99
CA LEU W 107 32.12 -21.98 -13.94
C LEU W 107 31.46 -23.01 -13.02
N HIS W 108 31.00 -22.54 -11.85
CA HIS W 108 30.34 -23.46 -10.93
C HIS W 108 29.05 -24.00 -11.53
N PHE W 109 28.28 -23.17 -12.23
CA PHE W 109 27.04 -23.63 -12.82
C PHE W 109 27.29 -24.69 -13.87
N LEU W 110 28.33 -24.52 -14.70
CA LEU W 110 28.63 -25.51 -15.72
C LEU W 110 29.03 -26.84 -15.09
N LEU W 111 29.91 -26.79 -14.09
CA LEU W 111 30.28 -28.03 -13.41
C LEU W 111 29.06 -28.68 -12.76
N GLY W 112 28.16 -27.87 -12.19
CA GLY W 112 26.99 -28.41 -11.54
C GLY W 112 26.04 -29.10 -12.51
N VAL W 113 25.83 -28.52 -13.68
CA VAL W 113 24.90 -29.13 -14.62
C VAL W 113 25.51 -30.41 -15.21
N SER W 114 26.82 -30.43 -15.44
CA SER W 114 27.45 -31.68 -15.88
C SER W 114 27.28 -32.77 -14.82
N ALA W 115 27.52 -32.43 -13.56
CA ALA W 115 27.31 -33.39 -12.48
C ALA W 115 25.84 -33.79 -12.36
N TYR W 116 24.93 -32.88 -12.71
CA TYR W 116 23.51 -33.20 -12.69
C TYR W 116 23.18 -34.26 -13.73
N MET W 117 23.74 -34.14 -14.92
CA MET W 117 23.59 -35.19 -15.93
C MET W 117 24.12 -36.52 -15.41
N GLY W 118 25.33 -36.50 -14.84
CA GLY W 118 25.89 -37.72 -14.29
C GLY W 118 25.01 -38.35 -13.23
N ARG W 119 24.44 -37.51 -12.36
CA ARG W 119 23.59 -38.00 -11.29
C ARG W 119 22.31 -38.60 -11.82
N GLU W 120 21.74 -38.00 -12.87
CA GLU W 120 20.57 -38.59 -13.52
C GLU W 120 20.89 -39.98 -14.02
N TRP W 121 22.02 -40.13 -14.70
CA TRP W 121 22.40 -41.47 -15.16
C TRP W 121 22.60 -42.42 -13.99
N GLU W 122 23.24 -41.95 -12.92
CA GLU W 122 23.55 -42.84 -11.80
C GLU W 122 22.29 -43.37 -11.14
N LEU W 123 21.30 -42.49 -10.93
CA LEU W 123 20.04 -42.97 -10.38
C LEU W 123 19.33 -43.91 -11.35
N SER W 124 19.41 -43.64 -12.64
CA SER W 124 18.83 -44.57 -13.62
C SER W 124 19.45 -45.95 -13.47
N TYR W 125 20.77 -46.00 -13.26
CA TYR W 125 21.44 -47.28 -13.06
C TYR W 125 21.00 -47.95 -11.76
N ARG W 126 20.89 -47.18 -10.68
CA ARG W 126 20.51 -47.77 -9.39
C ARG W 126 19.11 -48.35 -9.44
N LEU W 127 18.19 -47.67 -10.10
CA LEU W 127 16.80 -48.13 -10.15
C LEU W 127 16.56 -49.20 -11.20
N GLY W 128 17.58 -49.59 -11.96
CA GLY W 128 17.43 -50.62 -12.97
C GLY W 128 16.54 -50.24 -14.14
N MET W 129 16.70 -49.04 -14.68
CA MET W 129 15.96 -48.59 -15.83
C MET W 129 16.93 -48.28 -16.98
N ARG W 130 16.36 -48.05 -18.15
CA ARG W 130 17.18 -47.83 -19.35
C ARG W 130 17.82 -46.44 -19.29
N PRO W 131 19.13 -46.33 -19.48
CA PRO W 131 19.89 -45.14 -19.11
C PRO W 131 20.08 -44.12 -20.22
N TRP W 132 19.01 -43.40 -20.59
CA TRP W 132 19.16 -42.42 -21.65
C TRP W 132 18.43 -41.11 -21.40
N ILE W 133 17.98 -40.84 -20.18
CA ILE W 133 17.36 -39.56 -19.90
C ILE W 133 18.41 -38.46 -19.91
N PHE W 134 19.61 -38.74 -19.39
CA PHE W 134 20.64 -37.72 -19.38
C PHE W 134 21.12 -37.38 -20.79
N VAL W 135 20.96 -38.31 -21.73
CA VAL W 135 21.23 -37.97 -23.13
C VAL W 135 20.26 -36.89 -23.60
N ALA W 136 18.98 -37.01 -23.21
CA ALA W 136 18.02 -35.96 -23.53
C ALA W 136 18.36 -34.65 -22.83
N PHE W 137 18.79 -34.72 -21.57
CA PHE W 137 19.15 -33.50 -20.85
C PHE W 137 20.44 -32.88 -21.39
N SER W 138 21.21 -33.63 -22.18
CA SER W 138 22.44 -33.07 -22.74
C SER W 138 22.17 -31.84 -23.61
N ALA W 139 21.02 -31.78 -24.26
CA ALA W 139 20.75 -30.66 -25.17
C ALA W 139 20.71 -29.32 -24.45
N PRO W 140 19.92 -29.13 -23.37
CA PRO W 140 20.03 -27.85 -22.65
C PRO W 140 21.41 -27.59 -22.09
N VAL W 141 22.10 -28.63 -21.64
CA VAL W 141 23.45 -28.46 -21.12
C VAL W 141 24.38 -27.99 -22.22
N ALA W 142 24.27 -28.57 -23.41
CA ALA W 142 25.09 -28.12 -24.53
C ALA W 142 24.78 -26.68 -24.89
N ALA W 143 23.50 -26.30 -24.89
CA ALA W 143 23.14 -24.92 -25.20
C ALA W 143 23.72 -23.96 -24.17
N ALA W 144 23.61 -24.29 -22.89
CA ALA W 144 24.15 -23.43 -21.84
C ALA W 144 25.67 -23.31 -21.95
N SER W 145 26.35 -24.42 -22.25
CA SER W 145 27.80 -24.36 -22.41
C SER W 145 28.19 -23.50 -23.60
N ALA W 146 27.46 -23.63 -24.71
CA ALA W 146 27.77 -22.82 -25.89
C ALA W 146 27.56 -21.34 -25.61
N VAL W 147 26.49 -21.00 -24.90
CA VAL W 147 26.20 -19.59 -24.66
C VAL W 147 27.08 -18.99 -23.57
N PHE W 148 27.56 -19.80 -22.62
CA PHE W 148 28.31 -19.28 -21.49
C PHE W 148 29.82 -19.49 -21.60
N LEU W 149 30.27 -20.54 -22.26
CA LEU W 149 31.69 -20.88 -22.29
C LEU W 149 32.27 -20.90 -23.70
N VAL W 150 31.63 -21.56 -24.64
CA VAL W 150 32.22 -21.74 -25.97
C VAL W 150 32.29 -20.41 -26.72
N TYR W 151 31.21 -19.62 -26.66
CA TYR W 151 31.23 -18.33 -27.33
C TYR W 151 32.29 -17.39 -26.78
N PRO W 152 32.46 -17.24 -25.45
CA PRO W 152 33.61 -16.45 -24.97
C PRO W 152 34.95 -17.00 -25.43
N ILE W 153 35.07 -18.32 -25.51
CA ILE W 153 36.34 -18.91 -25.96
C ILE W 153 36.64 -18.51 -27.40
N GLY W 154 35.64 -18.62 -28.27
CA GLY W 154 35.84 -18.24 -29.66
C GLY W 154 36.09 -16.77 -29.83
N GLN W 155 35.30 -15.93 -29.17
CA GLN W 155 35.45 -14.48 -29.32
C GLN W 155 36.70 -13.98 -28.61
N GLY W 156 37.16 -14.68 -27.57
CA GLY W 156 38.37 -14.32 -26.89
C GLY W 156 38.19 -13.54 -25.60
N SER W 157 36.98 -13.38 -25.11
CA SER W 157 36.77 -12.65 -23.86
C SER W 157 35.52 -13.15 -23.17
N PHE W 158 35.57 -13.16 -21.83
CA PHE W 158 34.39 -13.49 -21.04
C PHE W 158 33.36 -12.37 -21.08
N SER W 159 33.76 -11.16 -21.46
CA SER W 159 32.81 -10.07 -21.61
C SER W 159 31.79 -10.32 -22.71
N ASP W 160 32.05 -11.29 -23.58
CA ASP W 160 31.14 -11.62 -24.67
C ASP W 160 30.13 -12.70 -24.30
N GLY W 161 30.22 -13.25 -23.09
CA GLY W 161 29.25 -14.24 -22.66
C GLY W 161 27.91 -13.61 -22.33
N MET W 162 26.91 -14.47 -22.20
CA MET W 162 25.57 -14.00 -21.91
C MET W 162 25.48 -13.51 -20.47
N PRO W 163 25.11 -12.27 -20.22
CA PRO W 163 24.89 -11.83 -18.84
C PRO W 163 23.72 -12.55 -18.21
N LEU W 164 23.82 -12.77 -16.90
CA LEU W 164 22.80 -13.50 -16.15
C LEU W 164 21.69 -12.53 -15.77
N GLY W 165 20.77 -12.32 -16.70
CA GLY W 165 19.65 -11.44 -16.46
C GLY W 165 18.75 -11.41 -17.67
N ILE W 166 17.64 -10.69 -17.51
CA ILE W 166 16.64 -10.62 -18.58
C ILE W 166 17.06 -9.65 -19.67
N SER W 167 17.19 -8.37 -19.31
CA SER W 167 17.59 -7.37 -20.28
C SER W 167 18.99 -7.66 -20.82
N GLY W 168 19.86 -8.23 -19.99
CA GLY W 168 21.14 -8.67 -20.49
C GLY W 168 21.02 -9.76 -21.54
N THR W 169 20.09 -10.69 -21.34
CA THR W 169 19.85 -11.72 -22.35
C THR W 169 19.38 -11.10 -23.66
N PHE W 170 18.45 -10.14 -23.59
CA PHE W 170 17.98 -9.50 -24.81
C PHE W 170 19.10 -8.74 -25.51
N ASN W 171 19.94 -8.05 -24.73
CA ASN W 171 21.08 -7.35 -25.31
C ASN W 171 22.02 -8.31 -26.01
N PHE W 172 22.30 -9.45 -25.36
CA PHE W 172 23.15 -10.47 -25.97
C PHE W 172 22.56 -10.95 -27.28
N MET W 173 21.26 -11.22 -27.31
CA MET W 173 20.63 -11.71 -28.53
C MET W 173 20.70 -10.68 -29.65
N LEU W 174 20.42 -9.41 -29.33
CA LEU W 174 20.45 -8.38 -30.36
C LEU W 174 21.85 -8.18 -30.92
N VAL W 175 22.85 -8.14 -30.05
CA VAL W 175 24.23 -7.97 -30.52
C VAL W 175 24.66 -9.18 -31.33
N PHE W 176 24.21 -10.38 -30.93
CA PHE W 176 24.51 -11.58 -31.71
C PHE W 176 23.93 -11.47 -33.10
N GLN W 177 22.69 -11.00 -33.21
CA GLN W 177 22.09 -10.79 -34.52
C GLN W 177 22.91 -9.80 -35.35
N ALA W 178 23.31 -8.69 -34.74
CA ALA W 178 24.02 -7.65 -35.48
C ALA W 178 25.37 -8.16 -35.98
N GLU W 179 26.13 -8.83 -35.13
CA GLU W 179 27.48 -9.22 -35.46
C GLU W 179 27.58 -10.57 -36.18
N HIS W 180 26.51 -11.36 -36.19
CA HIS W 180 26.62 -12.73 -36.69
C HIS W 180 25.51 -13.16 -37.63
N ASN W 181 24.35 -12.51 -37.66
CA ASN W 181 23.23 -12.92 -38.51
C ASN W 181 22.74 -14.33 -38.14
N ILE W 182 22.29 -14.46 -36.89
CA ILE W 182 21.82 -15.75 -36.39
C ILE W 182 20.58 -16.23 -37.13
N LEU W 183 19.69 -15.30 -37.50
CA LEU W 183 18.40 -15.70 -38.09
C LEU W 183 18.60 -16.44 -39.41
N MET W 184 19.53 -15.98 -40.24
CA MET W 184 19.77 -16.58 -41.54
C MET W 184 20.69 -17.79 -41.47
N HIS W 185 20.95 -18.31 -40.30
CA HIS W 185 21.75 -19.52 -40.14
C HIS W 185 20.83 -20.73 -40.09
N PRO W 186 21.08 -21.75 -40.93
CA PRO W 186 20.15 -22.89 -40.98
C PRO W 186 20.01 -23.63 -39.65
N PHE W 187 21.00 -23.53 -38.76
CA PHE W 187 20.89 -24.23 -37.48
C PHE W 187 19.92 -23.53 -36.55
N HIS W 188 19.88 -22.20 -36.58
CA HIS W 188 18.84 -21.51 -35.84
C HIS W 188 17.45 -21.82 -36.40
N MET W 189 17.35 -21.95 -37.72
CA MET W 189 16.08 -22.36 -38.32
C MET W 189 15.69 -23.75 -37.82
N ALA W 190 16.66 -24.67 -37.76
CA ALA W 190 16.38 -26.00 -37.25
C ALA W 190 15.94 -25.96 -35.79
N GLY W 191 16.54 -25.08 -35.00
CA GLY W 191 16.13 -24.96 -33.62
C GLY W 191 14.74 -24.39 -33.43
N VAL W 192 14.40 -23.36 -34.22
CA VAL W 192 13.04 -22.84 -34.16
C VAL W 192 12.04 -23.90 -34.59
N ALA W 193 12.37 -24.64 -35.65
CA ALA W 193 11.51 -25.74 -36.06
C ALA W 193 11.36 -26.77 -34.96
N GLY W 194 12.46 -27.10 -34.27
CA GLY W 194 12.40 -28.08 -33.21
C GLY W 194 11.55 -27.61 -32.04
N VAL W 195 11.67 -26.34 -31.65
CA VAL W 195 10.91 -25.84 -30.52
C VAL W 195 9.43 -25.73 -30.87
N PHE W 196 9.10 -25.20 -32.06
CA PHE W 196 7.72 -25.12 -32.48
C PHE W 196 7.11 -26.50 -32.61
N GLY W 197 7.85 -27.44 -33.18
CA GLY W 197 7.35 -28.81 -33.28
C GLY W 197 7.19 -29.46 -31.93
N GLY W 198 8.09 -29.18 -30.99
CA GLY W 198 7.95 -29.72 -29.65
C GLY W 198 6.67 -29.24 -28.99
N SER W 199 6.39 -27.93 -29.10
CA SER W 199 5.15 -27.40 -28.56
C SER W 199 3.94 -28.01 -29.26
N LEU W 200 4.00 -28.12 -30.59
CA LEU W 200 2.88 -28.69 -31.35
C LEU W 200 2.60 -30.11 -30.91
N PHE W 201 3.64 -30.94 -30.84
CA PHE W 201 3.46 -32.34 -30.51
C PHE W 201 3.04 -32.52 -29.06
N SER W 202 3.57 -31.69 -28.15
CA SER W 202 3.12 -31.76 -26.76
C SER W 202 1.64 -31.45 -26.66
N ALA W 203 1.19 -30.36 -27.29
CA ALA W 203 -0.22 -30.00 -27.22
C ALA W 203 -1.10 -31.07 -27.85
N MET W 204 -0.69 -31.58 -29.01
CA MET W 204 -1.53 -32.56 -29.70
C MET W 204 -1.58 -33.88 -28.95
N HIS W 205 -0.45 -34.34 -28.43
CA HIS W 205 -0.43 -35.58 -27.66
C HIS W 205 -1.27 -35.46 -26.41
N GLY W 206 -1.14 -34.34 -25.69
CA GLY W 206 -1.97 -34.13 -24.52
C GLY W 206 -3.44 -34.11 -24.84
N SER W 207 -3.82 -33.42 -25.92
CA SER W 207 -5.23 -33.36 -26.31
C SER W 207 -5.75 -34.74 -26.68
N LEU W 208 -4.99 -35.50 -27.46
CA LEU W 208 -5.45 -36.81 -27.90
C LEU W 208 -5.59 -37.76 -26.70
N VAL W 209 -4.65 -37.72 -25.76
CA VAL W 209 -4.72 -38.64 -24.64
C VAL W 209 -5.86 -38.26 -23.69
N THR W 210 -5.98 -36.97 -23.37
CA THR W 210 -7.03 -36.55 -22.45
C THR W 210 -8.42 -36.69 -23.04
N SER W 211 -8.55 -36.50 -24.36
CA SER W 211 -9.86 -36.62 -25.00
C SER W 211 -10.41 -38.03 -24.87
N SER W 212 -9.55 -39.03 -25.07
CA SER W 212 -9.96 -40.43 -25.00
C SER W 212 -9.60 -40.98 -23.62
N LEU W 213 -10.41 -40.62 -22.63
CA LEU W 213 -10.22 -41.06 -21.26
C LEU W 213 -11.41 -41.88 -20.81
N ILE W 214 -11.14 -43.08 -20.31
CA ILE W 214 -12.21 -44.01 -19.93
C ILE W 214 -13.07 -43.38 -18.83
N ARG W 215 -14.38 -43.48 -19.00
CA ARG W 215 -15.33 -42.86 -18.09
C ARG W 215 -15.34 -43.60 -16.76
N GLU W 216 -14.70 -43.03 -15.75
CA GLU W 216 -14.65 -43.67 -14.44
C GLU W 216 -14.81 -42.63 -13.35
N THR W 217 -15.54 -41.55 -13.65
CA THR W 217 -15.78 -40.52 -12.67
C THR W 217 -17.13 -39.86 -12.94
N THR W 218 -17.67 -39.15 -11.95
CA THR W 218 -18.93 -38.45 -12.15
C THR W 218 -18.67 -37.13 -12.86
N GLU W 219 -19.59 -36.19 -12.74
CA GLU W 219 -19.40 -34.88 -13.34
C GLU W 219 -19.00 -33.87 -12.29
N ASN W 220 -19.34 -34.15 -11.04
CA ASN W 220 -18.99 -33.25 -9.96
C ASN W 220 -17.71 -33.69 -9.28
N GLU W 221 -16.74 -34.16 -10.08
CA GLU W 221 -15.49 -34.63 -9.52
C GLU W 221 -14.42 -34.59 -10.60
N SER W 222 -13.24 -34.07 -10.26
CA SER W 222 -12.17 -33.94 -11.24
C SER W 222 -11.92 -35.18 -12.07
N THR W 223 -11.93 -35.03 -13.39
CA THR W 223 -11.65 -36.15 -14.29
C THR W 223 -10.36 -36.85 -13.90
N ASN W 224 -9.39 -36.10 -13.36
CA ASN W 224 -8.11 -36.68 -12.97
C ASN W 224 -8.25 -37.68 -11.83
N TYR W 225 -9.34 -37.61 -11.06
CA TYR W 225 -9.53 -38.53 -9.95
C TYR W 225 -9.90 -39.94 -10.37
N GLY W 226 -10.23 -40.15 -11.65
CA GLY W 226 -10.52 -41.50 -12.11
C GLY W 226 -9.29 -42.39 -12.09
N TYR W 227 -8.13 -41.83 -12.38
CA TYR W 227 -6.88 -42.59 -12.36
C TYR W 227 -6.37 -42.75 -10.94
N LYS W 228 -5.86 -43.94 -10.64
CA LYS W 228 -5.31 -44.25 -9.33
C LYS W 228 -3.85 -44.65 -9.49
N PHE W 229 -3.00 -44.12 -8.62
CA PHE W 229 -1.57 -44.38 -8.71
C PHE W 229 -1.29 -45.87 -8.56
N GLY W 230 -0.49 -46.41 -9.48
CA GLY W 230 -0.18 -47.82 -9.46
C GLY W 230 -1.23 -48.68 -10.13
N GLN W 231 -1.76 -48.22 -11.25
CA GLN W 231 -2.75 -48.98 -11.99
C GLN W 231 -2.07 -50.08 -12.80
N GLU W 232 -2.87 -51.05 -13.24
CA GLU W 232 -2.39 -52.14 -14.08
C GLU W 232 -2.92 -52.08 -15.50
N GLU W 233 -3.89 -51.22 -15.79
CA GLU W 233 -4.48 -51.11 -17.11
C GLU W 233 -4.43 -49.66 -17.58
N GLU W 234 -4.41 -49.48 -18.89
CA GLU W 234 -4.35 -48.14 -19.45
C GLU W 234 -5.65 -47.39 -19.19
N THR W 235 -5.52 -46.18 -18.67
CA THR W 235 -6.69 -45.34 -18.38
C THR W 235 -7.24 -44.67 -19.62
N TYR W 236 -6.57 -44.81 -20.77
CA TYR W 236 -6.99 -44.17 -22.01
C TYR W 236 -7.08 -45.21 -23.12
N ASN W 237 -7.90 -44.90 -24.12
CA ASN W 237 -8.16 -45.80 -25.24
C ASN W 237 -7.31 -45.37 -26.41
N ILE W 238 -6.27 -46.17 -26.72
CA ILE W 238 -5.41 -45.84 -27.86
C ILE W 238 -6.19 -45.97 -29.16
N VAL W 239 -7.13 -46.92 -29.23
CA VAL W 239 -7.84 -47.17 -30.49
C VAL W 239 -8.62 -45.95 -30.93
N ALA W 240 -9.37 -45.34 -30.00
CA ALA W 240 -10.16 -44.16 -30.35
C ALA W 240 -9.28 -42.99 -30.76
N ALA W 241 -8.20 -42.76 -30.03
CA ALA W 241 -7.30 -41.66 -30.36
C ALA W 241 -6.67 -41.85 -31.73
N HIS W 242 -6.23 -43.07 -32.03
CA HIS W 242 -5.64 -43.32 -33.35
C HIS W 242 -6.68 -43.19 -34.44
N GLY W 243 -7.91 -43.63 -34.18
CA GLY W 243 -8.97 -43.45 -35.17
C GLY W 243 -9.20 -41.98 -35.48
N TYR W 244 -9.27 -41.15 -34.43
CA TYR W 244 -9.46 -39.72 -34.63
C TYR W 244 -8.29 -39.11 -35.39
N PHE W 245 -7.06 -39.47 -35.00
CA PHE W 245 -5.89 -38.91 -35.67
C PHE W 245 -5.83 -39.32 -37.13
N GLY W 246 -6.12 -40.58 -37.43
CA GLY W 246 -6.11 -41.04 -38.81
C GLY W 246 -7.18 -40.39 -39.64
N ARG W 247 -8.38 -40.23 -39.09
CA ARG W 247 -9.44 -39.55 -39.83
C ARG W 247 -9.14 -38.07 -40.02
N LEU W 248 -8.36 -37.48 -39.11
CA LEU W 248 -8.11 -36.05 -39.18
C LEU W 248 -7.20 -35.70 -40.37
N ILE W 249 -6.11 -36.45 -40.55
CA ILE W 249 -5.12 -36.15 -41.58
C ILE W 249 -5.11 -37.22 -42.67
N PHE W 250 -4.75 -38.46 -42.32
CA PHE W 250 -4.68 -39.54 -43.30
C PHE W 250 -4.56 -40.85 -42.55
N GLN W 251 -4.93 -41.94 -43.23
CA GLN W 251 -4.87 -43.26 -42.60
C GLN W 251 -3.43 -43.75 -42.48
N TYR W 252 -2.72 -43.80 -43.59
CA TYR W 252 -1.32 -44.19 -43.53
C TYR W 252 -0.60 -43.35 -42.49
N ALA W 253 -0.69 -42.03 -42.62
CA ALA W 253 0.02 -41.14 -41.70
C ALA W 253 -0.54 -41.22 -40.28
N SER W 254 0.10 -42.02 -39.43
CA SER W 254 -0.36 -42.18 -38.06
C SER W 254 0.55 -43.13 -37.30
N PHE W 255 0.78 -42.86 -36.02
CA PHE W 255 1.61 -43.73 -35.22
C PHE W 255 0.77 -44.70 -34.41
N ASN W 256 1.17 -45.96 -34.36
CA ASN W 256 0.45 -46.95 -33.58
C ASN W 256 1.29 -47.46 -32.43
N ASN W 257 2.52 -47.87 -32.72
CA ASN W 257 3.40 -48.32 -31.65
C ASN W 257 3.68 -47.14 -30.77
N SER W 258 2.86 -46.97 -29.75
CA SER W 258 3.03 -45.85 -28.84
C SER W 258 4.48 -45.66 -28.43
N ARG W 259 5.26 -46.75 -28.41
CA ARG W 259 6.68 -46.62 -28.11
C ARG W 259 7.39 -45.80 -29.17
N ALA W 260 7.08 -46.05 -30.45
CA ALA W 260 7.64 -45.22 -31.52
C ALA W 260 7.18 -43.78 -31.39
N LEU W 261 5.91 -43.58 -31.00
CA LEU W 261 5.40 -42.22 -30.82
C LEU W 261 6.19 -41.47 -29.76
N HIS W 262 6.42 -42.10 -28.61
CA HIS W 262 7.15 -41.44 -27.55
C HIS W 262 8.62 -41.24 -27.91
N PHE W 263 9.20 -42.18 -28.65
CA PHE W 263 10.57 -41.96 -29.12
C PHE W 263 10.66 -40.75 -30.03
N PHE W 264 9.68 -40.59 -30.93
CA PHE W 264 9.67 -39.42 -31.80
C PHE W 264 9.49 -38.14 -30.98
N LEU W 265 8.62 -38.19 -29.97
CA LEU W 265 8.44 -37.05 -29.08
C LEU W 265 9.76 -36.66 -28.43
N ALA W 266 10.54 -37.63 -27.97
CA ALA W 266 11.83 -37.33 -27.38
C ALA W 266 12.83 -36.85 -28.43
N LEU W 267 12.74 -37.37 -29.65
CA LEU W 267 13.77 -37.12 -30.66
C LEU W 267 13.69 -35.71 -31.22
N TRP W 268 12.48 -35.23 -31.52
CA TRP W 268 12.36 -33.96 -32.24
C TRP W 268 13.02 -32.79 -31.52
N PRO W 269 12.55 -32.37 -30.33
CA PRO W 269 13.15 -31.18 -29.70
C PRO W 269 14.61 -31.37 -29.35
N VAL W 270 15.02 -32.58 -28.99
CA VAL W 270 16.41 -32.81 -28.59
C VAL W 270 17.35 -32.56 -29.75
N VAL W 271 17.04 -33.12 -30.92
CA VAL W 271 17.91 -32.89 -32.07
C VAL W 271 17.84 -31.42 -32.50
N GLY W 272 16.67 -30.80 -32.36
CA GLY W 272 16.59 -29.38 -32.66
C GLY W 272 17.54 -28.55 -31.81
N ILE W 273 17.53 -28.80 -30.50
CA ILE W 273 18.37 -28.02 -29.59
C ILE W 273 19.85 -28.33 -29.80
N TRP W 274 20.17 -29.60 -30.10
CA TRP W 274 21.56 -29.94 -30.42
C TRP W 274 22.05 -29.14 -31.62
N ILE W 275 21.23 -29.10 -32.68
CA ILE W 275 21.63 -28.38 -33.88
C ILE W 275 21.76 -26.89 -33.58
N THR W 276 20.90 -26.35 -32.72
CA THR W 276 21.01 -24.93 -32.38
C THR W 276 22.29 -24.63 -31.61
N ALA W 277 22.61 -25.46 -30.61
CA ALA W 277 23.85 -25.28 -29.88
C ALA W 277 25.04 -25.37 -30.81
N MET W 278 24.94 -26.21 -31.84
CA MET W 278 26.00 -26.25 -32.84
C MET W 278 26.04 -25.00 -33.69
N GLY W 279 24.89 -24.40 -33.98
CA GLY W 279 24.90 -23.11 -34.64
C GLY W 279 25.66 -22.07 -33.84
N ILE W 280 25.36 -21.99 -32.54
CA ILE W 280 26.04 -21.00 -31.70
C ILE W 280 27.53 -21.29 -31.64
N SER W 281 27.89 -22.56 -31.50
CA SER W 281 29.30 -22.93 -31.40
C SER W 281 30.06 -22.63 -32.68
N THR W 282 29.46 -22.96 -33.83
CA THR W 282 30.10 -22.68 -35.11
C THR W 282 30.25 -21.18 -35.33
N MET W 283 29.22 -20.41 -34.97
CA MET W 283 29.26 -18.97 -35.16
C MET W 283 30.14 -18.27 -34.14
N ALA W 284 30.51 -18.95 -33.04
CA ALA W 284 31.49 -18.40 -32.13
C ALA W 284 32.84 -18.24 -32.80
N PHE W 285 33.12 -19.03 -33.84
CA PHE W 285 34.34 -18.92 -34.62
C PHE W 285 34.10 -18.22 -35.95
N ASN W 286 33.08 -17.37 -36.01
CA ASN W 286 32.84 -16.49 -37.15
C ASN W 286 32.58 -17.29 -38.43
N LEU W 287 31.58 -18.15 -38.36
CA LEU W 287 31.00 -18.79 -39.55
C LEU W 287 29.53 -18.40 -39.55
N ASN W 288 29.24 -17.22 -40.09
CA ASN W 288 27.95 -16.60 -39.93
C ASN W 288 26.93 -17.22 -40.89
N GLY W 289 25.69 -16.74 -40.81
CA GLY W 289 24.63 -17.20 -41.66
C GLY W 289 24.76 -16.64 -43.07
N PHE W 290 23.82 -17.05 -43.92
CA PHE W 290 23.83 -16.65 -45.32
C PHE W 290 23.77 -15.13 -45.45
N ASN W 291 24.57 -14.60 -46.37
CA ASN W 291 24.61 -13.17 -46.67
C ASN W 291 24.16 -12.97 -48.10
N PHE W 292 22.85 -12.79 -48.30
CA PHE W 292 22.28 -12.53 -49.62
C PHE W 292 22.12 -11.02 -49.84
N ASN W 293 23.23 -10.30 -49.73
CA ASN W 293 23.22 -8.86 -49.86
C ASN W 293 23.53 -8.47 -51.31
N GLN W 294 22.63 -7.70 -51.92
CA GLN W 294 22.79 -7.24 -53.29
C GLN W 294 23.00 -8.40 -54.25
N SER W 295 22.22 -9.46 -54.06
CA SER W 295 22.31 -10.62 -54.94
C SER W 295 21.55 -10.42 -56.25
N VAL W 296 20.48 -9.62 -56.23
CA VAL W 296 19.66 -9.38 -57.40
C VAL W 296 20.13 -8.10 -58.08
N VAL W 297 20.45 -8.21 -59.37
CA VAL W 297 20.97 -7.09 -60.16
C VAL W 297 20.22 -7.05 -61.49
N ASP W 298 19.80 -5.85 -61.90
CA ASP W 298 19.12 -5.72 -63.18
C ASP W 298 20.14 -5.73 -64.31
N SER W 299 19.65 -5.62 -65.54
CA SER W 299 20.55 -5.70 -66.68
C SER W 299 21.67 -4.69 -66.60
N GLN W 300 21.34 -3.45 -66.28
CA GLN W 300 22.36 -2.43 -66.25
C GLN W 300 23.40 -2.74 -65.21
N GLY W 301 22.95 -3.09 -64.01
CA GLY W 301 23.88 -3.37 -62.93
C GLY W 301 23.39 -2.81 -61.62
N ARG W 302 22.37 -1.98 -61.66
CA ARG W 302 21.84 -1.40 -60.45
C ARG W 302 21.35 -2.52 -59.57
N VAL W 303 21.34 -2.31 -58.27
CA VAL W 303 20.94 -3.36 -57.35
C VAL W 303 19.49 -3.24 -56.95
N ILE W 304 18.82 -4.38 -56.91
CA ILE W 304 17.40 -4.39 -56.53
C ILE W 304 17.32 -5.05 -55.16
N ASN W 305 16.75 -4.33 -54.20
CA ASN W 305 16.71 -4.84 -52.84
C ASN W 305 15.72 -6.00 -52.72
N THR W 306 16.07 -6.94 -51.85
CA THR W 306 15.20 -8.03 -51.46
C THR W 306 14.88 -7.87 -49.97
N TRP W 307 14.19 -8.86 -49.41
CA TRP W 307 13.90 -8.82 -47.99
C TRP W 307 15.16 -9.01 -47.14
N ALA W 308 16.21 -9.61 -47.71
CA ALA W 308 17.44 -9.77 -46.96
C ALA W 308 18.16 -8.44 -46.76
N ASP W 309 18.06 -7.53 -47.73
CA ASP W 309 18.74 -6.25 -47.61
C ASP W 309 18.17 -5.40 -46.48
N ILE W 310 16.87 -5.50 -46.22
CA ILE W 310 16.30 -4.79 -45.08
C ILE W 310 16.81 -5.39 -43.77
N LEU W 311 17.01 -6.71 -43.75
CA LEU W 311 17.66 -7.33 -42.60
C LEU W 311 19.07 -6.80 -42.41
N ASN W 312 19.81 -6.64 -43.50
CA ASN W 312 21.14 -6.05 -43.40
C ASN W 312 21.08 -4.61 -42.90
N ARG W 313 20.05 -3.87 -43.31
CA ARG W 313 19.86 -2.50 -42.84
C ARG W 313 19.65 -2.47 -41.33
N ALA W 314 18.79 -3.34 -40.82
CA ALA W 314 18.55 -3.40 -39.38
C ALA W 314 19.81 -3.86 -38.65
N ASN W 315 20.56 -4.79 -39.22
CA ASN W 315 21.81 -5.23 -38.62
C ASN W 315 22.82 -4.09 -38.55
N LEU W 316 22.90 -3.28 -39.61
CA LEU W 316 23.77 -2.11 -39.56
C LEU W 316 23.34 -1.15 -38.47
N GLY W 317 22.03 -0.91 -38.35
CA GLY W 317 21.53 -0.03 -37.31
C GLY W 317 21.91 -0.50 -35.93
N ILE W 318 21.79 -1.80 -35.68
CA ILE W 318 22.20 -2.32 -34.37
C ILE W 318 23.71 -2.24 -34.21
N GLU W 319 24.45 -2.51 -35.29
CA GLU W 319 25.90 -2.66 -35.17
C GLU W 319 26.59 -1.34 -34.89
N VAL W 320 26.22 -0.28 -35.60
CA VAL W 320 26.89 1.01 -35.42
C VAL W 320 26.61 1.62 -34.05
N MET W 321 25.72 1.02 -33.26
CA MET W 321 25.32 1.56 -31.97
C MET W 321 25.79 0.74 -30.78
N HIS W 322 26.00 -0.56 -30.94
CA HIS W 322 26.39 -1.39 -29.80
C HIS W 322 27.81 -1.04 -29.36
N GLU W 323 28.00 -0.97 -28.05
CA GLU W 323 29.28 -0.63 -27.44
C GLU W 323 29.86 0.62 -28.10
N ARG W 324 29.16 1.73 -27.89
CA ARG W 324 29.42 2.94 -28.65
C ARG W 324 30.84 3.45 -28.43
N ASN W 325 31.35 3.36 -27.20
CA ASN W 325 32.65 3.93 -26.88
C ASN W 325 33.80 2.94 -26.97
N ALA W 326 33.50 1.65 -27.19
CA ALA W 326 34.55 0.63 -27.11
C ALA W 326 35.45 0.62 -28.35
N HIS W 327 34.94 1.04 -29.50
CA HIS W 327 35.66 0.85 -30.75
C HIS W 327 36.48 2.09 -31.11
N ASN W 328 37.64 1.83 -31.73
CA ASN W 328 38.51 2.90 -32.19
C ASN W 328 38.89 2.80 -33.66
N PHE W 329 38.55 1.70 -34.33
CA PHE W 329 38.98 1.43 -35.69
C PHE W 329 37.81 0.90 -36.48
N PRO W 330 37.83 1.05 -37.81
CA PRO W 330 36.61 0.80 -38.60
C PRO W 330 36.06 -0.61 -38.50
N LEU W 331 36.92 -1.61 -38.38
CA LEU W 331 36.47 -3.01 -38.43
C LEU W 331 36.27 -3.56 -37.03
N ASP W 332 35.28 -4.45 -36.90
CA ASP W 332 34.99 -5.13 -35.65
C ASP W 332 35.54 -6.55 -35.75
N LEU W 333 36.81 -6.71 -35.42
CA LEU W 333 37.45 -8.02 -35.50
C LEU W 333 37.61 -8.64 -34.11
N ALA X 1 -15.62 -32.12 -3.51
CA ALA X 1 -16.28 -32.71 -4.67
C ALA X 1 -16.05 -31.88 -5.92
N LEU X 2 -16.44 -30.62 -5.86
CA LEU X 2 -16.31 -29.74 -7.00
C LEU X 2 -14.95 -29.07 -7.00
N PRO X 3 -14.18 -29.17 -8.09
CA PRO X 3 -12.94 -28.39 -8.18
C PRO X 3 -13.24 -26.90 -8.22
N TRP X 4 -12.21 -26.11 -7.97
CA TRP X 4 -12.41 -24.67 -7.80
C TRP X 4 -12.96 -24.02 -9.06
N TYR X 5 -12.50 -24.47 -10.23
CA TYR X 5 -12.95 -23.87 -11.48
C TYR X 5 -14.36 -24.30 -11.88
N ARG X 6 -14.94 -25.26 -11.17
CA ARG X 6 -16.28 -25.76 -11.47
C ARG X 6 -17.30 -25.36 -10.40
N VAL X 7 -16.96 -24.40 -9.55
CA VAL X 7 -17.72 -24.19 -8.33
C VAL X 7 -19.07 -23.55 -8.61
N HIS X 8 -19.18 -22.76 -9.68
CA HIS X 8 -20.41 -22.03 -9.96
C HIS X 8 -21.42 -22.84 -10.72
N THR X 9 -21.21 -24.15 -10.87
CA THR X 9 -22.13 -24.98 -11.62
C THR X 9 -23.29 -25.50 -10.81
N VAL X 10 -23.31 -25.24 -9.50
CA VAL X 10 -24.45 -25.64 -8.67
C VAL X 10 -25.69 -24.87 -9.08
N VAL X 11 -25.52 -23.69 -9.65
CA VAL X 11 -26.67 -22.87 -10.01
C VAL X 11 -27.13 -23.18 -11.41
N LEU X 12 -26.78 -24.35 -11.93
CA LEU X 12 -27.13 -24.69 -13.30
C LEU X 12 -28.58 -25.08 -13.45
N ASN X 13 -29.10 -25.81 -12.48
CA ASN X 13 -30.47 -26.28 -12.58
C ASN X 13 -31.36 -25.72 -11.48
N ASP X 14 -31.04 -24.53 -11.00
CA ASP X 14 -31.88 -23.90 -10.01
C ASP X 14 -32.34 -22.57 -10.54
N PRO X 15 -33.29 -22.60 -11.47
CA PRO X 15 -33.74 -21.37 -12.08
C PRO X 15 -33.73 -20.23 -11.10
N GLY X 16 -34.24 -20.46 -9.90
CA GLY X 16 -34.34 -19.39 -8.93
C GLY X 16 -33.03 -18.78 -8.52
N ARG X 17 -32.09 -19.61 -8.14
CA ARG X 17 -30.83 -19.10 -7.65
C ARG X 17 -30.05 -18.45 -8.78
N LEU X 18 -30.29 -18.85 -10.02
CA LEU X 18 -29.63 -18.18 -11.13
C LEU X 18 -30.03 -16.74 -11.08
N ILE X 19 -31.32 -16.47 -11.16
CA ILE X 19 -31.78 -15.10 -11.06
C ILE X 19 -31.01 -14.39 -9.95
N ALA X 20 -30.95 -14.99 -8.78
CA ALA X 20 -30.27 -14.31 -7.68
C ALA X 20 -28.85 -13.94 -8.05
N VAL X 21 -28.12 -14.85 -8.70
CA VAL X 21 -26.73 -14.60 -9.03
C VAL X 21 -26.61 -13.54 -10.12
N HIS X 22 -27.47 -13.60 -11.13
CA HIS X 22 -27.47 -12.55 -12.15
C HIS X 22 -27.80 -11.20 -11.54
N LEU X 23 -28.71 -11.17 -10.58
CA LEU X 23 -29.04 -9.93 -9.89
C LEU X 23 -27.85 -9.40 -9.11
N MET X 24 -27.10 -10.31 -8.46
CA MET X 24 -25.89 -9.89 -7.76
C MET X 24 -24.89 -9.27 -8.71
N HIS X 25 -24.70 -9.88 -9.88
CA HIS X 25 -23.80 -9.31 -10.87
C HIS X 25 -24.28 -7.94 -11.32
N THR X 26 -25.59 -7.80 -11.56
CA THR X 26 -26.13 -6.51 -11.97
C THR X 26 -25.89 -5.45 -10.90
N ALA X 27 -26.07 -5.82 -9.63
CA ALA X 27 -25.84 -4.89 -8.54
C ALA X 27 -24.37 -4.47 -8.50
N LEU X 28 -23.45 -5.40 -8.69
CA LEU X 28 -22.03 -5.05 -8.71
C LEU X 28 -21.73 -4.08 -9.85
N VAL X 29 -22.27 -4.35 -11.04
CA VAL X 29 -22.00 -3.48 -12.19
C VAL X 29 -22.53 -2.07 -11.93
N ALA X 30 -23.77 -1.97 -11.45
CA ALA X 30 -24.37 -0.67 -11.20
C ALA X 30 -23.61 0.08 -10.12
N GLY X 31 -23.20 -0.61 -9.05
CA GLY X 31 -22.42 0.02 -8.01
C GLY X 31 -21.08 0.54 -8.54
N TRP X 32 -20.43 -0.23 -9.41
CA TRP X 32 -19.20 0.25 -10.00
C TRP X 32 -19.45 1.51 -10.82
N ALA X 33 -20.52 1.52 -11.62
CA ALA X 33 -20.82 2.70 -12.42
C ALA X 33 -21.00 3.93 -11.54
N GLY X 34 -21.81 3.80 -10.49
CA GLY X 34 -22.04 4.93 -9.61
C GLY X 34 -20.78 5.41 -8.91
N SER X 35 -20.00 4.47 -8.36
CA SER X 35 -18.81 4.85 -7.62
C SER X 35 -17.76 5.47 -8.53
N MET X 36 -17.60 4.94 -9.75
CA MET X 36 -16.67 5.52 -10.70
C MET X 36 -17.09 6.93 -11.08
N ALA X 37 -18.40 7.14 -11.29
CA ALA X 37 -18.87 8.48 -11.60
C ALA X 37 -18.56 9.45 -10.46
N LEU X 38 -18.79 9.00 -9.22
CA LEU X 38 -18.51 9.85 -8.07
C LEU X 38 -17.03 10.19 -7.97
N TYR X 39 -16.16 9.21 -8.17
CA TYR X 39 -14.73 9.46 -8.12
C TYR X 39 -14.29 10.44 -9.19
N GLU X 40 -14.77 10.24 -10.43
CA GLU X 40 -14.41 11.15 -11.51
C GLU X 40 -14.90 12.57 -11.22
N LEU X 41 -16.12 12.70 -10.69
CA LEU X 41 -16.60 14.02 -10.30
C LEU X 41 -15.71 14.64 -9.23
N ALA X 42 -15.22 13.80 -8.32
CA ALA X 42 -14.33 14.31 -7.26
C ALA X 42 -13.04 14.87 -7.85
N VAL X 43 -12.48 14.20 -8.85
CA VAL X 43 -11.17 14.59 -9.39
C VAL X 43 -11.29 15.42 -10.66
N PHE X 44 -12.50 15.85 -11.03
CA PHE X 44 -12.67 16.62 -12.25
C PHE X 44 -12.35 18.09 -12.02
N ASP X 45 -11.94 18.78 -13.09
CA ASP X 45 -11.59 20.19 -13.05
C ASP X 45 -12.31 20.91 -14.19
N PRO X 46 -13.52 21.42 -13.94
CA PRO X 46 -14.29 22.10 -14.99
C PRO X 46 -13.95 23.58 -15.15
N SER X 47 -12.66 23.89 -15.15
CA SER X 47 -12.22 25.27 -15.22
C SER X 47 -12.10 25.75 -16.66
N ASP X 48 -11.28 25.07 -17.45
CA ASP X 48 -11.03 25.45 -18.84
C ASP X 48 -11.46 24.30 -19.76
N PRO X 49 -12.65 24.36 -20.34
CA PRO X 49 -13.08 23.31 -21.27
C PRO X 49 -12.50 23.44 -22.67
N VAL X 50 -11.54 24.33 -22.88
CA VAL X 50 -10.96 24.54 -24.20
C VAL X 50 -9.64 23.78 -24.30
N LEU X 51 -8.70 24.09 -23.41
CA LEU X 51 -7.39 23.44 -23.40
C LEU X 51 -7.29 22.34 -22.35
N ASN X 52 -8.34 22.11 -21.58
CA ASN X 52 -8.36 21.02 -20.58
C ASN X 52 -9.71 20.32 -20.65
N PRO X 53 -9.96 19.59 -21.73
CA PRO X 53 -11.26 18.91 -21.89
C PRO X 53 -11.33 17.66 -21.03
N MET X 54 -12.47 16.98 -21.10
CA MET X 54 -12.68 15.77 -20.31
C MET X 54 -11.69 14.68 -20.70
N TRP X 55 -11.47 14.48 -22.00
CA TRP X 55 -10.58 13.42 -22.44
C TRP X 55 -9.13 13.69 -22.06
N ARG X 56 -8.76 14.94 -21.84
CA ARG X 56 -7.40 15.27 -21.43
C ARG X 56 -7.13 14.91 -19.99
N GLN X 57 -8.17 14.79 -19.17
CA GLN X 57 -8.04 14.55 -17.74
C GLN X 57 -8.22 13.08 -17.37
N GLY X 58 -8.31 12.19 -18.35
CA GLY X 58 -8.44 10.78 -18.06
C GLY X 58 -9.82 10.34 -17.64
N MET X 59 -10.86 11.10 -17.96
CA MET X 59 -12.22 10.71 -17.61
C MET X 59 -12.71 9.62 -18.55
N PHE X 60 -13.15 8.51 -17.98
CA PHE X 60 -13.61 7.38 -18.77
C PHE X 60 -15.12 7.24 -18.81
N VAL X 61 -15.81 7.60 -17.74
CA VAL X 61 -17.25 7.40 -17.63
C VAL X 61 -18.00 8.66 -18.01
N MET X 62 -17.42 9.82 -17.70
CA MET X 62 -18.03 11.10 -18.06
C MET X 62 -18.37 11.23 -19.54
N PRO X 63 -17.52 10.82 -20.49
CA PRO X 63 -17.92 10.92 -21.90
C PRO X 63 -19.21 10.18 -22.22
N PHE X 64 -19.41 9.01 -21.61
CA PHE X 64 -20.62 8.24 -21.91
C PHE X 64 -21.86 8.91 -21.32
N MET X 65 -21.72 9.62 -20.20
CA MET X 65 -22.84 10.39 -19.67
C MET X 65 -23.13 11.59 -20.57
N THR X 66 -22.10 12.33 -20.97
CA THR X 66 -22.31 13.52 -21.78
C THR X 66 -22.78 13.20 -23.19
N ARG X 67 -22.49 11.99 -23.68
CA ARG X 67 -22.92 11.63 -25.03
C ARG X 67 -24.44 11.60 -25.14
N LEU X 68 -25.12 11.08 -24.12
CA LEU X 68 -26.56 10.90 -24.18
C LEU X 68 -27.34 12.13 -23.73
N GLY X 69 -26.68 13.15 -23.19
CA GLY X 69 -27.37 14.39 -22.88
C GLY X 69 -27.15 14.97 -21.51
N ILE X 70 -26.26 14.37 -20.72
CA ILE X 70 -25.98 14.85 -19.37
C ILE X 70 -24.86 15.89 -19.46
N THR X 71 -25.20 17.16 -19.25
CA THR X 71 -24.23 18.23 -19.35
C THR X 71 -24.11 19.06 -18.09
N ASP X 72 -25.21 19.34 -17.41
CA ASP X 72 -25.17 20.19 -16.23
C ASP X 72 -24.63 19.42 -15.03
N SER X 73 -24.23 20.16 -14.01
CA SER X 73 -23.78 19.58 -12.75
C SER X 73 -24.32 20.41 -11.60
N TRP X 74 -24.49 19.76 -10.45
CA TRP X 74 -25.00 20.44 -9.27
C TRP X 74 -24.07 21.55 -8.79
N GLY X 75 -22.77 21.47 -9.13
CA GLY X 75 -21.84 22.51 -8.75
C GLY X 75 -22.06 23.83 -9.47
N GLY X 76 -22.96 23.87 -10.44
CA GLY X 76 -23.28 25.09 -11.15
C GLY X 76 -22.62 25.23 -12.50
N TRP X 77 -21.60 24.44 -12.79
CA TRP X 77 -20.92 24.51 -14.06
C TRP X 77 -21.55 23.55 -15.08
N SER X 78 -21.19 23.74 -16.34
CA SER X 78 -21.70 22.93 -17.43
C SER X 78 -20.53 22.48 -18.29
N ILE X 79 -20.67 21.30 -18.89
CA ILE X 79 -19.56 20.75 -19.65
C ILE X 79 -19.39 21.49 -20.95
N THR X 80 -20.41 22.24 -21.33
CA THR X 80 -20.35 22.98 -22.58
C THR X 80 -19.88 24.38 -22.30
N GLY X 81 -19.28 24.59 -21.14
CA GLY X 81 -18.74 25.90 -20.82
C GLY X 81 -19.64 26.82 -20.05
N GLU X 82 -20.92 26.89 -20.41
CA GLU X 82 -21.84 27.82 -19.77
C GLU X 82 -22.08 27.50 -18.32
N SER X 83 -22.99 28.23 -17.69
CA SER X 83 -23.32 27.98 -16.29
C SER X 83 -24.76 27.56 -16.20
N VAL X 84 -25.05 26.65 -15.28
CA VAL X 84 -26.41 26.16 -15.15
C VAL X 84 -27.01 26.62 -13.84
N SER X 85 -28.26 27.06 -13.89
CA SER X 85 -28.95 27.47 -12.69
C SER X 85 -29.95 26.41 -12.31
N ASN X 86 -29.81 25.86 -11.12
CA ASN X 86 -30.72 24.83 -10.68
C ASN X 86 -30.86 23.71 -11.69
N PRO X 87 -29.84 22.87 -11.81
CA PRO X 87 -30.02 21.72 -12.70
C PRO X 87 -30.97 20.77 -12.02
N GLY X 88 -31.60 19.88 -12.76
CA GLY X 88 -32.57 18.99 -12.16
C GLY X 88 -31.93 17.85 -11.42
N ILE X 89 -32.58 16.71 -11.44
CA ILE X 89 -32.01 15.54 -10.80
C ILE X 89 -31.07 14.90 -11.76
N TRP X 90 -31.26 15.14 -13.04
CA TRP X 90 -30.45 14.42 -14.02
C TRP X 90 -29.19 15.23 -14.34
N SER X 91 -28.33 15.32 -13.34
CA SER X 91 -26.97 15.81 -13.49
C SER X 91 -26.02 14.64 -13.28
N PHE X 92 -24.72 14.94 -13.28
CA PHE X 92 -23.73 13.88 -13.07
C PHE X 92 -23.92 13.23 -11.71
N GLU X 93 -24.06 14.05 -10.67
CA GLU X 93 -24.24 13.52 -9.32
C GLU X 93 -25.56 12.75 -9.20
N GLY X 94 -26.63 13.27 -9.79
CA GLY X 94 -27.89 12.56 -9.78
C GLY X 94 -27.81 11.21 -10.44
N VAL X 95 -27.12 11.13 -11.57
CA VAL X 95 -26.95 9.85 -12.27
C VAL X 95 -26.16 8.87 -11.43
N ALA X 96 -25.07 9.35 -10.82
CA ALA X 96 -24.26 8.46 -9.97
C ALA X 96 -25.08 7.93 -8.80
N LEU X 97 -25.83 8.81 -8.13
CA LEU X 97 -26.61 8.37 -6.98
C LEU X 97 -27.72 7.41 -7.41
N SER X 98 -28.37 7.68 -8.54
CA SER X 98 -29.39 6.78 -9.03
C SER X 98 -28.82 5.39 -9.27
N HIS X 99 -27.63 5.34 -9.86
CA HIS X 99 -26.98 4.05 -10.08
C HIS X 99 -26.67 3.33 -8.78
N ILE X 100 -26.20 4.06 -7.77
CA ILE X 100 -25.88 3.43 -6.50
C ILE X 100 -27.14 2.87 -5.84
N ILE X 101 -28.25 3.62 -5.90
CA ILE X 101 -29.50 3.14 -5.35
C ILE X 101 -29.98 1.90 -6.09
N LEU X 102 -29.86 1.90 -7.41
CA LEU X 102 -30.22 0.72 -8.19
C LEU X 102 -29.38 -0.49 -7.76
N SER X 103 -28.09 -0.27 -7.51
CA SER X 103 -27.23 -1.33 -7.05
C SER X 103 -27.72 -1.90 -5.72
N GLY X 104 -28.08 -1.02 -4.79
CA GLY X 104 -28.55 -1.50 -3.49
C GLY X 104 -29.83 -2.30 -3.60
N MET X 105 -30.79 -1.80 -4.37
CA MET X 105 -32.05 -2.52 -4.53
C MET X 105 -31.85 -3.86 -5.21
N CYS X 106 -30.97 -3.91 -6.21
CA CYS X 106 -30.67 -5.19 -6.85
C CYS X 106 -30.02 -6.16 -5.89
N PHE X 107 -29.16 -5.65 -4.99
CA PHE X 107 -28.56 -6.50 -3.98
C PHE X 107 -29.62 -7.11 -3.07
N LEU X 108 -30.57 -6.30 -2.61
CA LEU X 108 -31.64 -6.82 -1.75
C LEU X 108 -32.49 -7.84 -2.49
N ALA X 109 -32.83 -7.56 -3.75
CA ALA X 109 -33.63 -8.51 -4.52
C ALA X 109 -32.87 -9.82 -4.73
N ALA X 110 -31.56 -9.73 -4.94
CA ALA X 110 -30.75 -10.94 -5.07
C ALA X 110 -30.80 -11.78 -3.80
N ILE X 111 -30.72 -11.12 -2.64
CA ILE X 111 -30.82 -11.85 -1.38
C ILE X 111 -32.17 -12.56 -1.28
N TRP X 112 -33.25 -11.84 -1.60
CA TRP X 112 -34.58 -12.44 -1.51
C TRP X 112 -34.69 -13.65 -2.43
N HIS X 113 -34.23 -13.51 -3.68
CA HIS X 113 -34.35 -14.61 -4.62
C HIS X 113 -33.47 -15.78 -4.28
N TRP X 114 -32.35 -15.54 -3.60
CA TRP X 114 -31.54 -16.65 -3.15
C TRP X 114 -32.21 -17.40 -2.00
N VAL X 115 -32.84 -16.67 -1.08
CA VAL X 115 -33.45 -17.32 0.08
C VAL X 115 -34.69 -18.10 -0.33
N TYR X 116 -35.56 -17.49 -1.13
CA TYR X 116 -36.80 -18.14 -1.58
C TYR X 116 -36.55 -18.70 -2.97
N TRP X 117 -35.85 -19.83 -3.01
CA TRP X 117 -35.46 -20.43 -4.28
C TRP X 117 -36.53 -21.34 -4.86
N ASP X 118 -37.35 -21.97 -4.02
CA ASP X 118 -38.31 -22.97 -4.49
C ASP X 118 -39.64 -22.30 -4.79
N LEU X 119 -39.72 -21.68 -5.96
CA LEU X 119 -40.95 -21.08 -6.45
C LEU X 119 -41.63 -22.04 -7.41
N GLU X 120 -42.95 -22.15 -7.27
CA GLU X 120 -43.71 -23.04 -8.15
C GLU X 120 -43.67 -22.58 -9.60
N LEU X 121 -43.30 -21.32 -9.85
CA LEU X 121 -43.23 -20.82 -11.22
C LEU X 121 -42.16 -21.57 -12.01
N PHE X 122 -41.02 -21.87 -11.38
CA PHE X 122 -39.95 -22.57 -12.08
C PHE X 122 -40.12 -24.09 -12.01
N ARG X 123 -41.32 -24.58 -12.32
CA ARG X 123 -41.60 -26.00 -12.31
C ARG X 123 -42.39 -26.37 -13.55
N ASP X 124 -42.23 -27.62 -13.98
CA ASP X 124 -42.98 -28.12 -15.13
C ASP X 124 -44.15 -28.95 -14.63
N PRO X 125 -45.39 -28.53 -14.89
CA PRO X 125 -46.53 -29.34 -14.40
C PRO X 125 -46.55 -30.75 -14.95
N ARG X 126 -46.14 -30.95 -16.20
CA ARG X 126 -46.19 -32.27 -16.80
C ARG X 126 -45.25 -33.23 -16.09
N THR X 127 -44.04 -32.78 -15.77
CA THR X 127 -43.04 -33.65 -15.15
C THR X 127 -42.88 -33.43 -13.66
N GLY X 128 -42.98 -32.19 -13.19
CA GLY X 128 -42.78 -31.89 -11.79
C GLY X 128 -41.38 -31.47 -11.41
N GLU X 129 -40.51 -31.22 -12.39
CA GLU X 129 -39.13 -30.84 -12.15
C GLU X 129 -38.88 -29.42 -12.65
N PRO X 130 -37.86 -28.75 -12.12
CA PRO X 130 -37.54 -27.41 -12.61
C PRO X 130 -37.18 -27.43 -14.09
N ALA X 131 -37.67 -26.43 -14.81
CA ALA X 131 -37.43 -26.33 -16.25
C ALA X 131 -37.76 -24.93 -16.71
N LEU X 132 -37.11 -24.53 -17.80
CA LEU X 132 -37.34 -23.23 -18.43
C LEU X 132 -37.63 -23.45 -19.91
N ASP X 133 -38.71 -22.83 -20.39
CA ASP X 133 -39.05 -22.90 -21.81
C ASP X 133 -38.25 -21.82 -22.53
N LEU X 134 -37.01 -22.17 -22.87
CA LEU X 134 -36.09 -21.19 -23.45
C LEU X 134 -36.59 -20.55 -24.74
N PRO X 135 -37.15 -21.29 -25.71
CA PRO X 135 -37.63 -20.61 -26.93
C PRO X 135 -38.76 -19.61 -26.69
N LYS X 136 -39.46 -19.70 -25.56
CA LYS X 136 -40.50 -18.74 -25.22
C LYS X 136 -39.96 -17.58 -24.39
N ILE X 137 -39.07 -17.87 -23.45
CA ILE X 137 -38.40 -16.81 -22.70
C ILE X 137 -37.64 -15.90 -23.63
N PHE X 138 -37.00 -16.49 -24.65
CA PHE X 138 -36.30 -15.69 -25.63
C PHE X 138 -37.24 -14.75 -26.36
N GLY X 139 -38.42 -15.25 -26.74
CA GLY X 139 -39.39 -14.39 -27.39
C GLY X 139 -39.82 -13.24 -26.51
N ILE X 140 -40.09 -13.53 -25.23
CA ILE X 140 -40.50 -12.48 -24.30
C ILE X 140 -39.43 -11.41 -24.19
N HIS X 141 -38.19 -11.84 -23.92
CA HIS X 141 -37.10 -10.88 -23.70
C HIS X 141 -36.77 -10.10 -24.96
N LEU X 142 -36.80 -10.77 -26.12
CA LEU X 142 -36.50 -10.09 -27.38
C LEU X 142 -37.59 -9.08 -27.71
N PHE X 143 -38.85 -9.41 -27.45
CA PHE X 143 -39.92 -8.46 -27.66
C PHE X 143 -39.74 -7.24 -26.76
N LEU X 144 -39.38 -7.48 -25.49
CA LEU X 144 -39.14 -6.37 -24.57
C LEU X 144 -37.99 -5.49 -25.06
N SER X 145 -36.89 -6.12 -25.49
CA SER X 145 -35.73 -5.35 -25.94
C SER X 145 -36.04 -4.57 -27.21
N GLY X 146 -36.83 -5.14 -28.11
CA GLY X 146 -37.25 -4.40 -29.29
C GLY X 146 -38.11 -3.21 -28.95
N LEU X 147 -39.03 -3.37 -28.00
CA LEU X 147 -39.82 -2.23 -27.54
C LEU X 147 -38.92 -1.15 -26.97
N LEU X 148 -37.94 -1.55 -26.15
CA LEU X 148 -37.04 -0.58 -25.54
C LEU X 148 -36.21 0.14 -26.59
N CYS X 149 -35.70 -0.59 -27.59
CA CYS X 149 -34.92 0.01 -28.66
C CYS X 149 -35.75 1.01 -29.45
N PHE X 150 -36.97 0.64 -29.81
CA PHE X 150 -37.82 1.56 -30.55
C PHE X 150 -38.10 2.81 -29.73
N GLY X 151 -38.39 2.65 -28.44
CA GLY X 151 -38.64 3.81 -27.60
C GLY X 151 -37.44 4.72 -27.53
N PHE X 152 -36.25 4.15 -27.32
CA PHE X 152 -35.05 4.97 -27.24
C PHE X 152 -34.79 5.71 -28.54
N GLY X 153 -34.96 5.03 -29.68
CA GLY X 153 -34.72 5.68 -30.95
C GLY X 153 -35.71 6.78 -31.25
N ALA X 154 -36.99 6.53 -31.00
CA ALA X 154 -38.02 7.47 -31.43
C ALA X 154 -38.21 8.63 -30.45
N PHE X 155 -37.95 8.41 -29.17
CA PHE X 155 -38.24 9.43 -28.17
C PHE X 155 -37.02 10.08 -27.55
N HIS X 156 -35.94 9.34 -27.32
CA HIS X 156 -34.79 9.86 -26.59
C HIS X 156 -33.64 10.30 -27.50
N VAL X 157 -33.75 10.07 -28.80
CA VAL X 157 -32.72 10.50 -29.75
C VAL X 157 -33.25 11.54 -30.72
N THR X 158 -34.44 11.29 -31.29
CA THR X 158 -35.07 12.29 -32.15
C THR X 158 -35.52 13.52 -31.38
N GLY X 159 -35.49 13.48 -30.05
CA GLY X 159 -35.89 14.60 -29.25
C GLY X 159 -37.38 14.82 -29.16
N LEU X 160 -38.17 13.86 -29.65
CA LEU X 160 -39.62 13.98 -29.53
C LEU X 160 -40.02 14.09 -28.08
N PHE X 161 -39.50 13.23 -27.23
CA PHE X 161 -39.66 13.34 -25.78
C PHE X 161 -38.33 13.04 -25.09
N GLY X 162 -37.25 13.66 -25.56
CA GLY X 162 -35.96 13.42 -24.98
C GLY X 162 -34.96 14.53 -25.27
N PRO X 163 -33.86 14.55 -24.52
CA PRO X 163 -32.86 15.61 -24.72
C PRO X 163 -32.14 15.54 -26.05
N GLY X 164 -31.96 14.35 -26.61
CA GLY X 164 -31.19 14.16 -27.81
C GLY X 164 -29.86 13.50 -27.54
N ILE X 165 -28.95 13.65 -28.50
CA ILE X 165 -27.60 13.09 -28.39
C ILE X 165 -26.59 14.18 -28.71
N TRP X 166 -25.33 13.89 -28.42
CA TRP X 166 -24.26 14.85 -28.65
C TRP X 166 -23.94 14.91 -30.14
N VAL X 167 -24.00 16.13 -30.70
CA VAL X 167 -23.70 16.36 -32.11
C VAL X 167 -22.68 17.48 -32.18
N SER X 168 -21.60 17.25 -32.93
CA SER X 168 -20.48 18.18 -33.00
C SER X 168 -20.23 18.58 -34.44
N ASP X 169 -19.27 19.49 -34.62
CA ASP X 169 -18.87 19.95 -35.94
C ASP X 169 -17.87 18.96 -36.55
N ALA X 170 -17.48 19.21 -37.80
CA ALA X 170 -16.53 18.32 -38.46
C ALA X 170 -15.14 18.44 -37.86
N TYR X 171 -14.84 19.50 -37.11
CA TYR X 171 -13.54 19.69 -36.51
C TYR X 171 -13.60 19.81 -35.00
N GLY X 172 -14.74 19.52 -34.38
CA GLY X 172 -14.84 19.50 -32.93
C GLY X 172 -14.56 20.83 -32.27
N ILE X 173 -15.12 21.91 -32.83
CA ILE X 173 -14.97 23.24 -32.24
C ILE X 173 -16.23 23.66 -31.50
N THR X 174 -17.39 23.48 -32.10
CA THR X 174 -18.68 23.84 -31.50
C THR X 174 -19.57 22.60 -31.52
N GLY X 175 -19.68 21.93 -30.37
CA GLY X 175 -20.53 20.76 -30.27
C GLY X 175 -21.42 20.79 -29.04
N LYS X 176 -22.63 20.28 -29.16
CA LYS X 176 -23.59 20.34 -28.07
C LYS X 176 -24.66 19.27 -28.30
N VAL X 177 -25.48 19.06 -27.28
CA VAL X 177 -26.52 18.04 -27.32
C VAL X 177 -27.76 18.62 -27.98
N GLN X 178 -28.28 17.94 -28.99
CA GLN X 178 -29.48 18.40 -29.66
C GLN X 178 -30.22 17.21 -30.25
N PRO X 179 -31.54 17.32 -30.44
CA PRO X 179 -32.26 16.25 -31.12
C PRO X 179 -31.80 16.10 -32.55
N VAL X 180 -31.86 14.86 -33.05
CA VAL X 180 -31.38 14.51 -34.38
C VAL X 180 -32.53 13.88 -35.15
N ALA X 181 -32.85 14.46 -36.31
CA ALA X 181 -33.86 13.86 -37.16
C ALA X 181 -33.30 12.61 -37.85
N PRO X 182 -34.09 11.55 -37.99
CA PRO X 182 -33.59 10.34 -38.64
C PRO X 182 -33.35 10.57 -40.12
N ALA X 183 -32.43 9.78 -40.67
CA ALA X 183 -32.06 9.83 -42.09
C ALA X 183 -32.45 8.49 -42.72
N TRP X 184 -33.56 8.47 -43.43
CA TRP X 184 -34.07 7.24 -44.05
C TRP X 184 -33.54 7.07 -45.47
N GLY X 185 -32.22 7.15 -45.65
CA GLY X 185 -31.68 7.02 -46.98
C GLY X 185 -30.38 6.24 -46.99
N ALA X 186 -29.67 6.27 -48.11
CA ALA X 186 -28.35 5.65 -48.16
C ALA X 186 -27.41 6.32 -47.17
N ASP X 187 -27.54 7.64 -46.98
CA ASP X 187 -26.70 8.35 -46.03
C ASP X 187 -26.96 7.94 -44.60
N GLY X 188 -28.05 7.24 -44.32
CA GLY X 188 -28.28 6.75 -42.97
C GLY X 188 -27.24 5.75 -42.53
N PHE X 189 -26.60 5.08 -43.46
CA PHE X 189 -25.55 4.11 -43.15
C PHE X 189 -24.16 4.73 -43.17
N ASN X 190 -24.07 6.03 -43.39
CA ASN X 190 -22.81 6.72 -43.20
C ASN X 190 -22.50 6.72 -41.71
N PRO X 191 -21.39 6.12 -41.29
CA PRO X 191 -21.11 6.03 -39.85
C PRO X 191 -20.99 7.37 -39.15
N PHE X 192 -20.61 8.42 -39.86
CA PHE X 192 -20.42 9.73 -39.27
C PHE X 192 -21.67 10.59 -39.33
N ASN X 193 -22.78 10.05 -39.82
CA ASN X 193 -24.03 10.79 -39.89
C ASN X 193 -24.86 10.48 -38.65
N PRO X 194 -25.05 11.42 -37.73
CA PRO X 194 -25.77 11.10 -36.49
C PRO X 194 -27.23 10.71 -36.69
N GLY X 195 -27.87 11.11 -37.78
CA GLY X 195 -29.23 10.67 -38.03
C GLY X 195 -29.34 9.19 -38.26
N GLY X 196 -28.24 8.54 -38.65
CA GLY X 196 -28.24 7.10 -38.80
C GLY X 196 -28.56 6.38 -37.50
N ILE X 197 -28.17 6.95 -36.37
CA ILE X 197 -28.44 6.31 -35.09
C ILE X 197 -29.95 6.25 -34.84
N ALA X 198 -30.64 7.38 -35.01
CA ALA X 198 -32.08 7.42 -34.80
C ALA X 198 -32.80 6.50 -35.79
N ALA X 199 -32.39 6.57 -37.06
CA ALA X 199 -33.03 5.71 -38.05
C ALA X 199 -32.82 4.23 -37.71
N HIS X 200 -31.59 3.86 -37.35
CA HIS X 200 -31.31 2.48 -36.99
C HIS X 200 -32.17 2.04 -35.83
N HIS X 201 -32.23 2.85 -34.78
CA HIS X 201 -32.93 2.40 -33.59
C HIS X 201 -34.43 2.26 -33.85
N ILE X 202 -35.03 3.19 -34.59
CA ILE X 202 -36.45 3.08 -34.90
C ILE X 202 -36.71 1.83 -35.74
N ALA X 203 -35.93 1.64 -36.80
CA ALA X 203 -36.19 0.51 -37.70
C ALA X 203 -35.91 -0.82 -37.01
N ALA X 204 -34.80 -0.92 -36.28
CA ALA X 204 -34.48 -2.15 -35.57
C ALA X 204 -35.48 -2.43 -34.46
N GLY X 205 -36.07 -1.39 -33.88
CA GLY X 205 -37.17 -1.60 -32.97
C GLY X 205 -38.31 -2.27 -33.69
N ILE X 206 -38.93 -1.56 -34.63
CA ILE X 206 -40.06 -2.09 -35.38
C ILE X 206 -39.79 -3.47 -35.96
N PHE X 207 -38.52 -3.83 -36.12
CA PHE X 207 -38.11 -5.13 -36.62
C PHE X 207 -38.05 -6.18 -35.50
N GLY X 208 -37.41 -5.85 -34.37
CA GLY X 208 -37.32 -6.78 -33.27
C GLY X 208 -38.63 -7.01 -32.56
N ILE X 209 -39.53 -6.04 -32.59
CA ILE X 209 -40.88 -6.25 -32.05
C ILE X 209 -41.58 -7.37 -32.82
N PHE X 210 -41.52 -7.30 -34.15
CA PHE X 210 -42.14 -8.33 -34.97
C PHE X 210 -41.45 -9.68 -34.78
N ALA X 211 -40.12 -9.67 -34.66
CA ALA X 211 -39.40 -10.90 -34.37
C ALA X 211 -39.84 -11.51 -33.04
N GLY X 212 -40.00 -10.67 -32.02
CA GLY X 212 -40.44 -11.16 -30.73
C GLY X 212 -41.85 -11.73 -30.78
N ILE X 213 -42.75 -11.08 -31.52
CA ILE X 213 -44.09 -11.63 -31.68
C ILE X 213 -44.02 -12.99 -32.35
N PHE X 214 -43.21 -13.11 -33.40
CA PHE X 214 -43.05 -14.39 -34.08
C PHE X 214 -42.57 -15.47 -33.12
N HIS X 215 -41.56 -15.15 -32.31
CA HIS X 215 -41.02 -16.15 -31.39
C HIS X 215 -42.01 -16.48 -30.29
N LEU X 216 -42.83 -15.52 -29.89
CA LEU X 216 -43.87 -15.79 -28.90
C LEU X 216 -44.90 -16.78 -29.46
N THR X 217 -45.23 -16.65 -30.74
CA THR X 217 -46.27 -17.50 -31.30
C THR X 217 -45.76 -18.84 -31.80
N VAL X 218 -44.74 -18.83 -32.66
CA VAL X 218 -44.35 -20.03 -33.41
C VAL X 218 -43.37 -20.86 -32.59
N ARG X 219 -43.61 -22.17 -32.55
CA ARG X 219 -42.76 -23.12 -31.85
C ARG X 219 -41.60 -23.57 -32.74
N PRO X 220 -40.51 -24.04 -32.15
CA PRO X 220 -39.34 -24.44 -32.94
C PRO X 220 -39.62 -25.70 -33.74
N PRO X 221 -38.89 -25.89 -34.85
CA PRO X 221 -38.93 -27.18 -35.53
C PRO X 221 -38.14 -28.24 -34.77
N GLN X 222 -38.47 -29.50 -35.02
CA GLN X 222 -37.83 -30.59 -34.29
C GLN X 222 -36.36 -30.73 -34.68
N ARG X 223 -36.04 -30.59 -35.97
CA ARG X 223 -34.66 -30.76 -36.40
C ARG X 223 -33.75 -29.74 -35.72
N LEU X 224 -34.16 -28.47 -35.72
CA LEU X 224 -33.37 -27.44 -35.04
C LEU X 224 -33.32 -27.67 -33.54
N TYR X 225 -34.45 -28.09 -32.95
CA TYR X 225 -34.49 -28.33 -31.52
C TYR X 225 -33.49 -29.40 -31.11
N ARG X 226 -33.39 -30.47 -31.89
CA ARG X 226 -32.43 -31.52 -31.58
C ARG X 226 -31.00 -31.10 -31.91
N ALA X 227 -30.81 -30.35 -33.00
CA ALA X 227 -29.47 -30.00 -33.43
C ALA X 227 -28.82 -29.00 -32.48
N LEU X 228 -29.54 -27.93 -32.13
CA LEU X 228 -28.99 -26.88 -31.29
C LEU X 228 -29.12 -27.18 -29.81
N ARG X 229 -29.69 -28.30 -29.45
CA ARG X 229 -29.88 -28.65 -28.05
C ARG X 229 -30.65 -27.53 -27.37
N MET X 230 -31.84 -27.24 -27.87
CA MET X 230 -32.62 -26.13 -27.32
C MET X 230 -33.39 -26.59 -26.10
N GLY X 231 -32.72 -27.28 -25.19
CA GLY X 231 -33.28 -27.69 -23.92
C GLY X 231 -32.21 -27.59 -22.86
N ASN X 232 -31.04 -27.13 -23.28
CA ASN X 232 -29.87 -26.97 -22.43
C ASN X 232 -29.55 -25.49 -22.35
N ILE X 233 -29.43 -24.96 -21.13
CA ILE X 233 -29.15 -23.54 -20.96
C ILE X 233 -27.75 -23.17 -21.47
N GLU X 234 -26.85 -24.14 -21.55
CA GLU X 234 -25.49 -23.83 -21.92
C GLU X 234 -25.38 -23.44 -23.39
N THR X 235 -26.27 -23.94 -24.25
CA THR X 235 -26.26 -23.47 -25.64
C THR X 235 -26.66 -22.01 -25.71
N VAL X 236 -27.60 -21.59 -24.85
CA VAL X 236 -27.92 -20.16 -24.74
C VAL X 236 -26.68 -19.40 -24.30
N LEU X 237 -25.94 -19.94 -23.33
CA LEU X 237 -24.75 -19.25 -22.86
C LEU X 237 -23.73 -19.08 -23.98
N SER X 238 -23.49 -20.15 -24.75
CA SER X 238 -22.49 -20.07 -25.82
C SER X 238 -22.90 -19.09 -26.89
N SER X 239 -24.16 -19.17 -27.36
CA SER X 239 -24.62 -18.24 -28.38
C SER X 239 -24.56 -16.80 -27.89
N SER X 240 -24.94 -16.56 -26.64
CA SER X 240 -24.87 -15.22 -26.09
C SER X 240 -23.44 -14.71 -26.03
N ILE X 241 -22.50 -15.57 -25.64
CA ILE X 241 -21.10 -15.17 -25.66
C ILE X 241 -20.69 -14.80 -27.08
N SER X 242 -21.16 -15.57 -28.06
CA SER X 242 -20.85 -15.28 -29.46
C SER X 242 -21.29 -13.87 -29.83
N ALA X 243 -22.56 -13.56 -29.56
CA ALA X 243 -23.09 -12.24 -29.86
C ALA X 243 -22.32 -11.15 -29.12
N VAL X 244 -21.96 -11.41 -27.87
CA VAL X 244 -21.31 -10.39 -27.06
C VAL X 244 -19.93 -10.05 -27.61
N PHE X 245 -19.12 -11.05 -28.00
CA PHE X 245 -17.80 -10.66 -28.49
C PHE X 245 -17.90 -10.07 -29.90
N PHE X 246 -18.90 -10.49 -30.69
CA PHE X 246 -19.15 -9.79 -31.95
C PHE X 246 -19.39 -8.30 -31.71
N ALA X 247 -20.25 -7.99 -30.75
CA ALA X 247 -20.56 -6.59 -30.44
C ALA X 247 -19.33 -5.86 -29.92
N ALA X 248 -18.52 -6.52 -29.09
CA ALA X 248 -17.33 -5.89 -28.56
C ALA X 248 -16.34 -5.53 -29.66
N PHE X 249 -16.14 -6.44 -30.62
CA PHE X 249 -15.28 -6.12 -31.74
C PHE X 249 -15.81 -4.93 -32.53
N VAL X 250 -17.12 -4.91 -32.78
CA VAL X 250 -17.70 -3.80 -33.54
C VAL X 250 -17.47 -2.48 -32.83
N THR X 251 -17.75 -2.44 -31.52
CA THR X 251 -17.62 -1.19 -30.78
C THR X 251 -16.17 -0.71 -30.72
N SER X 252 -15.23 -1.65 -30.48
CA SER X 252 -13.83 -1.25 -30.45
C SER X 252 -13.39 -0.69 -31.79
N GLY X 253 -13.81 -1.33 -32.88
CA GLY X 253 -13.46 -0.82 -34.20
C GLY X 253 -14.01 0.58 -34.43
N THR X 254 -15.29 0.79 -34.10
CA THR X 254 -15.88 2.10 -34.34
C THR X 254 -15.26 3.18 -33.48
N MET X 255 -14.79 2.84 -32.28
CA MET X 255 -14.12 3.86 -31.49
C MET X 255 -12.72 4.15 -32.01
N TRP X 256 -11.99 3.11 -32.42
CA TRP X 256 -10.63 3.33 -32.91
C TRP X 256 -10.64 4.15 -34.19
N TYR X 257 -11.55 3.85 -35.11
CA TYR X 257 -11.62 4.59 -36.36
C TYR X 257 -12.50 5.83 -36.28
N GLY X 258 -13.25 6.00 -35.20
CA GLY X 258 -14.13 7.15 -35.08
C GLY X 258 -15.46 6.97 -35.80
N ALA X 259 -16.51 7.54 -35.24
CA ALA X 259 -17.84 7.49 -35.85
C ALA X 259 -18.67 8.61 -35.23
N ALA X 260 -19.94 8.68 -35.63
CA ALA X 260 -20.83 9.67 -35.05
C ALA X 260 -21.12 9.40 -33.59
N ALA X 261 -20.92 8.16 -33.13
CA ALA X 261 -21.18 7.79 -31.75
C ALA X 261 -19.97 7.97 -30.85
N THR X 262 -18.82 8.36 -31.40
CA THR X 262 -17.61 8.63 -30.62
C THR X 262 -17.05 9.98 -31.06
N PRO X 263 -17.68 11.07 -30.65
CA PRO X 263 -17.25 12.39 -31.11
C PRO X 263 -15.87 12.76 -30.60
N ILE X 264 -15.22 13.67 -31.32
CA ILE X 264 -13.86 14.09 -30.98
C ILE X 264 -13.84 14.76 -29.62
N GLU X 265 -14.80 15.65 -29.36
CA GLU X 265 -14.75 16.47 -28.16
C GLU X 265 -14.92 15.68 -26.88
N LEU X 266 -15.38 14.43 -26.97
CA LEU X 266 -15.60 13.62 -25.78
C LEU X 266 -14.49 12.62 -25.52
N PHE X 267 -13.98 11.96 -26.58
CA PHE X 267 -12.95 10.95 -26.43
C PHE X 267 -11.59 11.38 -26.95
N GLY X 268 -11.49 12.52 -27.61
CA GLY X 268 -10.23 12.97 -28.14
C GLY X 268 -10.07 12.60 -29.60
N PRO X 269 -9.07 13.21 -30.27
CA PRO X 269 -8.86 12.92 -31.68
C PRO X 269 -8.40 11.49 -31.90
N THR X 270 -8.69 10.98 -33.09
CA THR X 270 -8.29 9.61 -33.41
C THR X 270 -6.86 9.58 -33.89
N ARG X 271 -6.34 8.36 -34.05
CA ARG X 271 -4.99 8.16 -34.54
C ARG X 271 -4.83 8.72 -35.96
N TYR X 272 -5.83 8.51 -36.80
CA TYR X 272 -5.74 8.83 -38.22
C TYR X 272 -5.96 10.31 -38.52
N GLN X 273 -6.38 11.10 -37.53
CA GLN X 273 -6.37 12.55 -37.71
C GLN X 273 -4.97 13.06 -37.94
N TRP X 274 -4.00 12.53 -37.19
CA TRP X 274 -2.63 12.99 -37.25
C TRP X 274 -1.90 12.50 -38.49
N ASP X 275 -2.20 11.29 -38.95
CA ASP X 275 -1.50 10.73 -40.10
C ASP X 275 -1.74 11.55 -41.36
N SER X 276 -2.99 11.93 -41.60
CA SER X 276 -3.36 12.62 -42.82
C SER X 276 -3.33 14.13 -42.70
N GLY X 277 -2.93 14.67 -41.55
CA GLY X 277 -2.89 16.10 -41.36
C GLY X 277 -4.26 16.74 -41.50
N TYR X 278 -5.25 16.15 -40.85
CA TYR X 278 -6.62 16.65 -40.90
C TYR X 278 -6.68 18.10 -40.42
N PHE X 279 -6.35 18.31 -39.14
CA PHE X 279 -6.42 19.64 -38.56
C PHE X 279 -5.40 20.59 -39.17
N GLN X 280 -4.22 20.08 -39.53
CA GLN X 280 -3.23 20.94 -40.18
C GLN X 280 -3.75 21.46 -41.51
N GLN X 281 -4.40 20.59 -42.30
CA GLN X 281 -4.98 21.04 -43.55
C GLN X 281 -6.08 22.06 -43.31
N GLU X 282 -6.92 21.83 -42.30
CA GLU X 282 -7.98 22.80 -42.02
C GLU X 282 -7.40 24.16 -41.62
N ILE X 283 -6.37 24.15 -40.79
CA ILE X 283 -5.73 25.40 -40.36
C ILE X 283 -5.13 26.12 -41.55
N GLU X 284 -4.45 25.38 -42.43
CA GLU X 284 -3.88 26.00 -43.62
C GLU X 284 -4.97 26.62 -44.50
N ARG X 285 -6.08 25.90 -44.68
CA ARG X 285 -7.16 26.43 -45.51
C ARG X 285 -7.73 27.71 -44.92
N GLN X 286 -7.93 27.74 -43.60
CA GLN X 286 -8.47 28.93 -42.97
C GLN X 286 -7.51 30.11 -43.10
N VAL X 287 -6.21 29.86 -42.91
CA VAL X 287 -5.24 30.93 -43.05
C VAL X 287 -5.21 31.43 -44.50
N GLU X 288 -5.31 30.52 -45.47
CA GLU X 288 -5.32 30.93 -46.86
C GLU X 288 -6.52 31.81 -47.17
N THR X 289 -7.70 31.44 -46.68
CA THR X 289 -8.87 32.26 -46.97
C THR X 289 -8.80 33.60 -46.26
N SER X 290 -8.23 33.65 -45.05
CA SER X 290 -8.09 34.93 -44.36
C SER X 290 -7.09 35.84 -45.07
N VAL X 291 -6.04 35.26 -45.66
CA VAL X 291 -5.12 36.07 -46.46
C VAL X 291 -5.80 36.52 -47.74
N SER X 292 -6.58 35.64 -48.37
CA SER X 292 -7.23 35.97 -49.63
C SER X 292 -8.21 37.13 -49.46
N GLU X 293 -8.99 37.13 -48.37
CA GLU X 293 -9.89 38.26 -48.15
C GLU X 293 -9.12 39.54 -47.89
N GLY X 294 -7.83 39.45 -47.56
CA GLY X 294 -7.00 40.63 -47.36
C GLY X 294 -6.80 40.94 -45.89
N LEU X 295 -5.65 40.53 -45.35
CA LEU X 295 -5.29 40.78 -43.96
C LEU X 295 -3.82 40.47 -43.79
N SER X 296 -3.23 41.06 -42.74
CA SER X 296 -1.84 40.77 -42.42
C SER X 296 -1.70 39.31 -42.02
N GLU X 297 -0.50 38.77 -42.25
CA GLU X 297 -0.25 37.38 -41.90
C GLU X 297 -0.40 37.15 -40.41
N SER X 298 0.06 38.10 -39.59
CA SER X 298 -0.04 37.96 -38.15
C SER X 298 -1.50 37.89 -37.71
N GLN X 299 -2.34 38.80 -38.20
CA GLN X 299 -3.74 38.77 -37.81
C GLN X 299 -4.48 37.61 -38.49
N ALA X 300 -4.00 37.17 -39.65
CA ALA X 300 -4.59 36.00 -40.28
C ALA X 300 -4.36 34.76 -39.43
N TRP X 301 -3.17 34.60 -38.88
CA TRP X 301 -2.87 33.48 -37.99
C TRP X 301 -3.46 33.66 -36.61
N SER X 302 -3.72 34.89 -36.19
CA SER X 302 -4.28 35.14 -34.87
C SER X 302 -5.77 34.85 -34.79
N ARG X 303 -6.43 34.64 -35.92
CA ARG X 303 -7.85 34.29 -35.93
C ARG X 303 -8.11 32.80 -35.78
N ILE X 304 -7.05 32.00 -35.74
CA ILE X 304 -7.21 30.55 -35.56
C ILE X 304 -7.55 30.26 -34.11
N PRO X 305 -8.63 29.55 -33.82
CA PRO X 305 -8.98 29.26 -32.43
C PRO X 305 -7.93 28.37 -31.77
N ASP X 306 -7.79 28.51 -30.46
CA ASP X 306 -6.81 27.72 -29.73
C ASP X 306 -7.17 26.25 -29.73
N LYS X 307 -8.47 25.92 -29.72
CA LYS X 307 -8.90 24.53 -29.73
C LYS X 307 -8.41 23.81 -30.98
N LEU X 308 -8.58 24.45 -32.14
CA LEU X 308 -8.18 23.85 -33.40
C LEU X 308 -6.67 23.60 -33.43
N ALA X 309 -5.88 24.54 -32.92
CA ALA X 309 -4.44 24.35 -32.87
C ALA X 309 -4.07 23.28 -31.85
N PHE X 310 -4.83 23.16 -30.76
CA PHE X 310 -4.55 22.15 -29.76
C PHE X 310 -4.81 20.74 -30.28
N TYR X 311 -5.79 20.59 -31.18
CA TYR X 311 -6.00 19.30 -31.81
C TYR X 311 -4.79 18.87 -32.63
N ASP X 312 -4.10 19.82 -33.24
CA ASP X 312 -2.93 19.53 -34.08
C ASP X 312 -1.66 19.44 -33.26
N TYR X 313 -1.67 18.61 -32.23
CA TYR X 313 -0.53 18.39 -31.37
C TYR X 313 -0.38 16.89 -31.16
N ILE X 314 0.86 16.41 -31.10
CA ILE X 314 1.08 14.97 -31.02
C ILE X 314 0.80 14.42 -29.63
N GLY X 315 0.78 15.26 -28.60
CA GLY X 315 0.47 14.77 -27.27
C GLY X 315 -0.95 14.29 -27.13
N ASN X 316 -1.83 14.70 -28.03
CA ASN X 316 -3.22 14.25 -28.04
C ASN X 316 -3.44 13.02 -28.92
N ASN X 317 -2.39 12.49 -29.52
CA ASN X 317 -2.52 11.32 -30.36
C ASN X 317 -2.74 10.10 -29.49
N PRO X 318 -3.84 9.36 -29.66
CA PRO X 318 -4.06 8.17 -28.81
C PRO X 318 -3.01 7.10 -28.99
N ALA X 319 -2.42 6.98 -30.18
CA ALA X 319 -1.40 5.97 -30.43
C ALA X 319 -0.01 6.51 -30.14
N LYS X 320 0.16 7.08 -28.94
CA LYS X 320 1.42 7.66 -28.53
C LYS X 320 1.87 7.28 -27.13
N GLY X 321 0.96 6.85 -26.25
CA GLY X 321 1.31 6.50 -24.90
C GLY X 321 1.88 5.09 -24.81
N GLY X 322 2.04 4.65 -23.56
CA GLY X 322 2.55 3.33 -23.27
C GLY X 322 1.52 2.51 -22.50
N LEU X 323 1.83 1.22 -22.34
CA LEU X 323 0.90 0.33 -21.67
C LEU X 323 0.89 0.55 -20.16
N PHE X 324 2.06 0.76 -19.56
CA PHE X 324 2.16 0.90 -18.13
C PHE X 324 2.39 2.35 -17.69
N ARG X 325 2.23 3.30 -18.59
CA ARG X 325 2.23 4.72 -18.23
C ARG X 325 0.84 5.05 -17.73
N ALA X 326 0.65 4.93 -16.42
CA ALA X 326 -0.66 5.11 -15.82
C ALA X 326 -1.00 6.60 -15.68
N GLY X 327 -2.28 6.86 -15.46
CA GLY X 327 -2.74 8.19 -15.19
C GLY X 327 -3.31 8.89 -16.41
N PRO X 328 -3.78 10.12 -16.22
CA PRO X 328 -4.34 10.89 -17.34
C PRO X 328 -3.21 11.50 -18.17
N MET X 329 -3.61 12.15 -19.27
CA MET X 329 -2.63 12.82 -20.13
C MET X 329 -1.92 13.95 -19.38
N ASN X 330 -2.66 14.69 -18.56
CA ASN X 330 -2.07 15.81 -17.84
C ASN X 330 -0.88 15.37 -17.01
N LYS X 331 -0.89 14.13 -16.53
CA LYS X 331 0.28 13.58 -15.85
C LYS X 331 1.46 13.44 -16.81
N GLY X 332 1.21 13.42 -18.11
CA GLY X 332 2.25 13.20 -19.09
C GLY X 332 2.96 14.45 -19.56
N ASP X 333 2.22 15.53 -19.78
CA ASP X 333 2.80 16.79 -20.23
C ASP X 333 2.52 17.96 -19.30
N GLY X 334 1.51 17.87 -18.45
CA GLY X 334 1.06 19.01 -17.70
C GLY X 334 -0.16 19.65 -18.34
N ILE X 335 -0.82 20.52 -17.56
CA ILE X 335 -2.03 21.17 -18.03
C ILE X 335 -1.66 22.25 -19.03
N ALA X 336 -2.28 22.21 -20.21
CA ALA X 336 -1.97 23.18 -21.24
C ALA X 336 -2.42 24.58 -20.81
N GLU X 337 -1.54 25.56 -21.00
CA GLU X 337 -1.81 26.93 -20.59
C GLU X 337 -2.30 27.79 -21.75
N ALA X 338 -1.48 27.92 -22.79
CA ALA X 338 -1.85 28.79 -23.90
C ALA X 338 -1.04 28.41 -25.12
N TRP X 339 -1.53 28.83 -26.27
CA TRP X 339 -0.85 28.60 -27.54
C TRP X 339 0.31 29.57 -27.69
N LEU X 340 1.45 29.05 -28.19
CA LEU X 340 2.64 29.88 -28.38
C LEU X 340 2.67 30.58 -29.74
N GLY X 341 1.79 30.21 -30.66
CA GLY X 341 1.81 30.81 -31.98
C GLY X 341 2.55 29.94 -32.99
N HIS X 342 2.18 30.11 -34.25
CA HIS X 342 2.74 29.28 -35.31
C HIS X 342 4.10 29.82 -35.75
N PRO X 343 5.16 29.03 -35.67
CA PRO X 343 6.46 29.49 -36.14
C PRO X 343 6.65 29.29 -37.63
N ILE X 344 7.38 30.22 -38.22
CA ILE X 344 7.70 30.20 -39.65
C ILE X 344 9.22 30.22 -39.78
N PHE X 345 9.77 29.22 -40.46
CA PHE X 345 11.21 29.09 -40.61
C PHE X 345 11.63 29.60 -41.98
N ARG X 346 12.57 30.55 -41.99
CA ARG X 346 13.11 31.11 -43.21
C ARG X 346 14.62 31.06 -43.17
N ASP X 347 15.22 30.95 -44.34
CA ASP X 347 16.67 30.90 -44.49
C ASP X 347 17.17 32.20 -45.12
N LYS X 348 18.45 32.22 -45.48
CA LYS X 348 19.07 33.44 -46.00
C LYS X 348 18.38 33.88 -47.29
N GLU X 349 18.04 32.94 -48.17
CA GLU X 349 17.38 33.27 -49.43
C GLU X 349 15.88 33.52 -49.27
N GLY X 350 15.39 33.64 -48.03
CA GLY X 350 13.99 33.93 -47.81
C GLY X 350 13.03 32.85 -48.26
N ARG X 351 13.41 31.58 -48.11
CA ARG X 351 12.50 30.48 -48.41
C ARG X 351 11.58 30.25 -47.21
N GLU X 352 10.84 29.14 -47.24
CA GLU X 352 9.91 28.77 -46.17
C GLU X 352 10.20 27.31 -45.84
N LEU X 353 11.11 27.09 -44.91
CA LEU X 353 11.44 25.74 -44.49
C LEU X 353 10.41 25.22 -43.50
N THR X 354 10.08 23.93 -43.63
CA THR X 354 9.13 23.29 -42.75
C THR X 354 9.79 22.11 -42.05
N VAL X 355 9.54 21.99 -40.76
CA VAL X 355 10.11 20.90 -39.96
C VAL X 355 9.30 19.63 -40.22
N ARG X 356 9.99 18.55 -40.55
CA ARG X 356 9.32 17.28 -40.81
C ARG X 356 8.76 16.72 -39.51
N ARG X 357 7.44 16.59 -39.44
CA ARG X 357 6.78 16.11 -38.23
C ARG X 357 7.07 14.63 -38.02
N MET X 358 7.21 14.24 -36.76
CA MET X 358 7.52 12.84 -36.48
C MET X 358 6.26 11.98 -36.66
N PRO X 359 6.41 10.80 -37.24
CA PRO X 359 5.26 9.88 -37.36
C PRO X 359 4.92 9.26 -36.01
N ALA X 360 3.83 8.51 -36.00
CA ALA X 360 3.35 7.92 -34.75
C ALA X 360 4.21 6.74 -34.30
N PHE X 361 4.84 6.03 -35.25
CA PHE X 361 5.66 4.89 -34.88
C PHE X 361 6.85 5.33 -34.02
N PHE X 362 7.55 6.36 -34.46
CA PHE X 362 8.82 6.71 -33.87
C PHE X 362 8.63 7.33 -32.49
N GLU X 363 9.59 7.07 -31.62
CA GLU X 363 9.66 7.76 -30.34
C GLU X 363 10.79 8.77 -30.28
N THR X 364 11.83 8.60 -31.09
CA THR X 364 12.86 9.60 -31.29
C THR X 364 13.00 9.83 -32.78
N PHE X 365 12.83 11.08 -33.21
CA PHE X 365 12.91 11.42 -34.61
C PHE X 365 13.84 12.60 -34.78
N PRO X 366 14.73 12.57 -35.77
CA PRO X 366 15.65 13.69 -35.97
C PRO X 366 14.93 14.94 -36.43
N VAL X 367 15.52 16.08 -36.09
CA VAL X 367 14.99 17.37 -36.51
C VAL X 367 15.53 17.69 -37.90
N ILE X 368 14.63 17.77 -38.88
CA ILE X 368 15.00 17.99 -40.27
C ILE X 368 14.11 19.09 -40.85
N LEU X 369 14.72 20.04 -41.55
CA LEU X 369 14.01 21.14 -42.18
C LEU X 369 14.06 20.98 -43.69
N VAL X 370 12.89 21.01 -44.32
CA VAL X 370 12.79 20.84 -45.76
C VAL X 370 12.01 22.01 -46.34
N ASP X 371 12.23 22.26 -47.63
CA ASP X 371 11.57 23.36 -48.33
C ASP X 371 10.27 22.87 -48.95
N LYS X 372 9.70 23.68 -49.83
CA LYS X 372 8.40 23.37 -50.42
C LYS X 372 8.44 22.15 -51.34
N ASP X 373 9.60 21.80 -51.89
CA ASP X 373 9.72 20.66 -52.79
C ASP X 373 10.33 19.44 -52.11
N GLY X 374 10.35 19.41 -50.78
CA GLY X 374 10.85 18.24 -50.06
C GLY X 374 12.32 17.97 -50.22
N ILE X 375 13.15 19.00 -50.14
CA ILE X 375 14.60 18.85 -50.23
C ILE X 375 15.21 19.36 -48.93
N ILE X 376 16.16 18.59 -48.38
CA ILE X 376 16.76 18.97 -47.11
C ILE X 376 17.47 20.30 -47.25
N ARG X 377 17.31 21.16 -46.24
CA ARG X 377 17.95 22.47 -46.24
C ARG X 377 18.70 22.70 -44.94
N ALA X 378 18.21 22.12 -43.85
CA ALA X 378 18.84 22.30 -42.55
C ALA X 378 18.42 21.15 -41.63
N ASP X 379 19.20 20.96 -40.58
CA ASP X 379 18.94 19.90 -39.60
C ASP X 379 19.77 20.17 -38.36
N ILE X 380 19.65 19.28 -37.38
CA ILE X 380 20.47 19.29 -36.18
C ILE X 380 21.42 18.09 -36.29
N PRO X 381 22.70 18.31 -36.55
CA PRO X 381 23.61 17.17 -36.79
C PRO X 381 23.84 16.36 -35.54
N PHE X 382 23.82 15.05 -35.70
CA PHE X 382 24.21 14.16 -34.61
C PHE X 382 25.71 14.20 -34.39
N ARG X 383 26.49 14.19 -35.47
CA ARG X 383 27.95 14.28 -35.43
C ARG X 383 28.35 15.53 -36.19
N ARG X 384 28.66 16.60 -35.45
CA ARG X 384 28.96 17.90 -36.04
C ARG X 384 30.45 17.99 -36.37
N ALA X 385 30.88 17.13 -37.30
CA ALA X 385 32.26 17.12 -37.75
C ALA X 385 32.39 17.57 -39.19
N GLU X 386 31.67 16.94 -40.12
CA GLU X 386 31.66 17.34 -41.52
C GLU X 386 30.26 17.66 -41.99
N SER X 387 29.41 18.16 -41.09
CA SER X 387 28.04 18.47 -41.43
C SER X 387 27.99 19.68 -42.36
N LYS X 388 27.25 19.53 -43.45
CA LYS X 388 27.07 20.61 -44.43
C LYS X 388 25.66 21.18 -44.41
N TYR X 389 24.83 20.76 -43.46
CA TYR X 389 23.45 21.22 -43.39
C TYR X 389 23.10 21.74 -42.00
N SER X 390 24.09 22.09 -41.20
CA SER X 390 23.83 22.54 -39.84
C SER X 390 23.04 23.84 -39.84
N ILE X 391 22.32 24.07 -38.75
CA ILE X 391 21.47 25.24 -38.63
C ILE X 391 22.29 26.53 -38.54
N GLU X 392 23.57 26.44 -38.21
CA GLU X 392 24.42 27.62 -38.15
C GLU X 392 25.08 27.93 -39.47
N GLN X 393 25.52 26.91 -40.20
CA GLN X 393 26.10 27.13 -41.52
C GLN X 393 25.07 27.73 -42.48
N VAL X 394 23.83 27.27 -42.41
CA VAL X 394 22.73 27.81 -43.18
C VAL X 394 21.87 28.62 -42.22
N GLY X 395 22.02 29.95 -42.25
CA GLY X 395 21.28 30.80 -41.35
C GLY X 395 19.78 30.66 -41.49
N VAL X 396 19.11 30.28 -40.42
CA VAL X 396 17.66 30.05 -40.41
C VAL X 396 17.05 30.88 -39.29
N THR X 397 15.95 31.55 -39.59
CA THR X 397 15.26 32.42 -38.65
C THR X 397 13.83 31.98 -38.47
N VAL X 398 13.24 32.37 -37.34
CA VAL X 398 11.85 32.05 -37.03
C VAL X 398 11.08 33.35 -36.85
N ASP X 399 9.78 33.29 -37.15
CA ASP X 399 8.89 34.44 -37.01
C ASP X 399 7.54 33.92 -36.57
N PHE X 400 7.23 34.04 -35.27
CA PHE X 400 5.98 33.54 -34.75
C PHE X 400 4.82 34.42 -35.15
N TYR X 401 3.70 33.81 -35.50
CA TYR X 401 2.51 34.52 -35.94
C TYR X 401 1.31 34.03 -35.14
N GLY X 402 0.55 34.98 -34.58
CA GLY X 402 -0.73 34.65 -34.00
C GLY X 402 -0.68 33.78 -32.77
N GLY X 403 -0.20 34.33 -31.66
CA GLY X 403 -0.17 33.56 -30.44
C GLY X 403 0.40 34.39 -29.31
N LYS X 404 0.93 33.69 -28.30
CA LYS X 404 1.59 34.37 -27.20
C LYS X 404 2.83 35.11 -27.69
N LEU X 405 3.55 34.51 -28.66
CA LEU X 405 4.73 35.14 -29.25
C LEU X 405 4.42 35.81 -30.58
N ASN X 406 3.19 36.27 -30.77
CA ASN X 406 2.80 36.85 -32.04
C ASN X 406 3.65 38.07 -32.37
N GLY X 407 4.16 38.11 -33.59
CA GLY X 407 4.95 39.24 -34.04
C GLY X 407 6.40 39.23 -33.61
N GLN X 408 6.83 38.22 -32.86
CA GLN X 408 8.21 38.14 -32.42
C GLN X 408 9.04 37.32 -33.40
N THR X 409 10.33 37.67 -33.49
CA THR X 409 11.24 36.96 -34.37
C THR X 409 12.55 36.70 -33.62
N PHE X 410 13.25 35.65 -34.04
CA PHE X 410 14.52 35.27 -33.43
C PHE X 410 15.54 34.99 -34.51
N LYS X 411 16.74 35.54 -34.34
CA LYS X 411 17.83 35.32 -35.26
C LYS X 411 18.98 34.52 -34.66
N ASP X 412 18.96 34.28 -33.35
CA ASP X 412 20.08 33.62 -32.69
C ASP X 412 20.10 32.14 -33.06
N ALA X 413 21.28 31.52 -32.86
CA ALA X 413 21.43 30.11 -33.22
C ALA X 413 20.75 29.17 -32.21
N PRO X 414 21.08 29.20 -30.91
CA PRO X 414 20.47 28.22 -30.00
C PRO X 414 18.96 28.32 -29.93
N THR X 415 18.39 29.52 -29.97
CA THR X 415 16.94 29.64 -29.83
C THR X 415 16.22 29.09 -31.06
N VAL X 416 16.80 29.25 -32.25
CA VAL X 416 16.22 28.65 -33.44
C VAL X 416 16.20 27.13 -33.32
N LYS X 417 17.29 26.55 -32.80
CA LYS X 417 17.32 25.10 -32.59
C LYS X 417 16.27 24.67 -31.58
N LYS X 418 16.14 25.42 -30.48
CA LYS X 418 15.15 25.08 -29.47
C LYS X 418 13.75 25.08 -30.06
N PHE X 419 13.42 26.12 -30.83
CA PHE X 419 12.08 26.19 -31.41
C PHE X 419 11.87 25.15 -32.50
N ALA X 420 12.92 24.80 -33.24
CA ALA X 420 12.80 23.73 -34.22
C ALA X 420 12.47 22.41 -33.54
N ARG X 421 13.19 22.09 -32.46
CA ARG X 421 12.92 20.86 -31.74
C ARG X 421 11.51 20.87 -31.14
N LYS X 422 11.07 22.03 -30.64
CA LYS X 422 9.72 22.13 -30.10
C LYS X 422 8.68 21.90 -31.19
N ALA X 423 8.86 22.51 -32.36
CA ALA X 423 7.87 22.45 -33.42
C ALA X 423 7.97 21.18 -34.25
N GLN X 424 8.95 20.33 -33.98
CA GLN X 424 9.04 19.06 -34.68
C GLN X 424 7.81 18.19 -34.44
N LEU X 425 7.12 18.39 -33.32
CA LEU X 425 5.98 17.56 -32.94
C LEU X 425 4.75 18.47 -32.74
N GLY X 426 4.04 18.72 -33.83
CA GLY X 426 2.81 19.49 -33.77
C GLY X 426 3.04 20.96 -33.48
N GLU X 427 1.99 21.59 -32.96
CA GLU X 427 2.05 22.99 -32.57
C GLU X 427 2.75 23.12 -31.22
N VAL X 428 3.07 24.36 -30.86
CA VAL X 428 3.80 24.67 -29.64
C VAL X 428 2.83 25.23 -28.61
N PHE X 429 2.87 24.68 -27.41
CA PHE X 429 1.98 25.09 -26.34
C PHE X 429 2.76 25.32 -25.06
N GLU X 430 2.09 25.94 -24.09
CA GLU X 430 2.65 26.20 -22.77
C GLU X 430 1.98 25.28 -21.76
N PHE X 431 2.79 24.55 -21.01
CA PHE X 431 2.29 23.55 -20.08
C PHE X 431 2.72 23.87 -18.66
N ASP X 432 1.94 23.36 -17.71
CA ASP X 432 2.24 23.49 -16.28
C ASP X 432 2.69 22.13 -15.78
N ARG X 433 4.01 21.97 -15.61
CA ARG X 433 4.60 20.70 -15.23
C ARG X 433 4.77 20.56 -13.72
N THR X 434 4.05 21.33 -12.93
CA THR X 434 4.21 21.30 -11.48
C THR X 434 2.95 20.94 -10.72
N SER X 435 1.76 21.16 -11.29
CA SER X 435 0.53 20.87 -10.57
C SER X 435 0.40 19.38 -10.26
N LEU X 436 0.74 18.53 -11.23
CA LEU X 436 0.63 17.09 -11.07
C LEU X 436 1.97 16.38 -11.05
N GLU X 437 3.08 17.13 -11.02
CA GLU X 437 4.41 16.57 -11.24
C GLU X 437 4.42 15.76 -12.53
N SER X 438 4.26 16.47 -13.64
CA SER X 438 4.26 15.82 -14.95
C SER X 438 5.69 15.45 -15.33
N ASP X 439 5.91 14.17 -15.60
CA ASP X 439 7.18 13.71 -16.09
C ASP X 439 7.28 13.97 -17.59
N GLY X 440 8.43 13.62 -18.18
CA GLY X 440 8.61 13.81 -19.60
C GLY X 440 8.25 12.60 -20.44
N VAL X 441 6.96 12.29 -20.56
CA VAL X 441 6.54 11.12 -21.33
C VAL X 441 5.06 11.26 -21.66
N PHE X 442 4.68 10.76 -22.84
CA PHE X 442 3.31 10.90 -23.31
C PHE X 442 2.42 9.80 -22.72
N ARG X 443 1.12 9.99 -22.85
CA ARG X 443 0.13 9.03 -22.38
C ARG X 443 -1.03 8.98 -23.36
N SER X 444 -1.94 8.03 -23.14
CA SER X 444 -2.94 7.68 -24.13
C SER X 444 -4.34 8.17 -23.74
N SER X 445 -5.20 8.23 -24.75
CA SER X 445 -6.57 8.70 -24.62
C SER X 445 -7.44 7.68 -23.90
N PRO X 446 -8.61 8.10 -23.44
CA PRO X 446 -9.67 7.11 -23.16
C PRO X 446 -10.03 6.30 -24.39
N ARG X 447 -9.87 6.88 -25.58
CA ARG X 447 -10.12 6.15 -26.82
C ARG X 447 -9.23 4.91 -26.90
N GLY X 448 -7.92 5.09 -26.72
CA GLY X 448 -7.01 3.96 -26.79
C GLY X 448 -7.25 2.94 -25.70
N TRP X 449 -7.54 3.42 -24.49
CA TRP X 449 -7.76 2.49 -23.38
C TRP X 449 -9.00 1.65 -23.60
N TYR X 450 -10.10 2.28 -24.02
CA TYR X 450 -11.31 1.52 -24.31
C TYR X 450 -11.04 0.51 -25.41
N THR X 451 -10.40 0.94 -26.49
CA THR X 451 -10.14 0.02 -27.61
C THR X 451 -9.33 -1.17 -27.14
N TYR X 452 -8.27 -0.93 -26.36
CA TYR X 452 -7.41 -2.00 -25.92
C TYR X 452 -8.15 -2.99 -25.03
N GLY X 453 -8.81 -2.47 -23.99
CA GLY X 453 -9.53 -3.36 -23.08
C GLY X 453 -10.58 -4.19 -23.79
N HIS X 454 -11.35 -3.54 -24.67
CA HIS X 454 -12.47 -4.25 -25.29
C HIS X 454 -12.03 -5.22 -26.37
N ALA X 455 -10.97 -4.89 -27.12
CA ALA X 455 -10.44 -5.85 -28.08
C ALA X 455 -9.91 -7.09 -27.36
N ASN X 456 -9.20 -6.91 -26.24
CA ASN X 456 -8.72 -8.08 -25.52
C ASN X 456 -9.86 -8.89 -24.93
N PHE X 457 -10.89 -8.22 -24.41
CA PHE X 457 -12.03 -8.93 -23.87
C PHE X 457 -12.74 -9.72 -24.96
N ALA X 458 -12.89 -9.14 -26.15
CA ALA X 458 -13.51 -9.86 -27.25
C ALA X 458 -12.67 -11.07 -27.65
N LEU X 459 -11.35 -10.91 -27.68
CA LEU X 459 -10.49 -12.03 -28.04
C LEU X 459 -10.62 -13.18 -27.04
N LEU X 460 -10.72 -12.85 -25.75
CA LEU X 460 -10.92 -13.90 -24.75
C LEU X 460 -12.31 -14.53 -24.86
N PHE X 461 -13.32 -13.71 -25.13
CA PHE X 461 -14.68 -14.25 -25.19
C PHE X 461 -14.89 -15.12 -26.42
N PHE X 462 -14.11 -14.93 -27.48
CA PHE X 462 -14.15 -15.89 -28.58
C PHE X 462 -13.79 -17.29 -28.07
N PHE X 463 -12.72 -17.37 -27.27
CA PHE X 463 -12.32 -18.63 -26.67
C PHE X 463 -13.40 -19.16 -25.73
N GLY X 464 -14.01 -18.27 -24.96
CA GLY X 464 -15.10 -18.68 -24.09
C GLY X 464 -16.25 -19.31 -24.85
N HIS X 465 -16.65 -18.67 -25.95
CA HIS X 465 -17.68 -19.24 -26.82
C HIS X 465 -17.28 -20.61 -27.33
N LEU X 466 -16.03 -20.72 -27.80
CA LEU X 466 -15.55 -22.01 -28.31
C LEU X 466 -15.72 -23.10 -27.27
N TRP X 467 -15.21 -22.85 -26.07
CA TRP X 467 -15.24 -23.86 -25.02
C TRP X 467 -16.67 -24.21 -24.63
N HIS X 468 -17.53 -23.20 -24.46
CA HIS X 468 -18.88 -23.49 -23.99
C HIS X 468 -19.71 -24.18 -25.05
N GLY X 469 -19.62 -23.75 -26.30
CA GLY X 469 -20.33 -24.45 -27.36
C GLY X 469 -19.88 -25.89 -27.49
N GLY X 470 -18.57 -26.12 -27.42
CA GLY X 470 -18.08 -27.50 -27.42
C GLY X 470 -18.62 -28.30 -26.25
N ARG X 471 -18.76 -27.68 -25.09
CA ARG X 471 -19.30 -28.39 -23.94
C ARG X 471 -20.79 -28.69 -24.11
N THR X 472 -21.55 -27.78 -24.72
CA THR X 472 -22.96 -28.08 -25.01
C THR X 472 -23.08 -29.24 -25.96
N ILE X 473 -22.30 -29.23 -27.04
CA ILE X 473 -22.48 -30.26 -28.06
C ILE X 473 -22.11 -31.63 -27.52
N PHE X 474 -21.06 -31.71 -26.71
CA PHE X 474 -20.53 -32.97 -26.22
C PHE X 474 -20.98 -33.26 -24.79
N ARG X 475 -22.22 -32.91 -24.45
CA ARG X 475 -22.66 -33.03 -23.07
C ARG X 475 -22.65 -34.48 -22.59
N ASP X 476 -23.17 -35.40 -23.40
CA ASP X 476 -23.29 -36.78 -22.96
C ASP X 476 -21.92 -37.42 -22.74
N VAL X 477 -20.97 -37.10 -23.62
CA VAL X 477 -19.62 -37.66 -23.50
C VAL X 477 -18.76 -36.91 -22.52
N PHE X 478 -19.20 -35.76 -22.08
CA PHE X 478 -18.36 -34.95 -21.20
C PHE X 478 -18.31 -35.51 -19.80
N THR X 479 -17.68 -36.67 -19.64
CA THR X 479 -17.53 -37.29 -18.34
C THR X 479 -16.56 -38.44 -18.52
N GLY X 480 -16.29 -38.78 -19.77
CA GLY X 480 -15.39 -39.86 -20.07
C GLY X 480 -15.87 -40.57 -21.32
N ILE X 481 -14.96 -41.02 -22.16
CA ILE X 481 -15.33 -41.70 -23.38
C ILE X 481 -15.97 -43.05 -23.08
N ILE Y 1 19.58 -64.36 -42.83
CA ILE Y 1 20.56 -65.32 -43.29
C ILE Y 1 21.49 -65.64 -42.14
N ALA Y 2 20.91 -65.97 -41.00
CA ALA Y 2 21.71 -66.34 -39.84
C ALA Y 2 22.74 -65.28 -39.55
N GLY Y 3 22.31 -64.22 -38.90
CA GLY Y 3 23.23 -63.17 -38.53
C GLY Y 3 22.86 -61.91 -39.25
N ARG Y 4 22.04 -62.00 -40.28
CA ARG Y 4 21.72 -60.82 -41.04
C ARG Y 4 20.23 -60.61 -41.14
N ASP Y 5 19.52 -60.69 -40.01
CA ASP Y 5 18.08 -60.50 -40.00
C ASP Y 5 17.58 -60.17 -38.61
N ILE Y 6 16.57 -59.33 -38.52
CA ILE Y 6 16.08 -58.91 -37.20
C ILE Y 6 15.67 -60.08 -36.33
N GLU Y 7 15.43 -61.22 -36.92
CA GLU Y 7 15.04 -62.38 -36.16
C GLU Y 7 16.26 -63.02 -35.59
N SER Y 8 17.12 -63.51 -36.45
CA SER Y 8 18.33 -64.15 -35.99
C SER Y 8 19.14 -63.27 -35.06
N THR Y 9 19.05 -61.96 -35.24
CA THR Y 9 19.89 -61.06 -34.45
C THR Y 9 19.16 -60.36 -33.34
N GLY Y 10 18.06 -59.71 -33.65
CA GLY Y 10 17.36 -58.94 -32.64
C GLY Y 10 17.67 -57.49 -32.82
N PHE Y 11 18.38 -57.18 -33.89
CA PHE Y 11 18.74 -55.80 -34.18
C PHE Y 11 18.09 -55.36 -35.48
N ALA Y 12 17.45 -54.20 -35.46
CA ALA Y 12 16.78 -53.70 -36.64
C ALA Y 12 17.78 -53.36 -37.73
N TRP Y 13 17.27 -53.12 -38.94
CA TRP Y 13 18.16 -52.81 -40.06
C TRP Y 13 18.91 -51.50 -39.83
N TRP Y 14 18.23 -50.49 -39.28
CA TRP Y 14 18.89 -49.20 -39.09
C TRP Y 14 20.03 -49.31 -38.11
N SER Y 15 19.86 -50.04 -37.01
CA SER Y 15 20.98 -50.34 -36.13
C SER Y 15 21.62 -51.68 -36.50
N GLY Y 16 21.95 -51.83 -37.78
CA GLY Y 16 22.38 -53.13 -38.28
C GLY Y 16 23.81 -53.50 -37.97
N ASN Y 17 24.70 -52.52 -37.86
CA ASN Y 17 26.11 -52.82 -37.61
C ASN Y 17 26.34 -53.42 -36.24
N ALA Y 18 25.39 -53.31 -35.32
CA ALA Y 18 25.53 -53.92 -34.01
C ALA Y 18 25.51 -55.44 -34.07
N ARG Y 19 25.12 -56.03 -35.20
CA ARG Y 19 25.17 -57.48 -35.36
C ARG Y 19 26.58 -58.01 -35.45
N LEU Y 20 27.57 -57.13 -35.63
CA LEU Y 20 28.97 -57.54 -35.77
C LEU Y 20 29.73 -57.54 -34.46
N ILE Y 21 29.06 -57.30 -33.34
CA ILE Y 21 29.75 -57.19 -32.06
C ILE Y 21 30.47 -58.50 -31.73
N ASN Y 22 29.79 -59.63 -31.91
CA ASN Y 22 30.36 -60.93 -31.58
C ASN Y 22 30.96 -61.65 -32.77
N VAL Y 23 30.93 -61.04 -33.96
CA VAL Y 23 31.50 -61.63 -35.17
C VAL Y 23 32.86 -60.97 -35.39
N SER Y 24 33.92 -61.78 -35.31
CA SER Y 24 35.26 -61.22 -35.30
C SER Y 24 35.76 -60.89 -36.71
N GLY Y 25 35.63 -61.83 -37.64
CA GLY Y 25 36.18 -61.61 -38.98
C GLY Y 25 35.49 -60.47 -39.71
N LYS Y 26 34.17 -60.44 -39.67
CA LYS Y 26 33.44 -59.40 -40.38
C LYS Y 26 33.69 -58.02 -39.77
N LEU Y 27 33.84 -57.96 -38.45
CA LEU Y 27 34.18 -56.69 -37.80
C LEU Y 27 35.55 -56.20 -38.27
N LEU Y 28 36.52 -57.11 -38.36
CA LEU Y 28 37.82 -56.73 -38.89
C LEU Y 28 37.72 -56.23 -40.31
N GLY Y 29 36.92 -56.90 -41.14
CA GLY Y 29 36.73 -56.44 -42.51
C GLY Y 29 36.13 -55.05 -42.58
N ALA Y 30 35.14 -54.78 -41.73
CA ALA Y 30 34.52 -53.47 -41.71
C ALA Y 30 35.53 -52.40 -41.31
N HIS Y 31 36.33 -52.68 -40.27
CA HIS Y 31 37.34 -51.72 -39.84
C HIS Y 31 38.34 -51.43 -40.95
N VAL Y 32 38.84 -52.48 -41.59
CA VAL Y 32 39.86 -52.29 -42.64
C VAL Y 32 39.28 -51.52 -43.81
N ALA Y 33 38.06 -51.86 -44.23
CA ALA Y 33 37.44 -51.15 -45.34
C ALA Y 33 37.22 -49.68 -45.01
N HIS Y 34 36.85 -49.39 -43.77
CA HIS Y 34 36.69 -48.00 -43.34
C HIS Y 34 38.01 -47.25 -43.37
N ALA Y 35 39.10 -47.88 -42.93
CA ALA Y 35 40.41 -47.24 -43.04
C ALA Y 35 40.76 -46.96 -44.49
N GLY Y 36 40.43 -47.90 -45.38
CA GLY Y 36 40.63 -47.65 -46.80
C GLY Y 36 39.84 -46.45 -47.28
N LEU Y 37 38.63 -46.27 -46.76
CA LEU Y 37 37.85 -45.08 -47.10
C LEU Y 37 38.56 -43.81 -46.67
N MET Y 38 39.10 -43.80 -45.45
CA MET Y 38 39.85 -42.62 -44.99
C MET Y 38 41.00 -42.30 -45.94
N VAL Y 39 41.80 -43.32 -46.27
CA VAL Y 39 42.96 -43.10 -47.13
C VAL Y 39 42.53 -42.59 -48.49
N PHE Y 40 41.44 -43.15 -49.03
CA PHE Y 40 40.93 -42.72 -50.32
C PHE Y 40 40.55 -41.25 -50.29
N TRP Y 41 39.85 -40.82 -49.23
CA TRP Y 41 39.49 -39.41 -49.15
C TRP Y 41 40.73 -38.54 -49.11
N ALA Y 42 41.73 -38.93 -48.33
CA ALA Y 42 42.94 -38.12 -48.23
C ALA Y 42 43.58 -37.93 -49.60
N GLY Y 43 43.79 -39.03 -50.31
CA GLY Y 43 44.43 -38.93 -51.63
C GLY Y 43 43.60 -38.14 -52.61
N ALA Y 44 42.29 -38.41 -52.65
CA ALA Y 44 41.43 -37.73 -53.61
C ALA Y 44 41.39 -36.24 -53.35
N MET Y 45 41.30 -35.83 -52.09
CA MET Y 45 41.22 -34.40 -51.79
C MET Y 45 42.54 -33.71 -52.08
N VAL Y 46 43.67 -34.37 -51.81
CA VAL Y 46 44.96 -33.76 -52.16
C VAL Y 46 45.03 -33.54 -53.67
N LEU Y 47 44.63 -34.54 -54.46
CA LEU Y 47 44.66 -34.38 -55.90
C LEU Y 47 43.72 -33.26 -56.36
N PHE Y 48 42.54 -33.17 -55.74
CA PHE Y 48 41.59 -32.12 -56.08
C PHE Y 48 42.20 -30.74 -55.85
N GLU Y 49 42.81 -30.53 -54.68
CA GLU Y 49 43.40 -29.23 -54.37
C GLU Y 49 44.56 -28.92 -55.29
N VAL Y 50 45.38 -29.92 -55.63
CA VAL Y 50 46.47 -29.69 -56.56
C VAL Y 50 45.94 -29.28 -57.93
N SER Y 51 44.84 -29.90 -58.36
CA SER Y 51 44.23 -29.54 -59.63
C SER Y 51 43.75 -28.09 -59.62
N HIS Y 52 43.03 -27.71 -58.57
CA HIS Y 52 42.45 -26.37 -58.52
C HIS Y 52 43.43 -25.30 -58.03
N PHE Y 53 44.72 -25.62 -57.95
CA PHE Y 53 45.70 -24.69 -57.41
C PHE Y 53 45.93 -23.52 -58.37
N VAL Y 54 46.16 -22.34 -57.79
CA VAL Y 54 46.48 -21.15 -58.55
C VAL Y 54 47.69 -20.49 -57.91
N PRO Y 55 48.80 -20.33 -58.63
CA PRO Y 55 50.04 -19.85 -57.98
C PRO Y 55 49.98 -18.40 -57.52
N GLU Y 56 49.04 -17.60 -58.02
CA GLU Y 56 49.00 -16.19 -57.63
C GLU Y 56 48.54 -16.03 -56.18
N LYS Y 57 47.46 -16.69 -55.82
CA LYS Y 57 46.89 -16.48 -54.51
C LYS Y 57 47.61 -17.33 -53.46
N PRO Y 58 47.63 -16.88 -52.21
CA PRO Y 58 48.13 -17.74 -51.12
C PRO Y 58 47.15 -18.87 -50.85
N THR Y 59 47.68 -19.93 -50.23
CA THR Y 59 46.88 -21.13 -50.04
C THR Y 59 45.65 -20.88 -49.18
N TYR Y 60 45.73 -19.96 -48.22
CA TYR Y 60 44.57 -19.75 -47.36
C TYR Y 60 43.45 -18.98 -48.05
N GLU Y 61 43.69 -18.45 -49.25
CA GLU Y 61 42.63 -17.80 -50.01
C GLU Y 61 41.97 -18.72 -51.01
N GLN Y 62 42.58 -19.86 -51.31
CA GLN Y 62 42.05 -20.80 -52.28
C GLN Y 62 41.13 -21.84 -51.68
N GLY Y 63 40.79 -21.69 -50.40
CA GLY Y 63 39.94 -22.68 -49.76
C GLY Y 63 40.59 -24.02 -49.55
N PHE Y 64 41.92 -24.07 -49.58
CA PHE Y 64 42.63 -25.33 -49.42
C PHE Y 64 42.69 -25.73 -47.96
N ILE Y 65 42.67 -27.05 -47.72
CA ILE Y 65 42.69 -27.58 -46.36
C ILE Y 65 43.78 -28.61 -46.14
N LEU Y 66 44.39 -29.18 -47.18
CA LEU Y 66 45.40 -30.20 -47.02
C LEU Y 66 46.79 -29.79 -47.49
N ILE Y 67 46.89 -28.91 -48.50
CA ILE Y 67 48.20 -28.45 -48.93
C ILE Y 67 48.94 -27.81 -47.77
N GLN Y 68 48.21 -27.19 -46.84
CA GLN Y 68 48.85 -26.52 -45.71
C GLN Y 68 49.62 -27.50 -44.84
N HIS Y 69 49.06 -28.68 -44.59
CA HIS Y 69 49.76 -29.66 -43.76
C HIS Y 69 51.06 -30.09 -44.41
N LEU Y 70 51.00 -30.49 -45.68
CA LEU Y 70 52.20 -30.95 -46.37
C LEU Y 70 53.22 -29.83 -46.52
N ALA Y 71 52.76 -28.58 -46.61
CA ALA Y 71 53.69 -27.46 -46.64
C ALA Y 71 54.36 -27.26 -45.30
N THR Y 72 53.60 -27.39 -44.20
CA THR Y 72 54.19 -27.31 -42.88
C THR Y 72 55.22 -28.42 -42.66
N LEU Y 73 54.97 -29.61 -43.21
CA LEU Y 73 55.97 -30.66 -43.17
C LEU Y 73 57.22 -30.31 -43.96
N GLY Y 74 57.18 -29.28 -44.80
CA GLY Y 74 58.35 -28.82 -45.50
C GLY Y 74 58.48 -29.35 -46.92
N TYR Y 75 57.35 -29.46 -47.61
CA TYR Y 75 57.32 -30.00 -48.97
C TYR Y 75 56.96 -28.88 -49.95
N GLY Y 76 57.90 -28.57 -50.84
CA GLY Y 76 57.64 -27.60 -51.89
C GLY Y 76 57.28 -26.22 -51.38
N ILE Y 77 57.98 -25.73 -50.37
CA ILE Y 77 57.74 -24.41 -49.81
C ILE Y 77 59.06 -23.67 -49.69
N GLY Y 78 59.04 -22.39 -50.04
CA GLY Y 78 60.22 -21.57 -49.97
C GLY Y 78 60.14 -20.55 -48.85
N PRO Y 79 61.14 -19.68 -48.78
CA PRO Y 79 61.14 -18.66 -47.72
C PRO Y 79 59.94 -17.74 -47.82
N GLY Y 80 59.41 -17.37 -46.65
CA GLY Y 80 58.26 -16.50 -46.60
C GLY Y 80 56.93 -17.17 -46.83
N GLY Y 81 56.91 -18.49 -47.01
CA GLY Y 81 55.66 -19.19 -47.27
C GLY Y 81 55.23 -19.20 -48.71
N GLU Y 82 56.17 -19.01 -49.65
CA GLU Y 82 55.85 -19.11 -51.07
C GLU Y 82 55.94 -20.56 -51.50
N ILE Y 83 54.99 -20.98 -52.33
CA ILE Y 83 54.94 -22.35 -52.83
C ILE Y 83 55.77 -22.44 -54.10
N THR Y 84 56.76 -23.32 -54.11
CA THR Y 84 57.64 -23.44 -55.27
C THR Y 84 57.06 -24.38 -56.31
N SER Y 85 56.78 -25.62 -55.93
CA SER Y 85 56.23 -26.61 -56.84
C SER Y 85 55.21 -27.47 -56.10
N THR Y 86 54.31 -28.09 -56.87
CA THR Y 86 53.24 -28.90 -56.32
C THR Y 86 53.38 -30.37 -56.72
N VAL Y 87 54.60 -30.82 -56.96
CA VAL Y 87 54.84 -32.21 -57.36
C VAL Y 87 54.77 -33.15 -56.15
N PRO Y 88 55.41 -32.83 -55.02
CA PRO Y 88 55.30 -33.74 -53.87
C PRO Y 88 53.86 -33.96 -53.40
N TYR Y 89 53.01 -32.94 -53.47
CA TYR Y 89 51.61 -33.15 -53.11
C TYR Y 89 50.95 -34.14 -54.04
N PHE Y 90 51.23 -34.05 -55.34
CA PHE Y 90 50.68 -35.00 -56.29
C PHE Y 90 51.17 -36.42 -55.98
N ALA Y 91 52.45 -36.55 -55.63
CA ALA Y 91 52.98 -37.87 -55.28
C ALA Y 91 52.28 -38.44 -54.05
N VAL Y 92 52.08 -37.61 -53.03
CA VAL Y 92 51.39 -38.08 -51.83
C VAL Y 92 49.98 -38.52 -52.17
N GLY Y 93 49.29 -37.74 -53.00
CA GLY Y 93 47.94 -38.09 -53.38
C GLY Y 93 47.85 -39.43 -54.08
N VAL Y 94 48.73 -39.65 -55.07
CA VAL Y 94 48.64 -40.90 -55.82
C VAL Y 94 49.01 -42.09 -54.95
N ILE Y 95 50.02 -41.94 -54.08
CA ILE Y 95 50.37 -43.03 -53.19
C ILE Y 95 49.20 -43.38 -52.28
N HIS Y 96 48.54 -42.35 -51.74
CA HIS Y 96 47.38 -42.59 -50.89
C HIS Y 96 46.26 -43.29 -51.65
N LEU Y 97 46.04 -42.91 -52.90
CA LEU Y 97 44.99 -43.54 -53.70
C LEU Y 97 45.27 -45.03 -53.89
N ILE Y 98 46.50 -45.36 -54.26
CA ILE Y 98 46.83 -46.78 -54.50
C ILE Y 98 46.70 -47.58 -53.21
N SER Y 99 47.21 -47.02 -52.10
CA SER Y 99 47.11 -47.73 -50.83
C SER Y 99 45.66 -47.91 -50.41
N SER Y 100 44.81 -46.91 -50.72
CA SER Y 100 43.39 -47.02 -50.41
C SER Y 100 42.74 -48.14 -51.22
N ALA Y 101 43.14 -48.29 -52.48
CA ALA Y 101 42.63 -49.40 -53.27
C ALA Y 101 42.97 -50.73 -52.61
N ILE Y 102 44.22 -50.88 -52.17
CA ILE Y 102 44.63 -52.12 -51.52
C ILE Y 102 43.82 -52.37 -50.25
N LEU Y 103 43.69 -51.34 -49.42
CA LEU Y 103 42.97 -51.49 -48.15
C LEU Y 103 41.51 -51.81 -48.39
N GLY Y 104 40.89 -51.18 -49.38
CA GLY Y 104 39.50 -51.48 -49.69
C GLY Y 104 39.30 -52.91 -50.14
N PHE Y 105 40.21 -53.42 -50.98
CA PHE Y 105 40.10 -54.82 -51.38
C PHE Y 105 40.21 -55.73 -50.16
N GLY Y 106 41.17 -55.44 -49.26
CA GLY Y 106 41.32 -56.27 -48.08
C GLY Y 106 40.08 -56.25 -47.19
N GLY Y 107 39.51 -55.07 -46.98
CA GLY Y 107 38.30 -54.98 -46.19
C GLY Y 107 37.15 -55.74 -46.79
N ILE Y 108 36.96 -55.63 -48.12
CA ILE Y 108 35.89 -56.37 -48.79
C ILE Y 108 36.10 -57.87 -48.65
N TYR Y 109 37.34 -58.33 -48.85
CA TYR Y 109 37.62 -59.76 -48.74
C TYR Y 109 37.30 -60.27 -47.35
N HIS Y 110 37.75 -59.53 -46.32
CA HIS Y 110 37.52 -60.00 -44.96
C HIS Y 110 36.07 -59.89 -44.53
N SER Y 111 35.31 -58.98 -45.13
CA SER Y 111 33.91 -58.87 -44.78
C SER Y 111 33.05 -59.92 -45.47
N LEU Y 112 33.38 -60.28 -46.71
CA LEU Y 112 32.52 -61.16 -47.49
C LEU Y 112 32.96 -62.62 -47.41
N LEU Y 113 34.20 -62.92 -47.82
CA LEU Y 113 34.66 -64.29 -47.88
C LEU Y 113 35.45 -64.74 -46.66
N GLY Y 114 35.96 -63.82 -45.87
CA GLY Y 114 36.73 -64.17 -44.70
C GLY Y 114 35.88 -64.92 -43.69
N PRO Y 115 36.51 -65.76 -42.88
CA PRO Y 115 35.76 -66.49 -41.85
C PRO Y 115 35.06 -65.53 -40.90
N ASP Y 116 33.85 -65.89 -40.50
CA ASP Y 116 33.07 -65.00 -39.63
C ASP Y 116 33.77 -64.81 -38.29
N THR Y 117 34.25 -65.89 -37.69
CA THR Y 117 34.95 -65.84 -36.42
C THR Y 117 36.40 -66.28 -36.64
N LEU Y 118 37.34 -65.46 -36.18
CA LEU Y 118 38.75 -65.77 -36.34
C LEU Y 118 39.28 -66.70 -35.25
N GLU Y 119 38.50 -66.95 -34.20
CA GLU Y 119 39.00 -67.75 -33.09
C GLU Y 119 39.27 -69.19 -33.49
N GLU Y 120 38.42 -69.75 -34.34
CA GLU Y 120 38.52 -71.18 -34.66
C GLU Y 120 39.75 -71.48 -35.52
N SER Y 121 39.95 -70.72 -36.58
CA SER Y 121 40.99 -71.06 -37.54
C SER Y 121 42.31 -70.36 -37.26
N PHE Y 122 42.27 -69.16 -36.68
CA PHE Y 122 43.47 -68.36 -36.40
C PHE Y 122 43.45 -67.97 -34.94
N PRO Y 123 43.86 -68.87 -34.05
CA PRO Y 123 43.79 -68.57 -32.62
C PRO Y 123 44.89 -67.64 -32.15
N PHE Y 124 45.16 -66.60 -32.94
CA PHE Y 124 46.11 -65.56 -32.56
C PHE Y 124 45.45 -64.21 -32.75
N PHE Y 125 44.57 -64.11 -33.74
CA PHE Y 125 43.81 -62.91 -34.01
C PHE Y 125 42.40 -62.96 -33.44
N GLY Y 126 42.03 -64.04 -32.76
CA GLY Y 126 40.72 -64.16 -32.16
C GLY Y 126 40.72 -63.61 -30.74
N TYR Y 127 39.59 -63.03 -30.35
CA TYR Y 127 39.45 -62.42 -29.03
C TYR Y 127 38.08 -62.80 -28.46
N ASP Y 128 37.79 -62.27 -27.28
CA ASP Y 128 36.55 -62.62 -26.58
C ASP Y 128 35.82 -61.44 -25.97
N TRP Y 129 36.38 -60.23 -25.97
CA TRP Y 129 35.80 -59.04 -25.36
C TRP Y 129 35.80 -59.15 -23.83
N ARG Y 130 36.16 -60.31 -23.31
CA ARG Y 130 36.04 -60.58 -21.89
C ARG Y 130 37.35 -60.92 -21.21
N ASP Y 131 38.26 -61.61 -21.89
CA ASP Y 131 39.60 -61.79 -21.34
C ASP Y 131 40.37 -60.48 -21.47
N LYS Y 132 41.17 -60.17 -20.46
CA LYS Y 132 41.88 -58.90 -20.44
C LYS Y 132 43.24 -58.98 -21.08
N ASN Y 133 43.88 -60.15 -21.05
CA ASN Y 133 45.25 -60.25 -21.55
C ASN Y 133 45.32 -59.95 -23.04
N LYS Y 134 44.40 -60.54 -23.82
CA LYS Y 134 44.43 -60.30 -25.26
C LYS Y 134 44.07 -58.86 -25.60
N MET Y 135 43.11 -58.28 -24.87
CA MET Y 135 42.75 -56.88 -25.09
C MET Y 135 43.94 -55.97 -24.86
N THR Y 136 44.63 -56.16 -23.73
CA THR Y 136 45.82 -55.35 -23.45
C THR Y 136 46.92 -55.63 -24.45
N THR Y 137 47.02 -56.85 -24.96
CA THR Y 137 48.04 -57.15 -25.98
C THR Y 137 47.78 -56.35 -27.25
N ILE Y 138 46.53 -56.34 -27.72
CA ILE Y 138 46.21 -55.56 -28.91
C ILE Y 138 46.45 -54.08 -28.67
N LEU Y 139 46.03 -53.59 -27.50
CA LEU Y 139 46.24 -52.19 -27.16
C LEU Y 139 47.73 -51.85 -27.18
N GLY Y 140 48.56 -52.71 -26.61
CA GLY Y 140 49.99 -52.46 -26.58
C GLY Y 140 50.62 -52.48 -27.97
N ILE Y 141 50.19 -53.40 -28.82
CA ILE Y 141 50.72 -53.46 -30.18
C ILE Y 141 50.43 -52.15 -30.91
N HIS Y 142 49.18 -51.70 -30.86
CA HIS Y 142 48.84 -50.47 -31.56
C HIS Y 142 49.50 -49.26 -30.91
N LEU Y 143 49.71 -49.30 -29.60
CA LEU Y 143 50.42 -48.23 -28.90
C LEU Y 143 51.86 -48.14 -29.38
N CYS Y 144 52.51 -49.28 -29.57
CA CYS Y 144 53.87 -49.28 -30.11
C CYS Y 144 53.88 -48.71 -31.52
N LEU Y 145 52.86 -49.05 -32.33
CA LEU Y 145 52.78 -48.47 -33.67
C LEU Y 145 52.68 -46.95 -33.62
N LEU Y 146 51.83 -46.43 -32.72
CA LEU Y 146 51.70 -44.98 -32.58
C LEU Y 146 53.00 -44.34 -32.13
N GLY Y 147 53.71 -44.97 -31.19
CA GLY Y 147 54.99 -44.45 -30.77
C GLY Y 147 55.99 -44.40 -31.90
N LEU Y 148 56.01 -45.44 -32.74
CA LEU Y 148 56.88 -45.42 -33.92
C LEU Y 148 56.51 -44.30 -34.86
N GLY Y 149 55.21 -44.01 -35.01
CA GLY Y 149 54.81 -42.89 -35.85
C GLY Y 149 55.29 -41.55 -35.32
N SER Y 150 55.18 -41.35 -34.01
CA SER Y 150 55.68 -40.11 -33.41
C SER Y 150 57.18 -39.99 -33.62
N PHE Y 151 57.91 -41.09 -33.42
CA PHE Y 151 59.32 -41.10 -33.76
C PHE Y 151 59.54 -40.69 -35.21
N LEU Y 152 58.73 -41.22 -36.12
CA LEU Y 152 58.91 -40.92 -37.54
C LEU Y 152 58.77 -39.43 -37.79
N LEU Y 153 57.81 -38.78 -37.13
CA LEU Y 153 57.68 -37.33 -37.29
C LEU Y 153 58.92 -36.62 -36.76
N VAL Y 154 59.41 -37.03 -35.58
CA VAL Y 154 60.61 -36.42 -35.03
C VAL Y 154 61.79 -36.58 -35.98
N ILE Y 155 61.94 -37.78 -36.53
CA ILE Y 155 63.02 -38.08 -37.46
C ILE Y 155 62.90 -37.22 -38.71
N LYS Y 156 61.68 -37.06 -39.22
CA LYS Y 156 61.48 -36.19 -40.38
C LYS Y 156 61.92 -34.76 -40.07
N ALA Y 157 61.56 -34.26 -38.90
CA ALA Y 157 61.90 -32.88 -38.57
C ALA Y 157 63.39 -32.70 -38.26
N MET Y 158 64.08 -33.74 -37.83
CA MET Y 158 65.47 -33.60 -37.41
C MET Y 158 66.48 -33.97 -38.48
N TYR Y 159 66.21 -35.00 -39.29
CA TYR Y 159 67.22 -35.46 -40.25
C TYR Y 159 66.67 -35.77 -41.64
N LEU Y 160 65.43 -35.43 -41.93
CA LEU Y 160 64.86 -35.76 -43.24
C LEU Y 160 64.40 -34.51 -43.99
N GLY Y 161 65.23 -33.47 -44.00
CA GLY Y 161 64.92 -32.24 -44.68
C GLY Y 161 64.36 -31.15 -43.79
N GLY Y 162 63.96 -31.48 -42.58
CA GLY Y 162 63.46 -30.49 -41.65
C GLY Y 162 62.01 -30.12 -41.89
N VAL Y 163 61.55 -29.14 -41.12
CA VAL Y 163 60.16 -28.68 -41.18
C VAL Y 163 60.16 -27.16 -41.30
N TYR Y 164 59.00 -26.63 -41.64
CA TYR Y 164 58.85 -25.19 -41.83
C TYR Y 164 58.71 -24.50 -40.48
N ASP Y 165 59.54 -23.47 -40.24
CA ASP Y 165 59.57 -22.77 -38.98
C ASP Y 165 59.37 -21.28 -39.22
N THR Y 166 58.25 -20.74 -38.73
CA THR Y 166 57.96 -19.32 -38.91
C THR Y 166 58.93 -18.45 -38.14
N TRP Y 167 59.28 -18.85 -36.92
CA TRP Y 167 60.15 -18.06 -36.06
C TRP Y 167 61.61 -18.14 -36.46
N ALA Y 168 61.91 -18.73 -37.61
CA ALA Y 168 63.29 -18.82 -38.06
C ALA Y 168 63.85 -17.43 -38.35
N PRO Y 169 65.14 -17.21 -38.09
CA PRO Y 169 65.75 -15.92 -38.44
C PRO Y 169 65.67 -15.67 -39.93
N GLY Y 170 65.44 -14.41 -40.28
CA GLY Y 170 65.31 -14.05 -41.67
C GLY Y 170 63.98 -14.40 -42.31
N GLY Y 171 63.00 -14.82 -41.53
CA GLY Y 171 61.71 -15.20 -42.05
C GLY Y 171 61.47 -16.69 -41.97
N GLY Y 172 60.23 -17.06 -42.26
CA GLY Y 172 59.85 -18.46 -42.21
C GLY Y 172 60.52 -19.24 -43.33
N ASP Y 173 61.06 -20.41 -42.99
CA ASP Y 173 61.69 -21.28 -43.97
C ASP Y 173 61.90 -22.65 -43.36
N VAL Y 174 62.30 -23.59 -44.22
CA VAL Y 174 62.55 -24.96 -43.79
C VAL Y 174 63.93 -25.05 -43.15
N ARG Y 175 63.98 -25.60 -41.95
CA ARG Y 175 65.23 -25.72 -41.21
C ARG Y 175 65.24 -27.03 -40.44
N TYR Y 176 66.43 -27.45 -40.03
CA TYR Y 176 66.59 -28.64 -39.22
C TYR Y 176 66.55 -28.27 -37.75
N ILE Y 177 65.75 -28.98 -36.98
CA ILE Y 177 65.68 -28.76 -35.54
C ILE Y 177 66.80 -29.56 -34.89
N THR Y 178 67.96 -28.92 -34.72
CA THR Y 178 69.15 -29.64 -34.26
C THR Y 178 69.09 -29.97 -32.78
N THR Y 179 68.57 -29.07 -31.95
CA THR Y 179 68.60 -29.21 -30.49
C THR Y 179 67.20 -29.08 -29.91
N PRO Y 180 66.40 -30.14 -29.97
CA PRO Y 180 65.09 -30.12 -29.32
C PRO Y 180 65.23 -30.08 -27.81
N THR Y 181 64.23 -29.50 -27.15
CA THR Y 181 64.24 -29.42 -25.70
C THR Y 181 63.78 -30.75 -25.11
N LEU Y 182 64.62 -31.35 -24.28
CA LEU Y 182 64.33 -32.64 -23.68
C LEU Y 182 64.04 -32.55 -22.18
N ASN Y 183 63.99 -31.35 -21.62
CA ASN Y 183 63.76 -31.22 -20.19
C ASN Y 183 62.33 -31.65 -19.86
N PRO Y 184 62.15 -32.65 -19.00
CA PRO Y 184 60.78 -33.09 -18.68
C PRO Y 184 59.93 -32.00 -18.07
N ILE Y 185 60.53 -31.09 -17.29
CA ILE Y 185 59.75 -30.05 -16.63
C ILE Y 185 59.12 -29.12 -17.65
N VAL Y 186 59.92 -28.64 -18.61
CA VAL Y 186 59.39 -27.71 -19.60
C VAL Y 186 58.38 -28.41 -20.52
N ILE Y 187 58.60 -29.69 -20.80
CA ILE Y 187 57.69 -30.41 -21.70
C ILE Y 187 56.35 -30.64 -21.02
N PHE Y 188 56.37 -31.09 -19.77
CA PHE Y 188 55.12 -31.37 -19.08
C PHE Y 188 54.49 -30.13 -18.47
N GLY Y 189 55.19 -28.99 -18.50
CA GLY Y 189 54.55 -27.74 -18.12
C GLY Y 189 53.35 -27.43 -19.00
N TYR Y 190 53.44 -27.75 -20.29
CA TYR Y 190 52.28 -27.61 -21.16
C TYR Y 190 51.15 -28.52 -20.69
N VAL Y 191 51.46 -29.78 -20.42
CA VAL Y 191 50.41 -30.74 -20.09
C VAL Y 191 49.70 -30.35 -18.80
N PHE Y 192 50.45 -29.85 -17.82
CA PHE Y 192 49.89 -29.61 -16.49
C PHE Y 192 49.57 -28.14 -16.21
N ARG Y 193 49.56 -27.29 -17.22
CA ARG Y 193 49.22 -25.90 -17.00
C ARG Y 193 47.74 -25.67 -17.21
N SER Y 194 47.28 -24.48 -16.80
CA SER Y 194 45.87 -24.15 -16.88
C SER Y 194 45.43 -24.04 -18.35
N PRO Y 195 44.15 -24.33 -18.63
CA PRO Y 195 43.63 -24.14 -19.99
C PRO Y 195 43.02 -22.77 -20.25
N PHE Y 196 43.22 -21.79 -19.37
CA PHE Y 196 42.55 -20.51 -19.48
C PHE Y 196 43.43 -19.50 -20.20
N GLY Y 197 42.94 -18.27 -20.28
CA GLY Y 197 43.64 -17.25 -21.04
C GLY Y 197 45.03 -16.98 -20.47
N GLY Y 198 45.98 -16.74 -21.37
CA GLY Y 198 47.35 -16.52 -20.99
C GLY Y 198 48.14 -17.78 -20.73
N ASP Y 199 47.48 -18.94 -20.66
CA ASP Y 199 48.15 -20.21 -20.42
C ASP Y 199 48.12 -21.12 -21.64
N GLY Y 200 46.93 -21.45 -22.16
CA GLY Y 200 46.90 -22.20 -23.39
C GLY Y 200 47.40 -23.62 -23.24
N TRP Y 201 46.60 -24.49 -22.61
CA TRP Y 201 47.06 -25.75 -22.05
C TRP Y 201 48.08 -26.49 -22.91
N VAL Y 202 47.71 -26.94 -24.09
CA VAL Y 202 48.67 -27.49 -25.04
C VAL Y 202 48.70 -26.72 -26.35
N VAL Y 203 47.83 -25.72 -26.50
CA VAL Y 203 47.79 -24.92 -27.71
C VAL Y 203 48.91 -23.88 -27.74
N SER Y 204 49.47 -23.54 -26.58
CA SER Y 204 50.40 -22.42 -26.46
C SER Y 204 51.85 -22.82 -26.67
N VAL Y 205 52.11 -23.88 -27.43
CA VAL Y 205 53.49 -24.21 -27.78
C VAL Y 205 54.01 -23.15 -28.75
N ASN Y 206 55.20 -22.61 -28.45
CA ASN Y 206 55.71 -21.45 -29.18
C ASN Y 206 56.71 -21.83 -30.27
N ASN Y 207 57.80 -22.49 -29.90
CA ASN Y 207 58.87 -22.78 -30.84
C ASN Y 207 58.80 -24.23 -31.31
N MET Y 208 59.54 -24.50 -32.38
CA MET Y 208 59.58 -25.86 -32.93
C MET Y 208 60.36 -26.82 -32.04
N GLU Y 209 61.30 -26.30 -31.25
CA GLU Y 209 62.07 -27.17 -30.36
C GLU Y 209 61.16 -27.85 -29.35
N ASP Y 210 60.19 -27.11 -28.80
CA ASP Y 210 59.23 -27.72 -27.89
C ASP Y 210 58.38 -28.77 -28.59
N VAL Y 211 57.97 -28.51 -29.83
CA VAL Y 211 57.19 -29.48 -30.57
C VAL Y 211 57.98 -30.78 -30.75
N ILE Y 212 59.23 -30.66 -31.17
CA ILE Y 212 60.04 -31.87 -31.40
C ILE Y 212 60.30 -32.61 -30.09
N GLY Y 213 60.62 -31.88 -29.03
CA GLY Y 213 60.85 -32.52 -27.74
C GLY Y 213 59.60 -33.23 -27.22
N GLY Y 214 58.45 -32.56 -27.32
CA GLY Y 214 57.21 -33.19 -26.89
C GLY Y 214 56.91 -34.44 -27.68
N HIS Y 215 57.22 -34.44 -28.98
CA HIS Y 215 56.98 -35.62 -29.77
C HIS Y 215 57.95 -36.75 -29.42
N ILE Y 216 59.20 -36.41 -29.11
CA ILE Y 216 60.13 -37.43 -28.63
C ILE Y 216 59.59 -38.07 -27.36
N TRP Y 217 59.12 -37.22 -26.43
CA TRP Y 217 58.59 -37.75 -25.18
C TRP Y 217 57.35 -38.60 -25.40
N VAL Y 218 56.46 -38.16 -26.28
CA VAL Y 218 55.23 -38.93 -26.53
C VAL Y 218 55.57 -40.27 -27.16
N GLY Y 219 56.51 -40.29 -28.10
CA GLY Y 219 56.92 -41.55 -28.68
C GLY Y 219 57.53 -42.50 -27.66
N ILE Y 220 58.40 -41.97 -26.79
CA ILE Y 220 59.02 -42.81 -25.76
C ILE Y 220 57.96 -43.37 -24.83
N LEU Y 221 57.04 -42.51 -24.39
CA LEU Y 221 55.98 -42.94 -23.48
C LEU Y 221 55.10 -44.00 -24.14
N CYS Y 222 54.76 -43.80 -25.41
CA CYS Y 222 53.91 -44.76 -26.11
C CYS Y 222 54.62 -46.10 -26.30
N ILE Y 223 55.91 -46.07 -26.62
CA ILE Y 223 56.66 -47.32 -26.77
C ILE Y 223 56.69 -48.08 -25.45
N VAL Y 224 57.01 -47.37 -24.36
CA VAL Y 224 57.11 -48.01 -23.05
C VAL Y 224 55.76 -48.57 -22.64
N GLY Y 225 54.69 -47.78 -22.82
CA GLY Y 225 53.37 -48.26 -22.48
C GLY Y 225 52.94 -49.45 -23.30
N GLY Y 226 53.30 -49.46 -24.59
CA GLY Y 226 52.92 -50.57 -25.45
C GLY Y 226 53.62 -51.84 -25.04
N ILE Y 227 54.90 -51.74 -24.71
CA ILE Y 227 55.62 -52.90 -24.20
C ILE Y 227 55.01 -53.36 -22.89
N TRP Y 228 54.63 -52.42 -22.03
CA TRP Y 228 54.17 -52.76 -20.69
C TRP Y 228 52.80 -53.43 -20.71
N HIS Y 229 51.88 -52.92 -21.53
CA HIS Y 229 50.54 -53.52 -21.58
C HIS Y 229 50.57 -54.89 -22.23
N ILE Y 230 51.48 -55.11 -23.17
CA ILE Y 230 51.59 -56.43 -23.78
C ILE Y 230 51.95 -57.47 -22.75
N PHE Y 231 52.91 -57.15 -21.88
CA PHE Y 231 53.43 -58.15 -20.95
C PHE Y 231 52.50 -58.35 -19.75
N THR Y 232 51.95 -57.28 -19.20
CA THR Y 232 51.26 -57.36 -17.93
C THR Y 232 49.76 -57.64 -18.14
N LYS Y 233 49.03 -57.66 -17.04
CA LYS Y 233 47.60 -57.92 -16.94
C LYS Y 233 46.97 -56.85 -16.07
N PRO Y 234 45.73 -56.45 -16.34
CA PRO Y 234 45.11 -55.37 -15.56
C PRO Y 234 45.11 -55.67 -14.07
N PHE Y 235 45.42 -54.65 -13.29
CA PHE Y 235 45.58 -54.81 -11.85
C PHE Y 235 44.22 -54.87 -11.15
N ALA Y 236 44.27 -55.17 -9.86
CA ALA Y 236 43.04 -55.34 -9.09
C ALA Y 236 42.21 -54.06 -9.04
N TRP Y 237 42.87 -52.92 -8.85
CA TRP Y 237 42.13 -51.67 -8.70
C TRP Y 237 41.40 -51.28 -9.98
N ALA Y 238 41.97 -51.60 -11.14
CA ALA Y 238 41.31 -51.34 -12.42
C ALA Y 238 40.39 -52.47 -12.85
N ARG Y 239 40.44 -53.61 -12.17
CA ARG Y 239 39.66 -54.77 -12.59
C ARG Y 239 38.22 -54.73 -12.09
N ARG Y 240 37.87 -53.81 -11.19
CA ARG Y 240 36.53 -53.76 -10.61
C ARG Y 240 35.85 -52.41 -10.83
N ALA Y 241 36.46 -51.51 -11.58
CA ALA Y 241 35.84 -50.23 -11.88
C ALA Y 241 35.47 -50.09 -13.36
N PHE Y 242 35.88 -51.03 -14.20
CA PHE Y 242 35.67 -50.96 -15.64
C PHE Y 242 34.70 -52.03 -16.08
N VAL Y 243 33.87 -51.69 -17.04
CA VAL Y 243 32.99 -52.66 -17.70
C VAL Y 243 33.77 -53.29 -18.84
N TRP Y 244 33.82 -54.62 -18.87
CA TRP Y 244 34.66 -55.35 -19.81
C TRP Y 244 33.77 -55.93 -20.90
N SER Y 245 33.53 -55.11 -21.93
CA SER Y 245 32.75 -55.53 -23.08
C SER Y 245 33.13 -54.64 -24.27
N GLY Y 246 32.75 -55.09 -25.46
CA GLY Y 246 33.12 -54.35 -26.66
C GLY Y 246 32.55 -52.95 -26.70
N GLU Y 247 31.26 -52.80 -26.35
CA GLU Y 247 30.65 -51.49 -26.38
C GLU Y 247 31.27 -50.55 -25.33
N ALA Y 248 31.69 -51.10 -24.20
CA ALA Y 248 32.35 -50.26 -23.20
C ALA Y 248 33.68 -49.72 -23.73
N TYR Y 249 34.46 -50.56 -24.40
CA TYR Y 249 35.70 -50.10 -25.01
C TYR Y 249 35.42 -49.03 -26.05
N LEU Y 250 34.37 -49.24 -26.84
CA LEU Y 250 33.98 -48.24 -27.83
C LEU Y 250 33.64 -46.91 -27.17
N SER Y 251 32.91 -46.95 -26.06
CA SER Y 251 32.54 -45.73 -25.36
C SER Y 251 33.76 -45.00 -24.81
N TYR Y 252 34.71 -45.75 -24.24
CA TYR Y 252 35.95 -45.13 -23.77
C TYR Y 252 36.65 -44.42 -24.91
N SER Y 253 36.80 -45.11 -26.05
CA SER Y 253 37.46 -44.51 -27.19
C SER Y 253 36.71 -43.27 -27.67
N LEU Y 254 35.38 -43.31 -27.63
CA LEU Y 254 34.59 -42.16 -28.06
C LEU Y 254 34.85 -40.95 -27.18
N ALA Y 255 34.89 -41.14 -25.86
CA ALA Y 255 35.16 -40.01 -24.97
C ALA Y 255 36.55 -39.45 -25.24
N ALA Y 256 37.55 -40.33 -25.36
CA ALA Y 256 38.90 -39.86 -25.60
C ALA Y 256 39.00 -39.08 -26.91
N ILE Y 257 38.37 -39.60 -27.98
CA ILE Y 257 38.49 -38.96 -29.27
C ILE Y 257 37.67 -37.66 -29.32
N SER Y 258 36.59 -37.56 -28.56
CA SER Y 258 35.89 -36.29 -28.47
C SER Y 258 36.78 -35.23 -27.83
N LEU Y 259 37.48 -35.60 -26.75
CA LEU Y 259 38.41 -34.66 -26.15
C LEU Y 259 39.49 -34.25 -27.15
N MET Y 260 40.03 -35.21 -27.90
CA MET Y 260 41.06 -34.90 -28.89
C MET Y 260 40.52 -33.99 -29.99
N GLY Y 261 39.28 -34.21 -30.42
CA GLY Y 261 38.71 -33.35 -31.44
C GLY Y 261 38.50 -31.92 -30.96
N PHE Y 262 38.01 -31.76 -29.72
CA PHE Y 262 37.91 -30.42 -29.15
C PHE Y 262 39.27 -29.75 -29.11
N THR Y 263 40.30 -30.49 -28.68
CA THR Y 263 41.62 -29.92 -28.58
C THR Y 263 42.15 -29.49 -29.94
N ALA Y 264 41.96 -30.32 -30.96
CA ALA Y 264 42.43 -29.96 -32.30
C ALA Y 264 41.68 -28.75 -32.83
N ALA Y 265 40.37 -28.68 -32.59
CA ALA Y 265 39.59 -27.54 -33.06
C ALA Y 265 40.09 -26.24 -32.44
N LEU Y 266 40.28 -26.23 -31.12
CA LEU Y 266 40.79 -25.01 -30.47
C LEU Y 266 42.26 -24.79 -30.77
N TYR Y 267 42.96 -25.84 -31.19
CA TYR Y 267 44.38 -25.74 -31.51
C TYR Y 267 44.60 -25.10 -32.87
N SER Y 268 43.70 -25.33 -33.81
CA SER Y 268 43.78 -24.69 -35.11
C SER Y 268 43.33 -23.24 -35.10
N TRP Y 269 42.69 -22.79 -34.03
CA TRP Y 269 42.14 -21.45 -33.95
C TRP Y 269 43.07 -20.45 -33.28
N TYR Y 270 44.04 -20.92 -32.51
CA TYR Y 270 44.92 -20.05 -31.73
C TYR Y 270 46.39 -20.18 -32.07
N ASN Y 271 46.83 -21.32 -32.58
CA ASN Y 271 48.25 -21.62 -32.70
C ASN Y 271 48.84 -21.04 -33.99
N ASN Y 272 50.02 -20.42 -33.86
CA ASN Y 272 50.78 -19.94 -35.01
C ASN Y 272 51.97 -20.83 -35.34
N THR Y 273 52.40 -21.70 -34.43
CA THR Y 273 53.63 -22.44 -34.64
C THR Y 273 53.42 -23.61 -35.58
N ALA Y 274 52.54 -24.54 -35.22
CA ALA Y 274 52.21 -25.65 -36.10
C ALA Y 274 51.17 -25.28 -37.14
N TYR Y 275 50.60 -24.09 -37.06
CA TYR Y 275 49.66 -23.57 -38.05
C TYR Y 275 50.13 -22.21 -38.50
N PRO Y 276 51.19 -22.15 -39.31
CA PRO Y 276 51.75 -20.86 -39.72
C PRO Y 276 50.70 -19.99 -40.39
N SER Y 277 50.70 -18.71 -40.02
CA SER Y 277 49.73 -17.78 -40.58
C SER Y 277 49.93 -17.55 -42.07
N GLU Y 278 51.12 -17.86 -42.60
CA GLU Y 278 51.36 -17.71 -44.04
C GLU Y 278 50.63 -18.77 -44.84
N LEU Y 279 50.15 -19.83 -44.20
CA LEU Y 279 49.46 -20.92 -44.88
C LEU Y 279 47.99 -21.02 -44.49
N TYR Y 280 47.68 -20.86 -43.22
CA TYR Y 280 46.30 -20.93 -42.76
C TYR Y 280 45.65 -19.56 -42.61
N GLY Y 281 46.39 -18.48 -42.84
CA GLY Y 281 45.87 -17.15 -42.62
C GLY Y 281 45.98 -16.75 -41.18
N PRO Y 282 45.76 -15.48 -40.89
CA PRO Y 282 45.89 -15.00 -39.51
C PRO Y 282 44.79 -15.56 -38.62
N THR Y 283 45.10 -15.69 -37.34
CA THR Y 283 44.14 -16.16 -36.37
C THR Y 283 43.14 -15.05 -36.03
N GLY Y 284 42.25 -15.34 -35.11
CA GLY Y 284 41.29 -14.37 -34.64
C GLY Y 284 41.95 -13.13 -34.06
N PRO Y 285 42.71 -13.31 -32.98
CA PRO Y 285 43.43 -12.16 -32.39
C PRO Y 285 44.43 -11.51 -33.34
N GLU Y 286 45.02 -12.29 -34.25
CA GLU Y 286 46.05 -11.74 -35.11
C GLU Y 286 45.50 -10.67 -36.04
N ALA Y 287 44.29 -10.87 -36.56
CA ALA Y 287 43.68 -9.86 -37.43
C ALA Y 287 43.44 -8.57 -36.66
N SER Y 288 42.94 -8.66 -35.43
CA SER Y 288 42.69 -7.46 -34.65
C SER Y 288 43.98 -6.71 -34.33
N GLN Y 289 45.02 -7.44 -33.93
CA GLN Y 289 46.31 -6.80 -33.68
C GLN Y 289 46.85 -6.16 -34.95
N ALA Y 290 46.68 -6.82 -36.09
CA ALA Y 290 47.14 -6.26 -37.35
C ALA Y 290 46.41 -4.97 -37.68
N GLN Y 291 45.09 -4.92 -37.44
CA GLN Y 291 44.34 -3.70 -37.69
C GLN Y 291 44.84 -2.55 -36.81
N ALA Y 292 45.00 -2.82 -35.52
CA ALA Y 292 45.49 -1.77 -34.62
C ALA Y 292 46.88 -1.31 -35.05
N PHE Y 293 47.74 -2.25 -35.43
CA PHE Y 293 49.10 -1.90 -35.83
C PHE Y 293 49.12 -1.04 -37.08
N THR Y 294 48.34 -1.43 -38.09
CA THR Y 294 48.39 -0.69 -39.35
C THR Y 294 47.78 0.71 -39.20
N PHE Y 295 46.73 0.84 -38.38
CA PHE Y 295 46.20 2.19 -38.18
C PHE Y 295 47.13 3.03 -37.33
N LEU Y 296 47.84 2.41 -36.38
CA LEU Y 296 48.87 3.13 -35.64
C LEU Y 296 49.95 3.67 -36.57
N VAL Y 297 50.41 2.82 -37.49
CA VAL Y 297 51.44 3.26 -38.43
C VAL Y 297 50.92 4.38 -39.32
N ARG Y 298 49.70 4.24 -39.83
CA ARG Y 298 49.14 5.26 -40.71
C ARG Y 298 49.00 6.59 -39.99
N ASP Y 299 48.52 6.59 -38.74
CA ASP Y 299 48.39 7.83 -38.00
C ASP Y 299 49.74 8.39 -37.59
N GLN Y 300 50.74 7.53 -37.44
CA GLN Y 300 52.08 8.01 -37.12
C GLN Y 300 52.72 8.69 -38.32
N ARG Y 301 52.42 8.23 -39.54
CA ARG Y 301 52.97 8.87 -40.72
C ARG Y 301 52.55 10.33 -40.81
N LEU Y 302 51.32 10.63 -40.41
CA LEU Y 302 50.82 12.01 -40.46
C LEU Y 302 51.55 12.92 -39.49
N GLY Y 303 52.28 12.36 -38.52
CA GLY Y 303 53.00 13.15 -37.55
C GLY Y 303 52.39 13.17 -36.17
N ALA Y 304 51.28 12.47 -35.95
CA ALA Y 304 50.68 12.42 -34.63
C ALA Y 304 51.59 11.69 -33.66
N ASN Y 305 51.70 12.23 -32.45
CA ASN Y 305 52.53 11.63 -31.41
C ASN Y 305 51.81 10.40 -30.87
N VAL Y 306 52.17 9.22 -31.39
CA VAL Y 306 51.62 7.98 -30.88
C VAL Y 306 52.04 7.83 -29.42
N SER Y 307 51.21 7.13 -28.65
CA SER Y 307 51.41 6.88 -27.22
C SER Y 307 51.25 8.15 -26.38
N SER Y 308 50.64 9.18 -26.95
CA SER Y 308 50.30 10.37 -26.20
C SER Y 308 48.89 10.88 -26.51
N ALA Y 309 48.16 10.21 -27.40
CA ALA Y 309 46.83 10.63 -27.80
C ALA Y 309 45.80 9.87 -26.97
N GLN Y 310 45.11 10.59 -26.09
CA GLN Y 310 44.08 9.97 -25.28
C GLN Y 310 42.91 9.54 -26.17
N GLY Y 311 42.37 8.36 -25.88
CA GLY Y 311 41.23 7.87 -26.62
C GLY Y 311 39.95 8.54 -26.17
N PRO Y 312 38.86 8.18 -26.85
CA PRO Y 312 37.56 8.78 -26.51
C PRO Y 312 37.16 8.57 -25.06
N THR Y 313 37.54 7.45 -24.47
CA THR Y 313 37.27 7.19 -23.06
C THR Y 313 38.41 7.65 -22.16
N GLY Y 314 39.44 8.29 -22.72
CA GLY Y 314 40.59 8.68 -21.95
C GLY Y 314 41.58 7.58 -21.67
N LEU Y 315 41.44 6.43 -22.32
CA LEU Y 315 42.26 5.27 -22.01
C LEU Y 315 43.51 5.16 -22.87
N GLY Y 316 43.53 5.81 -24.03
CA GLY Y 316 44.64 5.66 -24.95
C GLY Y 316 44.26 4.81 -26.13
N LYS Y 317 44.26 5.40 -27.33
CA LYS Y 317 43.74 4.72 -28.51
C LYS Y 317 44.79 3.98 -29.30
N TYR Y 318 46.08 4.14 -28.98
CA TYR Y 318 47.13 3.41 -29.68
C TYR Y 318 47.90 2.48 -28.77
N LEU Y 319 48.38 2.97 -27.64
CA LEU Y 319 49.13 2.17 -26.69
C LEU Y 319 48.43 2.20 -25.34
N MET Y 320 48.29 1.03 -24.72
CA MET Y 320 47.69 0.91 -23.40
C MET Y 320 48.64 0.20 -22.46
N ARG Y 321 48.15 -0.14 -21.27
CA ARG Y 321 48.88 -0.96 -20.31
C ARG Y 321 48.04 -2.18 -19.97
N SER Y 322 48.64 -3.36 -20.10
CA SER Y 322 47.96 -4.60 -19.76
C SER Y 322 47.74 -4.68 -18.25
N PRO Y 323 46.73 -5.45 -17.82
CA PRO Y 323 46.51 -5.63 -16.38
C PRO Y 323 47.71 -6.18 -15.63
N SER Y 324 48.72 -6.69 -16.33
CA SER Y 324 50.00 -7.06 -15.73
C SER Y 324 51.04 -5.96 -15.87
N GLY Y 325 50.71 -4.86 -16.52
CA GLY Y 325 51.63 -3.75 -16.69
C GLY Y 325 52.30 -3.67 -18.05
N GLU Y 326 52.21 -4.72 -18.86
CA GLU Y 326 52.85 -4.70 -20.16
C GLU Y 326 52.18 -3.69 -21.09
N ILE Y 327 52.98 -3.12 -21.99
CA ILE Y 327 52.49 -2.12 -22.95
C ILE Y 327 51.96 -2.84 -24.17
N ILE Y 328 50.70 -2.55 -24.52
CA ILE Y 328 49.97 -3.28 -25.55
C ILE Y 328 49.21 -2.30 -26.42
N PHE Y 329 48.66 -2.81 -27.52
CA PHE Y 329 47.82 -1.99 -28.39
C PHE Y 329 46.50 -1.68 -27.71
N GLY Y 330 45.98 -0.46 -27.95
CA GLY Y 330 44.74 -0.03 -27.35
C GLY Y 330 43.53 -0.44 -28.17
N GLY Y 331 42.38 0.06 -27.73
CA GLY Y 331 41.13 -0.29 -28.37
C GLY Y 331 40.56 -1.59 -27.83
N GLU Y 332 39.58 -2.12 -28.54
CA GLU Y 332 38.94 -3.36 -28.12
C GLU Y 332 39.90 -4.55 -28.18
N THR Y 333 41.01 -4.44 -28.90
CA THR Y 333 41.95 -5.54 -29.02
C THR Y 333 42.83 -5.71 -27.78
N MET Y 334 42.53 -5.03 -26.68
CA MET Y 334 43.28 -5.25 -25.45
C MET Y 334 42.99 -6.63 -24.87
N ARG Y 335 41.90 -7.27 -25.26
CA ARG Y 335 41.62 -8.64 -24.82
C ARG Y 335 42.60 -9.64 -25.42
N PHE Y 336 43.25 -9.29 -26.53
CA PHE Y 336 44.15 -10.19 -27.24
C PHE Y 336 45.62 -9.88 -26.98
N TRP Y 337 45.93 -9.28 -25.83
CA TRP Y 337 47.29 -8.86 -25.58
C TRP Y 337 48.26 -10.03 -25.37
N ASP Y 338 47.74 -11.25 -25.24
CA ASP Y 338 48.58 -12.42 -25.10
C ASP Y 338 49.19 -12.89 -26.42
N LEU Y 339 48.93 -12.18 -27.51
CA LEU Y 339 49.36 -12.64 -28.81
C LEU Y 339 50.88 -12.54 -28.96
N ARG Y 340 51.43 -13.47 -29.74
CA ARG Y 340 52.85 -13.48 -30.09
C ARG Y 340 52.94 -13.94 -31.55
N ALA Y 341 53.24 -13.01 -32.45
CA ALA Y 341 53.32 -13.34 -33.86
C ALA Y 341 54.72 -13.01 -34.39
N PRO Y 342 55.19 -13.75 -35.40
CA PRO Y 342 56.55 -13.51 -35.90
C PRO Y 342 56.77 -12.11 -36.46
N TRP Y 343 55.73 -11.46 -36.97
CA TRP Y 343 55.88 -10.13 -37.54
C TRP Y 343 55.72 -9.01 -36.52
N VAL Y 344 55.32 -9.32 -35.29
CA VAL Y 344 55.18 -8.32 -34.24
C VAL Y 344 56.22 -8.47 -33.15
N GLU Y 345 56.81 -9.66 -32.98
CA GLU Y 345 57.85 -9.84 -31.98
C GLU Y 345 59.05 -8.91 -32.14
N PRO Y 346 59.54 -8.59 -33.36
CA PRO Y 346 60.69 -7.68 -33.47
C PRO Y 346 60.49 -6.35 -32.73
N LEU Y 347 59.25 -5.96 -32.52
CA LEU Y 347 58.94 -4.70 -31.85
C LEU Y 347 58.76 -4.84 -30.35
N ARG Y 348 58.86 -6.05 -29.81
CA ARG Y 348 58.59 -6.30 -28.40
C ARG Y 348 59.89 -6.34 -27.62
N GLY Y 349 59.91 -5.63 -26.49
CA GLY Y 349 61.02 -5.70 -25.57
C GLY Y 349 60.62 -6.40 -24.30
N PRO Y 350 61.53 -6.45 -23.32
CA PRO Y 350 61.18 -7.08 -22.03
C PRO Y 350 60.02 -6.41 -21.34
N ASN Y 351 59.85 -5.10 -21.53
CA ASN Y 351 58.75 -4.37 -20.90
C ASN Y 351 57.45 -4.45 -21.69
N GLY Y 352 57.46 -5.05 -22.87
CA GLY Y 352 56.30 -5.09 -23.74
C GLY Y 352 56.63 -4.51 -25.11
N LEU Y 353 55.67 -3.80 -25.68
CA LEU Y 353 55.87 -3.14 -26.97
C LEU Y 353 56.82 -1.96 -26.78
N ASP Y 354 58.05 -2.10 -27.27
CA ASP Y 354 59.02 -1.02 -27.18
C ASP Y 354 58.55 0.19 -28.00
N ILE Y 355 58.78 1.39 -27.47
CA ILE Y 355 58.31 2.60 -28.13
C ILE Y 355 59.35 3.15 -29.09
N ASN Y 356 60.64 3.07 -28.72
CA ASN Y 356 61.68 3.58 -29.61
C ASN Y 356 61.75 2.76 -30.90
N LYS Y 357 61.47 1.46 -30.84
CA LYS Y 357 61.44 0.65 -32.04
C LYS Y 357 60.26 1.03 -32.93
N ILE Y 358 59.11 1.30 -32.31
CA ILE Y 358 57.92 1.69 -33.08
C ILE Y 358 58.16 3.04 -33.75
N LYS Y 359 58.72 4.00 -33.01
CA LYS Y 359 58.87 5.35 -33.53
C LYS Y 359 59.86 5.40 -34.70
N ASN Y 360 60.94 4.62 -34.62
CA ASN Y 360 62.02 4.72 -35.59
C ASN Y 360 62.15 3.47 -36.45
N ASP Y 361 62.33 2.30 -35.85
CA ASP Y 361 62.69 1.10 -36.59
C ASP Y 361 61.45 0.29 -36.95
N ILE Y 362 60.69 0.81 -37.91
CA ILE Y 362 59.56 0.11 -38.48
C ILE Y 362 59.97 -0.39 -39.86
N GLN Y 363 59.32 -1.46 -40.31
CA GLN Y 363 59.72 -2.07 -41.56
C GLN Y 363 58.55 -2.16 -42.53
N PRO Y 364 58.79 -1.94 -43.83
CA PRO Y 364 57.69 -2.03 -44.80
C PRO Y 364 57.06 -3.40 -44.89
N TRP Y 365 57.85 -4.47 -44.73
CA TRP Y 365 57.29 -5.81 -44.82
C TRP Y 365 56.31 -6.06 -43.68
N GLN Y 366 56.57 -5.52 -42.50
CA GLN Y 366 55.59 -5.60 -41.42
C GLN Y 366 54.31 -4.89 -41.80
N GLU Y 367 54.41 -3.72 -42.44
CA GLU Y 367 53.21 -3.01 -42.87
C GLU Y 367 52.42 -3.84 -43.86
N ARG Y 368 53.10 -4.45 -44.83
CA ARG Y 368 52.40 -5.27 -45.82
C ARG Y 368 51.74 -6.47 -45.16
N ARG Y 369 52.44 -7.13 -44.25
CA ARG Y 369 51.87 -8.29 -43.56
C ARG Y 369 50.65 -7.90 -42.75
N ALA Y 370 50.72 -6.79 -42.02
CA ALA Y 370 49.59 -6.34 -41.21
C ALA Y 370 48.41 -5.97 -42.08
N ALA Y 371 48.65 -5.29 -43.21
CA ALA Y 371 47.56 -4.93 -44.10
C ALA Y 371 46.91 -6.17 -44.69
N GLU Y 372 47.72 -7.14 -45.12
CA GLU Y 372 47.17 -8.37 -45.69
C GLU Y 372 46.35 -9.13 -44.65
N TYR Y 373 46.83 -9.18 -43.40
CA TYR Y 373 46.09 -9.91 -42.37
C TYR Y 373 44.80 -9.20 -41.99
N MET Y 374 44.83 -7.87 -41.89
CA MET Y 374 43.61 -7.14 -41.61
C MET Y 374 42.59 -7.32 -42.72
N THR Y 375 43.04 -7.27 -43.98
CA THR Y 375 42.15 -7.47 -45.12
C THR Y 375 41.65 -8.89 -45.24
N HIS Y 376 42.27 -9.85 -44.54
CA HIS Y 376 41.84 -11.26 -44.56
C HIS Y 376 41.68 -11.73 -43.13
N ALA Y 377 40.56 -11.44 -42.53
CA ALA Y 377 40.30 -11.87 -41.18
C ALA Y 377 39.46 -13.13 -41.18
N PRO Y 378 39.53 -13.94 -40.14
CA PRO Y 378 38.69 -15.15 -40.09
C PRO Y 378 37.23 -14.82 -39.89
N LEU Y 379 36.66 -14.05 -40.81
CA LEU Y 379 35.24 -13.70 -40.82
C LEU Y 379 34.64 -14.17 -42.13
N GLY Y 380 33.40 -14.64 -42.08
CA GLY Y 380 32.76 -15.10 -43.30
C GLY Y 380 31.33 -15.49 -43.04
N SER Y 381 30.75 -16.17 -44.03
CA SER Y 381 29.39 -16.66 -43.97
C SER Y 381 29.35 -18.08 -44.51
N LEU Y 382 28.20 -18.73 -44.33
CA LEU Y 382 28.08 -20.12 -44.77
C LEU Y 382 28.25 -20.24 -46.28
N ASN Y 383 27.72 -19.30 -47.04
CA ASN Y 383 27.93 -19.27 -48.48
C ASN Y 383 29.26 -18.64 -48.87
N SER Y 384 30.12 -18.35 -47.89
CA SER Y 384 31.47 -17.84 -48.11
C SER Y 384 31.44 -16.46 -48.78
N VAL Y 385 30.60 -15.57 -48.24
CA VAL Y 385 30.57 -14.20 -48.73
C VAL Y 385 31.84 -13.46 -48.31
N GLY Y 386 32.32 -13.72 -47.10
CA GLY Y 386 33.54 -13.08 -46.63
C GLY Y 386 33.29 -11.71 -46.03
N GLY Y 387 34.16 -11.29 -45.12
CA GLY Y 387 33.99 -10.01 -44.46
C GLY Y 387 32.97 -10.06 -43.34
N VAL Y 388 32.47 -8.88 -42.99
CA VAL Y 388 31.50 -8.75 -41.91
C VAL Y 388 30.11 -9.09 -42.43
N ALA Y 389 29.22 -9.48 -41.52
CA ALA Y 389 27.89 -9.93 -41.92
C ALA Y 389 27.12 -8.86 -42.67
N THR Y 390 27.40 -7.59 -42.42
CA THR Y 390 26.69 -6.50 -43.08
C THR Y 390 27.35 -6.08 -44.39
N GLU Y 391 28.49 -6.66 -44.74
CA GLU Y 391 29.20 -6.26 -45.95
C GLU Y 391 28.50 -6.82 -47.18
N ILE Y 392 28.61 -6.09 -48.29
CA ILE Y 392 28.13 -6.60 -49.56
C ILE Y 392 29.06 -7.70 -50.06
N ASN Y 393 28.53 -8.52 -50.98
CA ASN Y 393 29.25 -9.72 -51.42
C ASN Y 393 29.99 -9.42 -52.72
N SER Y 394 31.27 -9.06 -52.59
CA SER Y 394 32.18 -9.00 -53.72
C SER Y 394 33.37 -9.92 -53.56
N VAL Y 395 33.98 -9.94 -52.38
CA VAL Y 395 35.04 -10.89 -52.09
C VAL Y 395 34.43 -12.27 -51.87
N ASN Y 396 35.25 -13.30 -52.02
CA ASN Y 396 34.81 -14.70 -51.85
C ASN Y 396 35.90 -15.42 -51.07
N TYR Y 397 35.76 -15.46 -49.75
CA TYR Y 397 36.82 -16.01 -48.92
C TYR Y 397 36.30 -16.32 -47.52
N VAL Y 398 36.59 -17.52 -47.04
CA VAL Y 398 36.41 -17.88 -45.65
C VAL Y 398 37.67 -18.62 -45.20
N SER Y 399 38.26 -18.19 -44.09
CA SER Y 399 39.56 -18.69 -43.67
C SER Y 399 39.48 -20.18 -43.35
N PRO Y 400 40.47 -20.97 -43.73
CA PRO Y 400 40.47 -22.40 -43.37
C PRO Y 400 40.48 -22.64 -41.88
N ARG Y 401 40.99 -21.70 -41.08
CA ARG Y 401 40.93 -21.85 -39.63
C ARG Y 401 39.49 -21.96 -39.15
N SER Y 402 38.61 -21.12 -39.70
CA SER Y 402 37.20 -21.16 -39.32
C SER Y 402 36.58 -22.49 -39.69
N TRP Y 403 36.83 -22.96 -40.91
CA TRP Y 403 36.29 -24.24 -41.34
C TRP Y 403 36.74 -25.37 -40.42
N LEU Y 404 38.05 -25.46 -40.19
CA LEU Y 404 38.59 -26.53 -39.36
C LEU Y 404 38.02 -26.48 -37.95
N CYS Y 405 38.04 -25.30 -37.33
CA CYS Y 405 37.58 -25.18 -35.96
C CYS Y 405 36.10 -25.54 -35.84
N CYS Y 406 35.26 -24.98 -36.71
CA CYS Y 406 33.82 -25.25 -36.60
C CYS Y 406 33.52 -26.72 -36.83
N SER Y 407 34.06 -27.29 -37.92
CA SER Y 407 33.76 -28.68 -38.25
C SER Y 407 34.21 -29.61 -37.14
N HIS Y 408 35.42 -29.41 -36.62
CA HIS Y 408 35.93 -30.33 -35.63
C HIS Y 408 35.29 -30.13 -34.28
N PHE Y 409 34.86 -28.92 -33.94
CA PHE Y 409 34.10 -28.72 -32.72
C PHE Y 409 32.77 -29.46 -32.79
N PHE Y 410 32.08 -29.35 -33.92
CA PHE Y 410 30.83 -30.07 -34.13
C PHE Y 410 31.03 -31.58 -33.98
N LEU Y 411 32.05 -32.12 -34.66
CA LEU Y 411 32.32 -33.54 -34.59
C LEU Y 411 32.68 -33.97 -33.17
N ALA Y 412 33.48 -33.16 -32.47
CA ALA Y 412 33.91 -33.52 -31.13
C ALA Y 412 32.72 -33.59 -30.18
N PHE Y 413 31.80 -32.63 -30.25
CA PHE Y 413 30.65 -32.72 -29.36
C PHE Y 413 29.79 -33.91 -29.70
N PHE Y 414 29.58 -34.20 -30.98
CA PHE Y 414 28.72 -35.34 -31.27
C PHE Y 414 29.38 -36.65 -30.88
N PHE Y 415 30.71 -36.69 -30.86
CA PHE Y 415 31.36 -37.89 -30.34
C PHE Y 415 31.29 -37.96 -28.82
N LEU Y 416 31.24 -36.82 -28.14
CA LEU Y 416 30.95 -36.84 -26.71
C LEU Y 416 29.54 -37.40 -26.46
N VAL Y 417 28.58 -37.02 -27.29
CA VAL Y 417 27.23 -37.58 -27.19
C VAL Y 417 27.26 -39.08 -27.43
N GLY Y 418 28.03 -39.51 -28.44
CA GLY Y 418 28.20 -40.93 -28.66
C GLY Y 418 28.77 -41.64 -27.44
N HIS Y 419 29.73 -41.01 -26.78
CA HIS Y 419 30.27 -41.58 -25.55
C HIS Y 419 29.18 -41.75 -24.50
N TRP Y 420 28.38 -40.72 -24.29
CA TRP Y 420 27.31 -40.82 -23.30
C TRP Y 420 26.38 -41.98 -23.62
N TRP Y 421 25.89 -42.02 -24.86
CA TRP Y 421 24.94 -43.05 -25.27
C TRP Y 421 25.53 -44.44 -25.09
N HIS Y 422 26.73 -44.65 -25.62
CA HIS Y 422 27.31 -46.00 -25.61
C HIS Y 422 27.74 -46.43 -24.22
N ALA Y 423 28.27 -45.51 -23.41
CA ALA Y 423 28.61 -45.86 -22.04
C ALA Y 423 27.36 -46.29 -21.27
N GLY Y 424 26.29 -45.51 -21.39
CA GLY Y 424 25.05 -45.90 -20.73
C GLY Y 424 24.54 -47.25 -21.18
N ARG Y 425 24.50 -47.47 -22.51
CA ARG Y 425 23.98 -48.73 -23.00
C ARG Y 425 24.88 -49.91 -22.64
N ALA Y 426 26.19 -49.72 -22.71
CA ALA Y 426 27.11 -50.80 -22.38
C ALA Y 426 26.96 -51.21 -20.92
N ARG Y 427 26.87 -50.22 -20.02
CA ARG Y 427 26.72 -50.57 -18.62
C ARG Y 427 25.37 -51.21 -18.35
N ALA Y 428 24.31 -50.72 -18.99
CA ALA Y 428 23.00 -51.34 -18.79
C ALA Y 428 22.97 -52.77 -19.30
N ALA Y 429 23.57 -53.01 -20.47
CA ALA Y 429 23.59 -54.36 -21.03
C ALA Y 429 24.42 -55.30 -20.17
N ALA Y 430 25.55 -54.82 -19.65
CA ALA Y 430 26.35 -55.64 -18.75
C ALA Y 430 25.57 -55.97 -17.48
N ALA Y 431 24.86 -54.99 -16.93
CA ALA Y 431 24.05 -55.23 -15.75
C ALA Y 431 22.91 -56.20 -16.05
N GLY Y 432 22.21 -55.98 -17.16
CA GLY Y 432 21.20 -56.92 -17.60
C GLY Y 432 19.78 -56.40 -17.63
N PHE Y 433 19.60 -55.09 -17.76
CA PHE Y 433 18.26 -54.52 -17.89
C PHE Y 433 18.22 -53.45 -18.98
N GLU Y 434 18.84 -53.74 -20.12
CA GLU Y 434 18.83 -52.82 -21.25
C GLU Y 434 17.60 -52.98 -22.13
N LYS Y 435 16.75 -53.97 -21.86
CA LYS Y 435 15.57 -54.22 -22.66
C LYS Y 435 14.27 -53.80 -22.02
N GLY Y 436 14.21 -53.74 -20.69
CA GLY Y 436 13.00 -53.39 -19.99
C GLY Y 436 13.23 -53.33 -18.50
N ILE Y 437 12.22 -53.68 -17.69
CA ILE Y 437 12.43 -53.70 -16.25
C ILE Y 437 12.41 -55.14 -15.77
N ASP Y 438 11.26 -55.81 -15.86
CA ASP Y 438 11.08 -57.23 -15.54
C ASP Y 438 9.60 -57.57 -15.35
N ARG Y 439 8.86 -56.67 -14.70
CA ARG Y 439 7.43 -56.78 -14.47
C ARG Y 439 7.10 -57.82 -13.39
N ASP Y 440 8.10 -58.54 -12.91
CA ASP Y 440 7.94 -59.43 -11.78
C ASP Y 440 9.03 -59.27 -10.72
N PHE Y 441 10.10 -58.55 -11.03
CA PHE Y 441 11.18 -58.22 -10.11
C PHE Y 441 11.49 -56.74 -10.22
N GLU Y 442 10.46 -55.91 -10.18
CA GLU Y 442 10.66 -54.47 -10.30
C GLU Y 442 11.36 -53.96 -9.05
N PRO Y 443 12.59 -53.44 -9.15
CA PRO Y 443 13.33 -53.08 -7.94
C PRO Y 443 12.69 -51.94 -7.16
N VAL Y 444 11.84 -51.12 -7.77
CA VAL Y 444 11.23 -50.02 -7.05
C VAL Y 444 10.30 -50.54 -5.96
N LEU Y 445 9.59 -51.63 -6.23
CA LEU Y 445 8.64 -52.17 -5.26
C LEU Y 445 9.30 -52.84 -4.08
N SER Y 446 10.60 -53.11 -4.15
CA SER Y 446 11.33 -53.76 -3.06
C SER Y 446 12.05 -52.76 -2.17
N MET Y 447 11.90 -51.47 -2.46
CA MET Y 447 12.63 -50.46 -1.70
C MET Y 447 11.70 -49.75 -0.76
N THR Y 448 12.25 -49.21 0.31
CA THR Y 448 11.43 -48.55 1.30
C THR Y 448 10.69 -47.39 0.69
N PRO Y 449 9.49 -47.13 1.20
CA PRO Y 449 8.76 -45.96 0.71
C PRO Y 449 9.43 -44.69 1.17
N LEU Y 450 8.99 -43.55 0.67
CA LEU Y 450 9.57 -42.27 1.08
C LEU Y 450 8.58 -41.14 0.86
N GLY Z 1 -35.30 -37.91 -47.35
CA GLY Z 1 -35.02 -36.50 -47.49
C GLY Z 1 -33.70 -36.23 -48.20
N LEU Z 2 -33.66 -35.17 -49.00
CA LEU Z 2 -32.46 -34.88 -49.78
C LEU Z 2 -31.28 -34.52 -48.88
N PHE Z 3 -31.54 -33.81 -47.78
CA PHE Z 3 -30.47 -33.44 -46.86
C PHE Z 3 -29.85 -34.67 -46.23
N ASP Z 4 -30.66 -35.69 -45.94
CA ASP Z 4 -30.17 -36.82 -45.15
C ASP Z 4 -29.15 -37.64 -45.91
N LEU Z 5 -29.43 -38.00 -47.17
CA LEU Z 5 -28.47 -38.85 -47.87
C LEU Z 5 -27.22 -38.06 -48.28
N VAL Z 6 -27.35 -36.75 -48.48
CA VAL Z 6 -26.16 -35.92 -48.68
C VAL Z 6 -25.29 -35.93 -47.43
N ASP Z 7 -25.92 -35.79 -46.26
CA ASP Z 7 -25.16 -35.87 -45.01
C ASP Z 7 -24.53 -37.25 -44.84
N ASP Z 8 -25.23 -38.30 -45.26
CA ASP Z 8 -24.68 -39.65 -45.19
C ASP Z 8 -23.45 -39.78 -46.06
N TRP Z 9 -23.51 -39.26 -47.28
CA TRP Z 9 -22.36 -39.37 -48.17
C TRP Z 9 -21.20 -38.51 -47.71
N LEU Z 10 -21.47 -37.36 -47.08
CA LEU Z 10 -20.40 -36.52 -46.59
C LEU Z 10 -19.64 -37.19 -45.46
N LYS Z 11 -20.33 -37.93 -44.60
CA LYS Z 11 -19.70 -38.64 -43.50
C LYS Z 11 -19.33 -40.07 -43.88
N LYS Z 12 -19.25 -40.36 -45.17
CA LYS Z 12 -18.79 -41.66 -45.65
C LYS Z 12 -17.35 -41.90 -45.18
N ASP Z 13 -17.05 -43.15 -44.86
CA ASP Z 13 -15.70 -43.52 -44.46
C ASP Z 13 -14.85 -43.74 -45.70
N ARG Z 14 -13.76 -42.99 -45.82
CA ARG Z 14 -12.89 -43.08 -46.98
C ARG Z 14 -11.47 -42.74 -46.54
N PHE Z 15 -10.59 -42.47 -47.51
CA PHE Z 15 -9.20 -42.15 -47.19
C PHE Z 15 -9.10 -40.87 -46.39
N VAL Z 16 -9.80 -39.82 -46.83
CA VAL Z 16 -9.78 -38.52 -46.15
C VAL Z 16 -11.21 -38.12 -45.81
N PHE Z 17 -11.42 -37.69 -44.59
CA PHE Z 17 -12.75 -37.29 -44.14
C PHE Z 17 -13.12 -35.96 -44.75
N VAL Z 18 -14.31 -35.89 -45.36
CA VAL Z 18 -14.76 -34.65 -45.98
C VAL Z 18 -15.61 -33.87 -44.98
N GLY Z 19 -16.74 -34.45 -44.57
CA GLY Z 19 -17.61 -33.81 -43.60
C GLY Z 19 -18.23 -32.52 -44.09
N TRP Z 20 -19.14 -31.95 -43.30
CA TRP Z 20 -19.76 -30.68 -43.69
C TRP Z 20 -18.72 -29.56 -43.68
N SER Z 21 -17.79 -29.58 -42.74
CA SER Z 21 -16.76 -28.56 -42.66
C SER Z 21 -15.84 -28.57 -43.87
N GLY Z 22 -15.75 -29.70 -44.57
CA GLY Z 22 -14.91 -29.77 -45.76
C GLY Z 22 -15.34 -28.78 -46.82
N LEU Z 23 -16.64 -28.48 -46.90
CA LEU Z 23 -17.18 -27.63 -47.95
C LEU Z 23 -16.52 -26.26 -47.98
N LEU Z 24 -16.10 -25.74 -46.82
CA LEU Z 24 -15.36 -24.50 -46.79
C LEU Z 24 -13.90 -24.68 -46.37
N LEU Z 25 -13.53 -25.86 -45.85
CA LEU Z 25 -12.12 -26.10 -45.57
C LEU Z 25 -11.33 -26.26 -46.86
N PHE Z 26 -11.75 -27.21 -47.70
CA PHE Z 26 -10.91 -27.58 -48.84
C PHE Z 26 -10.72 -26.45 -49.85
N PRO Z 27 -11.78 -25.79 -50.34
CA PRO Z 27 -11.53 -24.71 -51.31
C PRO Z 27 -10.72 -23.56 -50.73
N THR Z 28 -11.02 -23.13 -49.51
CA THR Z 28 -10.30 -21.99 -48.93
C THR Z 28 -8.85 -22.32 -48.68
N ALA Z 29 -8.57 -23.47 -48.06
CA ALA Z 29 -7.20 -23.86 -47.80
C ALA Z 29 -6.42 -24.08 -49.08
N TYR Z 30 -7.05 -24.73 -50.07
CA TYR Z 30 -6.39 -24.93 -51.35
C TYR Z 30 -6.07 -23.60 -52.02
N LEU Z 31 -7.00 -22.65 -51.97
CA LEU Z 31 -6.76 -21.35 -52.58
C LEU Z 31 -5.68 -20.58 -51.86
N ALA Z 32 -5.62 -20.67 -50.53
CA ALA Z 32 -4.56 -19.99 -49.79
C ALA Z 32 -3.19 -20.57 -50.13
N ALA Z 33 -3.08 -21.90 -50.16
CA ALA Z 33 -1.81 -22.52 -50.51
C ALA Z 33 -1.41 -22.18 -51.94
N GLY Z 34 -2.36 -22.22 -52.88
CA GLY Z 34 -2.05 -21.87 -54.25
C GLY Z 34 -1.67 -20.41 -54.41
N GLY Z 35 -2.33 -19.53 -53.67
CA GLY Z 35 -1.97 -18.13 -53.71
C GLY Z 35 -0.56 -17.89 -53.21
N TRP Z 36 -0.18 -18.57 -52.13
CA TRP Z 36 1.21 -18.45 -51.67
C TRP Z 36 2.18 -19.01 -52.70
N MET Z 37 1.84 -20.14 -53.32
CA MET Z 37 2.75 -20.75 -54.28
C MET Z 37 2.96 -19.87 -55.50
N THR Z 38 1.88 -19.28 -56.03
CA THR Z 38 2.04 -18.39 -57.17
C THR Z 38 2.68 -17.07 -56.77
N GLY Z 39 2.45 -16.62 -55.54
CA GLY Z 39 3.00 -15.35 -55.11
C GLY Z 39 4.52 -15.37 -55.01
N THR Z 40 5.07 -16.42 -54.43
CA THR Z 40 6.51 -16.52 -54.27
C THR Z 40 7.22 -16.98 -55.53
N THR Z 41 6.52 -17.06 -56.65
CA THR Z 41 7.10 -17.54 -57.89
C THR Z 41 7.03 -16.53 -59.03
N PHE Z 42 5.92 -15.81 -59.17
CA PHE Z 42 5.75 -14.93 -60.32
C PHE Z 42 5.57 -13.47 -59.93
N VAL Z 43 4.62 -13.15 -59.04
CA VAL Z 43 4.31 -11.76 -58.76
C VAL Z 43 5.45 -11.11 -57.98
N THR Z 44 5.60 -9.80 -58.16
CA THR Z 44 6.71 -9.04 -57.59
C THR Z 44 6.21 -8.06 -56.53
N SER Z 45 7.16 -7.43 -55.86
CA SER Z 45 6.89 -6.38 -54.88
C SER Z 45 7.50 -5.05 -55.30
N TRP Z 46 7.74 -4.88 -56.60
CA TRP Z 46 8.42 -3.68 -57.08
C TRP Z 46 7.59 -2.43 -56.83
N TYR Z 47 6.28 -2.49 -57.05
CA TYR Z 47 5.44 -1.31 -57.00
C TYR Z 47 4.82 -1.05 -55.64
N THR Z 48 4.98 -1.95 -54.67
CA THR Z 48 4.46 -1.72 -53.33
C THR Z 48 5.55 -1.49 -52.30
N HIS Z 49 6.64 -2.26 -52.34
CA HIS Z 49 7.74 -2.10 -51.42
C HIS Z 49 9.02 -1.62 -52.09
N GLY Z 50 9.08 -1.63 -53.43
CA GLY Z 50 10.33 -1.40 -54.10
C GLY Z 50 11.33 -2.52 -53.89
N LEU Z 51 10.85 -3.76 -53.78
CA LEU Z 51 11.68 -4.93 -53.58
C LEU Z 51 11.49 -5.89 -54.75
N ALA Z 52 12.23 -6.99 -54.71
CA ALA Z 52 12.04 -8.12 -55.61
C ALA Z 52 11.81 -9.34 -54.74
N SER Z 53 10.60 -9.88 -54.76
CA SER Z 53 10.24 -11.04 -53.94
C SER Z 53 9.54 -12.07 -54.83
N SER Z 54 10.34 -12.88 -55.51
CA SER Z 54 9.83 -13.93 -56.38
C SER Z 54 10.98 -14.76 -56.94
N TYR Z 55 10.73 -16.02 -57.29
CA TYR Z 55 11.75 -16.81 -57.95
C TYR Z 55 12.04 -16.27 -59.34
N LEU Z 56 11.04 -15.71 -60.00
CA LEU Z 56 11.24 -15.20 -61.36
C LEU Z 56 12.25 -14.06 -61.39
N GLU Z 57 12.38 -13.33 -60.30
CA GLU Z 57 13.33 -12.22 -60.23
C GLU Z 57 14.67 -12.61 -59.63
N GLY Z 58 14.84 -13.85 -59.20
CA GLY Z 58 16.10 -14.32 -58.70
C GLY Z 58 16.21 -14.53 -57.20
N CYS Z 59 15.11 -14.57 -56.48
CA CYS Z 59 15.14 -14.84 -55.05
C CYS Z 59 15.09 -16.34 -54.79
N ASN Z 60 15.74 -16.76 -53.72
CA ASN Z 60 15.73 -18.17 -53.34
C ASN Z 60 14.55 -18.42 -52.42
N PHE Z 61 14.51 -19.60 -51.80
CA PHE Z 61 13.42 -19.93 -50.90
C PHE Z 61 13.42 -19.04 -49.67
N LEU Z 62 14.59 -18.57 -49.25
CA LEU Z 62 14.71 -17.79 -48.02
C LEU Z 62 14.28 -16.34 -48.19
N THR Z 63 14.22 -15.84 -49.42
CA THR Z 63 13.92 -14.42 -49.64
C THR Z 63 12.61 -14.17 -50.37
N ALA Z 64 12.10 -15.15 -51.11
CA ALA Z 64 10.83 -14.96 -51.79
C ALA Z 64 9.71 -14.81 -50.78
N ALA Z 65 8.72 -13.97 -51.11
CA ALA Z 65 7.62 -13.73 -50.19
C ALA Z 65 6.43 -13.17 -50.96
N VAL Z 66 5.28 -13.22 -50.30
CA VAL Z 66 4.07 -12.56 -50.76
C VAL Z 66 3.93 -11.31 -49.90
N SER Z 67 4.28 -10.16 -50.47
CA SER Z 67 4.41 -8.94 -49.69
C SER Z 67 3.05 -8.28 -49.49
N THR Z 68 2.97 -7.47 -48.43
CA THR Z 68 1.76 -6.75 -48.11
C THR Z 68 1.48 -5.67 -49.16
N PRO Z 69 0.22 -5.26 -49.31
CA PRO Z 69 -0.11 -4.25 -50.31
C PRO Z 69 0.50 -2.90 -49.96
N ALA Z 70 0.47 -2.00 -50.96
CA ALA Z 70 1.06 -0.69 -50.79
C ALA Z 70 0.36 0.09 -49.69
N ASN Z 71 1.14 0.90 -48.97
CA ASN Z 71 0.58 1.68 -47.87
C ASN Z 71 -0.41 2.74 -48.37
N SER Z 72 -0.28 3.19 -49.62
CA SER Z 72 -1.24 4.16 -50.15
C SER Z 72 -2.65 3.63 -50.05
N VAL Z 73 -2.85 2.36 -50.40
CA VAL Z 73 -4.09 1.68 -50.07
C VAL Z 73 -4.16 1.49 -48.57
N GLY Z 74 -5.31 1.78 -47.98
CA GLY Z 74 -5.43 1.72 -46.54
C GLY Z 74 -5.71 0.31 -46.06
N HIS Z 75 -6.78 0.13 -45.29
CA HIS Z 75 -7.22 -1.20 -44.91
C HIS Z 75 -8.21 -1.79 -45.90
N SER Z 76 -8.12 -1.42 -47.18
CA SER Z 76 -9.06 -1.90 -48.16
C SER Z 76 -8.97 -3.41 -48.29
N LEU Z 77 -10.08 -4.03 -48.70
CA LEU Z 77 -10.11 -5.47 -48.89
C LEU Z 77 -9.39 -5.90 -50.15
N LEU Z 78 -9.10 -4.98 -51.07
CA LEU Z 78 -8.39 -5.27 -52.31
C LEU Z 78 -9.08 -6.38 -53.10
N LEU Z 79 -10.41 -6.36 -53.12
CA LEU Z 79 -11.15 -7.32 -53.91
C LEU Z 79 -10.81 -7.15 -55.38
N LEU Z 80 -10.73 -8.27 -56.10
CA LEU Z 80 -10.38 -8.22 -57.52
C LEU Z 80 -11.32 -7.31 -58.30
N TRP Z 81 -12.60 -7.28 -57.90
CA TRP Z 81 -13.59 -6.43 -58.55
C TRP Z 81 -13.75 -5.08 -57.87
N GLY Z 82 -12.91 -4.79 -56.86
CA GLY Z 82 -13.05 -3.58 -56.10
C GLY Z 82 -12.66 -2.34 -56.89
N PRO Z 83 -12.93 -1.16 -56.33
CA PRO Z 83 -12.58 0.08 -57.04
C PRO Z 83 -11.08 0.24 -57.24
N GLU Z 84 -10.25 -0.35 -56.39
CA GLU Z 84 -8.81 -0.17 -56.51
C GLU Z 84 -8.25 -0.90 -57.73
N ALA Z 85 -8.80 -2.05 -58.08
CA ALA Z 85 -8.30 -2.86 -59.19
C ALA Z 85 -9.26 -2.94 -60.36
N GLN Z 86 -10.56 -3.10 -60.11
CA GLN Z 86 -11.59 -3.17 -61.16
C GLN Z 86 -11.26 -4.28 -62.17
N GLY Z 87 -11.26 -5.51 -61.67
CA GLY Z 87 -10.80 -6.60 -62.51
C GLY Z 87 -9.32 -6.43 -62.80
N ASP Z 88 -8.92 -6.86 -64.00
CA ASP Z 88 -7.58 -6.60 -64.51
C ASP Z 88 -6.52 -7.21 -63.57
N PHE Z 89 -6.53 -8.54 -63.58
CA PHE Z 89 -5.68 -9.38 -62.74
C PHE Z 89 -4.26 -8.86 -62.56
N THR Z 90 -3.66 -8.32 -63.63
CA THR Z 90 -2.27 -7.89 -63.53
C THR Z 90 -2.10 -6.76 -62.52
N ARG Z 91 -2.95 -5.72 -62.61
CA ARG Z 91 -2.83 -4.62 -61.66
C ARG Z 91 -3.22 -5.07 -60.25
N TRP Z 92 -4.15 -6.02 -60.14
CA TRP Z 92 -4.50 -6.55 -58.83
C TRP Z 92 -3.30 -7.22 -58.18
N CYS Z 93 -2.53 -7.98 -58.96
CA CYS Z 93 -1.31 -8.58 -58.44
C CYS Z 93 -0.27 -7.51 -58.13
N GLN Z 94 -0.19 -6.48 -58.97
CA GLN Z 94 0.87 -5.49 -58.81
C GLN Z 94 0.67 -4.63 -57.58
N ILE Z 95 -0.57 -4.22 -57.29
CA ILE Z 95 -0.81 -3.36 -56.13
C ILE Z 95 -0.80 -4.13 -54.82
N GLY Z 96 -0.83 -5.47 -54.87
CA GLY Z 96 -0.68 -6.26 -53.67
C GLY Z 96 -1.95 -6.91 -53.17
N GLY Z 97 -2.89 -7.21 -54.08
CA GLY Z 97 -4.11 -7.86 -53.66
C GLY Z 97 -3.93 -9.31 -53.28
N LEU Z 98 -2.84 -9.93 -53.72
CA LEU Z 98 -2.63 -11.34 -53.43
C LEU Z 98 -2.41 -11.59 -51.94
N TRP Z 99 -1.83 -10.61 -51.24
CA TRP Z 99 -1.66 -10.75 -49.79
C TRP Z 99 -3.00 -10.86 -49.09
N THR Z 100 -3.94 -9.96 -49.41
CA THR Z 100 -5.26 -10.02 -48.81
C THR Z 100 -5.99 -11.29 -49.23
N PHE Z 101 -5.87 -11.68 -50.50
CA PHE Z 101 -6.47 -12.92 -50.95
C PHE Z 101 -6.01 -14.09 -50.09
N VAL Z 102 -4.69 -14.24 -49.93
CA VAL Z 102 -4.13 -15.35 -49.17
C VAL Z 102 -4.57 -15.26 -47.72
N ALA Z 103 -4.51 -14.06 -47.12
CA ALA Z 103 -4.82 -13.93 -45.71
C ALA Z 103 -6.28 -14.28 -45.40
N LEU Z 104 -7.20 -13.70 -46.18
CA LEU Z 104 -8.62 -13.97 -45.94
C LEU Z 104 -8.96 -15.44 -46.17
N HIS Z 105 -8.46 -16.00 -47.28
CA HIS Z 105 -8.75 -17.39 -47.56
C HIS Z 105 -8.14 -18.32 -46.52
N GLY Z 106 -6.93 -18.01 -46.06
CA GLY Z 106 -6.30 -18.82 -45.03
C GLY Z 106 -7.03 -18.74 -43.71
N ALA Z 107 -7.54 -17.55 -43.36
CA ALA Z 107 -8.31 -17.43 -42.12
C ALA Z 107 -9.58 -18.26 -42.19
N PHE Z 108 -10.27 -18.24 -43.34
CA PHE Z 108 -11.47 -19.06 -43.44
C PHE Z 108 -11.14 -20.54 -43.48
N GLY Z 109 -10.02 -20.92 -44.08
CA GLY Z 109 -9.58 -22.31 -44.00
C GLY Z 109 -9.24 -22.73 -42.59
N LEU Z 110 -8.71 -21.80 -41.80
CA LEU Z 110 -8.39 -22.08 -40.40
C LEU Z 110 -9.68 -22.33 -39.60
N ILE Z 111 -10.68 -21.48 -39.81
CA ILE Z 111 -11.99 -21.71 -39.22
C ILE Z 111 -12.52 -23.08 -39.64
N GLY Z 112 -12.38 -23.41 -40.93
CA GLY Z 112 -12.83 -24.70 -41.41
C GLY Z 112 -12.12 -25.86 -40.73
N PHE Z 113 -10.82 -25.70 -40.47
CA PHE Z 113 -10.09 -26.77 -39.81
C PHE Z 113 -10.55 -26.98 -38.37
N CYS Z 114 -10.80 -25.88 -37.65
CA CYS Z 114 -11.31 -26.05 -36.30
C CYS Z 114 -12.69 -26.72 -36.30
N LEU Z 115 -13.54 -26.34 -37.26
CA LEU Z 115 -14.83 -27.00 -37.39
C LEU Z 115 -14.66 -28.47 -37.75
N ARG Z 116 -13.66 -28.79 -38.57
CA ARG Z 116 -13.39 -30.17 -38.93
C ARG Z 116 -12.99 -30.98 -37.71
N GLN Z 117 -12.17 -30.40 -36.84
CA GLN Z 117 -11.81 -31.08 -35.61
C GLN Z 117 -13.03 -31.34 -34.74
N PHE Z 118 -13.91 -30.35 -34.62
CA PHE Z 118 -15.14 -30.54 -33.85
C PHE Z 118 -15.97 -31.68 -34.43
N GLU Z 119 -16.12 -31.69 -35.75
CA GLU Z 119 -16.96 -32.70 -36.39
C GLU Z 119 -16.36 -34.10 -36.27
N ILE Z 120 -15.04 -34.21 -36.41
CA ILE Z 120 -14.38 -35.50 -36.25
C ILE Z 120 -14.57 -36.01 -34.83
N ALA Z 121 -14.40 -35.13 -33.83
CA ALA Z 121 -14.61 -35.54 -32.45
C ALA Z 121 -16.04 -36.01 -32.22
N ARG Z 122 -17.01 -35.29 -32.78
CA ARG Z 122 -18.40 -35.70 -32.60
C ARG Z 122 -18.68 -37.04 -33.26
N LEU Z 123 -18.14 -37.26 -34.46
CA LEU Z 123 -18.38 -38.52 -35.15
C LEU Z 123 -17.73 -39.70 -34.43
N VAL Z 124 -16.51 -39.50 -33.91
CA VAL Z 124 -15.81 -40.57 -33.21
C VAL Z 124 -16.23 -40.69 -31.75
N GLY Z 125 -17.05 -39.76 -31.25
CA GLY Z 125 -17.53 -39.82 -29.89
C GLY Z 125 -16.49 -39.64 -28.80
N ILE Z 126 -15.58 -38.67 -28.97
CA ILE Z 126 -14.58 -38.35 -27.97
C ILE Z 126 -14.72 -36.89 -27.59
N ARG Z 127 -14.00 -36.49 -26.56
CA ARG Z 127 -14.11 -35.13 -26.07
C ARG Z 127 -13.34 -34.19 -27.00
N PRO Z 128 -13.81 -32.95 -27.20
CA PRO Z 128 -13.26 -32.09 -28.25
C PRO Z 128 -11.99 -31.33 -27.89
N TYR Z 129 -11.23 -31.76 -26.88
CA TYR Z 129 -10.06 -31.00 -26.43
C TYR Z 129 -9.15 -30.57 -27.57
N ASN Z 130 -9.14 -31.30 -28.68
CA ASN Z 130 -8.25 -30.96 -29.77
C ASN Z 130 -8.57 -29.60 -30.36
N ALA Z 131 -9.86 -29.28 -30.51
CA ALA Z 131 -10.24 -27.97 -31.02
C ALA Z 131 -9.82 -26.86 -30.06
N ILE Z 132 -9.97 -27.11 -28.75
CA ILE Z 132 -9.56 -26.12 -27.77
C ILE Z 132 -8.05 -25.88 -27.86
N ALA Z 133 -7.27 -26.95 -28.03
CA ALA Z 133 -5.84 -26.79 -28.21
C ALA Z 133 -5.53 -26.01 -29.48
N PHE Z 134 -6.23 -26.31 -30.58
CA PHE Z 134 -5.99 -25.60 -31.82
C PHE Z 134 -6.44 -24.15 -31.77
N SER Z 135 -7.24 -23.78 -30.77
CA SER Z 135 -7.64 -22.38 -30.63
C SER Z 135 -6.46 -21.44 -30.43
N GLY Z 136 -5.32 -21.95 -29.98
CA GLY Z 136 -4.14 -21.14 -29.78
C GLY Z 136 -3.58 -20.56 -31.07
N PRO Z 137 -3.22 -21.43 -32.03
CA PRO Z 137 -2.76 -20.94 -33.33
C PRO Z 137 -3.75 -20.01 -34.01
N ILE Z 138 -5.05 -20.27 -33.86
CA ILE Z 138 -6.05 -19.37 -34.42
C ILE Z 138 -5.93 -17.99 -33.81
N ALA Z 139 -5.77 -17.93 -32.48
CA ALA Z 139 -5.61 -16.64 -31.82
C ALA Z 139 -4.35 -15.93 -32.29
N VAL Z 140 -3.24 -16.66 -32.44
CA VAL Z 140 -1.99 -16.04 -32.88
C VAL Z 140 -2.18 -15.46 -34.28
N PHE Z 141 -2.77 -16.25 -35.19
CA PHE Z 141 -2.96 -15.75 -36.55
C PHE Z 141 -3.86 -14.54 -36.58
N VAL Z 142 -4.96 -14.57 -35.83
CA VAL Z 142 -5.90 -13.45 -35.86
C VAL Z 142 -5.25 -12.20 -35.29
N SER Z 143 -4.52 -12.33 -34.18
CA SER Z 143 -3.94 -11.15 -33.55
C SER Z 143 -2.80 -10.57 -34.38
N VAL Z 144 -1.98 -11.41 -35.00
CA VAL Z 144 -0.80 -10.91 -35.69
C VAL Z 144 -1.11 -10.49 -37.12
N PHE Z 145 -1.83 -11.32 -37.86
CA PHE Z 145 -2.05 -11.05 -39.28
C PHE Z 145 -3.29 -10.22 -39.56
N LEU Z 146 -4.20 -10.08 -38.59
CA LEU Z 146 -5.41 -9.31 -38.81
C LEU Z 146 -5.53 -8.12 -37.89
N LEU Z 147 -5.43 -8.33 -36.57
CA LEU Z 147 -5.69 -7.24 -35.64
C LEU Z 147 -4.56 -6.21 -35.65
N TYR Z 148 -3.31 -6.67 -35.69
CA TYR Z 148 -2.20 -5.72 -35.66
C TYR Z 148 -2.18 -4.77 -36.84
N PRO Z 149 -2.26 -5.23 -38.10
CA PRO Z 149 -2.36 -4.27 -39.20
C PRO Z 149 -3.60 -3.40 -39.13
N LEU Z 150 -4.71 -3.93 -38.62
CA LEU Z 150 -5.93 -3.14 -38.50
C LEU Z 150 -5.75 -1.98 -37.53
N GLY Z 151 -5.02 -2.21 -36.44
CA GLY Z 151 -4.73 -1.12 -35.52
C GLY Z 151 -3.72 -0.12 -36.05
N GLN Z 152 -2.90 -0.52 -37.01
CA GLN Z 152 -1.86 0.34 -37.56
C GLN Z 152 -2.40 1.15 -38.73
N ALA Z 153 -1.49 1.74 -39.50
CA ALA Z 153 -1.89 2.65 -40.58
C ALA Z 153 -2.59 1.93 -41.72
N SER Z 154 -2.12 0.73 -42.07
CA SER Z 154 -2.69 -0.01 -43.20
C SER Z 154 -2.18 -1.45 -43.14
N TRP Z 155 -2.52 -2.23 -44.17
CA TRP Z 155 -2.01 -3.59 -44.30
C TRP Z 155 -0.51 -3.65 -44.51
N PHE Z 156 0.11 -2.50 -44.84
CA PHE Z 156 1.53 -2.49 -45.19
C PHE Z 156 2.40 -2.99 -44.04
N PHE Z 157 1.95 -2.82 -42.80
CA PHE Z 157 2.75 -3.15 -41.64
C PHE Z 157 2.43 -4.52 -41.06
N ALA Z 158 1.60 -5.30 -41.74
CA ALA Z 158 1.41 -6.69 -41.39
C ALA Z 158 2.59 -7.52 -41.86
N PRO Z 159 2.83 -8.66 -41.23
CA PRO Z 159 3.92 -9.54 -41.71
C PRO Z 159 3.60 -10.09 -43.08
N SER Z 160 4.64 -10.28 -43.88
CA SER Z 160 4.52 -10.82 -45.22
C SER Z 160 4.78 -12.32 -45.20
N PHE Z 161 4.09 -13.05 -46.07
CA PHE Z 161 4.20 -14.50 -46.12
C PHE Z 161 5.50 -14.88 -46.80
N GLY Z 162 6.57 -14.94 -46.02
CA GLY Z 162 7.85 -15.33 -46.54
C GLY Z 162 8.82 -15.56 -45.40
N VAL Z 163 9.94 -16.19 -45.73
CA VAL Z 163 10.91 -16.56 -44.70
C VAL Z 163 11.63 -15.32 -44.18
N ALA Z 164 12.25 -14.57 -45.09
CA ALA Z 164 12.99 -13.38 -44.65
C ALA Z 164 12.06 -12.26 -44.23
N ALA Z 165 10.86 -12.21 -44.80
CA ALA Z 165 9.90 -11.18 -44.43
C ALA Z 165 9.50 -11.30 -42.96
N ILE Z 166 9.37 -12.54 -42.47
CA ILE Z 166 9.05 -12.74 -41.07
C ILE Z 166 10.19 -12.27 -40.17
N PHE Z 167 11.43 -12.50 -40.62
CA PHE Z 167 12.58 -11.99 -39.86
C PHE Z 167 12.57 -10.46 -39.81
N ARG Z 168 12.24 -9.84 -40.94
CA ARG Z 168 12.10 -8.38 -40.95
C ARG Z 168 11.01 -7.94 -39.98
N PHE Z 169 9.91 -8.69 -39.92
CA PHE Z 169 8.84 -8.36 -38.98
C PHE Z 169 9.34 -8.43 -37.54
N LEU Z 170 10.09 -9.50 -37.21
CA LEU Z 170 10.64 -9.63 -35.87
C LEU Z 170 11.50 -8.43 -35.51
N LEU Z 171 12.44 -8.08 -36.40
CA LEU Z 171 13.35 -6.99 -36.12
C LEU Z 171 12.60 -5.65 -36.06
N PHE Z 172 11.59 -5.48 -36.90
CA PHE Z 172 10.81 -4.26 -36.91
C PHE Z 172 10.08 -4.06 -35.58
N LEU Z 173 9.43 -5.12 -35.09
CA LEU Z 173 8.72 -5.00 -33.83
C LEU Z 173 9.68 -4.79 -32.67
N GLN Z 174 10.83 -5.46 -32.69
CA GLN Z 174 11.81 -5.22 -31.64
C GLN Z 174 12.29 -3.78 -31.65
N GLY Z 175 12.60 -3.25 -32.84
CA GLY Z 175 13.14 -1.90 -32.92
C GLY Z 175 12.13 -0.83 -32.56
N PHE Z 176 10.87 -1.01 -32.98
CA PHE Z 176 9.89 0.06 -32.83
C PHE Z 176 9.02 -0.06 -31.58
N HIS Z 177 8.83 -1.27 -31.05
CA HIS Z 177 7.95 -1.47 -29.92
C HIS Z 177 8.63 -2.02 -28.68
N ASN Z 178 9.91 -2.37 -28.75
CA ASN Z 178 10.60 -3.06 -27.66
C ASN Z 178 9.80 -4.29 -27.24
N TRP Z 179 9.46 -5.11 -28.23
CA TRP Z 179 8.54 -6.22 -28.03
C TRP Z 179 9.11 -7.26 -27.06
N THR Z 180 10.44 -7.37 -26.97
CA THR Z 180 11.04 -8.33 -26.06
C THR Z 180 10.79 -7.97 -24.60
N LEU Z 181 10.62 -6.67 -24.31
CA LEU Z 181 10.38 -6.23 -22.94
C LEU Z 181 8.94 -6.42 -22.50
N ASN Z 182 8.04 -6.72 -23.42
CA ASN Z 182 6.63 -6.88 -23.08
C ASN Z 182 6.42 -8.14 -22.25
N PRO Z 183 5.79 -8.05 -21.08
CA PRO Z 183 5.61 -9.25 -20.25
C PRO Z 183 4.79 -10.34 -20.91
N PHE Z 184 3.85 -9.99 -21.79
CA PHE Z 184 3.05 -11.02 -22.45
C PHE Z 184 3.90 -11.85 -23.41
N HIS Z 185 4.86 -11.21 -24.08
CA HIS Z 185 5.81 -11.98 -24.86
C HIS Z 185 6.63 -12.91 -23.97
N MET Z 186 7.01 -12.46 -22.78
CA MET Z 186 7.74 -13.31 -21.86
C MET Z 186 6.91 -14.52 -21.45
N MET Z 187 5.62 -14.32 -21.21
CA MET Z 187 4.74 -15.44 -20.94
C MET Z 187 4.67 -16.39 -22.13
N GLY Z 188 4.59 -15.83 -23.35
CA GLY Z 188 4.50 -16.69 -24.52
C GLY Z 188 5.73 -17.55 -24.70
N VAL Z 189 6.91 -16.95 -24.56
CA VAL Z 189 8.15 -17.72 -24.72
C VAL Z 189 8.29 -18.74 -23.60
N ALA Z 190 7.88 -18.38 -22.38
CA ALA Z 190 7.89 -19.35 -21.29
C ALA Z 190 7.01 -20.53 -21.62
N GLY Z 191 5.80 -20.27 -22.14
CA GLY Z 191 4.90 -21.36 -22.49
C GLY Z 191 5.46 -22.24 -23.60
N ILE Z 192 6.05 -21.63 -24.62
CA ILE Z 192 6.56 -22.40 -25.76
C ILE Z 192 7.76 -23.26 -25.34
N LEU Z 193 8.70 -22.66 -24.60
CA LEU Z 193 9.86 -23.42 -24.14
C LEU Z 193 9.45 -24.51 -23.17
N GLY Z 194 8.46 -24.23 -22.31
CA GLY Z 194 7.96 -25.26 -21.41
C GLY Z 194 7.28 -26.39 -22.15
N GLY Z 195 6.57 -26.07 -23.24
CA GLY Z 195 5.98 -27.13 -24.05
C GLY Z 195 7.02 -28.03 -24.67
N ALA Z 196 8.09 -27.43 -25.23
CA ALA Z 196 9.16 -28.24 -25.79
C ALA Z 196 9.83 -29.09 -24.71
N LEU Z 197 10.10 -28.48 -23.55
CA LEU Z 197 10.62 -29.19 -22.39
C LEU Z 197 9.76 -30.39 -22.02
N LEU Z 198 8.45 -30.17 -21.89
CA LEU Z 198 7.55 -31.24 -21.50
C LEU Z 198 7.55 -32.36 -22.53
N CYS Z 199 7.51 -32.01 -23.81
CA CYS Z 199 7.53 -33.02 -24.86
C CYS Z 199 8.78 -33.89 -24.77
N ALA Z 200 9.95 -33.26 -24.70
CA ALA Z 200 11.19 -34.02 -24.66
C ALA Z 200 11.28 -34.88 -23.41
N ILE Z 201 10.94 -34.31 -22.26
CA ILE Z 201 11.12 -35.03 -21.00
C ILE Z 201 10.14 -36.19 -20.91
N HIS Z 202 8.90 -36.01 -21.38
CA HIS Z 202 7.94 -37.10 -21.35
C HIS Z 202 8.33 -38.20 -22.31
N GLY Z 203 8.78 -37.85 -23.51
CA GLY Z 203 9.25 -38.87 -24.43
C GLY Z 203 10.39 -39.68 -23.85
N ALA Z 204 11.38 -39.01 -23.27
CA ALA Z 204 12.52 -39.72 -22.70
C ALA Z 204 12.09 -40.60 -21.52
N THR Z 205 11.26 -40.06 -20.63
CA THR Z 205 10.84 -40.83 -19.46
C THR Z 205 10.06 -42.08 -19.85
N VAL Z 206 9.14 -41.94 -20.81
CA VAL Z 206 8.38 -43.10 -21.24
C VAL Z 206 9.29 -44.11 -21.93
N GLU Z 207 10.18 -43.64 -22.80
CA GLU Z 207 11.01 -44.57 -23.55
C GLU Z 207 12.06 -45.25 -22.68
N ASN Z 208 12.42 -44.68 -21.54
CA ASN Z 208 13.46 -45.25 -20.68
C ASN Z 208 12.90 -46.02 -19.50
N THR Z 209 11.58 -46.20 -19.42
CA THR Z 209 10.96 -46.96 -18.35
C THR Z 209 10.08 -48.07 -18.93
N LEU Z 210 10.43 -48.54 -20.11
CA LEU Z 210 9.63 -49.58 -20.74
C LEU Z 210 9.75 -50.89 -19.97
N PHE Z 211 8.76 -51.76 -20.16
CA PHE Z 211 8.74 -53.04 -19.50
C PHE Z 211 9.37 -54.11 -20.37
N GLU Z 212 9.81 -55.19 -19.73
CA GLU Z 212 10.41 -56.33 -20.41
C GLU Z 212 9.28 -57.10 -21.07
N ASP Z 213 8.97 -56.75 -22.33
CA ASP Z 213 7.90 -57.38 -23.08
C ASP Z 213 8.40 -58.06 -24.35
N GLY Z 214 9.68 -58.40 -24.40
CA GLY Z 214 10.24 -59.04 -25.57
C GLY Z 214 11.61 -59.62 -25.25
N ASP Z 215 12.25 -60.14 -26.29
CA ASP Z 215 13.58 -60.72 -26.14
C ASP Z 215 14.63 -60.09 -27.05
N ALA Z 216 14.24 -59.19 -27.95
CA ALA Z 216 15.16 -58.53 -28.86
C ALA Z 216 15.56 -57.17 -28.33
N ALA Z 217 16.70 -56.68 -28.81
CA ALA Z 217 17.16 -55.35 -28.41
C ALA Z 217 16.20 -54.26 -28.91
N ASN Z 218 15.66 -54.44 -30.11
CA ASN Z 218 14.66 -53.53 -30.64
C ASN Z 218 13.40 -53.63 -29.80
N THR Z 219 13.13 -52.61 -29.00
CA THR Z 219 11.97 -52.59 -28.13
C THR Z 219 10.71 -52.06 -28.81
N PHE Z 220 10.80 -51.66 -30.07
CA PHE Z 220 9.63 -51.16 -30.78
C PHE Z 220 8.66 -52.27 -31.16
N ARG Z 221 9.16 -53.48 -31.34
CA ARG Z 221 8.32 -54.60 -31.78
C ARG Z 221 7.66 -55.33 -30.63
N ALA Z 222 7.88 -54.90 -29.39
CA ALA Z 222 7.25 -55.50 -28.22
C ALA Z 222 5.96 -54.79 -27.82
N PHE Z 223 5.29 -54.13 -28.76
CA PHE Z 223 4.07 -53.40 -28.48
C PHE Z 223 3.00 -53.76 -29.50
N THR Z 224 1.77 -53.90 -29.03
CA THR Z 224 0.62 -54.13 -29.89
C THR Z 224 -0.46 -53.11 -29.59
N PRO Z 225 -1.09 -52.55 -30.62
CA PRO Z 225 -2.10 -51.48 -30.38
C PRO Z 225 -3.27 -51.94 -29.52
N THR Z 226 -3.69 -53.19 -29.64
CA THR Z 226 -4.84 -53.70 -28.88
C THR Z 226 -4.40 -54.28 -27.54
N GLN Z 227 -3.65 -53.47 -26.80
CA GLN Z 227 -3.07 -53.87 -25.52
C GLN Z 227 -3.83 -53.23 -24.38
N SER Z 228 -4.03 -53.98 -23.30
CA SER Z 228 -4.71 -53.48 -22.12
C SER Z 228 -3.76 -52.99 -21.04
N GLU Z 229 -2.71 -53.77 -20.76
CA GLU Z 229 -1.77 -53.39 -19.71
C GLU Z 229 -0.85 -52.25 -20.18
N GLU Z 230 -0.30 -51.55 -19.21
CA GLU Z 230 0.58 -50.43 -19.48
C GLU Z 230 1.96 -50.92 -19.90
N THR Z 231 2.61 -50.15 -20.77
CA THR Z 231 3.91 -50.53 -21.31
C THR Z 231 5.09 -49.98 -20.51
N TYR Z 232 4.88 -49.00 -19.64
CA TYR Z 232 5.98 -48.46 -18.86
C TYR Z 232 5.56 -48.32 -17.40
N SER Z 233 6.54 -48.37 -16.52
CA SER Z 233 6.30 -48.38 -15.08
C SER Z 233 6.11 -46.95 -14.60
N MET Z 234 4.85 -46.59 -14.34
CA MET Z 234 4.57 -45.27 -13.78
C MET Z 234 5.21 -45.09 -12.41
N VAL Z 235 5.22 -46.16 -11.61
CA VAL Z 235 5.76 -46.08 -10.26
C VAL Z 235 7.26 -45.79 -10.31
N THR Z 236 7.99 -46.49 -11.16
CA THR Z 236 9.43 -46.33 -11.22
C THR Z 236 9.80 -44.94 -11.73
N ALA Z 237 9.10 -44.47 -12.76
CA ALA Z 237 9.35 -43.12 -13.27
C ALA Z 237 9.05 -42.06 -12.21
N ASN Z 238 7.95 -42.23 -11.48
CA ASN Z 238 7.61 -41.29 -10.42
C ASN Z 238 8.70 -41.25 -9.37
N ARG Z 239 9.18 -42.42 -8.95
CA ARG Z 239 10.24 -42.45 -7.95
C ARG Z 239 11.51 -41.80 -8.46
N PHE Z 240 11.89 -42.12 -9.71
CA PHE Z 240 13.10 -41.55 -10.28
C PHE Z 240 13.04 -40.03 -10.29
N TRP Z 241 11.93 -39.48 -10.78
CA TRP Z 241 11.85 -38.02 -10.91
C TRP Z 241 11.67 -37.36 -9.55
N SER Z 242 11.07 -38.04 -8.58
CA SER Z 242 10.97 -37.44 -7.25
C SER Z 242 12.31 -37.46 -6.52
N GLN Z 243 13.15 -38.46 -6.81
CA GLN Z 243 14.49 -38.49 -6.23
C GLN Z 243 15.44 -37.52 -6.90
N ILE Z 244 15.29 -37.29 -8.21
CA ILE Z 244 16.19 -36.39 -8.92
C ILE Z 244 15.74 -34.94 -8.74
N PHE Z 245 14.54 -34.63 -9.19
CA PHE Z 245 14.09 -33.24 -9.24
C PHE Z 245 13.50 -32.80 -7.90
N GLY Z 246 12.72 -33.66 -7.25
CA GLY Z 246 12.05 -33.34 -5.99
C GLY Z 246 10.54 -33.46 -6.07
N VAL Z 247 9.98 -33.23 -7.25
CA VAL Z 247 8.55 -33.39 -7.49
C VAL Z 247 8.39 -34.18 -8.79
N ALA Z 248 7.37 -35.03 -8.83
CA ALA Z 248 7.10 -35.84 -10.00
C ALA Z 248 5.61 -36.03 -10.15
N PHE Z 249 5.20 -36.37 -11.37
CA PHE Z 249 3.80 -36.64 -11.64
C PHE Z 249 3.38 -37.97 -11.03
N SER Z 250 2.11 -38.06 -10.67
CA SER Z 250 1.54 -39.32 -10.20
C SER Z 250 0.16 -39.55 -10.80
N ASN Z 251 -0.15 -38.91 -11.92
CA ASN Z 251 -1.49 -38.98 -12.52
C ASN Z 251 -1.33 -38.72 -14.01
N LYS Z 252 -1.54 -39.76 -14.83
CA LYS Z 252 -1.34 -39.61 -16.27
C LYS Z 252 -2.31 -38.60 -16.86
N ARG Z 253 -3.55 -38.57 -16.38
CA ARG Z 253 -4.52 -37.60 -16.89
C ARG Z 253 -4.05 -36.18 -16.63
N TRP Z 254 -3.58 -35.90 -15.42
CA TRP Z 254 -3.07 -34.57 -15.11
C TRP Z 254 -1.82 -34.26 -15.91
N LEU Z 255 -0.94 -35.25 -16.09
CA LEU Z 255 0.26 -35.06 -16.90
C LEU Z 255 -0.10 -34.60 -18.31
N HIS Z 256 -0.98 -35.33 -18.98
CA HIS Z 256 -1.30 -35.00 -20.36
C HIS Z 256 -2.12 -33.72 -20.45
N PHE Z 257 -2.96 -33.43 -19.45
CA PHE Z 257 -3.64 -32.14 -19.47
C PHE Z 257 -2.66 -31.00 -19.33
N PHE Z 258 -1.63 -31.15 -18.49
CA PHE Z 258 -0.60 -30.13 -18.36
C PHE Z 258 0.13 -29.93 -19.69
N MET Z 259 0.44 -31.04 -20.36
CA MET Z 259 1.09 -30.95 -21.67
C MET Z 259 0.23 -30.19 -22.66
N LEU Z 260 -1.09 -30.43 -22.64
CA LEU Z 260 -1.99 -29.64 -23.47
C LEU Z 260 -1.97 -28.18 -23.06
N PHE Z 261 -1.99 -27.91 -21.76
CA PHE Z 261 -2.32 -26.59 -21.26
C PHE Z 261 -1.19 -25.59 -21.49
N VAL Z 262 0.05 -26.02 -21.33
CA VAL Z 262 1.17 -25.06 -21.31
C VAL Z 262 1.27 -24.26 -22.61
N PRO Z 263 1.51 -24.90 -23.77
CA PRO Z 263 1.72 -24.09 -24.99
C PRO Z 263 0.52 -23.25 -25.38
N VAL Z 264 -0.69 -23.74 -25.14
CA VAL Z 264 -1.88 -23.01 -25.55
C VAL Z 264 -1.99 -21.70 -24.78
N THR Z 265 -1.79 -21.75 -23.47
CA THR Z 265 -1.88 -20.51 -22.70
C THR Z 265 -0.70 -19.60 -23.00
N GLY Z 266 0.46 -20.15 -23.32
CA GLY Z 266 1.56 -19.29 -23.79
C GLY Z 266 1.17 -18.51 -25.02
N LEU Z 267 0.57 -19.20 -25.99
CA LEU Z 267 0.16 -18.52 -27.23
C LEU Z 267 -0.93 -17.49 -26.96
N TRP Z 268 -1.87 -17.80 -26.07
CA TRP Z 268 -2.94 -16.85 -25.78
C TRP Z 268 -2.39 -15.57 -25.14
N THR Z 269 -1.46 -15.72 -24.20
CA THR Z 269 -0.85 -14.54 -23.58
C THR Z 269 -0.09 -13.71 -24.62
N SER Z 270 0.66 -14.39 -25.50
CA SER Z 270 1.38 -13.65 -26.55
C SER Z 270 0.41 -12.89 -27.44
N SER Z 271 -0.73 -13.50 -27.77
CA SER Z 271 -1.72 -12.84 -28.60
C SER Z 271 -2.29 -11.60 -27.91
N ILE Z 272 -2.53 -11.69 -26.61
CA ILE Z 272 -2.98 -10.51 -25.88
C ILE Z 272 -1.95 -9.40 -25.97
N GLY Z 273 -0.67 -9.74 -25.83
CA GLY Z 273 0.37 -8.73 -25.98
C GLY Z 273 0.38 -8.08 -27.35
N ILE Z 274 0.21 -8.89 -28.40
CA ILE Z 274 0.23 -8.34 -29.75
C ILE Z 274 -0.98 -7.42 -29.97
N VAL Z 275 -2.15 -7.81 -29.47
CA VAL Z 275 -3.31 -6.93 -29.55
C VAL Z 275 -3.02 -5.61 -28.86
N GLY Z 276 -2.31 -5.66 -27.72
CA GLY Z 276 -1.91 -4.43 -27.08
C GLY Z 276 -0.98 -3.58 -27.94
N LEU Z 277 -0.03 -4.22 -28.62
CA LEU Z 277 0.89 -3.48 -29.48
C LEU Z 277 0.17 -2.82 -30.64
N ALA Z 278 -0.93 -3.43 -31.12
CA ALA Z 278 -1.61 -2.91 -32.30
C ALA Z 278 -2.03 -1.46 -32.11
N LEU Z 279 -2.23 -1.02 -30.86
CA LEU Z 279 -2.62 0.34 -30.55
C LEU Z 279 -1.46 1.18 -30.03
N ASN Z 280 -0.23 0.72 -30.23
CA ASN Z 280 0.97 1.38 -29.73
C ASN Z 280 1.01 1.47 -28.21
N LEU Z 281 0.19 0.67 -27.53
CA LEU Z 281 0.24 0.58 -26.07
C LEU Z 281 1.31 -0.44 -25.70
N ARG Z 282 2.56 -0.03 -25.87
CA ARG Z 282 3.70 -0.90 -25.70
C ARG Z 282 4.40 -0.64 -24.39
N ALA Z 283 5.00 -1.69 -23.83
CA ALA Z 283 5.83 -1.58 -22.64
C ALA Z 283 7.25 -1.22 -23.09
N TYR Z 284 7.43 0.06 -23.40
CA TYR Z 284 8.67 0.53 -23.98
C TYR Z 284 9.67 0.99 -22.92
N ASP Z 285 9.29 1.98 -22.11
CA ASP Z 285 10.24 2.63 -21.22
C ASP Z 285 9.90 2.38 -19.76
N PHE Z 286 10.94 2.31 -18.94
CA PHE Z 286 10.82 2.42 -17.49
C PHE Z 286 11.06 3.87 -17.12
N VAL Z 287 9.99 4.58 -16.74
CA VAL Z 287 10.08 6.03 -16.56
C VAL Z 287 11.11 6.38 -15.50
N SER Z 288 11.12 5.65 -14.39
CA SER Z 288 12.03 5.96 -13.29
C SER Z 288 13.49 5.88 -13.74
N GLN Z 289 13.86 4.81 -14.43
CA GLN Z 289 15.23 4.67 -14.92
C GLN Z 289 15.55 5.69 -15.99
N GLU Z 290 14.59 5.97 -16.87
CA GLU Z 290 14.82 6.98 -17.92
C GLU Z 290 15.14 8.33 -17.30
N LEU Z 291 14.35 8.74 -16.31
CA LEU Z 291 14.63 9.97 -15.59
C LEU Z 291 16.02 9.88 -14.98
N ARG Z 292 16.20 8.96 -14.03
CA ARG Z 292 17.43 8.92 -13.24
C ARG Z 292 18.66 8.87 -14.14
N ALA Z 293 18.55 8.32 -15.34
CA ALA Z 293 19.63 8.42 -16.30
C ALA Z 293 19.70 9.80 -16.94
N ALA Z 294 18.56 10.46 -17.14
CA ALA Z 294 18.57 11.79 -17.73
C ALA Z 294 19.24 12.81 -16.82
N GLU Z 295 18.99 12.73 -15.52
CA GLU Z 295 19.60 13.71 -14.61
C GLU Z 295 20.99 13.33 -14.14
N ASP Z 296 21.55 12.20 -14.59
CA ASP Z 296 22.90 11.85 -14.18
C ASP Z 296 23.57 11.01 -15.26
N PRO Z 297 24.65 11.53 -15.86
CA PRO Z 297 25.26 10.83 -17.00
C PRO Z 297 26.22 9.71 -16.60
N GLU Z 298 26.15 9.25 -15.36
CA GLU Z 298 26.97 8.13 -14.92
C GLU Z 298 26.18 6.84 -14.74
N PHE Z 299 24.85 6.90 -14.73
CA PHE Z 299 24.02 5.73 -14.52
C PHE Z 299 23.84 4.96 -15.81
N GLU Z 300 24.04 3.65 -15.75
CA GLU Z 300 23.93 2.81 -16.93
C GLU Z 300 23.52 1.40 -16.53
N THR Z 301 22.59 0.83 -17.29
CA THR Z 301 22.19 -0.56 -17.16
C THR Z 301 22.11 -1.17 -18.56
N PHE Z 302 21.88 -2.48 -18.62
CA PHE Z 302 21.65 -3.12 -19.91
C PHE Z 302 20.40 -2.60 -20.58
N TYR Z 303 19.46 -2.09 -19.77
CA TYR Z 303 18.21 -1.56 -20.28
C TYR Z 303 18.46 -0.34 -21.18
N THR Z 304 19.28 0.59 -20.73
CA THR Z 304 19.59 1.77 -21.54
C THR Z 304 20.36 1.38 -22.81
N LYS Z 305 21.22 0.36 -22.71
CA LYS Z 305 21.90 -0.13 -23.90
C LYS Z 305 20.92 -0.67 -24.92
N ASN Z 306 19.90 -1.41 -24.46
CA ASN Z 306 18.86 -1.88 -25.36
C ASN Z 306 18.14 -0.71 -26.01
N HIS Z 307 17.89 0.35 -25.24
CA HIS Z 307 17.24 1.52 -25.83
C HIS Z 307 18.09 2.16 -26.92
N LEU Z 308 19.40 2.25 -26.69
CA LEU Z 308 20.29 2.78 -27.72
C LEU Z 308 20.26 1.91 -28.98
N LEU Z 309 20.26 0.59 -28.80
CA LEU Z 309 20.17 -0.31 -29.95
C LEU Z 309 18.88 -0.09 -30.71
N ASP Z 310 17.77 0.11 -29.99
CA ASP Z 310 16.48 0.35 -30.65
C ASP Z 310 16.52 1.64 -31.45
N GLU Z 311 17.08 2.70 -30.88
CA GLU Z 311 17.16 3.96 -31.63
C GLU Z 311 18.00 3.78 -32.89
N GLY Z 312 19.14 3.10 -32.78
CA GLY Z 312 19.97 2.89 -33.95
C GLY Z 312 19.27 2.11 -35.04
N ILE Z 313 18.63 1.00 -34.67
CA ILE Z 313 17.96 0.18 -35.67
C ILE Z 313 16.82 0.94 -36.32
N ARG Z 314 16.06 1.70 -35.52
CA ARG Z 314 14.95 2.49 -36.06
C ARG Z 314 15.44 3.51 -37.07
N ALA Z 315 16.44 4.31 -36.69
CA ALA Z 315 16.90 5.38 -37.56
C ALA Z 315 17.53 4.82 -38.83
N TRP Z 316 18.28 3.73 -38.73
CA TRP Z 316 18.94 3.19 -39.91
C TRP Z 316 18.01 2.36 -40.79
N MET Z 317 16.89 1.89 -40.26
CA MET Z 317 15.99 1.04 -41.01
C MET Z 317 14.82 1.78 -41.64
N ALA Z 318 14.43 2.94 -41.08
CA ALA Z 318 13.21 3.60 -41.52
C ALA Z 318 13.26 3.98 -42.99
N ALA Z 319 14.43 4.41 -43.48
CA ALA Z 319 14.51 4.97 -44.83
C ALA Z 319 14.11 3.93 -45.88
N GLN Z 320 14.60 2.71 -45.75
CA GLN Z 320 14.31 1.64 -46.70
C GLN Z 320 13.09 0.83 -46.32
N ASP Z 321 12.71 0.81 -45.04
CA ASP Z 321 11.55 0.03 -44.63
C ASP Z 321 10.25 0.68 -45.09
N GLN Z 322 10.21 2.01 -45.13
CA GLN Z 322 9.01 2.77 -45.44
C GLN Z 322 9.31 3.68 -46.61
N PRO Z 323 9.37 3.14 -47.83
CA PRO Z 323 9.68 3.99 -49.00
C PRO Z 323 8.60 4.99 -49.31
N HIS Z 324 7.37 4.78 -48.85
CA HIS Z 324 6.29 5.71 -49.15
C HIS Z 324 6.41 7.01 -48.37
N GLU Z 325 7.18 7.03 -47.28
CA GLU Z 325 7.35 8.24 -46.51
C GLU Z 325 8.39 9.18 -47.12
N ASN Z 326 9.20 8.69 -48.06
CA ASN Z 326 10.27 9.47 -48.68
C ASN Z 326 11.19 10.07 -47.62
N PHE Z 327 11.61 9.23 -46.68
CA PHE Z 327 12.56 9.65 -45.67
C PHE Z 327 13.93 9.84 -46.29
N VAL Z 328 14.53 11.00 -46.05
CA VAL Z 328 15.90 11.28 -46.45
C VAL Z 328 16.67 11.70 -45.20
N PHE Z 329 17.66 10.90 -44.83
CA PHE Z 329 18.48 11.17 -43.65
C PHE Z 329 19.92 11.44 -44.08
N PRO Z 330 20.43 12.64 -43.91
CA PRO Z 330 21.85 12.89 -44.21
C PRO Z 330 22.75 12.11 -43.26
N GLU Z 331 24.00 11.96 -43.66
CA GLU Z 331 24.94 11.16 -42.88
C GLU Z 331 25.14 11.72 -41.48
N GLU Z 332 25.20 13.05 -41.36
CA GLU Z 332 25.42 13.66 -40.05
C GLU Z 332 24.21 13.55 -39.14
N VAL Z 333 23.06 13.13 -39.67
CA VAL Z 333 21.85 13.00 -38.86
C VAL Z 333 21.72 11.60 -38.27
N LEU Z 334 22.17 10.59 -39.01
CA LEU Z 334 22.06 9.22 -38.54
C LEU Z 334 22.86 9.03 -37.27
N PRO Z 335 22.26 8.41 -36.24
CA PRO Z 335 23.02 8.14 -35.03
C PRO Z 335 24.04 7.05 -35.24
N ARG Z 336 25.28 7.32 -34.87
CA ARG Z 336 26.31 6.31 -34.98
C ARG Z 336 27.21 6.45 -33.78
N GLY Z 337 27.80 5.37 -33.34
CA GLY Z 337 28.70 5.41 -32.21
C GLY Z 337 30.07 5.88 -32.64
N ASN Z 338 31.10 5.26 -32.10
CA ASN Z 338 32.46 5.67 -32.41
C ASN Z 338 32.87 5.17 -33.79
N ALA Z 339 34.18 5.15 -34.04
CA ALA Z 339 34.80 4.83 -35.32
C ALA Z 339 34.05 3.78 -36.12
N LEU Z 340 33.62 2.71 -35.46
CA LEU Z 340 32.80 1.70 -36.11
C LEU Z 340 31.50 2.33 -36.62
N ARG AA 1 -7.48 -48.69 -53.52
CA ARG AA 1 -6.26 -49.37 -53.95
C ARG AA 1 -5.05 -48.71 -53.29
N PRO AA 2 -4.15 -49.49 -52.69
CA PRO AA 2 -2.98 -48.90 -52.02
C PRO AA 2 -2.04 -48.22 -53.02
N PHE AA 3 -1.28 -47.27 -52.49
CA PHE AA 3 -0.41 -46.45 -53.34
C PHE AA 3 0.64 -47.30 -54.05
N SER AA 4 1.32 -48.19 -53.31
CA SER AA 4 2.44 -48.93 -53.88
C SER AA 4 2.01 -49.79 -55.07
N ASP AA 5 0.85 -50.43 -54.98
CA ASP AA 5 0.35 -51.24 -56.08
C ASP AA 5 0.17 -50.40 -57.34
N ILE AA 6 -0.38 -49.19 -57.19
CA ILE AA 6 -0.54 -48.29 -58.34
C ILE AA 6 0.82 -47.86 -58.86
N ILE AA 7 1.75 -47.53 -57.97
CA ILE AA 7 3.05 -47.02 -58.38
C ILE AA 7 3.81 -48.06 -59.20
N THR AA 8 3.71 -49.33 -58.80
CA THR AA 8 4.43 -50.39 -59.50
C THR AA 8 3.69 -50.91 -60.72
N SER AA 9 2.47 -50.43 -60.98
CA SER AA 9 1.69 -50.93 -62.11
C SER AA 9 2.26 -50.42 -63.43
N VAL AA 10 2.38 -51.32 -64.41
CA VAL AA 10 2.90 -50.92 -65.71
C VAL AA 10 1.90 -50.02 -66.44
N ARG AA 11 0.61 -50.36 -66.38
CA ARG AA 11 -0.41 -49.54 -67.03
C ARG AA 11 -0.49 -48.15 -66.42
N TYR AA 12 0.07 -47.97 -65.23
CA TYR AA 12 0.20 -46.64 -64.64
C TYR AA 12 1.30 -45.84 -65.33
N TRP AA 13 2.47 -46.47 -65.52
CA TRP AA 13 3.56 -45.76 -66.19
C TRP AA 13 3.31 -45.57 -67.67
N ILE AA 14 2.40 -46.34 -68.28
CA ILE AA 14 2.03 -46.06 -69.66
C ILE AA 14 1.08 -44.89 -69.79
N ILE AA 15 0.53 -44.40 -68.68
CA ILE AA 15 -0.23 -43.16 -68.66
C ILE AA 15 0.48 -42.08 -67.87
N HIS AA 16 1.71 -42.33 -67.42
CA HIS AA 16 2.51 -41.33 -66.72
C HIS AA 16 3.85 -41.10 -67.40
N SER AA 17 3.94 -41.36 -68.70
CA SER AA 17 5.12 -41.00 -69.48
C SER AA 17 4.76 -40.17 -70.69
N ILE AA 18 3.50 -39.77 -70.83
CA ILE AA 18 3.03 -38.99 -71.96
C ILE AA 18 2.28 -37.79 -71.38
N THR AA 19 2.03 -37.84 -70.07
CA THR AA 19 1.34 -36.77 -69.36
C THR AA 19 2.27 -35.89 -68.55
N ILE AA 20 3.24 -36.47 -67.84
CA ILE AA 20 4.11 -35.70 -66.95
C ILE AA 20 5.14 -34.91 -67.75
N PRO AA 21 5.92 -35.53 -68.66
CA PRO AA 21 6.88 -34.71 -69.43
C PRO AA 21 6.22 -33.62 -70.25
N SER AA 22 5.03 -33.88 -70.80
CA SER AA 22 4.33 -32.84 -71.54
C SER AA 22 3.98 -31.66 -70.64
N LEU AA 23 3.50 -31.95 -69.43
CA LEU AA 23 3.18 -30.88 -68.49
C LEU AA 23 4.43 -30.10 -68.09
N PHE AA 24 5.54 -30.81 -67.87
CA PHE AA 24 6.79 -30.16 -67.53
C PHE AA 24 7.26 -29.23 -68.65
N VAL AA 25 7.17 -29.71 -69.90
CA VAL AA 25 7.59 -28.89 -71.03
C VAL AA 25 6.67 -27.68 -71.17
N SER AA 26 5.38 -27.86 -70.94
CA SER AA 26 4.45 -26.72 -70.98
C SER AA 26 4.81 -25.69 -69.92
N GLY AA 27 5.13 -26.15 -68.71
CA GLY AA 27 5.56 -25.22 -67.67
C GLY AA 27 6.84 -24.50 -68.04
N TRP AA 28 7.76 -25.20 -68.70
CA TRP AA 28 8.99 -24.57 -69.19
C TRP AA 28 8.67 -23.47 -70.20
N LEU AA 29 7.84 -23.80 -71.20
CA LEU AA 29 7.50 -22.83 -72.24
C LEU AA 29 6.68 -21.67 -71.71
N PHE AA 30 6.03 -21.84 -70.55
CA PHE AA 30 5.25 -20.75 -69.98
C PHE AA 30 6.11 -19.50 -69.79
N ILE AA 31 7.35 -19.67 -69.35
CA ILE AA 31 8.25 -18.54 -69.15
C ILE AA 31 9.34 -18.47 -70.19
N SER AA 32 9.63 -19.57 -70.91
CA SER AA 32 10.61 -19.49 -71.99
C SER AA 32 10.14 -18.53 -73.08
N THR AA 33 8.83 -18.54 -73.37
CA THR AA 33 8.25 -17.61 -74.31
C THR AA 33 7.98 -16.24 -73.69
N GLY AA 34 8.18 -16.10 -72.38
CA GLY AA 34 7.98 -14.82 -71.73
C GLY AA 34 6.55 -14.44 -71.45
N LEU AA 35 5.62 -15.40 -71.50
CA LEU AA 35 4.22 -15.09 -71.21
C LEU AA 35 4.02 -14.71 -69.74
N ALA AA 36 4.77 -15.33 -68.83
CA ALA AA 36 4.54 -15.11 -67.40
C ALA AA 36 4.80 -13.66 -67.00
N TYR AA 37 5.74 -12.99 -67.67
CA TYR AA 37 5.98 -11.58 -67.36
C TYR AA 37 4.74 -10.75 -67.63
N ASP AA 38 4.05 -11.02 -68.74
CA ASP AA 38 2.85 -10.26 -69.08
C ASP AA 38 1.65 -10.68 -68.26
N VAL AA 39 1.53 -11.96 -67.92
CA VAL AA 39 0.37 -12.43 -67.18
C VAL AA 39 0.32 -11.82 -65.78
N PHE AA 40 1.47 -11.76 -65.11
CA PHE AA 40 1.52 -11.31 -63.72
C PHE AA 40 2.04 -9.90 -63.56
N GLY AA 41 2.51 -9.27 -64.64
CA GLY AA 41 2.97 -7.90 -64.56
C GLY AA 41 4.32 -7.69 -63.91
N THR AA 42 5.03 -8.77 -63.58
CA THR AA 42 6.35 -8.62 -63.00
C THR AA 42 7.32 -8.06 -64.03
N PRO AA 43 8.26 -7.21 -63.61
CA PRO AA 43 9.18 -6.59 -64.59
C PRO AA 43 10.31 -7.51 -64.99
N ARG AA 44 10.68 -7.42 -66.26
CA ARG AA 44 11.84 -8.14 -66.77
C ARG AA 44 13.11 -7.46 -66.25
N PRO AA 45 14.26 -8.14 -66.34
CA PRO AA 45 15.50 -7.55 -65.83
C PRO AA 45 15.83 -6.21 -66.44
N ASN AA 46 15.32 -5.91 -67.63
CA ASN AA 46 15.59 -4.64 -68.31
C ASN AA 46 14.43 -3.67 -68.22
N GLU AA 47 13.46 -3.91 -67.33
CA GLU AA 47 12.30 -3.03 -67.20
C GLU AA 47 12.14 -2.46 -65.80
N TYR AA 48 13.16 -2.60 -64.95
CA TYR AA 48 13.08 -2.05 -63.60
C TYR AA 48 13.10 -0.53 -63.63
N PHE AA 49 14.01 0.06 -64.40
CA PHE AA 49 14.07 1.49 -64.59
C PHE AA 49 14.02 1.80 -66.08
N THR AA 50 13.65 3.04 -66.38
CA THR AA 50 13.54 3.50 -67.76
C THR AA 50 14.41 4.74 -67.93
N GLN AA 51 14.34 5.33 -69.12
CA GLN AA 51 15.09 6.55 -69.39
C GLN AA 51 14.51 7.75 -68.66
N ASP AA 52 13.20 7.73 -68.40
CA ASP AA 52 12.54 8.88 -67.79
C ASP AA 52 12.64 8.87 -66.27
N ARG AA 53 12.35 7.73 -65.64
CA ARG AA 53 12.42 7.61 -64.19
C ARG AA 53 13.59 6.70 -63.81
N GLN AA 54 14.36 7.14 -62.82
CA GLN AA 54 15.50 6.38 -62.32
C GLN AA 54 15.35 6.02 -60.86
N GLN AA 55 14.12 5.94 -60.37
CA GLN AA 55 13.86 5.61 -58.97
C GLN AA 55 12.77 4.56 -58.92
N VAL AA 56 12.43 4.15 -57.69
CA VAL AA 56 11.44 3.09 -57.48
C VAL AA 56 10.05 3.61 -57.84
N PRO AA 57 9.26 2.86 -58.61
CA PRO AA 57 7.93 3.30 -59.06
C PRO AA 57 6.79 2.96 -58.10
N LEU AA 58 6.66 3.77 -57.05
CA LEU AA 58 5.68 3.50 -56.00
C LEU AA 58 4.32 4.08 -56.35
N VAL AA 59 3.28 3.45 -55.81
CA VAL AA 59 1.91 3.92 -55.95
C VAL AA 59 1.57 4.79 -54.77
N ASN AA 60 1.04 6.00 -55.03
CA ASN AA 60 0.74 6.95 -53.98
C ASN AA 60 -0.74 7.17 -53.73
N ASP AA 61 -1.59 6.89 -54.72
CA ASP AA 61 -3.03 7.04 -54.58
C ASP AA 61 -3.69 5.67 -54.50
N ARG AA 62 -4.97 5.68 -54.12
CA ARG AA 62 -5.72 4.45 -53.91
C ARG AA 62 -6.76 4.23 -54.99
N PHE AA 63 -7.66 5.19 -55.21
CA PHE AA 63 -8.72 5.02 -56.18
C PHE AA 63 -8.28 5.32 -57.61
N SER AA 64 -7.07 5.84 -57.80
CA SER AA 64 -6.51 6.03 -59.13
C SER AA 64 -5.30 5.13 -59.34
N ALA AA 65 -5.19 4.02 -58.61
CA ALA AA 65 -4.00 3.17 -58.70
C ALA AA 65 -3.82 2.62 -60.11
N LYS AA 66 -4.93 2.30 -60.78
CA LYS AA 66 -4.86 1.73 -62.12
C LYS AA 66 -4.11 2.66 -63.07
N GLN AA 67 -4.53 3.92 -63.14
CA GLN AA 67 -3.89 4.88 -64.05
C GLN AA 67 -2.44 5.13 -63.66
N GLU AA 68 -2.17 5.24 -62.36
CA GLU AA 68 -0.82 5.49 -61.89
C GLU AA 68 0.12 4.36 -62.33
N LEU AA 69 -0.31 3.11 -62.14
CA LEU AA 69 0.51 1.98 -62.56
C LEU AA 69 0.65 1.94 -64.08
N GLU AA 70 -0.42 2.24 -64.81
CA GLU AA 70 -0.39 2.28 -66.26
C GLU AA 70 0.67 3.26 -66.73
N ASP AA 71 0.74 4.43 -66.08
CA ASP AA 71 1.72 5.43 -66.46
C ASP AA 71 3.14 4.98 -66.10
N LEU AA 72 3.32 4.53 -64.87
CA LEU AA 72 4.63 4.10 -64.42
C LEU AA 72 5.12 3.01 -65.34
N THR AA 73 4.24 2.07 -65.63
CA THR AA 73 4.60 0.97 -66.49
C THR AA 73 4.38 1.37 -67.93
N LYS AA 74 4.85 2.55 -68.30
CA LYS AA 74 4.70 2.98 -69.67
C LYS AA 74 5.73 2.29 -70.54
N GLY AA 75 6.96 2.79 -70.53
CA GLY AA 75 8.01 2.19 -71.33
C GLY AA 75 8.12 0.70 -71.12
N ILE BA 1 -12.56 -44.56 -61.74
CA ILE BA 1 -11.19 -44.20 -61.45
C ILE BA 1 -11.11 -42.88 -60.72
N PHE BA 2 -11.96 -41.93 -61.09
CA PHE BA 2 -11.85 -40.61 -60.51
C PHE BA 2 -12.46 -40.50 -59.13
N THR BA 3 -11.86 -41.17 -58.15
CA THR BA 3 -12.34 -41.05 -56.79
C THR BA 3 -11.90 -39.70 -56.26
N PHE BA 4 -12.44 -39.31 -55.11
CA PHE BA 4 -12.04 -38.06 -54.50
C PHE BA 4 -10.54 -38.01 -54.46
N ARG BA 5 -9.93 -39.12 -54.09
CA ARG BA 5 -8.48 -39.17 -54.03
C ARG BA 5 -7.92 -38.74 -55.36
N TRP BA 6 -8.23 -39.49 -56.41
CA TRP BA 6 -7.70 -39.16 -57.72
C TRP BA 6 -7.79 -37.67 -57.93
N LEU BA 7 -8.94 -37.11 -57.59
CA LEU BA 7 -9.12 -35.68 -57.74
C LEU BA 7 -8.11 -34.91 -56.91
N ALA BA 8 -8.27 -34.94 -55.59
CA ALA BA 8 -7.38 -34.16 -54.73
C ALA BA 8 -5.92 -34.36 -55.12
N VAL BA 9 -5.52 -35.61 -55.37
CA VAL BA 9 -4.13 -35.89 -55.72
C VAL BA 9 -3.75 -35.17 -57.00
N HIS BA 10 -4.61 -35.22 -58.02
CA HIS BA 10 -4.26 -34.56 -59.28
C HIS BA 10 -4.31 -33.05 -59.14
N GLY BA 11 -5.27 -32.52 -58.39
CA GLY BA 11 -5.31 -31.08 -58.15
C GLY BA 11 -4.12 -30.55 -57.38
N LEU BA 12 -3.47 -31.40 -56.59
CA LEU BA 12 -2.23 -31.00 -55.95
C LEU BA 12 -0.99 -31.29 -56.79
N ALA BA 13 -1.04 -32.25 -57.70
CA ALA BA 13 0.16 -32.67 -58.41
C ALA BA 13 0.35 -31.95 -59.74
N ILE BA 14 -0.72 -31.69 -60.50
CA ILE BA 14 -0.57 -31.01 -61.78
C ILE BA 14 0.08 -29.64 -61.64
N PRO BA 15 -0.42 -28.74 -60.79
CA PRO BA 15 0.29 -27.45 -60.62
C PRO BA 15 1.70 -27.62 -60.10
N THR BA 16 1.96 -28.67 -59.31
CA THR BA 16 3.31 -28.88 -58.80
C THR BA 16 4.29 -29.13 -59.94
N VAL BA 17 3.93 -30.01 -60.87
CA VAL BA 17 4.82 -30.29 -62.00
C VAL BA 17 4.94 -29.07 -62.90
N PHE BA 18 3.82 -28.37 -63.13
CA PHE BA 18 3.88 -27.14 -63.93
C PHE BA 18 4.86 -26.14 -63.31
N PHE BA 19 4.75 -25.91 -62.01
CA PHE BA 19 5.60 -24.95 -61.33
C PHE BA 19 7.05 -25.41 -61.31
N LEU BA 20 7.29 -26.71 -61.16
CA LEU BA 20 8.67 -27.20 -61.16
C LEU BA 20 9.32 -26.97 -62.51
N GLY BA 21 8.60 -27.25 -63.60
CA GLY BA 21 9.13 -26.94 -64.91
C GLY BA 21 9.42 -25.47 -65.07
N GLY BA 22 8.48 -24.61 -64.64
CA GLY BA 22 8.71 -23.18 -64.70
C GLY BA 22 9.92 -22.74 -63.92
N ILE BA 23 10.10 -23.29 -62.72
CA ILE BA 23 11.21 -22.87 -61.86
C ILE BA 23 12.54 -23.32 -62.44
N THR BA 24 12.58 -24.52 -63.04
CA THR BA 24 13.81 -24.94 -63.70
C THR BA 24 14.16 -24.02 -64.86
N ALA BA 25 13.20 -23.68 -65.71
CA ALA BA 25 13.56 -22.79 -66.79
C ALA BA 25 14.21 -21.54 -66.24
N MET BA 26 13.71 -21.06 -65.12
CA MET BA 26 14.21 -19.82 -64.58
C MET BA 26 15.68 -19.92 -64.23
N GLN BA 27 16.09 -21.05 -63.68
CA GLN BA 27 17.47 -21.18 -63.24
C GLN BA 27 18.46 -20.91 -64.35
N PHE BA 28 17.98 -20.89 -65.59
CA PHE BA 28 18.86 -20.62 -66.71
C PHE BA 28 18.68 -19.17 -67.13
N ILE BA 29 17.44 -18.72 -67.26
CA ILE BA 29 17.14 -17.33 -67.62
C ILE BA 29 18.12 -16.47 -66.91
N GLN BA 30 19.19 -16.09 -67.59
CA GLN BA 30 20.21 -15.35 -66.91
C GLN BA 30 20.25 -13.94 -67.34
N ARG BA 31 19.99 -13.02 -66.42
CA ARG BA 31 20.17 -11.61 -66.74
C ARG BA 31 20.85 -11.39 -68.10
N ALA CA 1 -44.79 -25.53 -5.18
CA ALA CA 1 -44.04 -25.05 -4.03
C ALA CA 1 -44.04 -23.53 -3.97
N LEU CA 2 -44.72 -22.99 -2.95
CA LEU CA 2 -44.81 -21.55 -2.72
C LEU CA 2 -45.41 -20.84 -3.93
N ARG CA 3 -46.69 -21.03 -4.15
CA ARG CA 3 -47.33 -20.32 -5.23
C ARG CA 3 -47.47 -18.87 -4.82
N THR CA 4 -46.83 -17.98 -5.55
CA THR CA 4 -46.94 -16.56 -5.25
C THR CA 4 -47.91 -15.92 -6.22
N ARG CA 5 -48.38 -14.73 -5.88
CA ARG CA 5 -49.36 -14.08 -6.73
C ARG CA 5 -48.76 -13.82 -8.09
N LEU CA 6 -47.54 -13.31 -8.13
CA LEU CA 6 -46.87 -13.09 -9.40
C LEU CA 6 -46.81 -14.39 -10.15
N GLY CA 7 -46.28 -15.41 -9.51
CA GLY CA 7 -46.19 -16.71 -10.14
C GLY CA 7 -47.47 -17.14 -10.81
N GLU CA 8 -48.62 -16.83 -10.17
CA GLU CA 8 -49.90 -17.15 -10.79
C GLU CA 8 -50.08 -16.40 -12.11
N ILE CA 9 -49.68 -15.14 -12.15
CA ILE CA 9 -49.81 -14.35 -13.37
C ILE CA 9 -48.89 -14.89 -14.45
N LEU CA 10 -47.65 -15.22 -14.10
CA LEU CA 10 -46.65 -15.61 -15.07
C LEU CA 10 -46.66 -17.09 -15.42
N ARG CA 11 -47.51 -17.88 -14.76
CA ARG CA 11 -47.56 -19.32 -15.01
C ARG CA 11 -47.80 -19.70 -16.48
N PRO CA 12 -48.76 -19.11 -17.20
CA PRO CA 12 -48.97 -19.55 -18.59
C PRO CA 12 -47.76 -19.36 -19.49
N LEU CA 13 -46.91 -18.38 -19.21
CA LEU CA 13 -45.75 -18.13 -20.05
C LEU CA 13 -44.78 -19.30 -20.02
N ASN CA 14 -44.57 -19.88 -18.84
CA ASN CA 14 -43.70 -21.04 -18.69
C ASN CA 14 -44.45 -22.35 -18.70
N ALA CA 15 -45.77 -22.33 -18.93
CA ALA CA 15 -46.56 -23.54 -18.85
C ALA CA 15 -46.09 -24.60 -19.84
N GLU CA 16 -45.97 -24.24 -21.11
CA GLU CA 16 -45.58 -25.20 -22.14
C GLU CA 16 -44.07 -25.28 -22.23
N TYR CA 17 -43.54 -26.50 -22.14
CA TYR CA 17 -42.10 -26.72 -22.18
C TYR CA 17 -41.81 -27.97 -22.99
N GLY CA 18 -40.83 -27.87 -23.87
CA GLY CA 18 -40.46 -28.99 -24.72
C GLY CA 18 -41.35 -29.19 -25.92
N LYS CA 19 -42.40 -28.39 -26.07
CA LYS CA 19 -43.25 -28.48 -27.26
C LYS CA 19 -42.46 -28.07 -28.49
N VAL CA 20 -42.73 -28.73 -29.61
CA VAL CA 20 -41.91 -28.57 -30.80
C VAL CA 20 -42.76 -28.96 -32.01
N ALA CA 21 -42.46 -28.34 -33.15
CA ALA CA 21 -43.11 -28.67 -34.41
C ALA CA 21 -42.28 -29.68 -35.19
N PRO CA 22 -42.89 -30.71 -35.76
CA PRO CA 22 -42.13 -31.74 -36.46
C PRO CA 22 -41.89 -31.41 -37.93
N GLY CA 23 -40.74 -31.86 -38.42
CA GLY CA 23 -40.45 -31.80 -39.84
C GLY CA 23 -39.97 -30.47 -40.37
N TRP CA 24 -38.82 -30.01 -39.88
CA TRP CA 24 -38.10 -28.86 -40.42
C TRP CA 24 -38.80 -27.54 -40.18
N GLY CA 25 -40.04 -27.58 -39.68
CA GLY CA 25 -40.79 -26.38 -39.35
C GLY CA 25 -40.65 -25.23 -40.32
N THR CA 26 -40.14 -24.11 -39.83
CA THR CA 26 -39.91 -22.90 -40.61
C THR CA 26 -38.43 -22.63 -40.83
N THR CA 27 -37.62 -23.69 -40.92
CA THR CA 27 -36.19 -23.51 -41.14
C THR CA 27 -35.85 -22.76 -42.42
N PRO CA 28 -36.49 -23.03 -43.58
CA PRO CA 28 -36.10 -22.29 -44.79
C PRO CA 28 -36.25 -20.78 -44.66
N ILE CA 29 -37.24 -20.31 -43.90
CA ILE CA 29 -37.33 -18.87 -43.65
C ILE CA 29 -36.13 -18.39 -42.85
N MET CA 30 -35.70 -19.19 -41.86
CA MET CA 30 -34.49 -18.83 -41.13
C MET CA 30 -33.30 -18.73 -42.07
N GLY CA 31 -33.21 -19.65 -43.04
CA GLY CA 31 -32.12 -19.56 -44.01
C GLY CA 31 -32.20 -18.30 -44.86
N ILE CA 32 -33.40 -17.98 -45.35
CA ILE CA 32 -33.59 -16.76 -46.14
C ILE CA 32 -33.16 -15.54 -45.35
N VAL CA 33 -33.64 -15.44 -44.11
CA VAL CA 33 -33.36 -14.28 -43.28
C VAL CA 33 -31.87 -14.18 -42.97
N MET CA 34 -31.23 -15.31 -42.67
CA MET CA 34 -29.81 -15.29 -42.39
C MET CA 34 -29.02 -14.82 -43.61
N LEU CA 35 -29.40 -15.29 -44.80
CA LEU CA 35 -28.69 -14.86 -46.00
C LEU CA 35 -28.87 -13.37 -46.25
N ALA CA 36 -30.11 -12.87 -46.11
CA ALA CA 36 -30.34 -11.44 -46.32
C ALA CA 36 -29.58 -10.62 -45.30
N PHE CA 37 -29.47 -11.12 -44.07
CA PHE CA 37 -28.67 -10.45 -43.06
C PHE CA 37 -27.20 -10.42 -43.44
N LEU CA 38 -26.69 -11.52 -44.00
CA LEU CA 38 -25.30 -11.54 -44.46
C LEU CA 38 -25.07 -10.52 -45.57
N ILE CA 39 -26.02 -10.40 -46.49
CA ILE CA 39 -25.91 -9.42 -47.55
C ILE CA 39 -25.89 -8.01 -46.97
N PHE CA 40 -26.78 -7.75 -46.01
CA PHE CA 40 -26.81 -6.43 -45.37
C PHE CA 40 -25.49 -6.14 -44.68
N LEU CA 41 -24.93 -7.13 -43.98
CA LEU CA 41 -23.68 -6.91 -43.26
C LEU CA 41 -22.53 -6.64 -44.21
N VAL CA 42 -22.43 -7.39 -45.31
CA VAL CA 42 -21.33 -7.11 -46.23
C VAL CA 42 -21.52 -5.75 -46.90
N ILE CA 43 -22.77 -5.36 -47.17
CA ILE CA 43 -23.02 -4.02 -47.71
C ILE CA 43 -22.49 -2.97 -46.75
N ILE CA 44 -22.85 -3.09 -45.48
CA ILE CA 44 -22.42 -2.10 -44.48
C ILE CA 44 -20.90 -2.10 -44.35
N LEU CA 45 -20.29 -3.28 -44.29
CA LEU CA 45 -18.86 -3.37 -44.11
C LEU CA 45 -18.11 -2.75 -45.28
N GLN CA 46 -18.57 -3.00 -46.51
CA GLN CA 46 -17.88 -2.45 -47.66
C GLN CA 46 -18.14 -0.95 -47.83
N ILE CA 47 -19.29 -0.45 -47.38
CA ILE CA 47 -19.49 1.00 -47.37
C ILE CA 47 -18.53 1.64 -46.38
N TYR CA 48 -18.46 1.11 -45.16
CA TYR CA 48 -17.59 1.68 -44.15
C TYR CA 48 -16.13 1.58 -44.55
N ASN CA 49 -15.76 0.50 -45.23
CA ASN CA 49 -14.40 0.28 -45.68
C ASN CA 49 -14.04 1.13 -46.89
N SER CA 50 -15.01 1.88 -47.44
CA SER CA 50 -14.84 2.65 -48.66
C SER CA 50 -14.51 1.76 -49.86
N SER CA 51 -14.77 0.46 -49.73
CA SER CA 51 -14.64 -0.49 -50.83
C SER CA 51 -15.90 -0.57 -51.67
N LEU CA 52 -16.96 0.12 -51.26
CA LEU CA 52 -18.21 0.21 -52.03
C LEU CA 52 -18.64 1.66 -51.98
N ILE CA 53 -18.48 2.36 -53.09
CA ILE CA 53 -18.73 3.80 -53.16
C ILE CA 53 -20.14 4.03 -53.70
N ILE CA 54 -20.94 4.78 -52.96
CA ILE CA 54 -22.31 5.09 -53.32
C ILE CA 54 -22.48 6.59 -53.37
N GLU CA 55 -23.29 7.09 -54.29
CA GLU CA 55 -23.54 8.51 -54.32
C GLU CA 55 -24.11 9.00 -53.01
N ASN CA 56 -23.78 10.24 -52.64
CA ASN CA 56 -24.33 10.84 -51.42
C ASN CA 56 -23.96 10.16 -50.12
N VAL CA 57 -22.89 9.38 -50.10
CA VAL CA 57 -22.44 8.80 -48.84
C VAL CA 57 -20.94 8.89 -48.77
N ASP CA 58 -20.43 9.94 -48.13
CA ASP CA 58 -19.00 10.10 -47.97
C ASP CA 58 -18.57 9.72 -46.57
N VAL CA 59 -17.70 8.72 -46.47
CA VAL CA 59 -17.31 8.25 -45.15
C VAL CA 59 -16.25 9.23 -44.65
N ASP CA 60 -16.70 10.30 -44.00
CA ASP CA 60 -15.80 11.31 -43.47
C ASP CA 60 -16.54 12.06 -42.37
N TRP CA 61 -15.77 12.74 -41.54
CA TRP CA 61 -16.36 13.58 -40.49
C TRP CA 61 -17.21 14.67 -41.14
N ALA CA 62 -18.39 14.87 -40.58
CA ALA CA 62 -19.30 15.84 -41.16
C ALA CA 62 -19.78 16.84 -40.14
N ASN CA 63 -20.43 17.89 -40.62
CA ASN CA 63 -20.88 18.94 -39.72
C ASN CA 63 -22.33 18.76 -39.36
N GLY CA 64 -22.58 17.95 -38.35
CA GLY CA 64 -23.94 17.76 -37.89
C GLY CA 64 -24.44 19.04 -37.28
N ILE CA 65 -23.58 19.70 -36.53
CA ILE CA 65 -23.97 20.95 -35.88
C ILE CA 65 -24.04 22.06 -36.91
N MET DA 1 45.28 -13.36 1.32
CA MET DA 1 44.35 -14.13 0.51
C MET DA 1 44.90 -15.50 0.17
N LEU DA 2 46.15 -15.76 0.57
CA LEU DA 2 46.71 -17.08 0.36
C LEU DA 2 45.96 -18.12 1.19
N THR DA 3 45.48 -17.74 2.37
CA THR DA 3 44.69 -18.65 3.18
C THR DA 3 43.42 -19.07 2.44
N LEU DA 4 42.72 -18.11 1.83
CA LEU DA 4 41.50 -18.45 1.10
C LEU DA 4 41.79 -19.44 -0.01
N LYS DA 5 42.90 -19.23 -0.73
CA LYS DA 5 43.28 -20.17 -1.77
C LYS DA 5 43.56 -21.55 -1.18
N ILE DA 6 44.22 -21.60 -0.02
CA ILE DA 6 44.50 -22.89 0.61
C ILE DA 6 43.21 -23.61 0.94
N LEU DA 7 42.26 -22.91 1.57
CA LEU DA 7 40.99 -23.53 1.93
C LEU DA 7 40.22 -24.01 0.71
N VAL DA 8 40.23 -23.25 -0.37
CA VAL DA 8 39.48 -23.69 -1.52
C VAL DA 8 40.19 -24.86 -2.19
N TYR DA 9 41.52 -24.86 -2.18
CA TYR DA 9 42.24 -25.94 -2.81
C TYR DA 9 41.98 -27.21 -2.04
N THR DA 10 41.76 -27.10 -0.75
CA THR DA 10 41.43 -28.28 0.03
C THR DA 10 40.04 -28.73 -0.37
N THR DA 11 39.05 -27.86 -0.21
CA THR DA 11 37.70 -28.29 -0.52
C THR DA 11 37.63 -28.99 -1.88
N VAL DA 12 38.31 -28.43 -2.87
CA VAL DA 12 38.23 -28.98 -4.22
C VAL DA 12 38.84 -30.36 -4.28
N ILE DA 13 40.07 -30.51 -3.76
CA ILE DA 13 40.70 -31.83 -3.80
C ILE DA 13 39.94 -32.81 -2.92
N PHE DA 14 39.39 -32.33 -1.80
CA PHE DA 14 38.53 -33.12 -0.95
C PHE DA 14 37.42 -33.79 -1.77
N PHE DA 15 36.58 -32.98 -2.42
CA PHE DA 15 35.42 -33.52 -3.11
C PHE DA 15 35.81 -34.30 -4.36
N VAL DA 16 36.86 -33.85 -5.06
CA VAL DA 16 37.29 -34.56 -6.26
C VAL DA 16 37.81 -35.95 -5.91
N SER DA 17 38.60 -36.06 -4.83
CA SER DA 17 39.06 -37.37 -4.41
C SER DA 17 37.91 -38.23 -3.93
N LEU DA 18 36.92 -37.62 -3.26
CA LEU DA 18 35.73 -38.36 -2.89
C LEU DA 18 35.07 -38.97 -4.12
N PHE DA 19 34.91 -38.18 -5.18
CA PHE DA 19 34.34 -38.68 -6.43
C PHE DA 19 35.20 -39.81 -7.02
N ILE DA 20 36.50 -39.57 -7.14
CA ILE DA 20 37.38 -40.51 -7.84
C ILE DA 20 37.41 -41.85 -7.12
N PHE DA 21 37.49 -41.83 -5.79
CA PHE DA 21 37.53 -43.08 -5.05
C PHE DA 21 36.16 -43.68 -4.80
N GLY DA 22 35.09 -42.91 -5.00
CA GLY DA 22 33.77 -43.49 -4.94
C GLY DA 22 33.46 -44.28 -6.18
N PHE DA 23 33.89 -43.78 -7.33
CA PHE DA 23 33.67 -44.54 -8.56
C PHE DA 23 34.67 -45.66 -8.76
N LEU DA 24 35.76 -45.66 -8.00
CA LEU DA 24 36.71 -46.76 -8.04
C LEU DA 24 36.33 -47.90 -7.11
N SER DA 25 35.34 -47.70 -6.24
CA SER DA 25 35.00 -48.69 -5.22
C SER DA 25 33.94 -49.66 -5.74
N SER DA 26 34.29 -50.34 -6.82
CA SER DA 26 33.48 -51.42 -7.38
C SER DA 26 32.05 -50.95 -7.68
N ASP DA 27 31.95 -49.82 -8.37
CA ASP DA 27 30.64 -49.28 -8.71
C ASP DA 27 29.82 -50.19 -9.62
N PRO DA 28 30.36 -50.79 -10.69
CA PRO DA 28 29.51 -51.63 -11.55
C PRO DA 28 28.81 -52.74 -10.80
N SER DA 29 29.40 -53.24 -9.72
CA SER DA 29 28.74 -54.26 -8.92
C SER DA 29 27.51 -53.71 -8.21
N ARG DA 30 27.52 -52.43 -7.83
CA ARG DA 30 26.37 -51.84 -7.17
C ARG DA 30 25.20 -51.79 -8.13
N ASN DA 31 24.26 -52.72 -8.07
CA ASN DA 31 23.18 -52.72 -9.09
C ASN DA 31 22.03 -53.62 -8.76
N PRO DA 32 20.82 -53.25 -9.20
CA PRO DA 32 19.63 -54.02 -8.84
C PRO DA 32 19.87 -55.52 -8.90
N ASN DA 33 20.38 -56.02 -10.02
CA ASN DA 33 20.59 -57.43 -10.15
C ASN DA 33 21.95 -57.76 -9.59
N ARG DA 34 21.99 -58.14 -8.32
CA ARG DA 34 23.26 -58.45 -7.66
C ARG DA 34 24.10 -57.20 -7.52
N GLY EA 1 2.45 -55.19 -59.27
CA GLY EA 1 3.67 -55.42 -58.53
C GLY EA 1 4.83 -55.85 -59.41
N ARG EA 2 4.77 -55.46 -60.67
CA ARG EA 2 5.81 -55.87 -61.63
C ARG EA 2 7.13 -55.17 -61.33
N VAL EA 3 7.14 -53.85 -61.37
CA VAL EA 3 8.37 -53.10 -61.09
C VAL EA 3 8.64 -53.13 -59.59
N PRO EA 4 9.82 -53.55 -59.14
CA PRO EA 4 10.10 -53.54 -57.70
C PRO EA 4 10.09 -52.13 -57.13
N LEU EA 5 9.68 -52.05 -55.86
CA LEU EA 5 9.47 -50.75 -55.23
C LEU EA 5 10.75 -49.93 -55.16
N TRP EA 6 11.87 -50.59 -54.84
CA TRP EA 6 13.10 -49.83 -54.64
C TRP EA 6 13.67 -49.31 -55.94
N LEU EA 7 13.32 -49.92 -57.09
CA LEU EA 7 13.72 -49.37 -58.37
C LEU EA 7 13.06 -48.02 -58.65
N VAL EA 8 11.74 -47.94 -58.48
CA VAL EA 8 11.06 -46.66 -58.68
C VAL EA 8 11.49 -45.66 -57.61
N GLY EA 9 11.77 -46.16 -56.40
CA GLY EA 9 12.32 -45.27 -55.37
C GLY EA 9 13.65 -44.67 -55.77
N LEU EA 10 14.54 -45.48 -56.35
CA LEU EA 10 15.83 -44.98 -56.80
C LEU EA 10 15.66 -43.99 -57.95
N VAL EA 11 14.75 -44.27 -58.88
CA VAL EA 11 14.52 -43.35 -59.99
C VAL EA 11 14.00 -42.00 -59.48
N GLY EA 12 13.05 -42.04 -58.55
CA GLY EA 12 12.55 -40.81 -57.96
C GLY EA 12 13.62 -40.05 -57.20
N GLY EA 13 14.48 -40.79 -56.47
CA GLY EA 13 15.58 -40.15 -55.79
C GLY EA 13 16.55 -39.47 -56.75
N PHE EA 14 16.85 -40.14 -57.86
CA PHE EA 14 17.71 -39.52 -58.87
C PHE EA 14 17.07 -38.25 -59.42
N ALA EA 15 15.77 -38.30 -59.72
CA ALA EA 15 15.10 -37.12 -60.25
C ALA EA 15 15.13 -35.96 -59.27
N VAL EA 16 14.84 -36.22 -57.99
CA VAL EA 16 14.79 -35.14 -57.02
C VAL EA 16 16.19 -34.60 -56.75
N ILE EA 17 17.20 -35.48 -56.71
CA ILE EA 17 18.59 -35.01 -56.55
C ILE EA 17 18.96 -34.13 -57.73
N THR EA 18 18.59 -34.53 -58.94
CA THR EA 18 18.85 -33.70 -60.11
C THR EA 18 18.22 -32.33 -59.98
N ILE EA 19 16.93 -32.28 -59.62
CA ILE EA 19 16.24 -31.00 -59.54
C ILE EA 19 16.89 -30.09 -58.51
N VAL EA 20 17.18 -30.64 -57.33
CA VAL EA 20 17.79 -29.84 -56.27
C VAL EA 20 19.17 -29.36 -56.67
N SER EA 21 19.93 -30.21 -57.38
CA SER EA 21 21.25 -29.81 -57.85
C SER EA 21 21.15 -28.68 -58.86
N LEU EA 22 20.15 -28.74 -59.75
CA LEU EA 22 19.94 -27.64 -60.68
C LEU EA 22 19.63 -26.35 -59.94
N PHE EA 23 19.02 -26.42 -58.78
CA PHE EA 23 18.79 -25.20 -58.00
C PHE EA 23 20.05 -24.50 -57.45
N ILE EA 24 21.03 -25.24 -56.95
CA ILE EA 24 22.28 -24.65 -56.45
C ILE EA 24 23.19 -24.16 -57.58
N TYR EA 25 23.16 -24.92 -58.66
CA TYR EA 25 23.94 -24.49 -59.77
C TYR EA 25 23.44 -23.11 -60.07
N GLY EA 26 22.13 -22.88 -59.91
CA GLY EA 26 21.52 -21.59 -60.19
C GLY EA 26 21.80 -20.52 -59.19
N SER EA 27 21.75 -20.87 -57.91
CA SER EA 27 22.16 -19.94 -56.89
C SER EA 27 23.47 -19.39 -57.36
N TYR EA 28 24.22 -20.21 -58.09
CA TYR EA 28 25.48 -19.67 -58.71
C TYR EA 28 25.49 -19.00 -60.16
N SER EA 29 24.73 -19.45 -61.19
CA SER EA 29 24.84 -18.79 -62.58
C SER EA 29 23.64 -18.07 -63.26
N GLY EA 30 23.43 -16.79 -62.99
CA GLY EA 30 22.19 -16.19 -63.42
C GLY EA 30 21.64 -15.15 -62.45
N LEU EA 31 20.32 -15.02 -62.41
CA LEU EA 31 19.70 -14.08 -61.48
C LEU EA 31 19.91 -14.53 -60.05
N GLY EA 32 20.19 -13.57 -59.17
CA GLY EA 32 20.41 -13.86 -57.78
C GLY EA 32 21.80 -14.34 -57.43
N SER EA 33 22.70 -14.44 -58.40
CA SER EA 33 24.06 -14.89 -58.15
C SER EA 33 25.05 -13.74 -57.95
N SER EA 34 24.64 -12.50 -58.22
CA SER EA 34 25.51 -11.33 -58.09
C SER EA 34 26.79 -11.47 -58.90
N LYS FA 1 47.59 -26.45 -60.66
CA LYS FA 1 47.30 -27.25 -61.84
C LYS FA 1 48.07 -28.56 -61.81
N LEU FA 2 47.45 -29.61 -62.35
CA LEU FA 2 48.10 -30.90 -62.43
C LEU FA 2 49.29 -30.85 -63.38
N PRO FA 3 50.22 -31.79 -63.26
CA PRO FA 3 51.29 -31.88 -64.26
C PRO FA 3 50.71 -32.09 -65.65
N GLU FA 4 51.46 -31.62 -66.65
CA GLU FA 4 50.92 -31.57 -68.01
C GLU FA 4 50.49 -32.95 -68.51
N ALA FA 5 51.08 -34.01 -67.96
CA ALA FA 5 50.70 -35.35 -68.38
C ALA FA 5 49.25 -35.67 -68.00
N TYR FA 6 48.81 -35.22 -66.83
CA TYR FA 6 47.52 -35.62 -66.27
C TYR FA 6 46.45 -34.53 -66.39
N ALA FA 7 46.77 -33.40 -67.01
CA ALA FA 7 45.75 -32.38 -67.25
C ALA FA 7 44.62 -32.94 -68.11
N PHE FA 8 44.92 -33.94 -68.94
CA PHE FA 8 43.86 -34.61 -69.70
C PHE FA 8 42.95 -35.40 -68.77
N LEU FA 9 43.51 -36.02 -67.74
CA LEU FA 9 42.75 -36.83 -66.80
C LEU FA 9 42.16 -36.00 -65.65
N ASN FA 10 42.33 -34.69 -65.70
CA ASN FA 10 41.75 -33.79 -64.69
C ASN FA 10 40.27 -34.03 -64.38
N PRO FA 11 39.37 -34.20 -65.36
CA PRO FA 11 37.94 -34.30 -65.00
C PRO FA 11 37.61 -35.44 -64.05
N ILE FA 12 38.33 -36.56 -64.09
CA ILE FA 12 38.12 -37.61 -63.11
C ILE FA 12 38.45 -37.11 -61.71
N VAL FA 13 39.56 -36.37 -61.58
CA VAL FA 13 39.93 -35.80 -60.30
C VAL FA 13 38.87 -34.81 -59.83
N ASP FA 14 38.20 -34.14 -60.77
CA ASP FA 14 37.16 -33.20 -60.39
C ASP FA 14 36.01 -33.86 -59.62
N VAL FA 15 35.81 -35.16 -59.77
CA VAL FA 15 34.74 -35.87 -59.09
C VAL FA 15 35.24 -36.82 -58.02
N MET FA 16 36.51 -37.23 -58.07
CA MET FA 16 37.02 -38.22 -57.12
C MET FA 16 36.75 -37.91 -55.65
N PRO FA 17 36.93 -36.68 -55.13
CA PRO FA 17 36.79 -36.49 -53.67
C PRO FA 17 35.40 -36.79 -53.13
N VAL FA 18 34.34 -36.63 -53.92
CA VAL FA 18 32.99 -36.82 -53.39
C VAL FA 18 32.55 -38.28 -53.42
N ILE FA 19 33.44 -39.19 -53.81
CA ILE FA 19 33.07 -40.61 -53.89
C ILE FA 19 32.53 -41.16 -52.58
N PRO FA 20 33.29 -40.99 -51.46
CA PRO FA 20 32.85 -41.65 -50.22
C PRO FA 20 31.40 -41.43 -49.85
N VAL FA 21 30.92 -40.21 -49.96
CA VAL FA 21 29.55 -39.95 -49.60
C VAL FA 21 28.67 -40.97 -50.28
N LEU FA 22 28.94 -41.23 -51.54
CA LEU FA 22 28.11 -42.15 -52.27
C LEU FA 22 28.18 -43.56 -51.71
N PHE FA 23 29.33 -43.97 -51.21
CA PHE FA 23 29.43 -45.28 -50.57
C PHE FA 23 28.37 -45.38 -49.52
N PHE FA 24 28.26 -44.34 -48.70
CA PHE FA 24 27.24 -44.33 -47.66
C PHE FA 24 25.91 -44.67 -48.27
N LEU FA 25 25.45 -43.85 -49.21
CA LEU FA 25 24.18 -44.10 -49.85
C LEU FA 25 24.08 -45.53 -50.35
N LEU FA 26 25.15 -46.07 -50.91
CA LEU FA 26 25.10 -47.43 -51.42
C LEU FA 26 24.60 -48.34 -50.34
N ALA FA 27 25.06 -48.14 -49.12
CA ALA FA 27 24.56 -48.95 -48.04
C ALA FA 27 23.06 -48.88 -48.05
N PHE FA 28 22.53 -47.68 -48.13
CA PHE FA 28 21.07 -47.56 -48.08
C PHE FA 28 20.42 -48.23 -49.28
N VAL FA 29 21.00 -48.06 -50.47
CA VAL FA 29 20.38 -48.70 -51.62
C VAL FA 29 20.52 -50.21 -51.54
N TRP FA 30 21.62 -50.71 -50.99
CA TRP FA 30 21.78 -52.15 -50.79
C TRP FA 30 20.73 -52.68 -49.81
N GLN FA 31 20.50 -51.96 -48.73
CA GLN FA 31 19.46 -52.37 -47.79
C GLN FA 31 18.08 -52.34 -48.43
N ALA FA 32 17.83 -51.34 -49.28
CA ALA FA 32 16.55 -51.29 -49.98
C ALA FA 32 16.40 -52.47 -50.93
N ALA FA 33 17.50 -52.94 -51.52
CA ALA FA 33 17.41 -54.05 -52.46
C ALA FA 33 17.00 -55.35 -51.77
N VAL FA 34 17.38 -55.49 -50.51
CA VAL FA 34 17.05 -56.71 -49.75
C VAL FA 34 15.90 -56.48 -48.82
N SER FA 35 15.02 -55.55 -49.16
CA SER FA 35 13.82 -55.33 -48.36
C SER FA 35 14.08 -54.97 -46.93
N PHE FA 36 15.07 -54.14 -46.69
CA PHE FA 36 15.35 -53.71 -45.34
C PHE FA 36 15.12 -54.89 -44.43
N ARG FA 37 15.61 -56.05 -44.85
CA ARG FA 37 15.46 -57.25 -44.05
C ARG FA 37 15.63 -56.89 -42.58
N THR GA 1 -38.44 -21.55 0.03
CA THR GA 1 -37.68 -21.84 1.23
C THR GA 1 -37.53 -23.35 1.41
N GLY GA 2 -36.35 -23.77 1.85
CA GLY GA 2 -36.08 -25.17 2.10
C GLY GA 2 -34.63 -25.52 1.88
N PRO GA 3 -34.25 -26.75 2.20
CA PRO GA 3 -32.87 -27.19 1.96
C PRO GA 3 -32.65 -27.45 0.48
N ASN GA 4 -31.75 -26.68 -0.14
CA ASN GA 4 -31.54 -26.80 -1.57
C ASN GA 4 -30.85 -28.10 -1.89
N PRO GA 5 -31.36 -28.84 -2.87
CA PRO GA 5 -30.79 -30.14 -3.20
C PRO GA 5 -29.58 -30.03 -4.09
N ASN GA 6 -29.16 -28.80 -4.39
CA ASN GA 6 -28.06 -28.61 -5.32
C ASN GA 6 -26.77 -28.16 -4.65
N LYS GA 7 -26.64 -28.36 -3.35
CA LYS GA 7 -25.46 -27.85 -2.66
C LYS GA 7 -24.34 -28.86 -2.53
N GLN GA 8 -23.23 -28.61 -3.21
CA GLN GA 8 -22.11 -29.53 -3.17
C GLN GA 8 -20.94 -28.91 -2.46
N ALA GA 9 -19.87 -29.68 -2.29
CA ALA GA 9 -18.71 -29.19 -1.58
C ALA GA 9 -17.64 -28.69 -2.51
N VAL GA 10 -16.54 -28.21 -1.95
CA VAL GA 10 -15.44 -27.68 -2.74
C VAL GA 10 -14.14 -28.25 -2.21
N GLU GA 11 -13.24 -28.62 -3.12
CA GLU GA 11 -11.98 -29.27 -2.74
C GLU GA 11 -10.81 -28.59 -3.42
N LEU GA 12 -9.63 -28.76 -2.83
CA LEU GA 12 -8.39 -28.28 -3.42
C LEU GA 12 -7.25 -29.08 -2.81
N ASN GA 13 -6.51 -29.80 -3.65
CA ASN GA 13 -5.36 -30.57 -3.18
C ASN GA 13 -4.27 -29.64 -2.65
N ARG GA 14 -3.26 -30.24 -2.03
CA ARG GA 14 -2.09 -29.48 -1.67
C ARG GA 14 -1.22 -29.18 -2.88
N THR GA 15 -1.19 -30.08 -3.87
CA THR GA 15 -0.48 -29.78 -5.12
C THR GA 15 -1.15 -28.64 -5.86
N SER GA 16 -2.48 -28.59 -5.86
CA SER GA 16 -3.19 -27.46 -6.43
C SER GA 16 -2.86 -26.19 -5.67
N LEU GA 17 -2.76 -26.26 -4.34
CA LEU GA 17 -2.40 -25.11 -3.56
C LEU GA 17 -1.00 -24.61 -3.91
N TYR GA 18 -0.05 -25.53 -4.08
CA TYR GA 18 1.30 -25.15 -4.46
C TYR GA 18 1.33 -24.51 -5.83
N TRP GA 19 0.59 -25.09 -6.78
CA TRP GA 19 0.52 -24.50 -8.12
C TRP GA 19 -0.05 -23.09 -8.06
N GLY GA 20 -1.12 -22.89 -7.30
CA GLY GA 20 -1.72 -21.57 -7.21
C GLY GA 20 -0.81 -20.57 -6.55
N LEU GA 21 -0.15 -20.95 -5.46
CA LEU GA 21 0.77 -20.05 -4.79
C LEU GA 21 1.94 -19.68 -5.71
N LEU GA 22 2.49 -20.67 -6.40
CA LEU GA 22 3.59 -20.40 -7.32
C LEU GA 22 3.15 -19.47 -8.44
N LEU GA 23 1.96 -19.70 -8.99
CA LEU GA 23 1.46 -18.84 -10.06
C LEU GA 23 1.29 -17.41 -9.58
N ILE GA 24 0.67 -17.23 -8.41
CA ILE GA 24 0.43 -15.88 -7.90
C ILE GA 24 1.76 -15.16 -7.66
N PHE GA 25 2.71 -15.85 -7.01
CA PHE GA 25 3.98 -15.21 -6.69
C PHE GA 25 4.78 -14.89 -7.95
N VAL GA 26 4.77 -15.80 -8.94
CA VAL GA 26 5.52 -15.55 -10.16
C VAL GA 26 4.89 -14.42 -10.96
N LEU GA 27 3.56 -14.35 -10.98
CA LEU GA 27 2.90 -13.23 -11.65
C LEU GA 27 3.25 -11.91 -10.99
N ALA GA 28 3.27 -11.89 -9.65
CA ALA GA 28 3.68 -10.68 -8.94
C ALA GA 28 5.12 -10.30 -9.28
N VAL GA 29 6.01 -11.29 -9.31
CA VAL GA 29 7.41 -11.02 -9.65
C VAL GA 29 7.51 -10.44 -11.05
N LEU GA 30 6.75 -11.00 -11.99
CA LEU GA 30 6.82 -10.54 -13.37
C LEU GA 30 6.30 -9.12 -13.52
N PHE GA 31 5.17 -8.79 -12.89
CA PHE GA 31 4.51 -7.52 -13.14
C PHE GA 31 4.86 -6.42 -12.15
N SER GA 32 5.61 -6.72 -11.09
CA SER GA 32 5.88 -5.72 -10.07
C SER GA 32 6.66 -4.54 -10.64
N SER GA 33 7.71 -4.83 -11.41
CA SER GA 33 8.53 -3.74 -11.95
C SER GA 33 7.73 -2.89 -12.91
N TYR GA 34 6.91 -3.51 -13.76
CA TYR GA 34 6.11 -2.76 -14.71
C TYR GA 34 5.10 -1.87 -14.01
N PHE GA 35 4.50 -2.38 -12.93
CA PHE GA 35 3.59 -1.54 -12.15
C PHE GA 35 4.35 -0.39 -11.50
N PHE GA 36 5.54 -0.66 -10.97
CA PHE GA 36 6.35 0.41 -10.40
C PHE GA 36 6.80 1.40 -11.47
N ASN GA 37 7.14 0.89 -12.65
CA ASN GA 37 7.61 1.72 -13.77
C ASN GA 37 8.85 2.51 -13.39
N GLU HA 1 10.41 9.07 -8.86
CA GLU HA 1 10.90 7.79 -9.35
C GLU HA 1 9.75 6.86 -9.68
N VAL HA 2 9.40 5.98 -8.76
CA VAL HA 2 8.36 4.99 -9.05
C VAL HA 2 6.98 5.40 -8.58
N GLN HA 3 5.95 4.76 -9.13
CA GLN HA 3 4.58 5.07 -8.74
C GLN HA 3 4.26 4.54 -7.36
N PHE HA 4 3.65 5.37 -6.52
CA PHE HA 4 3.38 4.97 -5.15
C PHE HA 4 2.04 4.29 -5.01
N GLY HA 5 1.49 3.80 -6.11
CA GLY HA 5 0.23 3.09 -6.06
C GLY HA 5 0.49 1.65 -6.37
N ALA HA 6 1.64 1.36 -6.95
CA ALA HA 6 1.97 0.01 -7.28
C ALA HA 6 2.09 -0.79 -6.02
N TYR HA 7 2.68 -0.19 -4.99
CA TYR HA 7 2.87 -0.90 -3.74
C TYR HA 7 1.58 -1.61 -3.37
N LEU HA 8 0.48 -0.86 -3.34
CA LEU HA 8 -0.79 -1.46 -2.98
C LEU HA 8 -1.18 -2.54 -3.98
N ALA HA 9 -1.03 -2.27 -5.27
CA ALA HA 9 -1.38 -3.25 -6.28
C ALA HA 9 -0.59 -4.53 -6.09
N VAL HA 10 0.73 -4.42 -6.00
CA VAL HA 10 1.57 -5.61 -5.89
C VAL HA 10 1.24 -6.38 -4.62
N LEU HA 11 1.17 -5.68 -3.48
CA LEU HA 11 1.00 -6.37 -2.21
C LEU HA 11 -0.37 -7.01 -2.09
N LEU HA 12 -1.43 -6.29 -2.50
CA LEU HA 12 -2.77 -6.86 -2.44
C LEU HA 12 -2.91 -8.03 -3.41
N GLY HA 13 -2.44 -7.86 -4.65
CA GLY HA 13 -2.50 -8.96 -5.60
C GLY HA 13 -1.67 -10.16 -5.21
N THR HA 14 -0.66 -9.97 -4.38
CA THR HA 14 0.08 -11.12 -3.87
C THR HA 14 -0.65 -11.77 -2.69
N PHE HA 15 -1.18 -10.97 -1.77
CA PHE HA 15 -1.68 -11.53 -0.52
C PHE HA 15 -3.09 -12.08 -0.65
N LEU HA 16 -4.01 -11.31 -1.25
CA LEU HA 16 -5.41 -11.74 -1.26
C LEU HA 16 -5.62 -13.07 -1.99
N PRO HA 17 -5.13 -13.27 -3.22
CA PRO HA 17 -5.28 -14.61 -3.82
C PRO HA 17 -4.58 -15.71 -3.05
N ALA HA 18 -3.43 -15.41 -2.45
CA ALA HA 18 -2.72 -16.43 -1.67
C ALA HA 18 -3.55 -16.85 -0.47
N LEU HA 19 -4.14 -15.89 0.25
CA LEU HA 19 -4.99 -16.24 1.38
C LEU HA 19 -6.25 -16.96 0.92
N PHE HA 20 -6.78 -16.60 -0.24
CA PHE HA 20 -7.94 -17.31 -0.78
C PHE HA 20 -7.62 -18.79 -1.02
N LEU HA 21 -6.47 -19.05 -1.63
CA LEU HA 21 -6.07 -20.44 -1.89
C LEU HA 21 -5.78 -21.19 -0.60
N VAL HA 22 -5.11 -20.55 0.35
CA VAL HA 22 -4.85 -21.18 1.64
C VAL HA 22 -6.17 -21.51 2.32
N ASN HA 23 -7.15 -20.62 2.21
CA ASN HA 23 -8.47 -20.87 2.77
C ASN HA 23 -9.11 -22.09 2.15
N LEU HA 24 -9.05 -22.19 0.82
CA LEU HA 24 -9.63 -23.34 0.15
C LEU HA 24 -8.99 -24.63 0.64
N PHE HA 25 -7.66 -24.65 0.72
CA PHE HA 25 -6.99 -25.87 1.15
C PHE HA 25 -7.34 -26.22 2.60
N ILE HA 26 -7.37 -25.22 3.48
CA ILE HA 26 -7.64 -25.49 4.89
C ILE HA 26 -9.04 -26.03 5.06
N GLN HA 27 -10.02 -25.43 4.38
CA GLN HA 27 -11.39 -25.92 4.53
C GLN HA 27 -11.55 -27.31 3.91
N THR HA 28 -10.84 -27.61 2.82
CA THR HA 28 -10.87 -28.96 2.27
C THR HA 28 -10.35 -29.97 3.28
N GLU HA 29 -9.22 -29.65 3.90
CA GLU HA 29 -8.64 -30.58 4.87
C GLU HA 29 -9.53 -30.72 6.10
N ALA HA 30 -10.14 -29.62 6.54
CA ALA HA 30 -11.03 -29.69 7.70
C ALA HA 30 -12.26 -30.55 7.40
N ARG HA 31 -12.85 -30.40 6.21
CA ARG HA 31 -13.96 -31.26 5.84
C ARG HA 31 -13.55 -32.72 5.76
N LYS HA 32 -12.37 -32.98 5.21
CA LYS HA 32 -11.87 -34.35 5.13
C LYS HA 32 -11.68 -34.94 6.52
N ALA HA 33 -11.15 -34.15 7.45
CA ALA HA 33 -10.96 -34.63 8.82
C ALA HA 33 -12.30 -34.84 9.53
N GLY HA 34 -13.27 -33.97 9.25
CA GLY HA 34 -14.58 -34.13 9.86
C GLY HA 34 -15.30 -35.37 9.36
N LYS HA 35 -15.14 -35.70 8.08
CA LYS HA 35 -15.79 -36.88 7.53
C LYS HA 35 -15.33 -38.15 8.21
N ALA HA 36 -14.03 -38.28 8.44
CA ALA HA 36 -13.49 -39.44 9.12
C ALA HA 36 -13.60 -39.26 10.63
N GLY HA 37 -14.25 -40.22 11.29
CA GLY HA 37 -14.35 -40.14 12.74
C GLY HA 37 -12.99 -40.17 13.40
N GLY HA 38 -12.87 -39.44 14.50
CA GLY HA 38 -11.60 -39.36 15.21
C GLY HA 38 -11.66 -38.29 16.27
N GLN HA 39 -10.48 -37.86 16.70
CA GLN HA 39 -10.42 -36.84 17.75
C GLN HA 39 -10.95 -35.50 17.25
N ASP HA 40 -10.71 -35.19 15.97
CA ASP HA 40 -11.31 -34.01 15.37
C ASP HA 40 -12.80 -34.27 15.10
N SER HA 41 -13.64 -33.35 15.54
CA SER HA 41 -15.08 -33.46 15.31
C SER HA 41 -15.41 -33.30 13.84
N UNK IA 1 -50.97 -18.14 -3.68
CA UNK IA 1 -51.42 -16.76 -3.86
C UNK IA 1 -51.97 -16.20 -2.56
N UNK IA 2 -51.15 -16.16 -1.52
CA UNK IA 2 -51.60 -15.67 -0.22
C UNK IA 2 -50.56 -14.83 0.51
N UNK IA 3 -49.44 -14.49 -0.13
CA UNK IA 3 -48.36 -13.82 0.57
C UNK IA 3 -48.64 -12.35 0.82
N UNK IA 4 -49.62 -11.76 0.13
CA UNK IA 4 -50.00 -10.36 0.29
C UNK IA 4 -48.85 -9.41 -0.04
N UNK IA 5 -47.92 -9.86 -0.88
CA UNK IA 5 -46.78 -9.03 -1.30
C UNK IA 5 -46.82 -8.64 -2.76
N UNK IA 6 -47.25 -9.53 -3.65
CA UNK IA 6 -47.16 -9.28 -5.08
C UNK IA 6 -48.14 -8.23 -5.57
N UNK IA 7 -49.19 -7.94 -4.79
CA UNK IA 7 -50.12 -6.88 -5.15
C UNK IA 7 -49.74 -5.53 -4.56
N UNK IA 8 -48.71 -5.50 -3.72
CA UNK IA 8 -48.26 -4.25 -3.12
C UNK IA 8 -46.90 -3.76 -3.62
N UNK IA 9 -46.02 -4.67 -3.97
CA UNK IA 9 -44.73 -4.26 -4.49
C UNK IA 9 -44.95 -3.57 -5.80
N UNK IA 10 -45.94 -4.01 -6.55
CA UNK IA 10 -46.23 -3.40 -7.83
C UNK IA 10 -46.69 -2.00 -7.61
N UNK IA 11 -47.57 -1.81 -6.63
CA UNK IA 11 -48.04 -0.47 -6.32
C UNK IA 11 -46.89 0.42 -5.94
N UNK IA 12 -45.95 -0.13 -5.17
CA UNK IA 12 -44.80 0.64 -4.77
C UNK IA 12 -43.98 1.09 -5.96
N UNK IA 13 -43.72 0.16 -6.87
CA UNK IA 13 -42.97 0.52 -8.05
C UNK IA 13 -43.69 1.62 -8.77
N UNK IA 14 -44.99 1.47 -8.93
CA UNK IA 14 -45.78 2.46 -9.63
C UNK IA 14 -45.64 3.84 -9.01
N UNK IA 15 -45.71 3.91 -7.70
CA UNK IA 15 -45.60 5.18 -7.01
C UNK IA 15 -44.22 5.79 -7.16
N UNK IA 16 -43.17 4.98 -7.04
CA UNK IA 16 -41.84 5.55 -7.26
C UNK IA 16 -41.77 6.10 -8.65
N UNK IA 17 -42.37 5.40 -9.60
CA UNK IA 17 -42.31 5.82 -10.98
C UNK IA 17 -43.02 7.13 -11.19
N UNK IA 18 -44.16 7.29 -10.56
CA UNK IA 18 -44.92 8.51 -10.72
C UNK IA 18 -44.16 9.65 -10.11
N UNK IA 19 -43.52 9.39 -8.97
CA UNK IA 19 -42.70 10.44 -8.39
C UNK IA 19 -41.62 10.85 -9.38
N UNK IA 20 -40.94 9.88 -9.98
CA UNK IA 20 -39.93 10.18 -10.99
C UNK IA 20 -40.36 11.23 -11.98
N UNK IA 21 -41.56 11.13 -12.52
CA UNK IA 21 -42.07 12.17 -13.42
C UNK IA 21 -42.53 13.39 -12.63
N UNK IA 22 -41.78 13.74 -11.59
CA UNK IA 22 -42.07 14.94 -10.82
C UNK IA 22 -42.01 16.19 -11.70
N UNK IA 23 -40.94 16.33 -12.47
CA UNK IA 23 -40.86 17.43 -13.42
C UNK IA 23 -41.88 17.24 -14.53
N UNK IA 24 -42.36 18.36 -15.07
CA UNK IA 24 -43.50 18.31 -15.98
C UNK IA 24 -43.20 17.47 -17.23
N UNK IA 25 -42.01 17.62 -17.78
CA UNK IA 25 -41.62 16.94 -19.01
C UNK IA 25 -40.11 17.06 -19.15
N UNK IA 26 -39.60 16.68 -20.32
CA UNK IA 26 -38.18 16.84 -20.60
C UNK IA 26 -37.78 18.29 -20.46
N UNK IA 27 -36.69 18.53 -19.73
CA UNK IA 27 -36.14 19.87 -19.50
C UNK IA 27 -37.17 20.82 -18.87
N UNK IA 28 -38.11 20.27 -18.11
CA UNK IA 28 -39.10 21.11 -17.43
C UNK IA 28 -38.61 21.63 -16.09
N UNK IA 29 -37.48 21.14 -15.59
CA UNK IA 29 -36.90 21.62 -14.34
C UNK IA 29 -35.39 21.86 -14.48
N UNK IA 30 -34.89 21.92 -15.72
CA UNK IA 30 -33.47 22.16 -15.95
C UNK IA 30 -33.25 23.59 -16.42
N LEU JA 1 64.72 -4.07 -9.36
CA LEU JA 1 65.95 -4.38 -10.07
C LEU JA 1 66.21 -3.26 -11.07
N THR JA 2 67.49 -3.11 -11.43
CA THR JA 2 67.89 -2.03 -12.31
C THR JA 2 67.63 -2.38 -13.77
N LYS JA 3 67.70 -1.35 -14.62
CA LYS JA 3 67.44 -1.54 -16.05
C LYS JA 3 68.44 -2.50 -16.68
N SER JA 4 69.69 -2.48 -16.23
CA SER JA 4 70.69 -3.40 -16.73
C SER JA 4 70.34 -4.85 -16.41
N GLN JA 5 69.54 -5.09 -15.38
CA GLN JA 5 69.10 -6.44 -15.06
C GLN JA 5 67.83 -6.83 -15.81
N ILE JA 6 66.91 -5.88 -16.03
CA ILE JA 6 65.70 -6.21 -16.77
C ILE JA 6 66.03 -6.47 -18.24
N ASN JA 7 67.03 -5.77 -18.78
CA ASN JA 7 67.40 -5.99 -20.17
C ASN JA 7 67.93 -7.39 -20.41
N GLU JA 8 68.41 -8.05 -19.36
CA GLU JA 8 68.83 -9.44 -19.50
C GLU JA 8 67.63 -10.36 -19.67
N LEU JA 9 66.54 -10.07 -18.97
CA LEU JA 9 65.35 -10.91 -19.05
C LEU JA 9 64.68 -10.78 -20.42
N SER JA 10 64.20 -11.89 -20.93
CA SER JA 10 63.44 -11.87 -22.18
C SER JA 10 61.96 -11.58 -21.89
N TYR JA 11 61.21 -11.31 -22.95
CA TYR JA 11 59.82 -10.94 -22.79
C TYR JA 11 59.00 -12.07 -22.19
N LEU JA 12 59.28 -13.31 -22.59
CA LEU JA 12 58.53 -14.45 -22.05
C LEU JA 12 58.74 -14.58 -20.55
N GLN JA 13 59.95 -14.30 -20.06
CA GLN JA 13 60.22 -14.40 -18.63
C GLN JA 13 59.55 -13.29 -17.84
N VAL JA 14 59.12 -12.22 -18.49
CA VAL JA 14 58.55 -11.09 -17.77
C VAL JA 14 57.03 -11.07 -17.77
N LYS JA 15 56.43 -11.53 -18.85
CA LYS JA 15 54.98 -11.48 -18.96
C LYS JA 15 54.30 -12.05 -17.74
N GLY JA 16 53.26 -11.38 -17.26
CA GLY JA 16 52.52 -11.88 -16.13
C GLY JA 16 53.14 -11.61 -14.79
N THR JA 17 54.47 -11.55 -14.73
CA THR JA 17 55.13 -11.39 -13.45
C THR JA 17 54.70 -10.11 -12.74
N GLY JA 18 54.26 -9.10 -13.49
CA GLY JA 18 53.83 -7.85 -12.92
C GLY JA 18 54.93 -6.85 -12.65
N LEU JA 19 56.15 -7.11 -13.09
CA LEU JA 19 57.24 -6.15 -12.90
C LEU JA 19 57.36 -5.15 -14.04
N ALA JA 20 56.45 -5.21 -15.02
CA ALA JA 20 56.46 -4.20 -16.08
C ALA JA 20 56.15 -2.82 -15.53
N ASN JA 21 55.36 -2.72 -14.46
CA ASN JA 21 55.08 -1.43 -13.84
C ASN JA 21 56.23 -0.92 -13.00
N ARG JA 22 57.03 -1.82 -12.43
CA ARG JA 22 58.06 -1.41 -11.49
C ARG JA 22 59.09 -0.52 -12.18
N CYS JA 23 59.62 0.43 -11.41
CA CYS JA 23 60.66 1.33 -11.88
C CYS JA 23 62.03 0.79 -11.47
N ALA JA 24 62.97 0.84 -12.39
CA ALA JA 24 64.32 0.39 -12.09
C ALA JA 24 64.96 1.27 -11.03
N GLU JA 25 65.71 0.64 -10.13
CA GLU JA 25 66.43 1.39 -9.11
C GLU JA 25 67.75 1.91 -9.66
N VAL JA 26 68.35 2.83 -8.92
CA VAL JA 26 69.64 3.42 -9.27
C VAL JA 26 70.56 3.29 -8.07
N VAL JA 27 71.82 2.93 -8.34
CA VAL JA 27 72.80 2.69 -7.30
C VAL JA 27 74.02 3.56 -7.55
N GLY JA 28 74.80 3.78 -6.49
CA GLY JA 28 76.07 4.47 -6.62
C GLY JA 28 75.96 5.99 -6.72
N GLU JA 29 75.50 6.63 -5.65
CA GLU JA 29 75.28 8.08 -5.64
C GLU JA 29 76.46 8.84 -6.22
N ASP JA 30 76.17 9.72 -7.17
CA ASP JA 30 77.19 10.49 -7.88
C ASP JA 30 76.51 11.71 -8.49
N SER JA 31 77.31 12.57 -9.12
CA SER JA 31 76.83 13.80 -9.74
C SER JA 31 76.97 13.72 -11.25
N ILE JA 32 75.93 14.16 -11.96
CA ILE JA 32 75.91 14.08 -13.41
C ILE JA 32 76.53 15.32 -14.05
N LYS JA 33 76.10 16.51 -13.61
CA LYS JA 33 76.52 17.79 -14.19
C LYS JA 33 76.19 17.79 -15.68
N PRO JA 34 74.90 17.87 -16.05
CA PRO JA 34 74.52 17.70 -17.44
C PRO JA 34 75.09 18.79 -18.34
N LYS JA 35 75.47 18.38 -19.54
CA LYS JA 35 75.86 19.34 -20.57
C LYS JA 35 74.62 20.01 -21.13
N PRO JA 36 74.61 21.34 -21.30
CA PRO JA 36 73.42 22.02 -21.83
C PRO JA 36 73.04 21.51 -23.20
N GLY JA 37 71.73 21.30 -23.40
CA GLY JA 37 71.22 20.69 -24.60
C GLY JA 37 70.86 19.23 -24.45
N ALA JA 38 71.28 18.59 -23.37
CA ALA JA 38 70.93 17.20 -23.12
C ALA JA 38 69.49 17.09 -22.63
N LYS JA 39 68.98 15.86 -22.61
CA LYS JA 39 67.58 15.64 -22.31
C LYS JA 39 67.40 14.25 -21.72
N LEU JA 40 66.25 14.04 -21.06
CA LEU JA 40 65.94 12.79 -20.40
C LEU JA 40 65.24 11.87 -21.39
N VAL JA 41 65.93 10.80 -21.81
CA VAL JA 41 65.38 9.90 -22.81
C VAL JA 41 64.24 9.06 -22.23
N ASP JA 42 64.39 8.59 -21.00
CA ASP JA 42 63.37 7.78 -20.37
C ASP JA 42 63.02 8.36 -19.03
N MET JA 43 61.78 8.13 -18.59
CA MET JA 43 61.32 8.64 -17.30
C MET JA 43 60.09 7.86 -16.90
N CYS JA 44 60.19 7.15 -15.78
CA CYS JA 44 59.08 6.36 -15.25
C CYS JA 44 58.62 6.97 -13.94
N ILE JA 45 57.31 7.20 -13.81
CA ILE JA 45 56.71 7.75 -12.61
C ILE JA 45 55.77 6.69 -12.07
N GLU JA 46 56.12 6.11 -10.92
CA GLU JA 46 55.30 5.07 -10.33
C GLU JA 46 54.68 5.56 -9.03
N PRO JA 47 53.36 5.62 -8.93
CA PRO JA 47 52.73 5.97 -7.65
C PRO JA 47 52.73 4.77 -6.71
N LYS JA 48 53.17 5.00 -5.47
CA LYS JA 48 53.17 3.95 -4.46
C LYS JA 48 52.01 4.05 -3.48
N ALA JA 49 51.36 5.21 -3.41
CA ALA JA 49 50.27 5.41 -2.46
C ALA JA 49 49.37 6.53 -2.96
N TRP JA 50 48.06 6.32 -2.82
CA TRP JA 50 47.06 7.28 -3.27
C TRP JA 50 46.22 7.74 -2.11
N ALA JA 51 45.76 8.98 -2.16
CA ALA JA 51 44.90 9.54 -1.12
C ALA JA 51 44.03 10.62 -1.73
N VAL JA 52 42.84 10.78 -1.17
CA VAL JA 52 41.86 11.74 -1.67
C VAL JA 52 41.48 12.67 -0.52
N GLU JA 53 41.43 13.97 -0.80
CA GLU JA 53 41.02 14.94 0.21
C GLU JA 53 39.57 14.69 0.62
N GLU JA 54 39.35 14.59 1.93
CA GLU JA 54 38.03 14.28 2.46
C GLU JA 54 37.84 14.99 3.79
N GLU JA 55 36.59 15.04 4.23
CA GLU JA 55 36.23 15.61 5.53
C GLU JA 55 35.90 14.49 6.50
N VAL JA 56 36.55 14.50 7.66
CA VAL JA 56 36.35 13.47 8.67
C VAL JA 56 36.57 14.09 10.04
N GLY JA 57 35.75 13.68 11.00
CA GLY JA 57 35.81 14.23 12.35
C GLY JA 57 36.61 13.33 13.28
N LYS JA 58 37.56 13.93 13.99
CA LYS JA 58 38.40 13.20 14.93
C LYS JA 58 37.79 13.16 16.33
N ALA JA 59 37.57 14.32 16.93
CA ALA JA 59 37.03 14.42 18.28
C ALA JA 59 35.94 15.48 18.33
N GLY JA 60 35.01 15.41 17.37
CA GLY JA 60 33.95 16.40 17.28
C GLY JA 60 34.26 17.59 16.40
N LYS JA 61 35.38 17.58 15.69
CA LYS JA 61 35.74 18.65 14.78
C LYS JA 61 36.16 18.04 13.45
N THR JA 62 35.70 18.62 12.35
CA THR JA 62 35.98 18.13 11.02
C THR JA 62 36.98 19.04 10.32
N GLU JA 63 37.90 18.44 9.58
CA GLU JA 63 38.93 19.19 8.88
C GLU JA 63 39.33 18.45 7.62
N LYS JA 64 39.85 19.20 6.65
CA LYS JA 64 40.28 18.63 5.39
C LYS JA 64 41.49 17.72 5.60
N LYS JA 65 41.32 16.43 5.36
CA LYS JA 65 42.39 15.47 5.50
C LYS JA 65 42.42 14.56 4.28
N PHE JA 66 43.59 14.05 3.94
CA PHE JA 66 43.70 13.19 2.79
C PHE JA 66 43.57 11.75 3.25
N VAL JA 67 42.47 11.10 2.89
CA VAL JA 67 42.23 9.73 3.30
C VAL JA 67 42.77 8.73 2.28
N ASN JA 68 43.33 7.61 2.75
CA ASN JA 68 43.89 6.62 1.84
C ASN JA 68 42.81 5.94 1.01
N SER JA 69 43.22 5.24 -0.04
CA SER JA 69 42.25 4.59 -0.91
C SER JA 69 42.89 3.54 -1.82
N LYS JA 70 42.26 2.39 -1.94
CA LYS JA 70 42.79 1.31 -2.77
C LYS JA 70 42.40 1.50 -4.23
N VAL JA 71 43.32 1.17 -5.12
CA VAL JA 71 43.12 1.38 -6.55
C VAL JA 71 42.33 0.21 -7.12
N MET JA 72 41.35 0.53 -7.96
CA MET JA 72 40.47 -0.46 -8.56
C MET JA 72 41.04 -1.02 -9.86
N THR JA 73 41.65 -0.17 -10.68
CA THR JA 73 42.34 -0.65 -11.87
C THR JA 73 43.59 -1.43 -11.47
N ARG JA 74 43.88 -2.50 -12.19
CA ARG JA 74 44.82 -3.49 -11.66
C ARG JA 74 46.26 -2.99 -11.63
N GLN JA 75 46.87 -2.81 -12.80
CA GLN JA 75 48.28 -2.47 -12.88
C GLN JA 75 48.55 -1.47 -14.00
N THR JA 76 47.72 -0.43 -14.09
CA THR JA 76 47.79 0.52 -15.18
C THR JA 76 48.49 1.83 -14.81
N TYR JA 77 48.59 2.14 -13.51
CA TYR JA 77 48.85 3.52 -13.10
C TYR JA 77 50.21 4.03 -13.56
N THR JA 78 51.22 3.17 -13.66
CA THR JA 78 52.58 3.64 -13.87
C THR JA 78 52.75 4.29 -15.24
N LEU JA 79 53.45 5.43 -15.25
CA LEU JA 79 53.86 6.10 -16.48
C LEU JA 79 55.30 5.72 -16.80
N ASP JA 80 55.65 5.78 -18.08
CA ASP JA 80 57.02 5.46 -18.49
C ASP JA 80 57.30 6.09 -19.84
N ALA JA 81 58.60 6.11 -20.18
CA ALA JA 81 59.08 6.60 -21.47
C ALA JA 81 58.67 8.05 -21.72
N ILE JA 82 58.91 8.90 -20.72
CA ILE JA 82 58.68 10.33 -20.84
C ILE JA 82 59.98 10.99 -21.24
N GLU JA 83 59.91 11.87 -22.24
CA GLU JA 83 61.10 12.56 -22.71
C GLU JA 83 60.91 14.05 -22.66
N GLY JA 84 61.97 14.79 -22.34
CA GLY JA 84 61.88 16.23 -22.26
C GLY JA 84 63.24 16.89 -22.27
N PRO JA 85 63.33 18.12 -22.79
CA PRO JA 85 64.62 18.80 -22.90
C PRO JA 85 65.03 19.53 -21.64
N ILE JA 86 66.22 19.23 -21.13
CA ILE JA 86 66.72 19.91 -19.97
C ILE JA 86 67.45 21.17 -20.39
N THR JA 87 67.12 22.30 -19.77
CA THR JA 87 67.78 23.55 -20.10
C THR JA 87 68.27 24.27 -18.85
N VAL JA 88 69.08 25.31 -19.03
CA VAL JA 88 69.59 26.06 -17.89
C VAL JA 88 69.43 27.56 -18.11
N ASP JA 89 68.41 28.16 -17.52
CA ASP JA 89 68.13 29.58 -17.70
C ASP JA 89 69.13 30.44 -16.94
N GLY JA 90 69.17 30.28 -15.61
CA GLY JA 90 70.11 31.00 -14.78
C GLY JA 90 70.95 30.05 -13.95
N GLY JA 91 71.36 28.94 -14.55
CA GLY JA 91 72.00 27.89 -13.79
C GLY JA 91 71.04 26.97 -13.09
N LYS JA 92 69.81 26.87 -13.59
CA LYS JA 92 68.77 26.04 -12.99
C LYS JA 92 68.29 25.02 -14.02
N ILE JA 93 68.18 23.77 -13.60
CA ILE JA 93 67.75 22.70 -14.48
C ILE JA 93 66.23 22.77 -14.63
N THR JA 94 65.75 22.74 -15.88
CA THR JA 94 64.33 22.76 -16.19
C THR JA 94 64.00 21.57 -17.06
N PHE JA 95 63.08 20.72 -16.60
CA PHE JA 95 62.78 19.49 -17.32
C PHE JA 95 62.01 19.77 -18.61
N SER JA 96 60.93 20.53 -18.52
CA SER JA 96 60.09 20.81 -19.70
C SER JA 96 59.67 19.56 -20.47
N GLU JA 97 58.67 18.84 -19.98
CA GLU JA 97 58.22 17.62 -20.64
C GLU JA 97 57.82 17.93 -22.06
N LYS JA 98 58.05 16.99 -22.96
CA LYS JA 98 57.75 17.23 -24.37
C LYS JA 98 56.89 16.15 -25.01
N GLU JA 99 57.09 14.90 -24.62
CA GLU JA 99 56.36 13.81 -25.25
C GLU JA 99 56.60 12.50 -24.55
N GLY JA 100 55.69 11.56 -24.72
CA GLY JA 100 55.85 10.26 -24.12
C GLY JA 100 54.59 9.84 -23.41
N ILE JA 101 54.55 8.59 -22.98
CA ILE JA 101 53.37 8.10 -22.28
C ILE JA 101 53.31 8.79 -20.93
N ASP JA 102 52.41 9.76 -20.79
CA ASP JA 102 52.37 10.58 -19.59
C ASP JA 102 51.00 10.62 -18.91
N TYR JA 103 49.93 10.19 -19.57
CA TYR JA 103 48.63 10.04 -18.94
C TYR JA 103 48.40 8.58 -18.59
N ALA JA 104 47.49 8.36 -17.64
CA ALA JA 104 47.11 7.00 -17.25
C ALA JA 104 45.78 7.07 -16.53
N ALA JA 105 44.75 6.47 -17.12
CA ALA JA 105 43.46 6.41 -16.46
C ALA JA 105 43.56 5.55 -15.21
N THR JA 106 43.00 6.03 -14.10
CA THR JA 106 43.07 5.32 -12.84
C THR JA 106 41.81 5.58 -12.03
N THR JA 107 41.29 4.54 -11.40
CA THR JA 107 40.13 4.64 -10.53
C THR JA 107 40.52 4.14 -9.14
N VAL JA 108 40.11 4.89 -8.11
CA VAL JA 108 40.44 4.57 -6.74
C VAL JA 108 39.16 4.66 -5.91
N GLN JA 109 39.02 3.78 -4.93
CA GLN JA 109 37.78 3.65 -4.17
C GLN JA 109 38.00 4.10 -2.73
N LEU JA 110 37.24 5.10 -2.31
CA LEU JA 110 37.30 5.64 -0.97
C LEU JA 110 36.60 4.73 0.02
N PRO JA 111 36.89 4.87 1.32
CA PRO JA 111 36.05 4.21 2.33
C PRO JA 111 34.61 4.68 2.20
N GLY JA 112 33.69 3.73 2.31
CA GLY JA 112 32.28 4.01 2.12
C GLY JA 112 31.74 3.69 0.74
N GLY JA 113 32.56 3.09 -0.13
CA GLY JA 113 32.12 2.69 -1.45
C GLY JA 113 32.22 3.75 -2.53
N GLU JA 114 32.72 4.93 -2.21
CA GLU JA 114 32.84 5.99 -3.21
C GLU JA 114 33.99 5.68 -4.17
N ARG JA 115 33.71 5.79 -5.46
CA ARG JA 115 34.70 5.53 -6.51
C ARG JA 115 35.09 6.85 -7.13
N VAL JA 116 36.38 7.15 -7.14
CA VAL JA 116 36.91 8.41 -7.64
C VAL JA 116 37.86 8.13 -8.79
N PRO JA 117 37.40 8.27 -10.03
CA PRO JA 117 38.31 8.16 -11.17
C PRO JA 117 39.05 9.46 -11.40
N PHE JA 118 40.28 9.33 -11.86
CA PHE JA 118 41.11 10.51 -12.14
C PHE JA 118 42.15 10.14 -13.18
N LEU JA 119 42.68 11.17 -13.82
CA LEU JA 119 43.68 11.02 -14.88
C LEU JA 119 45.04 11.38 -14.29
N PHE JA 120 45.85 10.36 -14.01
CA PHE JA 120 47.20 10.59 -13.47
C PHE JA 120 48.11 10.96 -14.63
N THR JA 121 48.45 12.23 -14.74
CA THR JA 121 49.17 12.72 -15.90
C THR JA 121 50.28 13.68 -15.48
N VAL JA 122 51.26 13.81 -16.38
CA VAL JA 122 52.31 14.82 -16.25
C VAL JA 122 52.44 15.45 -17.65
N LYS JA 123 51.73 16.56 -17.86
CA LYS JA 123 51.69 17.21 -19.17
C LYS JA 123 52.06 18.67 -19.03
N ASP JA 124 52.87 19.15 -19.97
CA ASP JA 124 53.34 20.54 -19.96
C ASP JA 124 54.07 20.86 -18.66
N LEU JA 125 54.82 19.88 -18.15
CA LEU JA 125 55.57 20.08 -16.92
C LEU JA 125 56.71 21.07 -17.14
N VAL JA 126 56.97 21.89 -16.14
CA VAL JA 126 58.08 22.83 -16.14
C VAL JA 126 58.76 22.72 -14.77
N ALA JA 127 59.85 21.95 -14.70
CA ALA JA 127 60.58 21.80 -13.45
C ALA JA 127 61.51 22.97 -13.24
N LYS JA 128 61.87 23.24 -12.00
CA LYS JA 128 62.82 24.29 -11.72
C LYS JA 128 63.77 23.81 -10.65
N GLY JA 129 64.83 23.13 -11.07
CA GLY JA 129 65.77 22.58 -10.11
C GLY JA 129 66.41 23.58 -9.19
N ASN JA 130 67.06 23.08 -8.14
CA ASN JA 130 67.72 23.96 -7.19
C ASN JA 130 69.18 24.11 -7.53
N GLY JA 131 69.53 23.96 -8.79
CA GLY JA 131 70.91 24.12 -9.21
C GLY JA 131 71.18 23.53 -10.56
N ASP JA 132 72.22 22.72 -10.64
CA ASP JA 132 72.55 22.07 -11.90
C ASP JA 132 72.75 20.59 -11.74
N THR JA 133 73.99 20.17 -11.58
CA THR JA 133 74.27 18.75 -11.47
C THR JA 133 73.19 17.97 -10.78
N PHE JA 134 72.64 16.98 -11.46
CA PHE JA 134 71.66 16.14 -10.83
C PHE JA 134 72.44 15.35 -9.81
N LYS JA 135 72.45 15.81 -8.57
CA LYS JA 135 73.26 15.15 -7.56
C LYS JA 135 72.41 14.80 -6.34
N PRO JA 136 72.81 13.76 -5.63
CA PRO JA 136 72.06 13.35 -4.45
C PRO JA 136 71.58 14.55 -3.67
N GLY JA 137 70.28 14.68 -3.50
CA GLY JA 137 69.68 15.78 -2.75
C GLY JA 137 69.05 16.84 -3.62
N PHE JA 138 68.98 16.63 -4.93
CA PHE JA 138 68.41 17.59 -5.86
C PHE JA 138 66.89 17.60 -5.77
N GLN JA 139 66.30 18.75 -6.09
CA GLN JA 139 64.85 18.92 -6.09
C GLN JA 139 64.43 19.66 -7.35
N MET JA 140 63.30 19.26 -7.92
CA MET JA 140 62.85 19.82 -9.19
C MET JA 140 61.55 20.62 -9.05
N GLY JA 141 60.49 20.01 -8.56
CA GLY JA 141 59.22 20.71 -8.47
C GLY JA 141 58.67 21.02 -9.86
N GLY JA 142 57.60 21.80 -9.87
CA GLY JA 142 56.98 22.27 -11.11
C GLY JA 142 55.47 22.12 -11.09
N ASP JA 143 54.86 22.58 -12.17
CA ASP JA 143 53.42 22.56 -12.35
C ASP JA 143 53.08 21.89 -13.67
N PHE JA 144 51.88 21.34 -13.74
CA PHE JA 144 51.41 20.68 -14.95
C PHE JA 144 49.89 20.81 -15.02
N ASN JA 145 49.36 20.62 -16.23
CA ASN JA 145 47.92 20.63 -16.45
C ASN JA 145 47.41 19.23 -16.75
N THR JA 146 46.16 18.98 -16.40
CA THR JA 146 45.53 17.70 -16.61
C THR JA 146 44.38 17.85 -17.60
N PRO JA 147 44.42 17.15 -18.74
CA PRO JA 147 43.31 17.26 -19.69
C PRO JA 147 42.04 16.64 -19.16
N SER JA 148 40.95 16.77 -19.91
CA SER JA 148 39.68 16.18 -19.50
C SER JA 148 39.79 14.66 -19.51
N TYR JA 149 39.19 14.04 -18.50
CA TYR JA 149 39.21 12.58 -18.41
C TYR JA 149 38.50 11.94 -19.59
N ARG JA 150 37.37 12.51 -20.00
CA ARG JA 150 36.63 12.08 -21.18
C ARG JA 150 36.78 13.13 -22.27
N THR JA 151 37.08 12.69 -23.48
CA THR JA 151 37.26 13.61 -24.59
C THR JA 151 35.90 13.90 -25.25
N GLY JA 152 35.91 14.66 -26.35
CA GLY JA 152 34.68 15.07 -26.97
C GLY JA 152 33.91 13.92 -27.60
N LEU JA 153 34.60 12.85 -27.99
CA LEU JA 153 33.96 11.75 -28.69
C LEU JA 153 33.22 10.81 -27.76
N PHE JA 154 33.30 11.02 -26.44
CA PHE JA 154 32.61 10.15 -25.50
C PHE JA 154 31.11 10.45 -25.50
N LEU JA 155 30.31 9.38 -25.38
CA LEU JA 155 28.86 9.49 -25.36
C LEU JA 155 28.32 9.07 -24.00
N ASP JA 156 27.39 9.86 -23.48
CA ASP JA 156 26.72 9.51 -22.24
C ASP JA 156 25.80 8.31 -22.45
N PRO JA 157 25.40 7.64 -21.37
CA PRO JA 157 24.48 6.50 -21.51
C PRO JA 157 23.21 6.84 -22.26
N LYS JA 158 22.75 8.09 -22.21
CA LYS JA 158 21.59 8.50 -22.98
C LYS JA 158 21.94 8.92 -24.40
N GLY JA 159 23.21 8.87 -24.78
CA GLY JA 159 23.62 9.21 -26.13
C GLY JA 159 24.05 10.65 -26.33
N ARG JA 160 24.28 11.40 -25.26
CA ARG JA 160 24.68 12.80 -25.36
C ARG JA 160 26.19 12.93 -25.18
N GLY JA 161 26.79 13.77 -26.01
CA GLY JA 161 28.22 14.02 -25.95
C GLY JA 161 28.53 15.41 -26.44
N GLY JA 162 29.81 15.77 -26.37
CA GLY JA 162 30.23 17.10 -26.77
C GLY JA 162 30.38 17.29 -28.26
N THR JA 163 31.29 16.57 -28.88
CA THR JA 163 31.50 16.67 -30.32
C THR JA 163 30.43 15.94 -31.11
N THR JA 164 29.86 14.89 -30.54
CA THR JA 164 28.86 14.09 -31.22
C THR JA 164 27.79 13.67 -30.22
N GLY JA 165 26.62 13.33 -30.74
CA GLY JA 165 25.52 12.84 -29.94
C GLY JA 165 24.37 13.83 -29.87
N TYR JA 166 23.30 13.38 -29.23
CA TYR JA 166 22.11 14.21 -29.08
C TYR JA 166 22.42 15.43 -28.22
N ASP JA 167 21.83 16.56 -28.58
CA ASP JA 167 21.95 17.77 -27.78
C ASP JA 167 20.97 17.81 -26.62
N MET JA 168 19.98 16.93 -26.60
CA MET JA 168 18.98 16.91 -25.54
C MET JA 168 18.66 15.47 -25.17
N ALA JA 169 17.80 15.33 -24.16
CA ALA JA 169 17.40 14.00 -23.66
C ALA JA 169 16.18 13.53 -24.45
N VAL JA 170 16.43 12.77 -25.51
CA VAL JA 170 15.37 12.34 -26.41
C VAL JA 170 14.36 11.43 -25.73
N ALA JA 171 14.73 10.83 -24.59
CA ALA JA 171 13.81 9.93 -23.90
C ALA JA 171 12.64 10.66 -23.29
N LEU JA 172 12.73 11.97 -23.10
CA LEU JA 172 11.69 12.76 -22.44
C LEU JA 172 11.24 13.88 -23.37
N PRO JA 173 10.28 13.60 -24.26
CA PRO JA 173 9.84 14.64 -25.20
C PRO JA 173 8.93 15.68 -24.60
N ALA JA 174 8.34 15.42 -23.43
CA ALA JA 174 7.48 16.42 -22.80
C ALA JA 174 8.28 17.58 -22.22
N LEU JA 175 9.59 17.40 -22.03
CA LEU JA 175 10.42 18.51 -21.58
C LEU JA 175 10.53 19.57 -22.67
N GLN JA 176 10.41 19.18 -23.93
CA GLN JA 176 10.23 20.13 -25.02
C GLN JA 176 8.79 20.60 -25.02
N LEU JA 177 8.38 21.26 -26.11
CA LEU JA 177 7.00 21.71 -26.28
C LEU JA 177 6.56 22.61 -25.14
N GLY JA 178 7.50 23.32 -24.54
CA GLY JA 178 7.17 24.26 -23.49
C GLY JA 178 8.15 25.42 -23.48
N GLU JA 179 7.72 26.60 -23.90
CA GLU JA 179 8.61 27.77 -23.97
C GLU JA 179 10.01 27.54 -23.39
N GLU JA 180 10.13 27.60 -22.06
CA GLU JA 180 11.41 27.30 -21.44
C GLU JA 180 11.53 25.79 -21.29
N GLY JA 181 11.99 25.13 -22.34
CA GLY JA 181 12.04 23.67 -22.31
C GLY JA 181 13.04 23.08 -21.36
N ASP JA 182 13.90 22.21 -21.88
CA ASP JA 182 14.89 21.56 -21.04
C ASP JA 182 15.89 22.57 -20.50
N ALA JA 183 15.68 23.00 -19.26
CA ALA JA 183 16.61 23.93 -18.65
C ALA JA 183 17.25 23.28 -17.44
N GLU JA 184 16.43 22.80 -16.51
CA GLU JA 184 16.96 22.09 -15.36
C GLU JA 184 17.89 21.04 -15.86
N LEU JA 185 17.64 20.57 -17.07
CA LEU JA 185 18.46 19.55 -17.71
C LEU JA 185 19.59 20.14 -18.52
N PHE JA 186 19.71 21.47 -18.59
CA PHE JA 186 20.76 22.08 -19.38
C PHE JA 186 22.14 21.83 -18.77
N GLY JA 187 22.22 21.75 -17.45
CA GLY JA 187 23.50 21.48 -16.82
C GLY JA 187 24.10 20.15 -17.23
N GLU JA 188 23.26 19.17 -17.57
CA GLU JA 188 23.72 17.86 -18.00
C GLU JA 188 23.74 17.69 -19.50
N ASN JA 189 22.87 18.39 -20.23
CA ASN JA 189 22.89 18.30 -21.69
C ASN JA 189 24.15 18.97 -22.24
N ASN JA 190 24.60 20.05 -21.61
CA ASN JA 190 25.79 20.75 -22.05
C ASN JA 190 27.04 20.08 -21.49
N LYS JA 191 27.95 19.70 -22.37
CA LYS JA 191 29.19 19.04 -22.01
C LYS JA 191 30.33 20.04 -22.14
N VAL JA 192 30.97 20.36 -21.02
CA VAL JA 192 32.10 21.29 -21.00
C VAL JA 192 33.38 20.52 -20.72
N PHE JA 193 34.47 21.00 -21.29
CA PHE JA 193 35.77 20.36 -21.16
C PHE JA 193 36.77 21.42 -20.69
N ASP JA 194 37.26 21.27 -19.47
CA ASP JA 194 38.18 22.23 -18.88
C ASP JA 194 39.43 21.50 -18.40
N ILE JA 195 40.58 22.15 -18.56
CA ILE JA 195 41.84 21.60 -18.09
C ILE JA 195 42.08 22.04 -16.67
N THR JA 196 42.63 21.15 -15.86
CA THR JA 196 42.92 21.44 -14.47
C THR JA 196 44.41 21.69 -14.30
N GLN JA 197 44.85 21.82 -13.06
CA GLN JA 197 46.26 22.06 -12.73
C GLN JA 197 46.72 21.04 -11.72
N GLY JA 198 47.97 20.63 -11.84
CA GLY JA 198 48.57 19.72 -10.90
C GLY JA 198 49.95 20.19 -10.49
N ARG JA 199 50.30 19.93 -9.23
CA ARG JA 199 51.58 20.32 -8.66
C ARG JA 199 52.35 19.05 -8.31
N ILE JA 200 53.59 18.96 -8.80
CA ILE JA 200 54.45 17.82 -8.51
C ILE JA 200 55.76 18.34 -7.94
N GLU JA 201 56.33 17.58 -7.02
CA GLU JA 201 57.58 17.96 -6.37
C GLU JA 201 58.46 16.71 -6.32
N MET JA 202 59.56 16.74 -7.06
CA MET JA 202 60.43 15.58 -7.22
C MET JA 202 61.75 15.83 -6.51
N GLU JA 203 62.12 14.89 -5.64
CA GLU JA 203 63.40 14.95 -4.94
C GLU JA 203 64.28 13.82 -5.43
N VAL JA 204 65.51 14.15 -5.81
CA VAL JA 204 66.41 13.16 -6.37
C VAL JA 204 67.14 12.42 -5.24
N ASN JA 205 67.59 11.22 -5.57
CA ASN JA 205 68.24 10.31 -4.62
C ASN JA 205 69.44 9.74 -5.35
N LYS JA 206 69.95 8.60 -4.88
CA LYS JA 206 71.13 7.95 -5.46
C LYS JA 206 71.13 8.06 -6.98
N VAL JA 207 72.24 8.58 -7.52
CA VAL JA 207 72.38 8.89 -8.93
C VAL JA 207 73.61 8.16 -9.47
N ASN JA 208 73.42 7.39 -10.54
CA ASN JA 208 74.51 6.68 -11.19
C ASN JA 208 75.09 7.55 -12.30
N ALA JA 209 76.41 7.71 -12.30
CA ALA JA 209 77.09 8.50 -13.30
C ALA JA 209 77.56 7.69 -14.49
N GLU JA 210 77.94 6.42 -14.27
CA GLU JA 210 78.42 5.59 -15.36
C GLU JA 210 77.32 5.33 -16.39
N ASP JA 211 76.13 5.01 -15.92
CA ASP JA 211 74.99 4.77 -16.80
C ASP JA 211 74.15 6.01 -17.04
N SER JA 212 74.49 7.13 -16.40
CA SER JA 212 73.76 8.39 -16.55
C SER JA 212 72.28 8.20 -16.25
N GLU JA 213 71.99 7.67 -15.07
CA GLU JA 213 70.62 7.44 -14.62
C GLU JA 213 70.43 8.09 -13.25
N ILE JA 214 69.23 8.61 -13.02
CA ILE JA 214 68.89 9.27 -11.76
C ILE JA 214 67.60 8.65 -11.23
N GLY JA 215 67.50 8.55 -9.91
CA GLY JA 215 66.31 8.04 -9.28
C GLY JA 215 66.02 8.79 -8.00
N GLY JA 216 64.76 8.76 -7.59
CA GLY JA 216 64.37 9.48 -6.41
C GLY JA 216 62.92 9.28 -6.08
N VAL JA 217 62.38 10.23 -5.31
CA VAL JA 217 61.03 10.14 -4.75
C VAL JA 217 60.28 11.41 -5.12
N PHE JA 218 59.02 11.25 -5.55
CA PHE JA 218 58.19 12.37 -5.96
C PHE JA 218 56.94 12.42 -5.09
N VAL JA 219 56.37 13.63 -5.00
CA VAL JA 219 55.09 13.86 -4.37
C VAL JA 219 54.27 14.74 -5.30
N ALA JA 220 53.08 14.28 -5.66
CA ALA JA 220 52.23 14.98 -6.61
C ALA JA 220 50.83 15.15 -6.04
N THR JA 221 50.20 16.28 -6.35
CA THR JA 221 48.81 16.53 -6.00
C THR JA 221 48.09 17.04 -7.24
N GLN JA 222 47.18 16.23 -7.75
CA GLN JA 222 46.49 16.51 -9.00
C GLN JA 222 45.00 16.65 -8.75
N LEU JA 223 44.35 17.44 -9.59
CA LEU JA 223 42.91 17.60 -9.54
C LEU JA 223 42.24 16.41 -10.21
N SER JA 224 41.15 15.95 -9.62
CA SER JA 224 40.51 14.70 -10.04
C SER JA 224 39.68 14.92 -11.30
N ASP JA 225 38.82 13.97 -11.62
CA ASP JA 225 37.98 14.06 -12.80
C ASP JA 225 36.66 14.75 -12.49
N THR JA 226 36.21 15.58 -13.41
CA THR JA 226 34.86 16.11 -13.41
C THR JA 226 34.11 15.55 -14.62
N ASP JA 227 32.94 14.99 -14.37
CA ASP JA 227 32.20 14.27 -15.42
C ASP JA 227 31.59 15.27 -16.40
N MET JA 228 32.48 15.88 -17.18
CA MET JA 228 32.09 16.88 -18.19
C MET JA 228 31.31 18.02 -17.56
N GLY JA 229 31.73 18.45 -16.36
CA GLY JA 229 31.09 19.53 -15.67
C GLY JA 229 29.87 19.17 -14.86
N SER JA 230 29.48 17.90 -14.82
CA SER JA 230 28.30 17.51 -14.06
C SER JA 230 28.57 17.56 -12.56
N LYS JA 231 29.78 17.21 -12.14
CA LYS JA 231 30.13 17.15 -10.72
C LYS JA 231 31.40 17.94 -10.47
N THR JA 232 31.51 18.48 -9.27
CA THR JA 232 32.72 19.19 -8.88
C THR JA 232 33.85 18.18 -8.64
N PRO JA 233 35.03 18.42 -9.18
CA PRO JA 233 36.11 17.42 -9.06
C PRO JA 233 36.71 17.43 -7.67
N LYS JA 234 37.40 16.33 -7.36
CA LYS JA 234 38.03 16.15 -6.06
C LYS JA 234 39.52 16.46 -6.15
N LYS JA 235 40.20 16.36 -5.01
CA LYS JA 235 41.63 16.60 -4.91
C LYS JA 235 42.33 15.30 -4.56
N VAL JA 236 43.33 14.94 -5.36
CA VAL JA 236 44.03 13.66 -5.22
C VAL JA 236 45.49 13.95 -4.89
N LEU JA 237 45.98 13.31 -3.83
CA LEU JA 237 47.38 13.41 -3.43
C LEU JA 237 48.06 12.07 -3.68
N THR JA 238 49.24 12.12 -4.29
CA THR JA 238 49.93 10.91 -4.70
C THR JA 238 51.42 11.04 -4.39
N LYS JA 239 52.02 9.95 -3.95
CA LYS JA 239 53.46 9.91 -3.70
C LYS JA 239 54.02 8.58 -4.16
N GLY JA 240 55.29 8.59 -4.53
CA GLY JA 240 55.92 7.38 -5.03
C GLY JA 240 57.35 7.65 -5.43
N ILE JA 241 57.88 6.78 -6.28
CA ILE JA 241 59.26 6.86 -6.72
C ILE JA 241 59.29 7.17 -8.21
N PHE JA 242 60.49 7.44 -8.72
CA PHE JA 242 60.66 7.72 -10.13
C PHE JA 242 62.04 7.27 -10.58
N TYR JA 243 62.29 7.38 -11.87
CA TYR JA 243 63.57 7.05 -12.47
C TYR JA 243 63.67 7.78 -13.80
N ALA JA 244 64.87 8.18 -14.16
CA ALA JA 244 65.08 8.87 -15.42
C ALA JA 244 66.53 8.71 -15.86
N LYS JA 245 66.73 8.68 -17.16
CA LYS JA 245 68.06 8.55 -17.77
C LYS JA 245 68.33 9.76 -18.63
N VAL JA 246 69.49 10.39 -18.41
CA VAL JA 246 69.84 11.59 -19.17
C VAL JA 246 70.81 11.30 -20.29
N GLU JA 247 70.46 11.69 -21.51
CA GLU JA 247 71.36 11.51 -22.63
C GLU JA 247 72.06 12.81 -22.92
N GLN JA 248 73.38 12.78 -23.01
CA GLN JA 248 74.13 14.01 -23.22
C GLN JA 248 74.77 14.03 -24.61
N SER KA 1 13.25 -15.06 -70.87
CA SER KA 1 14.02 -14.82 -72.07
C SER KA 1 15.49 -14.62 -71.74
N VAL KA 2 16.33 -14.50 -72.75
CA VAL KA 2 17.78 -14.34 -72.54
C VAL KA 2 18.34 -15.54 -71.81
N PHE KA 3 18.18 -16.73 -72.35
CA PHE KA 3 18.61 -17.91 -71.58
C PHE KA 3 20.11 -17.92 -71.29
N GLY KA 4 20.61 -19.02 -70.74
CA GLY KA 4 22.01 -19.09 -70.38
C GLY KA 4 22.50 -20.47 -69.98
N LEU KA 5 22.09 -21.50 -70.71
CA LEU KA 5 22.48 -22.86 -70.37
C LEU KA 5 23.98 -22.96 -70.25
N ILE KA 6 24.46 -23.76 -69.29
CA ILE KA 6 25.90 -23.88 -69.05
C ILE KA 6 26.75 -23.62 -70.29
N GLY KA 7 27.02 -22.34 -70.56
CA GLY KA 7 27.80 -21.98 -71.73
C GLY KA 7 27.80 -22.97 -72.88
N ASP KA 8 26.62 -23.47 -73.24
CA ASP KA 8 26.55 -24.47 -74.30
C ASP KA 8 25.30 -24.30 -75.14
N GLY KA 9 24.34 -23.52 -74.64
CA GLY KA 9 23.09 -23.33 -75.37
C GLY KA 9 22.59 -21.90 -75.33
N THR KA 10 23.50 -20.96 -75.10
CA THR KA 10 23.12 -19.55 -75.05
C THR KA 10 24.29 -18.63 -75.40
N SER KA 11 24.83 -17.93 -74.39
CA SER KA 11 25.95 -17.02 -74.63
C SER KA 11 26.62 -16.52 -73.37
N TYR KA 12 27.58 -15.60 -73.51
CA TYR KA 12 28.23 -15.00 -72.36
C TYR KA 12 27.21 -14.14 -71.65
N SER KA 13 27.65 -13.16 -70.87
CA SER KA 13 26.65 -12.30 -70.27
C SER KA 13 27.37 -11.25 -69.49
N GLU KA 14 26.94 -10.00 -69.62
CA GLU KA 14 27.57 -8.90 -68.90
C GLU KA 14 27.56 -9.25 -67.44
N GLY KA 15 27.12 -10.47 -67.12
CA GLY KA 15 27.15 -10.90 -65.75
C GLY KA 15 26.03 -11.82 -65.39
N ALA KA 16 26.27 -13.12 -65.45
CA ALA KA 16 25.26 -14.08 -65.07
C ALA KA 16 25.85 -15.47 -65.19
N ALA KA 17 26.41 -15.78 -66.34
CA ALA KA 17 26.96 -17.10 -66.55
C ALA KA 17 28.20 -17.30 -65.71
N TYR KA 18 28.44 -18.52 -65.24
CA TYR KA 18 29.63 -18.80 -64.47
C TYR KA 18 30.24 -20.12 -64.92
N GLY KA 19 29.40 -21.07 -65.30
CA GLY KA 19 29.90 -22.33 -65.82
C GLY KA 19 31.04 -22.07 -66.78
N THR KA 20 30.89 -21.07 -67.62
CA THR KA 20 31.93 -20.72 -68.59
C THR KA 20 33.24 -21.48 -68.45
N ASP KA 21 34.07 -21.12 -67.48
CA ASP KA 21 35.37 -21.74 -67.34
C ASP KA 21 36.11 -21.53 -68.64
N GLN KA 22 35.82 -20.44 -69.33
CA GLN KA 22 36.41 -20.12 -70.62
C GLN KA 22 35.75 -18.91 -71.22
N ALA KA 23 35.17 -19.06 -72.41
CA ALA KA 23 34.44 -17.97 -73.05
C ALA KA 23 34.97 -16.59 -72.66
N ASP KA 24 36.18 -16.26 -73.11
CA ASP KA 24 36.79 -14.98 -72.79
C ASP KA 24 37.66 -14.51 -73.94
N LYS KA 25 38.26 -15.46 -74.66
CA LYS KA 25 39.07 -15.12 -75.83
C LYS KA 25 40.32 -14.32 -75.54
N LEU KA 26 40.30 -13.50 -74.50
CA LEU KA 26 41.51 -12.78 -74.13
C LEU KA 26 42.69 -13.67 -74.40
N TYR KA 27 42.74 -14.81 -73.75
CA TYR KA 27 43.82 -15.77 -73.97
C TYR KA 27 43.68 -17.00 -73.08
N SER KA 28 44.79 -17.47 -72.55
CA SER KA 28 44.76 -18.66 -71.73
C SER KA 28 44.48 -18.41 -70.26
N PRO KA 29 43.35 -18.95 -69.77
CA PRO KA 29 43.20 -18.80 -68.32
C PRO KA 29 44.10 -19.90 -67.80
N TYR KA 30 45.25 -19.53 -67.25
CA TYR KA 30 46.20 -20.52 -66.80
C TYR KA 30 45.54 -21.87 -66.72
N SER KA 31 44.61 -22.03 -65.79
CA SER KA 31 43.87 -23.28 -65.68
C SER KA 31 42.42 -22.95 -65.85
N VAL KA 32 41.60 -23.95 -66.12
CA VAL KA 32 40.21 -23.67 -66.35
C VAL KA 32 39.60 -22.97 -65.15
N TYR KA 33 40.34 -22.84 -64.06
CA TYR KA 33 39.71 -22.26 -62.89
C TYR KA 33 40.32 -20.93 -62.47
N SER KA 34 41.27 -20.39 -63.24
CA SER KA 34 41.99 -19.18 -62.86
C SER KA 34 41.72 -18.06 -63.85
N PRO KA 35 41.19 -16.91 -63.40
CA PRO KA 35 41.10 -15.75 -64.30
C PRO KA 35 42.44 -15.26 -64.81
N GLU KA 36 43.49 -15.36 -64.00
CA GLU KA 36 44.79 -14.85 -64.39
C GLU KA 36 45.43 -15.74 -65.45
N GLY KA 37 46.45 -15.20 -66.10
CA GLY KA 37 47.18 -15.88 -67.14
C GLY KA 37 48.48 -16.47 -66.65
N GLU KA 38 49.39 -16.73 -67.57
CA GLU KA 38 50.66 -17.33 -67.20
C GLU KA 38 51.67 -16.22 -67.10
N LYS KA 39 52.87 -16.55 -66.61
CA LYS KA 39 53.89 -15.54 -66.44
C LYS KA 39 54.59 -15.24 -67.77
N SER KA 40 53.93 -14.46 -68.63
CA SER KA 40 54.50 -14.11 -69.93
C SER KA 40 54.19 -12.67 -70.36
N LEU KA 41 53.63 -11.85 -69.47
CA LEU KA 41 53.34 -10.45 -69.80
C LEU KA 41 53.67 -9.47 -68.67
N TYR KA 42 54.04 -8.25 -69.04
CA TYR KA 42 54.39 -7.23 -68.04
C TYR KA 42 55.58 -7.63 -67.20
N LYS KA 43 55.37 -7.93 -65.93
CA LYS KA 43 56.49 -8.23 -65.05
C LYS KA 43 57.44 -9.25 -65.65
N PRO KA 44 58.73 -8.94 -65.65
CA PRO KA 44 59.71 -9.91 -66.11
C PRO KA 44 60.42 -10.51 -64.90
N ASP KA 45 60.92 -11.73 -65.00
CA ASP KA 45 61.52 -12.38 -63.84
C ASP KA 45 62.68 -11.61 -63.22
N SER KA 46 63.59 -11.11 -64.04
CA SER KA 46 64.77 -10.43 -63.51
C SER KA 46 64.98 -9.09 -64.16
N ALA KA 47 64.04 -8.18 -63.95
CA ALA KA 47 64.17 -6.86 -64.50
C ALA KA 47 65.25 -6.13 -63.74
N GLU KA 48 64.84 -5.35 -62.75
CA GLU KA 48 65.81 -4.67 -61.92
C GLU KA 48 65.60 -4.95 -60.44
N TYR KA 49 64.95 -6.06 -60.09
CA TYR KA 49 64.82 -6.46 -58.70
C TYR KA 49 66.15 -6.92 -58.10
N LEU KA 50 67.12 -7.28 -58.95
CA LEU KA 50 68.42 -7.70 -58.44
C LEU KA 50 69.13 -6.57 -57.73
N ALA KA 51 68.97 -5.33 -58.21
CA ALA KA 51 69.55 -4.18 -57.51
C ALA KA 51 68.93 -4.02 -56.13
N ARG KA 52 67.61 -4.16 -56.03
CA ARG KA 52 66.96 -4.09 -54.74
C ARG KA 52 67.44 -5.19 -53.81
N LYS KA 53 67.61 -6.40 -54.35
CA LYS KA 53 68.12 -7.51 -53.54
C LYS KA 53 69.53 -7.23 -53.04
N LYS KA 54 70.39 -6.68 -53.90
CA LYS KA 54 71.75 -6.37 -53.49
C LYS KA 54 71.76 -5.29 -52.41
N ALA KA 55 70.89 -4.28 -52.54
CA ALA KA 55 70.77 -3.28 -51.50
C ALA KA 55 70.30 -3.91 -50.19
N VAL KA 56 69.36 -4.84 -50.27
CA VAL KA 56 68.88 -5.54 -49.06
C VAL KA 56 70.03 -6.30 -48.42
N LEU KA 57 70.88 -6.93 -49.23
CA LEU KA 57 72.03 -7.66 -48.69
C LEU KA 57 73.02 -6.71 -48.02
N ALA KA 58 73.29 -5.56 -48.64
CA ALA KA 58 74.20 -4.61 -48.04
C ALA KA 58 73.69 -4.10 -46.70
N GLU KA 59 72.40 -3.75 -46.64
CA GLU KA 59 71.86 -3.30 -45.37
C GLU KA 59 71.75 -4.44 -44.37
N THR KA 60 71.60 -5.68 -44.84
CA THR KA 60 71.64 -6.84 -43.95
C THR KA 60 73.00 -6.96 -43.29
N LYS KA 61 74.07 -6.79 -44.07
CA LYS KA 61 75.40 -6.66 -43.50
C LYS KA 61 75.40 -5.60 -42.42
N ASN KA 62 75.03 -4.37 -42.79
CA ASN KA 62 75.07 -3.25 -41.85
C ASN KA 62 74.32 -3.55 -40.56
N ARG KA 63 73.21 -4.27 -40.66
CA ARG KA 63 72.50 -4.72 -39.47
C ARG KA 63 73.28 -5.75 -38.69
N LEU KA 64 73.99 -6.64 -39.36
CA LEU KA 64 74.61 -7.76 -38.67
C LEU KA 64 75.94 -7.40 -38.02
N GLN KA 65 76.57 -6.28 -38.40
CA GLN KA 65 77.80 -5.92 -37.69
C GLN KA 65 77.55 -5.27 -36.33
N LYS KA 66 76.31 -4.96 -35.98
CA LYS KA 66 76.02 -4.36 -34.68
C LYS KA 66 75.53 -5.38 -33.66
N ILE KA 67 75.64 -6.66 -33.97
CA ILE KA 67 75.24 -7.73 -33.05
C ILE KA 67 76.28 -7.95 -31.96
N PRO KA 68 77.58 -8.00 -32.26
CA PRO KA 68 78.56 -8.15 -31.17
C PRO KA 68 78.45 -7.06 -30.12
N GLY KA 69 78.13 -5.83 -30.51
CA GLY KA 69 77.89 -4.79 -29.52
C GLY KA 69 76.73 -5.11 -28.61
N TYR KA 70 75.66 -5.68 -29.17
CA TYR KA 70 74.49 -6.04 -28.37
C TYR KA 70 74.72 -7.29 -27.52
N VAL KA 71 75.66 -8.16 -27.90
CA VAL KA 71 75.92 -9.33 -27.07
C VAL KA 71 76.96 -9.01 -26.00
N ASP KA 72 77.80 -7.99 -26.23
CA ASP KA 72 78.72 -7.56 -25.18
C ASP KA 72 77.96 -7.15 -23.92
N LYS KA 73 76.92 -6.34 -24.09
CA LYS KA 73 75.96 -6.13 -23.04
C LYS KA 73 75.04 -7.34 -22.96
N LYS KA 74 74.49 -7.59 -21.77
CA LYS KA 74 73.65 -8.77 -21.55
C LYS KA 74 72.22 -8.46 -21.98
N GLU KA 75 72.06 -8.26 -23.29
CA GLU KA 75 70.76 -8.02 -23.90
C GLU KA 75 70.52 -9.08 -24.96
N TRP KA 76 69.49 -9.91 -24.74
CA TRP KA 76 69.21 -11.02 -25.64
C TRP KA 76 68.02 -10.78 -26.55
N PHE KA 77 67.00 -10.06 -26.09
CA PHE KA 77 65.87 -9.76 -26.96
C PHE KA 77 66.30 -8.92 -28.15
N ASN KA 78 67.25 -8.01 -27.95
CA ASN KA 78 67.70 -7.16 -29.04
C ASN KA 78 68.36 -7.99 -30.14
N VAL KA 79 69.10 -9.03 -29.77
CA VAL KA 79 69.75 -9.87 -30.77
C VAL KA 79 68.71 -10.55 -31.66
N LYS KA 80 67.72 -11.19 -31.04
CA LYS KA 80 66.69 -11.89 -31.81
C LYS KA 80 65.91 -10.91 -32.67
N ASP KA 81 65.51 -9.78 -32.09
CA ASP KA 81 64.73 -8.80 -32.83
C ASP KA 81 65.51 -8.23 -34.00
N GLU KA 82 66.79 -7.93 -33.80
CA GLU KA 82 67.62 -7.42 -34.89
C GLU KA 82 67.81 -8.48 -35.97
N LEU KA 83 67.96 -9.73 -35.57
CA LEU KA 83 68.19 -10.81 -36.52
C LEU KA 83 66.93 -11.16 -37.29
N THR KA 84 65.75 -10.78 -36.80
CA THR KA 84 64.52 -11.15 -37.50
C THR KA 84 63.77 -9.98 -38.16
N ARG KA 85 63.99 -8.74 -37.73
CA ARG KA 85 63.15 -7.66 -38.23
C ARG KA 85 63.54 -7.21 -39.64
N TYR KA 86 64.83 -7.09 -39.93
CA TYR KA 86 65.26 -6.69 -41.26
C TYR KA 86 65.84 -7.85 -42.06
N MET KA 87 66.36 -8.88 -41.40
CA MET KA 87 66.81 -10.03 -42.16
C MET KA 87 65.66 -10.77 -42.83
N TYR KA 88 64.41 -10.35 -42.58
CA TYR KA 88 63.25 -11.04 -43.12
C TYR KA 88 63.30 -11.08 -44.65
N GLU KA 89 63.62 -9.96 -45.28
CA GLU KA 89 63.76 -9.96 -46.73
C GLU KA 89 65.04 -10.64 -47.19
N THR KA 90 66.01 -10.82 -46.29
CA THR KA 90 67.32 -11.28 -46.72
C THR KA 90 67.32 -12.76 -47.07
N ARG KA 91 66.48 -13.56 -46.41
CA ARG KA 91 66.43 -14.98 -46.75
C ARG KA 91 65.99 -15.17 -48.19
N GLY KA 92 64.87 -14.55 -48.57
CA GLY KA 92 64.40 -14.65 -49.94
C GLY KA 92 65.35 -14.02 -50.93
N ALA KA 93 65.93 -12.88 -50.56
CA ALA KA 93 66.87 -12.20 -51.46
C ALA KA 93 68.09 -13.06 -51.73
N VAL KA 94 68.68 -13.64 -50.68
CA VAL KA 94 69.85 -14.49 -50.85
C VAL KA 94 69.49 -15.75 -51.62
N ARG KA 95 68.31 -16.31 -51.38
CA ARG KA 95 67.90 -17.50 -52.10
C ARG KA 95 67.71 -17.21 -53.59
N SER KA 96 67.14 -16.05 -53.92
CA SER KA 96 66.88 -15.73 -55.32
C SER KA 96 68.16 -15.33 -56.05
N LEU KA 97 69.06 -14.61 -55.38
CA LEU KA 97 70.29 -14.17 -56.03
C LEU KA 97 71.21 -15.35 -56.34
N SER KA 98 71.23 -16.36 -55.49
CA SER KA 98 72.10 -17.51 -55.71
C SER KA 98 71.66 -18.30 -56.93
N SER KA 99 72.60 -18.59 -57.82
CA SER KA 99 72.29 -19.31 -59.05
C SER KA 99 73.23 -20.47 -59.28
N SER KA 100 74.46 -20.38 -58.78
CA SER KA 100 75.43 -21.44 -58.92
C SER KA 100 75.47 -22.30 -57.66
N VAL KA 101 76.13 -23.45 -57.78
CA VAL KA 101 76.10 -24.44 -56.70
C VAL KA 101 76.86 -23.93 -55.48
N THR KA 102 77.99 -23.26 -55.69
CA THR KA 102 78.77 -22.75 -54.57
C THR KA 102 77.97 -21.72 -53.77
N GLN KA 103 77.28 -20.82 -54.46
CA GLN KA 103 76.45 -19.83 -53.78
C GLN KA 103 75.36 -20.52 -52.96
N LYS KA 104 74.72 -21.54 -53.53
CA LYS KA 104 73.68 -22.27 -52.80
C LYS KA 104 74.24 -22.91 -51.53
N GLU KA 105 75.35 -23.65 -51.67
CA GLU KA 105 75.89 -24.37 -50.53
C GLU KA 105 76.32 -23.42 -49.42
N LYS KA 106 77.00 -22.34 -49.76
CA LYS KA 106 77.48 -21.47 -48.69
C LYS KA 106 76.40 -20.51 -48.20
N ALA KA 107 75.35 -20.25 -48.97
CA ALA KA 107 74.17 -19.60 -48.40
C ALA KA 107 73.51 -20.50 -47.38
N GLU KA 108 73.50 -21.82 -47.65
CA GLU KA 108 73.05 -22.77 -46.64
C GLU KA 108 73.93 -22.69 -45.39
N VAL KA 109 75.24 -22.57 -45.58
CA VAL KA 109 76.15 -22.41 -44.44
C VAL KA 109 75.79 -21.15 -43.64
N PHE KA 110 75.52 -20.05 -44.35
CA PHE KA 110 75.16 -18.80 -43.67
C PHE KA 110 73.85 -18.96 -42.89
N PHE KA 111 72.87 -19.66 -43.47
CA PHE KA 111 71.63 -19.90 -42.77
C PHE KA 111 71.85 -20.74 -41.52
N ARG KA 112 72.72 -21.75 -41.61
CA ARG KA 112 73.09 -22.52 -40.43
C ARG KA 112 73.68 -21.62 -39.36
N ALA KA 113 74.57 -20.70 -39.75
CA ALA KA 113 75.19 -19.80 -38.79
C ALA KA 113 74.16 -18.91 -38.12
N LEU KA 114 73.21 -18.37 -38.89
CA LEU KA 114 72.18 -17.51 -38.31
C LEU KA 114 71.28 -18.30 -37.36
N GLU KA 115 70.92 -19.53 -37.73
CA GLU KA 115 70.09 -20.35 -36.86
C GLU KA 115 70.82 -20.68 -35.56
N ASP KA 116 72.12 -20.98 -35.64
CA ASP KA 116 72.91 -21.23 -34.44
C ASP KA 116 72.96 -19.98 -33.56
N THR KA 117 73.11 -18.81 -34.18
CA THR KA 117 73.08 -17.57 -33.42
C THR KA 117 71.77 -17.41 -32.67
N TYR KA 118 70.66 -17.66 -33.36
CA TYR KA 118 69.34 -17.55 -32.75
C TYR KA 118 69.20 -18.51 -31.57
N GLY KA 119 69.59 -19.77 -31.78
CA GLY KA 119 69.45 -20.75 -30.72
C GLY KA 119 70.29 -20.42 -29.50
N ALA KA 120 71.55 -20.04 -29.73
CA ALA KA 120 72.43 -19.71 -28.61
C ALA KA 120 71.96 -18.45 -27.90
N ALA KA 121 71.42 -17.48 -28.63
CA ALA KA 121 70.87 -16.29 -27.99
C ALA KA 121 69.67 -16.63 -27.12
N THR KA 122 68.82 -17.55 -27.59
CA THR KA 122 67.72 -18.02 -26.75
C THR KA 122 68.24 -18.72 -25.51
N LEU KA 123 69.26 -19.56 -25.65
CA LEU KA 123 69.83 -20.28 -24.52
C LEU KA 123 70.71 -19.41 -23.63
N LYS KA 124 71.01 -18.18 -24.04
CA LYS KA 124 71.80 -17.24 -23.25
C LYS KA 124 73.19 -17.78 -22.94
N LYS KA 125 73.95 -18.02 -24.01
CA LYS KA 125 75.35 -18.43 -23.91
C LYS KA 125 76.19 -17.47 -24.74
N GLY KA 126 76.94 -16.59 -24.07
CA GLY KA 126 77.64 -15.54 -24.77
C GLY KA 126 78.69 -16.05 -25.75
N ASP KA 127 79.46 -17.06 -25.35
CA ASP KA 127 80.52 -17.57 -26.21
C ASP KA 127 79.96 -18.13 -27.50
N ALA KA 128 78.92 -18.96 -27.40
CA ALA KA 128 78.33 -19.57 -28.59
C ALA KA 128 77.75 -18.50 -29.50
N VAL KA 129 77.07 -17.50 -28.92
CA VAL KA 129 76.50 -16.42 -29.73
C VAL KA 129 77.61 -15.68 -30.47
N LYS KA 130 78.69 -15.33 -29.77
CA LYS KA 130 79.76 -14.57 -30.40
C LYS KA 130 80.41 -15.37 -31.54
N ALA KA 131 80.69 -16.65 -31.30
CA ALA KA 131 81.29 -17.47 -32.34
C ALA KA 131 80.36 -17.59 -33.55
N SER KA 132 79.06 -17.78 -33.30
CA SER KA 132 78.11 -17.88 -34.39
C SER KA 132 78.00 -16.58 -35.17
N ASN KA 133 78.05 -15.44 -34.48
CA ASN KA 133 78.04 -14.16 -35.19
C ASN KA 133 79.29 -14.01 -36.05
N ASP KA 134 80.44 -14.41 -35.53
CA ASP KA 134 81.66 -14.33 -36.34
C ASP KA 134 81.54 -15.18 -37.61
N LYS KA 135 81.02 -16.41 -37.46
CA LYS KA 135 80.86 -17.27 -38.63
C LYS KA 135 79.84 -16.69 -39.60
N ALA KA 136 78.76 -16.11 -39.09
CA ALA KA 136 77.77 -15.48 -39.97
C ALA KA 136 78.38 -14.32 -40.73
N ILE KA 137 79.18 -13.49 -40.06
CA ILE KA 137 79.87 -12.40 -40.74
C ILE KA 137 80.76 -12.95 -41.85
N ALA KA 138 81.53 -13.99 -41.55
CA ALA KA 138 82.43 -14.56 -42.55
C ALA KA 138 81.65 -15.04 -43.78
N ALA KA 139 80.58 -15.81 -43.55
CA ALA KA 139 79.80 -16.30 -44.68
C ALA KA 139 79.20 -15.14 -45.48
N LEU KA 140 78.63 -14.15 -44.80
CA LEU KA 140 77.90 -13.09 -45.49
C LEU KA 140 78.85 -12.19 -46.28
N ASP KA 141 79.98 -11.79 -45.68
CA ASP KA 141 80.91 -10.97 -46.47
C ASP KA 141 81.70 -11.79 -47.47
N ALA KA 142 81.52 -13.11 -47.45
CA ALA KA 142 82.15 -13.94 -48.46
C ALA KA 142 81.10 -14.32 -49.49
N PHE KA 143 79.89 -13.77 -49.34
CA PHE KA 143 78.81 -14.08 -50.26
C PHE KA 143 78.80 -13.11 -51.42
N THR KA 144 79.07 -11.85 -51.15
CA THR KA 144 79.14 -10.86 -52.21
C THR KA 144 79.97 -11.39 -53.36
N ALA KA 145 79.31 -11.97 -54.34
CA ALA KA 145 80.02 -12.54 -55.49
C ALA KA 145 79.19 -12.32 -56.75
N MET LA 1 13.47 1.85 -2.20
CA MET LA 1 12.60 1.17 -1.26
C MET LA 1 11.91 -0.03 -1.90
N GLU LA 2 11.84 -0.02 -3.24
CA GLU LA 2 11.28 -1.15 -3.97
C GLU LA 2 12.20 -2.35 -3.99
N ALA LA 3 13.48 -2.16 -3.71
CA ALA LA 3 14.38 -3.31 -3.57
C ALA LA 3 13.90 -4.25 -2.48
N LEU LA 4 13.32 -3.67 -1.41
CA LEU LA 4 12.75 -4.50 -0.35
C LEU LA 4 11.60 -5.35 -0.87
N VAL LA 5 10.72 -4.75 -1.70
CA VAL LA 5 9.61 -5.50 -2.26
C VAL LA 5 10.09 -6.61 -3.17
N TYR LA 6 11.06 -6.30 -4.04
CA TYR LA 6 11.60 -7.32 -4.95
C TYR LA 6 12.23 -8.46 -4.17
N THR LA 7 13.04 -8.15 -3.16
CA THR LA 7 13.67 -9.18 -2.36
C THR LA 7 12.63 -10.03 -1.65
N PHE LA 8 11.59 -9.38 -1.10
CA PHE LA 8 10.56 -10.14 -0.41
C PHE LA 8 9.85 -11.08 -1.35
N LEU LA 9 9.53 -10.63 -2.57
CA LEU LA 9 8.85 -11.49 -3.53
C LEU LA 9 9.73 -12.68 -3.92
N LEU LA 10 11.01 -12.43 -4.18
CA LEU LA 10 11.89 -13.53 -4.57
C LEU LA 10 12.05 -14.55 -3.44
N ILE LA 11 12.23 -14.07 -2.21
CA ILE LA 11 12.41 -14.99 -1.09
C ILE LA 11 11.12 -15.76 -0.82
N GLY LA 12 9.96 -15.10 -0.98
CA GLY LA 12 8.70 -15.80 -0.81
C GLY LA 12 8.50 -16.89 -1.85
N THR LA 13 8.86 -16.61 -3.10
CA THR LA 13 8.79 -17.65 -4.12
C THR LA 13 9.71 -18.82 -3.79
N LEU LA 14 10.93 -18.52 -3.32
CA LEU LA 14 11.84 -19.60 -2.95
C LEU LA 14 11.30 -20.42 -1.80
N MET LA 15 10.67 -19.77 -0.82
CA MET LA 15 10.07 -20.51 0.29
C MET LA 15 8.93 -21.39 -0.18
N VAL LA 16 8.11 -20.90 -1.10
CA VAL LA 16 7.03 -21.72 -1.66
C VAL LA 16 7.63 -22.94 -2.36
N ILE LA 17 8.72 -22.75 -3.11
CA ILE LA 17 9.38 -23.88 -3.74
C ILE LA 17 9.88 -24.86 -2.69
N PHE LA 18 10.43 -24.34 -1.59
CA PHE LA 18 10.93 -25.21 -0.54
C PHE LA 18 9.81 -26.06 0.05
N PHE LA 19 8.64 -25.47 0.28
CA PHE LA 19 7.55 -26.21 0.89
C PHE LA 19 6.94 -27.24 -0.06
N ALA LA 20 7.10 -27.05 -1.37
CA ALA LA 20 6.52 -27.98 -2.33
C ALA LA 20 7.37 -29.22 -2.56
N VAL LA 21 8.58 -29.27 -2.02
CA VAL LA 21 9.47 -30.41 -2.19
C VAL LA 21 9.52 -31.28 -0.95
N PHE LA 22 9.66 -30.66 0.22
CA PHE LA 22 9.82 -31.39 1.47
C PHE LA 22 8.52 -31.52 2.26
N PHE LA 23 7.44 -30.91 1.80
CA PHE LA 23 6.14 -31.00 2.46
C PHE LA 23 5.06 -31.38 1.46
N ARG LA 24 5.40 -32.25 0.51
CA ARG LA 24 4.47 -32.63 -0.55
C ARG LA 24 3.54 -33.74 -0.08
N GLU LA 25 2.42 -33.88 -0.77
CA GLU LA 25 1.56 -35.05 -0.60
C GLU LA 25 2.33 -36.30 -1.03
N THR LA 26 2.44 -37.26 -0.13
CA THR LA 26 3.09 -38.51 -0.49
C THR LA 26 2.15 -39.34 -1.35
N PRO LA 27 2.61 -39.71 -2.57
CA PRO LA 27 1.78 -40.52 -3.45
C PRO LA 27 1.88 -41.99 -3.10
N ARG LA 28 0.74 -42.62 -2.84
CA ARG LA 28 0.77 -44.03 -2.43
C ARG LA 28 0.05 -44.90 -3.44
N ILE LA 29 0.43 -46.17 -3.51
CA ILE LA 29 -0.18 -47.08 -4.48
C ILE LA 29 -1.22 -47.97 -3.83
N VAL MA 1 30.38 21.22 -25.56
CA VAL MA 1 29.49 22.34 -25.81
C VAL MA 1 28.26 21.85 -26.58
N ILE MA 2 27.12 22.50 -26.34
CA ILE MA 2 25.90 22.11 -27.02
C ILE MA 2 25.86 22.68 -28.44
N ASP MA 3 26.50 23.82 -28.68
CA ASP MA 3 26.57 24.38 -30.03
C ASP MA 3 27.91 25.10 -30.22
N TYR MA 4 28.85 24.43 -30.86
CA TYR MA 4 30.04 25.12 -31.32
C TYR MA 4 29.62 26.20 -32.31
N GLU MA 5 30.22 27.40 -32.17
CA GLU MA 5 29.86 28.49 -33.07
C GLU MA 5 30.44 28.28 -34.46
N ASN MA 6 31.63 27.72 -34.54
CA ASN MA 6 32.36 27.59 -35.80
C ASN MA 6 32.13 26.21 -36.42
N ILE MA 7 30.86 25.89 -36.66
CA ILE MA 7 30.54 24.61 -37.29
C ILE MA 7 30.95 24.62 -38.75
N GLY MA 8 30.65 25.69 -39.47
CA GLY MA 8 30.86 25.73 -40.91
C GLY MA 8 32.30 25.57 -41.32
N TYR MA 9 33.24 25.89 -40.43
CA TYR MA 9 34.66 25.83 -40.74
C TYR MA 9 35.30 24.50 -40.36
N LEU MA 10 34.51 23.52 -39.94
CA LEU MA 10 35.04 22.22 -39.57
C LEU MA 10 35.28 21.32 -40.78
N GLY MA 11 34.86 21.74 -41.97
CA GLY MA 11 35.06 20.92 -43.15
C GLY MA 11 33.84 20.87 -44.04
N GLY MA 12 32.68 21.25 -43.49
CA GLY MA 12 31.47 21.27 -44.28
C GLY MA 12 31.49 22.31 -45.38
N SER MA 13 31.98 23.51 -45.08
CA SER MA 13 31.98 24.60 -46.04
C SER MA 13 33.33 24.66 -46.76
N SER MA 14 33.44 25.63 -47.68
CA SER MA 14 34.68 25.82 -48.42
C SER MA 14 35.77 26.46 -47.56
N ILE MA 15 35.39 27.16 -46.50
CA ILE MA 15 36.36 27.75 -45.58
C ILE MA 15 36.60 26.77 -44.44
N VAL MA 16 37.87 26.49 -44.15
CA VAL MA 16 38.25 25.49 -43.16
C VAL MA 16 39.13 26.14 -42.11
N ASP MA 17 38.86 25.88 -40.84
CA ASP MA 17 39.68 26.43 -39.76
C ASP MA 17 40.93 25.62 -39.55
N ILE MA 18 42.04 26.27 -39.21
CA ILE MA 18 43.30 25.56 -39.06
C ILE MA 18 43.56 25.19 -37.63
N ASN MA 19 42.67 25.58 -36.74
CA ASN MA 19 42.90 25.33 -35.32
C ASN MA 19 41.85 24.39 -34.75
N ASN MA 20 41.08 23.73 -35.61
CA ASN MA 20 39.99 22.89 -35.11
C ASN MA 20 39.66 21.74 -36.03
N ALA MA 21 39.75 21.94 -37.35
CA ALA MA 21 39.31 20.91 -38.28
C ALA MA 21 40.30 19.74 -38.31
N ASN MA 22 39.75 18.54 -38.51
CA ASN MA 22 40.57 17.35 -38.61
C ASN MA 22 41.29 17.32 -39.95
N ILE MA 23 42.25 16.40 -40.07
CA ILE MA 23 43.05 16.29 -41.28
C ILE MA 23 42.20 15.92 -42.49
N ARG MA 24 41.06 15.27 -42.27
CA ARG MA 24 40.20 14.92 -43.39
C ARG MA 24 39.60 16.15 -44.07
N ALA MA 25 39.55 17.28 -43.38
CA ALA MA 25 39.05 18.51 -44.00
C ALA MA 25 39.97 18.99 -45.11
N TYR MA 26 41.28 18.77 -44.97
CA TYR MA 26 42.22 19.20 -45.98
C TYR MA 26 42.30 18.20 -47.11
N LEU MA 27 41.15 17.80 -47.65
CA LEU MA 27 41.08 16.93 -48.81
C LEU MA 27 40.44 17.60 -50.01
N LYS MA 28 39.68 18.68 -49.83
CA LYS MA 28 39.17 19.44 -50.96
C LYS MA 28 40.28 20.16 -51.69
N MET MA 29 41.38 20.46 -51.01
CA MET MA 29 42.50 21.16 -51.62
C MET MA 29 43.51 20.15 -52.15
N PRO MA 30 43.67 20.01 -53.47
CA PRO MA 30 44.61 19.02 -54.00
C PRO MA 30 46.04 19.33 -53.64
N GLY MA 31 46.85 18.28 -53.57
CA GLY MA 31 48.26 18.43 -53.28
C GLY MA 31 48.58 18.83 -51.86
N MET MA 32 47.70 18.52 -50.91
CA MET MA 32 47.85 19.00 -49.55
C MET MA 32 47.65 17.95 -48.46
N TYR MA 33 46.93 16.86 -48.74
CA TYR MA 33 46.54 15.96 -47.66
C TYR MA 33 47.73 15.31 -46.94
N PRO MA 34 48.65 14.62 -47.61
CA PRO MA 34 49.80 14.09 -46.89
C PRO MA 34 50.99 15.02 -46.91
N THR MA 35 51.77 14.95 -45.83
CA THR MA 35 53.02 15.70 -45.63
C THR MA 35 52.81 17.20 -45.54
N VAL MA 36 51.59 17.71 -45.67
CA VAL MA 36 51.33 19.13 -45.57
C VAL MA 36 50.24 19.36 -44.53
N ALA MA 37 49.09 18.74 -44.72
CA ALA MA 37 48.02 18.83 -43.72
C ALA MA 37 48.45 18.22 -42.39
N GLY MA 38 49.26 17.16 -42.46
CA GLY MA 38 49.75 16.55 -41.23
C GLY MA 38 50.58 17.51 -40.40
N LYS MA 39 51.44 18.30 -41.06
CA LYS MA 39 52.24 19.27 -40.35
C LYS MA 39 51.36 20.33 -39.69
N ILE MA 40 50.31 20.77 -40.40
CA ILE MA 40 49.42 21.78 -39.84
C ILE MA 40 48.68 21.24 -38.62
N VAL MA 41 48.15 20.02 -38.73
CA VAL MA 41 47.34 19.48 -37.64
C VAL MA 41 48.18 18.94 -36.50
N SER MA 42 49.47 18.72 -36.70
CA SER MA 42 50.32 18.14 -35.68
C SER MA 42 51.01 19.19 -34.81
N HIS MA 43 50.74 20.47 -35.03
CA HIS MA 43 51.42 21.53 -34.30
C HIS MA 43 50.42 22.40 -33.56
N GLY MA 44 50.96 23.27 -32.70
CA GLY MA 44 50.18 23.93 -31.69
C GLY MA 44 49.23 24.96 -32.26
N PRO MA 45 48.51 25.63 -31.36
CA PRO MA 45 47.53 26.63 -31.79
C PRO MA 45 48.19 27.80 -32.50
N TYR MA 46 47.43 28.39 -33.43
CA TYR MA 46 47.90 29.53 -34.21
C TYR MA 46 46.99 30.72 -33.95
N SER MA 47 47.60 31.87 -33.65
CA SER MA 47 46.82 33.10 -33.50
C SER MA 47 46.35 33.62 -34.85
N GLY MA 48 47.15 33.44 -35.90
CA GLY MA 48 46.77 33.87 -37.24
C GLY MA 48 47.32 32.91 -38.26
N VAL MA 49 46.85 33.07 -39.50
CA VAL MA 49 47.29 32.21 -40.59
C VAL MA 49 48.79 32.37 -40.84
N SER MA 50 49.32 33.57 -40.59
CA SER MA 50 50.75 33.80 -40.77
C SER MA 50 51.60 32.93 -39.87
N ASP MA 51 51.04 32.43 -38.76
CA ASP MA 51 51.79 31.56 -37.85
C ASP MA 51 52.11 30.22 -38.48
N LEU MA 52 51.43 29.85 -39.57
CA LEU MA 52 51.72 28.58 -40.23
C LEU MA 52 53.12 28.55 -40.80
N TYR MA 53 53.57 29.68 -41.37
CA TYR MA 53 54.81 29.72 -42.13
C TYR MA 53 56.05 29.63 -41.27
N LYS MA 54 55.89 29.79 -39.96
CA LYS MA 54 57.02 29.66 -39.06
C LYS MA 54 57.08 28.24 -38.52
N ILE MA 55 56.05 27.45 -38.78
CA ILE MA 55 56.05 26.06 -38.33
C ILE MA 55 57.42 25.48 -38.59
N PRO MA 56 58.06 24.97 -37.54
CA PRO MA 56 59.41 24.45 -37.71
C PRO MA 56 59.46 23.39 -38.79
N GLY MA 57 60.50 23.40 -39.61
CA GLY MA 57 60.66 22.37 -40.63
C GLY MA 57 59.89 22.59 -41.91
N LEU MA 58 58.75 23.26 -41.84
CA LEU MA 58 57.93 23.45 -43.03
C LEU MA 58 58.80 23.70 -44.24
N SER MA 59 58.84 22.75 -45.16
CA SER MA 59 59.63 22.91 -46.37
C SER MA 59 59.08 24.02 -47.24
N SER MA 60 59.81 24.37 -48.29
CA SER MA 60 59.35 25.41 -49.19
C SER MA 60 58.11 24.95 -49.91
N ALA MA 61 58.21 23.81 -50.58
CA ALA MA 61 57.06 23.33 -51.35
C ALA MA 61 55.79 23.37 -50.53
N GLU MA 62 55.87 22.97 -49.26
CA GLU MA 62 54.71 23.04 -48.38
C GLU MA 62 54.26 24.48 -48.18
N ALA MA 63 55.22 25.40 -48.01
CA ALA MA 63 54.87 26.81 -47.87
C ALA MA 63 54.17 27.32 -49.12
N ASP MA 64 54.66 26.93 -50.29
CA ASP MA 64 54.05 27.37 -51.54
C ASP MA 64 52.63 26.84 -51.68
N VAL MA 65 52.42 25.55 -51.39
CA VAL MA 65 51.09 24.98 -51.55
C VAL MA 65 50.12 25.56 -50.51
N ILE MA 66 50.63 25.94 -49.33
CA ILE MA 66 49.78 26.62 -48.37
C ILE MA 66 49.43 28.02 -48.86
N LYS MA 67 50.40 28.74 -49.43
CA LYS MA 67 50.13 30.05 -49.97
C LYS MA 67 49.12 30.00 -51.11
N LYS MA 68 49.09 28.87 -51.83
CA LYS MA 68 48.10 28.72 -52.90
C LYS MA 68 46.68 28.75 -52.35
N TYR MA 69 46.46 28.13 -51.19
CA TYR MA 69 45.13 28.05 -50.58
C TYR MA 69 45.01 28.95 -49.35
N GLU MA 70 45.85 29.98 -49.24
CA GLU MA 70 45.81 30.83 -48.05
C GLU MA 70 44.46 31.52 -47.88
N SER MA 71 43.75 31.74 -48.99
CA SER MA 71 42.45 32.42 -48.90
C SER MA 71 41.41 31.57 -48.20
N ARG MA 72 41.42 30.25 -48.47
CA ARG MA 72 40.39 29.38 -47.90
C ARG MA 72 40.62 29.09 -46.43
N LEU MA 73 41.86 29.07 -45.97
CA LEU MA 73 42.13 28.81 -44.56
C LEU MA 73 41.71 30.01 -43.70
N THR MA 74 41.34 29.71 -42.46
CA THR MA 74 40.99 30.75 -41.50
C THR MA 74 41.43 30.29 -40.12
N ALA MA 75 41.65 31.26 -39.24
CA ALA MA 75 42.12 31.00 -37.88
C ALA MA 75 41.03 31.42 -36.90
N LYS MA 76 40.60 30.47 -36.07
CA LYS MA 76 39.64 30.72 -35.01
C LYS MA 76 40.24 30.30 -33.67
N THR MA 77 39.52 30.61 -32.60
CA THR MA 77 39.98 30.26 -31.27
C THR MA 77 39.96 28.75 -31.09
N PRO MA 78 41.03 28.17 -30.56
CA PRO MA 78 41.06 26.71 -30.37
C PRO MA 78 40.04 26.26 -29.33
N SER MA 79 39.59 25.02 -29.50
CA SER MA 79 38.69 24.38 -28.56
C SER MA 79 39.27 23.02 -28.20
N PRO MA 80 39.37 22.67 -26.91
CA PRO MA 80 40.11 21.45 -26.56
C PRO MA 80 39.51 20.18 -27.14
N ASP MA 81 38.19 20.04 -27.08
CA ASP MA 81 37.53 18.85 -27.57
C ASP MA 81 37.72 18.64 -29.06
N TYR MA 82 38.12 19.69 -29.79
CA TYR MA 82 38.38 19.58 -31.21
C TYR MA 82 39.87 19.53 -31.54
N VAL MA 83 40.71 20.24 -30.79
CA VAL MA 83 42.14 20.17 -31.05
C VAL MA 83 42.68 18.79 -30.67
N ILE MA 84 42.05 18.12 -29.70
CA ILE MA 84 42.51 16.78 -29.34
C ILE MA 84 42.30 15.79 -30.49
N ASP MA 85 41.31 16.04 -31.36
CA ASP MA 85 40.94 15.11 -32.42
C ASP MA 85 41.38 15.56 -33.80
N ARG MA 86 42.39 16.43 -33.89
CA ARG MA 86 42.82 16.92 -35.19
C ARG MA 86 43.41 15.81 -36.06
N ILE MA 87 44.24 14.95 -35.46
CA ILE MA 87 44.91 13.91 -36.24
C ILE MA 87 43.93 12.82 -36.65
N ASN MA 88 43.11 12.36 -35.71
CA ASN MA 88 42.17 11.26 -35.96
C ASN MA 88 40.79 11.66 -35.43
N ASN MA 89 39.93 12.11 -36.34
CA ASN MA 89 38.60 12.55 -35.94
C ASN MA 89 37.78 11.43 -35.34
N GLY MA 90 37.90 10.23 -35.91
CA GLY MA 90 37.14 9.09 -35.44
C GLY MA 90 36.32 8.46 -36.53
N LEU MA 91 35.71 9.29 -37.38
CA LEU MA 91 34.90 8.76 -38.47
C LEU MA 91 35.77 8.33 -39.63
N TYR MA 92 35.27 7.35 -40.39
CA TYR MA 92 35.98 6.84 -41.56
C TYR MA 92 35.06 6.82 -42.77
N ILE NA 1 16.03 -1.05 -68.48
CA ILE NA 1 17.26 -0.39 -68.93
C ILE NA 1 18.38 -1.42 -69.06
N ASP NA 2 19.23 -1.25 -70.05
CA ASP NA 2 20.35 -2.15 -70.31
C ASP NA 2 21.66 -1.43 -70.07
N LEU NA 3 22.75 -2.20 -70.14
CA LEU NA 3 24.10 -1.64 -70.20
C LEU NA 3 24.36 -1.27 -71.65
N ASP NA 4 23.82 -0.12 -72.05
CA ASP NA 4 23.80 0.27 -73.45
C ASP NA 4 25.11 0.96 -73.82
N GLU NA 5 25.16 1.46 -75.06
CA GLU NA 5 26.35 2.15 -75.54
C GLU NA 5 26.61 3.43 -74.77
N ALA NA 6 25.54 4.14 -74.40
CA ALA NA 6 25.70 5.43 -73.73
C ALA NA 6 26.36 5.29 -72.37
N THR NA 7 26.00 4.25 -71.61
CA THR NA 7 26.50 4.08 -70.26
C THR NA 7 27.85 3.37 -70.19
N ARG NA 8 28.34 2.86 -71.32
CA ARG NA 8 29.64 2.18 -71.36
C ARG NA 8 30.74 3.09 -71.87
N THR NA 9 30.49 4.39 -72.00
CA THR NA 9 31.50 5.33 -72.46
C THR NA 9 32.13 6.02 -71.25
N VAL NA 10 33.47 5.96 -71.18
CA VAL NA 10 34.21 6.51 -70.07
C VAL NA 10 35.37 7.34 -70.59
N VAL NA 11 35.87 8.23 -69.72
CA VAL NA 11 37.00 9.07 -70.07
C VAL NA 11 38.24 8.22 -70.24
N VAL NA 12 39.01 8.48 -71.28
CA VAL NA 12 40.18 7.65 -71.51
C VAL NA 12 41.45 8.41 -71.24
N ASP NA 13 41.37 9.73 -71.29
CA ASP NA 13 42.58 10.53 -71.11
C ASP NA 13 42.30 11.89 -70.51
N ASN NA 14 43.36 12.57 -70.07
CA ASN NA 14 43.19 13.86 -69.43
C ASN NA 14 42.39 14.79 -70.31
N ALA NA 15 42.75 14.86 -71.58
CA ALA NA 15 42.03 15.72 -72.50
C ALA NA 15 40.54 15.58 -72.25
N GLY NA 16 40.04 14.36 -72.33
CA GLY NA 16 38.62 14.13 -72.12
C GLY NA 16 38.11 13.11 -73.11
N ASN NA 17 38.96 12.73 -74.05
CA ASN NA 17 38.56 11.72 -75.02
C ASN NA 17 37.81 10.61 -74.31
N THR NA 18 36.77 10.10 -74.92
CA THR NA 18 35.98 9.07 -74.29
C THR NA 18 35.85 7.82 -75.14
N THR NA 19 36.45 6.74 -74.70
CA THR NA 19 36.35 5.47 -75.41
C THR NA 19 35.20 4.66 -74.83
N VAL NA 20 34.95 3.50 -75.43
CA VAL NA 20 33.82 2.66 -75.06
C VAL NA 20 34.33 1.28 -74.73
N LEU NA 21 33.88 0.74 -73.59
CA LEU NA 21 34.31 -0.58 -73.13
C LEU NA 21 33.37 -1.63 -73.70
N THR NA 22 33.96 -2.62 -74.37
CA THR NA 22 33.18 -3.76 -74.85
C THR NA 22 32.65 -4.56 -73.67
N PRO NA 23 31.51 -5.23 -73.82
CA PRO NA 23 30.94 -5.97 -72.67
C PRO NA 23 31.91 -6.98 -72.10
N GLU NA 24 32.72 -7.59 -72.97
CA GLU NA 24 33.71 -8.55 -72.49
C GLU NA 24 34.64 -7.86 -71.53
N GLN NA 25 35.05 -6.65 -71.88
CA GLN NA 25 35.97 -5.94 -71.03
C GLN NA 25 35.33 -5.79 -69.67
N VAL NA 26 34.09 -5.36 -69.63
CA VAL NA 26 33.41 -5.16 -68.37
C VAL NA 26 33.51 -6.41 -67.51
N LYS NA 27 33.10 -7.54 -68.07
CA LYS NA 27 33.14 -8.80 -67.33
C LYS NA 27 34.54 -9.07 -66.80
N ARG NA 28 35.52 -9.09 -67.69
CA ARG NA 28 36.86 -9.42 -67.25
C ARG NA 28 37.29 -8.52 -66.10
N GLY NA 29 36.99 -7.23 -66.19
CA GLY NA 29 37.34 -6.31 -65.14
C GLY NA 29 36.70 -6.75 -63.85
N LYS NA 30 35.38 -6.74 -63.82
CA LYS NA 30 34.68 -7.11 -62.60
C LYS NA 30 35.29 -8.35 -62.00
N ARG NA 31 35.72 -9.28 -62.84
CA ARG NA 31 36.37 -10.47 -62.31
C ARG NA 31 37.73 -10.13 -61.74
N LEU NA 32 38.59 -9.53 -62.55
CA LEU NA 32 39.95 -9.25 -62.10
C LEU NA 32 39.94 -8.32 -60.89
N PHE NA 33 39.10 -7.30 -60.89
CA PHE NA 33 39.03 -6.40 -59.76
C PHE NA 33 38.59 -7.14 -58.50
N ASN NA 34 37.56 -7.97 -58.60
CA ASN NA 34 37.11 -8.70 -57.43
C ASN NA 34 38.16 -9.71 -56.97
N ALA NA 35 38.95 -10.26 -57.90
CA ALA NA 35 39.96 -11.25 -57.52
C ALA NA 35 41.15 -10.60 -56.82
N THR NA 36 41.62 -9.45 -57.32
CA THR NA 36 42.83 -8.84 -56.80
C THR NA 36 42.55 -7.62 -55.93
N CYS NA 37 41.76 -6.67 -56.44
CA CYS NA 37 41.50 -5.44 -55.70
C CYS NA 37 40.49 -5.66 -54.58
N GLY NA 38 39.58 -6.63 -54.75
CA GLY NA 38 38.37 -6.65 -53.95
C GLY NA 38 38.62 -6.71 -52.47
N ALA NA 39 39.61 -7.49 -52.03
CA ALA NA 39 39.83 -7.72 -50.61
C ALA NA 39 39.99 -6.43 -49.84
N CYS NA 40 40.60 -5.41 -50.44
CA CYS NA 40 40.81 -4.13 -49.78
C CYS NA 40 39.97 -3.00 -50.34
N HIS NA 41 39.54 -3.08 -51.60
CA HIS NA 41 38.77 -2.01 -52.22
C HIS NA 41 37.36 -2.44 -52.57
N VAL NA 42 36.78 -3.35 -51.77
CA VAL NA 42 35.39 -3.72 -51.97
C VAL NA 42 34.49 -2.51 -51.81
N GLY NA 43 33.56 -2.33 -52.74
CA GLY NA 43 32.61 -1.24 -52.67
C GLY NA 43 33.16 0.11 -53.03
N GLY NA 44 34.38 0.18 -53.56
CA GLY NA 44 34.95 1.46 -53.95
C GLY NA 44 35.52 2.28 -52.81
N ILE NA 45 35.81 1.66 -51.67
CA ILE NA 45 36.44 2.33 -50.55
C ILE NA 45 37.75 1.65 -50.24
N THR NA 46 38.67 2.39 -49.64
CA THR NA 46 39.95 1.84 -49.21
C THR NA 46 39.81 1.36 -47.77
N LYS NA 47 40.00 0.07 -47.55
CA LYS NA 47 39.74 -0.50 -46.23
C LYS NA 47 40.83 -0.12 -45.24
N THR NA 48 42.10 -0.11 -45.69
CA THR NA 48 43.20 0.18 -44.79
C THR NA 48 43.35 1.68 -44.52
N ASN NA 49 43.10 2.51 -45.53
CA ASN NA 49 43.22 3.97 -45.40
C ASN NA 49 41.95 4.61 -45.94
N PRO NA 50 40.91 4.71 -45.11
CA PRO NA 50 39.61 5.18 -45.60
C PRO NA 50 39.63 6.61 -46.14
N ASN NA 51 40.64 7.41 -45.80
CA ASN NA 51 40.69 8.78 -46.31
C ASN NA 51 40.84 8.80 -47.83
N VAL NA 52 41.70 7.95 -48.37
CA VAL NA 52 41.98 7.93 -49.80
C VAL NA 52 41.04 6.91 -50.44
N GLY NA 53 39.85 7.37 -50.80
CA GLY NA 53 38.85 6.51 -51.38
C GLY NA 53 39.07 6.25 -52.85
N LEU NA 54 38.13 5.51 -53.44
CA LEU NA 54 38.20 5.13 -54.84
C LEU NA 54 37.10 5.75 -55.68
N ASP NA 55 36.21 6.52 -55.07
CA ASP NA 55 35.11 7.14 -55.82
C ASP NA 55 35.66 8.20 -56.78
N PRO NA 56 34.91 8.53 -57.83
CA PRO NA 56 35.43 9.47 -58.83
C PRO NA 56 35.78 10.84 -58.26
N GLU NA 57 35.07 11.29 -57.24
CA GLU NA 57 35.37 12.60 -56.66
C GLU NA 57 36.77 12.65 -56.08
N ALA NA 58 37.16 11.61 -55.32
CA ALA NA 58 38.50 11.59 -54.74
C ALA NA 58 39.57 11.45 -55.82
N LEU NA 59 39.30 10.63 -56.84
CA LEU NA 59 40.23 10.53 -57.95
C LEU NA 59 40.42 11.86 -58.65
N SER NA 60 39.36 12.68 -58.72
CA SER NA 60 39.46 13.99 -59.34
C SER NA 60 40.33 14.95 -58.55
N LEU NA 61 40.48 14.74 -57.25
CA LEU NA 61 41.26 15.63 -56.40
C LEU NA 61 42.67 15.11 -56.14
N ALA NA 62 43.04 13.96 -56.69
CA ALA NA 62 44.39 13.47 -56.51
C ALA NA 62 45.37 14.24 -57.39
N THR NA 63 46.65 14.12 -57.08
CA THR NA 63 47.71 14.78 -57.83
C THR NA 63 48.65 13.75 -58.41
N PRO NA 64 48.67 13.52 -59.72
CA PRO NA 64 47.83 14.20 -60.72
C PRO NA 64 46.42 13.65 -60.76
N ARG NA 65 45.60 14.16 -61.68
CA ARG NA 65 44.23 13.67 -61.82
C ARG NA 65 44.23 12.17 -62.07
N ARG NA 66 43.36 11.45 -61.35
CA ARG NA 66 43.23 10.01 -61.50
C ARG NA 66 41.83 9.61 -61.97
N ASP NA 67 41.11 10.52 -62.60
CA ASP NA 67 39.73 10.26 -63.03
C ASP NA 67 39.65 9.91 -64.51
N ASN NA 68 40.63 9.19 -65.03
CA ASN NA 68 40.58 8.69 -66.39
C ASN NA 68 41.36 7.37 -66.45
N ILE NA 69 41.12 6.61 -67.51
CA ILE NA 69 41.70 5.28 -67.60
C ILE NA 69 43.22 5.35 -67.63
N ASN NA 70 43.78 6.29 -68.40
CA ASN NA 70 45.22 6.34 -68.58
C ASN NA 70 45.96 6.59 -67.27
N ALA NA 71 45.45 7.50 -66.45
CA ALA NA 71 46.13 7.79 -65.19
C ALA NA 71 46.02 6.62 -64.22
N LEU NA 72 44.88 5.92 -64.20
CA LEU NA 72 44.75 4.73 -63.37
C LEU NA 72 45.73 3.66 -63.80
N VAL NA 73 45.86 3.45 -65.11
CA VAL NA 73 46.79 2.44 -65.63
C VAL NA 73 48.22 2.82 -65.28
N ASP NA 74 48.56 4.10 -65.40
CA ASP NA 74 49.90 4.55 -65.02
C ASP NA 74 50.12 4.38 -63.51
N TYR NA 75 49.09 4.66 -62.72
CA TYR NA 75 49.19 4.48 -61.28
C TYR NA 75 49.49 3.03 -60.93
N ILE NA 76 48.84 2.10 -61.62
CA ILE NA 76 49.18 0.69 -61.44
C ILE NA 76 50.62 0.43 -61.86
N LYS NA 77 51.05 1.01 -62.99
CA LYS NA 77 52.44 0.89 -63.39
C LYS NA 77 53.37 1.54 -62.36
N ASN NA 78 52.96 2.65 -61.78
CA ASN NA 78 53.82 3.42 -60.88
C ASN NA 78 52.93 4.18 -59.90
N PRO NA 79 52.72 3.65 -58.70
CA PRO NA 79 51.85 4.33 -57.73
C PRO NA 79 52.59 5.41 -56.96
N THR NA 80 51.88 6.49 -56.67
CA THR NA 80 52.42 7.63 -55.94
C THR NA 80 51.49 7.96 -54.78
N THR NA 81 51.88 8.94 -53.99
CA THR NA 81 51.05 9.40 -52.88
C THR NA 81 49.85 10.19 -53.41
N TYR NA 82 49.01 10.66 -52.49
CA TYR NA 82 47.84 11.42 -52.90
C TYR NA 82 48.23 12.71 -53.59
N ASP NA 83 49.28 13.36 -53.11
CA ASP NA 83 49.83 14.55 -53.75
C ASP NA 83 50.93 14.24 -54.77
N GLY NA 84 51.28 12.98 -54.95
CA GLY NA 84 52.24 12.60 -55.96
C GLY NA 84 53.67 13.04 -55.70
N LEU NA 85 54.03 13.29 -54.44
CA LEU NA 85 55.39 13.69 -54.12
C LEU NA 85 56.38 12.54 -54.26
N GLU NA 86 56.03 11.34 -53.82
CA GLU NA 86 56.93 10.20 -53.94
C GLU NA 86 56.15 8.94 -54.28
N SER NA 87 56.89 7.87 -54.56
CA SER NA 87 56.30 6.59 -54.93
C SER NA 87 56.12 5.73 -53.69
N ILE NA 88 55.01 5.00 -53.64
CA ILE NA 88 54.70 4.13 -52.52
C ILE NA 88 54.64 2.68 -53.01
N ALA NA 89 55.42 2.38 -54.05
CA ALA NA 89 55.35 1.06 -54.67
C ALA NA 89 55.72 -0.04 -53.68
N GLU NA 90 56.57 0.26 -52.70
CA GLU NA 90 56.99 -0.74 -51.74
C GLU NA 90 55.91 -1.08 -50.72
N VAL NA 91 54.81 -0.33 -50.68
CA VAL NA 91 53.76 -0.55 -49.69
C VAL NA 91 52.41 -0.61 -50.40
N HIS NA 92 52.43 -0.72 -51.73
CA HIS NA 92 51.20 -0.82 -52.48
C HIS NA 92 51.38 -1.76 -53.65
N PRO NA 93 50.35 -2.54 -54.01
CA PRO NA 93 50.47 -3.40 -55.19
C PRO NA 93 50.73 -2.59 -56.45
N SER NA 94 51.65 -3.08 -57.27
CA SER NA 94 52.03 -2.38 -58.50
C SER NA 94 52.85 -3.32 -59.37
N ILE NA 95 52.97 -2.94 -60.64
CA ILE NA 95 53.86 -3.67 -61.54
C ILE NA 95 55.31 -3.43 -61.15
N LYS NA 96 55.63 -2.23 -60.67
CA LYS NA 96 57.00 -1.96 -60.21
C LYS NA 96 57.37 -2.88 -59.06
N SER NA 97 56.46 -3.07 -58.11
CA SER NA 97 56.66 -4.04 -57.03
C SER NA 97 56.04 -5.39 -57.37
N ALA NA 98 56.38 -5.92 -58.55
CA ALA NA 98 55.90 -7.25 -58.91
C ALA NA 98 56.59 -8.32 -58.07
N ASP NA 99 57.88 -8.12 -57.77
CA ASP NA 99 58.58 -9.07 -56.92
C ASP NA 99 57.97 -9.13 -55.52
N ILE NA 100 57.61 -7.96 -54.98
CA ILE NA 100 57.06 -7.92 -53.63
C ILE NA 100 55.68 -8.55 -53.59
N TYR NA 101 54.81 -8.19 -54.53
CA TYR NA 101 53.46 -8.71 -54.59
C TYR NA 101 53.33 -9.71 -55.73
N PRO NA 102 53.19 -11.01 -55.47
CA PRO NA 102 53.13 -11.98 -56.56
C PRO NA 102 51.83 -11.96 -57.34
N ARG NA 103 50.83 -11.17 -56.92
CA ARG NA 103 49.55 -11.16 -57.62
C ARG NA 103 49.66 -10.61 -59.02
N MET NA 104 50.49 -9.58 -59.19
CA MET NA 104 50.61 -8.92 -60.47
C MET NA 104 51.62 -9.59 -61.37
N ARG NA 105 52.19 -10.68 -60.93
CA ARG NA 105 53.23 -11.31 -61.71
C ARG NA 105 52.67 -11.81 -63.03
N SER NA 106 51.36 -11.74 -63.19
CA SER NA 106 50.74 -12.26 -64.40
C SER NA 106 49.86 -11.26 -65.13
N LEU NA 107 49.57 -10.13 -64.51
CA LEU NA 107 48.66 -9.17 -65.12
C LEU NA 107 49.19 -8.60 -66.42
N THR NA 108 48.33 -8.44 -67.41
CA THR NA 108 48.75 -7.92 -68.69
C THR NA 108 48.18 -6.53 -68.90
N ASP NA 109 48.49 -5.93 -70.03
CA ASP NA 109 48.02 -4.58 -70.29
C ASP NA 109 46.52 -4.55 -70.38
N GLU NA 110 45.96 -5.41 -71.19
CA GLU NA 110 44.53 -5.43 -71.35
C GLU NA 110 43.92 -5.62 -69.99
N ASP NA 111 44.53 -6.48 -69.19
CA ASP NA 111 44.02 -6.69 -67.84
C ASP NA 111 43.96 -5.37 -67.09
N LEU NA 112 45.03 -4.58 -67.14
CA LEU NA 112 45.05 -3.29 -66.48
C LEU NA 112 44.01 -2.36 -67.07
N TYR NA 113 43.88 -2.37 -68.40
CA TYR NA 113 42.89 -1.52 -69.07
C TYR NA 113 41.49 -1.88 -68.62
N SER NA 114 41.18 -3.17 -68.53
CA SER NA 114 39.85 -3.61 -68.10
C SER NA 114 39.60 -3.26 -66.64
N ILE NA 115 40.61 -3.41 -65.78
CA ILE NA 115 40.44 -3.07 -64.37
C ILE NA 115 40.16 -1.57 -64.22
N ALA NA 116 40.93 -0.75 -64.93
CA ALA NA 116 40.70 0.70 -64.90
C ALA NA 116 39.33 1.04 -65.45
N GLY NA 117 38.92 0.37 -66.52
CA GLY NA 117 37.60 0.61 -67.07
C GLY NA 117 36.49 0.26 -66.09
N HIS NA 118 36.65 -0.84 -65.37
CA HIS NA 118 35.66 -1.20 -64.36
C HIS NA 118 35.60 -0.15 -63.25
N ILE NA 119 36.77 0.33 -62.80
CA ILE NA 119 36.81 1.35 -61.76
C ILE NA 119 36.12 2.62 -62.25
N MET NA 120 36.31 2.96 -63.52
CA MET NA 120 35.68 4.17 -64.07
C MET NA 120 34.18 3.97 -64.26
N LEU NA 121 33.76 2.76 -64.62
CA LEU NA 121 32.39 2.53 -65.07
C LEU NA 121 31.44 2.31 -63.90
N SER NA 122 31.90 1.62 -62.85
CA SER NA 122 31.00 1.30 -61.74
C SER NA 122 30.34 2.52 -61.12
N PRO NA 123 31.01 3.65 -60.89
CA PRO NA 123 30.29 4.84 -60.41
C PRO NA 123 29.29 5.41 -61.41
N LYS NA 124 29.41 5.07 -62.70
CA LYS NA 124 28.38 5.50 -63.64
C LYS NA 124 27.12 4.66 -63.52
N ILE NA 125 27.25 3.42 -63.07
CA ILE NA 125 26.07 2.57 -62.86
C ILE NA 125 25.44 2.84 -61.50
N ALA NA 126 26.20 2.62 -60.43
CA ALA NA 126 25.64 2.78 -59.09
C ALA NA 126 25.35 4.25 -58.79
N SER NA 127 26.33 5.12 -59.05
CA SER NA 127 26.17 6.58 -59.06
C SER NA 127 26.02 7.17 -57.67
N GLU NA 128 26.03 6.35 -56.64
CA GLU NA 128 26.02 6.95 -55.29
C GLU NA 128 26.62 6.02 -54.25
N LYS NA 129 26.87 4.77 -54.64
CA LYS NA 129 27.36 3.82 -53.68
C LYS NA 129 28.82 3.47 -53.90
N TRP NA 130 29.34 3.75 -55.09
CA TRP NA 130 30.74 3.50 -55.34
C TRP NA 130 31.56 4.37 -54.43
N GLY NA 131 31.98 3.82 -53.31
CA GLY NA 131 32.81 4.56 -52.39
C GLY NA 131 31.98 5.22 -51.32
N GLY NA 132 30.67 5.05 -51.39
CA GLY NA 132 29.80 5.62 -50.39
C GLY NA 132 30.04 5.07 -49.01
N GLY NA 133 29.93 3.75 -48.87
CA GLY NA 133 30.11 3.14 -47.57
C GLY NA 133 28.83 2.63 -46.98
N LYS NA 134 28.89 2.12 -45.76
CA LYS NA 134 27.71 1.56 -45.11
C LYS NA 134 26.46 2.37 -45.40
N ILE NA 135 26.46 3.63 -45.00
CA ILE NA 135 25.28 4.47 -45.17
C ILE NA 135 24.50 4.15 -46.42
N TYR NA 136 25.18 3.83 -47.53
CA TYR NA 136 24.49 3.61 -48.78
C TYR NA 136 24.72 2.19 -49.31
N ALA OA 1 48.87 -15.10 -12.11
CA ALA OA 1 47.76 -15.53 -12.94
C ALA OA 1 48.24 -16.28 -14.17
N ARG OA 2 48.57 -15.57 -15.23
CA ARG OA 2 48.98 -16.20 -16.47
C ARG OA 2 50.36 -16.83 -16.40
N PHE OA 3 50.88 -17.01 -15.20
CA PHE OA 3 52.23 -17.53 -15.07
C PHE OA 3 52.29 -19.04 -15.26
N ALA OA 4 51.84 -19.57 -16.39
CA ALA OA 4 51.98 -21.01 -16.60
C ALA OA 4 51.73 -21.81 -15.33
N ASN OA 5 52.79 -22.21 -14.61
CA ASN OA 5 52.66 -22.93 -13.31
C ASN OA 5 52.32 -24.41 -13.43
N GLY OA 6 53.14 -25.28 -12.83
CA GLY OA 6 52.85 -26.70 -12.84
C GLY OA 6 51.61 -26.79 -12.03
N LYS OA 7 50.56 -27.41 -12.56
CA LYS OA 7 49.30 -27.41 -11.86
C LYS OA 7 49.16 -25.95 -11.51
N PRO OA 8 48.65 -25.64 -10.33
CA PRO OA 8 48.66 -24.19 -10.07
C PRO OA 8 49.33 -23.89 -8.76
N GLN OA 9 50.14 -24.82 -8.29
CA GLN OA 9 50.81 -24.65 -7.02
C GLN OA 9 51.82 -23.54 -7.15
N SER OA 10 51.68 -22.52 -6.32
CA SER OA 10 52.64 -21.43 -6.32
C SER OA 10 53.46 -21.45 -5.05
N ILE OA 11 52.89 -21.97 -3.97
CA ILE OA 11 53.58 -22.01 -2.69
C ILE OA 11 53.67 -23.43 -2.17
N GLU OA 12 54.86 -23.85 -1.77
CA GLU OA 12 55.00 -25.22 -1.33
C GLU OA 12 53.92 -25.61 -0.34
N ALA OA 13 53.41 -24.64 0.42
CA ALA OA 13 52.33 -24.94 1.36
C ALA OA 13 51.11 -25.45 0.63
N LYS OA 14 50.76 -24.83 -0.50
CA LYS OA 14 49.56 -25.23 -1.23
C LYS OA 14 49.66 -26.67 -1.71
N TYR OA 15 50.82 -27.07 -2.23
CA TYR OA 15 50.98 -28.46 -2.66
C TYR OA 15 50.97 -29.40 -1.45
N ILE OA 16 51.75 -29.08 -0.42
CA ILE OA 16 51.86 -29.94 0.75
C ILE OA 16 50.52 -30.06 1.48
N MET OA 17 49.56 -29.18 1.18
CA MET OA 17 48.26 -29.30 1.82
C MET OA 17 47.17 -29.83 0.92
N ARG OA 18 47.28 -29.65 -0.40
CA ARG OA 18 46.45 -30.44 -1.31
C ARG OA 18 46.85 -31.91 -1.25
N SER OA 19 48.01 -32.19 -0.65
CA SER OA 19 48.42 -33.57 -0.41
C SER OA 19 47.54 -34.32 0.59
N PRO OA 20 47.39 -33.91 1.86
CA PRO OA 20 46.73 -34.79 2.83
C PRO OA 20 45.30 -35.15 2.47
N ALA OA 21 44.59 -34.35 1.68
CA ALA OA 21 43.23 -34.73 1.33
C ALA OA 21 43.22 -35.98 0.43
N GLU OA 22 44.02 -35.96 -0.62
CA GLU OA 22 44.10 -37.14 -1.48
C GLU OA 22 44.66 -38.33 -0.71
N TRP OA 23 45.64 -38.11 0.16
CA TRP OA 23 46.18 -39.25 0.89
C TRP OA 23 45.20 -39.78 1.93
N ASP OA 24 44.42 -38.90 2.56
CA ASP OA 24 43.33 -39.31 3.44
C ASP OA 24 42.36 -40.20 2.69
N ARG OA 25 41.99 -39.79 1.48
CA ARG OA 25 41.11 -40.64 0.68
C ARG OA 25 41.74 -41.97 0.33
N PHE OA 26 43.02 -41.96 -0.04
CA PHE OA 26 43.69 -43.22 -0.34
C PHE OA 26 43.66 -44.14 0.86
N MET OA 27 43.84 -43.60 2.06
CA MET OA 27 43.83 -44.43 3.26
C MET OA 27 42.45 -45.02 3.53
N ARG OA 28 41.41 -44.19 3.46
CA ARG OA 28 40.07 -44.70 3.70
C ARG OA 28 39.67 -45.73 2.65
N PHE OA 29 40.16 -45.57 1.42
CA PHE OA 29 39.87 -46.53 0.36
C PHE OA 29 40.64 -47.83 0.58
N MET OA 30 41.92 -47.73 0.95
CA MET OA 30 42.72 -48.89 1.33
C MET OA 30 42.14 -49.65 2.50
N ASP OA 31 41.41 -48.98 3.39
CA ASP OA 31 40.83 -49.67 4.52
C ASP OA 31 39.94 -50.82 4.07
N ARG OA 32 39.12 -50.61 3.05
CA ARG OA 32 38.35 -51.72 2.51
C ARG OA 32 39.21 -52.63 1.64
N TYR OA 33 39.99 -52.04 0.73
CA TYR OA 33 40.71 -52.78 -0.30
C TYR OA 33 42.16 -52.91 0.13
N ALA OA 34 42.52 -54.11 0.59
CA ALA OA 34 43.88 -54.41 0.99
C ALA OA 34 44.10 -55.90 0.87
N GLU OA 35 45.34 -56.27 0.52
CA GLU OA 35 45.72 -57.67 0.33
C GLU OA 35 44.86 -58.32 -0.75
N ALA OA 36 44.85 -57.70 -1.92
CA ALA OA 36 44.12 -58.21 -3.09
C ALA OA 36 45.11 -58.38 -4.23
N ASN OA 37 45.24 -59.62 -4.72
CA ASN OA 37 46.13 -59.87 -5.85
C ASN OA 37 45.45 -60.65 -6.98
N GLY OA 38 44.60 -61.62 -6.65
CA GLY OA 38 44.02 -62.48 -7.66
C GLY OA 38 42.53 -62.32 -7.82
N LEU OA 39 41.81 -63.45 -7.81
CA LEU OA 39 40.35 -63.48 -7.96
C LEU OA 39 39.93 -62.85 -9.30
N GLY OA 40 40.41 -63.45 -10.38
CA GLY OA 40 40.00 -63.04 -11.71
C GLY OA 40 38.66 -63.64 -12.09
N PHE OA 41 37.64 -62.79 -12.23
CA PHE OA 41 36.29 -63.29 -12.45
C PHE OA 41 36.11 -63.82 -13.86
N SER OA 42 36.74 -63.18 -14.85
CA SER OA 42 36.64 -63.57 -16.26
C SER OA 42 35.18 -63.60 -16.72
N SER OA 43 34.56 -62.42 -16.67
CA SER OA 43 33.18 -62.28 -17.12
C SER OA 43 32.94 -60.82 -17.49
N UNK OA 44 31.86 -60.58 -18.20
CA UNK OA 44 31.55 -59.26 -18.73
C UNK OA 44 31.14 -58.34 -17.59
N UNK OA 45 32.10 -57.57 -17.07
CA UNK OA 45 31.83 -56.53 -16.09
C UNK OA 45 31.18 -57.10 -14.83
N UNK OA 46 31.60 -58.29 -14.42
CA UNK OA 46 31.00 -58.91 -13.26
C UNK OA 46 31.55 -58.30 -11.97
N UNK OA 47 32.84 -58.49 -11.72
CA UNK OA 47 33.48 -58.05 -10.47
C UNK OA 47 32.64 -58.46 -9.26
N UNK OA 48 32.01 -59.63 -9.34
CA UNK OA 48 31.17 -60.11 -8.26
C UNK OA 48 31.97 -60.35 -6.99
N UNK OA 49 33.16 -60.92 -7.12
CA UNK OA 49 34.00 -61.21 -5.97
C UNK OA 49 34.44 -59.91 -5.31
N UNK OA 50 34.25 -59.81 -4.00
CA UNK OA 50 34.63 -58.62 -3.26
C UNK OA 50 36.10 -58.67 -2.88
N MET PA 1 -26.58 3.42 -58.25
CA MET PA 1 -26.06 2.32 -59.05
C MET PA 1 -24.77 2.72 -59.75
N THR PA 2 -23.67 2.66 -59.02
CA THR PA 2 -22.37 3.01 -59.56
C THR PA 2 -21.68 1.74 -60.07
N ALA PA 3 -20.43 1.89 -60.51
CA ALA PA 3 -19.65 0.72 -60.90
C ALA PA 3 -19.40 -0.18 -59.70
N SER PA 4 -19.17 0.41 -58.53
CA SER PA 4 -18.90 -0.38 -57.33
C SER PA 4 -20.09 -1.24 -56.96
N LEU PA 5 -21.31 -0.69 -57.02
CA LEU PA 5 -22.48 -1.47 -56.66
C LEU PA 5 -22.73 -2.61 -57.63
N SER PA 6 -22.54 -2.35 -58.93
CA SER PA 6 -22.69 -3.40 -59.92
C SER PA 6 -21.68 -4.52 -59.68
N ASN PA 7 -20.42 -4.15 -59.42
CA ASN PA 7 -19.40 -5.16 -59.15
C ASN PA 7 -19.74 -5.96 -57.89
N PHE PA 8 -20.28 -5.27 -56.87
CA PHE PA 8 -20.62 -5.95 -55.63
C PHE PA 8 -21.73 -6.99 -55.84
N ILE PA 9 -22.79 -6.59 -56.55
CA ILE PA 9 -23.89 -7.54 -56.77
C ILE PA 9 -23.44 -8.67 -57.69
N ALA PA 10 -22.58 -8.37 -58.66
CA ALA PA 10 -22.05 -9.44 -59.51
C ALA PA 10 -21.20 -10.41 -58.70
N SER PA 11 -20.46 -9.91 -57.72
CA SER PA 11 -19.72 -10.79 -56.82
C SER PA 11 -20.67 -11.66 -56.00
N LEU PA 12 -21.78 -11.07 -55.55
CA LEU PA 12 -22.79 -11.88 -54.85
C LEU PA 12 -23.28 -13.01 -55.74
N ILE PA 13 -23.49 -12.73 -57.02
CA ILE PA 13 -23.94 -13.77 -57.94
C ILE PA 13 -22.86 -14.81 -58.16
N ALA PA 14 -21.60 -14.40 -58.20
CA ALA PA 14 -20.51 -15.37 -58.33
C ALA PA 14 -20.46 -16.31 -57.14
N GLY PA 15 -20.62 -15.75 -55.93
CA GLY PA 15 -20.73 -16.60 -54.76
C GLY PA 15 -21.92 -17.55 -54.84
N GLY PA 16 -23.05 -17.03 -55.33
CA GLY PA 16 -24.21 -17.88 -55.52
C GLY PA 16 -23.95 -19.04 -56.46
N VAL PA 17 -23.29 -18.77 -57.59
CA VAL PA 17 -23.05 -19.84 -58.57
C VAL PA 17 -22.04 -20.83 -58.03
N VAL PA 18 -21.05 -20.38 -57.25
CA VAL PA 18 -20.08 -21.30 -56.67
C VAL PA 18 -20.77 -22.25 -55.70
N VAL PA 19 -21.58 -21.69 -54.79
CA VAL PA 19 -22.32 -22.55 -53.85
C VAL PA 19 -23.26 -23.46 -54.61
N GLY PA 20 -23.89 -22.96 -55.67
CA GLY PA 20 -24.83 -23.76 -56.43
C GLY PA 20 -24.16 -24.93 -57.13
N VAL PA 21 -22.99 -24.72 -57.72
CA VAL PA 21 -22.32 -25.82 -58.40
C VAL PA 21 -21.82 -26.84 -57.39
N ILE PA 22 -21.33 -26.39 -56.23
CA ILE PA 22 -20.94 -27.36 -55.20
C ILE PA 22 -22.14 -28.20 -54.78
N ALA PA 23 -23.29 -27.55 -54.55
CA ALA PA 23 -24.49 -28.28 -54.15
C ALA PA 23 -24.96 -29.23 -55.24
N ILE PA 24 -24.91 -28.80 -56.50
CA ILE PA 24 -25.33 -29.67 -57.59
C ILE PA 24 -24.44 -30.90 -57.68
N ALA PA 25 -23.12 -30.71 -57.53
CA ALA PA 25 -22.22 -31.86 -57.52
C ALA PA 25 -22.53 -32.80 -56.38
N LEU PA 26 -22.78 -32.25 -55.18
CA LEU PA 26 -23.11 -33.10 -54.04
C LEU PA 26 -24.39 -33.89 -54.28
N ILE PA 27 -25.42 -33.24 -54.82
CA ILE PA 27 -26.68 -33.92 -55.08
C ILE PA 27 -26.49 -35.02 -56.10
N VAL PA 28 -25.74 -34.77 -57.15
CA VAL PA 28 -25.60 -35.81 -58.16
C VAL PA 28 -24.99 -37.05 -57.55
N ILE PA 29 -23.83 -36.90 -56.92
CA ILE PA 29 -23.14 -38.06 -56.37
C ILE PA 29 -23.92 -38.74 -55.26
N SER PA 30 -24.23 -38.00 -54.20
CA SER PA 30 -24.94 -38.60 -53.08
C SER PA 30 -26.07 -39.49 -53.49
N LYS PA 31 -26.77 -39.13 -54.55
CA LYS PA 31 -27.90 -39.93 -54.99
C LYS PA 31 -27.41 -41.15 -55.73
N SER PA 32 -26.50 -40.95 -56.66
CA SER PA 32 -25.98 -42.06 -57.46
C SER PA 32 -24.94 -42.84 -56.70
N ASP PA 33 -25.14 -42.98 -55.39
CA ASP PA 33 -24.15 -43.66 -54.56
C ASP PA 33 -24.74 -43.86 -53.19
N ARG PA 34 -25.99 -44.30 -53.13
CA ARG PA 34 -26.65 -44.49 -51.85
C ARG PA 34 -25.81 -45.32 -50.90
N ASP QA 1 33.44 -24.01 -76.80
CA ASP QA 1 32.85 -25.19 -76.19
C ASP QA 1 33.44 -25.45 -74.80
N THR QA 2 32.58 -25.41 -73.78
CA THR QA 2 33.06 -25.64 -72.42
C THR QA 2 33.28 -27.13 -72.22
N ARG QA 3 34.27 -27.68 -72.91
CA ARG QA 3 34.55 -29.09 -72.77
C ARG QA 3 34.66 -29.44 -71.30
N LEU QA 4 34.95 -28.45 -70.46
CA LEU QA 4 34.96 -28.74 -69.04
C LEU QA 4 33.62 -29.27 -68.55
N LEU QA 5 32.52 -28.66 -69.01
CA LEU QA 5 31.21 -29.15 -68.59
C LEU QA 5 30.93 -30.54 -69.16
N VAL QA 6 31.22 -30.73 -70.45
CA VAL QA 6 31.03 -32.02 -71.10
C VAL QA 6 32.04 -33.05 -70.62
N ILE QA 7 33.00 -32.64 -69.79
CA ILE QA 7 33.98 -33.56 -69.24
C ILE QA 7 33.63 -33.87 -67.78
N ALA QA 8 33.06 -32.89 -67.09
CA ALA QA 8 32.77 -33.02 -65.67
C ALA QA 8 31.40 -33.63 -65.41
N ALA QA 9 30.41 -33.35 -66.25
CA ALA QA 9 29.14 -34.06 -66.10
C ALA QA 9 29.31 -35.55 -66.39
N PRO QA 10 29.80 -35.98 -67.56
CA PRO QA 10 29.86 -37.44 -67.83
C PRO QA 10 30.75 -38.26 -66.89
N VAL QA 11 31.69 -37.65 -66.19
CA VAL QA 11 32.49 -38.47 -65.28
C VAL QA 11 31.77 -38.65 -63.94
N LEU QA 12 31.24 -37.58 -63.37
CA LEU QA 12 30.23 -37.68 -62.32
C LEU QA 12 29.21 -38.73 -62.69
N VAL QA 13 28.82 -38.72 -63.95
CA VAL QA 13 27.92 -39.69 -64.55
C VAL QA 13 28.36 -41.13 -64.30
N ALA QA 14 29.47 -41.53 -64.94
CA ALA QA 14 29.87 -42.92 -64.83
C ALA QA 14 30.02 -43.33 -63.37
N ALA QA 15 30.61 -42.45 -62.56
CA ALA QA 15 30.85 -42.78 -61.15
C ALA QA 15 29.54 -42.99 -60.40
N SER QA 16 28.54 -42.15 -60.64
CA SER QA 16 27.30 -42.28 -59.89
C SER QA 16 26.55 -43.55 -60.26
N TRP QA 17 26.57 -43.94 -61.53
CA TRP QA 17 25.84 -45.17 -61.87
C TRP QA 17 26.61 -46.47 -61.60
N ALA QA 18 27.93 -46.40 -61.34
CA ALA QA 18 28.73 -47.64 -61.26
C ALA QA 18 28.30 -48.55 -60.10
N LEU QA 19 28.23 -48.03 -58.88
CA LEU QA 19 27.95 -48.90 -57.73
C LEU QA 19 26.56 -49.52 -57.84
N PHE QA 20 25.60 -48.75 -58.34
CA PHE QA 20 24.28 -49.28 -58.56
C PHE QA 20 24.33 -50.38 -59.62
N ASN QA 21 25.27 -50.27 -60.58
CA ASN QA 21 25.47 -51.38 -61.51
C ASN QA 21 25.93 -52.64 -60.78
N ILE QA 22 26.83 -52.48 -59.81
CA ILE QA 22 27.25 -53.64 -59.02
C ILE QA 22 26.04 -54.26 -58.32
N GLY QA 23 25.16 -53.41 -57.79
CA GLY QA 23 23.92 -53.91 -57.22
C GLY QA 23 23.07 -54.67 -58.23
N ARG QA 24 22.95 -54.12 -59.47
CA ARG QA 24 22.29 -54.84 -60.57
C ARG QA 24 22.79 -56.24 -60.69
N LEU QA 25 24.09 -56.36 -60.87
CA LEU QA 25 24.68 -57.66 -61.20
C LEU QA 25 24.50 -58.62 -60.04
N ALA QA 26 24.67 -58.15 -58.81
CA ALA QA 26 24.51 -59.02 -57.66
C ALA QA 26 23.09 -59.56 -57.55
N ILE QA 27 22.08 -58.70 -57.77
CA ILE QA 27 20.72 -59.22 -57.68
C ILE QA 27 20.39 -60.13 -58.87
N GLN QA 28 20.98 -59.85 -60.04
CA GLN QA 28 20.73 -60.70 -61.20
C GLN QA 28 21.27 -62.11 -60.97
N GLN QA 29 22.53 -62.21 -60.60
CA GLN QA 29 23.15 -63.52 -60.47
C GLN QA 29 22.86 -64.18 -59.15
N ILE QA 30 21.69 -63.88 -58.59
CA ILE QA 30 21.30 -64.52 -57.34
C ILE QA 30 22.50 -64.61 -56.42
N GLN QA 31 23.02 -63.45 -56.01
CA GLN QA 31 24.18 -63.43 -55.16
C GLN QA 31 23.81 -63.30 -53.70
N ARG QA 32 24.78 -63.49 -52.82
CA ARG QA 32 24.52 -63.41 -51.40
C ARG QA 32 24.45 -61.95 -50.98
N LEU QA 33 23.67 -61.17 -51.71
CA LEU QA 33 23.53 -59.75 -51.40
C LEU QA 33 23.25 -59.59 -49.91
N MET RA 1 53.42 -40.73 -73.60
CA MET RA 1 53.09 -42.11 -73.26
C MET RA 1 52.42 -42.16 -71.90
N ILE RA 2 53.02 -41.50 -70.91
CA ILE RA 2 52.45 -41.50 -69.58
C ILE RA 2 50.96 -41.32 -69.67
N THR RA 3 50.51 -40.22 -70.25
CA THR RA 3 49.08 -39.96 -70.29
C THR RA 3 48.32 -41.20 -70.75
N ALA RA 4 48.81 -41.83 -71.81
CA ALA RA 4 48.13 -43.01 -72.32
C ALA RA 4 48.26 -44.15 -71.35
N LEU RA 5 49.49 -44.46 -70.97
CA LEU RA 5 49.70 -45.54 -70.03
C LEU RA 5 48.70 -45.46 -68.91
N THR RA 6 48.52 -44.28 -68.32
CA THR RA 6 47.62 -44.17 -67.19
C THR RA 6 46.20 -44.41 -67.65
N ALA RA 7 45.78 -43.74 -68.72
CA ALA RA 7 44.46 -43.98 -69.24
C ALA RA 7 44.16 -45.45 -69.13
N LEU RA 8 45.04 -46.27 -69.69
CA LEU RA 8 44.85 -47.69 -69.59
C LEU RA 8 44.67 -48.05 -68.14
N PHE RA 9 45.62 -47.67 -67.30
CA PHE RA 9 45.50 -48.07 -65.89
C PHE RA 9 44.12 -47.75 -65.35
N VAL RA 10 43.57 -46.59 -65.70
CA VAL RA 10 42.22 -46.25 -65.25
C VAL RA 10 41.20 -47.22 -65.81
N LEU RA 11 41.32 -47.56 -67.10
CA LEU RA 11 40.37 -48.49 -67.70
C LEU RA 11 40.44 -49.87 -67.05
N VAL RA 12 41.67 -50.37 -66.83
CA VAL RA 12 41.78 -51.69 -66.23
C VAL RA 12 41.33 -51.68 -64.78
N SER RA 13 41.57 -50.58 -64.06
CA SER RA 13 41.09 -50.49 -62.68
C SER RA 13 39.57 -50.47 -62.64
N LEU RA 14 38.94 -49.77 -63.58
CA LEU RA 14 37.48 -49.79 -63.66
C LEU RA 14 36.96 -51.19 -63.95
N ALA RA 15 37.58 -51.89 -64.91
CA ALA RA 15 37.15 -53.25 -65.22
C ALA RA 15 37.36 -54.18 -64.03
N LEU RA 16 38.39 -53.93 -63.23
CA LEU RA 16 38.64 -54.77 -62.07
C LEU RA 16 37.65 -54.48 -60.94
N VAL RA 17 37.34 -53.20 -60.71
CA VAL RA 17 36.46 -52.84 -59.61
C VAL RA 17 35.02 -53.25 -59.90
N VAL RA 18 34.60 -53.20 -61.17
CA VAL RA 18 33.24 -53.59 -61.47
C VAL RA 18 33.03 -55.10 -61.34
N THR RA 19 34.11 -55.88 -61.37
CA THR RA 19 33.99 -57.33 -61.40
C THR RA 19 34.46 -58.02 -60.13
N VAL RA 20 35.30 -57.40 -59.32
CA VAL RA 20 35.79 -58.03 -58.09
C VAL RA 20 34.65 -58.11 -57.08
N PRO RA 21 33.94 -57.02 -56.82
CA PRO RA 21 32.82 -57.09 -55.86
C PRO RA 21 31.76 -58.10 -56.26
N VAL RA 22 31.47 -58.22 -57.56
CA VAL RA 22 30.49 -59.20 -58.01
C VAL RA 22 31.03 -60.61 -57.84
N ALA RA 23 32.30 -60.83 -58.14
CA ALA RA 23 32.86 -62.14 -57.92
C ALA RA 23 32.71 -62.56 -56.48
N LEU RA 24 33.51 -61.99 -55.60
CA LEU RA 24 33.50 -62.38 -54.18
C LEU RA 24 32.12 -62.78 -53.67
N ALA RA 25 31.12 -61.96 -53.94
CA ALA RA 25 29.77 -62.28 -53.49
C ALA RA 25 29.30 -63.59 -54.07
N THR RA 26 28.91 -63.59 -55.35
CA THR RA 26 28.47 -64.81 -56.01
C THR RA 26 29.19 -66.00 -55.43
N PRO RA 27 28.49 -66.84 -54.67
CA PRO RA 27 29.15 -67.96 -54.01
C PRO RA 27 29.94 -68.83 -54.97
N GLY RA 28 31.12 -69.27 -54.56
CA GLY RA 28 31.92 -70.15 -55.39
C GLY RA 28 32.66 -69.45 -56.51
N GLU RA 29 31.99 -68.55 -57.20
CA GLU RA 29 32.60 -67.87 -58.33
C GLU RA 29 34.08 -67.63 -58.14
N TRP RA 30 34.47 -67.15 -56.97
CA TRP RA 30 35.86 -66.82 -56.74
C TRP RA 30 36.82 -67.92 -57.14
N GLU RA 31 37.07 -68.85 -56.25
CA GLU RA 31 38.06 -69.90 -56.52
C GLU RA 31 38.18 -70.30 -57.99
N THR RA 32 37.09 -70.71 -58.60
CA THR RA 32 37.10 -71.20 -59.97
C THR RA 32 37.86 -70.26 -60.89
N SER RA 33 37.70 -68.95 -60.70
CA SER RA 33 38.29 -67.94 -61.57
C SER RA 33 39.43 -67.19 -60.88
N LYS RA 34 40.21 -67.89 -60.07
CA LYS RA 34 41.25 -67.24 -59.28
C LYS RA 34 42.46 -66.85 -60.13
N ASP RA 35 42.88 -67.72 -61.04
CA ASP RA 35 44.14 -67.47 -61.76
C ASP RA 35 44.03 -66.27 -62.70
N GLN RA 36 42.87 -66.10 -63.35
CA GLN RA 36 42.70 -64.92 -64.19
C GLN RA 36 42.74 -63.65 -63.36
N PHE RA 37 42.15 -63.67 -62.16
CA PHE RA 37 42.23 -62.51 -61.28
C PHE RA 37 43.66 -62.24 -60.86
N ASN RA 38 44.44 -63.29 -60.59
CA ASN RA 38 45.84 -63.10 -60.26
C ASN RA 38 46.61 -62.48 -61.43
N LYS RA 39 46.32 -62.95 -62.65
CA LYS RA 39 46.99 -62.41 -63.82
C LYS RA 39 46.64 -60.93 -64.01
N ILE RA 40 45.38 -60.57 -63.80
CA ILE RA 40 44.99 -59.17 -63.93
C ILE RA 40 45.60 -58.33 -62.83
N PHE RA 41 45.75 -58.87 -61.62
CA PHE RA 41 46.45 -58.16 -60.56
C PHE RA 41 47.90 -57.88 -60.94
N GLN RA 42 48.57 -58.87 -61.51
CA GLN RA 42 49.94 -58.67 -61.96
C GLN RA 42 49.99 -57.63 -63.08
N LEU RA 43 49.02 -57.66 -63.99
CA LEU RA 43 48.94 -56.62 -65.01
C LEU RA 43 48.78 -55.24 -64.39
N TRP RA 44 47.96 -55.14 -63.35
CA TRP RA 44 47.71 -53.86 -62.70
C TRP RA 44 48.99 -53.32 -62.06
N VAL RA 45 49.69 -54.15 -61.29
CA VAL RA 45 50.91 -53.68 -60.65
C VAL RA 45 51.98 -53.37 -61.70
N GLY RA 46 52.04 -54.15 -62.78
CA GLY RA 46 52.96 -53.82 -63.85
C GLY RA 46 52.67 -52.47 -64.48
N LEU RA 47 51.38 -52.16 -64.68
CA LEU RA 47 51.00 -50.86 -65.22
C LEU RA 47 51.42 -49.74 -64.27
N VAL RA 48 51.23 -49.95 -62.96
CA VAL RA 48 51.62 -48.93 -62.00
C VAL RA 48 53.13 -48.69 -62.04
N VAL RA 49 53.90 -49.78 -62.06
CA VAL RA 49 55.36 -49.65 -62.12
C VAL RA 49 55.78 -48.97 -63.41
N ALA RA 50 55.11 -49.28 -64.52
CA ALA RA 50 55.44 -48.64 -65.79
C ALA RA 50 55.15 -47.15 -65.75
N ILE RA 51 54.03 -46.75 -65.14
CA ILE RA 51 53.71 -45.33 -65.03
C ILE RA 51 54.77 -44.61 -64.18
N ALA RA 52 55.16 -45.22 -63.06
CA ALA RA 52 56.18 -44.62 -62.21
C ALA RA 52 57.49 -44.47 -62.96
N THR RA 53 57.88 -45.51 -63.72
CA THR RA 53 59.11 -45.43 -64.50
C THR RA 53 59.03 -44.35 -65.57
N ALA RA 54 57.88 -44.20 -66.19
CA ALA RA 54 57.74 -43.10 -67.13
C ALA RA 54 58.10 -41.81 -66.46
N ASP RA 55 57.31 -41.41 -65.47
CA ASP RA 55 57.55 -40.14 -64.80
C ASP RA 55 59.01 -39.96 -64.46
N GLY RA 56 59.51 -40.77 -63.55
CA GLY RA 56 60.89 -40.67 -63.16
C GLY RA 56 61.76 -40.29 -64.33
N ILE RA 57 61.88 -41.19 -65.30
CA ILE RA 57 62.70 -40.91 -66.46
C ILE RA 57 62.39 -39.54 -67.01
N SER RA 58 61.11 -39.25 -67.19
CA SER RA 58 60.72 -37.98 -67.78
C SER RA 58 60.89 -36.81 -66.83
N THR RA 59 61.77 -36.95 -65.86
CA THR RA 59 62.05 -35.85 -64.95
C THR RA 59 63.37 -36.04 -64.22
N ALA SA 1 -63.07 -31.58 -79.07
CA ALA SA 1 -61.78 -31.69 -79.75
C ALA SA 1 -60.60 -31.97 -78.78
N PRO SA 2 -60.45 -31.21 -77.70
CA PRO SA 2 -59.28 -31.40 -76.82
C PRO SA 2 -59.39 -32.68 -75.99
N PRO SA 3 -58.27 -33.12 -75.36
CA PRO SA 3 -58.27 -34.37 -74.58
C PRO SA 3 -58.37 -34.22 -73.07
N GLY SA 4 -58.75 -33.05 -72.55
CA GLY SA 4 -58.86 -32.85 -71.12
C GLY SA 4 -57.87 -31.88 -70.54
N LEU SA 5 -56.98 -31.32 -71.38
CA LEU SA 5 -56.08 -30.27 -70.93
C LEU SA 5 -56.89 -29.12 -70.36
N VAL SA 6 -56.49 -28.63 -69.19
CA VAL SA 6 -57.27 -27.63 -68.46
C VAL SA 6 -57.48 -26.37 -69.29
N GLY SA 7 -56.64 -26.15 -70.30
CA GLY SA 7 -56.75 -24.94 -71.09
C GLY SA 7 -58.05 -24.88 -71.87
N ALA SA 8 -58.07 -23.95 -72.84
CA ALA SA 8 -59.22 -23.63 -73.68
C ALA SA 8 -60.22 -22.75 -72.95
N LEU SA 9 -60.49 -21.57 -73.50
CA LEU SA 9 -61.27 -20.51 -72.87
C LEU SA 9 -62.30 -19.95 -73.84
N PRO SA 10 -63.28 -19.19 -73.33
CA PRO SA 10 -64.36 -18.69 -74.19
C PRO SA 10 -63.88 -17.82 -75.35
N PRO SA 11 -62.91 -16.85 -75.15
CA PRO SA 11 -62.57 -15.92 -76.25
C PRO SA 11 -62.55 -16.58 -77.61
N VAL SA 12 -61.86 -17.71 -77.69
CA VAL SA 12 -61.80 -18.48 -78.92
C VAL SA 12 -62.42 -19.86 -78.70
N GLY SA 13 -61.77 -20.69 -77.89
CA GLY SA 13 -62.17 -22.08 -77.74
C GLY SA 13 -60.99 -23.03 -77.65
N PHE SA 14 -60.94 -24.03 -78.53
CA PHE SA 14 -59.80 -24.93 -78.64
C PHE SA 14 -58.97 -24.46 -79.83
N PHE SA 15 -57.95 -23.65 -79.56
CA PHE SA 15 -57.12 -23.06 -80.59
C PHE SA 15 -56.05 -24.07 -81.01
N ASP SA 16 -56.25 -24.69 -82.17
CA ASP SA 16 -55.25 -25.60 -82.72
C ASP SA 16 -55.38 -25.67 -84.24
N PRO SA 17 -55.13 -24.55 -84.95
CA PRO SA 17 -55.27 -24.59 -86.42
C PRO SA 17 -54.34 -25.56 -87.11
N ALA SA 18 -53.11 -25.70 -86.61
CA ALA SA 18 -52.10 -26.48 -87.33
C ALA SA 18 -52.23 -27.98 -87.09
N GLY SA 19 -53.06 -28.41 -86.15
CA GLY SA 19 -53.23 -29.83 -85.90
C GLY SA 19 -52.03 -30.48 -85.27
N PHE SA 20 -51.61 -29.97 -84.11
CA PHE SA 20 -50.56 -30.60 -83.32
C PHE SA 20 -51.10 -31.49 -82.22
N ALA SA 21 -52.19 -31.10 -81.56
CA ALA SA 21 -52.79 -31.98 -80.55
C ALA SA 21 -53.79 -32.94 -81.17
N ALA SA 22 -53.41 -33.52 -82.30
CA ALA SA 22 -53.99 -34.76 -82.82
C ALA SA 22 -52.94 -35.69 -83.40
N LYS SA 23 -51.78 -35.18 -83.81
CA LYS SA 23 -50.70 -35.96 -84.39
C LYS SA 23 -49.62 -36.28 -83.37
N ALA SA 24 -49.91 -36.11 -82.08
CA ALA SA 24 -48.97 -36.36 -81.01
C ALA SA 24 -49.38 -37.59 -80.21
N SER SA 25 -48.47 -38.03 -79.35
CA SER SA 25 -48.67 -39.16 -78.47
C SER SA 25 -49.16 -38.70 -77.11
N PRO SA 26 -49.69 -39.61 -76.29
CA PRO SA 26 -50.11 -39.21 -74.93
C PRO SA 26 -49.02 -38.53 -74.11
N GLU SA 27 -47.77 -39.00 -74.22
CA GLU SA 27 -46.67 -38.34 -73.51
C GLU SA 27 -46.27 -37.03 -74.19
N GLU SA 28 -46.38 -36.97 -75.51
CA GLU SA 28 -45.99 -35.76 -76.23
C GLU SA 28 -46.86 -34.58 -75.84
N LEU SA 29 -48.17 -34.80 -75.67
CA LEU SA 29 -49.06 -33.72 -75.27
C LEU SA 29 -48.73 -33.23 -73.88
N SER SA 30 -48.41 -34.14 -72.96
CA SER SA 30 -47.95 -33.73 -71.63
C SER SA 30 -46.73 -32.84 -71.74
N ARG SA 31 -45.75 -33.24 -72.55
CA ARG SA 31 -44.55 -32.43 -72.69
C ARG SA 31 -44.88 -31.06 -73.29
N TYR SA 32 -45.80 -31.02 -74.26
CA TYR SA 32 -46.22 -29.75 -74.84
C TYR SA 32 -46.76 -28.82 -73.76
N ARG SA 33 -47.64 -29.34 -72.91
CA ARG SA 33 -48.22 -28.51 -71.86
C ARG SA 33 -47.14 -28.02 -70.90
N GLU SA 34 -46.18 -28.87 -70.55
CA GLU SA 34 -45.10 -28.44 -69.66
C GLU SA 34 -44.29 -27.32 -70.29
N VAL SA 35 -43.95 -27.50 -71.55
CA VAL SA 35 -43.25 -26.50 -72.35
C VAL SA 35 -43.98 -25.17 -72.25
N GLU SA 36 -45.30 -25.21 -72.48
CA GLU SA 36 -46.11 -24.00 -72.36
C GLU SA 36 -45.97 -23.35 -70.99
N ILE SA 37 -46.23 -24.12 -69.93
CA ILE SA 37 -46.24 -23.55 -68.58
C ILE SA 37 -44.91 -22.89 -68.27
N MET SA 38 -43.81 -23.58 -68.58
CA MET SA 38 -42.49 -23.10 -68.22
C MET SA 38 -42.13 -21.84 -69.00
N HIS SA 39 -42.33 -21.87 -70.32
CA HIS SA 39 -42.09 -20.67 -71.13
C HIS SA 39 -42.85 -19.49 -70.55
N GLY SA 40 -44.11 -19.71 -70.19
CA GLY SA 40 -44.93 -18.64 -69.67
C GLY SA 40 -44.39 -18.08 -68.37
N ARG SA 41 -44.01 -18.96 -67.44
CA ARG SA 41 -43.48 -18.51 -66.17
C ARG SA 41 -42.28 -17.61 -66.38
N PHE SA 42 -41.31 -18.09 -67.16
CA PHE SA 42 -40.13 -17.29 -67.45
C PHE SA 42 -40.52 -15.97 -68.06
N ALA SA 43 -41.33 -16.01 -69.12
CA ALA SA 43 -41.74 -14.81 -69.84
C ALA SA 43 -42.30 -13.78 -68.88
N GLN SA 44 -43.34 -14.14 -68.12
CA GLN SA 44 -43.93 -13.22 -67.14
C GLN SA 44 -42.86 -12.52 -66.33
N LEU SA 45 -41.92 -13.31 -65.79
CA LEU SA 45 -40.83 -12.70 -65.04
C LEU SA 45 -40.03 -11.72 -65.92
N ALA SA 46 -39.79 -12.10 -67.16
CA ALA SA 46 -38.97 -11.27 -68.06
C ALA SA 46 -39.68 -9.97 -68.43
N VAL SA 47 -41.00 -10.02 -68.58
CA VAL SA 47 -41.77 -8.82 -68.89
C VAL SA 47 -41.68 -7.84 -67.72
N LEU SA 48 -41.88 -8.35 -66.50
CA LEU SA 48 -41.74 -7.46 -65.34
C LEU SA 48 -40.32 -6.90 -65.26
N GLY SA 49 -39.33 -7.74 -65.58
CA GLY SA 49 -37.94 -7.29 -65.55
C GLY SA 49 -37.64 -6.23 -66.59
N PHE SA 50 -38.24 -6.35 -67.78
CA PHE SA 50 -38.07 -5.29 -68.77
C PHE SA 50 -38.70 -3.99 -68.29
N ILE SA 51 -39.89 -4.10 -67.68
CA ILE SA 51 -40.63 -2.89 -67.34
C ILE SA 51 -39.92 -2.11 -66.22
N ILE SA 52 -39.49 -2.78 -65.17
CA ILE SA 52 -39.11 -2.03 -63.96
C ILE SA 52 -37.72 -1.39 -64.10
N PRO SA 53 -36.64 -2.11 -64.43
CA PRO SA 53 -35.37 -1.41 -64.70
C PRO SA 53 -35.47 -0.26 -65.69
N GLU SA 54 -36.20 -0.43 -66.79
CA GLU SA 54 -36.29 0.63 -67.77
C GLU SA 54 -36.97 1.87 -67.17
N LYS SA 55 -38.05 1.66 -66.42
CA LYS SA 55 -38.71 2.79 -65.78
C LYS SA 55 -37.77 3.48 -64.81
N CYS SA 56 -37.01 2.71 -64.02
CA CYS SA 56 -36.05 3.30 -63.11
C CYS SA 56 -34.97 4.09 -63.84
N ALA SA 57 -34.71 3.75 -65.10
CA ALA SA 57 -33.85 4.61 -65.91
C ALA SA 57 -34.59 5.89 -66.32
N TYR SA 58 -35.87 5.77 -66.67
CA TYR SA 58 -36.61 6.96 -67.09
C TYR SA 58 -36.79 7.97 -65.96
N ASP SA 59 -36.81 7.50 -64.72
CA ASP SA 59 -37.08 8.37 -63.57
C ASP SA 59 -35.81 8.85 -62.89
N GLY SA 60 -34.64 8.62 -63.50
CA GLY SA 60 -33.39 9.08 -62.92
C GLY SA 60 -33.16 8.56 -61.51
N SER SA 61 -33.60 7.33 -61.24
CA SER SA 61 -33.63 6.80 -59.89
C SER SA 61 -32.48 5.85 -59.58
N PHE SA 62 -31.67 5.49 -60.58
CA PHE SA 62 -30.54 4.60 -60.37
C PHE SA 62 -29.23 5.26 -60.76
N GLY SA 63 -29.19 6.58 -60.84
CA GLY SA 63 -28.06 7.30 -61.37
C GLY SA 63 -28.25 7.64 -62.83
N ASP SA 64 -27.19 8.19 -63.42
CA ASP SA 64 -27.21 8.62 -64.81
C ASP SA 64 -26.38 7.71 -65.71
N ASP SA 65 -26.10 6.49 -65.26
CA ASP SA 65 -25.38 5.50 -66.07
C ASP SA 65 -26.14 4.19 -66.21
N PHE SA 66 -27.20 3.98 -65.45
CA PHE SA 66 -28.01 2.77 -65.54
C PHE SA 66 -28.63 2.66 -66.92
N LEU SA 67 -28.18 1.68 -67.71
CA LEU SA 67 -28.59 1.52 -69.11
C LEU SA 67 -28.22 2.79 -69.89
N ALA SA 68 -26.91 3.00 -70.00
CA ALA SA 68 -26.29 4.29 -70.29
C ALA SA 68 -26.77 4.97 -71.57
N PRO SA 69 -26.53 4.41 -72.79
CA PRO SA 69 -26.72 5.20 -74.00
C PRO SA 69 -28.18 5.58 -74.24
N THR SA 70 -29.07 4.60 -74.20
CA THR SA 70 -30.48 4.82 -74.49
C THR SA 70 -31.37 4.59 -73.27
N GLY SA 71 -31.26 3.43 -72.64
CA GLY SA 71 -32.14 3.08 -71.55
C GLY SA 71 -32.77 1.73 -71.76
N ARG SA 72 -32.47 1.13 -72.91
CA ARG SA 72 -32.99 -0.19 -73.24
C ARG SA 72 -32.40 -1.25 -72.32
N ALA SA 73 -33.25 -2.19 -71.89
CA ALA SA 73 -32.76 -3.31 -71.09
C ALA SA 73 -31.91 -4.27 -71.93
N LEU SA 74 -32.01 -4.20 -73.25
CA LEU SA 74 -31.12 -4.94 -74.14
C LEU SA 74 -29.73 -4.31 -74.22
N GLU SA 75 -29.46 -3.29 -73.42
CA GLU SA 75 -28.15 -2.64 -73.39
C GLU SA 75 -27.22 -3.21 -72.32
N VAL SA 76 -27.72 -4.10 -71.46
CA VAL SA 76 -26.86 -4.76 -70.50
C VAL SA 76 -25.79 -5.59 -71.21
N PHE SA 77 -26.07 -5.98 -72.46
CA PHE SA 77 -25.06 -6.68 -73.25
C PHE SA 77 -23.85 -5.80 -73.53
N ASN SA 78 -23.98 -4.48 -73.39
CA ASN SA 78 -22.85 -3.56 -73.53
C ASN SA 78 -22.25 -3.17 -72.20
N THR SA 79 -23.06 -2.69 -71.27
CA THR SA 79 -22.59 -2.36 -69.92
C THR SA 79 -22.91 -3.53 -68.99
N ASP SA 80 -21.88 -4.04 -68.31
CA ASP SA 80 -21.94 -5.23 -67.46
C ASP SA 80 -22.36 -6.47 -68.24
N PRO SA 81 -21.49 -7.01 -69.10
CA PRO SA 81 -21.81 -8.28 -69.76
C PRO SA 81 -21.56 -9.49 -68.86
N LEU SA 82 -20.49 -9.43 -68.05
CA LEU SA 82 -20.16 -10.55 -67.17
C LEU SA 82 -21.23 -10.74 -66.11
N TRP SA 83 -21.88 -9.67 -65.67
CA TRP SA 83 -22.98 -9.80 -64.72
C TRP SA 83 -24.11 -10.64 -65.33
N LEU SA 84 -24.47 -10.33 -66.58
CA LEU SA 84 -25.48 -11.13 -67.27
C LEU SA 84 -25.05 -12.58 -67.42
N GLY SA 85 -23.76 -12.79 -67.75
CA GLY SA 85 -23.27 -14.15 -67.88
C GLY SA 85 -23.39 -14.94 -66.59
N LEU SA 86 -22.96 -14.35 -65.48
CA LEU SA 86 -23.05 -15.03 -64.19
C LEU SA 86 -24.50 -15.27 -63.80
N THR SA 87 -25.40 -14.37 -64.15
CA THR SA 87 -26.81 -14.57 -63.83
C THR SA 87 -27.40 -15.73 -64.62
N LEU SA 88 -27.10 -15.80 -65.91
CA LEU SA 88 -27.51 -16.96 -66.69
C LEU SA 88 -26.92 -18.23 -66.12
N ALA SA 89 -25.69 -18.17 -65.61
CA ALA SA 89 -25.06 -19.34 -65.01
C ALA SA 89 -25.79 -19.80 -63.75
N VAL SA 90 -26.17 -18.85 -62.88
CA VAL SA 90 -26.89 -19.22 -61.66
C VAL SA 90 -28.25 -19.82 -62.00
N ILE SA 91 -28.94 -19.21 -62.97
CA ILE SA 91 -30.21 -19.77 -63.44
C ILE SA 91 -29.99 -21.20 -63.93
N SER SA 92 -28.92 -21.41 -64.70
CA SER SA 92 -28.63 -22.73 -65.23
C SER SA 92 -28.38 -23.73 -64.12
N ALA SA 93 -27.69 -23.32 -63.06
CA ALA SA 93 -27.41 -24.23 -61.95
C ALA SA 93 -28.70 -24.65 -61.24
N LEU SA 94 -29.54 -23.68 -60.90
CA LEU SA 94 -30.80 -24.02 -60.24
C LEU SA 94 -31.69 -24.86 -61.16
N GLU SA 95 -31.62 -24.63 -62.46
CA GLU SA 95 -32.42 -25.46 -63.36
C GLU SA 95 -31.82 -26.84 -63.55
N THR SA 96 -30.51 -26.99 -63.41
CA THR SA 96 -29.94 -28.33 -63.37
C THR SA 96 -30.43 -29.07 -62.14
N VAL SA 97 -30.56 -28.36 -61.02
CA VAL SA 97 -31.21 -28.95 -59.85
C VAL SA 97 -32.61 -29.43 -60.22
N ARG SA 98 -33.36 -28.60 -60.96
CA ARG SA 98 -34.66 -29.03 -61.45
C ARG SA 98 -34.56 -30.32 -62.25
N LEU SA 99 -33.76 -30.31 -63.32
CA LEU SA 99 -33.62 -31.47 -64.20
C LEU SA 99 -33.25 -32.72 -63.43
N ILE SA 100 -32.44 -32.58 -62.38
CA ILE SA 100 -32.05 -33.74 -61.59
C ILE SA 100 -33.25 -34.24 -60.77
N GLU SA 101 -33.89 -33.36 -60.00
CA GLU SA 101 -34.92 -33.84 -59.10
C GLU SA 101 -36.21 -34.23 -59.81
N THR SA 102 -36.94 -33.24 -60.35
CA THR SA 102 -38.21 -33.49 -61.05
C THR SA 102 -38.05 -34.66 -62.02
N GLU SA 103 -39.09 -35.47 -62.24
CA GLU SA 103 -39.02 -36.61 -63.15
C GLU SA 103 -39.89 -36.39 -64.38
N PRO SA 104 -39.62 -37.08 -65.51
CA PRO SA 104 -40.38 -36.79 -66.73
C PRO SA 104 -41.86 -36.86 -66.48
N GLY SA 105 -42.59 -35.87 -66.98
CA GLY SA 105 -43.99 -35.77 -66.63
C GLY SA 105 -44.26 -34.70 -65.59
N THR SA 106 -43.39 -34.54 -64.59
CA THR SA 106 -43.62 -33.42 -63.69
C THR SA 106 -43.01 -32.12 -64.18
N ARG SA 107 -41.78 -31.83 -63.78
CA ARG SA 107 -41.07 -30.67 -64.31
C ARG SA 107 -41.84 -29.39 -64.16
N THR SA 108 -42.79 -29.35 -63.25
CA THR SA 108 -43.48 -28.09 -63.00
C THR SA 108 -43.88 -27.95 -61.53
N ASP SA 109 -44.03 -29.07 -60.85
CA ASP SA 109 -44.41 -29.09 -59.44
C ASP SA 109 -43.14 -28.94 -58.62
N ALA SA 110 -42.92 -27.75 -58.09
CA ALA SA 110 -41.76 -27.50 -57.24
C ALA SA 110 -41.98 -27.97 -55.82
N LYS SA 111 -43.05 -28.73 -55.56
CA LYS SA 111 -43.38 -29.20 -54.22
C LYS SA 111 -43.45 -28.05 -53.23
N ILE SA 112 -43.80 -26.86 -53.73
CA ILE SA 112 -43.95 -25.70 -52.87
C ILE SA 112 -45.40 -25.65 -52.39
N GLU SA 113 -45.74 -26.54 -51.46
CA GLU SA 113 -47.13 -26.63 -51.02
C GLU SA 113 -47.37 -25.85 -49.74
N SER SA 114 -46.56 -26.10 -48.72
CA SER SA 114 -46.67 -25.36 -47.46
C SER SA 114 -46.03 -23.98 -47.56
N LEU SA 115 -44.97 -23.86 -48.35
CA LEU SA 115 -44.27 -22.59 -48.48
C LEU SA 115 -45.12 -21.52 -49.13
N GLY SA 116 -46.29 -21.86 -49.66
CA GLY SA 116 -47.14 -20.86 -50.27
C GLY SA 116 -48.61 -21.14 -50.06
N TRP SA 117 -49.45 -20.34 -50.67
CA TRP SA 117 -50.90 -20.48 -50.59
C TRP SA 117 -51.43 -21.21 -51.82
N ARG SA 118 -52.64 -21.74 -51.69
CA ARG SA 118 -53.28 -22.43 -52.81
C ARG SA 118 -54.79 -22.41 -52.60
N PRO SA 119 -55.57 -22.40 -53.68
CA PRO SA 119 -57.03 -22.50 -53.53
C PRO SA 119 -57.42 -23.80 -52.86
N LYS SA 120 -58.45 -23.73 -52.00
CA LYS SA 120 -58.84 -24.86 -51.16
C LYS SA 120 -59.78 -25.83 -51.87
N THR SA 121 -60.69 -25.33 -52.69
CA THR SA 121 -61.61 -26.21 -53.40
C THR SA 121 -60.88 -26.84 -54.58
N GLU SA 122 -61.63 -27.48 -55.48
CA GLU SA 122 -61.04 -28.05 -56.68
C GLU SA 122 -61.36 -27.27 -57.94
N SER SA 123 -62.60 -26.78 -58.09
CA SER SA 123 -62.95 -25.98 -59.25
C SER SA 123 -62.06 -24.74 -59.36
N GLU SA 124 -61.87 -24.04 -58.24
CA GLU SA 124 -61.02 -22.86 -58.24
C GLU SA 124 -59.62 -23.20 -58.73
N TYR SA 125 -59.11 -24.37 -58.36
CA TYR SA 125 -57.79 -24.78 -58.84
C TYR SA 125 -57.74 -24.80 -60.36
N ILE SA 126 -58.67 -25.54 -60.98
CA ILE SA 126 -58.81 -25.57 -62.43
C ILE SA 126 -58.77 -24.15 -62.98
N ASN SA 127 -59.48 -23.23 -62.33
CA ASN SA 127 -59.44 -21.83 -62.76
C ASN SA 127 -58.03 -21.25 -62.66
N TYR SA 128 -57.33 -21.53 -61.56
CA TYR SA 128 -56.01 -20.93 -61.35
C TYR SA 128 -54.98 -21.47 -62.34
N GLN SA 129 -55.07 -22.76 -62.67
CA GLN SA 129 -54.25 -23.32 -63.72
C GLN SA 129 -54.49 -22.61 -65.04
N VAL SA 130 -55.78 -22.44 -65.40
CA VAL SA 130 -56.11 -21.74 -66.64
C VAL SA 130 -55.53 -20.33 -66.62
N ARG SA 131 -55.62 -19.66 -65.48
CA ARG SA 131 -55.07 -18.32 -65.36
C ARG SA 131 -53.57 -18.32 -65.63
N GLU SA 132 -52.81 -19.08 -64.83
CA GLU SA 132 -51.37 -19.20 -65.04
C GLU SA 132 -51.03 -19.37 -66.51
N LEU SA 133 -51.75 -20.26 -67.19
CA LEU SA 133 -51.50 -20.48 -68.61
C LEU SA 133 -51.77 -19.22 -69.44
N GLN SA 134 -52.86 -18.52 -69.16
CA GLN SA 134 -53.24 -17.37 -69.97
C GLN SA 134 -52.26 -16.21 -69.77
N GLN SA 135 -51.94 -15.91 -68.52
CA GLN SA 135 -50.93 -14.89 -68.23
C GLN SA 135 -49.61 -15.25 -68.90
N GLY SA 136 -49.24 -16.53 -68.90
CA GLY SA 136 -48.03 -16.94 -69.57
C GLY SA 136 -48.06 -16.69 -71.07
N ARG SA 137 -49.19 -17.01 -71.72
CA ARG SA 137 -49.32 -16.78 -73.15
C ARG SA 137 -49.16 -15.30 -73.47
N LEU SA 138 -49.90 -14.46 -72.75
CA LEU SA 138 -49.81 -13.02 -72.99
C LEU SA 138 -48.40 -12.52 -72.75
N ALA SA 139 -47.73 -13.04 -71.73
CA ALA SA 139 -46.37 -12.62 -71.44
C ALA SA 139 -45.39 -13.04 -72.53
N MET SA 140 -45.57 -14.23 -73.10
CA MET SA 140 -44.74 -14.63 -74.23
C MET SA 140 -44.87 -13.64 -75.36
N LEU SA 141 -46.10 -13.31 -75.74
CA LEU SA 141 -46.31 -12.34 -76.81
C LEU SA 141 -45.67 -11.01 -76.48
N ALA SA 142 -45.85 -10.55 -75.24
CA ALA SA 142 -45.32 -9.25 -74.83
C ALA SA 142 -43.81 -9.22 -74.89
N PHE SA 143 -43.14 -10.28 -74.43
CA PHE SA 143 -41.69 -10.31 -74.45
C PHE SA 143 -41.17 -10.30 -75.87
N ALA SA 144 -41.76 -11.11 -76.76
CA ALA SA 144 -41.32 -11.09 -78.15
C ALA SA 144 -41.47 -9.70 -78.75
N GLY SA 145 -42.61 -9.05 -78.48
CA GLY SA 145 -42.83 -7.71 -79.02
C GLY SA 145 -41.85 -6.69 -78.49
N GLU SA 146 -41.59 -6.72 -77.19
CA GLU SA 146 -40.65 -5.77 -76.60
C GLU SA 146 -39.27 -5.93 -77.22
N VAL SA 147 -38.79 -7.17 -77.33
CA VAL SA 147 -37.46 -7.39 -77.87
C VAL SA 147 -37.39 -6.90 -79.31
N ALA SA 148 -38.39 -7.24 -80.12
CA ALA SA 148 -38.36 -6.85 -81.53
C ALA SA 148 -38.40 -5.34 -81.68
N GLN SA 149 -39.30 -4.67 -80.96
CA GLN SA 149 -39.45 -3.22 -81.07
C GLN SA 149 -38.17 -2.51 -80.68
N GLU SA 150 -37.57 -2.91 -79.55
CA GLU SA 150 -36.35 -2.26 -79.09
C GLU SA 150 -35.20 -2.50 -80.06
N LEU SA 151 -35.09 -3.72 -80.59
CA LEU SA 151 -34.07 -3.96 -81.60
C LEU SA 151 -34.35 -3.18 -82.89
N VAL SA 152 -35.59 -2.75 -83.11
CA VAL SA 152 -35.89 -1.96 -84.30
C VAL SA 152 -35.42 -0.53 -84.13
N ASN SA 153 -35.98 0.20 -83.16
CA ASN SA 153 -35.61 1.62 -82.99
C ASN SA 153 -35.07 1.85 -81.58
N ASP SA 154 -33.74 1.93 -81.44
CA ASP SA 154 -33.21 1.88 -80.09
C ASP SA 154 -33.79 3.01 -79.26
N LYS SA 155 -34.73 2.66 -78.39
CA LYS SA 155 -35.57 3.57 -77.64
C LYS SA 155 -36.36 2.75 -76.62
N PRO SA 156 -36.45 3.20 -75.37
CA PRO SA 156 -37.15 2.42 -74.34
C PRO SA 156 -38.64 2.33 -74.64
N LEU SA 157 -39.30 1.41 -73.92
CA LEU SA 157 -40.73 1.19 -74.12
C LEU SA 157 -41.54 2.43 -73.79
N LEU SA 158 -41.34 2.99 -72.59
CA LEU SA 158 -42.11 4.15 -72.18
C LEU SA 158 -41.83 5.36 -73.07
N VAL SA 159 -40.58 5.50 -73.53
CA VAL SA 159 -40.25 6.61 -74.41
C VAL SA 159 -40.86 6.41 -75.80
N ASN SA 160 -40.81 5.18 -76.31
CA ASN SA 160 -41.50 4.88 -77.56
C ASN SA 160 -42.98 5.19 -77.45
N LEU SA 161 -43.56 5.01 -76.27
CA LEU SA 161 -44.96 5.38 -76.07
C LEU SA 161 -45.12 6.90 -76.02
N GLN SA 162 -44.22 7.59 -75.32
CA GLN SA 162 -44.35 9.04 -75.16
C GLN SA 162 -44.21 9.75 -76.50
N ASP SA 163 -43.06 9.58 -77.15
CA ASP SA 163 -42.98 9.95 -78.55
C ASP SA 163 -43.94 9.07 -79.35
N SER SA 164 -44.16 9.44 -80.60
CA SER SA 164 -45.17 8.85 -81.49
C SER SA 164 -46.59 9.09 -80.97
N GLY SA 165 -46.75 9.84 -79.88
CA GLY SA 165 -48.06 10.29 -79.43
C GLY SA 165 -49.05 9.20 -79.07
N PHE SA 166 -48.60 8.21 -78.31
CA PHE SA 166 -49.49 7.13 -77.88
C PHE SA 166 -49.88 7.23 -76.42
N VAL SA 167 -49.27 8.09 -75.64
CA VAL SA 167 -49.66 8.33 -74.25
C VAL SA 167 -49.84 9.83 -74.06
N SER SA 168 -50.06 10.26 -72.82
CA SER SA 168 -50.34 11.66 -72.54
C SER SA 168 -49.53 12.15 -71.34
N TRP SA 169 -48.27 11.77 -71.25
CA TRP SA 169 -47.45 12.21 -70.12
C TRP SA 169 -46.32 13.10 -70.58
N PHE TA 1 -90.26 -1.16 -14.37
CA PHE TA 1 -88.85 -0.78 -14.51
C PHE TA 1 -88.35 -0.07 -13.27
N GLU TA 2 -89.18 -0.06 -12.23
CA GLU TA 2 -88.85 0.61 -10.98
C GLU TA 2 -87.90 -0.20 -10.10
N ASN TA 3 -87.27 -1.24 -10.65
CA ASN TA 3 -86.27 -2.00 -9.91
C ASN TA 3 -84.98 -2.21 -10.69
N GLU TA 4 -84.91 -1.79 -11.94
CA GLU TA 4 -83.67 -1.88 -12.70
C GLU TA 4 -82.62 -0.92 -12.13
N LEU TA 5 -81.36 -1.18 -12.48
CA LEU TA 5 -80.26 -0.39 -11.95
C LEU TA 5 -80.43 1.08 -12.31
N GLY TA 6 -80.07 1.96 -11.37
CA GLY TA 6 -80.26 3.38 -11.58
C GLY TA 6 -81.29 4.04 -10.69
N VAL TA 7 -81.33 3.67 -9.41
CA VAL TA 7 -82.19 4.31 -8.42
C VAL TA 7 -81.39 4.58 -7.15
N ILE TA 8 -81.13 5.85 -6.87
CA ILE TA 8 -80.39 6.26 -5.67
C ILE TA 8 -81.34 7.11 -4.81
N ALA TA 9 -80.89 7.54 -3.62
CA ALA TA 9 -81.78 8.19 -2.67
C ALA TA 9 -82.33 9.53 -3.16
N PRO TA 10 -81.51 10.51 -3.57
CA PRO TA 10 -82.11 11.76 -4.04
C PRO TA 10 -82.88 11.49 -5.32
N THR TA 11 -84.20 11.61 -5.31
CA THR TA 11 -84.98 11.24 -6.48
C THR TA 11 -84.83 9.75 -6.81
N GLY TA 12 -85.54 8.88 -6.09
CA GLY TA 12 -85.43 7.45 -6.34
C GLY TA 12 -85.63 6.99 -7.77
N PHE TA 13 -86.86 7.02 -8.31
CA PHE TA 13 -87.12 6.68 -9.71
C PHE TA 13 -87.40 7.97 -10.45
N PHE TA 14 -86.46 8.39 -11.28
CA PHE TA 14 -86.56 9.65 -12.01
C PHE TA 14 -87.21 9.37 -13.36
N ASP TA 15 -88.49 9.72 -13.46
CA ASP TA 15 -89.21 9.61 -14.73
C ASP TA 15 -90.41 10.55 -14.70
N PRO TA 16 -90.20 11.86 -14.60
CA PRO TA 16 -91.36 12.77 -14.46
C PRO TA 16 -92.27 12.76 -15.67
N LEU TA 17 -91.72 12.85 -16.87
CA LEU TA 17 -92.52 12.97 -18.09
C LEU TA 17 -93.10 11.64 -18.55
N GLY TA 18 -92.87 10.55 -17.81
CA GLY TA 18 -93.40 9.26 -18.20
C GLY TA 18 -92.82 8.73 -19.49
N LEU TA 19 -91.52 8.91 -19.71
CA LEU TA 19 -90.88 8.45 -20.93
C LEU TA 19 -90.55 6.96 -20.92
N SER TA 20 -90.77 6.26 -19.80
CA SER TA 20 -90.43 4.84 -19.72
C SER TA 20 -91.62 4.01 -19.26
N LYS TA 21 -92.83 4.47 -19.52
CA LYS TA 21 -94.03 3.70 -19.25
C LYS TA 21 -94.49 3.01 -20.53
N ASN TA 22 -94.93 1.75 -20.38
CA ASN TA 22 -95.41 0.87 -21.45
C ASN TA 22 -94.30 0.37 -22.36
N ILE TA 23 -93.05 0.79 -22.15
CA ILE TA 23 -91.99 0.35 -23.04
C ILE TA 23 -91.63 -1.11 -22.77
N SER TA 24 -91.09 -1.75 -23.79
CA SER TA 24 -90.61 -3.12 -23.67
C SER TA 24 -89.16 -3.13 -23.22
N LYS TA 25 -88.75 -4.23 -22.59
CA LYS TA 25 -87.41 -4.32 -22.01
C LYS TA 25 -86.32 -4.13 -23.06
N GLU TA 26 -86.60 -4.48 -24.32
CA GLU TA 26 -85.62 -4.25 -25.38
C GLU TA 26 -85.30 -2.78 -25.52
N LYS TA 27 -86.33 -1.94 -25.57
CA LYS TA 27 -86.08 -0.51 -25.62
C LYS TA 27 -85.36 -0.03 -24.38
N PHE TA 28 -85.87 -0.34 -23.18
CA PHE TA 28 -85.21 0.11 -21.97
C PHE TA 28 -83.74 -0.29 -21.95
N ASP TA 29 -83.42 -1.43 -22.58
CA ASP TA 29 -82.01 -1.77 -22.82
C ASP TA 29 -81.35 -0.75 -23.73
N GLU TA 30 -82.01 -0.38 -24.83
CA GLU TA 30 -81.42 0.60 -25.73
C GLU TA 30 -81.24 1.97 -25.06
N TYR TA 31 -82.24 2.37 -24.28
CA TYR TA 31 -82.19 3.63 -23.53
C TYR TA 31 -81.03 3.63 -22.55
N ARG TA 32 -80.85 2.52 -21.81
CA ARG TA 32 -79.73 2.45 -20.88
C ARG TA 32 -78.39 2.46 -21.60
N THR TA 33 -78.31 1.80 -22.77
CA THR TA 33 -77.09 1.85 -23.56
C THR TA 33 -76.77 3.28 -23.97
N ALA TA 34 -77.78 4.01 -24.44
CA ALA TA 34 -77.58 5.41 -24.82
C ALA TA 34 -77.15 6.24 -23.62
N GLU TA 35 -77.77 6.02 -22.47
CA GLU TA 35 -77.41 6.77 -21.27
C GLU TA 35 -75.95 6.54 -20.89
N LEU TA 36 -75.52 5.27 -20.89
CA LEU TA 36 -74.14 4.97 -20.51
C LEU TA 36 -73.16 5.56 -21.51
N LYS TA 37 -73.43 5.42 -22.81
CA LYS TA 37 -72.51 5.95 -23.80
C LYS TA 37 -72.40 7.47 -23.72
N HIS TA 38 -73.54 8.15 -23.57
CA HIS TA 38 -73.53 9.59 -23.43
C HIS TA 38 -72.76 10.00 -22.18
N GLY TA 39 -72.94 9.27 -21.07
CA GLY TA 39 -72.26 9.62 -19.85
C GLY TA 39 -70.75 9.48 -19.97
N ARG TA 40 -70.28 8.39 -20.59
CA ARG TA 40 -68.84 8.23 -20.78
C ARG TA 40 -68.28 9.33 -21.68
N ALA TA 41 -68.99 9.62 -22.79
CA ALA TA 41 -68.53 10.68 -23.67
C ALA TA 41 -68.53 12.04 -22.98
N ALA TA 42 -69.51 12.29 -22.11
CA ALA TA 42 -69.59 13.57 -21.42
C ALA TA 42 -68.48 13.70 -20.39
N MET TA 43 -68.14 12.60 -19.70
CA MET TA 43 -66.98 12.64 -18.83
C MET TA 43 -65.73 13.00 -19.61
N LEU TA 44 -65.50 12.30 -20.73
CA LEU TA 44 -64.32 12.59 -21.53
C LEU TA 44 -64.33 14.03 -22.05
N ALA TA 45 -65.52 14.59 -22.30
CA ALA TA 45 -65.61 15.99 -22.69
C ALA TA 45 -65.18 16.89 -21.53
N VAL TA 46 -65.88 16.82 -20.41
CA VAL TA 46 -65.59 17.65 -19.24
C VAL TA 46 -64.13 17.49 -18.81
N LEU TA 47 -63.46 16.45 -19.29
CA LEU TA 47 -62.02 16.36 -19.09
C LEU TA 47 -61.19 16.88 -20.26
N GLY TA 48 -61.75 16.96 -21.46
CA GLY TA 48 -61.04 17.51 -22.60
C GLY TA 48 -61.21 19.00 -22.81
N TYR TA 49 -62.18 19.60 -22.13
CA TYR TA 49 -62.35 21.03 -22.09
C TYR TA 49 -61.42 21.72 -21.10
N ILE TA 50 -60.77 20.95 -20.24
CA ILE TA 50 -59.92 21.50 -19.18
C ILE TA 50 -58.45 21.34 -19.50
N ALA TA 51 -58.04 20.14 -19.94
CA ALA TA 51 -56.63 19.84 -20.12
C ALA TA 51 -55.93 20.80 -21.08
N PRO TA 52 -56.46 21.14 -22.26
CA PRO TA 52 -55.70 22.01 -23.16
C PRO TA 52 -55.44 23.40 -22.62
N GLU TA 53 -56.21 23.86 -21.62
CA GLU TA 53 -56.02 25.21 -21.09
C GLU TA 53 -54.65 25.39 -20.46
N THR TA 54 -53.93 24.31 -20.16
CA THR TA 54 -52.59 24.43 -19.63
C THR TA 54 -51.59 23.46 -20.27
N TYR TA 55 -52.02 22.63 -21.21
CA TYR TA 55 -51.10 21.66 -21.81
C TYR TA 55 -51.59 21.32 -23.21
N ARG TA 56 -50.83 21.75 -24.22
CA ARG TA 56 -51.07 21.37 -25.60
C ARG TA 56 -50.07 20.29 -25.98
N PHE TA 57 -50.56 19.26 -26.69
CA PHE TA 57 -49.75 18.07 -26.96
C PHE TA 57 -48.45 18.43 -27.68
N GLY TA 58 -48.55 18.93 -28.91
CA GLY TA 58 -47.36 19.34 -29.62
C GLY TA 58 -47.30 19.01 -31.09
N PHE TA 59 -48.04 17.98 -31.52
CA PHE TA 59 -47.92 17.51 -32.90
C PHE TA 59 -48.61 18.47 -33.86
N ASP TA 60 -48.64 18.08 -35.14
CA ASP TA 60 -49.28 18.86 -36.19
C ASP TA 60 -50.48 18.05 -36.68
N ILE TA 61 -51.69 18.53 -36.35
CA ILE TA 61 -52.90 17.78 -36.69
C ILE TA 61 -53.04 17.66 -38.21
N ALA TA 62 -52.76 18.73 -38.93
CA ALA TA 62 -52.92 18.78 -40.37
C ALA TA 62 -51.64 19.40 -40.95
N PRO TA 63 -51.47 19.50 -42.28
CA PRO TA 63 -50.12 19.79 -42.80
C PRO TA 63 -49.51 21.09 -42.29
N GLY TA 64 -50.32 22.08 -41.98
CA GLY TA 64 -49.79 23.35 -41.52
C GLY TA 64 -50.17 23.71 -40.11
N VAL TA 65 -51.29 23.18 -39.64
CA VAL TA 65 -51.83 23.58 -38.34
C VAL TA 65 -51.10 22.82 -37.23
N SER TA 66 -50.90 23.50 -36.10
CA SER TA 66 -50.20 22.94 -34.95
C SER TA 66 -51.11 22.95 -33.74
N THR TA 67 -51.07 21.87 -32.95
CA THR TA 67 -51.84 21.87 -31.72
C THR TA 67 -51.08 22.63 -30.65
N TYR TA 68 -50.65 23.84 -31.01
CA TYR TA 68 -50.14 24.83 -30.08
C TYR TA 68 -50.88 26.15 -30.23
N ASP TA 69 -51.69 26.32 -31.28
CA ASP TA 69 -52.36 27.58 -31.58
C ASP TA 69 -53.87 27.45 -31.67
N ILE TA 70 -54.39 26.30 -32.07
CA ILE TA 70 -55.84 26.16 -32.25
C ILE TA 70 -56.52 26.40 -30.92
N PRO TA 71 -57.47 27.34 -30.87
CA PRO TA 71 -58.14 27.64 -29.61
C PRO TA 71 -58.96 26.45 -29.13
N ASN TA 72 -59.12 26.36 -27.81
CA ASN TA 72 -59.85 25.24 -27.21
C ASN TA 72 -61.35 25.53 -27.20
N GLY TA 73 -62.13 24.46 -27.28
CA GLY TA 73 -63.57 24.54 -27.22
C GLY TA 73 -64.23 24.59 -28.58
N VAL TA 74 -65.43 25.18 -28.64
CA VAL TA 74 -66.15 25.21 -29.90
C VAL TA 74 -65.48 26.31 -30.69
N ALA TA 75 -64.22 26.07 -31.06
CA ALA TA 75 -63.52 26.92 -32.00
C ALA TA 75 -62.47 26.09 -32.71
N ALA TA 76 -61.96 25.06 -32.02
CA ALA TA 76 -60.96 24.18 -32.62
C ALA TA 76 -61.55 23.45 -33.82
N ILE TA 77 -62.86 23.23 -33.80
CA ILE TA 77 -63.55 22.53 -34.88
C ILE TA 77 -63.20 23.15 -36.22
N ASP TA 78 -63.56 24.43 -36.40
CA ASP TA 78 -63.33 25.08 -37.69
C ASP TA 78 -61.85 25.29 -38.00
N TYR TA 79 -60.94 24.80 -37.17
CA TYR TA 79 -59.51 24.87 -37.44
C TYR TA 79 -58.98 23.58 -38.06
N ILE TA 80 -59.22 22.45 -37.40
CA ILE TA 80 -58.82 21.17 -37.99
C ILE TA 80 -59.59 20.95 -39.28
N PRO TA 81 -58.92 20.64 -40.39
CA PRO TA 81 -59.63 20.50 -41.66
C PRO TA 81 -60.64 19.37 -41.62
N ALA TA 82 -61.68 19.50 -42.46
CA ALA TA 82 -62.82 18.59 -42.38
C ALA TA 82 -62.41 17.15 -42.66
N LEU TA 83 -61.44 16.95 -43.55
CA LEU TA 83 -61.01 15.58 -43.84
C LEU TA 83 -60.41 14.92 -42.60
N GLY TA 84 -59.64 15.66 -41.81
CA GLY TA 84 -59.09 15.10 -40.59
C GLY TA 84 -60.17 14.75 -39.58
N TRP TA 85 -61.13 15.68 -39.39
CA TRP TA 85 -62.27 15.39 -38.52
C TRP TA 85 -62.96 14.11 -38.96
N ALA TA 86 -63.23 13.98 -40.27
CA ALA TA 86 -63.90 12.79 -40.79
C ALA TA 86 -63.07 11.54 -40.51
N GLN TA 87 -61.77 11.62 -40.76
CA GLN TA 87 -60.90 10.46 -40.56
C GLN TA 87 -60.93 10.02 -39.10
N ILE TA 88 -61.20 10.96 -38.20
CA ILE TA 88 -61.40 10.59 -36.78
C ILE TA 88 -62.75 9.94 -36.59
N ILE TA 89 -63.83 10.66 -36.92
CA ILE TA 89 -65.20 10.20 -36.72
C ILE TA 89 -65.34 8.74 -37.12
N PHE TA 90 -64.79 8.40 -38.29
CA PHE TA 90 -64.93 7.02 -38.76
C PHE TA 90 -64.16 6.03 -37.90
N LEU TA 91 -63.01 6.43 -37.36
CA LEU TA 91 -62.27 5.52 -36.47
C LEU TA 91 -62.99 5.32 -35.15
N ILE TA 92 -63.54 6.40 -34.58
CA ILE TA 92 -64.33 6.26 -33.37
C ILE TA 92 -65.50 5.33 -33.63
N GLY TA 93 -66.10 5.42 -34.82
CA GLY TA 93 -67.15 4.48 -35.19
C GLY TA 93 -66.65 3.05 -35.28
N ALA TA 94 -65.46 2.86 -35.84
CA ALA TA 94 -64.88 1.52 -35.87
C ALA TA 94 -64.77 0.95 -34.47
N VAL TA 95 -64.39 1.79 -33.50
CA VAL TA 95 -64.35 1.35 -32.11
C VAL TA 95 -65.75 1.15 -31.54
N ASP TA 96 -66.76 1.81 -32.11
CA ASP TA 96 -68.09 1.78 -31.51
C ASP TA 96 -69.01 0.67 -32.04
N TYR TA 97 -68.95 0.36 -33.34
CA TYR TA 97 -69.84 -0.60 -33.96
C TYR TA 97 -69.21 -1.98 -34.11
N TRP TA 98 -68.04 -2.05 -34.76
CA TRP TA 98 -67.34 -3.33 -34.90
C TRP TA 98 -66.56 -3.72 -33.66
N GLY TA 99 -66.48 -2.84 -32.67
CA GLY TA 99 -65.82 -3.17 -31.42
C GLY TA 99 -64.38 -3.57 -31.59
N VAL TA 100 -63.57 -2.70 -32.19
CA VAL TA 100 -62.16 -2.95 -32.39
C VAL TA 100 -61.37 -1.97 -31.54
N LEU TA 101 -60.18 -2.40 -31.11
CA LEU TA 101 -59.28 -1.62 -30.28
C LEU TA 101 -59.90 -1.24 -28.94
N GLY TA 102 -61.06 -1.78 -28.60
CA GLY TA 102 -61.74 -1.42 -27.38
C GLY TA 102 -62.44 -2.58 -26.70
N ASP TA 103 -61.99 -3.81 -26.99
CA ASP TA 103 -62.58 -5.00 -26.40
C ASP TA 103 -61.53 -5.88 -25.72
N PHE TA 104 -60.35 -5.33 -25.44
CA PHE TA 104 -59.29 -6.12 -24.81
C PHE TA 104 -59.78 -6.68 -23.49
N SER TA 105 -59.82 -8.02 -23.39
CA SER TA 105 -60.45 -8.68 -22.27
C SER TA 105 -59.79 -8.32 -20.95
N PHE TA 106 -58.49 -8.04 -20.95
CA PHE TA 106 -57.80 -7.65 -19.73
C PHE TA 106 -58.09 -6.21 -19.31
N GLY TA 107 -59.10 -5.59 -19.92
CA GLY TA 107 -59.59 -4.31 -19.45
C GLY TA 107 -60.91 -4.48 -18.72
N LYS TA 108 -61.59 -5.60 -18.97
CA LYS TA 108 -62.83 -5.93 -18.28
C LYS TA 108 -62.51 -6.77 -17.05
N PRO TA 109 -62.54 -6.17 -15.86
CA PRO TA 109 -62.19 -6.91 -14.64
C PRO TA 109 -63.38 -7.68 -14.11
N ASP TA 110 -63.18 -8.31 -12.96
CA ASP TA 110 -64.22 -9.06 -12.26
C ASP TA 110 -64.54 -8.30 -10.97
N LEU TA 111 -65.56 -7.45 -11.01
CA LEU TA 111 -65.92 -6.66 -9.85
C LEU TA 111 -66.50 -7.51 -8.73
N GLY TA 112 -66.84 -8.77 -9.00
CA GLY TA 112 -67.28 -9.67 -7.94
C GLY TA 112 -68.53 -9.14 -7.26
N ASP TA 113 -68.48 -9.08 -5.93
CA ASP TA 113 -69.60 -8.53 -5.18
C ASP TA 113 -69.48 -7.01 -5.11
N LYS TA 114 -69.22 -6.39 -6.27
CA LYS TA 114 -69.33 -4.95 -6.43
C LYS TA 114 -69.86 -4.57 -7.79
N GLU TA 115 -70.13 -5.53 -8.65
CA GLU TA 115 -70.55 -5.21 -10.01
C GLU TA 115 -71.92 -4.57 -10.06
N GLU TA 116 -72.56 -4.42 -8.92
CA GLU TA 116 -73.85 -3.77 -8.90
C GLU TA 116 -73.73 -2.46 -8.18
N GLU TA 117 -72.50 -2.10 -7.84
CA GLU TA 117 -72.29 -0.87 -7.11
C GLU TA 117 -71.37 0.01 -7.91
N ARG TA 118 -70.45 -0.59 -8.62
CA ARG TA 118 -69.58 0.22 -9.47
C ARG TA 118 -70.30 0.67 -10.73
N LYS TA 119 -71.20 -0.16 -11.28
CA LYS TA 119 -72.00 0.24 -12.43
C LYS TA 119 -72.86 1.45 -12.08
N LEU TA 120 -73.45 1.45 -10.89
CA LEU TA 120 -74.26 2.58 -10.46
C LEU TA 120 -73.42 3.84 -10.31
N GLN TA 121 -72.21 3.70 -9.76
CA GLN TA 121 -71.31 4.85 -9.66
C GLN TA 121 -70.99 5.40 -11.04
N GLU TA 122 -70.72 4.52 -12.00
CA GLU TA 122 -70.46 4.95 -13.37
C GLU TA 122 -71.64 5.72 -13.95
N LEU TA 123 -72.85 5.19 -13.77
CA LEU TA 123 -74.03 5.85 -14.31
C LEU TA 123 -74.24 7.22 -13.67
N GLN TA 124 -74.08 7.33 -12.36
CA GLN TA 124 -74.31 8.60 -11.69
C GLN TA 124 -73.25 9.63 -12.07
N HIS TA 125 -72.00 9.20 -12.19
CA HIS TA 125 -70.96 10.10 -12.68
C HIS TA 125 -71.29 10.58 -14.08
N GLY TA 126 -71.83 9.70 -14.92
CA GLY TA 126 -72.19 10.12 -16.27
C GLY TA 126 -73.31 11.13 -16.27
N ARG TA 127 -74.29 10.93 -15.39
CA ARG TA 127 -75.39 11.87 -15.28
C ARG TA 127 -74.90 13.25 -14.87
N LEU TA 128 -73.97 13.31 -13.91
CA LEU TA 128 -73.42 14.61 -13.53
C LEU TA 128 -72.58 15.22 -14.65
N ALA TA 129 -71.78 14.39 -15.33
CA ALA TA 129 -70.89 14.89 -16.36
C ALA TA 129 -71.66 15.43 -17.56
N MET TA 130 -72.83 14.88 -17.86
CA MET TA 130 -73.63 15.41 -18.97
C MET TA 130 -74.01 16.86 -18.70
N LEU TA 131 -74.50 17.14 -17.49
CA LEU TA 131 -74.88 18.51 -17.14
C LEU TA 131 -73.65 19.41 -17.10
N ALA TA 132 -72.53 18.89 -16.62
CA ALA TA 132 -71.29 19.69 -16.63
C ALA TA 132 -70.92 20.08 -18.06
N PHE TA 133 -71.02 19.14 -19.00
CA PHE TA 133 -70.73 19.46 -20.38
C PHE TA 133 -71.72 20.46 -20.93
N LEU TA 134 -72.99 20.34 -20.54
CA LEU TA 134 -73.99 21.31 -20.98
C LEU TA 134 -73.58 22.72 -20.57
N GLU TA 135 -73.17 22.89 -19.31
CA GLU TA 135 -72.77 24.21 -18.85
C GLU TA 135 -71.51 24.69 -19.56
N LEU TA 136 -70.52 23.82 -19.72
CA LEU TA 136 -69.29 24.23 -20.39
C LEU TA 136 -69.56 24.66 -21.83
N LEU TA 137 -70.39 23.89 -22.54
CA LEU TA 137 -70.77 24.26 -23.89
C LEU TA 137 -71.52 25.59 -23.91
N ARG TA 138 -72.43 25.80 -22.97
CA ARG TA 138 -73.15 27.07 -22.91
C ARG TA 138 -72.19 28.24 -22.79
N HIS TA 139 -71.30 28.19 -21.81
CA HIS TA 139 -70.35 29.27 -21.60
C HIS TA 139 -69.49 29.49 -22.85
N ASP TA 140 -68.89 28.40 -23.34
CA ASP TA 140 -67.97 28.47 -24.46
C ASP TA 140 -68.63 29.08 -25.68
N SER TA 141 -69.79 28.55 -26.08
CA SER TA 141 -70.44 29.00 -27.30
C SER TA 141 -70.99 30.42 -27.14
N GLN TA 142 -71.67 30.69 -26.03
CA GLN TA 142 -72.22 32.02 -25.79
C GLN TA 142 -71.14 33.09 -25.85
N ASN TA 143 -69.92 32.77 -25.39
CA ASN TA 143 -68.86 33.76 -25.49
C ASN TA 143 -68.17 33.75 -26.84
N PHE TA 144 -68.16 32.60 -27.53
CA PHE TA 144 -67.57 32.55 -28.86
C PHE TA 144 -68.37 33.37 -29.87
N VAL TA 145 -69.68 33.49 -29.66
CA VAL TA 145 -70.48 34.35 -30.53
C VAL TA 145 -70.33 35.81 -30.14
N SER TA 146 -70.65 36.15 -28.89
CA SER TA 146 -70.52 37.51 -28.40
C SER TA 146 -69.43 37.55 -27.33
N PRO TA 147 -68.20 37.92 -27.69
CA PRO TA 147 -67.13 37.93 -26.68
C PRO TA 147 -67.45 38.90 -25.55
N GLY TA 148 -67.19 38.46 -24.33
CA GLY TA 148 -67.45 39.23 -23.14
C GLY TA 148 -68.77 38.91 -22.47
N PHE TA 149 -69.68 38.22 -23.15
CA PHE TA 149 -70.96 37.88 -22.56
C PHE TA 149 -70.76 37.05 -21.29
N ASP TA 150 -71.58 37.31 -20.28
CA ASP TA 150 -71.52 36.73 -18.94
C ASP TA 150 -70.37 37.31 -18.12
N GLY TA 151 -69.55 38.15 -18.73
CA GLY TA 151 -68.48 38.82 -17.96
C GLY TA 151 -67.27 37.97 -17.61
N TYR TA 152 -67.48 36.73 -17.18
CA TYR TA 152 -66.36 35.86 -16.85
C TYR TA 152 -65.62 35.48 -18.12
N ASP TA 153 -64.58 36.25 -18.46
CA ASP TA 153 -63.94 36.11 -19.76
C ASP TA 153 -63.23 34.76 -19.90
N LYS TA 154 -62.82 34.16 -18.80
CA LYS TA 154 -62.03 32.93 -18.86
C LYS TA 154 -62.92 31.75 -19.25
N MET TA 155 -62.31 30.55 -19.33
CA MET TA 155 -63.08 29.37 -19.68
C MET TA 155 -63.53 28.56 -18.46
N ILE TA 156 -62.60 27.90 -17.78
CA ILE TA 156 -62.98 27.06 -16.64
C ILE TA 156 -63.03 27.99 -15.45
N THR TA 157 -64.12 28.77 -15.37
CA THR TA 157 -64.22 29.82 -14.39
C THR TA 157 -64.00 29.29 -12.98
N GLY TA 158 -64.66 28.17 -12.67
CA GLY TA 158 -64.61 27.60 -11.34
C GLY TA 158 -63.23 27.13 -10.92
N LEU TA 159 -62.29 27.02 -11.83
CA LEU TA 159 -60.95 26.68 -11.37
C LEU TA 159 -60.02 27.86 -11.63
N PRO TA 160 -60.10 28.92 -10.82
CA PRO TA 160 -59.33 30.14 -11.13
C PRO TA 160 -57.83 29.94 -11.02
N PHE TA 161 -57.37 29.03 -10.16
CA PHE TA 161 -55.94 28.84 -9.97
C PHE TA 161 -55.26 28.40 -11.25
N MET TA 162 -55.97 27.62 -12.09
CA MET TA 162 -55.45 27.27 -13.40
C MET TA 162 -55.15 28.48 -14.27
N TYR TA 163 -55.80 29.61 -14.00
CA TYR TA 163 -55.75 30.80 -14.86
C TYR TA 163 -56.29 30.46 -16.25
N GLY TA 164 -57.58 30.12 -16.28
CA GLY TA 164 -58.24 29.79 -17.52
C GLY TA 164 -58.18 30.89 -18.56
N PHE UA 1 -71.95 -21.35 -50.86
CA PHE UA 1 -72.52 -20.06 -51.24
C PHE UA 1 -72.34 -19.81 -52.73
N GLU UA 2 -72.22 -20.89 -53.51
CA GLU UA 2 -72.03 -20.77 -54.94
C GLU UA 2 -73.30 -20.42 -55.68
N ASN UA 3 -74.47 -20.47 -55.02
CA ASN UA 3 -75.76 -20.13 -55.63
C ASN UA 3 -76.41 -19.05 -54.77
N GLU UA 4 -76.08 -17.79 -55.05
CA GLU UA 4 -76.68 -16.66 -54.36
C GLU UA 4 -76.49 -15.43 -55.25
N LEU UA 5 -77.48 -14.53 -55.21
CA LEU UA 5 -77.57 -13.41 -56.14
C LEU UA 5 -76.22 -12.72 -56.31
N GLY UA 6 -75.70 -12.72 -57.53
CA GLY UA 6 -74.41 -12.15 -57.80
C GLY UA 6 -73.60 -12.98 -58.78
N VAL UA 7 -74.04 -14.20 -59.06
CA VAL UA 7 -73.38 -15.08 -60.01
C VAL UA 7 -73.90 -14.73 -61.41
N ILE UA 8 -73.04 -14.11 -62.22
CA ILE UA 8 -73.42 -13.69 -63.56
C ILE UA 8 -72.20 -13.81 -64.46
N ALA UA 9 -72.45 -14.06 -65.74
CA ALA UA 9 -71.37 -14.17 -66.71
C ALA UA 9 -70.62 -12.84 -66.80
N PRO UA 10 -69.33 -12.88 -67.20
CA PRO UA 10 -68.53 -14.04 -67.61
C PRO UA 10 -68.00 -14.88 -66.44
N THR UA 11 -67.66 -14.24 -65.32
CA THR UA 11 -67.08 -14.94 -64.18
C THR UA 11 -68.20 -15.54 -63.34
N GLY UA 12 -68.26 -16.87 -63.29
CA GLY UA 12 -69.31 -17.57 -62.58
C GLY UA 12 -69.38 -17.25 -61.10
N PHE UA 13 -68.31 -17.54 -60.36
CA PHE UA 13 -68.24 -17.29 -58.93
C PHE UA 13 -66.88 -16.66 -58.64
N PHE UA 14 -66.87 -15.32 -58.48
CA PHE UA 14 -65.62 -14.59 -58.34
C PHE UA 14 -65.26 -14.48 -56.86
N ASP UA 15 -64.74 -15.57 -56.33
CA ASP UA 15 -64.09 -15.59 -55.02
C ASP UA 15 -62.71 -16.20 -55.19
N PRO UA 16 -61.81 -15.51 -55.89
CA PRO UA 16 -60.49 -16.12 -56.15
C PRO UA 16 -59.69 -16.35 -54.89
N LEU UA 17 -59.57 -15.34 -54.04
CA LEU UA 17 -58.76 -15.45 -52.84
C LEU UA 17 -59.56 -15.96 -51.65
N GLY UA 18 -60.31 -17.04 -51.88
CA GLY UA 18 -60.99 -17.81 -50.85
C GLY UA 18 -61.56 -17.08 -49.64
N PHE UA 19 -62.49 -16.15 -49.86
CA PHE UA 19 -63.08 -15.43 -48.75
C PHE UA 19 -64.35 -16.08 -48.22
N THR UA 20 -65.10 -16.77 -49.08
CA THR UA 20 -66.32 -17.44 -48.69
C THR UA 20 -66.10 -18.91 -48.33
N GLN UA 21 -64.87 -19.27 -47.97
CA GLN UA 21 -64.54 -20.68 -47.78
C GLN UA 21 -65.19 -21.24 -46.52
N ASP UA 22 -64.85 -20.68 -45.36
CA ASP UA 22 -65.38 -21.15 -44.08
C ASP UA 22 -66.07 -19.96 -43.40
N ILE UA 23 -67.34 -19.76 -43.76
CA ILE UA 23 -68.14 -18.68 -43.21
C ILE UA 23 -69.57 -19.18 -43.06
N ASP UA 24 -70.25 -18.65 -42.04
CA ASP UA 24 -71.67 -18.93 -41.85
C ASP UA 24 -72.50 -17.89 -42.60
N GLN UA 25 -73.80 -18.16 -42.69
CA GLN UA 25 -74.69 -17.28 -43.44
C GLN UA 25 -74.68 -15.86 -42.89
N GLU UA 26 -74.40 -15.69 -41.60
CA GLU UA 26 -74.35 -14.35 -41.02
C GLU UA 26 -73.22 -13.53 -41.63
N LYS UA 27 -72.03 -14.12 -41.77
CA LYS UA 27 -70.90 -13.38 -42.31
C LYS UA 27 -71.09 -13.05 -43.79
N PHE UA 28 -71.64 -13.99 -44.56
CA PHE UA 28 -71.92 -13.68 -45.95
C PHE UA 28 -73.01 -12.64 -46.08
N ASP UA 29 -73.99 -12.64 -45.18
CA ASP UA 29 -75.00 -11.58 -45.18
C ASP UA 29 -74.37 -10.23 -44.90
N GLN UA 30 -73.42 -10.18 -43.95
CA GLN UA 30 -72.71 -8.94 -43.69
C GLN UA 30 -71.93 -8.48 -44.92
N TYR UA 31 -71.27 -9.42 -45.60
CA TYR UA 31 -70.52 -9.08 -46.81
C TYR UA 31 -71.44 -8.53 -47.88
N ARG UA 32 -72.61 -9.16 -48.07
CA ARG UA 32 -73.56 -8.69 -49.08
C ARG UA 32 -74.10 -7.30 -48.73
N THR UA 33 -74.37 -7.06 -47.45
CA THR UA 33 -74.82 -5.73 -47.02
C THR UA 33 -73.77 -4.68 -47.34
N ALA UA 34 -72.51 -4.97 -47.01
CA ALA UA 34 -71.44 -4.04 -47.30
C ALA UA 34 -71.32 -3.79 -48.80
N GLU UA 35 -71.42 -4.86 -49.60
CA GLU UA 35 -71.30 -4.71 -51.05
C GLU UA 35 -72.42 -3.83 -51.60
N LEU UA 36 -73.66 -4.10 -51.20
CA LEU UA 36 -74.79 -3.33 -51.73
C LEU UA 36 -74.68 -1.87 -51.34
N LYS UA 37 -74.36 -1.59 -50.08
CA LYS UA 37 -74.25 -0.21 -49.63
C LYS UA 37 -73.12 0.51 -50.34
N HIS UA 38 -71.96 -0.14 -50.46
CA HIS UA 38 -70.83 0.44 -51.16
C HIS UA 38 -71.20 0.77 -52.60
N GLY UA 39 -71.87 -0.15 -53.28
CA GLY UA 39 -72.24 0.09 -54.66
C GLY UA 39 -73.16 1.27 -54.82
N ARG UA 40 -74.20 1.34 -53.98
CA ARG UA 40 -75.13 2.46 -54.05
C ARG UA 40 -74.40 3.79 -53.82
N VAL UA 41 -73.52 3.82 -52.82
CA VAL UA 41 -72.76 5.04 -52.55
C VAL UA 41 -71.92 5.42 -53.76
N ALA UA 42 -71.29 4.44 -54.40
CA ALA UA 42 -70.43 4.74 -55.55
C ALA UA 42 -71.23 5.30 -56.71
N GLN UA 43 -72.41 4.73 -56.99
CA GLN UA 43 -73.22 5.25 -58.09
C GLN UA 43 -73.63 6.69 -57.82
N LEU UA 44 -74.11 6.96 -56.60
CA LEU UA 44 -74.49 8.33 -56.26
C LEU UA 44 -73.29 9.27 -56.37
N ALA UA 45 -72.10 8.78 -55.99
CA ALA UA 45 -70.91 9.62 -56.04
C ALA UA 45 -70.52 9.97 -57.47
N VAL UA 46 -70.63 9.01 -58.39
CA VAL UA 46 -70.30 9.30 -59.79
C VAL UA 46 -71.28 10.33 -60.36
N VAL UA 47 -72.57 10.12 -60.09
CA VAL UA 47 -73.56 11.11 -60.56
C VAL UA 47 -73.24 12.48 -59.95
N GLY UA 48 -72.81 12.49 -58.70
CA GLY UA 48 -72.45 13.75 -58.05
C GLY UA 48 -71.25 14.42 -58.67
N TYR UA 49 -70.26 13.65 -59.11
CA TYR UA 49 -69.14 14.29 -59.80
C TYR UA 49 -69.60 14.91 -61.10
N VAL UA 50 -70.45 14.20 -61.84
CA VAL UA 50 -70.81 14.70 -63.17
C VAL UA 50 -71.68 15.94 -63.07
N VAL UA 51 -72.68 15.95 -62.18
CA VAL UA 51 -73.73 16.96 -62.29
C VAL UA 51 -73.27 18.36 -61.88
N PRO UA 52 -72.57 18.57 -60.73
CA PRO UA 52 -72.01 19.90 -60.46
C PRO UA 52 -71.08 20.48 -61.52
N GLU UA 53 -70.78 19.74 -62.58
CA GLU UA 53 -70.02 20.33 -63.67
C GLU UA 53 -70.88 21.17 -64.60
N PHE UA 54 -72.20 21.05 -64.53
CA PHE UA 54 -73.09 21.88 -65.34
C PHE UA 54 -74.31 22.36 -64.58
N PHE UA 55 -74.32 22.24 -63.24
CA PHE UA 55 -75.41 22.75 -62.42
C PHE UA 55 -75.00 22.79 -60.95
N ARG UA 56 -75.21 23.92 -60.30
CA ARG UA 56 -74.93 24.06 -58.88
C ARG UA 56 -76.13 24.67 -58.18
N TRP UA 57 -76.40 24.20 -56.96
CA TRP UA 57 -77.58 24.68 -56.24
C TRP UA 57 -77.48 26.19 -56.00
N GLY UA 58 -78.64 26.79 -55.72
CA GLY UA 58 -78.75 28.22 -55.54
C GLY UA 58 -78.69 28.72 -54.11
N PHE UA 59 -78.43 27.86 -53.14
CA PHE UA 59 -78.32 28.31 -51.76
C PHE UA 59 -76.86 28.62 -51.45
N ASP UA 60 -76.56 28.86 -50.17
CA ASP UA 60 -75.20 29.17 -49.72
C ASP UA 60 -74.83 28.21 -48.60
N ILE UA 61 -74.25 27.07 -48.97
CA ILE UA 61 -73.71 26.16 -47.97
C ILE UA 61 -72.67 26.91 -47.15
N ALA UA 62 -72.71 26.72 -45.82
CA ALA UA 62 -71.83 27.38 -44.86
C ALA UA 62 -72.16 28.86 -44.74
N PRO UA 63 -71.68 29.54 -43.67
CA PRO UA 63 -71.96 30.98 -43.52
C PRO UA 63 -71.78 31.81 -44.78
N GLY UA 64 -70.60 31.76 -45.38
CA GLY UA 64 -70.37 32.44 -46.63
C GLY UA 64 -70.30 31.46 -47.78
N ILE UA 65 -69.11 31.30 -48.35
CA ILE UA 65 -68.80 30.21 -49.28
C ILE UA 65 -69.66 30.29 -50.54
N ALA UA 66 -70.97 30.07 -50.39
CA ALA UA 66 -71.92 30.00 -51.50
C ALA UA 66 -71.72 28.72 -52.30
N CYS UA 67 -72.82 28.13 -52.78
CA CYS UA 67 -72.76 26.83 -53.43
C CYS UA 67 -72.19 26.88 -54.85
N ALA UA 68 -72.00 28.07 -55.40
CA ALA UA 68 -71.54 28.23 -56.78
C ALA UA 68 -70.08 28.63 -56.88
N ASP UA 69 -69.34 28.59 -55.78
CA ASP UA 69 -67.91 28.89 -55.79
C ASP UA 69 -67.03 27.70 -55.44
N VAL UA 70 -67.59 26.70 -54.79
CA VAL UA 70 -66.80 25.59 -54.22
C VAL UA 70 -66.20 24.77 -55.35
N PRO UA 71 -64.95 24.31 -55.23
CA PRO UA 71 -64.39 23.39 -56.22
C PRO UA 71 -65.17 22.08 -56.27
N ASN UA 72 -64.93 21.31 -57.33
CA ASN UA 72 -65.82 20.20 -57.67
C ASN UA 72 -65.33 18.83 -57.22
N GLY UA 73 -64.03 18.61 -57.08
CA GLY UA 73 -63.54 17.26 -56.93
C GLY UA 73 -63.14 16.83 -55.53
N VAL UA 74 -61.91 16.35 -55.36
CA VAL UA 74 -61.44 15.89 -54.06
C VAL UA 74 -61.42 17.08 -53.17
N ALA UA 75 -61.19 18.26 -53.72
CA ALA UA 75 -61.34 19.46 -52.92
C ALA UA 75 -62.80 19.50 -52.45
N ALA UA 76 -63.21 20.62 -51.86
CA ALA UA 76 -64.57 20.80 -51.38
C ALA UA 76 -64.83 19.96 -50.14
N ILE UA 77 -63.88 19.08 -49.81
CA ILE UA 77 -63.82 18.49 -48.49
C ILE UA 77 -63.02 19.37 -47.55
N ASN UA 78 -62.28 20.33 -48.09
CA ASN UA 78 -61.51 21.29 -47.30
C ASN UA 78 -61.96 22.72 -47.54
N ALA UA 79 -63.08 22.93 -48.23
CA ALA UA 79 -63.62 24.26 -48.46
C ALA UA 79 -64.97 24.47 -47.80
N ILE UA 80 -65.51 23.46 -47.15
CA ILE UA 80 -66.76 23.56 -46.40
C ILE UA 80 -66.41 23.41 -44.92
N PRO UA 81 -66.85 24.34 -44.06
CA PRO UA 81 -66.53 24.25 -42.63
C PRO UA 81 -66.78 22.86 -42.06
N ALA UA 82 -65.88 22.44 -41.16
CA ALA UA 82 -65.89 21.08 -40.64
C ALA UA 82 -67.18 20.75 -39.91
N LEU UA 83 -67.79 21.74 -39.25
CA LEU UA 83 -69.04 21.48 -38.54
C LEU UA 83 -70.14 21.05 -39.50
N GLY UA 84 -70.24 21.71 -40.65
CA GLY UA 84 -71.24 21.32 -41.63
C GLY UA 84 -71.01 19.92 -42.17
N TRP UA 85 -69.74 19.57 -42.43
CA TRP UA 85 -69.43 18.23 -42.90
C TRP UA 85 -69.80 17.19 -41.84
N ALA UA 86 -69.52 17.48 -40.58
CA ALA UA 86 -69.87 16.54 -39.50
C ALA UA 86 -71.38 16.38 -39.39
N GLN UA 87 -72.13 17.47 -39.54
CA GLN UA 87 -73.59 17.37 -39.47
C GLN UA 87 -74.13 16.55 -40.64
N ILE UA 88 -73.59 16.75 -41.84
CA ILE UA 88 -74.01 15.94 -42.98
C ILE UA 88 -73.70 14.47 -42.71
N ILE UA 89 -72.52 14.19 -42.16
CA ILE UA 89 -72.13 12.82 -41.87
C ILE UA 89 -73.11 12.18 -40.91
N PHE UA 90 -73.47 12.88 -39.84
CA PHE UA 90 -74.36 12.30 -38.84
C PHE UA 90 -75.78 12.18 -39.37
N ALA UA 91 -76.21 13.07 -40.26
CA ALA UA 91 -77.53 12.91 -40.87
C ALA UA 91 -77.57 11.68 -41.77
N ILE UA 92 -76.54 11.49 -42.59
CA ILE UA 92 -76.46 10.27 -43.40
C ILE UA 92 -76.47 9.06 -42.49
N GLY UA 93 -75.80 9.16 -41.34
CA GLY UA 93 -75.84 8.06 -40.38
C GLY UA 93 -77.23 7.79 -39.85
N ALA UA 94 -77.96 8.85 -39.51
CA ALA UA 94 -79.33 8.65 -39.04
C ALA UA 94 -80.16 7.93 -40.08
N VAL UA 95 -80.02 8.32 -41.35
CA VAL UA 95 -80.72 7.60 -42.41
C VAL UA 95 -80.19 6.17 -42.55
N ASP UA 96 -78.93 5.95 -42.17
CA ASP UA 96 -78.31 4.64 -42.35
C ASP UA 96 -78.75 3.64 -41.28
N VAL UA 97 -78.44 3.94 -40.02
CA VAL UA 97 -78.75 3.00 -38.95
C VAL UA 97 -80.23 3.04 -38.59
N ARG UA 98 -80.70 4.18 -38.07
CA ARG UA 98 -82.09 4.28 -37.67
C ARG UA 98 -83.02 4.08 -38.86
N GLY UA 99 -82.53 4.33 -40.08
CA GLY UA 99 -83.34 4.23 -41.27
C GLY UA 99 -84.54 5.15 -41.17
N TRP UA 100 -84.31 6.46 -41.21
CA TRP UA 100 -85.43 7.37 -40.97
C TRP UA 100 -86.11 7.94 -42.19
N PHE UA 101 -85.54 8.98 -42.78
CA PHE UA 101 -86.22 9.62 -43.90
C PHE UA 101 -85.88 8.82 -45.13
N GLY UA 102 -85.88 7.49 -44.98
CA GLY UA 102 -85.36 6.58 -45.97
C GLY UA 102 -86.04 5.22 -45.97
N ASN UA 103 -87.34 5.18 -45.70
CA ASN UA 103 -88.01 3.89 -45.71
C ASN UA 103 -89.44 4.02 -46.23
N PHE UA 104 -89.79 5.19 -46.78
CA PHE UA 104 -91.15 5.45 -47.23
C PHE UA 104 -91.66 4.33 -48.12
N ASP UA 105 -92.85 3.83 -47.80
CA ASP UA 105 -93.38 2.63 -48.45
C ASP UA 105 -93.55 2.82 -49.94
N ILE UA 106 -93.63 4.06 -50.42
CA ILE UA 106 -93.68 4.34 -51.85
C ILE UA 106 -92.33 4.06 -52.52
N GLY UA 107 -91.32 3.70 -51.75
CA GLY UA 107 -90.02 3.35 -52.27
C GLY UA 107 -89.74 1.87 -52.44
N LYS UA 108 -90.76 1.01 -52.30
CA LYS UA 108 -90.61 -0.43 -52.47
C LYS UA 108 -91.65 -0.91 -53.46
N PRO UA 109 -91.44 -0.64 -54.76
CA PRO UA 109 -92.45 -0.99 -55.76
C PRO UA 109 -92.60 -2.49 -55.92
N ASP UA 110 -93.72 -2.88 -56.51
CA ASP UA 110 -94.04 -4.29 -56.75
C ASP UA 110 -93.34 -4.73 -58.04
N LEU UA 111 -92.14 -5.29 -57.88
CA LEU UA 111 -91.36 -5.79 -59.02
C LEU UA 111 -91.94 -7.13 -59.46
N LYS UA 112 -93.11 -7.06 -60.09
CA LYS UA 112 -93.84 -8.26 -60.48
C LYS UA 112 -92.97 -9.19 -61.31
N GLY UA 113 -92.63 -10.34 -60.74
CA GLY UA 113 -91.79 -11.32 -61.44
C GLY UA 113 -90.31 -11.05 -61.52
N LYS UA 114 -89.92 -9.83 -61.85
CA LYS UA 114 -88.54 -9.50 -62.22
C LYS UA 114 -87.63 -9.22 -61.01
N GLU UA 115 -87.99 -9.70 -59.81
CA GLU UA 115 -87.28 -9.29 -58.61
C GLU UA 115 -85.80 -9.66 -58.65
N GLU UA 116 -85.50 -10.94 -58.92
CA GLU UA 116 -84.11 -11.39 -58.90
C GLU UA 116 -83.29 -10.71 -59.98
N GLU UA 117 -83.88 -10.53 -61.17
CA GLU UA 117 -83.18 -9.85 -62.25
C GLU UA 117 -82.80 -8.43 -61.86
N ARG UA 118 -83.73 -7.70 -61.23
CA ARG UA 118 -83.44 -6.32 -60.86
C ARG UA 118 -82.42 -6.25 -59.72
N ALA UA 119 -82.46 -7.22 -58.79
CA ALA UA 119 -81.43 -7.26 -57.75
C ALA UA 119 -80.04 -7.48 -58.36
N LEU UA 120 -79.95 -8.41 -59.31
CA LEU UA 120 -78.67 -8.66 -59.97
C LEU UA 120 -78.18 -7.44 -60.73
N GLN UA 121 -79.09 -6.77 -61.44
CA GLN UA 121 -78.70 -5.55 -62.16
C GLN UA 121 -78.19 -4.48 -61.21
N GLU UA 122 -78.87 -4.30 -60.08
CA GLU UA 122 -78.44 -3.29 -59.11
C GLU UA 122 -77.05 -3.61 -58.58
N LEU UA 123 -76.80 -4.88 -58.24
CA LEU UA 123 -75.47 -5.24 -57.75
C LEU UA 123 -74.40 -4.98 -58.81
N GLN UA 124 -74.65 -5.37 -60.05
CA GLN UA 124 -73.65 -5.20 -61.10
C GLN UA 124 -73.34 -3.72 -61.33
N HIS UA 125 -74.38 -2.89 -61.35
CA HIS UA 125 -74.15 -1.45 -61.47
C HIS UA 125 -73.33 -0.92 -60.31
N GLY UA 126 -73.57 -1.46 -59.11
CA GLY UA 126 -72.74 -1.07 -57.97
C GLY UA 126 -71.27 -1.38 -58.21
N ARG UA 127 -70.98 -2.57 -58.72
CA ARG UA 127 -69.59 -2.92 -59.03
C ARG UA 127 -68.96 -1.92 -59.99
N LEU UA 128 -69.65 -1.67 -61.11
CA LEU UA 128 -69.12 -0.76 -62.12
C LEU UA 128 -68.88 0.63 -61.52
N ALA UA 129 -69.83 1.10 -60.70
CA ALA UA 129 -69.68 2.42 -60.10
C ALA UA 129 -68.52 2.47 -59.11
N MET UA 130 -68.26 1.37 -58.42
CA MET UA 130 -67.13 1.35 -57.49
C MET UA 130 -65.83 1.53 -58.24
N LEU UA 131 -65.67 0.85 -59.38
CA LEU UA 131 -64.47 1.06 -60.18
C LEU UA 131 -64.40 2.48 -60.75
N ALA UA 132 -65.53 3.00 -61.22
CA ALA UA 132 -65.54 4.35 -61.78
C ALA UA 132 -65.16 5.39 -60.74
N ILE UA 133 -65.67 5.24 -59.51
CA ILE UA 133 -65.36 6.21 -58.47
C ILE UA 133 -63.89 6.14 -58.11
N LEU UA 134 -63.30 4.94 -58.11
CA LEU UA 134 -61.86 4.86 -57.89
C LEU UA 134 -61.10 5.63 -58.96
N GLU UA 135 -61.48 5.47 -60.23
CA GLU UA 135 -60.76 6.17 -61.29
C GLU UA 135 -60.87 7.69 -61.14
N LEU UA 136 -62.08 8.18 -60.87
CA LEU UA 136 -62.25 9.62 -60.72
C LEU UA 136 -61.44 10.16 -59.56
N LEU UA 137 -61.45 9.44 -58.43
CA LEU UA 137 -60.67 9.88 -57.27
C LEU UA 137 -59.18 9.92 -57.60
N ARG UA 138 -58.67 8.88 -58.25
CA ARG UA 138 -57.24 8.84 -58.57
C ARG UA 138 -56.85 10.00 -59.45
N HIS UA 139 -57.59 10.20 -60.55
CA HIS UA 139 -57.25 11.30 -61.46
C HIS UA 139 -57.25 12.63 -60.73
N ASP UA 140 -58.31 12.93 -60.00
CA ASP UA 140 -58.38 14.23 -59.36
C ASP UA 140 -57.31 14.41 -58.33
N SER UA 141 -57.19 13.48 -57.40
CA SER UA 141 -56.22 13.66 -56.32
C SER UA 141 -54.81 13.77 -56.85
N GLN UA 142 -54.42 12.90 -57.79
CA GLN UA 142 -53.08 12.96 -58.35
C GLN UA 142 -52.84 14.28 -59.06
N ASN UA 143 -53.82 14.75 -59.85
CA ASN UA 143 -53.63 16.01 -60.55
C ASN UA 143 -53.82 17.22 -59.65
N LEU UA 144 -54.23 17.00 -58.39
CA LEU UA 144 -54.22 18.08 -57.41
C LEU UA 144 -52.89 18.17 -56.67
N VAL UA 145 -52.32 17.04 -56.26
CA VAL UA 145 -51.04 17.08 -55.54
C VAL UA 145 -49.94 17.66 -56.42
N LYS UA 146 -49.94 17.31 -57.71
CA LYS UA 146 -49.00 17.86 -58.67
C LYS UA 146 -49.76 18.19 -59.95
N PRO UA 147 -50.17 19.46 -60.13
CA PRO UA 147 -50.92 19.84 -61.35
C PRO UA 147 -50.26 19.31 -62.61
N GLY UA 148 -50.99 18.46 -63.33
CA GLY UA 148 -50.41 17.66 -64.39
C GLY UA 148 -50.33 16.22 -63.95
N PHE UA 149 -49.16 15.60 -64.17
CA PHE UA 149 -48.91 14.22 -63.74
C PHE UA 149 -49.83 13.22 -64.42
N ASP UA 150 -50.70 13.70 -65.30
CA ASP UA 150 -51.46 12.82 -66.17
C ASP UA 150 -51.58 13.34 -67.59
N GLY UA 151 -51.27 14.60 -67.84
CA GLY UA 151 -51.45 15.19 -69.15
C GLY UA 151 -52.90 15.51 -69.45
N LEU UA 152 -53.79 14.56 -69.18
CA LEU UA 152 -55.21 14.77 -69.38
C LEU UA 152 -55.70 15.89 -68.49
N ASP UA 153 -56.04 17.03 -69.08
CA ASP UA 153 -56.60 18.14 -68.32
C ASP UA 153 -58.05 17.83 -67.97
N ASN UA 154 -58.68 18.76 -67.25
CA ASN UA 154 -60.09 18.69 -66.91
C ASN UA 154 -60.38 17.58 -65.89
N LEU UA 155 -61.40 17.78 -65.06
CA LEU UA 155 -61.72 16.80 -64.03
C LEU UA 155 -62.39 15.56 -64.62
N ILE UA 156 -63.56 15.75 -65.23
CA ILE UA 156 -64.22 14.62 -65.88
C ILE UA 156 -63.66 14.45 -67.27
N THR UA 157 -62.49 13.83 -67.37
CA THR UA 157 -61.86 13.62 -68.65
C THR UA 157 -62.47 12.44 -69.32
N GLY UA 158 -63.35 12.68 -70.27
CA GLY UA 158 -64.02 11.59 -70.93
C GLY UA 158 -65.23 12.12 -71.61
N LEU UA 159 -65.86 13.10 -70.98
CA LEU UA 159 -67.00 13.72 -71.59
C LEU UA 159 -66.56 15.12 -71.87
N PRO UA 160 -65.94 15.32 -73.02
CA PRO UA 160 -65.39 16.66 -73.28
C PRO UA 160 -66.43 17.72 -73.51
N PHE UA 161 -67.69 17.38 -73.70
CA PHE UA 161 -68.65 18.40 -74.03
C PHE UA 161 -68.78 19.37 -72.87
N LEU UA 162 -68.72 18.85 -71.65
CA LEU UA 162 -68.87 19.71 -70.49
C LEU UA 162 -67.71 20.66 -70.37
N TYR UA 163 -66.78 20.58 -71.32
CA TYR UA 163 -65.60 21.43 -71.29
C TYR UA 163 -64.92 21.32 -69.95
N ASN UA 164 -64.86 20.12 -69.42
CA ASN UA 164 -64.22 19.91 -68.14
C ASN UA 164 -63.96 18.43 -67.97
N SER VA 1 59.99 -71.75 -24.43
CA SER VA 1 60.84 -70.72 -23.86
C SER VA 1 60.06 -69.45 -23.65
N PRO VA 2 59.58 -69.20 -22.42
CA PRO VA 2 58.71 -68.03 -22.22
C PRO VA 2 59.41 -66.69 -22.31
N ARG VA 3 60.67 -66.60 -21.90
CA ARG VA 3 61.44 -65.39 -22.11
C ARG VA 3 61.41 -65.06 -23.60
N ALA VA 4 62.03 -65.89 -24.44
CA ALA VA 4 61.83 -65.69 -25.87
C ALA VA 4 60.59 -66.44 -26.33
N LEU VA 5 59.42 -65.92 -25.88
CA LEU VA 5 58.12 -66.60 -25.92
C LEU VA 5 57.83 -67.38 -27.21
N PRO VA 6 57.90 -66.79 -28.42
CA PRO VA 6 57.69 -67.61 -29.62
C PRO VA 6 59.00 -68.16 -30.19
N PHE VA 7 59.74 -68.90 -29.38
CA PHE VA 7 60.98 -69.48 -29.86
C PHE VA 7 61.33 -70.72 -29.03
N GLY VA 8 62.14 -71.58 -29.64
CA GLY VA 8 62.66 -72.75 -28.97
C GLY VA 8 64.07 -72.51 -28.49
N SER VA 9 64.39 -73.11 -27.36
CA SER VA 9 65.71 -72.96 -26.78
C SER VA 9 66.58 -74.14 -27.20
N ALA VA 10 67.71 -74.30 -26.53
CA ALA VA 10 68.67 -75.37 -26.78
C ALA VA 10 67.98 -76.73 -26.71
N PRO VA 11 68.44 -77.74 -27.48
CA PRO VA 11 67.84 -79.08 -27.36
C PRO VA 11 67.97 -79.68 -25.98
N ALA VA 12 68.85 -79.12 -25.14
CA ALA VA 12 69.03 -79.60 -23.79
C ALA VA 12 69.23 -78.48 -22.76
N THR VA 13 68.76 -77.25 -23.01
CA THR VA 13 68.83 -76.27 -21.95
C THR VA 13 67.93 -76.71 -20.81
N LEU VA 14 68.40 -76.50 -19.59
CA LEU VA 14 67.65 -76.99 -18.45
C LEU VA 14 66.76 -75.89 -17.90
N ASP VA 15 65.78 -76.29 -17.09
CA ASP VA 15 64.94 -75.36 -16.37
C ASP VA 15 65.32 -75.22 -14.90
N GLY VA 16 66.05 -76.19 -14.34
CA GLY VA 16 66.41 -76.12 -12.94
C GLY VA 16 67.90 -76.01 -12.68
N SER VA 17 68.70 -75.90 -13.75
CA SER VA 17 70.16 -75.86 -13.60
C SER VA 17 70.60 -74.59 -12.89
N LEU VA 18 69.98 -73.49 -13.27
CA LEU VA 18 70.27 -72.22 -12.63
C LEU VA 18 68.94 -71.52 -12.38
N VAL VA 19 68.88 -70.77 -11.28
CA VAL VA 19 67.64 -70.10 -10.94
C VAL VA 19 67.10 -69.32 -12.12
N GLY VA 20 67.99 -68.62 -12.82
CA GLY VA 20 67.56 -67.84 -13.96
C GLY VA 20 67.40 -68.76 -15.15
N ASP VA 21 66.41 -69.65 -15.08
CA ASP VA 21 66.23 -70.61 -16.14
C ASP VA 21 64.89 -70.45 -16.81
N VAL VA 22 64.53 -69.24 -17.22
CA VAL VA 22 63.31 -68.95 -17.98
C VAL VA 22 63.41 -69.44 -19.42
N GLY VA 23 64.60 -69.85 -19.86
CA GLY VA 23 64.76 -70.41 -21.19
C GLY VA 23 65.42 -69.46 -22.16
N PHE VA 24 65.67 -68.23 -21.73
CA PHE VA 24 66.34 -67.26 -22.59
C PHE VA 24 67.73 -67.75 -22.90
N ASP VA 25 67.91 -68.24 -24.12
CA ASP VA 25 69.20 -68.61 -24.65
C ASP VA 25 69.06 -68.70 -26.17
N PRO VA 26 68.90 -67.56 -26.89
CA PRO VA 26 68.62 -67.63 -28.33
C PRO VA 26 69.70 -68.32 -29.13
N ILE VA 27 70.92 -67.76 -29.14
CA ILE VA 27 72.02 -68.51 -29.72
C ILE VA 27 72.39 -69.64 -28.79
N GLY VA 28 72.11 -69.48 -27.50
CA GLY VA 28 72.22 -70.53 -26.50
C GLY VA 28 73.58 -71.18 -26.48
N PHE VA 29 74.63 -70.39 -26.26
CA PHE VA 29 76.00 -70.90 -26.30
C PHE VA 29 76.25 -71.98 -25.27
N SER VA 30 75.34 -72.14 -24.31
CA SER VA 30 75.23 -73.29 -23.44
C SER VA 30 75.43 -74.62 -24.18
N THR VA 31 74.85 -74.75 -25.39
CA THR VA 31 75.00 -75.95 -26.18
C THR VA 31 76.47 -76.29 -26.41
N ALA VA 32 77.24 -75.28 -26.83
CA ALA VA 32 78.66 -75.41 -27.12
C ALA VA 32 79.38 -75.98 -25.90
N PRO VA 33 80.59 -76.53 -26.13
CA PRO VA 33 81.25 -77.32 -25.06
C PRO VA 33 81.39 -76.56 -23.77
N PHE VA 34 81.63 -75.24 -23.85
CA PHE VA 34 81.78 -74.34 -22.69
C PHE VA 34 82.74 -74.95 -21.67
N ALA VA 35 83.79 -75.61 -22.17
CA ALA VA 35 84.75 -76.26 -21.29
C ALA VA 35 85.91 -75.36 -20.93
N SER VA 36 87.06 -75.95 -20.60
CA SER VA 36 88.25 -75.17 -20.28
C SER VA 36 88.72 -74.43 -21.51
N PHE VA 37 87.87 -73.54 -22.02
CA PHE VA 37 88.19 -72.80 -23.24
C PHE VA 37 89.57 -72.18 -23.13
N ASN VA 38 90.45 -72.59 -24.04
CA ASN VA 38 91.87 -72.23 -24.03
C ASN VA 38 92.50 -72.58 -22.68
N ASN VA 39 92.31 -73.84 -22.29
CA ASN VA 39 92.84 -74.38 -21.04
C ASN VA 39 92.42 -73.55 -19.82
N PRO VA 40 91.13 -73.40 -19.58
CA PRO VA 40 90.71 -72.64 -18.38
C PRO VA 40 90.76 -73.48 -17.12
N LEU VA 41 91.99 -73.86 -16.74
CA LEU VA 41 92.28 -74.73 -15.60
C LEU VA 41 91.46 -76.02 -15.70
N TYR VA 42 91.74 -76.77 -16.76
CA TYR VA 42 90.99 -77.97 -17.07
C TYR VA 42 91.10 -78.98 -15.94
N LYS VA 43 90.00 -79.67 -15.67
CA LYS VA 43 90.01 -80.63 -14.59
C LYS VA 43 89.61 -82.03 -15.03
N GLU VA 44 88.65 -82.13 -15.95
CA GLU VA 44 88.09 -83.39 -16.47
C GLU VA 44 87.44 -84.25 -15.39
N GLY VA 45 87.44 -83.76 -14.15
CA GLY VA 45 86.86 -84.50 -13.04
C GLY VA 45 85.40 -84.14 -12.89
N ASP VA 46 85.03 -83.58 -11.75
CA ASP VA 46 83.67 -83.05 -11.60
C ASP VA 46 83.41 -81.98 -12.65
N PHE VA 47 84.31 -80.98 -12.73
CA PHE VA 47 84.31 -79.94 -13.75
C PHE VA 47 83.01 -79.14 -13.78
N MET VA 48 82.25 -79.22 -12.69
CA MET VA 48 80.89 -78.69 -12.58
C MET VA 48 80.04 -79.11 -13.77
N SER VA 49 79.27 -78.17 -14.29
CA SER VA 49 78.59 -78.31 -15.56
C SER VA 49 79.00 -77.13 -16.42
N ASP VA 50 79.11 -77.38 -17.73
CA ASP VA 50 79.52 -76.31 -18.64
C ASP VA 50 78.54 -75.14 -18.56
N LEU VA 51 77.25 -75.47 -18.49
CA LEU VA 51 76.25 -74.45 -18.19
C LEU VA 51 76.49 -73.82 -16.83
N GLU VA 52 76.78 -74.64 -15.82
CA GLU VA 52 77.05 -74.10 -14.49
C GLU VA 52 78.32 -73.26 -14.49
N TRP VA 53 79.26 -73.56 -15.39
CA TRP VA 53 80.44 -72.69 -15.48
C TRP VA 53 80.07 -71.34 -16.09
N LEU VA 54 79.24 -71.35 -17.13
CA LEU VA 54 78.72 -70.10 -17.65
C LEU VA 54 77.89 -69.36 -16.60
N ARG VA 55 77.26 -70.11 -15.70
CA ARG VA 55 76.48 -69.52 -14.62
C ARG VA 55 77.39 -68.82 -13.62
N GLU VA 56 78.47 -69.47 -13.23
CA GLU VA 56 79.46 -68.83 -12.37
C GLU VA 56 80.05 -67.60 -13.05
N ALA VA 57 80.19 -67.66 -14.36
CA ALA VA 57 80.68 -66.50 -15.11
C ALA VA 57 79.72 -65.33 -15.00
N GLU VA 58 78.44 -65.58 -15.26
CA GLU VA 58 77.42 -64.53 -15.13
C GLU VA 58 77.36 -64.00 -13.71
N LEU VA 59 77.51 -64.89 -12.72
CA LEU VA 59 77.45 -64.48 -11.33
C LEU VA 59 78.58 -63.53 -10.99
N THR VA 60 79.80 -63.87 -11.40
CA THR VA 60 80.95 -63.00 -11.13
C THR VA 60 80.76 -61.65 -11.80
N HIS VA 61 80.38 -61.66 -13.08
CA HIS VA 61 80.22 -60.40 -13.81
C HIS VA 61 79.15 -59.52 -13.18
N GLY VA 62 77.99 -60.11 -12.88
CA GLY VA 62 76.89 -59.32 -12.36
C GLY VA 62 77.17 -58.78 -10.97
N ARG VA 63 77.85 -59.57 -10.13
CA ARG VA 63 78.22 -59.09 -8.80
C ARG VA 63 79.16 -57.90 -8.90
N ILE VA 64 80.20 -58.03 -9.73
CA ILE VA 64 81.16 -56.94 -9.90
C ILE VA 64 80.46 -55.69 -10.46
N ALA VA 65 79.60 -55.89 -11.47
CA ALA VA 65 78.91 -54.76 -12.08
C ALA VA 65 77.92 -54.11 -11.12
N GLN VA 66 77.31 -54.91 -10.25
CA GLN VA 66 76.41 -54.36 -9.24
C GLN VA 66 77.18 -53.43 -8.31
N LEU VA 67 78.33 -53.89 -7.80
CA LEU VA 67 79.15 -53.01 -6.98
C LEU VA 67 79.60 -51.77 -7.76
N ALA VA 68 79.84 -51.95 -9.07
CA ALA VA 68 80.28 -50.85 -9.91
C ALA VA 68 79.23 -49.75 -9.99
N VAL VA 69 77.96 -50.13 -10.03
CA VAL VA 69 76.89 -49.12 -10.06
C VAL VA 69 77.03 -48.16 -8.88
N LEU VA 70 76.96 -48.71 -7.66
CA LEU VA 70 77.10 -47.89 -6.45
C LEU VA 70 78.40 -47.09 -6.48
N GLY VA 71 79.47 -47.68 -7.00
CA GLY VA 71 80.68 -46.90 -7.21
C GLY VA 71 80.62 -45.88 -8.33
N PHE VA 72 79.51 -45.82 -9.07
CA PHE VA 72 79.27 -44.71 -9.99
C PHE VA 72 78.31 -43.68 -9.44
N ILE VA 73 77.56 -43.98 -8.36
CA ILE VA 73 76.67 -42.97 -7.79
C ILE VA 73 77.22 -42.36 -6.50
N TRP VA 74 77.57 -43.20 -5.52
CA TRP VA 74 78.05 -42.71 -4.22
C TRP VA 74 79.24 -41.75 -4.31
N PRO VA 75 80.27 -41.96 -5.15
CA PRO VA 75 81.29 -40.91 -5.34
C PRO VA 75 80.73 -39.54 -5.63
N ALA VA 76 79.57 -39.47 -6.27
CA ALA VA 76 78.88 -38.19 -6.46
C ALA VA 76 77.82 -37.92 -5.40
N LEU VA 77 76.78 -38.76 -5.35
CA LEU VA 77 75.66 -38.44 -4.47
C LEU VA 77 75.98 -38.81 -3.02
N PHE VA 78 76.18 -40.09 -2.76
CA PHE VA 78 76.18 -40.62 -1.40
C PHE VA 78 77.58 -40.51 -0.82
N GLY VA 79 77.79 -39.50 0.02
CA GLY VA 79 79.08 -39.22 0.58
C GLY VA 79 79.85 -38.16 -0.16
N THR VA 80 79.35 -37.74 -1.33
CA THR VA 80 79.87 -36.64 -2.14
C THR VA 80 81.38 -36.69 -2.24
N PHE VA 81 81.88 -37.88 -2.57
CA PHE VA 81 83.29 -38.20 -2.61
C PHE VA 81 83.93 -37.91 -1.26
N PRO VA 82 83.69 -38.75 -0.26
CA PRO VA 82 84.39 -38.59 1.02
C PRO VA 82 85.85 -39.01 0.91
N GLY VA 83 86.56 -38.46 -0.07
CA GLY VA 83 87.95 -38.84 -0.27
C GLY VA 83 88.81 -38.46 0.91
N ASN VA 84 88.51 -37.31 1.53
CA ASN VA 84 89.10 -36.71 2.73
C ASN VA 84 90.58 -37.00 2.81
N GLU VA 85 91.27 -36.82 1.68
CA GLU VA 85 92.67 -37.14 1.60
C GLU VA 85 93.45 -36.13 2.44
N ASN VA 86 94.55 -36.61 3.04
CA ASN VA 86 95.38 -35.72 3.85
C ASN VA 86 95.92 -34.57 3.00
N PHE VA 87 96.22 -34.84 1.73
CA PHE VA 87 96.61 -33.81 0.77
C PHE VA 87 96.34 -34.35 -0.63
N GLY VA 88 96.59 -33.51 -1.63
CA GLY VA 88 96.34 -33.96 -3.00
C GLY VA 88 94.89 -34.04 -3.39
N GLY VA 89 94.26 -32.89 -3.64
CA GLY VA 89 92.85 -32.88 -4.01
C GLY VA 89 92.53 -33.66 -5.27
N ALA VA 90 93.38 -33.55 -6.29
CA ALA VA 90 93.28 -34.45 -7.42
C ALA VA 90 93.59 -35.87 -6.96
N ASP VA 91 93.05 -36.85 -7.69
CA ASP VA 91 93.11 -38.27 -7.34
C ASP VA 91 92.36 -38.60 -6.05
N ALA VA 92 91.51 -37.68 -5.62
CA ALA VA 92 90.81 -37.74 -4.36
C ALA VA 92 89.38 -37.33 -4.67
N PHE VA 93 88.67 -36.84 -3.66
CA PHE VA 93 87.31 -36.32 -3.77
C PHE VA 93 87.01 -35.53 -5.05
N SER VA 94 87.95 -34.65 -5.43
CA SER VA 94 87.71 -33.62 -6.45
C SER VA 94 87.16 -34.21 -7.76
N TYR VA 95 87.80 -35.24 -8.28
CA TYR VA 95 87.32 -35.86 -9.50
C TYR VA 95 86.06 -36.67 -9.22
N VAL VA 96 84.90 -36.02 -9.36
CA VAL VA 96 83.61 -36.68 -9.19
C VAL VA 96 83.14 -37.34 -10.48
N ASN VA 97 83.75 -37.00 -11.62
CA ASN VA 97 83.48 -37.74 -12.85
C ASN VA 97 84.25 -39.05 -12.82
N PRO VA 98 83.54 -40.20 -12.75
CA PRO VA 98 84.20 -41.49 -12.45
C PRO VA 98 85.33 -41.84 -13.39
N LEU VA 99 85.14 -41.55 -14.67
CA LEU VA 99 86.21 -41.74 -15.65
C LEU VA 99 87.42 -40.88 -15.29
N GLU VA 100 87.18 -39.59 -14.99
CA GLU VA 100 88.28 -38.72 -14.59
C GLU VA 100 88.86 -39.13 -13.25
N ALA VA 101 88.03 -39.70 -12.38
CA ALA VA 101 88.53 -40.19 -11.10
C ALA VA 101 89.55 -41.30 -11.32
N ILE VA 102 89.27 -42.22 -12.25
CA ILE VA 102 90.26 -43.22 -12.61
C ILE VA 102 91.47 -42.56 -13.27
N THR VA 103 91.22 -41.55 -14.10
CA THR VA 103 92.30 -40.82 -14.79
C THR VA 103 93.30 -40.25 -13.80
N HIS VA 104 92.86 -39.90 -12.59
CA HIS VA 104 93.76 -39.26 -11.64
C HIS VA 104 94.45 -40.26 -10.71
N VAL VA 105 93.67 -41.06 -9.98
CA VAL VA 105 94.09 -41.85 -8.81
C VAL VA 105 95.40 -42.61 -9.03
N PRO VA 106 96.37 -42.49 -8.14
CA PRO VA 106 97.68 -43.09 -8.39
C PRO VA 106 97.60 -44.61 -8.34
N ASP VA 107 98.62 -45.26 -8.93
CA ASP VA 107 98.63 -46.70 -9.03
C ASP VA 107 98.81 -47.39 -7.68
N LEU VA 108 99.08 -46.62 -6.62
CA LEU VA 108 99.09 -47.18 -5.27
C LEU VA 108 97.76 -47.85 -4.95
N ALA VA 109 96.68 -47.07 -4.92
CA ALA VA 109 95.36 -47.62 -4.61
C ALA VA 109 94.87 -48.56 -5.71
N ILE VA 110 95.31 -48.34 -6.95
CA ILE VA 110 94.95 -49.25 -8.04
C ILE VA 110 95.51 -50.63 -7.76
N TYR VA 111 96.79 -50.70 -7.38
CA TYR VA 111 97.39 -51.97 -7.01
C TYR VA 111 96.80 -52.50 -5.71
N GLN VA 112 96.33 -51.62 -4.82
CA GLN VA 112 95.66 -52.05 -3.60
C GLN VA 112 94.42 -52.88 -3.94
N ILE VA 113 93.48 -52.28 -4.68
CA ILE VA 113 92.25 -53.00 -5.05
C ILE VA 113 92.55 -54.14 -6.01
N VAL VA 114 93.61 -54.01 -6.82
CA VAL VA 114 94.00 -55.08 -7.73
C VAL VA 114 94.42 -56.31 -6.94
N GLY VA 115 95.29 -56.12 -5.94
CA GLY VA 115 95.66 -57.21 -5.07
C GLY VA 115 94.52 -57.70 -4.20
N GLY VA 116 93.57 -56.82 -3.90
CA GLY VA 116 92.39 -57.21 -3.14
C GLY VA 116 91.56 -58.23 -3.90
N MET VA 117 91.10 -57.85 -5.09
CA MET VA 117 90.40 -58.80 -5.96
C MET VA 117 91.30 -59.96 -6.37
N ALA VA 118 92.63 -59.77 -6.34
CA ALA VA 118 93.54 -60.86 -6.64
C ALA VA 118 93.48 -61.94 -5.58
N TRP VA 119 93.55 -61.55 -4.31
CA TRP VA 119 93.35 -62.50 -3.22
C TRP VA 119 91.94 -63.08 -3.25
N VAL VA 120 90.97 -62.27 -3.67
CA VAL VA 120 89.60 -62.75 -3.78
C VAL VA 120 89.53 -63.93 -4.75
N GLU VA 121 90.06 -63.75 -5.95
CA GLU VA 121 90.00 -64.82 -6.94
C GLU VA 121 90.96 -65.96 -6.61
N TYR VA 122 92.03 -65.67 -5.86
CA TYR VA 122 92.91 -66.73 -5.40
C TYR VA 122 92.16 -67.67 -4.45
N GLN VA 123 91.42 -67.10 -3.50
CA GLN VA 123 90.60 -67.92 -2.61
C GLN VA 123 89.48 -68.59 -3.36
N ARG VA 124 88.92 -67.91 -4.36
CA ARG VA 124 87.86 -68.52 -5.17
C ARG VA 124 88.37 -69.75 -5.90
N VAL VA 125 89.55 -69.66 -6.51
CA VAL VA 125 90.13 -70.81 -7.19
C VAL VA 125 90.52 -71.89 -6.19
N ILE VA 126 91.02 -71.48 -5.02
CA ILE VA 126 91.42 -72.44 -3.99
C ILE VA 126 90.23 -73.29 -3.56
N ARG VA 127 89.07 -72.63 -3.38
CA ARG VA 127 87.84 -73.38 -3.14
C ARG VA 127 87.49 -74.25 -4.34
N ILE VA 128 87.23 -73.61 -5.49
CA ILE VA 128 86.55 -74.26 -6.61
C ILE VA 128 87.37 -75.42 -7.16
N LYS VA 129 88.70 -75.28 -7.20
CA LYS VA 129 89.58 -76.36 -7.66
C LYS VA 129 89.36 -77.62 -6.84
N GLU VA 130 89.13 -77.47 -5.54
CA GLU VA 130 88.69 -78.58 -4.72
C GLU VA 130 87.17 -78.67 -4.63
N GLN VA 131 86.47 -77.54 -4.62
CA GLN VA 131 85.01 -77.55 -4.48
C GLN VA 131 84.41 -78.05 -5.78
N GLY VA 132 84.45 -79.37 -5.94
CA GLY VA 132 83.77 -80.01 -7.06
C GLY VA 132 82.30 -80.13 -6.75
N LYS VA 133 81.71 -81.30 -7.07
CA LYS VA 133 80.29 -81.59 -6.88
C LYS VA 133 79.43 -80.44 -7.38
N ASN VA 134 78.88 -79.68 -6.43
CA ASN VA 134 78.23 -78.40 -6.72
C ASN VA 134 79.26 -77.31 -6.47
N ARG VA 135 79.82 -76.77 -7.55
CA ARG VA 135 80.74 -75.64 -7.43
C ARG VA 135 80.04 -74.45 -6.80
N VAL VA 136 78.71 -74.34 -7.01
CA VAL VA 136 77.77 -73.36 -6.47
C VAL VA 136 78.41 -71.98 -6.42
N SER VA 137 78.84 -71.51 -7.61
CA SER VA 137 79.44 -70.19 -7.81
C SER VA 137 80.67 -69.99 -6.94
N GLY VA 138 81.39 -71.07 -6.68
CA GLY VA 138 82.60 -71.04 -5.87
C GLY VA 138 82.31 -70.44 -4.52
N ASP VA 139 81.18 -70.84 -3.92
CA ASP VA 139 80.65 -70.15 -2.75
C ASP VA 139 81.66 -70.15 -1.62
N ILE VA 140 82.21 -71.32 -1.31
CA ILE VA 140 83.14 -71.54 -0.21
C ILE VA 140 82.48 -71.05 1.07
N GLY VA 141 83.18 -70.17 1.78
CA GLY VA 141 82.66 -69.68 3.04
C GLY VA 141 81.97 -68.34 2.95
N LEU VA 142 82.10 -67.65 1.81
CA LEU VA 142 81.73 -66.23 1.71
C LEU VA 142 80.25 -66.06 2.03
N GLY VA 143 79.94 -65.51 3.20
CA GLY VA 143 78.58 -65.37 3.67
C GLY VA 143 77.67 -66.58 3.48
N TYR VA 144 78.23 -67.79 3.47
CA TYR VA 144 77.46 -69.02 3.26
C TYR VA 144 76.64 -69.28 4.50
N PRO VA 145 75.85 -70.36 4.56
CA PRO VA 145 75.08 -70.62 5.79
C PRO VA 145 75.98 -70.72 7.02
N GLY VA 146 77.17 -71.29 6.84
CA GLY VA 146 78.20 -71.24 7.87
C GLY VA 146 78.73 -69.84 8.14
N GLY VA 147 78.58 -68.92 7.16
CA GLY VA 147 78.92 -67.52 7.36
C GLY VA 147 80.34 -67.30 7.85
N TRP VA 148 81.33 -67.50 6.98
CA TRP VA 148 82.74 -67.50 7.37
C TRP VA 148 83.17 -66.20 8.05
N ASN VA 149 82.34 -65.17 8.01
CA ASN VA 149 82.53 -63.88 8.66
C ASN VA 149 81.32 -63.51 9.52
N PRO VA 150 81.31 -62.30 10.09
CA PRO VA 150 80.25 -61.89 11.04
C PRO VA 150 78.83 -62.09 10.54
N PHE VA 151 77.90 -62.21 11.51
CA PHE VA 151 76.48 -62.45 11.27
C PHE VA 151 76.30 -63.61 10.31
N ASN VA 152 76.95 -64.74 10.66
CA ASN VA 152 76.96 -65.96 9.87
C ASN VA 152 75.55 -66.32 9.44
N LEU VA 153 75.36 -66.48 8.12
CA LEU VA 153 74.06 -66.38 7.46
C LEU VA 153 73.02 -67.24 8.15
N ASN VA 154 71.94 -66.59 8.56
CA ASN VA 154 70.92 -67.18 9.40
C ASN VA 154 69.59 -66.99 8.69
N TYR VA 155 69.27 -67.91 7.79
CA TYR VA 155 68.05 -67.85 7.01
C TYR VA 155 67.56 -69.27 6.77
N SER VA 156 66.46 -69.39 6.05
CA SER VA 156 65.80 -70.65 5.79
C SER VA 156 66.07 -71.11 4.36
N PRO VA 157 65.91 -72.41 4.06
CA PRO VA 157 66.15 -72.88 2.68
C PRO VA 157 65.21 -72.24 1.66
N GLU VA 158 63.95 -72.01 2.02
CA GLU VA 158 63.08 -71.26 1.13
C GLU VA 158 63.52 -69.80 1.03
N GLU VA 159 63.92 -69.20 2.15
CA GLU VA 159 64.52 -67.88 2.09
C GLU VA 159 65.81 -67.91 1.29
N TYR VA 160 66.56 -69.00 1.40
CA TYR VA 160 67.79 -69.12 0.61
C TYR VA 160 67.47 -69.18 -0.88
N ALA VA 161 66.40 -69.88 -1.25
CA ALA VA 161 65.98 -69.93 -2.66
C ALA VA 161 65.62 -68.53 -3.15
N GLU VA 162 64.83 -67.81 -2.38
CA GLU VA 162 64.47 -66.45 -2.76
C GLU VA 162 65.71 -65.55 -2.82
N LYS VA 163 66.67 -65.76 -1.91
CA LYS VA 163 67.88 -64.95 -1.90
C LYS VA 163 68.75 -65.21 -3.12
N GLN VA 164 68.87 -66.48 -3.52
CA GLN VA 164 69.56 -66.80 -4.76
C GLN VA 164 68.90 -66.08 -5.94
N LEU VA 165 67.55 -66.07 -5.94
CA LEU VA 165 66.83 -65.36 -6.98
C LEU VA 165 67.16 -63.86 -6.97
N GLN VA 166 67.14 -63.26 -5.78
CA GLN VA 166 67.43 -61.83 -5.61
C GLN VA 166 68.79 -61.50 -6.20
N GLU VA 167 69.81 -62.25 -5.78
CA GLU VA 167 71.17 -61.97 -6.21
C GLU VA 167 71.27 -62.10 -7.71
N ILE VA 168 70.79 -63.21 -8.28
CA ILE VA 168 70.96 -63.47 -9.70
C ILE VA 168 70.30 -62.36 -10.52
N LYS VA 169 69.07 -62.01 -10.17
CA LYS VA 169 68.34 -60.99 -10.92
C LYS VA 169 69.06 -59.64 -10.83
N HIS VA 170 69.40 -59.21 -9.61
CA HIS VA 170 70.06 -57.93 -9.41
C HIS VA 170 71.36 -57.86 -10.17
N CYS VA 171 72.10 -58.96 -10.20
CA CYS VA 171 73.35 -59.00 -10.93
C CYS VA 171 73.11 -58.81 -12.42
N ARG VA 172 72.07 -59.46 -12.98
CA ARG VA 172 71.80 -59.31 -14.41
C ARG VA 172 71.38 -57.87 -14.75
N LEU VA 173 70.46 -57.33 -13.96
CA LEU VA 173 69.98 -55.98 -14.21
C LEU VA 173 71.09 -54.96 -14.04
N ALA VA 174 71.97 -55.19 -13.07
CA ALA VA 174 73.10 -54.30 -12.87
C ALA VA 174 74.10 -54.42 -13.99
N MET VA 175 74.23 -55.61 -14.57
CA MET VA 175 75.08 -55.76 -15.75
C MET VA 175 74.58 -54.88 -16.88
N ILE VA 176 73.26 -54.74 -17.00
CA ILE VA 176 72.73 -53.71 -17.91
C ILE VA 176 73.10 -52.30 -17.44
N GLY VA 177 72.86 -52.03 -16.16
CA GLY VA 177 72.97 -50.66 -15.65
C GLY VA 177 74.37 -50.10 -15.71
N ALA VA 178 75.38 -50.94 -15.47
CA ALA VA 178 76.76 -50.48 -15.51
C ALA VA 178 77.15 -50.01 -16.90
N PHE VA 179 76.76 -50.80 -17.92
CA PHE VA 179 76.89 -50.37 -19.32
C PHE VA 179 76.23 -49.02 -19.50
N GLY VA 180 75.00 -48.89 -18.98
CA GLY VA 180 74.25 -47.66 -19.03
C GLY VA 180 75.09 -46.49 -18.57
N LEU VA 181 75.41 -46.48 -17.27
CA LEU VA 181 76.14 -45.37 -16.63
C LEU VA 181 77.45 -45.07 -17.35
N PHE VA 182 78.19 -46.11 -17.73
CA PHE VA 182 79.50 -45.89 -18.35
C PHE VA 182 79.37 -45.17 -19.68
N PHE VA 183 78.53 -45.70 -20.57
CA PHE VA 183 78.36 -45.05 -21.87
C PHE VA 183 77.75 -43.67 -21.70
N GLN VA 184 76.91 -43.49 -20.67
CA GLN VA 184 76.35 -42.19 -20.33
C GLN VA 184 77.46 -41.17 -20.08
N ALA VA 185 78.27 -41.45 -19.06
CA ALA VA 185 79.27 -40.48 -18.62
C ALA VA 185 80.31 -40.23 -19.70
N LEU VA 186 80.77 -41.29 -20.37
CA LEU VA 186 81.74 -41.11 -21.44
C LEU VA 186 81.19 -40.24 -22.55
N ASN VA 187 79.94 -40.47 -22.95
CA ASN VA 187 79.30 -39.71 -24.00
C ASN VA 187 78.67 -38.43 -23.47
N SER VA 188 78.98 -38.03 -22.24
CA SER VA 188 78.57 -36.73 -21.76
C SER VA 188 79.64 -35.97 -20.99
N GLY VA 189 80.74 -36.63 -20.62
CA GLY VA 189 81.85 -35.97 -19.94
C GLY VA 189 81.44 -35.35 -18.61
N THR VA 190 80.62 -36.06 -17.85
CA THR VA 190 79.99 -35.50 -16.66
C THR VA 190 79.88 -36.62 -15.63
N ASP VA 191 79.03 -36.41 -14.63
CA ASP VA 191 78.60 -37.44 -13.70
C ASP VA 191 77.09 -37.42 -13.63
N ILE VA 192 76.48 -38.57 -13.28
CA ILE VA 192 75.04 -38.79 -13.37
C ILE VA 192 74.24 -37.69 -12.66
N VAL VA 193 74.82 -37.12 -11.60
CA VAL VA 193 74.19 -36.02 -10.86
C VAL VA 193 73.94 -34.84 -11.78
N SER VA 194 74.91 -34.53 -12.64
CA SER VA 194 74.83 -33.36 -13.50
C SER VA 194 73.58 -33.40 -14.39
N GLN VA 195 73.46 -34.43 -15.24
CA GLN VA 195 72.32 -34.43 -16.14
C GLN VA 195 71.01 -34.64 -15.38
N LEU VA 196 71.02 -35.47 -14.32
CA LEU VA 196 69.74 -35.74 -13.67
C LEU VA 196 69.21 -34.53 -12.90
N SER VA 197 70.09 -33.68 -12.37
CA SER VA 197 69.59 -32.58 -11.54
C SER VA 197 69.09 -31.38 -12.37
N PRO VA 198 69.88 -30.75 -13.32
CA PRO VA 198 69.22 -29.96 -14.38
C PRO VA 198 68.00 -30.54 -15.07
N ALA VA 199 67.87 -31.86 -15.15
CA ALA VA 199 66.64 -32.43 -15.69
C ALA VA 199 65.45 -32.14 -14.77
N PHE VA 200 65.58 -32.47 -13.48
CA PHE VA 200 64.49 -32.31 -12.53
C PHE VA 200 64.27 -30.87 -12.11
N ALA VA 201 64.89 -29.93 -12.80
CA ALA VA 201 64.79 -28.50 -12.53
C ALA VA 201 64.03 -27.82 -13.66
N ALA VA 202 64.01 -26.49 -13.63
CA ALA VA 202 63.49 -25.69 -14.70
C ALA VA 202 64.62 -24.90 -15.33
N PRO VA 203 64.77 -24.96 -16.65
CA PRO VA 203 65.91 -24.29 -17.30
C PRO VA 203 65.96 -22.81 -16.98
N ASP VA 204 67.19 -22.28 -16.85
CA ASP VA 204 67.36 -20.88 -16.48
C ASP VA 204 66.82 -19.95 -17.56
N TYR VA 205 66.75 -20.43 -18.80
CA TYR VA 205 66.24 -19.62 -19.91
C TYR VA 205 64.81 -19.15 -19.64
N ALA VA 206 63.98 -20.01 -19.05
CA ALA VA 206 62.60 -19.66 -18.75
C ALA VA 206 62.31 -19.93 -17.28
N ALA VA 207 62.02 -18.87 -16.54
CA ALA VA 207 61.62 -19.04 -15.15
C ALA VA 207 60.45 -18.15 -14.74
N LYS VA 208 59.91 -17.36 -15.67
CA LYS VA 208 58.85 -16.37 -15.39
C LYS VA 208 59.27 -15.41 -14.28
N ALA VA 209 60.57 -15.14 -14.20
CA ALA VA 209 61.21 -14.39 -13.11
C ALA VA 209 60.71 -14.87 -11.76
N GLY VA 210 60.27 -13.93 -10.92
CA GLY VA 210 59.63 -14.27 -9.67
C GLY VA 210 58.33 -13.49 -9.51
N TYR VA 211 57.60 -13.83 -8.46
CA TYR VA 211 56.33 -13.15 -8.17
C TYR VA 211 56.61 -11.78 -7.56
N PHE VA 212 57.13 -10.88 -8.39
CA PHE VA 212 57.38 -9.51 -8.00
C PHE VA 212 56.12 -8.66 -7.94
N LEU VA 213 54.97 -9.31 -8.03
CA LEU VA 213 53.66 -8.65 -8.04
C LEU VA 213 53.46 -7.86 -6.75
N PRO VA 214 52.63 -6.80 -6.79
CA PRO VA 214 52.19 -5.97 -5.68
C PRO VA 214 51.63 -6.77 -4.51
N UNK WA 1 74.09 -76.64 -83.04
CA UNK WA 1 75.48 -76.40 -83.42
C UNK WA 1 75.57 -75.35 -84.52
N UNK WA 2 76.71 -74.68 -84.65
CA UNK WA 2 76.90 -73.71 -85.73
C UNK WA 2 78.33 -73.73 -86.26
N UNK WA 3 78.86 -74.92 -86.51
CA UNK WA 3 80.22 -75.05 -86.99
C UNK WA 3 80.44 -74.49 -88.39
N UNK WA 4 81.71 -74.41 -88.81
CA UNK WA 4 82.05 -73.90 -90.13
C UNK WA 4 83.56 -73.88 -90.12
N UNK WA 5 84.16 -72.84 -90.69
CA UNK WA 5 85.60 -72.73 -90.57
C UNK WA 5 85.81 -72.60 -89.08
N UNK WA 6 86.72 -73.37 -88.49
CA UNK WA 6 86.91 -73.37 -87.03
C UNK WA 6 85.73 -74.05 -86.36
N UNK WA 7 85.67 -74.02 -85.03
CA UNK WA 7 84.58 -74.75 -84.37
C UNK WA 7 84.35 -74.51 -82.89
N UNK WA 8 85.25 -74.97 -82.03
CA UNK WA 8 84.98 -74.90 -80.60
C UNK WA 8 85.18 -73.48 -80.09
N UNK WA 9 84.89 -73.29 -78.81
CA UNK WA 9 84.99 -71.96 -78.21
C UNK WA 9 86.45 -71.56 -78.05
N UNK WA 10 86.77 -70.35 -78.52
CA UNK WA 10 88.08 -69.78 -78.25
C UNK WA 10 88.26 -69.49 -76.76
N UNK WA 11 87.17 -69.13 -76.07
CA UNK WA 11 87.25 -68.88 -74.65
C UNK WA 11 87.48 -70.16 -73.85
N UNK WA 12 87.08 -71.31 -74.40
CA UNK WA 12 87.11 -72.64 -73.82
C UNK WA 12 86.16 -72.75 -72.64
N UNK WA 13 85.47 -71.67 -72.28
CA UNK WA 13 84.47 -71.70 -71.23
C UNK WA 13 83.25 -72.51 -71.62
N UNK WA 14 83.07 -72.80 -72.91
CA UNK WA 14 81.99 -73.67 -73.35
C UNK WA 14 82.14 -75.09 -72.82
N UNK WA 15 83.32 -75.44 -72.31
CA UNK WA 15 83.51 -76.70 -71.59
C UNK WA 15 82.70 -76.77 -70.30
N UNK WA 16 81.95 -75.69 -70.00
CA UNK WA 16 81.04 -75.61 -68.85
C UNK WA 16 80.10 -76.81 -68.72
N UNK WA 17 79.74 -77.43 -69.85
CA UNK WA 17 78.86 -78.61 -69.92
C UNK WA 17 77.46 -78.29 -69.38
N UNK WA 18 76.74 -77.46 -70.12
CA UNK WA 18 75.33 -77.24 -69.87
C UNK WA 18 74.59 -77.09 -71.19
N UNK WA 19 73.29 -77.40 -71.17
CA UNK WA 19 72.40 -77.24 -72.32
C UNK WA 19 71.76 -75.86 -72.36
N UNK WA 20 71.31 -75.38 -71.20
CA UNK WA 20 70.86 -74.01 -71.09
C UNK WA 20 71.98 -73.02 -71.40
N UNK WA 21 73.23 -73.45 -71.25
CA UNK WA 21 74.37 -72.70 -71.77
C UNK WA 21 74.17 -72.37 -73.24
N UNK WA 22 74.01 -73.42 -74.05
CA UNK WA 22 73.76 -73.26 -75.47
C UNK WA 22 72.53 -72.39 -75.70
N UNK WA 23 71.44 -72.67 -74.98
CA UNK WA 23 70.18 -71.95 -75.19
C UNK WA 23 70.34 -70.45 -74.92
N UNK WA 24 70.67 -70.09 -73.67
CA UNK WA 24 70.72 -68.70 -73.26
C UNK WA 24 71.82 -67.94 -73.99
N UNK WA 25 72.99 -68.56 -74.18
CA UNK WA 25 74.09 -67.86 -74.84
C UNK WA 25 73.76 -67.61 -76.32
N UNK WA 26 73.22 -68.62 -77.01
CA UNK WA 26 72.81 -68.39 -78.39
C UNK WA 26 71.66 -67.39 -78.46
N UNK WA 27 70.81 -67.36 -77.44
CA UNK WA 27 69.71 -66.40 -77.42
C UNK WA 27 70.24 -64.98 -77.36
N UNK WA 28 71.20 -64.73 -76.45
CA UNK WA 28 71.78 -63.40 -76.35
C UNK WA 28 72.56 -63.03 -77.61
N UNK WA 29 73.26 -64.01 -78.18
CA UNK WA 29 73.98 -63.77 -79.43
C UNK WA 29 73.04 -63.33 -80.54
N UNK WA 30 71.96 -64.08 -80.75
CA UNK WA 30 71.01 -63.74 -81.81
C UNK WA 30 70.24 -62.46 -81.48
N UNK WA 31 70.09 -62.14 -80.19
CA UNK WA 31 69.44 -60.89 -79.83
C UNK WA 31 70.30 -59.70 -80.25
N UNK WA 32 71.61 -59.76 -79.97
CA UNK WA 32 72.50 -58.68 -80.39
C UNK WA 32 72.60 -58.62 -81.91
N UNK WA 33 72.67 -59.79 -82.53
CA UNK WA 33 72.60 -60.02 -83.97
C UNK WA 33 71.55 -59.15 -84.66
N UNK WA 34 70.33 -59.32 -84.17
CA UNK WA 34 69.18 -58.66 -84.77
C UNK WA 34 69.22 -57.14 -84.67
N UNK WA 35 70.14 -56.58 -83.89
CA UNK WA 35 70.24 -55.13 -83.76
C UNK WA 35 71.42 -54.55 -84.52
N UNK WA 36 72.51 -55.31 -84.61
CA UNK WA 36 73.70 -54.76 -85.25
C UNK WA 36 73.52 -54.66 -86.76
N UNK WA 37 72.80 -55.63 -87.34
CA UNK WA 37 72.46 -55.51 -88.76
C UNK WA 37 71.64 -54.25 -89.04
N UNK WA 38 70.68 -53.97 -88.16
CA UNK WA 38 69.91 -52.74 -88.24
C UNK WA 38 70.81 -51.53 -88.08
N UNK WA 39 71.87 -51.64 -87.29
CA UNK WA 39 72.81 -50.54 -87.15
C UNK WA 39 73.55 -50.27 -88.45
N UNK WA 40 73.93 -51.33 -89.17
CA UNK WA 40 74.58 -51.13 -90.47
C UNK WA 40 73.63 -50.49 -91.47
N UNK WA 41 72.36 -50.91 -91.46
CA UNK WA 41 71.40 -50.27 -92.34
C UNK WA 41 71.12 -48.82 -91.94
N UNK WA 42 71.21 -48.51 -90.64
CA UNK WA 42 71.10 -47.13 -90.19
C UNK WA 42 72.30 -46.31 -90.64
N UNK WA 43 73.49 -46.92 -90.64
CA UNK WA 43 74.67 -46.27 -91.20
C UNK WA 43 74.46 -45.98 -92.68
N UNK WA 44 73.78 -46.89 -93.37
CA UNK WA 44 73.38 -46.64 -94.74
C UNK WA 44 72.44 -45.44 -94.84
N UNK WA 45 71.50 -45.32 -93.89
CA UNK WA 45 70.40 -44.36 -93.96
C UNK WA 45 70.89 -42.97 -94.31
N UNK WA 46 71.77 -42.40 -93.48
CA UNK WA 46 72.29 -41.06 -93.76
C UNK WA 46 73.07 -41.07 -95.07
N UNK WA 47 72.43 -40.58 -96.13
CA UNK WA 47 72.90 -40.62 -97.52
C UNK WA 47 71.89 -39.88 -98.39
N UNK WA 48 72.32 -39.54 -99.60
CA UNK WA 48 71.45 -38.89 -100.57
C UNK WA 48 70.38 -39.87 -101.04
N UNK WA 49 69.12 -39.45 -100.93
CA UNK WA 49 67.89 -40.18 -101.27
C UNK WA 49 67.65 -41.38 -100.36
N UNK WA 50 68.53 -41.67 -99.41
CA UNK WA 50 68.35 -42.79 -98.50
C UNK WA 50 67.74 -42.35 -97.18
N UNK WA 51 68.38 -41.43 -96.45
CA UNK WA 51 67.81 -40.91 -95.22
C UNK WA 51 66.51 -40.17 -95.53
N UNK WA 52 66.67 -39.01 -96.20
CA UNK WA 52 65.60 -38.11 -96.57
C UNK WA 52 64.67 -37.94 -95.37
N UNK WA 53 63.37 -38.22 -95.54
CA UNK WA 53 62.34 -38.07 -94.50
C UNK WA 53 62.44 -36.71 -93.83
N UNK WA 54 62.92 -36.71 -92.59
CA UNK WA 54 63.21 -35.58 -91.70
C UNK WA 54 61.96 -35.05 -91.04
N UNK WA 55 60.77 -35.54 -91.40
CA UNK WA 55 59.52 -34.82 -91.17
C UNK WA 55 59.22 -34.67 -89.68
N UNK WA 56 59.30 -35.78 -88.92
CA UNK WA 56 59.13 -35.83 -87.48
C UNK WA 56 57.90 -35.03 -87.05
N UNK WA 57 57.99 -34.23 -85.98
CA UNK WA 57 56.94 -33.30 -85.55
C UNK WA 57 57.02 -32.00 -86.35
N UNK WA 58 56.63 -30.90 -85.71
CA UNK WA 58 56.85 -29.55 -86.18
C UNK WA 58 58.23 -29.30 -86.79
N UNK WA 59 59.25 -30.03 -86.34
CA UNK WA 59 60.59 -29.95 -86.92
C UNK WA 59 60.71 -30.98 -88.05
N UNK WA 60 60.60 -30.53 -89.29
CA UNK WA 60 60.74 -31.40 -90.46
C UNK WA 60 62.14 -31.35 -91.04
N UNK WA 61 63.18 -31.56 -90.21
CA UNK WA 61 64.54 -31.31 -90.63
C UNK WA 61 65.53 -32.42 -90.33
N UNK WA 62 65.14 -33.44 -89.53
CA UNK WA 62 66.05 -34.48 -89.04
C UNK WA 62 67.32 -33.88 -88.46
N UNK WA 63 67.15 -32.75 -87.74
CA UNK WA 63 68.25 -31.90 -87.33
C UNK WA 63 69.11 -31.56 -88.54
N UNK WA 64 68.60 -30.66 -89.38
CA UNK WA 64 69.17 -30.22 -90.66
C UNK WA 64 70.69 -30.19 -90.64
N UNK WA 65 71.28 -29.62 -89.59
CA UNK WA 65 72.72 -29.73 -89.36
C UNK WA 65 73.08 -30.87 -88.41
N UNK WA 66 72.57 -32.08 -88.65
CA UNK WA 66 73.02 -33.28 -87.93
C UNK WA 66 72.52 -34.52 -88.66
N UNK WA 67 73.01 -35.66 -88.18
CA UNK WA 67 72.92 -36.96 -88.84
C UNK WA 67 72.85 -38.01 -87.74
N UNK WA 68 73.29 -39.23 -88.01
CA UNK WA 68 73.26 -40.28 -87.01
C UNK WA 68 74.23 -39.97 -85.88
N UNK WA 69 73.89 -38.96 -85.08
CA UNK WA 69 74.79 -38.49 -84.02
C UNK WA 69 74.95 -39.58 -82.99
N UNK WA 70 76.19 -40.01 -82.80
CA UNK WA 70 76.48 -41.05 -81.83
C UNK WA 70 76.29 -40.52 -80.42
N UNK WA 71 76.14 -41.45 -79.48
CA UNK WA 71 75.97 -41.16 -78.07
C UNK WA 71 74.83 -40.17 -77.88
N UNK WA 72 73.60 -40.69 -78.07
CA UNK WA 72 72.38 -39.87 -78.01
C UNK WA 72 72.30 -38.83 -79.11
N UNK WA 73 71.75 -39.22 -80.27
CA UNK WA 73 71.50 -38.34 -81.40
C UNK WA 73 71.10 -36.91 -81.00
N UNK WA 74 70.30 -36.79 -79.94
CA UNK WA 74 69.86 -35.55 -79.29
C UNK WA 74 68.94 -34.77 -80.21
N UNK WA 75 68.83 -35.26 -81.43
CA UNK WA 75 68.06 -34.70 -82.52
C UNK WA 75 66.66 -35.25 -82.52
N UNK WA 76 66.55 -36.56 -82.35
CA UNK WA 76 65.30 -37.26 -82.13
C UNK WA 76 64.48 -36.49 -81.13
N UNK WA 77 63.26 -36.13 -81.53
CA UNK WA 77 62.49 -35.17 -80.77
C UNK WA 77 62.23 -35.69 -79.36
N UNK WA 78 61.87 -34.78 -78.46
CA UNK WA 78 61.86 -35.10 -77.04
C UNK WA 78 60.93 -36.27 -76.74
N UNK WA 79 59.67 -36.16 -77.16
CA UNK WA 79 58.70 -37.23 -76.94
C UNK WA 79 59.07 -38.49 -77.72
N UNK WA 80 59.75 -38.33 -78.85
CA UNK WA 80 60.08 -39.42 -79.76
C UNK WA 80 60.88 -40.52 -79.06
N UNK WA 81 61.94 -40.12 -78.36
CA UNK WA 81 62.89 -41.10 -77.84
C UNK WA 81 62.21 -42.00 -76.83
N UNK WA 82 61.42 -41.41 -75.94
CA UNK WA 82 60.67 -42.22 -74.98
C UNK WA 82 59.62 -43.07 -75.68
N UNK WA 83 59.02 -42.56 -76.77
CA UNK WA 83 58.09 -43.38 -77.52
C UNK WA 83 58.77 -44.63 -78.07
N UNK WA 84 59.97 -44.45 -78.63
CA UNK WA 84 60.73 -45.58 -79.16
C UNK WA 84 61.09 -46.56 -78.05
N UNK WA 85 61.52 -46.04 -76.89
CA UNK WA 85 61.91 -46.90 -75.78
C UNK WA 85 60.72 -47.71 -75.28
N UNK WA 86 59.55 -47.08 -75.15
CA UNK WA 86 58.41 -47.79 -74.60
C UNK WA 86 57.85 -48.81 -75.59
N UNK WA 87 57.88 -48.50 -76.88
CA UNK WA 87 57.48 -49.51 -77.86
C UNK WA 87 58.44 -50.69 -77.86
N UNK WA 88 59.74 -50.40 -77.67
CA UNK WA 88 60.71 -51.48 -77.53
C UNK WA 88 60.41 -52.33 -76.31
N UNK WA 89 59.99 -51.71 -75.22
CA UNK WA 89 59.62 -52.46 -74.02
C UNK WA 89 58.41 -53.35 -74.28
N UNK WA 90 57.40 -52.81 -74.98
CA UNK WA 90 56.22 -53.59 -75.30
C UNK WA 90 56.59 -54.78 -76.17
N UNK WA 91 57.53 -54.60 -77.10
CA UNK WA 91 58.04 -55.72 -77.86
C UNK WA 91 58.74 -56.73 -76.96
N UNK WA 92 59.57 -56.23 -76.03
CA UNK WA 92 60.34 -57.09 -75.15
C UNK WA 92 59.43 -57.97 -74.30
N UNK WA 93 58.27 -57.46 -73.94
CA UNK WA 93 57.27 -58.30 -73.29
C UNK WA 93 56.66 -59.28 -74.29
N UNK WA 94 56.04 -58.77 -75.35
CA UNK WA 94 55.23 -59.63 -76.22
C UNK WA 94 56.08 -60.40 -77.23
N UNK WA 95 56.77 -59.69 -78.12
CA UNK WA 95 57.50 -60.35 -79.19
C UNK WA 95 58.65 -61.18 -78.64
N UNK WA 96 59.46 -60.59 -77.77
CA UNK WA 96 60.57 -61.29 -77.16
C UNK WA 96 60.14 -62.19 -76.00
N UNK WA 97 58.85 -62.51 -75.86
CA UNK WA 97 58.43 -63.60 -74.98
C UNK WA 97 58.79 -64.95 -75.53
N UNK WA 98 59.57 -64.96 -76.61
CA UNK WA 98 60.04 -66.19 -77.24
C UNK WA 98 58.87 -67.09 -77.60
N UNK WA 99 57.84 -66.46 -78.18
CA UNK WA 99 56.68 -67.15 -78.71
C UNK WA 99 55.92 -67.91 -77.63
N UNK WA 100 56.00 -67.43 -76.40
CA UNK WA 100 55.68 -68.21 -75.20
C UNK WA 100 56.39 -69.56 -75.31
N UNK WA 101 55.66 -70.62 -75.64
CA UNK WA 101 56.26 -71.91 -76.01
C UNK WA 101 55.58 -72.42 -77.28
N UNK WA 102 56.00 -71.91 -78.44
CA UNK WA 102 55.39 -72.37 -79.69
C UNK WA 102 56.39 -72.37 -80.85
N UNK WA 103 57.62 -72.84 -80.64
CA UNK WA 103 58.55 -72.86 -81.76
C UNK WA 103 59.63 -73.91 -81.60
N UNK WA 104 60.31 -74.18 -82.71
CA UNK WA 104 61.29 -75.27 -82.79
C UNK WA 104 62.58 -74.91 -82.07
N UNK WA 105 63.07 -73.68 -82.24
CA UNK WA 105 64.34 -73.27 -81.65
C UNK WA 105 64.07 -72.30 -80.52
N UNK WA 106 64.70 -72.54 -79.37
CA UNK WA 106 64.57 -71.65 -78.22
C UNK WA 106 65.11 -70.26 -78.56
N UNK WA 107 66.20 -70.21 -79.31
CA UNK WA 107 66.62 -68.96 -79.93
C UNK WA 107 65.69 -68.65 -81.10
N UNK WA 108 65.19 -67.41 -81.15
CA UNK WA 108 64.33 -66.93 -82.24
C UNK WA 108 63.06 -67.76 -82.37
N UNK WA 109 62.09 -67.54 -81.49
CA UNK WA 109 60.85 -68.29 -81.49
C UNK WA 109 59.69 -67.46 -82.01
N UNK WA 110 58.96 -68.00 -83.00
CA UNK WA 110 57.79 -67.34 -83.60
C UNK WA 110 56.52 -68.07 -83.18
N UNK WA 111 55.52 -67.32 -82.74
CA UNK WA 111 54.37 -67.89 -82.06
C UNK WA 111 53.30 -68.40 -83.01
N UNK WA 112 53.70 -69.21 -84.00
CA UNK WA 112 52.81 -69.73 -85.04
C UNK WA 112 51.96 -68.61 -85.62
N UNK WA 113 52.67 -67.69 -86.26
CA UNK WA 113 52.17 -66.39 -86.69
C UNK WA 113 52.38 -66.37 -88.19
N UNK WA 114 52.44 -65.16 -88.77
CA UNK WA 114 52.63 -64.94 -90.21
C UNK WA 114 53.57 -65.96 -90.84
N UNK WA 115 53.11 -66.57 -91.92
CA UNK WA 115 53.75 -67.74 -92.51
C UNK WA 115 54.41 -67.37 -93.82
N UNK WA 116 55.65 -67.81 -94.00
CA UNK WA 116 56.41 -67.56 -95.22
C UNK WA 116 56.84 -68.86 -95.89
N UNK WA 117 56.16 -69.97 -95.57
CA UNK WA 117 56.48 -71.31 -96.06
C UNK WA 117 57.91 -71.70 -95.69
N UNK WA 118 58.17 -71.73 -94.38
CA UNK WA 118 59.50 -72.09 -93.89
C UNK WA 118 59.80 -73.56 -94.16
N UNK WA 119 58.81 -74.44 -93.99
CA UNK WA 119 59.02 -75.86 -94.21
C UNK WA 119 59.12 -76.22 -95.68
N UNK WA 120 58.81 -75.30 -96.59
CA UNK WA 120 58.90 -75.58 -98.02
C UNK WA 120 60.34 -75.85 -98.44
N UNK WA 121 61.28 -75.07 -97.94
CA UNK WA 121 62.69 -75.29 -98.27
C UNK WA 121 63.22 -76.52 -97.57
N UNK WA 122 64.38 -77.00 -98.04
CA UNK WA 122 65.00 -78.19 -97.50
C UNK WA 122 65.60 -77.89 -96.11
N UNK WA 123 66.20 -78.91 -95.52
CA UNK WA 123 66.76 -78.80 -94.17
C UNK WA 123 68.19 -78.28 -94.17
N UNK WA 124 69.00 -78.69 -95.16
CA UNK WA 124 70.35 -78.16 -95.28
C UNK WA 124 70.32 -76.65 -95.52
N UNK WA 125 69.38 -76.19 -96.33
CA UNK WA 125 69.16 -74.76 -96.46
C UNK WA 125 68.56 -74.17 -95.19
N UNK WA 126 67.76 -74.96 -94.44
CA UNK WA 126 67.23 -74.49 -93.17
C UNK WA 126 68.32 -74.30 -92.12
N UNK WA 127 69.50 -74.86 -92.37
CA UNK WA 127 70.68 -74.55 -91.57
C UNK WA 127 71.57 -73.48 -92.21
N UNK WA 128 71.63 -73.45 -93.55
CA UNK WA 128 72.41 -72.42 -94.23
C UNK WA 128 71.87 -71.03 -93.96
N UNK WA 129 70.55 -70.92 -93.80
CA UNK WA 129 69.94 -69.65 -93.43
C UNK WA 129 70.42 -69.19 -92.07
N UNK WA 130 70.44 -70.10 -91.09
CA UNK WA 130 70.90 -69.75 -89.75
C UNK WA 130 72.37 -69.38 -89.77
N UNK WA 131 73.17 -70.09 -90.56
CA UNK WA 131 74.59 -69.78 -90.68
C UNK WA 131 74.80 -68.39 -91.24
N UNK WA 132 74.09 -68.05 -92.31
CA UNK WA 132 74.23 -66.73 -92.93
C UNK WA 132 73.77 -65.63 -91.97
N UNK WA 133 72.66 -65.86 -91.28
CA UNK WA 133 72.15 -64.86 -90.33
C UNK WA 133 73.14 -64.61 -89.22
N UNK WA 134 73.67 -65.68 -88.60
CA UNK WA 134 74.58 -65.50 -87.48
C UNK WA 134 75.94 -64.96 -87.91
N UNK WA 135 76.37 -65.25 -89.15
CA UNK WA 135 77.63 -64.69 -89.61
C UNK WA 135 77.52 -63.20 -89.88
N UNK WA 136 76.48 -62.79 -90.63
CA UNK WA 136 76.24 -61.36 -90.85
C UNK WA 136 75.96 -60.66 -89.54
N UNK WA 137 75.40 -61.39 -88.59
CA UNK WA 137 75.17 -60.90 -87.23
C UNK WA 137 76.47 -60.49 -86.56
N UNK WA 138 77.38 -61.44 -86.42
CA UNK WA 138 78.65 -61.20 -85.77
C UNK WA 138 79.41 -60.08 -86.46
N UNK WA 139 79.43 -60.12 -87.79
CA UNK WA 139 80.14 -59.10 -88.55
C UNK WA 139 79.52 -57.72 -88.34
N UNK WA 140 78.19 -57.65 -88.29
CA UNK WA 140 77.54 -56.37 -88.04
C UNK WA 140 77.77 -55.89 -86.62
N UNK WA 141 77.93 -56.81 -85.66
CA UNK WA 141 78.21 -56.41 -84.29
C UNK WA 141 79.55 -55.71 -84.20
N UNK WA 142 80.60 -56.36 -84.73
CA UNK WA 142 81.90 -55.71 -84.79
C UNK WA 142 81.86 -54.47 -85.68
N UNK WA 143 80.96 -54.46 -86.67
CA UNK WA 143 80.83 -53.31 -87.57
C UNK WA 143 80.36 -52.08 -86.84
N UNK WA 144 79.25 -52.19 -86.12
CA UNK WA 144 78.75 -51.06 -85.35
C UNK WA 144 79.73 -50.66 -84.26
N UNK WA 145 80.44 -51.65 -83.69
CA UNK WA 145 81.46 -51.37 -82.69
C UNK WA 145 82.55 -50.46 -83.26
N UNK WA 146 83.25 -50.94 -84.29
CA UNK WA 146 84.31 -50.14 -84.90
C UNK WA 146 83.80 -48.88 -85.59
N UNK WA 147 82.52 -48.88 -85.98
CA UNK WA 147 81.93 -47.68 -86.58
C UNK WA 147 81.81 -46.57 -85.55
N UNK WA 148 81.26 -46.87 -84.38
CA UNK WA 148 81.23 -45.88 -83.31
C UNK WA 148 82.63 -45.58 -82.80
N UNK WA 149 83.55 -46.54 -82.92
CA UNK WA 149 84.95 -46.28 -82.55
C UNK WA 149 85.56 -45.20 -83.43
N UNK WA 150 85.43 -45.35 -84.75
CA UNK WA 150 85.89 -44.33 -85.68
C UNK WA 150 85.10 -43.04 -85.52
N UNK WA 151 83.84 -43.14 -85.08
CA UNK WA 151 83.04 -41.94 -84.83
C UNK WA 151 83.63 -41.13 -83.69
N UNK WA 152 83.95 -41.79 -82.57
CA UNK WA 152 84.61 -41.09 -81.47
C UNK WA 152 86.00 -40.61 -81.86
N UNK WA 153 86.68 -41.35 -82.72
CA UNK WA 153 88.00 -40.98 -83.23
C UNK WA 153 87.94 -39.68 -84.03
N GLU XA 1 71.13 -78.83 -58.21
CA GLU XA 1 71.94 -77.99 -57.33
C GLU XA 1 71.04 -77.11 -56.47
N ASN XA 2 69.78 -77.52 -56.34
CA ASN XA 2 68.80 -76.75 -55.57
C ASN XA 2 68.90 -77.09 -54.08
N GLU XA 3 70.06 -76.75 -53.53
CA GLU XA 3 70.35 -76.93 -52.10
C GLU XA 3 70.05 -75.63 -51.35
N ILE XA 4 70.57 -75.51 -50.13
CA ILE XA 4 70.48 -74.28 -49.37
C ILE XA 4 71.14 -73.14 -50.14
N GLY XA 5 70.51 -71.97 -50.09
CA GLY XA 5 70.96 -70.83 -50.87
C GLY XA 5 69.83 -70.23 -51.68
N ALA XA 6 68.60 -70.58 -51.31
CA ALA XA 6 67.42 -70.13 -52.03
C ALA XA 6 66.35 -69.70 -51.04
N LEU XA 7 65.49 -68.80 -51.47
CA LEU XA 7 64.48 -68.25 -50.59
C LEU XA 7 63.34 -67.67 -51.43
N ALA XA 8 62.52 -66.84 -50.78
CA ALA XA 8 61.35 -66.28 -51.45
C ALA XA 8 61.71 -65.38 -52.63
N PRO XA 9 62.78 -64.60 -52.59
CA PRO XA 9 63.13 -63.77 -53.77
C PRO XA 9 63.33 -64.58 -55.04
N THR XA 10 63.99 -65.73 -54.95
CA THR XA 10 64.18 -66.59 -56.10
C THR XA 10 64.43 -68.00 -55.62
N GLY XA 11 63.79 -68.97 -56.26
CA GLY XA 11 63.98 -70.37 -55.88
C GLY XA 11 65.29 -70.95 -56.34
N PHE XA 12 65.85 -70.43 -57.44
CA PHE XA 12 67.27 -70.63 -57.74
C PHE XA 12 67.68 -69.51 -58.70
N PHE XA 13 68.27 -68.47 -58.15
CA PHE XA 13 68.69 -67.34 -59.00
C PHE XA 13 69.97 -67.74 -59.68
N ASP XA 14 69.87 -68.06 -60.96
CA ASP XA 14 71.05 -68.23 -61.83
C ASP XA 14 70.64 -67.97 -63.27
N PRO XA 15 70.38 -66.71 -63.64
CA PRO XA 15 69.91 -66.44 -65.01
C PRO XA 15 70.97 -66.66 -66.09
N ALA XA 16 71.57 -67.85 -66.08
CA ALA XA 16 72.61 -68.27 -67.00
C ALA XA 16 72.81 -69.76 -66.77
N LYS XA 17 73.72 -70.35 -67.54
CA LYS XA 17 74.07 -71.75 -67.37
C LYS XA 17 74.70 -72.05 -66.02
N LEU XA 18 75.20 -70.99 -65.36
CA LEU XA 18 76.12 -71.08 -64.22
C LEU XA 18 75.77 -72.19 -63.24
N SER XA 19 74.51 -72.22 -62.81
CA SER XA 19 74.05 -73.24 -61.85
C SER XA 19 74.20 -74.64 -62.43
N ASP XA 20 73.44 -74.94 -63.50
CA ASP XA 20 73.41 -76.28 -64.06
C ASP XA 20 74.77 -76.67 -64.60
N GLY XA 21 75.09 -77.95 -64.46
CA GLY XA 21 76.44 -78.40 -64.73
C GLY XA 21 77.33 -78.22 -63.50
N ILE XA 22 78.42 -78.98 -63.50
CA ILE XA 22 79.35 -79.11 -62.39
C ILE XA 22 78.56 -79.43 -61.13
N SER XA 23 77.57 -80.31 -61.28
CA SER XA 23 76.60 -80.62 -60.24
C SER XA 23 77.29 -81.23 -59.03
N GLN XA 24 77.33 -80.47 -57.94
CA GLN XA 24 78.14 -80.73 -56.74
C GLN XA 24 79.64 -80.75 -57.03
N GLU XA 25 80.05 -80.35 -58.23
CA GLU XA 25 81.46 -80.25 -58.57
C GLU XA 25 81.99 -78.82 -58.55
N LYS XA 26 81.14 -77.83 -58.83
CA LYS XA 26 81.47 -76.45 -58.52
C LYS XA 26 80.50 -75.79 -57.55
N PHE XA 27 79.33 -76.41 -57.29
CA PHE XA 27 78.35 -75.79 -56.42
C PHE XA 27 78.88 -75.62 -55.00
N ASP XA 28 79.57 -76.65 -54.49
CA ASP XA 28 80.15 -76.56 -53.16
C ASP XA 28 81.27 -75.53 -53.12
N GLN XA 29 82.09 -75.48 -54.18
CA GLN XA 29 83.17 -74.51 -54.26
C GLN XA 29 82.62 -73.10 -54.29
N TYR XA 30 81.55 -72.89 -55.04
CA TYR XA 30 80.93 -71.58 -55.10
C TYR XA 30 80.31 -71.22 -53.76
N ARG XA 31 79.80 -72.20 -53.03
CA ARG XA 31 79.29 -71.92 -51.69
C ARG XA 31 80.41 -71.46 -50.77
N LEU XA 32 81.55 -72.16 -50.81
CA LEU XA 32 82.73 -71.73 -50.07
C LEU XA 32 83.08 -70.29 -50.43
N ALA XA 33 83.10 -70.00 -51.73
CA ALA XA 33 83.54 -68.70 -52.22
C ALA XA 33 82.60 -67.60 -51.75
N GLU XA 34 81.32 -67.71 -52.10
CA GLU XA 34 80.32 -66.72 -51.72
C GLU XA 34 80.28 -66.52 -50.22
N LEU XA 35 80.45 -67.60 -49.46
CA LEU XA 35 80.53 -67.47 -48.01
C LEU XA 35 81.68 -66.55 -47.62
N LYS XA 36 82.88 -66.86 -48.11
CA LYS XA 36 84.04 -66.06 -47.70
C LYS XA 36 83.87 -64.61 -48.09
N HIS XA 37 83.37 -64.37 -49.30
CA HIS XA 37 83.19 -63.02 -49.82
C HIS XA 37 82.20 -62.24 -48.96
N GLY XA 38 81.05 -62.84 -48.68
CA GLY XA 38 80.02 -62.14 -47.93
C GLY XA 38 80.46 -61.84 -46.51
N ARG XA 39 81.15 -62.79 -45.88
CA ARG XA 39 81.67 -62.55 -44.54
C ARG XA 39 82.62 -61.36 -44.55
N ALA XA 40 83.60 -61.39 -45.46
CA ALA XA 40 84.60 -60.32 -45.50
C ALA XA 40 83.96 -58.96 -45.77
N ALA XA 41 82.95 -58.92 -46.64
CA ALA XA 41 82.30 -57.63 -46.93
C ALA XA 41 81.46 -57.14 -45.76
N MET XA 42 80.86 -58.04 -44.99
CA MET XA 42 80.22 -57.67 -43.74
C MET XA 42 81.22 -56.98 -42.83
N LEU XA 43 82.39 -57.61 -42.68
CA LEU XA 43 83.46 -57.01 -41.89
C LEU XA 43 83.86 -55.68 -42.45
N ALA XA 44 83.81 -55.53 -43.77
CA ALA XA 44 84.13 -54.25 -44.38
C ALA XA 44 83.19 -53.16 -43.87
N VAL XA 45 81.88 -53.39 -43.99
CA VAL XA 45 80.89 -52.38 -43.57
C VAL XA 45 81.10 -52.00 -42.11
N LEU XA 46 81.25 -53.02 -41.26
CA LEU XA 46 81.53 -52.75 -39.85
C LEU XA 46 82.80 -51.93 -39.70
N GLY XA 47 83.80 -52.23 -40.52
CA GLY XA 47 85.00 -51.43 -40.64
C GLY XA 47 84.68 -49.98 -40.88
N TYR XA 48 83.95 -49.68 -41.95
CA TYR XA 48 83.76 -48.27 -42.32
C TYR XA 48 83.09 -47.51 -41.19
N VAL XA 49 82.04 -48.08 -40.60
CA VAL XA 49 81.30 -47.30 -39.61
C VAL XA 49 82.14 -47.08 -38.34
N ALA XA 50 82.95 -48.07 -37.95
CA ALA XA 50 83.55 -48.01 -36.61
C ALA XA 50 84.67 -46.97 -36.49
N PRO XA 51 85.69 -46.91 -37.40
CA PRO XA 51 86.51 -45.69 -37.49
C PRO XA 51 85.86 -44.32 -37.47
N GLU XA 52 84.56 -44.19 -37.72
CA GLU XA 52 84.00 -42.84 -37.72
C GLU XA 52 83.79 -42.26 -36.33
N THR XA 53 83.51 -43.09 -35.32
CA THR XA 53 83.35 -42.55 -33.98
C THR XA 53 84.39 -43.01 -33.00
N TYR XA 54 84.95 -44.18 -33.19
CA TYR XA 54 85.97 -44.68 -32.30
C TYR XA 54 87.26 -44.80 -33.05
N ARG XA 55 88.33 -44.89 -32.29
CA ARG XA 55 89.67 -44.89 -32.87
C ARG XA 55 90.59 -45.48 -31.82
N PHE XA 56 91.26 -46.58 -32.18
CA PHE XA 56 92.24 -47.17 -31.29
C PHE XA 56 93.53 -46.36 -31.39
N GLY XA 57 94.10 -45.97 -30.26
CA GLY XA 57 95.28 -45.14 -30.29
C GLY XA 57 96.59 -45.92 -30.33
N TYR XA 58 96.87 -46.58 -31.44
CA TYR XA 58 98.13 -47.31 -31.62
C TYR XA 58 98.92 -46.66 -32.76
N ASP XA 59 100.23 -46.68 -32.64
CA ASP XA 59 101.11 -45.97 -33.57
C ASP XA 59 101.72 -47.00 -34.53
N LEU XA 60 101.04 -47.18 -35.67
CA LEU XA 60 101.36 -48.20 -36.65
C LEU XA 60 102.85 -48.24 -36.99
N ILE XA 61 103.43 -47.08 -37.28
CA ILE XA 61 104.89 -46.96 -37.35
C ILE XA 61 105.35 -46.20 -36.11
N PRO XA 62 105.85 -46.89 -35.08
CA PRO XA 62 106.11 -46.27 -33.77
C PRO XA 62 106.87 -44.95 -33.83
N GLY XA 63 106.45 -43.98 -33.02
CA GLY XA 63 106.98 -42.63 -33.10
C GLY XA 63 106.06 -41.68 -33.85
N GLU XA 64 105.44 -42.17 -34.91
CA GLU XA 64 104.53 -41.38 -35.74
C GLU XA 64 103.44 -42.32 -36.23
N LEU XA 65 102.74 -41.92 -37.30
CA LEU XA 65 101.75 -42.74 -38.02
C LEU XA 65 100.78 -43.40 -37.04
N SER XA 66 100.08 -42.56 -36.30
CA SER XA 66 99.16 -42.99 -35.27
C SER XA 66 97.75 -42.95 -35.84
N THR XA 67 97.00 -44.05 -35.64
CA THR XA 67 95.68 -44.33 -36.21
C THR XA 67 94.78 -43.10 -36.23
N ARG XA 68 94.84 -42.34 -35.13
CA ARG XA 68 94.09 -41.11 -34.92
C ARG XA 68 94.25 -40.07 -36.03
N ASP XA 69 95.22 -40.25 -36.93
CA ASP XA 69 95.47 -39.28 -37.99
C ASP XA 69 95.20 -39.80 -39.40
N ILE XA 70 95.18 -41.12 -39.61
CA ILE XA 70 95.05 -41.68 -40.96
C ILE XA 70 93.61 -41.50 -41.43
N PRO XA 71 93.37 -41.15 -42.70
CA PRO XA 71 91.98 -41.01 -43.17
C PRO XA 71 91.24 -42.33 -43.16
N ASN XA 72 89.95 -42.25 -42.88
CA ASN XA 72 89.06 -43.38 -43.07
C ASN XA 72 88.59 -43.42 -44.52
N GLY XA 73 88.13 -44.59 -44.97
CA GLY XA 73 87.71 -44.73 -46.34
C GLY XA 73 88.79 -45.24 -47.28
N VAL XA 74 88.69 -44.90 -48.56
CA VAL XA 74 89.67 -45.37 -49.53
C VAL XA 74 91.06 -44.82 -49.26
N ALA XA 75 91.13 -43.57 -48.85
CA ALA XA 75 92.43 -42.94 -48.62
C ALA XA 75 93.36 -43.88 -47.85
N ALA XA 76 92.87 -44.51 -46.79
CA ALA XA 76 93.76 -45.33 -46.00
C ALA XA 76 94.56 -46.28 -46.88
N LEU XA 77 93.96 -46.79 -47.96
CA LEU XA 77 94.66 -47.70 -48.86
C LEU XA 77 95.87 -47.01 -49.49
N ASN XA 78 95.68 -45.78 -49.95
CA ASN XA 78 96.81 -45.00 -50.46
C ASN XA 78 97.81 -44.74 -49.35
N ALA XA 79 97.32 -44.46 -48.14
CA ALA XA 79 98.22 -44.17 -47.02
C ALA XA 79 99.01 -45.40 -46.59
N ILE XA 80 98.32 -46.48 -46.27
CA ILE XA 80 98.89 -47.70 -45.69
C ILE XA 80 100.03 -48.17 -46.59
N PRO XA 81 101.25 -48.28 -46.05
CA PRO XA 81 102.40 -48.63 -46.89
C PRO XA 81 102.18 -49.99 -47.51
N PHE XA 82 102.71 -50.15 -48.74
CA PHE XA 82 102.53 -51.38 -49.49
C PHE XA 82 102.93 -52.56 -48.62
N GLY XA 83 104.19 -52.55 -48.15
CA GLY XA 83 104.66 -53.61 -47.27
C GLY XA 83 103.92 -53.71 -45.95
N GLY XA 84 103.37 -52.59 -45.47
CA GLY XA 84 102.59 -52.64 -44.24
C GLY XA 84 101.32 -53.46 -44.41
N TRP XA 85 100.56 -53.18 -45.47
CA TRP XA 85 99.41 -54.00 -45.80
C TRP XA 85 99.83 -55.41 -46.19
N VAL XA 86 101.05 -55.58 -46.72
CA VAL XA 86 101.55 -56.93 -47.02
C VAL XA 86 101.68 -57.72 -45.72
N GLN XA 87 102.25 -57.11 -44.68
CA GLN XA 87 102.40 -57.81 -43.40
C GLN XA 87 101.04 -58.09 -42.77
N MET XA 88 100.11 -57.13 -42.87
CA MET XA 88 98.76 -57.34 -42.37
C MET XA 88 98.10 -58.54 -43.06
N ILE XA 89 98.21 -58.59 -44.38
CA ILE XA 89 97.66 -59.70 -45.14
C ILE XA 89 98.35 -60.99 -44.76
N ALA XA 90 99.67 -60.96 -44.58
CA ALA XA 90 100.43 -62.16 -44.23
C ALA XA 90 99.93 -62.75 -42.93
N PHE XA 91 99.60 -61.88 -41.97
CA PHE XA 91 98.90 -62.34 -40.76
C PHE XA 91 97.56 -62.99 -41.12
N VAL XA 92 96.79 -62.36 -42.00
CA VAL XA 92 95.47 -62.91 -42.36
C VAL XA 92 95.61 -64.27 -43.03
N GLY XA 93 96.60 -64.40 -43.92
CA GLY XA 93 96.81 -65.64 -44.65
C GLY XA 93 97.29 -66.75 -43.74
N THR XA 94 98.16 -66.43 -42.79
CA THR XA 94 98.50 -67.39 -41.75
C THR XA 94 97.26 -67.80 -40.98
N VAL XA 95 96.38 -66.84 -40.68
CA VAL XA 95 95.14 -67.14 -39.95
C VAL XA 95 94.27 -68.11 -40.74
N GLU XA 96 94.14 -67.88 -42.05
CA GLU XA 96 93.36 -68.78 -42.89
C GLU XA 96 93.97 -70.17 -42.93
N ALA XA 97 95.29 -70.26 -42.84
CA ALA XA 97 95.99 -71.53 -42.87
C ALA XA 97 96.46 -71.99 -41.49
N TYR XA 98 96.02 -71.33 -40.42
CA TYR XA 98 96.29 -71.86 -39.08
C TYR XA 98 95.10 -71.82 -38.14
N GLY XA 99 93.99 -71.17 -38.51
CA GLY XA 99 92.87 -71.03 -37.62
C GLY XA 99 93.19 -70.28 -36.35
N TRP XA 100 94.22 -69.43 -36.37
CA TRP XA 100 94.72 -68.78 -35.17
C TRP XA 100 93.66 -67.84 -34.60
N PHE XA 101 93.21 -68.16 -33.37
CA PHE XA 101 92.10 -67.50 -32.70
C PHE XA 101 90.88 -67.46 -33.62
N THR XA 102 90.14 -66.35 -33.57
CA THR XA 102 88.95 -66.12 -34.40
C THR XA 102 87.99 -67.29 -34.29
N SER XA 103 87.74 -67.72 -33.06
CA SER XA 103 87.05 -68.96 -32.73
C SER XA 103 87.73 -70.13 -33.44
N PRO XA 104 88.95 -70.49 -33.03
CA PRO XA 104 89.65 -71.61 -33.69
C PRO XA 104 88.87 -72.90 -33.67
N THR XA 105 88.18 -73.18 -32.57
CA THR XA 105 87.21 -74.26 -32.48
C THR XA 105 85.96 -73.73 -31.80
N GLY XA 106 84.94 -74.57 -31.74
CA GLY XA 106 83.71 -74.24 -31.05
C GLY XA 106 82.65 -73.68 -31.98
N VAL XA 107 81.63 -74.47 -32.29
CA VAL XA 107 80.54 -73.98 -33.13
C VAL XA 107 79.19 -74.43 -32.57
N LEU XA 108 79.18 -74.85 -31.29
CA LEU XA 108 78.02 -75.43 -30.62
C LEU XA 108 77.49 -76.66 -31.37
N ASP XA 109 76.25 -77.06 -31.07
CA ASP XA 109 75.64 -78.20 -31.73
C ASP XA 109 74.75 -77.78 -32.90
N LEU XA 110 73.71 -76.97 -32.61
CA LEU XA 110 72.76 -76.46 -33.59
C LEU XA 110 72.13 -77.59 -34.41
N PRO XA 111 71.09 -78.27 -33.87
CA PRO XA 111 70.36 -79.29 -34.66
C PRO XA 111 70.07 -78.89 -36.10
N ALA XA 112 69.93 -79.89 -36.99
CA ALA XA 112 70.04 -79.66 -38.43
C ALA XA 112 69.04 -78.63 -38.94
N ASP XA 113 67.86 -78.53 -38.31
CA ASP XA 113 66.88 -77.53 -38.71
C ASP XA 113 67.37 -76.12 -38.44
N ILE XA 114 67.67 -75.82 -37.17
CA ILE XA 114 68.16 -74.49 -36.82
C ILE XA 114 69.50 -74.23 -37.50
N LEU XA 115 70.33 -75.26 -37.64
CA LEU XA 115 71.64 -75.09 -38.29
C LEU XA 115 71.46 -74.66 -39.75
N ALA XA 116 70.58 -75.34 -40.47
CA ALA XA 116 70.33 -74.97 -41.86
C ALA XA 116 69.78 -73.56 -41.95
N LYS XA 117 68.83 -73.22 -41.07
CA LYS XA 117 68.25 -71.87 -41.11
C LYS XA 117 69.30 -70.80 -40.85
N ARG XA 118 70.19 -71.04 -39.86
CA ARG XA 118 71.25 -70.08 -39.58
C ARG XA 118 72.18 -69.94 -40.77
N GLN XA 119 72.54 -71.04 -41.41
CA GLN XA 119 73.44 -70.96 -42.56
C GLN XA 119 72.80 -70.16 -43.69
N THR XA 120 71.51 -70.40 -43.95
CA THR XA 120 70.81 -69.65 -45.00
C THR XA 120 70.79 -68.16 -44.69
N SER XA 121 70.47 -67.81 -43.44
CA SER XA 121 70.45 -66.41 -43.03
C SER XA 121 71.83 -65.78 -43.19
N GLU XA 122 72.87 -66.54 -42.87
CA GLU XA 122 74.24 -66.09 -43.06
C GLU XA 122 74.50 -65.72 -44.51
N LEU XA 123 74.19 -66.65 -45.41
CA LEU XA 123 74.40 -66.44 -46.84
C LEU XA 123 73.71 -65.15 -47.28
N GLN XA 124 72.44 -65.00 -46.89
CA GLN XA 124 71.67 -63.83 -47.30
C GLN XA 124 72.32 -62.54 -46.81
N HIS XA 125 72.73 -62.52 -45.54
CA HIS XA 125 73.32 -61.32 -44.97
C HIS XA 125 74.62 -60.94 -45.65
N GLY XA 126 75.48 -61.93 -45.89
CA GLY XA 126 76.75 -61.63 -46.53
C GLY XA 126 76.57 -61.16 -47.96
N ARG XA 127 75.59 -61.75 -48.67
CA ARG XA 127 75.24 -61.29 -50.00
C ARG XA 127 74.86 -59.82 -49.97
N LEU XA 128 74.02 -59.43 -49.00
CA LEU XA 128 73.61 -58.04 -48.87
C LEU XA 128 74.81 -57.14 -48.59
N ALA XA 129 75.71 -57.60 -47.74
CA ALA XA 129 76.87 -56.81 -47.37
C ALA XA 129 77.78 -56.56 -48.57
N MET XA 130 77.81 -57.49 -49.52
CA MET XA 130 78.55 -57.24 -50.75
C MET XA 130 78.07 -55.96 -51.43
N LEU XA 131 76.75 -55.82 -51.57
CA LEU XA 131 76.19 -54.62 -52.20
C LEU XA 131 76.42 -53.39 -51.34
N ALA XA 132 76.36 -53.55 -50.02
CA ALA XA 132 76.63 -52.41 -49.13
C ALA XA 132 78.05 -51.90 -49.32
N PHE XA 133 79.02 -52.81 -49.38
CA PHE XA 133 80.40 -52.44 -49.66
C PHE XA 133 80.51 -51.75 -51.00
N LEU XA 134 79.73 -52.21 -51.96
CA LEU XA 134 79.76 -51.58 -53.26
C LEU XA 134 79.35 -50.12 -53.17
N GLU XA 135 78.18 -49.84 -52.61
CA GLU XA 135 77.71 -48.47 -52.59
C GLU XA 135 78.69 -47.60 -51.87
N LEU XA 136 79.22 -48.10 -50.77
CA LEU XA 136 80.13 -47.29 -49.97
C LEU XA 136 81.32 -46.90 -50.80
N ILE XA 137 81.97 -47.88 -51.43
CA ILE XA 137 83.17 -47.57 -52.18
C ILE XA 137 82.80 -46.58 -53.28
N ARG XA 138 81.67 -46.80 -53.92
CA ARG XA 138 81.27 -45.90 -54.99
C ARG XA 138 81.24 -44.48 -54.47
N HIS XA 139 80.45 -44.24 -53.43
CA HIS XA 139 80.32 -42.87 -52.95
C HIS XA 139 81.66 -42.32 -52.61
N ASP XA 140 82.46 -43.09 -51.89
CA ASP XA 140 83.75 -42.60 -51.46
C ASP XA 140 84.54 -42.11 -52.65
N SER XA 141 84.76 -42.96 -53.64
CA SER XA 141 85.58 -42.56 -54.77
C SER XA 141 85.00 -41.38 -55.52
N GLN XA 142 83.69 -41.38 -55.70
CA GLN XA 142 83.07 -40.31 -56.45
C GLN XA 142 83.28 -38.96 -55.76
N ASN XA 143 83.16 -38.94 -54.44
CA ASN XA 143 83.39 -37.70 -53.72
C ASN XA 143 84.85 -37.32 -53.82
N LEU XA 144 85.72 -38.30 -53.63
CA LEU XA 144 87.14 -38.05 -53.73
C LEU XA 144 87.40 -37.30 -55.01
N ALA XA 145 86.70 -37.68 -56.07
CA ALA XA 145 86.84 -36.88 -57.30
C ALA XA 145 86.37 -35.45 -57.10
N GLN XA 146 85.22 -35.10 -57.65
CA GLN XA 146 84.66 -33.78 -57.39
C GLN XA 146 84.13 -33.80 -55.98
N PRO XA 147 84.58 -32.88 -55.11
CA PRO XA 147 84.46 -33.05 -53.64
C PRO XA 147 83.10 -33.49 -53.17
N GLY XA 148 82.06 -32.88 -53.72
CA GLY XA 148 80.69 -33.29 -53.50
C GLY XA 148 79.94 -33.59 -54.77
N PHE XA 149 80.57 -34.28 -55.73
CA PHE XA 149 79.90 -34.66 -56.98
C PHE XA 149 78.60 -35.38 -56.70
N ASP XA 150 78.63 -36.34 -55.77
CA ASP XA 150 77.42 -37.01 -55.35
C ASP XA 150 76.43 -36.04 -54.71
N GLY XA 151 76.91 -34.93 -54.14
CA GLY XA 151 76.03 -34.12 -53.35
C GLY XA 151 76.33 -34.24 -51.88
N TYR XA 152 75.57 -35.09 -51.17
CA TYR XA 152 75.74 -35.36 -49.76
C TYR XA 152 77.20 -35.60 -49.43
N ASP XA 153 77.78 -34.68 -48.67
CA ASP XA 153 79.24 -34.58 -48.56
C ASP XA 153 79.79 -35.66 -47.64
N ASN XA 154 79.23 -35.73 -46.44
CA ASN XA 154 79.67 -36.66 -45.41
C ASN XA 154 79.67 -38.08 -45.92
N LEU XA 155 80.71 -38.84 -45.55
CA LEU XA 155 81.02 -40.12 -46.18
C LEU XA 155 79.86 -41.10 -46.06
N ILE XA 156 79.42 -41.35 -44.84
CA ILE XA 156 78.30 -42.27 -44.62
C ILE XA 156 77.06 -41.43 -44.87
N THR XA 157 76.42 -41.64 -46.03
CA THR XA 157 75.32 -40.78 -46.42
C THR XA 157 74.12 -40.97 -45.50
N GLY XA 158 73.72 -42.22 -45.28
CA GLY XA 158 72.84 -42.51 -44.18
C GLY XA 158 73.59 -42.40 -42.87
N LEU XA 159 72.93 -42.82 -41.80
CA LEU XA 159 73.41 -42.63 -40.43
C LEU XA 159 73.92 -41.20 -40.21
N PRO XA 160 73.05 -40.19 -40.38
CA PRO XA 160 73.53 -38.81 -40.39
C PRO XA 160 74.08 -38.34 -39.06
N PHE XA 161 73.62 -38.94 -37.95
CA PHE XA 161 74.06 -38.53 -36.62
C PHE XA 161 75.57 -38.70 -36.45
N LEU XA 162 76.14 -39.73 -37.08
CA LEU XA 162 77.58 -39.98 -37.02
C LEU XA 162 78.35 -38.79 -37.54
N TYR XA 163 78.14 -38.48 -38.80
CA TYR XA 163 78.77 -37.35 -39.42
C TYR XA 163 77.98 -36.09 -39.14
N SER YA 1 -87.23 15.57 38.42
CA SER YA 1 -87.12 16.55 37.35
C SER YA 1 -85.71 16.57 36.82
N PRO YA 2 -85.44 15.87 35.71
CA PRO YA 2 -84.06 15.77 35.23
C PRO YA 2 -83.49 17.06 34.67
N ARG YA 3 -84.30 17.89 34.03
CA ARG YA 3 -83.84 19.21 33.61
C ARG YA 3 -83.30 19.93 34.84
N ALA YA 4 -84.14 20.27 35.80
CA ALA YA 4 -83.60 20.79 37.06
C ALA YA 4 -83.28 19.61 37.99
N LEU YA 5 -82.23 18.85 37.60
CA LEU YA 5 -81.92 17.52 38.14
C LEU YA 5 -82.07 17.38 39.65
N PRO YA 6 -81.43 18.21 40.50
CA PRO YA 6 -81.70 18.07 41.94
C PRO YA 6 -82.82 18.98 42.43
N PHE YA 7 -84.01 18.81 41.85
CA PHE YA 7 -85.14 19.62 42.28
C PHE YA 7 -86.44 18.91 41.95
N GLY YA 8 -87.48 19.27 42.69
CA GLY YA 8 -88.82 18.77 42.44
C GLY YA 8 -89.62 19.78 41.65
N SER YA 9 -90.50 19.27 40.80
CA SER YA 9 -91.33 20.10 39.97
C SER YA 9 -92.68 20.28 40.65
N ALA YA 10 -93.65 20.79 39.90
CA ALA YA 10 -95.02 21.02 40.37
C ALA YA 10 -95.61 19.75 40.95
N PRO YA 11 -96.50 19.84 41.95
CA PRO YA 11 -97.14 18.63 42.48
C PRO YA 11 -97.94 17.88 41.43
N ALA YA 12 -98.25 18.52 40.31
CA ALA YA 12 -98.98 17.87 39.23
C ALA YA 12 -98.47 18.23 37.83
N THR YA 13 -97.21 18.64 37.67
CA THR YA 13 -96.70 18.82 36.32
C THR YA 13 -96.68 17.47 35.62
N LEU YA 14 -97.06 17.46 34.35
CA LEU YA 14 -97.17 16.20 33.65
C LEU YA 14 -95.88 15.92 32.89
N ASP YA 15 -95.72 14.66 32.49
CA ASP YA 15 -94.63 14.25 31.63
C ASP YA 15 -95.05 14.05 30.18
N GLY YA 16 -96.34 13.86 29.91
CA GLY YA 16 -96.78 13.64 28.56
C GLY YA 16 -97.69 14.72 28.00
N SER YA 17 -97.92 15.77 28.78
CA SER YA 17 -98.84 16.83 28.37
C SER YA 17 -98.32 17.58 27.16
N LEU YA 18 -97.02 17.87 27.18
CA LEU YA 18 -96.38 18.50 26.05
C LEU YA 18 -95.07 17.80 25.80
N VAL YA 19 -94.67 17.74 24.54
CA VAL YA 19 -93.44 17.04 24.19
C VAL YA 19 -92.29 17.51 25.06
N GLY YA 20 -92.20 18.81 25.26
CA GLY YA 20 -91.13 19.35 26.08
C GLY YA 20 -91.49 19.19 27.53
N ASP YA 21 -91.54 17.95 27.98
CA ASP YA 21 -91.94 17.70 29.36
C ASP YA 21 -90.84 17.03 30.14
N VAL YA 22 -89.62 17.57 30.11
CA VAL YA 22 -88.49 17.11 30.91
C VAL YA 22 -88.64 17.46 32.39
N GLY YA 23 -89.61 18.31 32.71
CA GLY YA 23 -89.88 18.63 34.11
C GLY YA 23 -89.42 20.01 34.49
N PHE YA 24 -88.72 20.71 33.59
CA PHE YA 24 -88.27 22.06 33.86
C PHE YA 24 -89.47 22.95 34.09
N ASP YA 25 -89.70 23.29 35.34
CA ASP YA 25 -90.70 24.26 35.73
C ASP YA 25 -90.38 24.69 37.16
N PRO YA 26 -89.30 25.46 37.39
CA PRO YA 26 -88.89 25.76 38.78
C PRO YA 26 -89.94 26.51 39.58
N ILE YA 27 -90.30 27.73 39.14
CA ILE YA 27 -91.46 28.37 39.75
C ILE YA 27 -92.72 27.68 39.29
N GLY YA 28 -92.66 27.06 38.10
CA GLY YA 28 -93.71 26.20 37.59
C GLY YA 28 -95.06 26.86 37.58
N PHE YA 29 -95.18 27.99 36.88
CA PHE YA 29 -96.41 28.77 36.86
C PHE YA 29 -97.58 27.97 36.29
N SER YA 30 -97.31 26.84 35.66
CA SER YA 30 -98.27 25.80 35.35
C SER YA 30 -99.25 25.50 36.49
N THR YA 31 -98.74 25.46 37.73
CA THR YA 31 -99.59 25.23 38.90
C THR YA 31 -100.73 26.24 38.96
N ALA YA 32 -100.38 27.53 38.79
CA ALA YA 32 -101.33 28.63 38.85
C ALA YA 32 -102.45 28.39 37.85
N PRO YA 33 -103.58 29.08 38.04
CA PRO YA 33 -104.79 28.76 37.26
C PRO YA 33 -104.56 28.78 35.77
N PHE YA 34 -103.71 29.69 35.28
CA PHE YA 34 -103.36 29.85 33.86
C PHE YA 34 -104.61 29.86 33.01
N ALA YA 35 -105.68 30.46 33.53
CA ALA YA 35 -106.95 30.51 32.79
C ALA YA 35 -107.08 31.74 31.91
N SER YA 36 -108.32 32.15 31.63
CA SER YA 36 -108.55 33.34 30.82
C SER YA 36 -108.06 34.56 31.57
N PHE YA 37 -106.76 34.59 31.82
CA PHE YA 37 -106.17 35.70 32.59
C PHE YA 37 -106.61 37.03 32.01
N ASN YA 38 -107.29 37.82 32.83
CA ASN YA 38 -107.94 39.06 32.41
C ASN YA 38 -108.85 38.84 31.21
N ASN YA 39 -109.76 37.88 31.38
CA ASN YA 39 -110.73 37.49 30.37
C ASN YA 39 -110.09 37.16 29.02
N PRO YA 40 -109.19 36.17 28.98
CA PRO YA 40 -108.58 35.82 27.68
C PRO YA 40 -109.49 34.91 26.86
N LEU YA 41 -110.62 35.49 26.43
CA LEU YA 41 -111.68 34.80 25.68
C LEU YA 41 -112.10 33.53 26.41
N TYR YA 42 -112.64 33.74 27.62
CA TYR YA 42 -113.00 32.64 28.50
C TYR YA 42 -114.04 31.76 27.86
N LYS YA 43 -113.91 30.46 28.07
CA LYS YA 43 -114.85 29.53 27.47
C LYS YA 43 -115.55 28.64 28.47
N GLU YA 44 -114.84 28.22 29.52
CA GLU YA 44 -115.31 27.33 30.59
C GLU YA 44 -115.76 25.96 30.06
N GLY YA 45 -115.63 25.74 28.76
CA GLY YA 45 -116.03 24.48 28.14
C GLY YA 45 -114.86 23.53 28.13
N ASP YA 46 -114.42 23.11 26.95
CA ASP YA 46 -113.19 22.33 26.86
C ASP YA 46 -112.02 23.11 27.43
N PHE YA 47 -111.84 24.35 26.97
CA PHE YA 47 -110.87 25.31 27.48
C PHE YA 47 -109.44 24.77 27.44
N MET YA 48 -109.21 23.74 26.63
CA MET YA 48 -107.98 22.97 26.57
C MET YA 48 -107.52 22.56 27.97
N SER YA 49 -106.23 22.69 28.21
CA SER YA 49 -105.67 22.59 29.54
C SER YA 49 -104.88 23.85 29.78
N ASP YA 50 -104.88 24.31 31.04
CA ASP YA 50 -104.17 25.54 31.38
C ASP YA 50 -102.69 25.41 31.04
N LEU YA 51 -102.12 24.24 31.33
CA LEU YA 51 -100.78 23.92 30.86
C LEU YA 51 -100.73 23.92 29.34
N GLU YA 52 -101.72 23.31 28.69
CA GLU YA 52 -101.74 23.30 27.23
C GLU YA 52 -101.92 24.70 26.67
N TRP YA 53 -102.57 25.59 27.42
CA TRP YA 53 -102.65 26.97 26.95
C TRP YA 53 -101.30 27.65 27.05
N LEU YA 54 -100.57 27.43 28.16
CA LEU YA 54 -99.20 27.92 28.24
C LEU YA 54 -98.32 27.29 27.15
N ARG YA 55 -98.66 26.08 26.74
CA ARG YA 55 -97.92 25.40 25.68
C ARG YA 55 -98.16 26.07 24.33
N GLU YA 56 -99.42 26.38 24.03
CA GLU YA 56 -99.73 27.14 22.82
C GLU YA 56 -99.06 28.50 22.86
N ALA YA 57 -98.94 29.09 24.05
CA ALA YA 57 -98.25 30.36 24.19
C ALA YA 57 -96.77 30.22 23.81
N GLU YA 58 -96.09 29.23 24.38
CA GLU YA 58 -94.69 28.99 24.04
C GLU YA 58 -94.53 28.67 22.56
N LEU YA 59 -95.48 27.94 21.99
CA LEU YA 59 -95.40 27.57 20.58
C LEU YA 59 -95.47 28.81 19.70
N THR YA 60 -96.43 29.70 19.98
CA THR YA 60 -96.56 30.92 19.19
C THR YA 60 -95.29 31.77 19.30
N HIS YA 61 -94.82 31.97 20.53
CA HIS YA 61 -93.63 32.81 20.74
C HIS YA 61 -92.42 32.23 20.03
N GLY YA 62 -92.18 30.93 20.18
CA GLY YA 62 -90.98 30.34 19.62
C GLY YA 62 -91.03 30.31 18.10
N ARG YA 63 -92.21 30.07 17.53
CA ARG YA 63 -92.34 30.09 16.07
C ARG YA 63 -92.03 31.48 15.53
N ILE YA 64 -92.63 32.52 16.14
CA ILE YA 64 -92.39 33.89 15.69
C ILE YA 64 -90.92 34.25 15.85
N ALA YA 65 -90.32 33.88 16.99
CA ALA YA 65 -88.92 34.20 17.23
C ALA YA 65 -87.98 33.45 16.30
N GLN YA 66 -88.35 32.22 15.92
CA GLN YA 66 -87.57 31.47 14.97
C GLN YA 66 -87.53 32.18 13.63
N LEU YA 67 -88.70 32.61 13.14
CA LEU YA 67 -88.74 33.38 11.90
C LEU YA 67 -87.94 34.68 12.05
N ALA YA 68 -87.98 35.27 13.25
CA ALA YA 68 -87.27 36.52 13.51
C ALA YA 68 -85.77 36.35 13.35
N VAL YA 69 -85.23 35.20 13.76
CA VAL YA 69 -83.79 34.96 13.61
C VAL YA 69 -83.39 35.13 12.13
N LEU YA 70 -83.99 34.32 11.26
CA LEU YA 70 -83.70 34.40 9.82
C LEU YA 70 -83.92 35.82 9.30
N GLY YA 71 -84.95 36.51 9.81
CA GLY YA 71 -85.10 37.91 9.48
C GLY YA 71 -84.07 38.85 10.09
N PHE YA 72 -83.19 38.33 10.95
CA PHE YA 72 -82.03 39.09 11.40
C PHE YA 72 -80.74 38.73 10.67
N ILE YA 73 -80.70 37.59 9.96
CA ILE YA 73 -79.49 37.24 9.22
C ILE YA 73 -79.63 37.49 7.71
N TRP YA 74 -80.67 36.92 7.07
CA TRP YA 74 -80.84 37.06 5.63
C TRP YA 74 -80.87 38.50 5.11
N PRO YA 75 -81.53 39.48 5.77
CA PRO YA 75 -81.36 40.89 5.36
C PRO YA 75 -79.92 41.31 5.18
N ALA YA 76 -79.01 40.72 5.94
CA ALA YA 76 -77.58 40.98 5.76
C ALA YA 76 -76.91 39.92 4.90
N LEU YA 77 -76.88 38.66 5.35
CA LEU YA 77 -76.10 37.66 4.64
C LEU YA 77 -76.85 37.15 3.43
N PHE YA 78 -77.99 36.51 3.65
CA PHE YA 78 -78.65 35.70 2.62
C PHE YA 78 -79.56 36.59 1.79
N GLY YA 79 -79.09 36.96 0.61
CA GLY YA 79 -79.83 37.87 -0.25
C GLY YA 79 -79.38 39.31 -0.13
N THR YA 80 -78.52 39.60 0.86
CA THR YA 80 -77.86 40.89 1.08
C THR YA 80 -78.85 42.05 0.90
N PHE YA 81 -79.99 41.90 1.57
CA PHE YA 81 -81.12 42.81 1.47
C PHE YA 81 -81.57 42.92 0.03
N PRO YA 82 -82.24 41.90 -0.51
CA PRO YA 82 -82.81 42.04 -1.86
C PRO YA 82 -84.03 42.93 -1.87
N GLY YA 83 -83.88 44.14 -1.32
CA GLY YA 83 -85.01 45.05 -1.25
C GLY YA 83 -85.50 45.47 -2.63
N ASN YA 84 -84.56 45.61 -3.57
CA ASN YA 84 -84.72 45.92 -4.99
C ASN YA 84 -85.90 46.84 -5.22
N GLU YA 85 -85.98 47.88 -4.41
CA GLU YA 85 -87.10 48.80 -4.47
C GLU YA 85 -87.01 49.61 -5.75
N ASN YA 86 -88.17 49.94 -6.31
CA ASN YA 86 -88.19 50.74 -7.53
C ASN YA 86 -87.50 52.08 -7.31
N PHE YA 87 -87.65 52.64 -6.12
CA PHE YA 87 -86.95 53.86 -5.72
C PHE YA 87 -86.92 53.91 -4.20
N GLY YA 88 -86.26 54.93 -3.66
CA GLY YA 88 -86.17 55.04 -2.21
C GLY YA 88 -85.23 54.04 -1.55
N GLY YA 89 -83.92 54.29 -1.66
CA GLY YA 89 -82.94 53.38 -1.07
C GLY YA 89 -83.10 53.20 0.43
N ALA YA 90 -83.34 54.29 1.15
CA ALA YA 90 -83.75 54.16 2.55
C ALA YA 90 -85.09 53.45 2.62
N ASP YA 91 -85.35 52.80 3.76
CA ASP YA 91 -86.52 51.94 3.97
C ASP YA 91 -86.52 50.71 3.07
N ALA YA 92 -85.38 50.40 2.48
CA ALA YA 92 -85.22 49.35 1.49
C ALA YA 92 -83.95 48.63 1.89
N PHE YA 93 -83.32 47.98 0.91
CA PHE YA 93 -82.05 47.27 1.06
C PHE YA 93 -81.04 47.97 1.96
N SER YA 94 -80.89 49.30 1.80
CA SER YA 94 -79.76 50.05 2.37
C SER YA 94 -79.61 49.83 3.87
N TYR YA 95 -80.70 49.95 4.62
CA TYR YA 95 -80.62 49.72 6.06
C TYR YA 95 -80.48 48.23 6.35
N VAL YA 96 -79.23 47.77 6.44
CA VAL YA 96 -78.93 46.38 6.77
C VAL YA 96 -78.88 46.17 8.29
N ASN YA 97 -78.80 47.24 9.07
CA ASN YA 97 -78.94 47.11 10.51
C ASN YA 97 -80.41 46.96 10.86
N PRO YA 98 -80.83 45.79 11.36
CA PRO YA 98 -82.28 45.47 11.48
C PRO YA 98 -83.08 46.49 12.24
N LEU YA 99 -82.50 47.00 13.33
CA LEU YA 99 -83.13 48.08 14.09
C LEU YA 99 -83.32 49.31 13.22
N GLU YA 100 -82.28 49.71 12.49
CA GLU YA 100 -82.39 50.85 11.59
C GLU YA 100 -83.32 50.55 10.42
N ALA YA 101 -83.39 49.29 10.02
CA ALA YA 101 -84.33 48.91 8.96
C ALA YA 101 -85.77 49.16 9.40
N ILE YA 102 -86.09 48.81 10.64
CA ILE YA 102 -87.40 49.15 11.18
C ILE YA 102 -87.54 50.66 11.30
N THR YA 103 -86.47 51.34 11.70
CA THR YA 103 -86.47 52.80 11.84
C THR YA 103 -86.87 53.49 10.55
N HIS YA 104 -86.56 52.88 9.40
CA HIS YA 104 -86.84 53.54 8.13
C HIS YA 104 -88.21 53.16 7.54
N VAL YA 105 -88.46 51.87 7.33
CA VAL YA 105 -89.53 51.30 6.51
C VAL YA 105 -90.88 51.96 6.77
N PRO YA 106 -91.59 52.41 5.73
CA PRO YA 106 -92.83 53.17 5.96
C PRO YA 106 -93.92 52.27 6.51
N ASP YA 107 -94.93 52.91 7.10
CA ASP YA 107 -96.01 52.17 7.75
C ASP YA 107 -96.89 51.43 6.76
N LEU YA 108 -96.69 51.63 5.45
CA LEU YA 108 -97.38 50.82 4.45
C LEU YA 108 -97.09 49.34 4.66
N ALA YA 109 -95.82 48.94 4.53
CA ALA YA 109 -95.46 47.53 4.71
C ALA YA 109 -95.63 47.08 6.15
N ILE YA 110 -95.51 48.00 7.11
CA ILE YA 110 -95.76 47.67 8.52
C ILE YA 110 -97.20 47.23 8.69
N TYR YA 111 -98.13 48.00 8.14
CA TYR YA 111 -99.54 47.63 8.18
C TYR YA 111 -99.81 46.40 7.32
N GLN YA 112 -99.03 46.19 6.26
CA GLN YA 112 -99.16 44.98 5.46
C GLN YA 112 -98.92 43.74 6.31
N ILE YA 113 -97.73 43.64 6.91
CA ILE YA 113 -97.42 42.48 7.75
C ILE YA 113 -98.29 42.45 9.01
N VAL YA 114 -98.70 43.63 9.50
CA VAL YA 114 -99.58 43.69 10.66
C VAL YA 114 -100.92 43.04 10.34
N GLY YA 115 -101.51 43.41 9.21
CA GLY YA 115 -102.74 42.76 8.77
C GLY YA 115 -102.54 41.31 8.39
N GLY YA 116 -101.33 40.95 7.94
CA GLY YA 116 -101.03 39.57 7.64
C GLY YA 116 -101.12 38.68 8.86
N MET YA 117 -100.32 39.01 9.88
CA MET YA 117 -100.41 38.31 11.15
C MET YA 117 -101.77 38.51 11.82
N ALA YA 118 -102.48 39.59 11.46
CA ALA YA 118 -103.82 39.80 12.00
C ALA YA 118 -104.79 38.76 11.46
N TRP YA 119 -104.79 38.54 10.15
CA TRP YA 119 -105.58 37.46 9.57
C TRP YA 119 -105.11 36.12 10.07
N VAL YA 120 -103.81 35.98 10.32
CA VAL YA 120 -103.27 34.74 10.87
C VAL YA 120 -103.92 34.41 12.21
N GLU YA 121 -103.90 35.37 13.12
CA GLU YA 121 -104.47 35.13 14.45
C GLU YA 121 -105.99 35.10 14.41
N TYR YA 122 -106.60 35.78 13.42
CA TYR YA 122 -108.05 35.68 13.25
C TYR YA 122 -108.45 34.26 12.89
N GLN YA 123 -107.74 33.65 11.95
CA GLN YA 123 -108.00 32.25 11.61
C GLN YA 123 -107.65 31.32 12.77
N ARG YA 124 -106.59 31.66 13.52
CA ARG YA 124 -106.21 30.85 14.67
C ARG YA 124 -107.32 30.85 15.72
N VAL YA 125 -107.90 32.01 16.01
CA VAL YA 125 -108.99 32.09 16.96
C VAL YA 125 -110.23 31.42 16.41
N ILE YA 126 -110.48 31.56 15.10
CA ILE YA 126 -111.64 30.94 14.47
C ILE YA 126 -111.60 29.43 14.63
N ARG YA 127 -110.41 28.85 14.41
CA ARG YA 127 -110.23 27.44 14.71
C ARG YA 127 -110.43 27.16 16.20
N ILE YA 128 -109.57 27.76 17.04
CA ILE YA 128 -109.41 27.32 18.43
C ILE YA 128 -110.69 27.52 19.22
N LYS YA 129 -111.41 28.61 18.97
CA LYS YA 129 -112.69 28.86 19.63
C LYS YA 129 -113.65 27.70 19.42
N GLU YA 130 -113.65 27.12 18.23
CA GLU YA 130 -114.36 25.87 18.00
C GLU YA 130 -113.47 24.65 18.23
N GLN YA 131 -112.18 24.73 17.91
CA GLN YA 131 -111.29 23.58 18.05
C GLN YA 131 -111.03 23.35 19.53
N GLY YA 132 -112.01 22.73 20.18
CA GLY YA 132 -111.85 22.30 21.56
C GLY YA 132 -111.07 21.01 21.60
N LYS YA 133 -111.50 20.07 22.45
CA LYS YA 133 -110.85 18.78 22.65
C LYS YA 133 -109.34 18.94 22.81
N ASN YA 134 -108.60 18.58 21.76
CA ASN YA 134 -107.19 18.89 21.66
C ASN YA 134 -107.07 20.15 20.81
N ARG YA 135 -106.83 21.28 21.48
CA ARG YA 135 -106.59 22.54 20.77
C ARG YA 135 -105.36 22.41 19.87
N VAL YA 136 -104.41 21.55 20.26
CA VAL YA 136 -103.18 21.17 19.56
C VAL YA 136 -102.55 22.38 18.87
N SER YA 137 -102.25 23.40 19.68
CA SER YA 137 -101.61 24.64 19.25
C SER YA 137 -102.40 25.34 18.16
N GLY YA 138 -103.72 25.20 18.21
CA GLY YA 138 -104.62 25.81 17.25
C GLY YA 138 -104.25 25.39 15.83
N ASP YA 139 -103.95 24.11 15.66
CA ASP YA 139 -103.31 23.64 14.43
C ASP YA 139 -104.17 23.97 13.23
N ILE YA 140 -105.46 23.62 13.30
CA ILE YA 140 -106.42 23.77 12.22
C ILE YA 140 -105.88 23.06 10.98
N GLY YA 141 -105.80 23.79 9.87
CA GLY YA 141 -105.35 23.18 8.65
C GLY YA 141 -103.89 23.42 8.33
N LEU YA 142 -103.24 24.33 9.07
CA LEU YA 142 -101.92 24.85 8.69
C LEU YA 142 -100.92 23.71 8.60
N GLY YA 143 -100.53 23.33 7.39
CA GLY YA 143 -99.65 22.20 7.16
C GLY YA 143 -99.93 20.94 7.96
N TYR YA 144 -101.19 20.72 8.34
CA TYR YA 144 -101.59 19.56 9.15
C TYR YA 144 -101.50 18.32 8.28
N PRO YA 145 -101.81 17.11 8.79
CA PRO YA 145 -101.76 15.94 7.90
C PRO YA 145 -102.64 16.09 6.67
N GLY YA 146 -103.79 16.73 6.83
CA GLY YA 146 -104.59 17.15 5.70
C GLY YA 146 -103.94 18.19 4.82
N GLY YA 147 -102.98 18.96 5.38
CA GLY YA 147 -102.18 19.89 4.60
C GLY YA 147 -103.01 20.88 3.80
N TRP YA 148 -103.63 21.85 4.48
CA TRP YA 148 -104.59 22.76 3.87
C TRP YA 148 -104.02 23.53 2.68
N ASN YA 149 -102.71 23.48 2.46
CA ASN YA 149 -102.00 24.07 1.34
C ASN YA 149 -101.11 23.03 0.66
N PRO YA 150 -100.32 23.45 -0.34
CA PRO YA 150 -99.51 22.52 -1.16
C PRO YA 150 -98.67 21.53 -0.36
N PHE YA 151 -98.36 20.41 -1.03
CA PHE YA 151 -97.58 19.29 -0.46
C PHE YA 151 -98.15 18.90 0.90
N ASN YA 152 -99.47 18.66 0.90
CA ASN YA 152 -100.24 18.30 2.09
C ASN YA 152 -99.52 17.21 2.87
N LEU YA 153 -99.29 17.49 4.15
CA LEU YA 153 -98.26 16.83 4.95
C LEU YA 153 -98.36 15.32 4.85
N ASN YA 154 -97.26 14.70 4.43
CA ASN YA 154 -97.23 13.28 4.08
C ASN YA 154 -96.10 12.68 4.89
N TYR YA 155 -96.42 12.28 6.12
CA TYR YA 155 -95.45 11.69 7.03
C TYR YA 155 -96.16 10.66 7.88
N SER YA 156 -95.41 10.05 8.78
CA SER YA 156 -95.88 8.96 9.63
C SER YA 156 -96.12 9.46 11.05
N PRO YA 157 -96.94 8.76 11.84
CA PRO YA 157 -97.17 9.22 13.23
C PRO YA 157 -95.92 9.24 14.08
N GLU YA 158 -95.00 8.29 13.90
CA GLU YA 158 -93.71 8.38 14.58
C GLU YA 158 -92.89 9.54 14.02
N GLU YA 159 -92.91 9.72 12.69
CA GLU YA 159 -92.28 10.92 12.13
C GLU YA 159 -92.98 12.17 12.63
N TYR YA 160 -94.30 12.12 12.81
CA TYR YA 160 -95.01 13.27 13.35
C TYR YA 160 -94.57 13.56 14.78
N ALA YA 161 -94.34 12.52 15.58
CA ALA YA 161 -93.84 12.71 16.94
C ALA YA 161 -92.48 13.40 16.93
N GLU YA 162 -91.57 12.89 16.09
CA GLU YA 162 -90.26 13.51 15.96
C GLU YA 162 -90.36 14.94 15.45
N LYS YA 163 -91.31 15.20 14.54
CA LYS YA 163 -91.46 16.54 13.99
C LYS YA 163 -91.98 17.51 15.03
N GLN YA 164 -92.93 17.08 15.87
CA GLN YA 164 -93.37 17.89 16.99
C GLN YA 164 -92.19 18.24 17.89
N LEU YA 165 -91.33 17.24 18.13
CA LEU YA 165 -90.13 17.48 18.94
C LEU YA 165 -89.23 18.52 18.29
N GLN YA 166 -88.99 18.38 16.98
CA GLN YA 166 -88.15 19.31 16.22
C GLN YA 166 -88.65 20.73 16.38
N GLU YA 167 -89.93 20.93 16.10
CA GLU YA 167 -90.51 22.26 16.13
C GLU YA 167 -90.38 22.85 17.52
N ILE YA 168 -90.80 22.10 18.54
CA ILE YA 168 -90.84 22.63 19.91
C ILE YA 168 -89.43 23.05 20.34
N LYS YA 169 -88.45 22.18 20.10
CA LYS YA 169 -87.08 22.48 20.52
C LYS YA 169 -86.54 23.71 19.80
N HIS YA 170 -86.68 23.73 18.46
CA HIS YA 170 -86.17 24.84 17.67
C HIS YA 170 -86.80 26.15 18.09
N CYS YA 171 -88.09 26.12 18.40
CA CYS YA 171 -88.78 27.31 18.86
C CYS YA 171 -88.19 27.80 20.17
N ARG YA 172 -87.92 26.89 21.12
CA ARG YA 172 -87.35 27.31 22.41
C ARG YA 172 -85.96 27.90 22.23
N LEU YA 173 -85.10 27.20 21.48
CA LEU YA 173 -83.75 27.67 21.28
C LEU YA 173 -83.73 28.98 20.51
N ALA YA 174 -84.64 29.15 19.56
CA ALA YA 174 -84.72 30.40 18.83
C ALA YA 174 -85.24 31.51 19.72
N MET YA 175 -86.10 31.19 20.68
CA MET YA 175 -86.53 32.19 21.65
C MET YA 175 -85.33 32.73 22.41
N ILE YA 176 -84.37 31.86 22.70
CA ILE YA 176 -83.09 32.35 23.24
C ILE YA 176 -82.36 33.22 22.19
N GLY YA 177 -82.24 32.70 20.98
CA GLY YA 177 -81.39 33.33 19.97
C GLY YA 177 -81.85 34.71 19.54
N ALA YA 178 -83.16 34.92 19.46
CA ALA YA 178 -83.69 36.22 19.08
C ALA YA 178 -83.32 37.28 20.09
N PHE YA 179 -83.47 36.96 21.38
CA PHE YA 179 -82.96 37.83 22.45
C PHE YA 179 -81.49 38.13 22.21
N GLY YA 180 -80.72 37.09 21.92
CA GLY YA 180 -79.31 37.20 21.63
C GLY YA 180 -79.06 38.30 20.60
N LEU YA 181 -79.50 38.03 19.36
CA LEU YA 181 -79.26 38.93 18.23
C LEU YA 181 -79.73 40.35 18.52
N PHE YA 182 -80.91 40.49 19.13
CA PHE YA 182 -81.45 41.83 19.37
C PHE YA 182 -80.58 42.63 20.31
N PHE YA 183 -80.28 42.06 21.48
CA PHE YA 183 -79.43 42.77 22.43
C PHE YA 183 -78.04 43.00 21.85
N GLN YA 184 -77.57 42.07 21.01
CA GLN YA 184 -76.30 42.23 20.30
C GLN YA 184 -76.30 43.51 19.47
N ALA YA 185 -77.22 43.58 18.51
CA ALA YA 185 -77.21 44.68 17.56
C ALA YA 185 -77.48 46.01 18.24
N LEU YA 186 -78.43 46.05 19.18
CA LEU YA 186 -78.72 47.28 19.91
C LEU YA 186 -77.50 47.76 20.68
N ASN YA 187 -76.81 46.84 21.34
CA ASN YA 187 -75.63 47.19 22.12
C ASN YA 187 -74.37 47.19 21.27
N SER YA 188 -74.51 47.18 19.95
CA SER YA 188 -73.35 47.38 19.07
C SER YA 188 -73.63 48.30 17.90
N GLY YA 189 -74.89 48.64 17.61
CA GLY YA 189 -75.23 49.56 16.53
C GLY YA 189 -74.77 49.08 15.17
N THR YA 190 -74.91 47.79 14.90
CA THR YA 190 -74.33 47.16 13.73
C THR YA 190 -75.28 46.07 13.26
N ASP YA 191 -74.78 45.17 12.42
CA ASP YA 191 -75.46 43.93 12.07
C ASP YA 191 -74.49 42.78 12.27
N ILE YA 192 -75.03 41.58 12.51
CA ILE YA 192 -74.27 40.41 12.93
C ILE YA 192 -73.06 40.14 12.02
N VAL YA 193 -73.21 40.48 10.73
CA VAL YA 193 -72.13 40.31 9.76
C VAL YA 193 -70.91 41.11 10.17
N SER YA 194 -71.14 42.33 10.66
CA SER YA 194 -70.03 43.24 11.00
C SER YA 194 -69.12 42.62 12.05
N GLN YA 195 -69.65 42.30 13.23
CA GLN YA 195 -68.75 41.78 14.25
C GLN YA 195 -68.21 40.40 13.88
N LEU YA 196 -69.03 39.56 13.25
CA LEU YA 196 -68.55 38.20 13.00
C LEU YA 196 -67.46 38.16 11.93
N SER YA 197 -67.48 39.08 10.96
CA SER YA 197 -66.51 38.98 9.88
C SER YA 197 -65.13 39.56 10.27
N PRO YA 198 -64.97 40.85 10.74
CA PRO YA 198 -63.77 41.21 11.50
C PRO YA 198 -63.30 40.23 12.56
N ALA YA 199 -64.18 39.45 13.18
CA ALA YA 199 -63.72 38.43 14.12
C ALA YA 199 -62.93 37.34 13.39
N PHE YA 200 -63.51 36.77 12.32
CA PHE YA 200 -62.88 35.67 11.60
C PHE YA 200 -61.73 36.13 10.71
N ALA YA 201 -61.29 37.36 10.86
CA ALA YA 201 -60.21 37.95 10.08
C ALA YA 201 -59.00 38.19 10.98
N ALA YA 202 -58.00 38.87 10.44
CA ALA YA 202 -56.86 39.33 11.20
C ALA YA 202 -56.88 40.84 11.26
N PRO YA 203 -56.76 41.44 12.44
CA PRO YA 203 -56.88 42.89 12.56
C PRO YA 203 -55.85 43.61 11.69
N ASP YA 204 -56.26 44.77 11.14
CA ASP YA 204 -55.39 45.50 10.24
C ASP YA 204 -54.15 46.03 10.95
N TYR YA 205 -54.22 46.18 12.27
CA TYR YA 205 -53.08 46.66 13.04
C TYR YA 205 -51.88 45.74 12.90
N ALA YA 206 -52.10 44.43 12.84
CA ALA YA 206 -51.03 43.47 12.69
C ALA YA 206 -51.32 42.54 11.52
N ALA YA 207 -50.49 42.61 10.48
CA ALA YA 207 -50.62 41.68 9.37
C ALA YA 207 -49.29 41.14 8.87
N LYS YA 208 -48.18 41.52 9.50
CA LYS YA 208 -46.82 41.15 9.06
C LYS YA 208 -46.58 41.55 7.61
N ALA YA 209 -47.22 42.64 7.20
CA ALA YA 209 -47.27 43.11 5.82
C ALA YA 209 -47.57 41.95 4.87
N GLY YA 210 -46.75 41.82 3.81
CA GLY YA 210 -46.84 40.68 2.93
C GLY YA 210 -45.46 40.06 2.73
N TYR YA 211 -45.45 38.93 2.04
CA TYR YA 211 -44.19 38.23 1.76
C TYR YA 211 -43.45 38.94 0.62
N PHE YA 212 -42.96 40.14 0.93
CA PHE YA 212 -42.16 40.92 0.00
C PHE YA 212 -40.75 40.41 -0.15
N LEU YA 213 -40.47 39.22 0.40
CA LEU YA 213 -39.15 38.60 0.39
C LEU YA 213 -38.67 38.39 -1.05
N PRO YA 214 -37.35 38.34 -1.27
CA PRO YA 214 -36.66 38.05 -2.51
C PRO YA 214 -37.12 36.74 -3.16
N UNK ZA 1 -88.66 45.94 90.72
CA UNK ZA 1 -89.29 47.26 90.71
C UNK ZA 1 -88.35 48.30 91.29
N UNK ZA 2 -88.55 49.57 90.94
CA UNK ZA 2 -87.75 50.66 91.49
C UNK ZA 2 -88.56 51.92 91.72
N UNK ZA 3 -89.75 51.77 92.31
CA UNK ZA 3 -90.61 52.91 92.55
C UNK ZA 3 -90.08 53.90 93.55
N UNK ZA 4 -90.74 55.06 93.67
CA UNK ZA 4 -90.32 56.10 94.60
C UNK ZA 4 -91.26 57.24 94.32
N UNK ZA 5 -90.76 58.46 94.30
CA UNK ZA 5 -91.62 59.55 93.90
C UNK ZA 5 -91.94 59.22 92.46
N UNK ZA 6 -93.20 59.26 92.07
CA UNK ZA 6 -93.60 58.85 90.72
C UNK ZA 6 -93.49 57.34 90.59
N UNK ZA 7 -93.68 56.80 89.38
CA UNK ZA 7 -93.66 55.33 89.27
C UNK ZA 7 -93.62 54.73 87.88
N UNK ZA 8 -94.70 54.82 87.11
CA UNK ZA 8 -94.75 54.12 85.85
C UNK ZA 8 -93.91 54.83 84.80
N UNK ZA 9 -93.83 54.22 83.61
CA UNK ZA 9 -93.02 54.79 82.54
C UNK ZA 9 -93.67 56.04 81.98
N UNK ZA 10 -92.88 57.11 81.87
CA UNK ZA 10 -93.35 58.30 81.17
C UNK ZA 10 -93.52 58.01 79.69
N UNK ZA 11 -92.70 57.13 79.13
CA UNK ZA 11 -92.83 56.77 77.72
C UNK ZA 11 -94.09 55.96 77.45
N UNK ZA 12 -94.59 55.25 78.47
CA UNK ZA 12 -95.71 54.33 78.44
C UNK ZA 12 -95.41 53.10 77.59
N UNK ZA 13 -94.23 53.04 76.98
CA UNK ZA 13 -93.81 51.87 76.23
C UNK ZA 13 -93.59 50.66 77.12
N UNK ZA 14 -93.43 50.87 78.43
CA UNK ZA 14 -93.31 49.76 79.36
C UNK ZA 14 -94.57 48.90 79.41
N UNK ZA 15 -95.68 49.39 78.86
CA UNK ZA 15 -96.89 48.59 78.66
C UNK ZA 15 -96.66 47.44 77.67
N UNK ZA 16 -95.44 47.35 77.12
CA UNK ZA 16 -95.02 46.27 76.22
C UNK ZA 16 -95.34 44.87 76.74
N UNK ZA 17 -95.37 44.70 78.06
CA UNK ZA 17 -95.67 43.44 78.75
C UNK ZA 17 -94.65 42.35 78.38
N UNK ZA 18 -93.43 42.54 78.88
CA UNK ZA 18 -92.42 41.50 78.82
C UNK ZA 18 -91.58 41.54 80.09
N UNK ZA 19 -90.99 40.38 80.42
CA UNK ZA 19 -90.08 40.24 81.57
C UNK ZA 19 -88.64 40.53 81.19
N UNK ZA 20 -88.22 40.00 80.04
CA UNK ZA 20 -86.92 40.36 79.49
C UNK ZA 20 -86.83 41.85 79.19
N UNK ZA 21 -87.98 42.50 78.98
CA UNK ZA 21 -88.05 43.97 78.96
C UNK ZA 21 -87.39 44.55 80.19
N UNK ZA 22 -87.91 44.17 81.36
CA UNK ZA 22 -87.36 44.61 82.64
C UNK ZA 22 -85.88 44.26 82.72
N UNK ZA 23 -85.55 43.01 82.37
CA UNK ZA 23 -84.17 42.54 82.53
C UNK ZA 23 -83.20 43.35 81.66
N UNK ZA 24 -83.39 43.31 80.35
CA UNK ZA 24 -82.45 43.96 79.42
C UNK ZA 24 -82.44 45.47 79.60
N UNK ZA 25 -83.61 46.08 79.78
CA UNK ZA 25 -83.66 47.53 79.92
C UNK ZA 25 -82.99 47.98 81.20
N UNK ZA 26 -83.27 47.31 82.32
CA UNK ZA 26 -82.57 47.65 83.55
C UNK ZA 26 -81.08 47.36 83.45
N UNK ZA 27 -80.70 46.33 82.68
CA UNK ZA 27 -79.29 46.03 82.48
C UNK ZA 27 -78.58 47.17 81.77
N UNK ZA 28 -79.17 47.68 80.69
CA UNK ZA 28 -78.57 48.79 79.98
C UNK ZA 28 -78.55 50.05 80.82
N UNK ZA 29 -79.61 50.27 81.60
CA UNK ZA 29 -79.66 51.42 82.50
C UNK ZA 29 -78.52 51.38 83.50
N UNK ZA 30 -78.35 50.24 84.18
CA UNK ZA 30 -77.29 50.12 85.18
C UNK ZA 30 -75.91 50.10 84.54
N UNK ZA 31 -75.82 49.67 83.27
CA UNK ZA 31 -74.54 49.72 82.59
C UNK ZA 31 -74.12 51.18 82.35
N UNK ZA 32 -75.04 52.01 81.86
CA UNK ZA 32 -74.72 53.42 81.67
C UNK ZA 32 -74.45 54.12 83.01
N UNK ZA 33 -75.26 53.77 84.01
CA UNK ZA 33 -75.10 54.14 85.40
C UNK ZA 33 -73.66 54.10 85.88
N UNK ZA 34 -73.09 52.89 85.72
CA UNK ZA 34 -71.76 52.62 86.23
C UNK ZA 34 -70.67 53.43 85.55
N UNK ZA 35 -70.98 54.13 84.46
CA UNK ZA 35 -69.99 54.94 83.75
C UNK ZA 35 -70.16 56.42 84.01
N UNK ZA 36 -71.40 56.87 84.18
CA UNK ZA 36 -71.63 58.31 84.33
C UNK ZA 36 -71.15 58.79 85.69
N UNK ZA 37 -71.31 57.95 86.72
CA UNK ZA 37 -70.73 58.31 88.02
C UNK ZA 37 -69.20 58.48 87.94
N UNK ZA 38 -68.56 57.57 87.22
CA UNK ZA 38 -67.13 57.69 86.95
C UNK ZA 38 -66.82 58.95 86.17
N UNK ZA 39 -67.74 59.38 85.30
CA UNK ZA 39 -67.54 60.63 84.57
C UNK ZA 39 -67.56 61.83 85.52
N UNK ZA 40 -68.46 61.83 86.50
CA UNK ZA 40 -68.48 62.91 87.48
C UNK ZA 40 -67.20 62.93 88.32
N UNK ZA 41 -66.71 61.75 88.70
CA UNK ZA 41 -65.45 61.70 89.43
C UNK ZA 41 -64.26 62.13 88.55
N UNK ZA 42 -64.34 61.86 87.24
CA UNK ZA 42 -63.33 62.35 86.32
C UNK ZA 42 -63.39 63.87 86.20
N UNK ZA 43 -64.60 64.43 86.21
CA UNK ZA 43 -64.75 65.88 86.24
C UNK ZA 43 -64.12 66.44 87.51
N UNK ZA 44 -64.23 65.71 88.61
CA UNK ZA 44 -63.54 66.08 89.83
C UNK ZA 44 -62.03 66.05 89.63
N UNK ZA 45 -61.52 65.04 88.90
CA UNK ZA 45 -60.09 64.76 88.79
C UNK ZA 45 -59.29 66.02 88.47
N UNK ZA 46 -59.58 66.67 87.34
CA UNK ZA 46 -58.86 67.88 86.99
C UNK ZA 46 -59.12 68.97 88.04
N UNK ZA 47 -58.14 69.16 88.93
CA UNK ZA 47 -58.20 70.02 90.10
C UNK ZA 47 -56.85 69.99 90.79
N UNK ZA 48 -56.63 70.96 91.68
CA UNK ZA 48 -55.40 71.03 92.45
C UNK ZA 48 -55.36 69.88 93.45
N UNK ZA 49 -54.26 69.11 93.42
CA UNK ZA 49 -53.97 67.94 94.23
C UNK ZA 49 -54.89 66.76 93.93
N UNK ZA 50 -55.85 66.91 93.01
CA UNK ZA 50 -56.74 65.82 92.66
C UNK ZA 50 -56.27 65.08 91.40
N UNK ZA 51 -56.13 65.79 90.28
CA UNK ZA 51 -55.61 65.16 89.07
C UNK ZA 51 -54.18 64.72 89.31
N UNK ZA 52 -53.29 65.71 89.43
CA UNK ZA 52 -51.86 65.53 89.61
C UNK ZA 52 -51.38 64.47 88.63
N UNK ZA 53 -50.72 63.41 89.13
CA UNK ZA 53 -50.16 62.31 88.32
C UNK ZA 53 -49.33 62.86 87.17
N UNK ZA 54 -49.88 62.77 85.97
CA UNK ZA 54 -49.38 63.26 84.68
C UNK ZA 54 -48.31 62.34 84.10
N UNK ZA 55 -47.86 61.33 84.83
CA UNK ZA 55 -46.57 60.68 84.57
C UNK ZA 55 -46.55 59.96 83.23
N UNK ZA 56 -47.57 59.14 82.96
CA UNK ZA 56 -47.78 58.44 81.70
C UNK ZA 56 -46.48 57.78 81.24
N UNK ZA 57 -46.15 57.87 79.93
CA UNK ZA 57 -44.87 57.43 79.38
C UNK ZA 57 -43.79 58.49 79.58
N UNK ZA 58 -42.84 58.53 78.65
CA UNK ZA 58 -41.87 59.62 78.52
C UNK ZA 58 -42.46 61.02 78.72
N UNK ZA 59 -43.74 61.22 78.40
CA UNK ZA 59 -44.42 62.49 78.65
C UNK ZA 59 -45.06 62.46 80.04
N UNK ZA 60 -44.41 63.09 81.02
CA UNK ZA 60 -44.92 63.17 82.38
C UNK ZA 60 -45.67 64.47 82.63
N UNK ZA 61 -46.63 64.82 81.78
CA UNK ZA 61 -47.24 66.15 81.81
C UNK ZA 61 -48.76 66.16 81.79
N UNK ZA 62 -49.41 65.02 81.53
CA UNK ZA 62 -50.87 64.95 81.32
C UNK ZA 62 -51.34 66.00 80.33
N UNK ZA 63 -50.52 66.21 79.28
CA UNK ZA 63 -50.67 67.35 78.38
C UNK ZA 63 -50.73 68.64 79.18
N UNK ZA 64 -49.57 69.06 79.69
CA UNK ZA 64 -49.36 70.21 80.56
C UNK ZA 64 -50.30 71.37 80.25
N UNK ZA 65 -50.46 71.71 78.98
CA UNK ZA 65 -51.50 72.65 78.55
C UNK ZA 65 -52.76 71.93 78.07
N UNK ZA 66 -53.30 70.98 78.84
CA UNK ZA 66 -54.61 70.40 78.57
C UNK ZA 66 -55.08 69.64 79.80
N UNK ZA 67 -56.34 69.20 79.72
CA UNK ZA 67 -57.13 68.69 80.83
C UNK ZA 67 -58.08 67.65 80.25
N UNK ZA 68 -59.22 67.43 80.91
CA UNK ZA 68 -60.18 66.45 80.40
C UNK ZA 68 -60.78 66.92 79.08
N UNK ZA 69 -59.97 66.90 78.03
CA UNK ZA 69 -60.38 67.42 76.73
C UNK ZA 69 -61.50 66.56 76.19
N UNK ZA 70 -62.65 67.19 75.95
CA UNK ZA 70 -63.79 66.48 75.43
C UNK ZA 70 -63.54 66.07 73.99
N UNK ZA 71 -64.33 65.10 73.54
CA UNK ZA 71 -64.27 64.59 72.17
C UNK ZA 71 -62.84 64.19 71.82
N UNK ZA 72 -62.41 63.07 72.42
CA UNK ZA 72 -61.04 62.57 72.27
C UNK ZA 72 -60.00 63.50 72.89
N UNK ZA 73 -59.72 63.31 74.19
CA UNK ZA 73 -58.68 64.03 74.91
C UNK ZA 73 -57.44 64.35 74.06
N UNK ZA 74 -57.03 63.40 73.21
CA UNK ZA 74 -55.96 63.51 72.22
C UNK ZA 74 -54.61 63.58 72.92
N UNK ZA 75 -54.68 63.71 74.23
CA UNK ZA 75 -53.56 63.85 75.15
C UNK ZA 75 -53.07 62.50 75.60
N UNK ZA 76 -54.02 61.64 75.98
CA UNK ZA 76 -53.80 60.24 76.29
C UNK ZA 76 -52.88 59.66 75.23
N UNK ZA 77 -51.77 59.09 75.67
CA UNK ZA 77 -50.70 58.74 74.76
C UNK ZA 77 -51.20 57.72 73.74
N UNK ZA 78 -50.45 57.61 72.64
CA UNK ZA 78 -50.97 56.88 71.47
C UNK ZA 78 -51.29 55.43 71.83
N UNK ZA 79 -50.34 54.71 72.40
CA UNK ZA 79 -50.57 53.33 72.79
C UNK ZA 79 -51.59 53.22 73.92
N UNK ZA 80 -51.69 54.26 74.75
CA UNK ZA 80 -52.55 54.26 75.93
C UNK ZA 80 -54.01 54.00 75.58
N UNK ZA 81 -54.51 54.74 74.59
CA UNK ZA 81 -55.94 54.73 74.33
C UNK ZA 81 -56.39 53.34 73.89
N UNK ZA 82 -55.62 52.72 73.00
CA UNK ZA 82 -55.93 51.37 72.59
C UNK ZA 82 -55.75 50.39 73.74
N UNK ZA 83 -54.79 50.62 74.64
CA UNK ZA 83 -54.67 49.76 75.80
C UNK ZA 83 -55.93 49.83 76.66
N UNK ZA 84 -56.45 51.03 76.87
CA UNK ZA 84 -57.67 51.19 77.65
C UNK ZA 84 -58.85 50.51 76.96
N UNK ZA 85 -58.96 50.68 75.63
CA UNK ZA 85 -60.07 50.07 74.90
C UNK ZA 85 -60.01 48.55 74.97
N UNK ZA 86 -58.82 47.97 74.83
CA UNK ZA 86 -58.72 46.51 74.81
C UNK ZA 86 -58.95 45.92 76.20
N UNK ZA 87 -58.49 46.61 77.25
CA UNK ZA 87 -58.80 46.13 78.60
C UNK ZA 87 -60.30 46.23 78.87
N UNK ZA 88 -60.95 47.27 78.36
CA UNK ZA 88 -62.39 47.37 78.46
C UNK ZA 88 -63.07 46.22 77.75
N UNK ZA 89 -62.54 45.82 76.58
CA UNK ZA 89 -63.10 44.67 75.87
C UNK ZA 89 -62.95 43.39 76.67
N UNK ZA 90 -61.77 43.19 77.27
CA UNK ZA 90 -61.54 42.01 78.09
C UNK ZA 90 -62.51 41.98 79.26
N UNK ZA 91 -62.77 43.14 79.86
CA UNK ZA 91 -63.80 43.21 80.89
C UNK ZA 91 -65.17 42.85 80.34
N UNK ZA 92 -65.51 43.38 79.16
CA UNK ZA 92 -66.82 43.15 78.55
C UNK ZA 92 -67.04 41.68 78.28
N UNK ZA 93 -65.99 40.94 77.96
CA UNK ZA 93 -66.11 39.49 77.90
C UNK ZA 93 -66.27 38.88 79.29
N UNK ZA 94 -65.29 39.09 80.17
CA UNK ZA 94 -65.25 38.36 81.42
C UNK ZA 94 -66.18 38.96 82.48
N UNK ZA 95 -65.91 40.21 82.89
CA UNK ZA 95 -66.68 40.81 83.98
C UNK ZA 95 -68.13 41.01 83.59
N UNK ZA 96 -68.37 41.61 82.43
CA UNK ZA 96 -69.71 41.83 81.94
C UNK ZA 96 -70.33 40.58 81.33
N UNK ZA 97 -69.77 39.38 81.56
CA UNK ZA 97 -70.50 38.15 81.27
C UNK ZA 97 -71.63 37.90 82.21
N UNK ZA 98 -71.93 38.89 83.05
CA UNK ZA 98 -73.03 38.82 84.01
C UNK ZA 98 -72.88 37.60 84.90
N UNK ZA 99 -71.65 37.39 85.36
CA UNK ZA 99 -71.32 36.34 86.32
C UNK ZA 99 -71.62 34.95 85.79
N UNK ZA 100 -71.54 34.80 84.47
CA UNK ZA 100 -72.16 33.68 83.75
C UNK ZA 100 -73.59 33.52 84.24
N UNK ZA 101 -73.86 32.52 85.08
CA UNK ZA 101 -75.13 32.42 85.79
C UNK ZA 101 -74.84 32.12 87.27
N UNK ZA 102 -74.51 33.16 88.05
CA UNK ZA 102 -74.22 32.94 89.46
C UNK ZA 102 -74.63 34.13 90.33
N UNK ZA 103 -75.80 34.71 90.09
CA UNK ZA 103 -76.20 35.84 90.95
C UNK ZA 103 -77.71 36.01 91.02
N UNK ZA 104 -78.13 36.81 92.00
CA UNK ZA 104 -79.55 36.98 92.30
C UNK ZA 104 -80.24 37.87 91.27
N UNK ZA 105 -79.59 38.96 90.87
CA UNK ZA 105 -80.21 39.91 89.95
C UNK ZA 105 -79.52 39.79 88.60
N UNK ZA 106 -80.34 39.69 87.53
CA UNK ZA 106 -79.80 39.65 86.18
C UNK ZA 106 -79.03 40.93 85.85
N UNK ZA 107 -79.55 42.07 86.30
CA UNK ZA 107 -78.76 43.29 86.30
C UNK ZA 107 -77.72 43.20 87.41
N UNK ZA 108 -76.46 43.53 87.07
CA UNK ZA 108 -75.36 43.56 88.03
C UNK ZA 108 -75.14 42.20 88.71
N UNK ZA 109 -74.52 41.26 87.99
CA UNK ZA 109 -74.30 39.91 88.51
C UNK ZA 109 -72.83 39.70 88.87
N UNK ZA 110 -72.59 39.24 90.11
CA UNK ZA 110 -71.24 38.94 90.62
C UNK ZA 110 -71.06 37.44 90.75
N UNK ZA 111 -69.94 36.93 90.25
CA UNK ZA 111 -69.77 35.49 90.07
C UNK ZA 111 -69.28 34.78 91.32
N UNK ZA 112 -69.96 35.03 92.45
CA UNK ZA 112 -69.59 34.47 93.76
C UNK ZA 112 -68.10 34.66 94.00
N UNK ZA 113 -67.74 35.93 94.09
CA UNK ZA 113 -66.36 36.42 94.07
C UNK ZA 113 -66.19 37.17 95.39
N UNK ZA 114 -65.22 38.09 95.43
CA UNK ZA 114 -64.90 38.90 96.61
C UNK ZA 114 -66.14 39.29 97.40
N UNK ZA 115 -66.09 39.04 98.70
CA UNK ZA 115 -67.26 39.10 99.56
C UNK ZA 115 -67.16 40.31 100.48
N UNK ZA 116 -68.24 41.07 100.58
CA UNK ZA 116 -68.30 42.23 101.46
C UNK ZA 116 -69.43 42.11 102.48
N UNK ZA 117 -69.88 40.88 102.75
CA UNK ZA 117 -70.99 40.58 103.64
C UNK ZA 117 -72.27 41.31 103.20
N UNK ZA 118 -72.70 40.99 101.98
CA UNK ZA 118 -73.91 41.60 101.43
C UNK ZA 118 -75.15 41.14 102.20
N UNK ZA 119 -75.21 39.86 102.56
CA UNK ZA 119 -76.36 39.33 103.27
C UNK ZA 119 -76.42 39.78 104.73
N UNK ZA 120 -75.35 40.39 105.25
CA UNK ZA 120 -75.35 40.86 106.63
C UNK ZA 120 -76.39 41.94 106.86
N UNK ZA 121 -76.51 42.88 105.93
CA UNK ZA 121 -77.48 43.95 106.05
C UNK ZA 121 -78.89 43.40 105.80
N UNK ZA 122 -79.89 44.20 106.20
CA UNK ZA 122 -81.28 43.82 106.04
C UNK ZA 122 -81.70 43.89 104.58
N UNK ZA 123 -82.97 43.57 104.33
CA UNK ZA 123 -83.49 43.53 102.96
C UNK ZA 123 -84.01 44.89 102.50
N UNK ZA 124 -84.64 45.65 103.40
CA UNK ZA 124 -85.08 47.00 103.04
C UNK ZA 124 -83.89 47.87 102.69
N UNK ZA 125 -82.80 47.73 103.43
CA UNK ZA 125 -81.56 48.39 103.02
C UNK ZA 125 -80.98 47.77 101.75
N UNK ZA 126 -81.20 46.47 101.54
CA UNK ZA 126 -80.75 45.83 100.30
C UNK ZA 126 -81.51 46.35 99.09
N UNK ZA 127 -82.64 47.03 99.31
CA UNK ZA 127 -83.30 47.78 98.25
C UNK ZA 127 -82.94 49.26 98.25
N UNK ZA 128 -82.70 49.83 99.44
CA UNK ZA 128 -82.30 51.24 99.51
C UNK ZA 128 -80.97 51.47 98.82
N UNK ZA 129 -80.07 50.48 98.88
CA UNK ZA 129 -78.80 50.58 98.17
C UNK ZA 129 -79.03 50.66 96.66
N UNK ZA 130 -79.91 49.81 96.14
CA UNK ZA 130 -80.20 49.83 94.71
C UNK ZA 130 -80.85 51.14 94.30
N UNK ZA 131 -81.75 51.66 95.15
CA UNK ZA 131 -82.39 52.93 94.88
C UNK ZA 131 -81.37 54.06 94.81
N UNK ZA 132 -80.46 54.12 95.77
CA UNK ZA 132 -79.44 55.17 95.79
C UNK ZA 132 -78.52 55.06 94.59
N UNK ZA 133 -78.11 53.83 94.26
CA UNK ZA 133 -77.22 53.62 93.12
C UNK ZA 133 -77.89 54.08 91.83
N UNK ZA 134 -79.13 53.66 91.58
CA UNK ZA 134 -79.79 54.01 90.33
C UNK ZA 134 -80.17 55.49 90.27
N UNK ZA 135 -80.43 56.12 91.41
CA UNK ZA 135 -80.73 57.55 91.39
C UNK ZA 135 -79.48 58.38 91.07
N UNK ZA 136 -78.37 58.11 91.79
CA UNK ZA 136 -77.12 58.78 91.48
C UNK ZA 136 -76.66 58.46 90.07
N UNK ZA 137 -77.04 57.28 89.59
CA UNK ZA 137 -76.77 56.85 88.23
C UNK ZA 137 -77.42 57.78 87.22
N UNK ZA 138 -78.75 57.89 87.30
CA UNK ZA 138 -79.49 58.73 86.38
C UNK ZA 138 -79.01 60.17 86.43
N UNK ZA 139 -78.79 60.67 87.65
CA UNK ZA 139 -78.33 62.05 87.82
C UNK ZA 139 -76.96 62.24 87.21
N UNK ZA 140 -76.06 61.27 87.37
CA UNK ZA 140 -74.74 61.37 86.77
C UNK ZA 140 -74.79 61.26 85.25
N UNK ZA 141 -75.77 60.52 84.71
CA UNK ZA 141 -75.91 60.42 83.27
C UNK ZA 141 -76.26 61.78 82.68
N UNK ZA 142 -77.30 62.41 83.21
CA UNK ZA 142 -77.63 63.75 82.77
C UNK ZA 142 -76.52 64.75 83.11
N UNK ZA 143 -75.74 64.45 84.16
CA UNK ZA 143 -74.64 65.31 84.56
C UNK ZA 143 -73.55 65.35 83.51
N UNK ZA 144 -73.06 64.18 83.10
CA UNK ZA 144 -72.05 64.12 82.06
C UNK ZA 144 -72.59 64.66 80.75
N UNK ZA 145 -73.87 64.43 80.49
CA UNK ZA 145 -74.50 64.97 79.29
C UNK ZA 145 -74.41 66.49 79.25
N UNK ZA 146 -75.02 67.16 80.24
CA UNK ZA 146 -74.98 68.61 80.28
C UNK ZA 146 -73.58 69.16 80.51
N UNK ZA 147 -72.68 68.37 81.10
CA UNK ZA 147 -71.31 68.80 81.29
C UNK ZA 147 -70.60 68.93 79.95
N UNK ZA 148 -70.69 67.88 79.11
CA UNK ZA 148 -70.14 67.99 77.77
C UNK ZA 148 -70.91 69.01 76.93
N UNK ZA 149 -72.19 69.23 77.24
CA UNK ZA 149 -72.95 70.27 76.55
C UNK ZA 149 -72.36 71.65 76.83
N UNK ZA 150 -72.14 71.98 78.10
CA UNK ZA 150 -71.49 73.23 78.45
C UNK ZA 150 -70.05 73.28 77.96
N UNK ZA 151 -69.41 72.11 77.84
CA UNK ZA 151 -68.06 72.05 77.29
C UNK ZA 151 -68.05 72.51 75.83
N UNK ZA 152 -68.96 71.96 75.02
CA UNK ZA 152 -69.07 72.41 73.63
C UNK ZA 152 -69.51 73.85 73.54
N UNK ZA 153 -70.33 74.30 74.49
CA UNK ZA 153 -70.80 75.68 74.56
C UNK ZA 153 -69.64 76.65 74.79
N GLU AB 1 -93.15 33.03 69.66
CA GLU AB 1 -93.21 33.76 68.39
C GLU AB 1 -92.15 33.23 67.44
N ASN AB 2 -91.68 32.02 67.70
CA ASN AB 2 -90.63 31.40 66.89
C ASN AB 2 -91.22 30.72 65.66
N GLU AB 3 -91.82 31.55 64.82
CA GLU AB 3 -92.41 31.14 63.55
C GLU AB 3 -91.38 31.34 62.42
N ILE AB 4 -91.87 31.32 61.18
CA ILE AB 4 -91.03 31.62 60.02
C ILE AB 4 -90.45 33.02 60.17
N GLY AB 5 -89.19 33.17 59.79
CA GLY AB 5 -88.47 34.41 59.95
C GLY AB 5 -87.16 34.20 60.67
N ALA AB 6 -86.70 32.95 60.70
CA ALA AB 6 -85.47 32.58 61.39
C ALA AB 6 -84.67 31.63 60.52
N LEU AB 7 -83.36 31.64 60.73
CA LEU AB 7 -82.48 30.84 59.90
C LEU AB 7 -81.16 30.63 60.64
N ALA AB 8 -80.14 30.21 59.90
CA ALA AB 8 -78.84 29.89 60.48
C ALA AB 8 -78.17 31.08 61.14
N PRO AB 9 -78.29 32.30 60.61
CA PRO AB 9 -77.67 33.46 61.29
C PRO AB 9 -78.14 33.66 62.72
N THR AB 10 -79.44 33.50 62.96
CA THR AB 10 -79.99 33.61 64.30
C THR AB 10 -81.31 32.85 64.36
N GLY AB 11 -81.50 32.10 65.44
CA GLY AB 11 -82.72 31.34 65.59
C GLY AB 11 -83.91 32.19 66.00
N PHE AB 12 -83.68 33.31 66.68
CA PHE AB 12 -84.67 34.38 66.77
C PHE AB 12 -83.91 35.66 67.13
N PHE AB 13 -83.60 36.46 66.12
CA PHE AB 13 -82.87 37.70 66.38
C PHE AB 13 -83.85 38.72 66.91
N ASP AB 14 -83.78 38.96 68.22
CA ASP AB 14 -84.48 40.07 68.85
C ASP AB 14 -83.76 40.45 70.13
N PRO AB 15 -82.58 41.09 70.02
CA PRO AB 15 -81.82 41.41 71.24
C PRO AB 15 -82.45 42.49 72.11
N ALA AB 16 -83.72 42.29 72.45
CA ALA AB 16 -84.52 43.20 73.26
C ALA AB 16 -85.81 42.46 73.58
N LYS AB 17 -86.68 43.13 74.33
CA LYS AB 17 -87.99 42.56 74.66
C LYS AB 17 -88.86 42.36 73.44
N LEU AB 18 -88.52 43.05 72.35
CA LEU AB 18 -89.39 43.26 71.18
C LEU AB 18 -90.18 42.02 70.79
N SER AB 19 -89.49 40.89 70.64
CA SER AB 19 -90.14 39.63 70.26
C SER AB 19 -91.17 39.21 71.30
N ASP AB 20 -90.71 38.89 72.51
CA ASP AB 20 -91.58 38.35 73.55
C ASP AB 20 -92.64 39.37 73.93
N GLY AB 21 -93.83 38.88 74.25
CA GLY AB 21 -94.97 39.74 74.41
C GLY AB 21 -95.64 40.04 73.07
N ILE AB 22 -96.91 40.45 73.17
CA ILE AB 22 -97.81 40.64 72.03
C ILE AB 22 -97.78 39.40 71.16
N SER AB 23 -97.78 38.24 71.82
CA SER AB 23 -97.59 36.94 71.19
C SER AB 23 -98.72 36.67 70.21
N GLN AB 24 -98.39 36.69 68.91
CA GLN AB 24 -99.31 36.70 67.77
C GLN AB 24 -100.24 37.92 67.77
N GLU AB 25 -99.97 38.91 68.62
CA GLU AB 25 -100.72 40.16 68.65
C GLU AB 25 -100.00 41.32 67.97
N LYS AB 26 -98.66 41.31 68.00
CA LYS AB 26 -97.89 42.19 67.13
C LYS AB 26 -96.98 41.45 66.18
N PHE AB 27 -96.74 40.14 66.39
CA PHE AB 27 -95.81 39.40 65.54
C PHE AB 27 -96.31 39.36 64.10
N ASP AB 28 -97.61 39.11 63.91
CA ASP AB 28 -98.17 39.09 62.56
C ASP AB 28 -98.12 40.48 61.92
N GLN AB 29 -98.40 41.52 62.72
CA GLN AB 29 -98.34 42.88 62.22
C GLN AB 29 -96.93 43.25 61.80
N TYR AB 30 -95.94 42.84 62.59
CA TYR AB 30 -94.56 43.11 62.25
C TYR AB 30 -94.15 42.32 61.01
N ARG AB 31 -94.70 41.13 60.82
CA ARG AB 31 -94.42 40.38 59.61
C ARG AB 31 -94.97 41.13 58.39
N LEU AB 32 -96.21 41.61 58.48
CA LEU AB 32 -96.78 42.45 57.44
C LEU AB 32 -95.86 43.63 57.14
N ALA AB 33 -95.40 44.29 58.20
CA ALA AB 33 -94.62 45.51 58.05
C ALA AB 33 -93.29 45.23 57.37
N GLU AB 34 -92.49 44.33 57.97
CA GLU AB 34 -91.18 43.97 57.44
C GLU AB 34 -91.29 43.48 56.00
N LEU AB 35 -92.35 42.74 55.70
CA LEU AB 35 -92.59 42.31 54.33
C LEU AB 35 -92.71 43.52 53.41
N LYS AB 36 -93.60 44.44 53.75
CA LYS AB 36 -93.83 45.58 52.86
C LYS AB 36 -92.55 46.38 52.68
N HIS AB 37 -91.82 46.60 53.78
CA HIS AB 37 -90.60 47.40 53.76
C HIS AB 37 -89.55 46.75 52.86
N GLY AB 38 -89.32 45.46 53.05
CA GLY AB 38 -88.29 44.77 52.29
C GLY AB 38 -88.62 44.72 50.80
N ARG AB 39 -89.89 44.48 50.47
CA ARG AB 39 -90.29 44.50 49.08
C ARG AB 39 -90.01 45.85 48.45
N ALA AB 40 -90.48 46.92 49.11
CA ALA AB 40 -90.31 48.26 48.56
C ALA AB 40 -88.82 48.61 48.39
N ALA AB 41 -87.99 48.21 49.34
CA ALA AB 41 -86.56 48.53 49.22
C ALA AB 41 -85.88 47.72 48.13
N MET AB 42 -86.32 46.48 47.90
CA MET AB 42 -85.87 45.73 46.73
C MET AB 42 -86.17 46.50 45.46
N LEU AB 43 -87.41 46.98 45.35
CA LEU AB 43 -87.81 47.80 44.23
C LEU AB 43 -86.94 49.05 44.13
N ALA AB 44 -86.55 49.59 45.28
CA ALA AB 44 -85.68 50.76 45.27
C ALA AB 44 -84.37 50.43 44.56
N VAL AB 45 -83.68 49.38 45.01
CA VAL AB 45 -82.38 49.02 44.43
C VAL AB 45 -82.50 48.83 42.92
N LEU AB 46 -83.52 48.06 42.51
CA LEU AB 46 -83.78 47.88 41.08
C LEU AB 46 -83.99 49.22 40.40
N GLY AB 47 -84.70 50.12 41.07
CA GLY AB 47 -84.84 51.50 40.65
C GLY AB 47 -83.51 52.13 40.37
N TYR AB 48 -82.60 52.16 41.35
CA TYR AB 48 -81.37 52.90 41.18
C TYR AB 48 -80.59 52.40 39.98
N VAL AB 49 -80.46 51.07 39.86
CA VAL AB 49 -79.60 50.56 38.80
C VAL AB 49 -80.21 50.82 37.42
N ALA AB 50 -81.54 50.74 37.29
CA ALA AB 50 -82.13 50.72 35.95
C ALA AB 50 -82.09 52.07 35.24
N PRO AB 51 -82.51 53.22 35.85
CA PRO AB 51 -82.11 54.53 35.30
C PRO AB 51 -80.67 54.76 34.88
N GLU AB 52 -79.70 53.96 35.29
CA GLU AB 52 -78.33 54.27 34.87
C GLU AB 52 -78.04 53.90 33.43
N THR AB 53 -78.66 52.84 32.89
CA THR AB 53 -78.42 52.51 31.49
C THR AB 53 -79.62 52.67 30.59
N TYR AB 54 -80.81 52.52 31.13
CA TYR AB 54 -82.00 52.67 30.32
C TYR AB 54 -82.77 53.88 30.81
N ARG AB 55 -83.66 54.33 29.97
CA ARG AB 55 -84.39 55.56 30.24
C ARG AB 55 -85.63 55.53 29.36
N PHE AB 56 -86.80 55.57 29.97
CA PHE AB 56 -88.04 55.65 29.23
C PHE AB 56 -88.24 57.10 28.78
N GLY AB 57 -88.53 57.29 27.48
CA GLY AB 57 -88.66 58.64 26.98
C GLY AB 57 -90.05 59.21 27.07
N TYR AB 58 -90.52 59.49 28.29
CA TYR AB 58 -91.82 60.12 28.50
C TYR AB 58 -91.62 61.49 29.13
N ASP AB 59 -92.50 62.43 28.78
CA ASP AB 59 -92.34 63.82 29.21
C ASP AB 59 -93.31 64.08 30.35
N LEU AB 60 -92.80 63.93 31.58
CA LEU AB 60 -93.58 63.98 32.81
C LEU AB 60 -94.49 65.20 32.85
N ILE AB 61 -93.94 66.39 32.55
CA ILE AB 61 -94.76 67.57 32.30
C ILE AB 61 -94.72 67.84 30.81
N PRO AB 62 -95.76 67.47 30.05
CA PRO AB 62 -95.71 67.48 28.57
C PRO AB 62 -95.20 68.79 27.99
N GLY AB 63 -94.35 68.68 26.96
CA GLY AB 63 -93.67 69.84 26.41
C GLY AB 63 -92.23 69.96 26.88
N GLU AB 64 -91.99 69.64 28.15
CA GLU AB 64 -90.67 69.70 28.76
C GLU AB 64 -90.59 68.55 29.77
N LEU AB 65 -89.63 68.65 30.71
CA LEU AB 65 -89.50 67.75 31.85
C LEU AB 65 -89.55 66.29 31.40
N SER AB 66 -88.62 65.94 30.53
CA SER AB 66 -88.55 64.61 29.94
C SER AB 66 -87.52 63.79 30.70
N THR AB 67 -87.90 62.57 31.08
CA THR AB 67 -87.16 61.65 31.94
C THR AB 67 -85.67 61.64 31.65
N ARG AB 68 -85.34 61.68 30.35
CA ARG AB 68 -83.99 61.69 29.83
C ARG AB 68 -83.10 62.80 30.39
N ASP AB 69 -83.69 63.78 31.10
CA ASP AB 69 -82.92 64.90 31.64
C ASP AB 69 -82.87 64.95 33.17
N ILE AB 70 -83.80 64.31 33.87
CA ILE AB 70 -83.87 64.41 35.33
C ILE AB 70 -82.73 63.62 35.95
N PRO AB 71 -82.07 64.11 37.00
CA PRO AB 71 -80.99 63.33 37.63
C PRO AB 71 -81.52 62.06 38.26
N ASN AB 72 -80.69 61.02 38.21
CA ASN AB 72 -80.93 59.81 39.00
C ASN AB 72 -80.39 60.00 40.41
N GLY AB 73 -80.89 59.20 41.34
CA GLY AB 73 -80.46 59.32 42.72
C GLY AB 73 -81.35 60.23 43.55
N VAL AB 74 -80.79 60.82 44.61
CA VAL AB 74 -81.58 61.67 45.49
C VAL AB 74 -82.10 62.90 44.77
N ALA AB 75 -81.30 63.48 43.90
CA ALA AB 75 -81.69 64.70 43.22
C ALA AB 75 -83.12 64.60 42.71
N ALA AB 76 -83.48 63.48 42.09
CA ALA AB 76 -84.83 63.40 41.53
C ALA AB 76 -85.87 63.84 42.55
N LEU AB 77 -85.66 63.51 43.84
CA LEU AB 77 -86.63 63.89 44.86
C LEU AB 77 -86.75 65.41 44.95
N ASN AB 78 -85.62 66.12 44.93
CA ASN AB 78 -85.66 67.58 44.88
C ASN AB 78 -86.31 68.05 43.59
N ALA AB 79 -86.04 67.37 42.48
CA ALA AB 79 -86.59 67.77 41.20
C ALA AB 79 -88.09 67.55 41.13
N ILE AB 80 -88.53 66.31 41.38
CA ILE AB 80 -89.92 65.86 41.24
C ILE AB 80 -90.82 66.80 42.02
N PRO AB 81 -91.78 67.45 41.35
CA PRO AB 81 -92.61 68.45 42.03
C PRO AB 81 -93.37 67.79 43.17
N PHE AB 82 -93.59 68.57 44.23
CA PHE AB 82 -94.25 68.06 45.42
C PHE AB 82 -95.57 67.39 45.02
N GLY AB 83 -96.44 68.15 44.37
CA GLY AB 83 -97.71 67.60 43.89
C GLY AB 83 -97.55 66.49 42.86
N GLY AB 84 -96.46 66.50 42.09
CA GLY AB 84 -96.24 65.41 41.15
C GLY AB 84 -96.01 64.08 41.85
N TRP AB 85 -95.12 64.08 42.84
CA TRP AB 85 -94.93 62.90 43.67
C TRP AB 85 -96.19 62.60 44.49
N VAL AB 86 -96.99 63.62 44.81
CA VAL AB 86 -98.25 63.38 45.50
C VAL AB 86 -99.18 62.56 44.63
N GLN AB 87 -99.29 62.92 43.34
CA GLN AB 87 -100.14 62.16 42.42
C GLN AB 87 -99.61 60.75 42.21
N MET AB 88 -98.28 60.61 42.10
CA MET AB 88 -97.67 59.28 41.98
C MET AB 88 -98.02 58.41 43.18
N ILE AB 89 -97.88 58.97 44.38
CA ILE AB 89 -98.21 58.25 45.59
C ILE AB 89 -99.69 57.92 45.63
N ALA AB 90 -100.54 58.86 45.21
CA ALA AB 90 -101.99 58.66 45.21
C ALA AB 90 -102.36 57.46 44.35
N PHE AB 91 -101.68 57.31 43.22
CA PHE AB 91 -101.82 56.09 42.44
C PHE AB 91 -101.38 54.86 43.25
N VAL AB 92 -100.25 54.96 43.95
CA VAL AB 92 -99.75 53.81 44.71
C VAL AB 92 -100.73 53.45 45.84
N GLY AB 93 -101.29 54.46 46.50
CA GLY AB 93 -102.21 54.22 47.60
C GLY AB 93 -103.52 53.63 47.13
N THR AB 94 -104.01 54.10 45.97
CA THR AB 94 -105.15 53.44 45.35
C THR AB 94 -104.82 51.99 45.04
N VAL AB 95 -103.59 51.73 44.55
CA VAL AB 95 -103.18 50.36 44.24
C VAL AB 95 -103.19 49.49 45.49
N GLU AB 96 -102.68 50.02 46.60
CA GLU AB 96 -102.69 49.27 47.86
C GLU AB 96 -104.12 48.98 48.32
N ALA AB 97 -105.04 49.90 48.03
CA ALA AB 97 -106.44 49.74 48.42
C ALA AB 97 -107.34 49.33 47.26
N TYR AB 98 -106.77 48.94 46.12
CA TYR AB 98 -107.60 48.35 45.06
C TYR AB 98 -106.98 47.12 44.42
N GLY AB 99 -105.73 46.77 44.71
CA GLY AB 99 -105.08 45.67 44.05
C GLY AB 99 -104.96 45.83 42.55
N TRP AB 100 -104.98 47.07 42.05
CA TRP AB 100 -105.04 47.33 40.63
C TRP AB 100 -103.78 46.82 39.94
N PHE AB 101 -103.96 45.85 39.04
CA PHE AB 101 -102.89 45.12 38.39
C PHE AB 101 -101.91 44.57 39.42
N THR AB 102 -100.62 44.59 39.08
CA THR AB 102 -99.53 44.14 39.96
C THR AB 102 -99.82 42.75 40.49
N SER AB 103 -100.21 41.86 39.59
CA SER AB 103 -100.77 40.55 39.90
C SER AB 103 -101.94 40.70 40.87
N PRO AB 104 -103.06 41.26 40.41
CA PRO AB 104 -104.23 41.44 41.31
C PRO AB 104 -104.69 40.15 41.94
N THR AB 105 -104.67 39.06 41.17
CA THR AB 105 -104.88 37.72 41.68
C THR AB 105 -103.82 36.80 41.10
N GLY AB 106 -103.82 35.56 41.56
CA GLY AB 106 -102.91 34.56 41.03
C GLY AB 106 -101.64 34.42 41.85
N VAL AB 107 -101.53 33.34 42.62
CA VAL AB 107 -100.31 33.10 43.39
C VAL AB 107 -99.89 31.64 43.30
N LEU AB 108 -100.44 30.92 42.32
CA LEU AB 108 -100.27 29.47 42.15
C LEU AB 108 -100.70 28.70 43.38
N ASP AB 109 -100.27 27.45 43.50
CA ASP AB 109 -100.62 26.63 44.66
C ASP AB 109 -99.51 26.63 45.71
N LEU AB 110 -98.30 26.18 45.32
CA LEU AB 110 -97.13 26.11 46.19
C LEU AB 110 -97.42 25.35 47.48
N PRO AB 111 -97.36 23.99 47.46
CA PRO AB 111 -97.52 23.19 48.69
C PRO AB 111 -96.76 23.74 49.90
N ALA AB 112 -97.24 23.43 51.11
CA ALA AB 112 -96.87 24.20 52.30
C ALA AB 112 -95.36 24.20 52.55
N ASP AB 113 -94.67 23.13 52.15
CA ASP AB 113 -93.21 23.08 52.32
C ASP AB 113 -92.52 24.11 51.42
N ILE AB 114 -92.74 24.01 50.11
CA ILE AB 114 -92.11 24.96 49.19
C ILE AB 114 -92.64 26.37 49.46
N LEU AB 115 -93.92 26.49 49.83
CA LEU AB 115 -94.49 27.81 50.12
C LEU AB 115 -93.78 28.47 51.29
N ALA AB 116 -93.58 27.72 52.37
CA ALA AB 116 -92.90 28.26 53.53
C ALA AB 116 -91.46 28.64 53.17
N LYS AB 117 -90.77 27.78 52.42
CA LYS AB 117 -89.39 28.08 52.05
C LYS AB 117 -89.31 29.36 51.20
N ARG AB 118 -90.23 29.51 50.24
CA ARG AB 118 -90.26 30.72 49.42
C ARG AB 118 -90.51 31.95 50.26
N GLN AB 119 -91.45 31.86 51.21
CA GLN AB 119 -91.73 33.02 52.05
C GLN AB 119 -90.51 33.41 52.88
N THR AB 120 -89.82 32.41 53.44
CA THR AB 120 -88.62 32.69 54.23
C THR AB 120 -87.55 33.37 53.37
N SER AB 121 -87.32 32.83 52.17
CA SER AB 121 -86.35 33.42 51.26
C SER AB 121 -86.71 34.85 50.92
N GLU AB 122 -88.01 35.10 50.72
CA GLU AB 122 -88.51 36.45 50.47
C GLU AB 122 -88.11 37.40 51.59
N LEU AB 123 -88.44 37.00 52.82
CA LEU AB 123 -88.14 37.82 54.00
C LEU AB 123 -86.65 38.16 54.03
N GLN AB 124 -85.81 37.15 53.85
CA GLN AB 124 -84.37 37.36 53.90
C GLN AB 124 -83.91 38.35 52.84
N HIS AB 125 -84.40 38.19 51.61
CA HIS AB 125 -83.98 39.05 50.51
C HIS AB 125 -84.39 40.50 50.75
N GLY AB 126 -85.64 40.70 51.19
CA GLY AB 126 -86.10 42.06 51.43
C GLY AB 126 -85.36 42.72 52.57
N ARG AB 127 -85.04 41.94 53.61
CA ARG AB 127 -84.22 42.45 54.70
C ARG AB 127 -82.89 42.93 54.18
N LEU AB 128 -82.25 42.14 53.31
CA LEU AB 128 -80.98 42.54 52.73
C LEU AB 128 -81.11 43.81 51.91
N ALA AB 129 -82.20 43.91 51.15
CA ALA AB 129 -82.41 45.08 50.30
C ALA AB 129 -82.58 46.34 51.12
N MET AB 130 -83.10 46.23 52.34
CA MET AB 130 -83.15 47.40 53.21
C MET AB 130 -81.76 47.98 53.42
N LEU AB 131 -80.79 47.12 53.73
CA LEU AB 131 -79.42 47.59 53.94
C LEU AB 131 -78.81 48.10 52.65
N ALA AB 132 -79.14 47.46 51.52
CA ALA AB 132 -78.63 47.93 50.25
C ALA AB 132 -79.11 49.36 49.95
N PHE AB 133 -80.41 49.61 50.18
CA PHE AB 133 -80.95 50.95 50.03
C PHE AB 133 -80.24 51.93 50.96
N LEU AB 134 -79.91 51.46 52.14
CA LEU AB 134 -79.20 52.31 53.07
C LEU AB 134 -77.87 52.76 52.50
N GLU AB 135 -77.03 51.82 52.11
CA GLU AB 135 -75.70 52.21 51.64
C GLU AB 135 -75.82 53.13 50.47
N LEU AB 136 -76.74 52.84 49.57
CA LEU AB 136 -76.87 53.65 48.38
C LEU AB 136 -77.18 55.07 48.76
N ILE AB 137 -78.19 55.27 49.58
CA ILE AB 137 -78.58 56.62 49.93
C ILE AB 137 -77.41 57.30 50.60
N ARG AB 138 -76.73 56.58 51.48
CA ARG AB 138 -75.60 57.17 52.17
C ARG AB 138 -74.61 57.72 51.15
N HIS AB 139 -74.13 56.86 50.26
CA HIS AB 139 -73.12 57.32 49.32
C HIS AB 139 -73.62 58.50 48.55
N ASP AB 140 -74.85 58.39 48.06
CA ASP AB 140 -75.38 59.46 47.25
C ASP AB 140 -75.28 60.78 47.99
N SER AB 141 -75.87 60.87 49.17
CA SER AB 141 -75.88 62.13 49.89
C SER AB 141 -74.48 62.62 50.21
N GLN AB 142 -73.61 61.70 50.61
CA GLN AB 142 -72.27 62.10 50.99
C GLN AB 142 -71.53 62.73 49.81
N ASN AB 143 -71.69 62.14 48.63
CA ASN AB 143 -71.04 62.70 47.46
C ASN AB 143 -71.67 64.04 47.13
N LEU AB 144 -72.99 64.10 47.18
CA LEU AB 144 -73.69 65.33 46.92
C LEU AB 144 -73.06 66.42 47.74
N ALA AB 145 -72.68 66.10 48.97
CA ALA AB 145 -71.95 67.10 49.76
C ALA AB 145 -70.61 67.45 49.10
N GLN AB 146 -69.51 66.98 49.68
CA GLN AB 146 -68.23 67.18 49.03
C GLN AB 146 -68.18 66.23 47.86
N PRO AB 147 -67.93 66.73 46.63
CA PRO AB 147 -68.27 65.98 45.40
C PRO AB 147 -67.82 64.54 45.39
N GLY AB 148 -66.60 64.30 45.84
CA GLY AB 148 -66.08 62.97 46.04
C GLY AB 148 -65.58 62.74 47.46
N PHE AB 149 -66.32 63.20 48.48
CA PHE AB 149 -65.94 62.98 49.87
C PHE AB 149 -65.70 61.50 50.14
N ASP AB 150 -66.61 60.66 49.66
CA ASP AB 150 -66.42 59.21 49.75
C ASP AB 150 -65.19 58.76 48.99
N GLY AB 151 -64.78 59.50 47.95
CA GLY AB 151 -63.75 58.97 47.09
C GLY AB 151 -64.32 58.57 45.75
N TYR AB 152 -64.61 57.28 45.59
CA TYR AB 152 -65.19 56.71 44.37
C TYR AB 152 -66.36 57.56 43.91
N ASP AB 153 -66.18 58.19 42.75
CA ASP AB 153 -67.05 59.29 42.35
C ASP AB 153 -68.39 58.77 41.83
N ASN AB 154 -68.32 57.85 40.88
CA ASN AB 154 -69.49 57.30 40.22
C ASN AB 154 -70.46 56.72 41.24
N LEU AB 155 -71.76 56.96 41.00
CA LEU AB 155 -72.79 56.73 42.01
C LEU AB 155 -72.81 55.30 42.50
N ILE AB 156 -72.95 54.35 41.57
CA ILE AB 156 -72.97 52.94 41.93
C ILE AB 156 -71.50 52.56 42.06
N THR AB 157 -71.03 52.40 43.30
CA THR AB 157 -69.61 52.20 43.54
C THR AB 157 -69.17 50.84 43.00
N GLY AB 158 -69.89 49.78 43.35
CA GLY AB 158 -69.76 48.54 42.64
C GLY AB 158 -70.41 48.67 41.27
N LEU AB 159 -70.50 47.53 40.58
CA LEU AB 159 -70.94 47.48 39.19
C LEU AB 159 -70.22 48.54 38.34
N PRO AB 160 -68.88 48.50 38.26
CA PRO AB 160 -68.15 49.62 37.64
C PRO AB 160 -68.42 49.76 36.16
N PHE AB 161 -68.79 48.68 35.48
CA PHE AB 161 -69.01 48.72 34.04
C PHE AB 161 -70.11 49.70 33.67
N LEU AB 162 -71.13 49.81 34.53
CA LEU AB 162 -72.25 50.71 34.31
C LEU AB 162 -71.75 52.14 34.19
N TYR AB 163 -71.14 52.63 35.24
CA TYR AB 163 -70.59 53.96 35.25
C TYR AB 163 -69.19 53.94 34.65
N ALA BB 1 31.35 -33.66 95.43
CA ALA BB 1 30.57 -32.48 95.84
C ALA BB 1 29.43 -32.13 94.86
N PRO BB 2 29.69 -32.03 93.56
CA PRO BB 2 28.64 -31.59 92.63
C PRO BB 2 27.60 -32.68 92.39
N PRO BB 3 26.44 -32.33 91.78
CA PRO BB 3 25.36 -33.31 91.55
C PRO BB 3 25.26 -33.89 90.15
N GLY BB 4 26.27 -33.74 89.30
CA GLY BB 4 26.22 -34.26 87.96
C GLY BB 4 26.21 -33.22 86.87
N LEU BB 5 26.21 -31.93 87.24
CA LEU BB 5 26.35 -30.86 86.27
C LEU BB 5 27.63 -31.07 85.46
N VAL BB 6 27.50 -30.96 84.13
CA VAL BB 6 28.61 -31.29 83.24
C VAL BB 6 29.84 -30.44 83.54
N GLY BB 7 29.67 -29.31 84.20
CA GLY BB 7 30.79 -28.43 84.48
C GLY BB 7 31.80 -29.07 85.40
N ALA BB 8 32.70 -28.22 85.92
CA ALA BB 8 33.83 -28.57 86.77
C ALA BB 8 35.00 -29.13 85.96
N LEU BB 9 36.15 -28.48 86.05
CA LEU BB 9 37.31 -28.75 85.22
C LEU BB 9 38.56 -28.83 86.06
N PRO BB 10 39.67 -29.35 85.50
CA PRO BB 10 40.89 -29.55 86.29
C PRO BB 10 41.46 -28.28 86.91
N PRO BB 11 41.53 -27.12 86.17
CA PRO BB 11 42.21 -25.93 86.73
C PRO BB 11 41.96 -25.74 88.22
N VAL BB 12 40.69 -25.80 88.60
CA VAL BB 12 40.31 -25.71 90.00
C VAL BB 12 39.63 -26.99 90.45
N GLY BB 13 38.44 -27.27 89.91
CA GLY BB 13 37.63 -28.37 90.39
C GLY BB 13 36.15 -28.03 90.46
N PHE BB 14 35.54 -28.21 91.63
CA PHE BB 14 34.15 -27.78 91.86
C PHE BB 14 34.20 -26.45 92.60
N PHE BB 15 34.11 -25.36 91.84
CA PHE BB 15 34.23 -24.02 92.40
C PHE BB 15 32.87 -23.61 92.96
N ASP BB 16 32.74 -23.64 94.29
CA ASP BB 16 31.53 -23.17 94.95
C ASP BB 16 31.85 -22.71 96.37
N PRO BB 17 32.65 -21.65 96.54
CA PRO BB 17 33.00 -21.21 97.90
C PRO BB 17 31.80 -20.77 98.72
N ALA BB 18 30.82 -20.11 98.10
CA ALA BB 18 29.73 -19.50 98.85
C ALA BB 18 28.64 -20.49 99.25
N GLY BB 19 28.68 -21.71 98.73
CA GLY BB 19 27.69 -22.70 99.09
C GLY BB 19 26.31 -22.40 98.53
N PHE BB 20 26.21 -22.27 97.20
CA PHE BB 20 24.92 -22.12 96.55
C PHE BB 20 24.38 -23.43 96.00
N ALA BB 21 25.25 -24.30 95.46
CA ALA BB 21 24.77 -25.61 95.00
C ALA BB 21 24.82 -26.64 96.11
N ALA BB 22 24.35 -26.23 97.29
CA ALA BB 22 23.90 -27.12 98.35
C ALA BB 22 22.64 -26.62 99.03
N LYS BB 23 22.36 -25.32 99.00
CA LYS BB 23 21.19 -24.71 99.61
C LYS BB 23 20.08 -24.47 98.61
N ALA BB 24 20.15 -25.09 97.44
CA ALA BB 24 19.15 -24.93 96.39
C ALA BB 24 18.36 -26.21 96.22
N SER BB 25 17.28 -26.10 95.45
CA SER BB 25 16.40 -27.20 95.13
C SER BB 25 16.79 -27.84 93.80
N PRO BB 26 16.29 -29.05 93.51
CA PRO BB 26 16.61 -29.68 92.22
C PRO BB 26 16.27 -28.81 91.01
N GLU BB 27 15.15 -28.09 91.05
CA GLU BB 27 14.82 -27.19 89.95
C GLU BB 27 15.66 -25.91 89.98
N GLU BB 28 16.02 -25.45 91.17
CA GLU BB 28 16.81 -24.22 91.28
C GLU BB 28 18.18 -24.40 90.63
N LEU BB 29 18.81 -25.56 90.81
CA LEU BB 29 20.11 -25.80 90.20
C LEU BB 29 20.02 -25.81 88.68
N SER BB 30 18.95 -26.42 88.16
CA SER BB 30 18.72 -26.38 86.72
C SER BB 30 18.63 -24.94 86.24
N ARG BB 31 17.85 -24.12 86.94
CA ARG BB 31 17.73 -22.72 86.54
C ARG BB 31 19.07 -22.00 86.60
N TYR BB 32 19.87 -22.29 87.64
CA TYR BB 32 21.20 -21.70 87.74
C TYR BB 32 22.04 -22.02 86.51
N ARG BB 33 22.04 -23.29 86.11
CA ARG BB 33 22.84 -23.68 84.95
C ARG BB 33 22.34 -22.98 83.68
N GLU BB 34 21.02 -22.85 83.53
CA GLU BB 34 20.49 -22.16 82.36
C GLU BB 34 20.93 -20.70 82.34
N VAL BB 35 20.82 -20.05 83.49
CA VAL BB 35 21.26 -18.68 83.69
C VAL BB 35 22.71 -18.55 83.23
N GLU BB 36 23.56 -19.47 83.68
CA GLU BB 36 24.96 -19.48 83.26
C GLU BB 36 25.10 -19.55 81.75
N ILE BB 37 24.49 -20.57 81.14
CA ILE BB 37 24.67 -20.79 79.70
C ILE BB 37 24.26 -19.56 78.91
N MET BB 38 23.10 -18.99 79.26
CA MET BB 38 22.55 -17.87 78.49
C MET BB 38 23.42 -16.63 78.64
N HIS BB 39 23.76 -16.28 79.89
CA HIS BB 39 24.66 -15.15 80.10
C HIS BB 39 25.92 -15.31 79.28
N GLY BB 40 26.49 -16.50 79.27
CA GLY BB 40 27.71 -16.74 78.54
C GLY BB 40 27.54 -16.53 77.05
N ARG BB 41 26.47 -17.08 76.49
CA ARG BB 41 26.23 -16.93 75.05
C ARG BB 41 26.18 -15.47 74.68
N PHE BB 42 25.34 -14.71 75.38
CA PHE BB 42 25.24 -13.28 75.11
C PHE BB 42 26.60 -12.62 75.23
N ALA BB 43 27.28 -12.83 76.36
CA ALA BB 43 28.58 -12.22 76.62
C ALA BB 43 29.52 -12.45 75.45
N GLN BB 44 29.77 -13.72 75.10
CA GLN BB 44 30.66 -14.04 73.98
C GLN BB 44 30.34 -13.18 72.77
N LEU BB 45 29.05 -13.10 72.41
CA LEU BB 45 28.68 -12.25 71.30
C LEU BB 45 29.07 -10.79 71.55
N ALA BB 46 28.87 -10.33 72.79
CA ALA BB 46 29.13 -8.93 73.12
C ALA BB 46 30.63 -8.61 73.08
N VAL BB 47 31.45 -9.56 73.49
CA VAL BB 47 32.90 -9.38 73.44
C VAL BB 47 33.37 -9.24 72.00
N LEU BB 48 32.88 -10.13 71.12
CA LEU BB 48 33.23 -9.99 69.71
C LEU BB 48 32.73 -8.66 69.16
N GLY BB 49 31.53 -8.24 69.58
CA GLY BB 49 30.98 -6.97 69.13
C GLY BB 49 31.78 -5.78 69.59
N PHE BB 50 32.29 -5.83 70.82
CA PHE BB 50 33.16 -4.75 71.28
C PHE BB 50 34.45 -4.71 70.46
N ILE BB 51 35.02 -5.89 70.17
CA ILE BB 51 36.32 -5.93 69.53
C ILE BB 51 36.25 -5.40 68.10
N ILE BB 52 35.26 -5.86 67.33
CA ILE BB 52 35.36 -5.62 65.87
C ILE BB 52 34.99 -4.19 65.48
N PRO BB 53 33.82 -3.64 65.86
CA PRO BB 53 33.58 -2.21 65.60
C PRO BB 53 34.70 -1.29 66.06
N GLU BB 54 35.23 -1.50 67.26
CA GLU BB 54 36.28 -0.62 67.75
C GLU BB 54 37.52 -0.68 66.86
N LYS BB 55 37.91 -1.89 66.47
CA LYS BB 55 39.05 -2.03 65.58
C LYS BB 55 38.80 -1.33 64.25
N CYS BB 56 37.59 -1.49 63.70
CA CYS BB 56 37.25 -0.80 62.46
C CYS BB 56 37.28 0.71 62.63
N ALA BB 57 37.10 1.22 63.84
CA ALA BB 57 37.35 2.64 64.08
C ALA BB 57 38.85 2.94 64.10
N TYR BB 58 39.64 2.05 64.69
CA TYR BB 58 41.09 2.29 64.75
C TYR BB 58 41.74 2.28 63.37
N ASP BB 59 41.18 1.52 62.44
CA ASP BB 59 41.78 1.35 61.12
C ASP BB 59 41.19 2.30 60.08
N GLY BB 60 40.40 3.28 60.50
CA GLY BB 60 39.84 4.24 59.56
C GLY BB 60 39.03 3.59 58.45
N SER BB 61 38.35 2.49 58.76
CA SER BB 61 37.71 1.66 57.75
C SER BB 61 36.22 1.89 57.62
N PHE BB 62 35.62 2.68 58.51
CA PHE BB 62 34.19 2.97 58.46
C PHE BB 62 33.92 4.46 58.31
N GLY BB 63 34.91 5.23 57.86
CA GLY BB 63 34.81 6.67 57.85
C GLY BB 63 35.48 7.27 59.07
N ASP BB 64 35.32 8.59 59.19
CA ASP BB 64 35.92 9.35 60.29
C ASP BB 64 34.88 9.81 61.31
N ASP BB 65 33.69 9.20 61.31
CA ASP BB 65 32.66 9.51 62.28
C ASP BB 65 32.19 8.30 63.07
N PHE BB 66 32.56 7.09 62.65
CA PHE BB 66 32.19 5.87 63.35
C PHE BB 66 32.76 5.88 64.76
N LEU BB 67 31.89 5.99 65.77
CA LEU BB 67 32.28 6.15 67.17
C LEU BB 67 33.15 7.40 67.32
N ALA BB 68 32.49 8.55 67.09
CA ALA BB 68 33.13 9.81 66.73
C ALA BB 68 34.18 10.32 67.74
N PRO BB 69 33.83 10.66 68.99
CA PRO BB 69 34.78 11.41 69.81
C PRO BB 69 36.03 10.63 70.16
N THR BB 70 35.86 9.42 70.67
CA THR BB 70 36.97 8.59 71.11
C THR BB 70 37.14 7.33 70.28
N GLY BB 71 36.08 6.54 70.12
CA GLY BB 71 36.18 5.27 69.44
C GLY BB 71 35.61 4.15 70.28
N ARG BB 72 35.18 4.50 71.49
CA ARG BB 72 34.59 3.52 72.39
C ARG BB 72 33.26 3.04 71.86
N ALA BB 73 33.01 1.73 71.99
CA ALA BB 73 31.70 1.19 71.62
C ALA BB 73 30.61 1.63 72.57
N LEU BB 74 30.96 2.11 73.77
CA LEU BB 74 30.01 2.71 74.68
C LEU BB 74 29.61 4.12 74.26
N GLU BB 75 30.06 4.58 73.09
CA GLU BB 75 29.71 5.88 72.57
C GLU BB 75 28.49 5.86 71.65
N VAL BB 76 27.98 4.67 71.30
CA VAL BB 76 26.75 4.58 70.53
C VAL BB 76 25.60 5.21 71.30
N PHE BB 77 25.70 5.28 72.62
CA PHE BB 77 24.69 5.96 73.42
C PHE BB 77 24.62 7.45 73.10
N ASN BB 78 25.67 8.01 72.49
CA ASN BB 78 25.67 9.41 72.06
C ASN BB 78 25.33 9.55 70.58
N THR BB 79 26.03 8.84 69.71
CA THR BB 79 25.73 8.85 68.28
C THR BB 79 24.87 7.62 67.96
N ASP BB 80 23.71 7.86 67.34
CA ASP BB 80 22.71 6.84 67.04
C ASP BB 80 22.18 6.16 68.31
N PRO BB 81 21.39 6.85 69.13
CA PRO BB 81 20.76 6.18 70.27
C PRO BB 81 19.53 5.37 69.88
N LEU BB 82 18.76 5.89 68.93
CA LEU BB 82 17.54 5.19 68.50
C LEU BB 82 17.87 3.88 67.82
N TRP BB 83 19.00 3.81 67.13
CA TRP BB 83 19.43 2.54 66.54
C TRP BB 83 19.63 1.48 67.63
N LEU BB 84 20.32 1.86 68.70
CA LEU BB 84 20.51 0.95 69.82
C LEU BB 84 19.17 0.55 70.43
N GLY BB 85 18.26 1.51 70.57
CA GLY BB 85 16.94 1.20 71.13
C GLY BB 85 16.19 0.18 70.29
N LEU BB 86 16.15 0.40 68.98
CA LEU BB 86 15.46 -0.54 68.09
C LEU BB 86 16.12 -1.90 68.10
N THR BB 87 17.45 -1.95 68.25
CA THR BB 87 18.13 -3.24 68.30
C THR BB 87 17.78 -4.00 69.57
N LEU BB 88 17.79 -3.31 70.71
CA LEU BB 88 17.33 -3.95 71.94
C LEU BB 88 15.89 -4.42 71.80
N ALA BB 89 15.05 -3.66 71.08
CA ALA BB 89 13.67 -4.05 70.87
C ALA BB 89 13.56 -5.33 70.05
N VAL BB 90 14.34 -5.44 68.97
CA VAL BB 90 14.30 -6.64 68.14
C VAL BB 90 14.77 -7.85 68.95
N ILE BB 91 15.85 -7.67 69.71
CA ILE BB 91 16.32 -8.74 70.58
C ILE BB 91 15.22 -9.16 71.55
N SER BB 92 14.52 -8.17 72.11
CA SER BB 92 13.45 -8.47 73.05
C SER BB 92 12.32 -9.25 72.39
N ALA BB 93 11.99 -8.91 71.15
CA ALA BB 93 10.93 -9.63 70.44
C ALA BB 93 11.30 -11.09 70.20
N LEU BB 94 12.50 -11.33 69.68
CA LEU BB 94 12.92 -12.71 69.45
C LEU BB 94 13.03 -13.48 70.77
N GLU BB 95 13.41 -12.80 71.85
CA GLU BB 95 13.46 -13.49 73.12
C GLU BB 95 12.08 -13.71 73.72
N THR BB 96 11.11 -12.87 73.41
CA THR BB 96 9.73 -13.18 73.78
C THR BB 96 9.27 -14.43 73.05
N VAL BB 97 9.67 -14.57 71.79
CA VAL BB 97 9.43 -15.83 71.09
C VAL BB 97 10.03 -16.99 71.87
N ARG BB 98 11.26 -16.82 72.35
CA ARG BB 98 11.86 -17.84 73.21
C ARG BB 98 10.98 -18.14 74.41
N LEU BB 99 10.68 -17.12 75.22
CA LEU BB 99 9.89 -17.31 76.44
C LEU BB 99 8.57 -18.01 76.15
N ILE BB 100 7.96 -17.73 75.00
CA ILE BB 100 6.70 -18.37 74.67
C ILE BB 100 6.93 -19.85 74.34
N GLU BB 101 7.86 -20.15 73.43
CA GLU BB 101 7.99 -21.54 72.99
C GLU BB 101 8.64 -22.43 74.03
N THR BB 102 9.95 -22.24 74.28
CA THR BB 102 10.71 -23.05 75.24
C THR BB 102 9.92 -23.19 76.54
N GLU BB 103 10.00 -24.31 77.24
CA GLU BB 103 9.28 -24.52 78.50
C GLU BB 103 10.24 -24.58 79.68
N PRO BB 104 9.76 -24.32 80.92
CA PRO BB 104 10.69 -24.25 82.06
C PRO BB 104 11.53 -25.50 82.13
N GLY BB 105 12.83 -25.32 82.33
CA GLY BB 105 13.73 -26.45 82.25
C GLY BB 105 14.51 -26.47 80.95
N THR BB 106 13.89 -26.12 79.82
CA THR BB 106 14.70 -26.04 78.61
C THR BB 106 15.37 -24.69 78.44
N ARG BB 107 14.74 -23.77 77.73
CA ARG BB 107 15.25 -22.41 77.62
C ARG BB 107 16.67 -22.35 77.15
N THR BB 108 17.12 -23.39 76.49
CA THR BB 108 18.47 -23.33 75.90
C THR BB 108 18.56 -24.12 74.60
N ASP BB 109 17.68 -25.10 74.43
CA ASP BB 109 17.64 -25.93 73.25
C ASP BB 109 16.79 -25.22 72.21
N ALA BB 110 17.44 -24.62 71.23
CA ALA BB 110 16.73 -23.95 70.14
C ALA BB 110 16.25 -24.92 69.08
N LYS BB 111 16.32 -26.23 69.35
CA LYS BB 111 15.92 -27.25 68.38
C LYS BB 111 16.64 -27.05 67.05
N ILE BB 112 17.84 -26.48 67.11
CA ILE BB 112 18.65 -26.31 65.91
C ILE BB 112 19.52 -27.55 65.73
N GLU BB 113 18.90 -28.64 65.30
CA GLU BB 113 19.62 -29.90 65.21
C GLU BB 113 20.12 -30.14 63.79
N SER BB 114 19.22 -30.09 62.80
CA SER BB 114 19.62 -30.25 61.41
C SER BB 114 20.25 -28.99 60.85
N LEU BB 115 19.83 -27.82 61.32
CA LEU BB 115 20.35 -26.56 60.81
C LEU BB 115 21.82 -26.37 61.14
N GLY BB 116 22.40 -27.21 61.98
CA GLY BB 116 23.81 -27.08 62.29
C GLY BB 116 24.49 -28.41 62.48
N TRP BB 117 25.75 -28.37 62.89
CA TRP BB 117 26.55 -29.56 63.14
C TRP BB 117 26.56 -29.89 64.63
N ARG BB 118 26.91 -31.12 64.96
CA ARG BB 118 27.02 -31.54 66.35
C ARG BB 118 27.96 -32.74 66.44
N PRO BB 119 28.67 -32.90 67.56
CA PRO BB 119 29.49 -34.11 67.73
C PRO BB 119 28.64 -35.36 67.69
N LYS BB 120 29.19 -36.42 67.09
CA LYS BB 120 28.43 -37.64 66.84
C LYS BB 120 28.44 -38.60 68.03
N THR BB 121 29.55 -38.71 68.76
CA THR BB 121 29.61 -39.59 69.91
C THR BB 121 28.89 -38.92 71.08
N GLU BB 122 29.06 -39.48 72.28
CA GLU BB 122 28.48 -38.89 73.47
C GLU BB 122 29.51 -38.22 74.37
N SER BB 123 30.69 -38.82 74.54
CA SER BB 123 31.73 -38.20 75.35
C SER BB 123 32.11 -36.83 74.80
N GLU BB 124 32.31 -36.74 73.48
CA GLU BB 124 32.65 -35.47 72.87
C GLU BB 124 31.60 -34.41 73.18
N TYR BB 125 30.33 -34.80 73.21
CA TYR BB 125 29.27 -33.85 73.54
C TYR BB 125 29.50 -33.24 74.92
N ILE BB 126 29.66 -34.11 75.94
CA ILE BB 126 30.00 -33.65 77.28
C ILE BB 126 31.14 -32.65 77.23
N ASN BB 127 32.15 -32.93 76.42
CA ASN BB 127 33.26 -31.98 76.26
C ASN BB 127 32.78 -30.66 75.67
N TYR BB 128 31.92 -30.70 74.66
CA TYR BB 128 31.48 -29.48 73.98
C TYR BB 128 30.61 -28.62 74.90
N GLN BB 129 29.77 -29.25 75.71
CA GLN BB 129 29.02 -28.53 76.73
C GLN BB 129 29.96 -27.82 77.69
N VAL BB 130 30.98 -28.55 78.19
CA VAL BB 130 31.94 -27.95 79.10
C VAL BB 130 32.62 -26.76 78.43
N ARG BB 131 32.96 -26.90 77.16
CA ARG BB 131 33.59 -25.81 76.43
C ARG BB 131 32.69 -24.58 76.39
N GLU BB 132 31.49 -24.74 75.81
CA GLU BB 132 30.52 -23.65 75.79
C GLU BB 132 30.46 -22.92 77.12
N LEU BB 133 30.37 -23.67 78.21
CA LEU BB 133 30.32 -23.06 79.53
C LEU BB 133 31.59 -22.26 79.84
N GLN BB 134 32.76 -22.81 79.52
CA GLN BB 134 34.01 -22.15 79.88
C GLN BB 134 34.22 -20.87 79.07
N GLN BB 135 34.01 -20.96 77.76
CA GLN BB 135 34.07 -19.76 76.92
C GLN BB 135 33.09 -18.71 77.41
N GLY BB 136 31.89 -19.14 77.84
CA GLY BB 136 30.94 -18.17 78.38
C GLY BB 136 31.43 -17.49 79.64
N ARG BB 137 32.03 -18.26 80.56
CA ARG BB 137 32.55 -17.67 81.79
C ARG BB 137 33.62 -16.63 81.48
N LEU BB 138 34.58 -17.00 80.64
CA LEU BB 138 35.65 -16.08 80.28
C LEU BB 138 35.08 -14.84 79.61
N ALA BB 139 34.06 -15.01 78.76
CA ALA BB 139 33.46 -13.88 78.08
C ALA BB 139 32.74 -12.95 79.04
N MET BB 140 32.07 -13.52 80.05
CA MET BB 140 31.45 -12.67 81.07
C MET BB 140 32.49 -11.79 81.73
N LEU BB 141 33.60 -12.40 82.18
CA LEU BB 141 34.65 -11.61 82.82
C LEU BB 141 35.17 -10.54 81.87
N ALA BB 142 35.40 -10.91 80.61
CA ALA BB 142 35.97 -9.97 79.64
C ALA BB 142 35.03 -8.80 79.40
N PHE BB 143 33.72 -9.06 79.27
CA PHE BB 143 32.78 -7.97 79.03
C PHE BB 143 32.72 -7.02 80.21
N ALA BB 144 32.67 -7.57 81.44
CA ALA BB 144 32.66 -6.69 82.60
C ALA BB 144 33.92 -5.82 82.64
N GLY BB 145 35.07 -6.43 82.35
CA GLY BB 145 36.31 -5.66 82.36
C GLY BB 145 36.35 -4.58 81.30
N GLU BB 146 35.92 -4.90 80.09
CA GLU BB 146 35.92 -3.92 79.01
C GLU BB 146 35.05 -2.73 79.39
N VAL BB 147 33.83 -3.00 79.86
CA VAL BB 147 32.91 -1.91 80.20
C VAL BB 147 33.51 -1.03 81.30
N ALA BB 148 34.04 -1.65 82.35
CA ALA BB 148 34.59 -0.88 83.46
C ALA BB 148 35.77 -0.04 83.01
N GLN BB 149 36.71 -0.63 82.27
CA GLN BB 149 37.90 0.08 81.84
C GLN BB 149 37.55 1.28 80.97
N GLU BB 150 36.65 1.07 79.99
CA GLU BB 150 36.27 2.15 79.10
C GLU BB 150 35.55 3.26 79.85
N LEU BB 151 34.67 2.89 80.80
CA LEU BB 151 34.03 3.92 81.60
C LEU BB 151 35.02 4.62 82.51
N VAL BB 152 36.18 4.01 82.78
CA VAL BB 152 37.19 4.67 83.60
C VAL BB 152 37.93 5.74 82.81
N ASN BB 153 38.66 5.35 81.76
CA ASN BB 153 39.43 6.32 80.99
C ASN BB 153 39.00 6.29 79.52
N ASP BB 154 38.20 7.28 79.12
CA ASP BB 154 37.56 7.14 77.82
C ASP BB 154 38.63 6.98 76.75
N LYS BB 155 38.79 5.75 76.27
CA LYS BB 155 39.87 5.32 75.39
C LYS BB 155 39.57 3.90 74.93
N PRO BB 156 39.72 3.59 73.65
CA PRO BB 156 39.39 2.24 73.17
C PRO BB 156 40.33 1.20 73.74
N LEU BB 157 39.93 -0.07 73.56
CA LEU BB 157 40.71 -1.18 74.10
C LEU BB 157 42.09 -1.24 73.47
N LEU BB 158 42.15 -1.25 72.14
CA LEU BB 158 43.44 -1.36 71.47
C LEU BB 158 44.32 -0.16 71.74
N VAL BB 159 43.73 1.03 71.88
CA VAL BB 159 44.52 2.22 72.18
C VAL BB 159 45.01 2.19 73.63
N ASN BB 160 44.16 1.75 74.55
CA ASN BB 160 44.61 1.57 75.93
C ASN BB 160 45.76 0.58 75.99
N LEU BB 161 45.78 -0.41 75.10
CA LEU BB 161 46.90 -1.33 75.04
C LEU BB 161 48.14 -0.65 74.44
N GLN BB 162 47.95 0.12 73.37
CA GLN BB 162 49.08 0.75 72.69
C GLN BB 162 49.78 1.76 73.60
N ASP BB 163 49.04 2.77 74.04
CA ASP BB 163 49.53 3.57 75.14
C ASP BB 163 49.63 2.69 76.39
N SER BB 164 50.29 3.21 77.41
CA SER BB 164 50.65 2.48 78.63
C SER BB 164 51.63 1.34 78.33
N GLY BB 165 52.10 1.20 77.09
CA GLY BB 165 53.18 0.30 76.75
C GLY BB 165 52.93 -1.17 77.03
N PHE BB 166 51.76 -1.67 76.65
CA PHE BB 166 51.43 -3.08 76.85
C PHE BB 166 51.49 -3.89 75.57
N VAL BB 167 51.59 -3.25 74.41
CA VAL BB 167 51.76 -3.96 73.14
C VAL BB 167 52.95 -3.35 72.43
N SER BB 168 53.18 -3.76 71.18
CA SER BB 168 54.36 -3.34 70.44
C SER BB 168 54.00 -2.93 69.01
N TRP BB 169 52.87 -2.23 68.84
CA TRP BB 169 52.48 -1.82 67.49
C TRP BB 169 52.51 -0.30 67.34
N PHE CB 1 59.23 -62.59 30.35
CA PHE CB 1 58.66 -61.28 30.07
C PHE CB 1 58.62 -61.01 28.58
N GLU CB 2 58.96 -62.02 27.79
CA GLU CB 2 59.03 -61.89 26.34
C GLU CB 2 57.65 -61.96 25.69
N ASN CB 3 56.58 -61.83 26.46
CA ASN CB 3 55.23 -61.78 25.91
C ASN CB 3 54.41 -60.63 26.45
N GLU CB 4 54.91 -59.86 27.40
CA GLU CB 4 54.19 -58.70 27.88
C GLU CB 4 54.14 -57.62 26.80
N LEU CB 5 53.21 -56.68 26.98
CA LEU CB 5 52.99 -55.62 26.00
C LEU CB 5 54.27 -54.83 25.79
N GLY CB 6 54.52 -54.44 24.54
CA GLY CB 6 55.75 -53.75 24.21
C GLY CB 6 56.73 -54.52 23.34
N VAL CB 7 56.23 -55.22 22.33
CA VAL CB 7 57.08 -55.90 21.36
C VAL CB 7 56.53 -55.65 19.94
N ILE CB 8 57.26 -54.88 19.15
CA ILE CB 8 56.88 -54.57 17.77
C ILE CB 8 57.94 -55.16 16.86
N ALA CB 9 57.76 -55.04 15.53
CA ALA CB 9 58.65 -55.73 14.59
C ALA CB 9 60.08 -55.22 14.62
N PRO CB 10 60.37 -53.92 14.45
CA PRO CB 10 61.78 -53.51 14.50
C PRO CB 10 62.29 -53.74 15.91
N THR CB 11 63.24 -54.68 16.10
CA THR CB 11 63.67 -55.00 17.46
C THR CB 11 62.51 -55.56 18.29
N GLY CB 12 62.19 -56.84 18.12
CA GLY CB 12 61.10 -57.44 18.87
C GLY CB 12 61.15 -57.28 20.39
N PHE CB 13 62.06 -57.98 21.08
CA PHE CB 13 62.23 -57.82 22.52
C PHE CB 13 63.52 -57.04 22.74
N PHE CB 14 63.38 -55.79 23.16
CA PHE CB 14 64.53 -54.90 23.36
C PHE CB 14 64.99 -55.04 24.80
N ASP CB 15 66.08 -55.76 25.01
CA ASP CB 15 66.70 -55.86 26.31
C ASP CB 15 68.16 -56.26 26.16
N PRO CB 16 68.99 -55.44 25.52
CA PRO CB 16 70.38 -55.87 25.26
C PRO CB 16 71.17 -56.10 26.52
N LEU CB 17 71.12 -55.16 27.47
CA LEU CB 17 71.94 -55.23 28.67
C LEU CB 17 71.40 -56.21 29.71
N GLY CB 18 70.30 -56.90 29.42
CA GLY CB 18 69.75 -57.85 30.37
C GLY CB 18 69.22 -57.21 31.64
N LEU CB 19 68.57 -56.05 31.52
CA LEU CB 19 68.06 -55.34 32.68
C LEU CB 19 66.73 -55.90 33.19
N SER CB 20 66.14 -56.87 32.49
CA SER CB 20 64.85 -57.42 32.90
C SER CB 20 64.89 -58.94 33.03
N LYS CB 21 66.06 -59.49 33.31
CA LYS CB 21 66.20 -60.91 33.59
C LYS CB 21 66.21 -61.13 35.10
N ASN CB 22 65.51 -62.19 35.54
CA ASN CB 22 65.37 -62.61 36.93
C ASN CB 22 64.46 -61.70 37.74
N ILE CB 23 63.93 -60.63 37.14
CA ILE CB 23 63.11 -59.72 37.92
C ILE CB 23 61.73 -60.35 38.18
N SER CB 24 61.10 -59.90 39.25
CA SER CB 24 59.74 -60.32 39.58
C SER CB 24 58.72 -59.41 38.91
N LYS CB 25 57.53 -59.94 38.69
CA LYS CB 25 56.50 -59.21 37.94
C LYS CB 25 56.15 -57.89 38.61
N GLU CB 26 56.30 -57.80 39.93
CA GLU CB 26 56.04 -56.54 40.62
C GLU CB 26 56.96 -55.45 40.11
N LYS CB 27 58.26 -55.75 40.03
CA LYS CB 27 59.19 -54.77 39.48
C LYS CB 27 58.85 -54.45 38.03
N PHE CB 28 58.71 -55.46 37.18
CA PHE CB 28 58.41 -55.19 35.77
C PHE CB 28 57.16 -54.32 35.65
N ASP CB 29 56.23 -54.45 36.58
CA ASP CB 29 55.13 -53.49 36.67
C ASP CB 29 55.64 -52.09 36.97
N GLU CB 30 56.54 -51.95 37.95
CA GLU CB 30 57.07 -50.63 38.27
C GLU CB 30 57.85 -50.03 37.10
N TYR CB 31 58.64 -50.86 36.43
CA TYR CB 31 59.40 -50.43 35.27
C TYR CB 31 58.48 -49.95 34.15
N ARG CB 32 57.41 -50.68 33.88
CA ARG CB 32 56.46 -50.25 32.86
C ARG CB 32 55.76 -48.96 33.26
N THR CB 33 55.43 -48.81 34.55
CA THR CB 33 54.84 -47.57 35.01
C THR CB 33 55.78 -46.39 34.78
N ALA CB 34 57.06 -46.57 35.11
CA ALA CB 34 58.05 -45.52 34.87
C ALA CB 34 58.16 -45.21 33.39
N GLU CB 35 58.18 -46.24 32.55
CA GLU CB 35 58.29 -46.03 31.11
C GLU CB 35 57.12 -45.22 30.59
N LEU CB 36 55.89 -45.58 30.98
CA LEU CB 36 54.72 -44.86 30.50
C LEU CB 36 54.73 -43.42 30.99
N LYS CB 37 55.04 -43.19 32.27
CA LYS CB 37 55.04 -41.83 32.79
C LYS CB 37 56.09 -40.97 32.11
N HIS CB 38 57.30 -41.51 31.93
CA HIS CB 38 58.34 -40.78 31.24
C HIS CB 38 57.92 -40.47 29.81
N GLY CB 39 57.28 -41.42 29.13
CA GLY CB 39 56.87 -41.19 27.76
C GLY CB 39 55.84 -40.09 27.63
N ARG CB 40 54.84 -40.09 28.52
CA ARG CB 40 53.84 -39.03 28.50
C ARG CB 40 54.47 -37.67 28.78
N ALA CB 41 55.35 -37.61 29.79
CA ALA CB 41 56.02 -36.36 30.10
C ALA CB 41 56.90 -35.89 28.95
N ALA CB 42 57.55 -36.82 28.26
CA ALA CB 42 58.42 -36.45 27.15
C ALA CB 42 57.62 -35.96 25.95
N MET CB 43 56.46 -36.56 25.70
CA MET CB 43 55.58 -36.01 24.68
C MET CB 43 55.21 -34.59 25.01
N LEU CB 44 54.75 -34.35 26.24
CA LEU CB 44 54.37 -33.01 26.63
C LEU CB 44 55.54 -32.04 26.55
N ALA CB 45 56.76 -32.53 26.79
CA ALA CB 45 57.94 -31.68 26.61
C ALA CB 45 58.13 -31.32 25.14
N VAL CB 46 58.30 -32.32 24.28
CA VAL CB 46 58.53 -32.10 22.85
C VAL CB 46 57.40 -31.27 22.25
N LEU CB 47 56.28 -31.14 22.96
CA LEU CB 47 55.26 -30.19 22.54
C LEU CB 47 55.34 -28.84 23.24
N GLY CB 48 55.99 -28.75 24.40
CA GLY CB 48 56.16 -27.47 25.08
C GLY CB 48 57.42 -26.72 24.73
N TYR CB 49 58.34 -27.39 24.06
CA TYR CB 49 59.53 -26.76 23.51
C TYR CB 49 59.26 -26.07 22.18
N ILE CB 50 58.11 -26.34 21.57
CA ILE CB 50 57.79 -25.82 20.25
C ILE CB 50 56.78 -24.67 20.33
N ALA CB 51 55.72 -24.85 21.10
CA ALA CB 51 54.63 -23.87 21.12
C ALA CB 51 55.08 -22.46 21.48
N PRO CB 52 55.90 -22.23 22.52
CA PRO CB 52 56.23 -20.84 22.85
C PRO CB 52 57.00 -20.11 21.77
N GLU CB 53 57.64 -20.82 20.85
CA GLU CB 53 58.44 -20.16 19.81
C GLU CB 53 57.59 -19.27 18.91
N THR CB 54 56.27 -19.44 18.92
CA THR CB 54 55.40 -18.57 18.15
C THR CB 54 54.16 -18.10 18.91
N TYR CB 55 53.98 -18.51 20.16
CA TYR CB 55 52.79 -18.11 20.90
C TYR CB 55 53.11 -18.12 22.39
N ARG CB 56 53.14 -16.93 23.00
CA ARG CB 56 53.27 -16.78 24.43
C ARG CB 56 51.89 -16.47 25.01
N PHE CB 57 51.56 -17.11 26.14
CA PHE CB 57 50.21 -17.04 26.68
C PHE CB 57 49.78 -15.61 26.95
N GLY CB 58 50.45 -14.93 27.89
CA GLY CB 58 50.14 -13.54 28.15
C GLY CB 58 50.14 -13.12 29.60
N PHE CB 59 49.92 -14.05 30.53
CA PHE CB 59 49.74 -13.69 31.92
C PHE CB 59 51.09 -13.31 32.55
N ASP CB 60 51.06 -13.05 33.85
CA ASP CB 60 52.24 -12.71 34.64
C ASP CB 60 52.50 -13.85 35.60
N ILE CB 61 53.55 -14.62 35.36
CA ILE CB 61 53.83 -15.79 36.17
C ILE CB 61 54.11 -15.39 37.62
N ALA CB 62 54.87 -14.32 37.80
CA ALA CB 62 55.28 -13.85 39.12
C ALA CB 62 55.04 -12.34 39.16
N PRO CB 63 55.26 -11.64 40.28
CA PRO CB 63 54.71 -10.27 40.39
C PRO CB 63 55.20 -9.32 39.32
N GLY CB 64 56.41 -9.51 38.80
CA GLY CB 64 56.93 -8.60 37.80
C GLY CB 64 57.16 -9.24 36.46
N VAL CB 65 57.40 -10.55 36.44
CA VAL CB 65 57.80 -11.23 35.22
C VAL CB 65 56.56 -11.52 34.37
N SER CB 66 56.73 -11.46 33.05
CA SER CB 66 55.64 -11.67 32.10
C SER CB 66 56.00 -12.82 31.18
N THR CB 67 55.02 -13.67 30.88
CA THR CB 67 55.28 -14.73 29.91
C THR CB 67 55.16 -14.16 28.51
N TYR CB 68 55.86 -13.04 28.28
CA TYR CB 68 56.12 -12.49 26.97
C TYR CB 68 57.59 -12.27 26.72
N ASP CB 69 58.43 -12.38 27.76
CA ASP CB 69 59.85 -12.09 27.67
C ASP CB 69 60.74 -13.25 28.08
N ILE CB 70 60.28 -14.11 28.99
CA ILE CB 70 61.13 -15.19 29.48
C ILE CB 70 61.51 -16.09 28.30
N PRO CB 71 62.80 -16.30 28.08
CA PRO CB 71 63.21 -17.14 26.95
C PRO CB 71 62.75 -18.58 27.14
N ASN CB 72 62.53 -19.26 26.01
CA ASN CB 72 62.06 -20.63 26.03
C ASN CB 72 63.22 -21.61 26.20
N GLY CB 73 62.93 -22.74 26.83
CA GLY CB 73 63.90 -23.80 27.02
C GLY CB 73 64.61 -23.74 28.35
N VAL CB 74 65.82 -24.29 28.40
CA VAL CB 74 66.54 -24.33 29.66
C VAL CB 74 67.09 -22.94 29.82
N ALA CB 75 66.18 -21.98 30.01
CA ALA CB 75 66.54 -20.63 30.40
C ALA CB 75 65.39 -20.00 31.16
N ALA CB 76 64.16 -20.45 30.85
CA ALA CB 76 62.98 -19.96 31.54
C ALA CB 76 63.03 -20.33 33.02
N ILE CB 77 63.71 -21.44 33.32
CA ILE CB 77 63.82 -21.91 34.71
C ILE CB 77 64.32 -20.80 35.61
N ASP CB 78 65.54 -20.30 35.34
CA ASP CB 78 66.12 -19.29 36.21
C ASP CB 78 65.39 -17.94 36.13
N TYR CB 79 64.29 -17.85 35.40
CA TYR CB 79 63.48 -16.63 35.35
C TYR CB 79 62.30 -16.69 36.31
N ILE CB 80 61.48 -17.74 36.20
CA ILE CB 80 60.37 -17.91 37.15
C ILE CB 80 60.95 -18.10 38.54
N PRO CB 81 60.50 -17.33 39.54
CA PRO CB 81 61.08 -17.44 40.88
C PRO CB 81 60.88 -18.84 41.47
N ALA CB 82 61.79 -19.22 42.36
CA ALA CB 82 61.82 -20.59 42.86
C ALA CB 82 60.55 -20.96 43.60
N LEU CB 83 59.93 -19.99 44.29
CA LEU CB 83 58.68 -20.29 45.01
C LEU CB 83 57.58 -20.68 44.03
N GLY CB 84 57.50 -20.00 42.88
CA GLY CB 84 56.50 -20.37 41.89
C GLY CB 84 56.75 -21.76 41.32
N TRP CB 85 58.00 -22.05 40.98
CA TRP CB 85 58.34 -23.39 40.52
C TRP CB 85 57.91 -24.43 41.54
N ALA CB 86 58.23 -24.20 42.81
CA ALA CB 86 57.87 -25.14 43.87
C ALA CB 86 56.36 -25.30 43.96
N GLN CB 87 55.62 -24.19 43.90
CA GLN CB 87 54.17 -24.24 44.00
C GLN CB 87 53.59 -25.07 42.87
N ILE CB 88 54.29 -25.11 41.73
CA ILE CB 88 53.88 -25.99 40.64
C ILE CB 88 54.21 -27.44 40.96
N ILE CB 89 55.50 -27.74 41.19
CA ILE CB 89 55.99 -29.09 41.44
C ILE CB 89 55.06 -29.82 42.39
N PHE CB 90 54.67 -29.14 43.48
CA PHE CB 90 53.83 -29.81 44.46
C PHE CB 90 52.43 -30.10 43.93
N LEU CB 91 51.89 -29.23 43.06
CA LEU CB 91 50.58 -29.50 42.48
C LEU CB 91 50.64 -30.67 41.49
N ILE CB 92 51.68 -30.71 40.67
CA ILE CB 92 51.86 -31.85 39.78
C ILE CB 92 51.96 -33.13 40.59
N GLY CB 93 52.63 -33.06 41.74
CA GLY CB 93 52.66 -34.21 42.63
C GLY CB 93 51.29 -34.58 43.17
N ALA CB 94 50.50 -33.57 43.53
CA ALA CB 94 49.14 -33.85 43.97
C ALA CB 94 48.37 -34.62 42.90
N VAL CB 95 48.57 -34.24 41.64
CA VAL CB 95 47.97 -34.99 40.54
C VAL CB 95 48.60 -36.37 40.37
N ASP CB 96 49.84 -36.56 40.81
CA ASP CB 96 50.55 -37.81 40.53
C ASP CB 96 50.41 -38.88 41.61
N TYR CB 97 50.38 -38.49 42.89
CA TYR CB 97 50.34 -39.45 44.00
C TYR CB 97 48.94 -39.65 44.54
N TRP CB 98 48.26 -38.58 44.94
CA TRP CB 98 46.90 -38.69 45.44
C TRP CB 98 45.87 -38.79 44.32
N GLY CB 99 46.28 -38.64 43.07
CA GLY CB 99 45.38 -38.81 41.94
C GLY CB 99 44.20 -37.88 41.97
N VAL CB 100 44.45 -36.58 42.03
CA VAL CB 100 43.40 -35.57 42.05
C VAL CB 100 43.47 -34.77 40.76
N LEU CB 101 42.31 -34.29 40.30
CA LEU CB 101 42.17 -33.51 39.08
C LEU CB 101 42.59 -34.28 37.84
N GLY CB 102 42.86 -35.58 37.97
CA GLY CB 102 43.34 -36.37 36.85
C GLY CB 102 42.78 -37.78 36.82
N ASP CB 103 41.65 -37.99 37.48
CA ASP CB 103 41.00 -39.31 37.51
C ASP CB 103 39.56 -39.25 37.03
N PHE CB 104 39.16 -38.18 36.35
CA PHE CB 104 37.79 -38.06 35.89
C PHE CB 104 37.42 -39.24 35.00
N SER CB 105 36.43 -40.03 35.45
CA SER CB 105 36.13 -41.30 34.80
C SER CB 105 35.73 -41.12 33.34
N PHE CB 106 35.12 -39.98 33.00
CA PHE CB 106 34.73 -39.73 31.62
C PHE CB 106 35.91 -39.34 30.74
N GLY CB 107 37.14 -39.52 31.22
CA GLY CB 107 38.32 -39.38 30.41
C GLY CB 107 38.89 -40.74 30.06
N LYS CB 108 38.53 -41.76 30.84
CA LYS CB 108 38.95 -43.13 30.58
C LYS CB 108 37.89 -43.82 29.74
N PRO CB 109 38.13 -43.98 28.44
CA PRO CB 109 37.12 -44.58 27.56
C PRO CB 109 37.21 -46.11 27.59
N ASP CB 110 36.39 -46.74 26.76
CA ASP CB 110 36.37 -48.19 26.61
C ASP CB 110 36.89 -48.51 25.22
N LEU CB 111 38.18 -48.81 25.13
CA LEU CB 111 38.78 -49.09 23.83
C LEU CB 111 38.32 -50.42 23.25
N GLY CB 112 37.63 -51.25 24.05
CA GLY CB 112 37.05 -52.47 23.52
C GLY CB 112 38.10 -53.38 22.94
N ASP CB 113 37.87 -53.83 21.71
CA ASP CB 113 38.84 -54.66 21.03
C ASP CB 113 39.90 -53.78 20.36
N LYS CB 114 40.42 -52.80 21.11
CA LYS CB 114 41.59 -52.05 20.72
C LYS CB 114 42.48 -51.71 21.90
N GLU CB 115 42.09 -52.10 23.11
CA GLU CB 115 42.85 -51.72 24.29
C GLU CB 115 44.21 -52.37 24.34
N GLU CB 116 44.51 -53.22 23.38
CA GLU CB 116 45.81 -53.84 23.35
C GLU CB 116 46.58 -53.31 22.17
N GLU CB 117 46.01 -52.33 21.49
CA GLU CB 117 46.65 -51.79 20.32
C GLU CB 117 46.88 -50.32 20.53
N ARG CB 118 45.97 -49.68 21.22
CA ARG CB 118 46.19 -48.27 21.52
C ARG CB 118 47.22 -48.08 22.62
N LYS CB 119 47.26 -48.99 23.60
CA LYS CB 119 48.30 -48.92 24.64
C LYS CB 119 49.69 -49.04 24.02
N LEU CB 120 49.84 -49.95 23.06
CA LEU CB 120 51.12 -50.12 22.38
C LEU CB 120 51.50 -48.87 21.59
N GLN CB 121 50.52 -48.25 20.93
CA GLN CB 121 50.79 -47.00 20.23
C GLN CB 121 51.26 -45.92 21.20
N GLU CB 122 50.61 -45.83 22.36
CA GLU CB 122 51.01 -44.87 23.37
C GLU CB 122 52.45 -45.12 23.81
N LEU CB 123 52.79 -46.37 24.09
CA LEU CB 123 54.15 -46.69 24.55
C LEU CB 123 55.18 -46.35 23.48
N GLN CB 124 54.90 -46.68 22.22
CA GLN CB 124 55.89 -46.43 21.17
C GLN CB 124 56.06 -44.94 20.92
N HIS CB 125 54.95 -44.19 20.96
CA HIS CB 125 55.06 -42.74 20.85
C HIS CB 125 55.90 -42.19 22.00
N GLY CB 126 55.74 -42.73 23.20
CA GLY CB 126 56.54 -42.25 24.32
C GLY CB 126 58.01 -42.55 24.13
N ARG CB 127 58.31 -43.73 23.60
CA ARG CB 127 59.69 -44.09 23.35
C ARG CB 127 60.33 -43.14 22.34
N LEU CB 128 59.62 -42.78 21.29
CA LEU CB 128 60.17 -41.82 20.34
C LEU CB 128 60.29 -40.43 20.96
N ALA CB 129 59.29 -40.01 21.75
CA ALA CB 129 59.29 -38.67 22.32
C ALA CB 129 60.41 -38.49 23.33
N MET CB 130 60.80 -39.55 24.04
CA MET CB 130 61.90 -39.43 24.98
C MET CB 130 63.19 -39.04 24.25
N LEU CB 131 63.49 -39.73 23.14
CA LEU CB 131 64.69 -39.41 22.37
C LEU CB 131 64.58 -38.02 21.75
N ALA CB 132 63.38 -37.64 21.30
CA ALA CB 132 63.19 -36.29 20.78
C ALA CB 132 63.51 -35.24 21.84
N PHE CB 133 63.04 -35.46 23.07
CA PHE CB 133 63.36 -34.54 24.15
C PHE CB 133 64.85 -34.52 24.45
N LEU CB 134 65.49 -35.69 24.39
CA LEU CB 134 66.94 -35.74 24.59
C LEU CB 134 67.65 -34.83 23.60
N GLU CB 135 67.29 -34.93 22.32
CA GLU CB 135 67.93 -34.09 21.30
C GLU CB 135 67.62 -32.61 21.53
N LEU CB 136 66.37 -32.28 21.83
CA LEU CB 136 66.02 -30.88 22.04
C LEU CB 136 66.78 -30.30 23.21
N LEU CB 137 66.88 -31.06 24.32
CA LEU CB 137 67.65 -30.62 25.47
C LEU CB 137 69.12 -30.46 25.12
N ARG CB 138 69.68 -31.39 24.35
CA ARG CB 138 71.08 -31.27 23.95
C ARG CB 138 71.31 -29.96 23.21
N HIS CB 139 70.52 -29.71 22.16
CA HIS CB 139 70.70 -28.49 21.39
C HIS CB 139 70.53 -27.26 22.26
N ASP CB 140 69.43 -27.19 23.01
CA ASP CB 140 69.12 -26.04 23.83
C ASP CB 140 70.22 -25.73 24.82
N SER CB 141 70.64 -26.73 25.61
CA SER CB 141 71.63 -26.50 26.64
C SER CB 141 73.00 -26.21 26.06
N GLN CB 142 73.43 -27.00 25.07
CA GLN CB 142 74.73 -26.78 24.46
C GLN CB 142 74.85 -25.38 23.90
N ASN CB 143 73.76 -24.82 23.37
CA ASN CB 143 73.83 -23.45 22.87
C ASN CB 143 73.64 -22.42 23.98
N PHE CB 144 72.90 -22.76 25.04
CA PHE CB 144 72.74 -21.82 26.16
C PHE CB 144 74.05 -21.61 26.88
N VAL CB 145 74.94 -22.60 26.89
CA VAL CB 145 76.26 -22.41 27.51
C VAL CB 145 77.18 -21.65 26.56
N SER CB 146 77.40 -22.19 25.37
CA SER CB 146 78.24 -21.55 24.37
C SER CB 146 77.39 -21.12 23.19
N PRO CB 147 76.94 -19.87 23.14
CA PRO CB 147 76.08 -19.44 22.03
C PRO CB 147 76.80 -19.59 20.69
N GLY CB 148 76.07 -20.11 19.70
CA GLY CB 148 76.59 -20.36 18.38
C GLY CB 148 77.06 -21.77 18.14
N PHE CB 149 77.25 -22.56 19.19
CA PHE CB 149 77.70 -23.94 19.03
C PHE CB 149 76.72 -24.72 18.17
N ASP CB 150 77.25 -25.58 17.31
CA ASP CB 150 76.52 -26.37 16.32
C ASP CB 150 76.08 -25.52 15.14
N GLY CB 151 76.28 -24.21 15.21
CA GLY CB 151 75.96 -23.36 14.06
C GLY CB 151 74.50 -23.03 13.84
N TYR CB 152 73.61 -24.03 13.96
CA TYR CB 152 72.19 -23.79 13.79
C TYR CB 152 71.67 -22.95 14.96
N ASP CB 153 71.66 -21.63 14.76
CA ASP CB 153 71.38 -20.72 15.88
C ASP CB 153 69.95 -20.86 16.39
N LYS CB 154 69.03 -21.30 15.55
CA LYS CB 154 67.62 -21.35 15.93
C LYS CB 154 67.37 -22.50 16.90
N MET CB 155 66.11 -22.66 17.33
CA MET CB 155 65.78 -23.74 18.25
C MET CB 155 65.23 -24.99 17.55
N ILE CB 156 64.01 -24.91 17.00
CA ILE CB 156 63.41 -26.08 16.38
C ILE CB 156 63.92 -26.08 14.95
N THR CB 157 65.17 -26.50 14.79
CA THR CB 157 65.85 -26.39 13.51
C THR CB 157 65.05 -27.06 12.41
N GLY CB 158 64.57 -28.28 12.68
CA GLY CB 158 63.86 -29.06 11.70
C GLY CB 158 62.56 -28.45 11.23
N LEU CB 159 62.04 -27.45 11.91
CA LEU CB 159 60.85 -26.81 11.38
C LEU CB 159 61.19 -25.38 10.99
N PRO CB 160 61.88 -25.17 9.86
CA PRO CB 160 62.36 -23.83 9.52
C PRO CB 160 61.23 -22.85 9.22
N PHE CB 161 60.10 -23.33 8.70
CA PHE CB 161 59.01 -22.44 8.34
C PHE CB 161 58.49 -21.67 9.55
N MET CB 162 58.52 -22.30 10.73
CA MET CB 162 58.16 -21.59 11.96
C MET CB 162 59.05 -20.38 12.22
N TYR CB 163 60.25 -20.35 11.65
CA TYR CB 163 61.28 -19.35 11.96
C TYR CB 163 61.63 -19.40 13.45
N GLY CB 164 62.20 -20.53 13.85
CA GLY CB 164 62.61 -20.73 15.23
C GLY CB 164 63.59 -19.69 15.72
N PHE DB 1 39.35 -45.68 67.67
CA PHE DB 1 40.74 -45.26 67.62
C PHE DB 1 41.10 -44.42 68.85
N GLU DB 2 40.36 -44.62 69.92
CA GLU DB 2 40.60 -43.85 71.15
C GLU DB 2 41.81 -44.34 71.92
N ASN DB 3 42.39 -45.48 71.57
CA ASN DB 3 43.58 -46.02 72.22
C ASN DB 3 44.63 -46.27 71.15
N GLU DB 4 45.42 -45.23 70.86
CA GLU DB 4 46.52 -45.33 69.91
C GLU DB 4 47.49 -44.20 70.19
N LEU DB 5 48.78 -44.47 70.00
CA LEU DB 5 49.85 -43.56 70.42
C LEU DB 5 49.54 -42.13 70.05
N GLY DB 6 49.44 -41.26 71.07
CA GLY DB 6 49.10 -39.87 70.85
C GLY DB 6 48.15 -39.34 71.90
N VAL DB 7 47.57 -40.23 72.70
CA VAL DB 7 46.67 -39.83 73.78
C VAL DB 7 47.52 -39.49 75.00
N ILE DB 8 47.59 -38.21 75.34
CA ILE DB 8 48.40 -37.74 76.45
C ILE DB 8 47.70 -36.55 77.08
N ALA DB 9 47.92 -36.37 78.39
CA ALA DB 9 47.33 -35.26 79.10
C ALA DB 9 47.86 -33.93 78.53
N PRO DB 10 47.10 -32.84 78.66
CA PRO DB 10 45.79 -32.71 79.32
C PRO DB 10 44.61 -33.22 78.50
N THR DB 11 44.65 -33.05 77.18
CA THR DB 11 43.54 -33.43 76.32
C THR DB 11 43.65 -34.92 76.00
N GLY DB 12 42.67 -35.71 76.47
CA GLY DB 12 42.70 -37.14 76.29
C GLY DB 12 42.70 -37.59 74.85
N PHE DB 13 41.67 -37.23 74.10
CA PHE DB 13 41.54 -37.60 72.69
C PHE DB 13 41.09 -36.35 71.93
N PHE DB 14 42.05 -35.69 71.28
CA PHE DB 14 41.79 -34.42 70.63
C PHE DB 14 41.35 -34.66 69.18
N ASP DB 15 40.10 -35.05 69.02
CA ASP DB 15 39.44 -35.09 67.73
C ASP DB 15 38.12 -34.32 67.85
N PRO DB 16 38.20 -33.01 68.06
CA PRO DB 16 36.96 -32.25 68.29
C PRO DB 16 36.03 -32.26 67.08
N LEU DB 17 36.56 -31.94 65.90
CA LEU DB 17 35.73 -31.87 64.70
C LEU DB 17 35.64 -33.20 63.98
N GLY DB 18 35.35 -34.26 64.75
CA GLY DB 18 35.01 -35.57 64.23
C GLY DB 18 35.70 -36.07 62.98
N PHE DB 19 37.03 -36.18 62.99
CA PHE DB 19 37.74 -36.67 61.81
C PHE DB 19 37.95 -38.17 61.83
N THR DB 20 38.08 -38.78 63.02
CA THR DB 20 38.28 -40.21 63.15
C THR DB 20 36.97 -40.96 63.34
N GLN DB 21 35.85 -40.38 62.93
CA GLN DB 21 34.54 -40.97 63.23
C GLN DB 21 34.31 -42.24 62.44
N ASP DB 22 34.28 -42.14 61.11
CA ASP DB 22 34.03 -43.28 60.23
C ASP DB 22 35.23 -43.42 59.31
N ILE DB 23 36.26 -44.11 59.79
CA ILE DB 23 37.48 -44.35 59.01
C ILE DB 23 37.99 -45.74 59.33
N ASP DB 24 38.62 -46.37 58.35
CA ASP DB 24 39.28 -47.65 58.56
C ASP DB 24 40.72 -47.42 58.98
N GLN DB 25 41.37 -48.51 59.41
CA GLN DB 25 42.74 -48.41 59.92
C GLN DB 25 43.69 -47.85 58.87
N GLU DB 26 43.39 -48.04 57.58
CA GLU DB 26 44.24 -47.50 56.53
C GLU DB 26 44.27 -45.98 56.56
N LYS DB 27 43.09 -45.35 56.70
CA LYS DB 27 43.04 -43.90 56.67
C LYS DB 27 43.67 -43.30 57.91
N PHE DB 28 43.46 -43.91 59.08
CA PHE DB 28 44.14 -43.42 60.27
C PHE DB 28 45.64 -43.62 60.19
N ASP DB 29 46.10 -44.70 59.56
CA ASP DB 29 47.52 -44.89 59.35
C ASP DB 29 48.08 -43.79 58.44
N GLN DB 30 47.34 -43.43 57.39
CA GLN DB 30 47.77 -42.32 56.54
C GLN DB 30 47.84 -41.03 57.33
N TYR DB 31 46.85 -40.77 58.19
CA TYR DB 31 46.85 -39.57 59.01
C TYR DB 31 48.06 -39.54 59.94
N ARG DB 32 48.37 -40.68 60.57
CA ARG DB 32 49.50 -40.74 61.47
C ARG DB 32 50.82 -40.54 60.72
N THR DB 33 50.93 -41.11 59.52
CA THR DB 33 52.13 -40.90 58.71
C THR DB 33 52.31 -39.42 58.40
N ALA DB 34 51.22 -38.76 57.97
CA ALA DB 34 51.30 -37.33 57.67
C ALA DB 34 51.68 -36.54 58.91
N GLU DB 35 51.10 -36.88 60.06
CA GLU DB 35 51.41 -36.16 61.30
C GLU DB 35 52.89 -36.29 61.66
N LEU DB 36 53.40 -37.52 61.64
CA LEU DB 36 54.79 -37.75 62.03
C LEU DB 36 55.75 -37.03 61.09
N LYS DB 37 55.51 -37.14 59.78
CA LYS DB 37 56.39 -36.49 58.82
C LYS DB 37 56.34 -34.97 58.97
N HIS DB 38 55.13 -34.41 59.11
CA HIS DB 38 54.99 -32.98 59.32
C HIS DB 38 55.75 -32.52 60.55
N GLY DB 39 55.60 -33.25 61.65
CA GLY DB 39 56.27 -32.87 62.87
C GLY DB 39 57.78 -32.87 62.72
N ARG DB 40 58.33 -33.93 62.14
CA ARG DB 40 59.78 -33.99 61.94
C ARG DB 40 60.26 -32.82 61.09
N VAL DB 41 59.55 -32.53 60.00
CA VAL DB 41 59.92 -31.41 59.15
C VAL DB 41 59.90 -30.11 59.94
N ALA DB 42 58.88 -29.90 60.77
CA ALA DB 42 58.78 -28.67 61.54
C ALA DB 42 59.92 -28.51 62.53
N GLN DB 43 60.30 -29.59 63.22
CA GLN DB 43 61.42 -29.49 64.15
C GLN DB 43 62.70 -29.13 63.43
N LEU DB 44 62.97 -29.82 62.32
CA LEU DB 44 64.18 -29.49 61.54
C LEU DB 44 64.13 -28.05 61.06
N ALA DB 45 62.95 -27.57 60.68
CA ALA DB 45 62.83 -26.21 60.18
C ALA DB 45 63.10 -25.17 61.27
N VAL DB 46 62.63 -25.41 62.49
CA VAL DB 46 62.91 -24.46 63.57
C VAL DB 46 64.39 -24.42 63.88
N VAL DB 47 65.03 -25.60 63.96
CA VAL DB 47 66.47 -25.63 64.18
C VAL DB 47 67.18 -24.90 63.05
N GLY DB 48 66.68 -25.03 61.83
CA GLY DB 48 67.27 -24.36 60.69
C GLY DB 48 67.13 -22.85 60.76
N TYR DB 49 66.00 -22.35 61.27
CA TYR DB 49 65.90 -20.91 61.44
C TYR DB 49 66.90 -20.41 62.47
N VAL DB 50 67.05 -21.14 63.57
CA VAL DB 50 67.90 -20.64 64.64
C VAL DB 50 69.37 -20.66 64.24
N VAL DB 51 69.83 -21.73 63.62
CA VAL DB 51 71.29 -21.94 63.51
C VAL DB 51 71.96 -20.99 62.52
N PRO DB 52 71.46 -20.81 61.27
CA PRO DB 52 72.04 -19.77 60.41
C PRO DB 52 72.09 -18.35 60.96
N GLU DB 53 71.55 -18.11 62.15
CA GLU DB 53 71.70 -16.80 62.76
C GLU DB 53 73.06 -16.63 63.45
N PHE DB 54 73.79 -17.73 63.67
CA PHE DB 54 75.13 -17.62 64.25
C PHE DB 54 76.12 -18.58 63.60
N PHE DB 55 75.79 -19.15 62.45
CA PHE DB 55 76.71 -20.01 61.71
C PHE DB 55 76.20 -20.26 60.29
N ARG DB 56 77.06 -20.06 59.30
CA ARG DB 56 76.72 -20.32 57.91
C ARG DB 56 77.81 -21.16 57.28
N TRP DB 57 77.41 -22.08 56.41
CA TRP DB 57 78.38 -22.98 55.79
C TRP DB 57 79.39 -22.20 54.97
N GLY DB 58 80.52 -22.85 54.71
CA GLY DB 58 81.64 -22.23 54.02
C GLY DB 58 81.70 -22.46 52.52
N PHE DB 59 80.71 -23.11 51.92
CA PHE DB 59 80.72 -23.32 50.48
C PHE DB 59 79.96 -22.18 49.81
N ASP DB 60 79.70 -22.32 48.51
CA ASP DB 60 79.00 -21.30 47.72
C ASP DB 60 77.83 -21.98 47.01
N ILE DB 61 76.68 -22.02 47.68
CA ILE DB 61 75.47 -22.49 47.02
C ILE DB 61 75.21 -21.63 45.80
N ALA DB 62 74.85 -22.27 44.68
CA ALA DB 62 74.59 -21.63 43.40
C ALA DB 62 75.89 -21.13 42.77
N PRO DB 63 75.89 -20.80 41.46
CA PRO DB 63 77.12 -20.31 40.81
C PRO DB 63 77.86 -19.24 41.60
N GLY DB 64 77.19 -18.15 41.94
CA GLY DB 64 77.78 -17.13 42.77
C GLY DB 64 77.22 -17.15 44.17
N ILE DB 65 76.45 -16.12 44.52
CA ILE DB 65 75.62 -16.13 45.72
C ILE DB 65 76.45 -16.24 47.00
N ALA DB 66 77.10 -17.40 47.19
CA ALA DB 66 77.86 -17.73 48.39
C ALA DB 66 76.92 -17.95 49.57
N CYS DB 67 77.26 -18.90 50.44
CA CYS DB 67 76.38 -19.31 51.52
C CYS DB 67 76.33 -18.30 52.67
N ALA DB 68 77.21 -17.30 52.67
CA ALA DB 68 77.29 -16.35 53.77
C ALA DB 68 76.67 -15.00 53.44
N ASP DB 69 75.97 -14.90 52.32
CA ASP DB 69 75.29 -13.66 51.94
C ASP DB 69 73.77 -13.78 51.92
N VAL DB 70 73.25 -14.99 51.82
CA VAL DB 70 71.82 -15.22 51.59
C VAL DB 70 71.03 -14.78 52.82
N PRO DB 71 69.87 -14.13 52.65
CA PRO DB 71 69.01 -13.83 53.80
C PRO DB 71 68.54 -15.10 54.50
N ASN DB 72 68.00 -14.93 55.71
CA ASN DB 72 67.81 -16.06 56.60
C ASN DB 72 66.39 -16.60 56.64
N GLY DB 73 65.38 -15.79 56.36
CA GLY DB 73 64.02 -16.22 56.65
C GLY DB 73 63.17 -16.69 55.48
N VAL DB 74 62.00 -16.10 55.27
CA VAL DB 74 61.11 -16.50 54.19
C VAL DB 74 61.83 -16.18 52.92
N ALA DB 75 62.66 -15.16 52.93
CA ALA DB 75 63.51 -14.95 51.76
C ALA DB 75 64.37 -16.19 51.60
N ALA DB 76 65.36 -16.12 50.71
CA ALA DB 76 66.29 -17.22 50.47
C ALA DB 76 65.58 -18.34 49.72
N ILE DB 77 64.26 -18.24 49.58
CA ILE DB 77 63.53 -19.04 48.61
C ILE DB 77 63.50 -18.32 47.27
N ASN DB 78 63.84 -17.04 47.24
CA ASN DB 78 63.93 -16.26 46.01
C ASN DB 78 65.33 -15.72 45.76
N ALA DB 79 66.33 -16.17 46.52
CA ALA DB 79 67.70 -15.77 46.31
C ALA DB 79 68.61 -16.92 45.89
N ILE DB 80 68.07 -18.13 45.80
CA ILE DB 80 68.80 -19.30 45.31
C ILE DB 80 68.19 -19.70 43.96
N PRO DB 81 68.99 -19.85 42.91
CA PRO DB 81 68.46 -20.22 41.60
C PRO DB 81 67.47 -21.37 41.67
N ALA DB 82 66.43 -21.27 40.84
CA ALA DB 82 65.31 -22.21 40.91
C ALA DB 82 65.75 -23.64 40.61
N LEU DB 83 66.75 -23.82 39.75
CA LEU DB 83 67.21 -25.17 39.44
C LEU DB 83 67.77 -25.85 40.69
N GLY DB 84 68.55 -25.12 41.49
CA GLY DB 84 69.07 -25.70 42.71
C GLY DB 84 67.98 -26.07 43.70
N TRP DB 85 66.97 -25.21 43.83
CA TRP DB 85 65.85 -25.53 44.71
C TRP DB 85 65.11 -26.78 44.23
N ALA DB 86 64.91 -26.89 42.92
CA ALA DB 86 64.24 -28.07 42.38
C ALA DB 86 65.05 -29.34 42.63
N GLN DB 87 66.37 -29.26 42.47
CA GLN DB 87 67.21 -30.43 42.73
C GLN DB 87 67.17 -30.83 44.20
N ILE DB 88 67.20 -29.85 45.11
CA ILE DB 88 67.07 -30.16 46.53
C ILE DB 88 65.72 -30.82 46.80
N ILE DB 89 64.66 -30.30 46.18
CA ILE DB 89 63.32 -30.86 46.38
C ILE DB 89 63.29 -32.31 45.94
N PHE DB 90 63.85 -32.60 44.77
CA PHE DB 90 63.79 -33.97 44.27
C PHE DB 90 64.70 -34.91 45.06
N ALA DB 91 65.81 -34.40 45.59
CA ALA DB 91 66.64 -35.24 46.46
C ALA DB 91 65.93 -35.59 47.75
N ILE DB 92 65.27 -34.60 48.37
CA ILE DB 92 64.47 -34.89 49.55
C ILE DB 92 63.39 -35.90 49.21
N GLY DB 93 62.83 -35.79 48.01
CA GLY DB 93 61.85 -36.78 47.57
C GLY DB 93 62.43 -38.17 47.46
N ALA DB 94 63.62 -38.28 46.88
CA ALA DB 94 64.26 -39.59 46.79
C ALA DB 94 64.44 -40.20 48.16
N VAL DB 95 64.88 -39.40 49.13
CA VAL DB 95 64.99 -39.90 50.50
C VAL DB 95 63.62 -40.21 51.07
N ASP DB 96 62.57 -39.54 50.59
CA ASP DB 96 61.23 -39.72 51.14
C ASP DB 96 60.57 -40.99 50.64
N VAL DB 97 60.35 -41.09 49.33
CA VAL DB 97 59.64 -42.24 48.78
C VAL DB 97 60.56 -43.45 48.72
N ARG DB 98 61.61 -43.40 47.90
CA ARG DB 98 62.50 -44.54 47.76
C ARG DB 98 63.16 -44.89 49.09
N GLY DB 99 63.26 -43.92 50.00
CA GLY DB 99 63.94 -44.12 51.27
C GLY DB 99 65.36 -44.55 51.04
N TRP DB 100 66.21 -43.66 50.53
CA TRP DB 100 67.54 -44.10 50.17
C TRP DB 100 68.63 -43.83 51.18
N PHE DB 101 69.17 -42.61 51.21
CA PHE DB 101 70.29 -42.36 52.09
C PHE DB 101 69.69 -42.04 53.45
N GLY DB 102 68.67 -42.82 53.82
CA GLY DB 102 67.85 -42.54 54.98
C GLY DB 102 67.28 -43.78 55.62
N ASN DB 103 68.02 -44.88 55.64
CA ASN DB 103 67.48 -46.07 56.28
C ASN DB 103 68.58 -46.88 56.97
N PHE DB 104 69.78 -46.29 57.08
CA PHE DB 104 70.93 -47.00 57.64
C PHE DB 104 70.58 -47.64 58.98
N ASP DB 105 70.90 -48.93 59.10
CA ASP DB 105 70.47 -49.72 60.25
C ASP DB 105 70.99 -49.16 61.56
N ILE DB 106 72.07 -48.37 61.52
CA ILE DB 106 72.58 -47.71 62.71
C ILE DB 106 71.65 -46.58 63.17
N GLY DB 107 70.57 -46.32 62.43
CA GLY DB 107 69.58 -45.33 62.79
C GLY DB 107 68.34 -45.86 63.46
N LYS DB 108 68.31 -47.13 63.86
CA LYS DB 108 67.17 -47.73 64.54
C LYS DB 108 67.66 -48.39 65.83
N PRO DB 109 67.97 -47.59 66.84
CA PRO DB 109 68.55 -48.14 68.07
C PRO DB 109 67.54 -49.00 68.82
N ASP DB 110 68.07 -49.82 69.72
CA ASP DB 110 67.27 -50.73 70.54
C ASP DB 110 66.74 -49.96 71.74
N LEU DB 111 65.54 -49.41 71.59
CA LEU DB 111 64.88 -48.66 72.66
C LEU DB 111 64.31 -49.64 73.69
N LYS DB 112 65.23 -50.24 74.45
CA LYS DB 112 64.88 -51.29 75.40
C LYS DB 112 63.79 -50.82 76.35
N GLY DB 113 62.60 -51.40 76.23
CA GLY DB 113 61.47 -51.04 77.08
C GLY DB 113 60.74 -49.75 76.76
N LYS DB 114 61.47 -48.66 76.51
CA LYS DB 114 60.90 -47.32 76.46
C LYS DB 114 60.32 -46.96 75.10
N GLU DB 115 59.94 -47.94 74.27
CA GLU DB 115 59.58 -47.66 72.88
C GLU DB 115 58.36 -46.74 72.79
N GLU DB 116 57.27 -47.10 73.48
CA GLU DB 116 56.04 -46.31 73.36
C GLU DB 116 56.23 -44.91 73.93
N GLU DB 117 56.98 -44.79 75.04
CA GLU DB 117 57.24 -43.48 75.62
C GLU DB 117 57.99 -42.58 74.64
N ARG DB 118 59.00 -43.13 73.97
CA ARG DB 118 59.77 -42.31 73.05
C ARG DB 118 58.97 -41.96 71.80
N ALA DB 119 58.10 -42.86 71.33
CA ALA DB 119 57.21 -42.51 70.23
C ALA DB 119 56.28 -41.36 70.61
N LEU DB 120 55.70 -41.42 71.81
CA LEU DB 120 54.82 -40.35 72.26
C LEU DB 120 55.57 -39.03 72.38
N GLN DB 121 56.78 -39.06 72.93
CA GLN DB 121 57.58 -37.85 73.04
C GLN DB 121 57.88 -37.26 71.67
N GLU DB 122 58.24 -38.10 70.71
CA GLU DB 122 58.55 -37.61 69.37
C GLU DB 122 57.33 -36.95 68.74
N LEU DB 123 56.15 -37.57 68.89
CA LEU DB 123 54.93 -36.97 68.34
C LEU DB 123 54.64 -35.62 68.98
N GLN DB 124 54.74 -35.54 70.31
CA GLN DB 124 54.43 -34.28 70.99
C GLN DB 124 55.38 -33.17 70.57
N HIS DB 125 56.68 -33.49 70.46
CA HIS DB 125 57.63 -32.50 69.98
C HIS DB 125 57.29 -32.05 68.57
N GLY DB 126 56.81 -32.98 67.73
CA GLY DB 126 56.35 -32.59 66.41
C GLY DB 126 55.23 -31.57 66.45
N ARG DB 127 54.25 -31.78 67.33
CA ARG DB 127 53.15 -30.83 67.48
C ARG DB 127 53.69 -29.43 67.85
N LEU DB 128 54.52 -29.38 68.89
CA LEU DB 128 55.06 -28.11 69.34
C LEU DB 128 55.84 -27.42 68.23
N ALA DB 129 56.64 -28.18 67.49
CA ALA DB 129 57.42 -27.60 66.41
C ALA DB 129 56.54 -27.09 65.28
N MET DB 130 55.42 -27.75 65.02
CA MET DB 130 54.52 -27.27 63.98
C MET DB 130 53.95 -25.90 64.34
N LEU DB 131 53.56 -25.73 65.61
CA LEU DB 131 53.10 -24.40 66.03
C LEU DB 131 54.21 -23.36 65.97
N ALA DB 132 55.43 -23.74 66.41
CA ALA DB 132 56.54 -22.80 66.40
C ALA DB 132 56.88 -22.36 64.98
N ILE DB 133 56.87 -23.30 64.03
CA ILE DB 133 57.20 -22.96 62.66
C ILE DB 133 56.15 -22.02 62.08
N LEU DB 134 54.87 -22.24 62.43
CA LEU DB 134 53.86 -21.28 62.00
C LEU DB 134 54.14 -19.88 62.51
N GLU DB 135 54.51 -19.77 63.79
CA GLU DB 135 54.77 -18.44 64.35
C GLU DB 135 55.94 -17.76 63.66
N LEU DB 136 57.03 -18.51 63.44
CA LEU DB 136 58.20 -17.92 62.78
C LEU DB 136 57.86 -17.46 61.37
N LEU DB 137 57.13 -18.29 60.63
CA LEU DB 137 56.73 -17.92 59.28
C LEU DB 137 55.88 -16.67 59.27
N ARG DB 138 54.90 -16.59 60.18
CA ARG DB 138 54.02 -15.43 60.20
C ARG DB 138 54.81 -14.16 60.48
N HIS DB 139 55.63 -14.18 61.53
CA HIS DB 139 56.41 -12.99 61.87
C HIS DB 139 57.26 -12.55 60.68
N ASP DB 140 58.04 -13.46 60.12
CA ASP DB 140 58.93 -13.05 59.05
C ASP DB 140 58.18 -12.56 57.84
N SER DB 141 57.23 -13.33 57.34
CA SER DB 141 56.56 -12.92 56.12
C SER DB 141 55.83 -11.59 56.29
N GLN DB 142 55.12 -11.42 57.41
CA GLN DB 142 54.41 -10.17 57.63
C GLN DB 142 55.38 -9.00 57.71
N ASN DB 143 56.50 -9.17 58.42
CA ASN DB 143 57.45 -8.08 58.54
C ASN DB 143 58.31 -7.93 57.29
N LEU DB 144 58.18 -8.83 56.32
CA LEU DB 144 58.78 -8.63 55.01
C LEU DB 144 57.87 -7.86 54.07
N VAL DB 145 56.59 -8.19 54.03
CA VAL DB 145 55.67 -7.50 53.12
C VAL DB 145 55.57 -6.02 53.49
N LYS DB 146 55.55 -5.73 54.78
CA LYS DB 146 55.54 -4.35 55.25
C LYS DB 146 56.50 -4.25 56.43
N PRO DB 147 57.75 -3.80 56.19
CA PRO DB 147 58.74 -3.69 57.27
C PRO DB 147 58.17 -2.99 58.50
N GLY DB 148 58.13 -3.72 59.61
CA GLY DB 148 57.37 -3.30 60.76
C GLY DB 148 56.16 -4.18 60.92
N PHE DB 149 54.99 -3.57 61.13
CA PHE DB 149 53.71 -4.28 61.22
C PHE DB 149 53.67 -5.25 62.40
N ASP DB 150 54.75 -5.31 63.18
CA ASP DB 150 54.74 -6.01 64.44
C ASP DB 150 55.48 -5.27 65.55
N GLY DB 151 56.28 -4.25 65.22
CA GLY DB 151 57.07 -3.57 66.22
C GLY DB 151 58.29 -4.37 66.63
N LEU DB 152 58.09 -5.65 66.92
CA LEU DB 152 59.20 -6.52 67.29
C LEU DB 152 60.18 -6.63 66.14
N ASP DB 153 61.36 -6.04 66.30
CA ASP DB 153 62.40 -6.15 65.30
C ASP DB 153 63.02 -7.54 65.37
N ASN DB 154 63.98 -7.79 64.47
CA ASN DB 154 64.77 -9.02 64.45
C ASN DB 154 63.94 -10.22 64.02
N LEU DB 155 64.58 -11.20 63.39
CA LEU DB 155 63.84 -12.37 62.90
C LEU DB 155 63.47 -13.30 64.04
N ILE DB 156 64.46 -13.85 64.73
CA ILE DB 156 64.16 -14.69 65.88
C ILE DB 156 63.93 -13.83 67.09
N THR DB 157 62.75 -13.25 67.20
CA THR DB 157 62.43 -12.39 68.32
C THR DB 157 62.06 -13.24 69.50
N GLY DB 158 62.98 -13.40 70.43
CA GLY DB 158 62.71 -14.22 71.57
C GLY DB 158 64.00 -14.59 72.21
N LEU DB 159 65.02 -14.78 71.39
CA LEU DB 159 66.33 -15.05 71.91
C LEU DB 159 67.14 -13.86 71.53
N PRO DB 160 67.12 -12.84 72.37
CA PRO DB 160 67.81 -11.62 71.99
C PRO DB 160 69.32 -11.72 71.99
N PHE DB 161 69.90 -12.79 72.53
CA PHE DB 161 71.35 -12.83 72.61
C PHE DB 161 71.92 -12.85 71.21
N LEU DB 162 71.27 -13.55 70.30
CA LEU DB 162 71.79 -13.65 68.94
C LEU DB 162 71.74 -12.31 68.26
N TYR DB 163 71.27 -11.30 68.97
CA TYR DB 163 71.15 -9.96 68.39
C TYR DB 163 70.38 -10.03 67.09
N ASN DB 164 69.34 -10.85 67.07
CA ASN DB 164 68.54 -10.97 65.87
C ASN DB 164 67.24 -11.64 66.25
#